data_4E2I
#
_entry.id   4E2I
#
_cell.length_a   249.098
_cell.length_b   249.098
_cell.length_c   387.032
_cell.angle_alpha   90.00
_cell.angle_beta   90.00
_cell.angle_gamma   90.00
#
_symmetry.space_group_name_H-M   'P 41 21 2'
#
loop_
_entity.id
_entity.type
_entity.pdbx_description
1 polymer 'Large T antigen'
2 polymer 'DNA polymerase alpha subunit B'
3 non-polymer 'ZINC ION'
#
loop_
_entity_poly.entity_id
_entity_poly.type
_entity_poly.pdbx_seq_one_letter_code
_entity_poly.pdbx_strand_id
1 'polypeptide(L)'
;KQVSWKLVTEYAMETKCDDVLLLLGMYLEFQYSFEMCLKCIKKEQPSHYKYHEKHYANAAIFADSKNQKTICQQAVDTVL
AKKRVDSLQLTREQMLTNRFNDLLDRMDIMFGSTGSADIEEWMAGVAWLHCLLPKMDSVVYDFLKCMVYNIPKKRYWLFK
GPIDSGKTTLAAALLELCGGKALNVNLPLDRLNFELGVAIDQFLVVFEDVKGTGGESRDLPSGQGINNLDNLRDYLDGSV
KVNLEKKHLNKRTQIFPPGIVTMNEYSVPKTLQARFVKQIDFRPKDYLKHCLERSEFLLEKRIIQSGIALLLMLIWYRPV
AEFAQSIQSRIVEWKERLDKEFSLSVYQKMKFNVAMGIGVLD
;
A,B,C,D,E,F,G,H,I,J,K,L
2 'polypeptide(L)' MSASAQQLAEELQIFGLDCEEALIEKLVELCVQYGQNEEGMVGELIAFCTSTHKVGLTSEILNSFEHEFLSKRLSKAR 2,3,6,U,W,5,7,9,1,4,8
#
loop_
_chem_comp.id
_chem_comp.type
_chem_comp.name
_chem_comp.formula
ZN non-polymer 'ZINC ION' 'Zn 2'
#
# COMPACT_ATOMS: atom_id res chain seq x y z
N LYS A 1 49.92 93.12 -9.13
CA LYS A 1 51.04 92.15 -9.06
C LYS A 1 50.53 90.82 -8.54
N GLN A 2 49.62 90.88 -7.58
CA GLN A 2 49.01 89.69 -6.98
C GLN A 2 47.64 89.45 -7.58
N VAL A 3 47.28 88.18 -7.74
CA VAL A 3 45.99 87.80 -8.31
C VAL A 3 44.89 87.77 -7.25
N SER A 4 43.70 88.23 -7.64
CA SER A 4 42.56 88.27 -6.73
C SER A 4 41.70 87.02 -6.90
N TRP A 5 41.38 86.38 -5.78
CA TRP A 5 40.57 85.17 -5.78
C TRP A 5 39.09 85.50 -5.65
N LYS A 6 38.79 86.57 -4.92
CA LYS A 6 37.42 87.00 -4.72
C LYS A 6 36.75 87.40 -6.03
N LEU A 7 37.53 87.92 -6.96
CA LEU A 7 37.02 88.33 -8.26
C LEU A 7 36.66 87.11 -9.10
N VAL A 8 37.56 86.13 -9.12
CA VAL A 8 37.33 84.90 -9.86
C VAL A 8 36.12 84.19 -9.28
N THR A 9 36.03 84.18 -7.95
CA THR A 9 34.92 83.55 -7.25
C THR A 9 33.64 84.29 -7.57
N GLU A 10 33.74 85.61 -7.71
CA GLU A 10 32.59 86.44 -8.01
C GLU A 10 32.03 86.07 -9.38
N TYR A 11 32.92 86.01 -10.37
CA TYR A 11 32.54 85.64 -11.73
C TYR A 11 31.90 84.25 -11.74
N ALA A 12 32.43 83.38 -10.88
CA ALA A 12 31.92 82.01 -10.78
C ALA A 12 30.49 82.01 -10.25
N MET A 13 30.24 82.81 -9.22
CA MET A 13 28.92 82.91 -8.62
C MET A 13 27.92 83.50 -9.62
N GLU A 14 28.43 84.30 -10.54
CA GLU A 14 27.59 84.93 -11.56
C GLU A 14 27.12 83.93 -12.60
N THR A 15 28.07 83.34 -13.32
CA THR A 15 27.74 82.35 -14.35
C THR A 15 27.32 81.03 -13.74
N LYS A 16 27.47 80.91 -12.42
CA LYS A 16 27.11 79.69 -11.71
C LYS A 16 27.82 78.48 -12.29
N CYS A 17 29.04 78.70 -12.77
CA CYS A 17 29.83 77.64 -13.37
C CYS A 17 30.29 76.64 -12.30
N ASP A 18 29.72 75.44 -12.33
CA ASP A 18 30.07 74.40 -11.38
C ASP A 18 31.12 73.46 -11.97
N ASP A 19 31.87 73.95 -12.95
CA ASP A 19 32.91 73.17 -13.60
C ASP A 19 34.27 73.79 -13.32
N VAL A 20 35.30 72.96 -13.30
CA VAL A 20 36.66 73.44 -13.03
C VAL A 20 37.37 73.92 -14.31
N LEU A 21 37.59 73.00 -15.25
CA LEU A 21 38.25 73.35 -16.50
C LEU A 21 37.47 74.36 -17.32
N LEU A 22 36.14 74.29 -17.23
CA LEU A 22 35.29 75.22 -17.97
C LEU A 22 35.45 76.63 -17.43
N LEU A 23 35.37 76.77 -16.10
CA LEU A 23 35.51 78.06 -15.45
C LEU A 23 36.90 78.63 -15.71
N LEU A 24 37.86 77.74 -15.91
CA LEU A 24 39.24 78.15 -16.16
C LEU A 24 39.39 78.78 -17.54
N GLY A 25 38.94 78.06 -18.56
CA GLY A 25 39.03 78.56 -19.92
C GLY A 25 38.28 79.86 -20.14
N MET A 26 37.07 79.93 -19.62
CA MET A 26 36.24 81.13 -19.76
C MET A 26 36.92 82.37 -19.17
N TYR A 27 37.58 82.20 -18.04
CA TYR A 27 38.25 83.31 -17.38
C TYR A 27 39.56 83.66 -18.05
N LEU A 28 40.14 82.71 -18.78
CA LEU A 28 41.41 82.92 -19.47
C LEU A 28 41.24 83.72 -20.75
N GLU A 29 40.02 84.16 -21.03
CA GLU A 29 39.75 84.94 -22.24
C GLU A 29 39.72 86.43 -21.93
N PHE A 30 39.90 86.77 -20.66
CA PHE A 30 39.90 88.17 -20.24
C PHE A 30 41.31 88.67 -19.95
N GLN A 31 42.31 87.90 -20.38
CA GLN A 31 43.70 88.27 -20.16
C GLN A 31 44.29 88.90 -21.41
N TYR A 32 43.42 89.38 -22.30
CA TYR A 32 43.84 90.00 -23.54
C TYR A 32 43.43 91.47 -23.56
N SER A 33 42.27 91.75 -24.14
CA SER A 33 41.77 93.11 -24.23
C SER A 33 40.36 93.15 -24.81
N PHE A 34 39.44 93.78 -24.08
CA PHE A 34 38.06 93.91 -24.52
C PHE A 34 37.98 95.07 -25.50
N GLU A 35 39.13 95.70 -25.73
CA GLU A 35 39.22 96.84 -26.64
C GLU A 35 38.84 96.45 -28.06
N MET A 36 39.29 95.27 -28.50
CA MET A 36 39.00 94.82 -29.85
C MET A 36 38.46 93.39 -29.89
N CYS A 37 38.04 92.86 -28.74
CA CYS A 37 37.50 91.51 -28.68
C CYS A 37 36.26 91.38 -29.56
N LEU A 38 36.33 90.46 -30.53
CA LEU A 38 35.22 90.24 -31.43
C LEU A 38 34.00 89.69 -30.71
N LYS A 39 34.23 88.79 -29.76
CA LYS A 39 33.15 88.18 -28.99
C LYS A 39 32.42 89.21 -28.13
N CYS A 40 33.09 90.32 -27.83
CA CYS A 40 32.49 91.37 -27.01
C CYS A 40 31.62 92.30 -27.84
N ILE A 41 32.01 92.51 -29.09
CA ILE A 41 31.27 93.37 -30.00
C ILE A 41 30.11 92.63 -30.66
N LYS A 42 30.36 91.39 -31.06
CA LYS A 42 29.34 90.57 -31.71
C LYS A 42 28.24 90.15 -30.75
N LYS A 43 28.49 90.27 -29.46
CA LYS A 43 27.51 89.87 -28.45
C LYS A 43 27.15 88.40 -28.65
N GLU A 44 28.12 87.52 -28.44
CA GLU A 44 27.91 86.10 -28.63
C GLU A 44 27.54 85.37 -27.34
N GLN A 45 28.34 85.55 -26.30
CA GLN A 45 28.09 84.91 -25.01
C GLN A 45 27.98 85.91 -23.87
N PRO A 46 26.79 85.98 -23.24
CA PRO A 46 26.53 86.90 -22.13
C PRO A 46 27.54 86.75 -20.99
N SER A 47 28.23 85.62 -20.98
CA SER A 47 29.22 85.34 -19.95
C SER A 47 30.60 85.84 -20.35
N HIS A 48 30.64 86.65 -21.40
CA HIS A 48 31.91 87.20 -21.88
C HIS A 48 31.92 88.72 -21.91
N TYR A 49 31.17 89.30 -22.84
CA TYR A 49 31.11 90.75 -22.99
C TYR A 49 30.47 91.46 -21.80
N LYS A 50 29.86 90.70 -20.90
CA LYS A 50 29.23 91.27 -19.73
C LYS A 50 30.12 91.22 -18.49
N TYR A 51 31.22 90.49 -18.58
CA TYR A 51 32.12 90.36 -17.43
C TYR A 51 33.60 90.61 -17.74
N HIS A 52 33.94 90.88 -18.99
CA HIS A 52 35.34 91.11 -19.33
C HIS A 52 35.88 92.37 -18.67
N GLU A 53 35.19 93.51 -18.87
CA GLU A 53 35.62 94.76 -18.28
C GLU A 53 35.61 94.68 -16.76
N LYS A 54 34.81 93.75 -16.23
CA LYS A 54 34.69 93.56 -14.79
C LYS A 54 35.84 92.76 -14.20
N HIS A 55 36.41 91.84 -14.99
CA HIS A 55 37.50 91.00 -14.51
C HIS A 55 38.75 91.10 -15.39
N TYR A 56 38.84 92.16 -16.19
CA TYR A 56 39.99 92.34 -17.07
C TYR A 56 41.26 92.62 -16.27
N ALA A 57 41.12 93.34 -15.16
CA ALA A 57 42.25 93.68 -14.32
C ALA A 57 42.90 92.45 -13.69
N ASN A 58 42.09 91.58 -13.11
CA ASN A 58 42.60 90.37 -12.46
C ASN A 58 43.06 89.32 -13.46
N ALA A 59 42.26 89.13 -14.52
CA ALA A 59 42.59 88.15 -15.55
C ALA A 59 43.94 88.45 -16.19
N ALA A 60 44.30 89.73 -16.20
CA ALA A 60 45.56 90.16 -16.78
C ALA A 60 46.73 89.54 -16.03
N ILE A 61 46.57 89.41 -14.71
CA ILE A 61 47.61 88.82 -13.87
C ILE A 61 47.36 87.33 -13.71
N PHE A 62 46.11 86.92 -13.91
CA PHE A 62 45.73 85.53 -13.80
C PHE A 62 46.54 84.67 -14.77
N ALA A 63 46.92 85.25 -15.90
CA ALA A 63 47.69 84.55 -16.91
C ALA A 63 49.07 84.15 -16.38
N ASP A 64 49.69 85.04 -15.61
CA ASP A 64 51.01 84.77 -15.06
C ASP A 64 50.92 84.10 -13.69
N SER A 65 49.83 83.38 -13.46
CA SER A 65 49.64 82.70 -12.17
C SER A 65 50.10 81.25 -12.26
N LYS A 66 50.70 80.76 -11.19
CA LYS A 66 51.20 79.39 -11.13
C LYS A 66 50.14 78.45 -10.59
N ASN A 67 48.96 79.00 -10.28
CA ASN A 67 47.86 78.21 -9.75
C ASN A 67 46.55 78.55 -10.47
N GLN A 68 46.59 78.53 -11.80
CA GLN A 68 45.41 78.85 -12.60
C GLN A 68 44.25 77.90 -12.34
N LYS A 69 44.57 76.63 -12.10
CA LYS A 69 43.53 75.62 -11.85
C LYS A 69 43.10 75.63 -10.38
N THR A 70 43.97 76.13 -9.52
CA THR A 70 43.67 76.18 -8.08
C THR A 70 42.71 77.32 -7.78
N ILE A 71 42.97 78.49 -8.34
CA ILE A 71 42.12 79.65 -8.14
C ILE A 71 40.70 79.37 -8.60
N CYS A 72 40.58 78.79 -9.78
CA CYS A 72 39.27 78.46 -10.35
C CYS A 72 38.63 77.31 -9.61
N GLN A 73 39.46 76.46 -9.01
CA GLN A 73 39.00 75.30 -8.27
C GLN A 73 38.16 75.73 -7.08
N GLN A 74 38.70 76.65 -6.28
CA GLN A 74 38.01 77.15 -5.11
C GLN A 74 36.69 77.81 -5.50
N ALA A 75 36.70 78.49 -6.64
CA ALA A 75 35.50 79.16 -7.14
C ALA A 75 34.40 78.14 -7.36
N VAL A 76 34.76 77.02 -7.98
CA VAL A 76 33.80 75.95 -8.25
C VAL A 76 33.16 75.47 -6.96
N ASP A 77 33.98 75.28 -5.93
CA ASP A 77 33.48 74.83 -4.63
C ASP A 77 32.49 75.85 -4.06
N THR A 78 32.76 77.12 -4.32
CA THR A 78 31.88 78.19 -3.84
C THR A 78 30.56 78.13 -4.60
N VAL A 79 30.63 77.71 -5.85
CA VAL A 79 29.44 77.60 -6.69
C VAL A 79 28.57 76.46 -6.16
N LEU A 80 29.18 75.29 -6.01
CA LEU A 80 28.46 74.11 -5.51
C LEU A 80 27.96 74.40 -4.10
N ALA A 81 28.71 75.22 -3.37
CA ALA A 81 28.35 75.58 -2.00
C ALA A 81 27.04 76.35 -2.00
N LYS A 82 26.88 77.25 -2.96
CA LYS A 82 25.67 78.05 -3.07
C LYS A 82 24.46 77.13 -3.25
N LYS A 83 24.56 76.22 -4.22
CA LYS A 83 23.48 75.28 -4.49
C LYS A 83 23.27 74.39 -3.27
N ARG A 84 24.37 74.06 -2.61
CA ARG A 84 24.33 73.21 -1.41
C ARG A 84 23.47 73.86 -0.34
N VAL A 85 23.46 75.19 -0.32
CA VAL A 85 22.69 75.95 0.66
C VAL A 85 21.26 76.17 0.22
N ASP A 86 21.07 76.60 -1.03
CA ASP A 86 19.74 76.87 -1.57
C ASP A 86 18.83 75.64 -1.49
N SER A 87 19.42 74.45 -1.58
CA SER A 87 18.65 73.21 -1.54
C SER A 87 18.06 72.95 -0.16
N LEU A 88 18.37 73.83 0.80
CA LEU A 88 17.88 73.66 2.16
C LEU A 88 17.06 74.86 2.65
N GLN A 89 17.45 76.05 2.24
CA GLN A 89 16.76 77.26 2.67
C GLN A 89 15.54 77.61 1.81
N LEU A 90 15.75 77.80 0.51
CA LEU A 90 14.66 78.13 -0.39
C LEU A 90 13.71 76.96 -0.56
N THR A 91 12.41 77.23 -0.48
CA THR A 91 11.39 76.19 -0.65
C THR A 91 11.50 75.65 -2.07
N ARG A 92 10.95 74.47 -2.30
CA ARG A 92 11.00 73.86 -3.62
C ARG A 92 10.27 74.67 -4.67
N GLU A 93 9.43 75.60 -4.23
CA GLU A 93 8.68 76.44 -5.16
C GLU A 93 9.52 77.66 -5.52
N GLN A 94 10.30 78.16 -4.56
CA GLN A 94 11.15 79.31 -4.79
C GLN A 94 12.30 78.92 -5.72
N MET A 95 12.79 77.69 -5.56
CA MET A 95 13.87 77.21 -6.40
C MET A 95 13.45 77.26 -7.87
N LEU A 96 12.20 76.89 -8.13
CA LEU A 96 11.66 76.92 -9.49
C LEU A 96 11.50 78.36 -9.94
N THR A 97 11.07 79.22 -9.01
CA THR A 97 10.88 80.63 -9.30
C THR A 97 12.13 81.22 -9.94
N ASN A 98 13.29 80.89 -9.36
CA ASN A 98 14.57 81.39 -9.88
C ASN A 98 14.86 80.79 -11.25
N ARG A 99 14.52 79.52 -11.40
CA ARG A 99 14.74 78.82 -12.66
C ARG A 99 13.93 79.47 -13.78
N PHE A 100 12.64 79.64 -13.54
CA PHE A 100 11.75 80.26 -14.51
C PHE A 100 12.26 81.62 -14.96
N ASN A 101 12.91 82.35 -14.05
CA ASN A 101 13.45 83.66 -14.37
C ASN A 101 14.70 83.55 -15.22
N ASP A 102 15.55 82.58 -14.90
CA ASP A 102 16.78 82.37 -15.66
C ASP A 102 16.46 81.93 -17.07
N LEU A 103 15.35 81.19 -17.22
CA LEU A 103 14.93 80.70 -18.52
C LEU A 103 14.44 81.87 -19.37
N LEU A 104 13.87 82.88 -18.71
CA LEU A 104 13.37 84.06 -19.39
C LEU A 104 14.52 85.00 -19.73
N ASP A 105 15.58 84.95 -18.94
CA ASP A 105 16.74 85.80 -19.17
C ASP A 105 17.34 85.49 -20.53
N ARG A 106 17.43 84.20 -20.85
CA ARG A 106 17.98 83.75 -22.13
C ARG A 106 17.08 84.28 -23.24
N MET A 107 15.77 84.23 -22.98
CA MET A 107 14.77 84.68 -23.94
C MET A 107 14.89 86.18 -24.24
N ASP A 108 15.13 86.97 -23.20
CA ASP A 108 15.25 88.41 -23.36
C ASP A 108 16.46 88.77 -24.22
N ILE A 109 17.34 87.80 -24.44
CA ILE A 109 18.54 88.01 -25.24
C ILE A 109 18.36 87.44 -26.64
N MET A 110 17.93 86.18 -26.71
CA MET A 110 17.71 85.52 -27.99
C MET A 110 16.56 86.14 -28.78
N PHE A 111 15.54 86.59 -28.05
CA PHE A 111 14.38 87.21 -28.68
C PHE A 111 14.50 88.72 -28.65
N GLY A 112 15.73 89.22 -28.57
CA GLY A 112 15.96 90.64 -28.53
C GLY A 112 16.73 91.15 -29.74
N SER A 113 17.67 92.05 -29.52
CA SER A 113 18.47 92.61 -30.60
C SER A 113 19.75 91.83 -30.80
N THR A 114 20.32 91.33 -29.70
CA THR A 114 21.56 90.56 -29.76
C THR A 114 21.25 89.06 -29.82
N GLY A 115 20.07 88.72 -30.31
CA GLY A 115 19.69 87.32 -30.39
C GLY A 115 19.39 86.89 -31.82
N SER A 116 19.59 85.60 -32.10
CA SER A 116 19.34 85.05 -33.42
C SER A 116 18.22 84.02 -33.38
N ALA A 117 17.41 84.08 -32.34
CA ALA A 117 16.30 83.14 -32.17
C ALA A 117 15.01 83.74 -32.74
N ASP A 118 14.28 82.94 -33.50
CA ASP A 118 13.03 83.39 -34.10
C ASP A 118 11.86 82.92 -33.24
N ILE A 119 11.14 83.88 -32.67
CA ILE A 119 9.99 83.58 -31.82
C ILE A 119 8.92 82.76 -32.53
N GLU A 120 8.84 82.92 -33.85
CA GLU A 120 7.84 82.19 -34.63
C GLU A 120 8.03 80.68 -34.54
N GLU A 121 9.28 80.23 -34.63
CA GLU A 121 9.59 78.81 -34.56
C GLU A 121 9.31 78.23 -33.18
N TRP A 122 9.69 78.96 -32.13
CA TRP A 122 9.47 78.50 -30.77
C TRP A 122 7.99 78.45 -30.44
N MET A 123 7.20 79.32 -31.07
CA MET A 123 5.76 79.34 -30.83
C MET A 123 5.15 78.15 -31.57
N ALA A 124 5.84 77.71 -32.62
CA ALA A 124 5.39 76.58 -33.43
C ALA A 124 5.65 75.30 -32.63
N GLY A 125 6.72 75.31 -31.84
CA GLY A 125 7.05 74.14 -31.04
C GLY A 125 5.99 73.94 -29.97
N VAL A 126 5.48 75.05 -29.44
CA VAL A 126 4.45 75.00 -28.41
C VAL A 126 3.21 74.33 -28.98
N ALA A 127 3.07 74.40 -30.30
CA ALA A 127 1.93 73.80 -30.98
C ALA A 127 2.14 72.29 -31.10
N TRP A 128 3.32 71.89 -31.58
CA TRP A 128 3.64 70.49 -31.74
C TRP A 128 3.62 69.79 -30.40
N LEU A 129 4.16 70.45 -29.38
CA LEU A 129 4.22 69.90 -28.04
C LEU A 129 2.83 69.74 -27.43
N HIS A 130 1.91 70.61 -27.80
CA HIS A 130 0.56 70.54 -27.29
C HIS A 130 -0.24 69.47 -28.04
N CYS A 131 0.28 69.08 -29.19
CA CYS A 131 -0.36 68.06 -30.02
C CYS A 131 0.31 66.72 -29.75
N LEU A 132 1.09 66.66 -28.67
CA LEU A 132 1.80 65.44 -28.29
C LEU A 132 0.97 64.63 -27.28
N LEU A 133 0.29 65.34 -26.39
CA LEU A 133 -0.53 64.69 -25.36
C LEU A 133 -1.75 65.55 -25.01
N PRO A 134 -2.86 64.89 -24.65
CA PRO A 134 -4.10 65.58 -24.28
C PRO A 134 -3.89 66.55 -23.12
N LYS A 135 -4.17 67.83 -23.37
CA LYS A 135 -4.00 68.86 -22.36
C LYS A 135 -2.55 68.85 -21.85
N MET A 136 -1.61 68.93 -22.78
CA MET A 136 -0.19 68.92 -22.45
C MET A 136 0.16 70.00 -21.43
N ASP A 137 -0.20 71.24 -21.73
CA ASP A 137 0.08 72.35 -20.84
C ASP A 137 -0.50 72.11 -19.45
N SER A 138 -1.69 71.51 -19.42
CA SER A 138 -2.37 71.21 -18.16
C SER A 138 -1.54 70.24 -17.32
N VAL A 139 -1.00 69.22 -17.98
CA VAL A 139 -0.20 68.21 -17.31
C VAL A 139 1.09 68.82 -16.75
N VAL A 140 1.68 69.74 -17.50
CA VAL A 140 2.90 70.40 -17.08
C VAL A 140 2.74 71.11 -15.73
N TYR A 141 1.63 71.81 -15.56
CA TYR A 141 1.36 72.52 -14.31
C TYR A 141 1.24 71.54 -13.16
N ASP A 142 0.63 70.38 -13.43
CA ASP A 142 0.45 69.37 -12.41
C ASP A 142 1.78 68.77 -11.99
N PHE A 143 2.64 68.49 -12.97
CA PHE A 143 3.95 67.92 -12.69
C PHE A 143 4.78 68.92 -11.87
N LEU A 144 4.75 70.17 -12.29
CA LEU A 144 5.50 71.23 -11.61
C LEU A 144 5.16 71.23 -10.12
N LYS A 145 3.90 71.39 -9.81
CA LYS A 145 3.44 71.40 -8.42
C LYS A 145 3.69 70.06 -7.74
N CYS A 146 3.57 68.98 -8.50
CA CYS A 146 3.81 67.65 -7.95
C CYS A 146 5.23 67.59 -7.42
N MET A 147 6.12 68.32 -8.08
CA MET A 147 7.52 68.39 -7.69
C MET A 147 7.68 69.32 -6.49
N VAL A 148 6.86 70.36 -6.45
CA VAL A 148 6.91 71.32 -5.36
C VAL A 148 6.36 70.73 -4.06
N TYR A 149 5.16 70.17 -4.14
CA TYR A 149 4.54 69.55 -2.97
C TYR A 149 5.46 68.52 -2.33
N ASN A 150 6.15 67.75 -3.17
CA ASN A 150 7.09 66.74 -2.69
C ASN A 150 6.39 65.79 -1.72
N ILE A 151 5.62 64.85 -2.26
CA ILE A 151 4.89 63.89 -1.44
C ILE A 151 5.54 62.50 -1.50
N PRO A 152 6.03 62.01 -0.34
CA PRO A 152 6.68 60.70 -0.22
C PRO A 152 5.93 59.56 -0.91
N LYS A 153 6.65 58.77 -1.69
CA LYS A 153 6.10 57.65 -2.42
C LYS A 153 4.99 58.12 -3.37
N LYS A 154 5.07 59.40 -3.72
CA LYS A 154 4.12 60.04 -4.62
C LYS A 154 4.85 61.20 -5.29
N ARG A 155 5.94 60.87 -5.99
CA ARG A 155 6.74 61.90 -6.65
C ARG A 155 7.05 61.60 -8.12
N TYR A 156 7.66 60.44 -8.38
CA TYR A 156 8.02 60.10 -9.75
C TYR A 156 6.84 59.84 -10.68
N TRP A 157 7.01 60.24 -11.94
CA TRP A 157 6.00 60.06 -12.97
C TRP A 157 6.51 59.02 -13.96
N LEU A 158 5.61 58.35 -14.64
CA LEU A 158 6.01 57.32 -15.61
C LEU A 158 5.75 57.71 -17.06
N PHE A 159 6.80 57.73 -17.85
CA PHE A 159 6.71 58.04 -19.27
C PHE A 159 6.90 56.76 -20.07
N LYS A 160 5.96 55.84 -19.90
CA LYS A 160 5.99 54.55 -20.56
C LYS A 160 5.34 54.58 -21.94
N GLY A 161 6.13 54.39 -22.98
CA GLY A 161 5.60 54.41 -24.32
C GLY A 161 6.53 53.76 -25.34
N PRO A 162 6.00 53.30 -26.48
CA PRO A 162 6.78 52.66 -27.54
C PRO A 162 7.92 53.55 -28.04
N ILE A 163 8.74 53.00 -28.94
CA ILE A 163 9.86 53.74 -29.50
C ILE A 163 9.37 54.87 -30.39
N ASP A 164 10.03 56.02 -30.30
CA ASP A 164 9.66 57.19 -31.09
C ASP A 164 8.20 57.56 -30.86
N SER A 165 7.96 58.44 -29.89
CA SER A 165 6.62 58.88 -29.56
C SER A 165 6.63 60.29 -28.98
N GLY A 166 7.68 60.60 -28.23
CA GLY A 166 7.79 61.93 -27.62
C GLY A 166 8.26 61.88 -26.19
N LYS A 167 8.54 60.69 -25.69
CA LYS A 167 9.00 60.51 -24.32
C LYS A 167 10.31 61.25 -24.08
N THR A 168 11.36 60.83 -24.78
CA THR A 168 12.67 61.44 -24.65
C THR A 168 12.64 62.91 -25.05
N THR A 169 11.58 63.31 -25.74
CA THR A 169 11.44 64.70 -26.19
C THR A 169 10.85 65.58 -25.08
N LEU A 170 9.94 65.01 -24.30
CA LEU A 170 9.31 65.73 -23.19
C LEU A 170 10.11 65.57 -21.91
N ALA A 171 10.48 64.34 -21.59
CA ALA A 171 11.25 64.06 -20.38
C ALA A 171 12.54 64.87 -20.36
N ALA A 172 12.96 65.34 -21.52
CA ALA A 172 14.17 66.13 -21.64
C ALA A 172 13.88 67.61 -21.41
N ALA A 173 12.86 68.11 -22.11
CA ALA A 173 12.46 69.51 -21.98
C ALA A 173 12.09 69.84 -20.53
N LEU A 174 11.35 68.94 -19.90
CA LEU A 174 10.93 69.13 -18.51
C LEU A 174 12.13 69.26 -17.59
N LEU A 175 13.19 68.52 -17.91
CA LEU A 175 14.41 68.54 -17.11
C LEU A 175 15.01 69.95 -17.05
N GLU A 176 14.95 70.65 -18.19
CA GLU A 176 15.48 72.00 -18.28
C GLU A 176 14.47 73.03 -17.78
N LEU A 177 13.19 72.71 -17.89
CA LEU A 177 12.13 73.61 -17.46
C LEU A 177 12.15 73.78 -15.94
N CYS A 178 12.43 72.70 -15.23
CA CYS A 178 12.49 72.72 -13.77
C CYS A 178 13.92 72.82 -13.28
N GLY A 179 14.79 71.97 -13.83
CA GLY A 179 16.18 71.97 -13.42
C GLY A 179 16.59 70.65 -12.82
N GLY A 180 17.84 70.24 -13.08
CA GLY A 180 18.33 68.98 -12.54
C GLY A 180 19.20 68.23 -13.53
N LYS A 181 19.31 66.92 -13.34
CA LYS A 181 20.12 66.08 -14.22
C LYS A 181 19.37 64.80 -14.59
N ALA A 182 19.84 64.14 -15.64
CA ALA A 182 19.24 62.90 -16.11
C ALA A 182 20.22 61.75 -15.90
N LEU A 183 19.80 60.75 -15.14
CA LEU A 183 20.65 59.61 -14.85
C LEU A 183 20.26 58.37 -15.67
N ASN A 184 20.99 57.28 -15.45
CA ASN A 184 20.74 56.02 -16.14
C ASN A 184 21.00 54.87 -15.18
N VAL A 185 20.21 53.81 -15.31
CA VAL A 185 20.35 52.64 -14.44
C VAL A 185 20.54 51.34 -15.20
N ASN A 186 20.77 51.44 -16.51
CA ASN A 186 20.97 50.26 -17.33
C ASN A 186 22.32 49.61 -17.00
N LEU A 187 23.23 50.41 -16.45
CA LEU A 187 24.55 49.91 -16.08
C LEU A 187 24.45 49.17 -14.75
N PRO A 188 25.38 48.23 -14.50
CA PRO A 188 25.40 47.45 -13.26
C PRO A 188 25.25 48.32 -12.01
N LEU A 189 24.79 47.71 -10.93
CA LEU A 189 24.60 48.43 -9.67
C LEU A 189 25.95 48.75 -9.05
N ASP A 190 27.01 48.60 -9.84
CA ASP A 190 28.36 48.89 -9.38
C ASP A 190 28.66 50.38 -9.51
N ARG A 191 28.56 50.89 -10.75
CA ARG A 191 28.81 52.30 -11.02
C ARG A 191 27.55 53.10 -10.72
N LEU A 192 26.51 52.42 -10.26
CA LEU A 192 25.24 53.07 -9.95
C LEU A 192 25.46 54.13 -8.87
N ASN A 193 26.36 53.85 -7.94
CA ASN A 193 26.66 54.78 -6.85
C ASN A 193 27.40 56.01 -7.38
N PHE A 194 28.22 55.81 -8.41
CA PHE A 194 28.97 56.90 -9.00
C PHE A 194 28.11 57.75 -9.93
N GLU A 195 26.89 57.28 -10.21
CA GLU A 195 25.98 58.00 -11.08
C GLU A 195 24.81 58.59 -10.30
N LEU A 196 24.38 57.87 -9.26
CA LEU A 196 23.28 58.34 -8.43
C LEU A 196 23.73 59.52 -7.58
N GLY A 197 25.04 59.75 -7.53
CA GLY A 197 25.58 60.84 -6.74
C GLY A 197 25.48 62.17 -7.48
N VAL A 198 24.76 62.18 -8.58
CA VAL A 198 24.59 63.39 -9.38
C VAL A 198 23.33 64.13 -8.94
N ALA A 199 22.38 63.39 -8.38
CA ALA A 199 21.13 63.97 -7.91
C ALA A 199 21.31 64.79 -6.65
N ILE A 200 22.56 65.01 -6.26
CA ILE A 200 22.87 65.78 -5.05
C ILE A 200 22.46 67.25 -5.22
N ASP A 201 21.71 67.75 -4.25
CA ASP A 201 21.25 69.14 -4.27
C ASP A 201 20.47 69.48 -5.53
N GLN A 202 20.03 68.47 -6.26
CA GLN A 202 19.27 68.68 -7.49
C GLN A 202 17.79 68.89 -7.18
N PHE A 203 16.98 68.95 -8.22
CA PHE A 203 15.54 69.15 -8.05
C PHE A 203 14.78 67.90 -8.46
N LEU A 204 15.15 67.34 -9.60
CA LEU A 204 14.51 66.14 -10.11
C LEU A 204 15.48 65.29 -10.94
N VAL A 205 15.16 64.02 -11.09
CA VAL A 205 16.00 63.10 -11.85
C VAL A 205 15.25 62.55 -13.05
N VAL A 206 15.98 62.16 -14.10
CA VAL A 206 15.36 61.64 -15.30
C VAL A 206 15.99 60.30 -15.72
N PHE A 207 15.28 59.21 -15.48
CA PHE A 207 15.76 57.88 -15.84
C PHE A 207 15.35 57.56 -17.27
N GLU A 208 16.32 57.56 -18.17
CA GLU A 208 16.07 57.29 -19.58
C GLU A 208 16.09 55.81 -19.96
N ASP A 209 14.97 55.35 -20.51
CA ASP A 209 14.80 53.97 -20.96
C ASP A 209 15.35 52.92 -20.01
N VAL A 210 14.50 52.41 -19.12
CA VAL A 210 14.91 51.39 -18.17
C VAL A 210 14.56 50.01 -18.75
N LYS A 211 15.57 49.13 -18.80
CA LYS A 211 15.38 47.79 -19.34
C LYS A 211 14.97 46.79 -18.26
N GLY A 212 13.95 45.99 -18.57
CA GLY A 212 13.47 44.99 -17.64
C GLY A 212 13.31 43.65 -18.32
N THR A 213 13.16 42.59 -17.52
CA THR A 213 13.00 41.25 -18.05
C THR A 213 11.70 41.10 -18.83
N GLY A 214 10.73 41.97 -18.51
CA GLY A 214 9.45 41.91 -19.19
C GLY A 214 9.53 42.29 -20.66
N GLY A 215 8.49 41.96 -21.41
CA GLY A 215 8.48 42.29 -22.83
C GLY A 215 9.51 41.52 -23.63
N GLU A 216 9.64 40.22 -23.36
CA GLU A 216 10.59 39.38 -24.07
C GLU A 216 10.05 38.97 -25.43
N SER A 217 8.73 39.09 -25.60
CA SER A 217 8.09 38.72 -26.85
C SER A 217 7.91 39.93 -27.77
N ARG A 218 8.02 41.12 -27.20
CA ARG A 218 7.88 42.35 -27.98
C ARG A 218 9.21 42.86 -28.50
N ASP A 219 10.17 41.96 -28.64
CA ASP A 219 11.51 42.32 -29.14
C ASP A 219 12.13 43.43 -28.30
N LEU A 220 11.83 43.43 -26.99
CA LEU A 220 12.36 44.44 -26.08
C LEU A 220 13.48 43.86 -25.22
N PRO A 221 14.74 44.23 -25.54
CA PRO A 221 15.92 43.77 -24.79
C PRO A 221 15.80 43.98 -23.29
N SER A 222 16.11 42.94 -22.52
CA SER A 222 16.05 43.01 -21.07
C SER A 222 17.34 43.56 -20.49
N GLY A 223 17.26 44.14 -19.29
CA GLY A 223 18.44 44.69 -18.66
C GLY A 223 18.32 44.71 -17.15
N GLN A 224 18.75 45.80 -16.54
CA GLN A 224 18.70 45.94 -15.09
C GLN A 224 17.96 47.22 -14.68
N GLY A 225 17.40 47.90 -15.67
CA GLY A 225 16.68 49.14 -15.40
C GLY A 225 15.57 48.96 -14.39
N ILE A 226 14.56 48.16 -14.75
CA ILE A 226 13.44 47.91 -13.87
C ILE A 226 13.87 47.35 -12.52
N ASN A 227 14.84 46.43 -12.56
CA ASN A 227 15.36 45.82 -11.34
C ASN A 227 15.99 46.85 -10.41
N ASN A 228 16.90 47.66 -10.95
CA ASN A 228 17.57 48.68 -10.17
C ASN A 228 16.58 49.63 -9.51
N LEU A 229 15.50 49.93 -10.21
CA LEU A 229 14.47 50.82 -9.67
C LEU A 229 13.88 50.26 -8.39
N ASP A 230 13.67 48.95 -8.37
CA ASP A 230 13.11 48.29 -7.20
C ASP A 230 14.17 48.18 -6.11
N ASN A 231 15.44 48.16 -6.52
CA ASN A 231 16.54 48.06 -5.58
C ASN A 231 16.81 49.44 -4.98
N LEU A 232 15.91 50.37 -5.25
CA LEU A 232 16.01 51.74 -4.76
C LEU A 232 14.65 52.23 -4.29
N ARG A 233 14.02 51.45 -3.42
CA ARG A 233 12.70 51.79 -2.90
C ARG A 233 12.71 53.10 -2.11
N ASP A 234 13.57 53.18 -1.11
CA ASP A 234 13.67 54.40 -0.31
C ASP A 234 14.03 55.59 -1.19
N TYR A 235 14.87 55.35 -2.19
CA TYR A 235 15.28 56.40 -3.12
C TYR A 235 14.06 56.97 -3.85
N LEU A 236 13.09 56.10 -4.14
CA LEU A 236 11.88 56.52 -4.84
C LEU A 236 10.87 57.17 -3.91
N ASP A 237 10.85 56.73 -2.64
CA ASP A 237 9.92 57.28 -1.67
C ASP A 237 10.37 58.67 -1.22
N GLY A 238 11.57 58.73 -0.65
CA GLY A 238 12.11 60.00 -0.19
C GLY A 238 11.72 60.35 1.24
N SER A 239 11.32 59.34 2.01
CA SER A 239 10.93 59.57 3.40
C SER A 239 12.14 59.44 4.32
N VAL A 240 13.28 59.06 3.73
CA VAL A 240 14.51 58.90 4.47
C VAL A 240 15.67 59.56 3.72
N LYS A 241 16.69 59.96 4.46
CA LYS A 241 17.86 60.60 3.86
C LYS A 241 18.84 59.57 3.32
N VAL A 242 18.74 59.30 2.02
CA VAL A 242 19.62 58.33 1.36
C VAL A 242 21.06 58.82 1.37
N ASN A 243 21.98 57.90 1.07
CA ASN A 243 23.41 58.23 1.03
C ASN A 243 23.88 58.46 -0.39
N LEU A 244 24.71 59.50 -0.57
CA LEU A 244 25.25 59.84 -1.88
C LEU A 244 26.75 60.10 -1.77
N GLU A 245 27.47 59.85 -2.86
CA GLU A 245 28.91 60.07 -2.88
C GLU A 245 29.35 60.88 -4.09
N LYS A 246 30.16 61.91 -3.84
CA LYS A 246 30.66 62.76 -4.90
C LYS A 246 32.18 62.84 -4.81
N LYS A 247 32.86 62.22 -5.77
CA LYS A 247 34.31 62.20 -5.80
C LYS A 247 34.89 61.62 -4.51
N HIS A 248 34.98 60.29 -4.45
CA HIS A 248 35.52 59.60 -3.29
C HIS A 248 34.84 59.96 -1.98
N LEU A 249 35.37 60.97 -1.29
CA LEU A 249 34.81 61.41 -0.01
C LEU A 249 33.36 61.86 -0.13
N ASN A 250 32.50 61.30 0.72
CA ASN A 250 31.07 61.63 0.72
C ASN A 250 30.84 63.14 0.76
N LYS A 251 29.88 63.59 -0.03
CA LYS A 251 29.55 65.00 -0.10
C LYS A 251 28.12 65.31 0.34
N ARG A 252 27.28 64.29 0.47
CA ARG A 252 25.91 64.54 0.87
C ARG A 252 25.13 63.32 1.36
N THR A 253 24.16 63.59 2.23
CA THR A 253 23.28 62.56 2.79
C THR A 253 21.92 63.22 2.97
N GLN A 254 21.25 63.49 1.86
CA GLN A 254 19.95 64.15 1.88
C GLN A 254 18.83 63.27 1.34
N ILE A 255 17.69 63.89 1.06
CA ILE A 255 16.54 63.20 0.52
C ILE A 255 16.68 63.14 -1.00
N PHE A 256 16.60 61.94 -1.57
CA PHE A 256 16.73 61.78 -3.01
C PHE A 256 15.61 62.53 -3.73
N PRO A 257 15.98 63.51 -4.58
CA PRO A 257 15.01 64.31 -5.33
C PRO A 257 14.07 63.48 -6.20
N PRO A 258 12.83 63.95 -6.41
CA PRO A 258 11.85 63.23 -7.22
C PRO A 258 12.28 63.25 -8.69
N GLY A 259 11.35 62.95 -9.60
CA GLY A 259 11.72 62.96 -11.01
C GLY A 259 10.80 62.20 -11.93
N ILE A 260 11.34 61.77 -13.07
CA ILE A 260 10.59 61.04 -14.07
C ILE A 260 11.35 59.80 -14.54
N VAL A 261 10.63 58.70 -14.70
CA VAL A 261 11.22 57.45 -15.16
C VAL A 261 10.58 57.05 -16.49
N THR A 262 11.41 56.91 -17.52
CA THR A 262 10.91 56.55 -18.85
C THR A 262 11.23 55.10 -19.22
N MET A 263 10.39 54.51 -20.07
CA MET A 263 10.58 53.13 -20.52
C MET A 263 9.79 52.85 -21.79
N ASN A 264 10.06 51.70 -22.41
CA ASN A 264 9.39 51.32 -23.65
C ASN A 264 8.50 50.08 -23.51
N GLU A 265 7.36 50.24 -22.87
CA GLU A 265 6.39 49.16 -22.68
C GLU A 265 6.92 47.92 -21.95
N TYR A 266 7.87 48.09 -21.03
CA TYR A 266 8.40 46.96 -20.29
C TYR A 266 7.45 46.60 -19.15
N SER A 267 7.64 45.41 -18.57
CA SER A 267 6.81 44.96 -17.47
C SER A 267 7.22 45.72 -16.21
N VAL A 268 6.24 46.09 -15.40
CA VAL A 268 6.51 46.83 -14.17
C VAL A 268 5.90 46.18 -12.94
N PRO A 269 6.74 45.81 -11.97
CA PRO A 269 6.28 45.18 -10.72
C PRO A 269 5.29 46.08 -9.98
N LYS A 270 4.37 45.47 -9.25
CA LYS A 270 3.38 46.25 -8.51
C LYS A 270 4.03 47.04 -7.39
N THR A 271 5.08 46.49 -6.81
CA THR A 271 5.81 47.16 -5.72
C THR A 271 6.58 48.36 -6.26
N LEU A 272 6.72 48.42 -7.58
CA LEU A 272 7.43 49.51 -8.22
C LEU A 272 6.44 50.57 -8.68
N GLN A 273 5.35 50.12 -9.29
CA GLN A 273 4.31 51.01 -9.79
C GLN A 273 3.71 51.81 -8.63
N ALA A 274 3.76 51.23 -7.44
CA ALA A 274 3.20 51.87 -6.24
C ALA A 274 4.11 53.00 -5.76
N ARG A 275 5.22 53.22 -6.48
CA ARG A 275 6.16 54.27 -6.12
C ARG A 275 6.00 55.45 -7.07
N PHE A 276 5.12 55.29 -8.05
CA PHE A 276 4.86 56.33 -9.04
C PHE A 276 3.63 57.15 -8.67
N VAL A 277 3.25 58.06 -9.56
CA VAL A 277 2.10 58.93 -9.36
C VAL A 277 1.12 58.80 -10.52
N LYS A 278 1.62 59.08 -11.72
CA LYS A 278 0.79 59.01 -12.91
C LYS A 278 1.55 58.32 -14.05
N GLN A 279 0.82 57.57 -14.86
CA GLN A 279 1.42 56.85 -15.98
C GLN A 279 0.95 57.44 -17.30
N ILE A 280 1.88 58.05 -18.03
CA ILE A 280 1.55 58.66 -19.32
C ILE A 280 2.02 57.79 -20.48
N ASP A 281 1.07 57.12 -21.12
CA ASP A 281 1.37 56.25 -22.25
C ASP A 281 1.48 57.06 -23.54
N PHE A 282 2.71 57.31 -23.97
CA PHE A 282 2.94 58.07 -25.20
C PHE A 282 2.55 57.27 -26.44
N ARG A 283 1.78 57.91 -27.32
CA ARG A 283 1.32 57.27 -28.54
C ARG A 283 2.09 57.73 -29.77
N PRO A 284 2.70 56.79 -30.51
CA PRO A 284 3.44 57.13 -31.72
C PRO A 284 2.50 57.64 -32.80
N LYS A 285 2.27 58.96 -32.81
CA LYS A 285 1.37 59.57 -33.77
C LYS A 285 2.07 59.87 -35.10
N ASP A 286 1.35 59.64 -36.19
CA ASP A 286 1.88 59.87 -37.54
C ASP A 286 1.92 61.34 -37.91
N TYR A 287 0.83 62.06 -37.67
CA TYR A 287 0.77 63.47 -38.00
C TYR A 287 1.89 64.27 -37.34
N LEU A 288 2.43 63.75 -36.25
CA LEU A 288 3.53 64.41 -35.55
C LEU A 288 4.80 64.18 -36.34
N LYS A 289 4.93 62.97 -36.87
CA LYS A 289 6.10 62.58 -37.66
C LYS A 289 6.17 63.43 -38.93
N HIS A 290 5.09 63.41 -39.70
CA HIS A 290 5.01 64.18 -40.94
C HIS A 290 5.14 65.67 -40.67
N CYS A 291 4.80 66.06 -39.45
CA CYS A 291 4.88 67.47 -39.06
C CYS A 291 6.33 67.94 -39.03
N LEU A 292 7.19 67.17 -38.37
CA LEU A 292 8.61 67.51 -38.27
C LEU A 292 9.31 67.34 -39.61
N GLU A 293 8.66 66.63 -40.53
CA GLU A 293 9.23 66.40 -41.85
C GLU A 293 9.24 67.69 -42.65
N ARG A 294 8.52 68.69 -42.15
CA ARG A 294 8.44 69.99 -42.82
C ARG A 294 8.69 71.10 -41.81
N SER A 295 9.32 70.75 -40.69
CA SER A 295 9.63 71.70 -39.63
C SER A 295 10.98 71.33 -39.01
N GLU A 296 12.03 71.32 -39.84
CA GLU A 296 13.37 70.98 -39.38
C GLU A 296 13.89 71.92 -38.30
N PHE A 297 13.40 73.16 -38.28
CA PHE A 297 13.85 74.14 -37.31
C PHE A 297 13.58 73.73 -35.86
N LEU A 298 12.64 72.81 -35.67
CA LEU A 298 12.32 72.33 -34.32
C LEU A 298 13.36 71.33 -33.84
N LEU A 299 13.81 70.47 -34.74
CA LEU A 299 14.81 69.45 -34.42
C LEU A 299 16.22 70.03 -34.47
N GLU A 300 16.44 70.97 -35.38
CA GLU A 300 17.74 71.60 -35.55
C GLU A 300 18.08 72.53 -34.38
N LYS A 301 17.28 73.58 -34.22
CA LYS A 301 17.50 74.54 -33.15
C LYS A 301 17.09 74.02 -31.78
N ARG A 302 16.74 72.74 -31.71
CA ARG A 302 16.33 72.12 -30.45
C ARG A 302 15.23 72.93 -29.78
N ILE A 303 14.00 72.78 -30.25
CA ILE A 303 12.86 73.51 -29.70
C ILE A 303 11.85 72.58 -29.03
N ILE A 304 11.48 71.50 -29.72
CA ILE A 304 10.52 70.54 -29.19
C ILE A 304 11.02 69.87 -27.92
N GLN A 305 12.32 69.95 -27.68
CA GLN A 305 12.90 69.33 -26.49
C GLN A 305 13.65 70.36 -25.65
N SER A 306 13.23 71.62 -25.76
CA SER A 306 13.85 72.70 -25.00
C SER A 306 12.97 73.13 -23.83
N GLY A 307 13.60 73.46 -22.71
CA GLY A 307 12.85 73.88 -21.54
C GLY A 307 12.23 75.24 -21.78
N ILE A 308 12.87 76.04 -22.63
CA ILE A 308 12.38 77.38 -22.95
C ILE A 308 11.08 77.27 -23.72
N ALA A 309 10.92 76.16 -24.45
CA ALA A 309 9.71 75.92 -25.23
C ALA A 309 8.52 75.72 -24.31
N LEU A 310 8.70 74.88 -23.29
CA LEU A 310 7.63 74.60 -22.34
C LEU A 310 7.28 75.87 -21.55
N LEU A 311 8.26 76.73 -21.35
CA LEU A 311 8.05 77.97 -20.61
C LEU A 311 7.06 78.84 -21.39
N LEU A 312 7.24 78.91 -22.70
CA LEU A 312 6.35 79.68 -23.57
C LEU A 312 4.95 79.09 -23.52
N MET A 313 4.87 77.78 -23.33
CA MET A 313 3.59 77.09 -23.27
C MET A 313 2.90 77.33 -21.93
N LEU A 314 3.71 77.60 -20.90
CA LEU A 314 3.18 77.85 -19.57
C LEU A 314 2.68 79.30 -19.45
N ILE A 315 3.31 80.19 -20.21
CA ILE A 315 2.95 81.60 -20.18
C ILE A 315 1.78 81.88 -21.13
N TRP A 316 1.61 81.01 -22.12
CA TRP A 316 0.54 81.19 -23.10
C TRP A 316 -0.82 80.71 -22.58
N TYR A 317 -0.84 79.53 -21.97
CA TYR A 317 -2.08 78.98 -21.44
C TYR A 317 -2.36 79.33 -19.98
N ARG A 318 -1.50 78.85 -19.08
CA ARG A 318 -1.67 79.10 -17.66
C ARG A 318 -1.70 80.56 -17.24
N PRO A 319 -2.70 80.94 -16.42
CA PRO A 319 -2.88 82.30 -15.92
C PRO A 319 -1.69 82.78 -15.10
N VAL A 320 -1.72 84.04 -14.69
CA VAL A 320 -0.64 84.62 -13.90
C VAL A 320 -0.82 84.29 -12.42
N ALA A 321 -2.06 84.02 -12.03
CA ALA A 321 -2.37 83.71 -10.64
C ALA A 321 -1.82 82.37 -10.18
N GLU A 322 -1.10 81.67 -11.06
CA GLU A 322 -0.53 80.38 -10.70
C GLU A 322 0.98 80.43 -10.46
N PHE A 323 1.63 81.45 -11.01
CA PHE A 323 3.07 81.61 -10.83
C PHE A 323 3.37 82.26 -9.49
N ALA A 324 4.65 82.37 -9.15
CA ALA A 324 5.06 82.99 -7.90
C ALA A 324 4.67 84.46 -7.95
N GLN A 325 4.35 85.03 -6.78
CA GLN A 325 3.95 86.42 -6.71
C GLN A 325 5.10 87.36 -7.03
N SER A 326 6.33 86.83 -6.99
CA SER A 326 7.51 87.63 -7.28
C SER A 326 7.88 87.54 -8.76
N ILE A 327 7.15 86.72 -9.50
CA ILE A 327 7.41 86.54 -10.93
C ILE A 327 6.17 86.88 -11.75
N GLN A 328 5.04 87.04 -11.08
CA GLN A 328 3.78 87.36 -11.76
C GLN A 328 3.90 88.60 -12.61
N SER A 329 4.76 89.53 -12.20
CA SER A 329 4.96 90.78 -12.92
C SER A 329 5.72 90.55 -14.23
N ARG A 330 6.51 89.48 -14.27
CA ARG A 330 7.28 89.16 -15.46
C ARG A 330 6.49 88.28 -16.42
N ILE A 331 5.56 87.50 -15.87
CA ILE A 331 4.73 86.61 -16.68
C ILE A 331 3.83 87.44 -17.58
N VAL A 332 3.24 88.49 -17.02
CA VAL A 332 2.36 89.37 -17.78
C VAL A 332 3.13 90.08 -18.89
N GLU A 333 4.41 90.30 -18.64
CA GLU A 333 5.26 90.97 -19.63
C GLU A 333 5.26 90.23 -20.96
N TRP A 334 5.51 88.93 -20.93
CA TRP A 334 5.52 88.14 -22.15
C TRP A 334 4.13 87.82 -22.65
N LYS A 335 3.13 87.93 -21.78
CA LYS A 335 1.75 87.67 -22.17
C LYS A 335 1.31 88.80 -23.10
N GLU A 336 2.10 89.86 -23.13
CA GLU A 336 1.81 91.01 -23.97
C GLU A 336 2.63 90.92 -25.25
N ARG A 337 3.86 90.42 -25.12
CA ARG A 337 4.76 90.26 -26.26
C ARG A 337 4.25 89.16 -27.20
N LEU A 338 3.89 88.02 -26.63
CA LEU A 338 3.40 86.90 -27.41
C LEU A 338 2.07 87.21 -28.10
N ASP A 339 1.15 87.85 -27.38
CA ASP A 339 -0.14 88.21 -27.95
C ASP A 339 0.01 89.32 -28.99
N LYS A 340 1.13 90.03 -28.92
CA LYS A 340 1.39 91.12 -29.85
C LYS A 340 1.89 90.58 -31.18
N GLU A 341 2.79 89.60 -31.11
CA GLU A 341 3.36 88.98 -32.30
C GLU A 341 2.40 87.96 -32.91
N PHE A 342 1.75 87.18 -32.06
CA PHE A 342 0.82 86.16 -32.52
C PHE A 342 -0.54 86.25 -31.85
N SER A 343 -1.59 86.29 -32.65
CA SER A 343 -2.95 86.35 -32.13
C SER A 343 -3.39 84.92 -31.86
N LEU A 344 -4.69 84.68 -31.77
CA LEU A 344 -5.20 83.34 -31.54
C LEU A 344 -5.39 82.58 -32.84
N SER A 345 -5.46 83.32 -33.94
CA SER A 345 -5.63 82.70 -35.26
C SER A 345 -4.33 82.09 -35.76
N VAL A 346 -3.27 82.89 -35.75
CA VAL A 346 -1.96 82.43 -36.20
C VAL A 346 -1.45 81.26 -35.37
N TYR A 347 -1.87 81.21 -34.11
CA TYR A 347 -1.45 80.14 -33.21
C TYR A 347 -2.09 78.82 -33.60
N GLN A 348 -3.42 78.77 -33.54
CA GLN A 348 -4.16 77.55 -33.89
C GLN A 348 -3.91 77.14 -35.33
N LYS A 349 -3.49 78.09 -36.16
CA LYS A 349 -3.22 77.80 -37.57
C LYS A 349 -1.99 76.89 -37.65
N MET A 350 -1.13 76.96 -36.64
CA MET A 350 0.07 76.14 -36.60
C MET A 350 -0.29 74.73 -36.13
N LYS A 351 -1.12 74.66 -35.10
CA LYS A 351 -1.56 73.37 -34.57
C LYS A 351 -2.38 72.67 -35.65
N PHE A 352 -2.94 73.47 -36.55
CA PHE A 352 -3.74 72.96 -37.65
C PHE A 352 -2.88 72.14 -38.59
N ASN A 353 -1.77 72.72 -39.02
CA ASN A 353 -0.85 72.06 -39.92
C ASN A 353 -0.33 70.78 -39.29
N VAL A 354 -0.32 70.76 -37.95
CA VAL A 354 0.14 69.58 -37.22
C VAL A 354 -0.83 68.45 -37.48
N ALA A 355 -2.12 68.78 -37.44
CA ALA A 355 -3.18 67.80 -37.69
C ALA A 355 -3.04 67.25 -39.10
N MET A 356 -2.68 68.12 -40.03
CA MET A 356 -2.52 67.74 -41.43
C MET A 356 -1.33 66.80 -41.59
N GLY A 357 -0.16 67.28 -41.19
CA GLY A 357 1.05 66.50 -41.31
C GLY A 357 2.06 67.31 -42.11
N ILE A 358 1.86 68.62 -42.09
CA ILE A 358 2.73 69.54 -42.79
C ILE A 358 3.42 70.51 -41.83
N GLY A 359 4.29 71.36 -42.37
CA GLY A 359 5.02 72.31 -41.55
C GLY A 359 4.14 73.18 -40.65
N VAL A 360 4.48 73.22 -39.37
CA VAL A 360 3.74 74.02 -38.40
C VAL A 360 3.63 75.48 -38.83
N LEU A 361 4.64 75.95 -39.56
CA LEU A 361 4.66 77.33 -40.02
C LEU A 361 4.30 77.44 -41.51
N ASP A 362 3.09 77.04 -41.85
CA ASP A 362 2.61 77.10 -43.22
C ASP A 362 1.23 77.74 -43.28
N LYS B 1 43.78 91.40 8.45
CA LYS B 1 45.07 91.05 9.09
C LYS B 1 45.34 89.55 8.99
N GLN B 2 44.35 88.75 9.37
CA GLN B 2 44.45 87.29 9.34
C GLN B 2 43.12 86.67 9.71
N VAL B 3 42.81 85.52 9.09
CA VAL B 3 41.56 84.82 9.34
C VAL B 3 41.65 83.92 10.57
N SER B 4 40.57 83.88 11.35
CA SER B 4 40.53 83.06 12.56
C SER B 4 39.89 81.70 12.26
N TRP B 5 40.55 80.64 12.68
CA TRP B 5 40.06 79.28 12.47
C TRP B 5 39.18 78.83 13.63
N LYS B 6 39.53 79.29 14.84
CA LYS B 6 38.79 78.93 16.04
C LYS B 6 37.35 79.42 15.97
N LEU B 7 37.13 80.54 15.30
CA LEU B 7 35.79 81.10 15.15
C LEU B 7 34.96 80.25 14.20
N VAL B 8 35.55 79.87 13.07
CA VAL B 8 34.86 79.04 12.09
C VAL B 8 34.55 77.69 12.73
N THR B 9 35.50 77.18 13.49
CA THR B 9 35.34 75.89 14.17
C THR B 9 34.24 76.02 15.21
N GLU B 10 34.17 77.18 15.85
CA GLU B 10 33.17 77.44 16.88
C GLU B 10 31.78 77.37 16.25
N TYR B 11 31.59 78.09 15.14
CA TYR B 11 30.32 78.10 14.44
C TYR B 11 29.95 76.68 14.01
N ALA B 12 30.97 75.90 13.65
CA ALA B 12 30.77 74.52 13.21
C ALA B 12 30.24 73.68 14.37
N MET B 13 30.85 73.85 15.55
CA MET B 13 30.44 73.10 16.73
C MET B 13 29.02 73.48 17.15
N GLU B 14 28.61 74.70 16.79
CA GLU B 14 27.29 75.20 17.12
C GLU B 14 26.21 74.52 16.27
N THR B 15 26.29 74.73 14.95
CA THR B 15 25.33 74.16 14.03
C THR B 15 25.56 72.66 13.84
N LYS B 16 26.66 72.17 14.41
CA LYS B 16 27.00 70.75 14.30
C LYS B 16 27.05 70.31 12.84
N CYS B 17 27.47 71.22 11.97
CA CYS B 17 27.57 70.94 10.55
C CYS B 17 28.70 69.96 10.26
N ASP B 18 28.34 68.74 9.87
CA ASP B 18 29.33 67.72 9.56
C ASP B 18 29.58 67.64 8.07
N ASP B 19 29.30 68.74 7.37
CA ASP B 19 29.49 68.82 5.92
C ASP B 19 30.56 69.86 5.61
N VAL B 20 31.28 69.64 4.51
CA VAL B 20 32.35 70.56 4.10
C VAL B 20 31.82 71.73 3.28
N LEU B 21 31.27 71.43 2.10
CA LEU B 21 30.75 72.46 1.23
C LEU B 21 29.57 73.22 1.86
N LEU B 22 28.78 72.52 2.67
CA LEU B 22 27.65 73.14 3.33
C LEU B 22 28.12 74.17 4.35
N LEU B 23 29.07 73.76 5.19
CA LEU B 23 29.62 74.64 6.21
C LEU B 23 30.30 75.85 5.56
N LEU B 24 30.80 75.64 4.35
CA LEU B 24 31.48 76.70 3.61
C LEU B 24 30.51 77.77 3.14
N GLY B 25 29.46 77.35 2.44
CA GLY B 25 28.47 78.29 1.95
C GLY B 25 27.79 79.07 3.05
N MET B 26 27.38 78.38 4.11
CA MET B 26 26.71 79.02 5.23
C MET B 26 27.55 80.14 5.86
N TYR B 27 28.85 79.89 5.97
CA TYR B 27 29.76 80.86 6.57
C TYR B 27 30.09 82.00 5.61
N LEU B 28 29.93 81.74 4.31
CA LEU B 28 30.22 82.76 3.30
C LEU B 28 29.10 83.79 3.17
N GLU B 29 28.09 83.68 4.03
CA GLU B 29 26.98 84.62 4.00
C GLU B 29 27.15 85.72 5.04
N PHE B 30 28.23 85.62 5.81
CA PHE B 30 28.50 86.59 6.86
C PHE B 30 29.63 87.54 6.45
N GLN B 31 29.95 87.55 5.16
CA GLN B 31 31.02 88.41 4.65
C GLN B 31 30.43 89.65 3.98
N TYR B 32 29.18 89.94 4.32
CA TYR B 32 28.49 91.10 3.76
C TYR B 32 28.17 92.09 4.86
N SER B 33 26.95 92.00 5.39
CA SER B 33 26.51 92.91 6.46
C SER B 33 25.16 92.49 7.03
N PHE B 34 25.11 92.33 8.35
CA PHE B 34 23.89 91.95 9.03
C PHE B 34 23.04 93.20 9.23
N GLU B 35 23.59 94.32 8.78
CA GLU B 35 22.92 95.61 8.90
C GLU B 35 21.60 95.63 8.14
N MET B 36 21.59 95.05 6.95
CA MET B 36 20.39 95.02 6.13
C MET B 36 20.04 93.63 5.61
N CYS B 37 20.67 92.60 6.17
CA CYS B 37 20.42 91.23 5.74
C CYS B 37 18.95 90.86 5.94
N LEU B 38 18.28 90.50 4.85
CA LEU B 38 16.87 90.13 4.90
C LEU B 38 16.66 88.86 5.72
N LYS B 39 17.56 87.90 5.56
CA LYS B 39 17.47 86.63 6.28
C LYS B 39 17.63 86.82 7.79
N CYS B 40 18.24 87.93 8.19
CA CYS B 40 18.46 88.21 9.60
C CYS B 40 17.23 88.86 10.23
N ILE B 41 16.53 89.66 9.43
CA ILE B 41 15.33 90.34 9.90
C ILE B 41 14.10 89.45 9.83
N LYS B 42 13.96 88.70 8.74
CA LYS B 42 12.82 87.81 8.58
C LYS B 42 12.88 86.57 9.47
N LYS B 43 14.03 86.35 10.09
CA LYS B 43 14.19 85.21 10.99
C LYS B 43 13.85 83.92 10.25
N GLU B 44 14.65 83.58 9.24
CA GLU B 44 14.42 82.39 8.44
C GLU B 44 15.19 81.17 8.95
N GLN B 45 16.50 81.32 9.11
CA GLN B 45 17.34 80.22 9.57
C GLN B 45 18.10 80.57 10.85
N PRO B 46 17.81 79.86 11.95
CA PRO B 46 18.47 80.09 13.25
C PRO B 46 19.99 80.02 13.16
N SER B 47 20.49 79.40 12.09
CA SER B 47 21.92 79.27 11.86
C SER B 47 22.48 80.46 11.11
N HIS B 48 21.69 81.51 10.99
CA HIS B 48 22.12 82.71 10.28
C HIS B 48 22.06 83.97 11.15
N TYR B 49 20.85 84.42 11.44
CA TYR B 49 20.65 85.62 12.24
C TYR B 49 21.13 85.48 13.68
N LYS B 50 21.45 84.26 14.09
CA LYS B 50 21.91 84.01 15.45
C LYS B 50 23.43 83.94 15.53
N TYR B 51 24.11 83.88 14.38
CA TYR B 51 25.57 83.79 14.38
C TYR B 51 26.28 84.77 13.46
N HIS B 52 25.54 85.61 12.75
CA HIS B 52 26.17 86.56 11.84
C HIS B 52 26.98 87.60 12.61
N GLU B 53 26.36 88.26 13.57
CA GLU B 53 27.05 89.28 14.36
C GLU B 53 28.20 88.66 15.14
N LYS B 54 28.12 87.35 15.36
CA LYS B 54 29.15 86.63 16.10
C LYS B 54 30.37 86.29 15.25
N HIS B 55 30.14 86.09 13.95
CA HIS B 55 31.24 85.75 13.05
C HIS B 55 31.38 86.72 11.88
N TYR B 56 30.79 87.89 12.00
CA TYR B 56 30.86 88.90 10.95
C TYR B 56 32.28 89.41 10.75
N ALA B 57 33.01 89.53 11.86
CA ALA B 57 34.38 90.04 11.83
C ALA B 57 35.32 89.11 11.06
N ASN B 58 35.26 87.82 11.35
CA ASN B 58 36.13 86.84 10.69
C ASN B 58 35.68 86.55 9.25
N ALA B 59 34.37 86.42 9.06
CA ALA B 59 33.83 86.13 7.73
C ALA B 59 34.20 87.24 6.74
N ALA B 60 34.38 88.45 7.26
CA ALA B 60 34.74 89.59 6.43
C ALA B 60 36.09 89.35 5.77
N ILE B 61 37.00 88.71 6.49
CA ILE B 61 38.32 88.41 5.98
C ILE B 61 38.33 87.02 5.34
N PHE B 62 37.39 86.19 5.75
CA PHE B 62 37.25 84.84 5.23
C PHE B 62 37.07 84.86 3.72
N ALA B 63 36.43 85.91 3.22
CA ALA B 63 36.18 86.07 1.79
C ALA B 63 37.48 86.19 1.01
N ASP B 64 38.44 86.91 1.56
CA ASP B 64 39.74 87.11 0.91
C ASP B 64 40.74 86.03 1.31
N SER B 65 40.24 84.86 1.68
CA SER B 65 41.10 83.75 2.09
C SER B 65 41.37 82.83 0.90
N LYS B 66 42.61 82.32 0.83
CA LYS B 66 43.01 81.43 -0.25
C LYS B 66 42.76 79.97 0.14
N ASN B 67 42.22 79.77 1.34
CA ASN B 67 41.93 78.42 1.83
C ASN B 67 40.54 78.36 2.44
N GLN B 68 39.55 78.84 1.70
CA GLN B 68 38.17 78.85 2.16
C GLN B 68 37.64 77.44 2.47
N LYS B 69 38.06 76.47 1.65
CA LYS B 69 37.62 75.09 1.83
C LYS B 69 38.47 74.37 2.88
N THR B 70 39.67 74.87 3.11
CA THR B 70 40.57 74.25 4.10
C THR B 70 40.15 74.63 5.52
N ILE B 71 39.85 75.89 5.73
CA ILE B 71 39.43 76.38 7.04
C ILE B 71 38.17 75.67 7.50
N CYS B 72 37.20 75.55 6.59
CA CYS B 72 35.93 74.89 6.89
C CYS B 72 36.12 73.38 7.00
N GLN B 73 37.15 72.87 6.33
CA GLN B 73 37.43 71.45 6.33
C GLN B 73 37.80 70.99 7.74
N GLN B 74 38.72 71.70 8.37
CA GLN B 74 39.15 71.36 9.73
C GLN B 74 37.98 71.43 10.69
N ALA B 75 37.10 72.39 10.47
CA ALA B 75 35.93 72.56 11.32
C ALA B 75 35.07 71.30 11.28
N VAL B 76 34.87 70.78 10.07
CA VAL B 76 34.07 69.57 9.88
C VAL B 76 34.66 68.42 10.69
N ASP B 77 35.98 68.27 10.65
CA ASP B 77 36.67 67.22 11.38
C ASP B 77 36.44 67.38 12.88
N THR B 78 36.38 68.64 13.32
CA THR B 78 36.15 68.93 14.73
C THR B 78 34.72 68.54 15.10
N VAL B 79 33.82 68.68 14.14
CA VAL B 79 32.41 68.33 14.35
C VAL B 79 32.28 66.83 14.49
N LEU B 80 32.82 66.09 13.52
CA LEU B 80 32.78 64.64 13.54
C LEU B 80 33.53 64.13 14.76
N ALA B 81 34.54 64.88 15.18
CA ALA B 81 35.34 64.52 16.34
C ALA B 81 34.47 64.52 17.59
N LYS B 82 33.62 65.53 17.70
CA LYS B 82 32.73 65.65 18.85
C LYS B 82 31.84 64.42 18.95
N LYS B 83 31.18 64.08 17.85
CA LYS B 83 30.30 62.91 17.81
C LYS B 83 31.13 61.65 18.07
N ARG B 84 32.35 61.66 17.57
CA ARG B 84 33.27 60.53 17.73
C ARG B 84 33.51 60.27 19.21
N VAL B 85 33.48 61.34 20.00
CA VAL B 85 33.71 61.25 21.44
C VAL B 85 32.43 60.92 22.21
N ASP B 86 31.36 61.63 21.90
CA ASP B 86 30.08 61.43 22.57
C ASP B 86 29.58 59.99 22.45
N SER B 87 29.92 59.33 21.35
CA SER B 87 29.51 57.96 21.13
C SER B 87 30.20 56.97 22.07
N LEU B 88 31.10 57.48 22.91
CA LEU B 88 31.83 56.63 23.84
C LEU B 88 31.64 57.05 25.30
N GLN B 89 31.53 58.35 25.54
CA GLN B 89 31.37 58.86 26.90
C GLN B 89 29.93 58.89 27.39
N LEU B 90 29.07 59.59 26.66
CA LEU B 90 27.66 59.69 27.04
C LEU B 90 26.94 58.35 26.84
N THR B 91 26.17 57.95 27.84
CA THR B 91 25.42 56.70 27.76
C THR B 91 24.42 56.82 26.61
N ARG B 92 23.92 55.69 26.13
CA ARG B 92 22.96 55.69 25.03
C ARG B 92 21.66 56.40 25.39
N GLU B 93 21.43 56.60 26.69
CA GLU B 93 20.22 57.27 27.13
C GLU B 93 20.44 58.78 27.14
N GLN B 94 21.66 59.19 27.47
CA GLN B 94 22.00 60.61 27.49
C GLN B 94 22.04 61.15 26.07
N MET B 95 22.52 60.32 25.14
CA MET B 95 22.59 60.73 23.74
C MET B 95 21.20 61.10 23.24
N LEU B 96 20.20 60.33 23.66
CA LEU B 96 18.83 60.58 23.27
C LEU B 96 18.34 61.85 23.97
N THR B 97 18.73 62.01 25.23
CA THR B 97 18.35 63.17 26.01
C THR B 97 18.65 64.46 25.25
N ASN B 98 19.85 64.52 24.66
CA ASN B 98 20.26 65.69 23.90
C ASN B 98 19.43 65.83 22.63
N ARG B 99 19.13 64.70 22.02
CA ARG B 99 18.33 64.69 20.79
C ARG B 99 16.94 65.25 21.07
N PHE B 100 16.28 64.70 22.09
CA PHE B 100 14.95 65.15 22.47
C PHE B 100 14.90 66.65 22.71
N ASN B 101 15.98 67.20 23.23
CA ASN B 101 16.05 68.64 23.50
C ASN B 101 16.21 69.42 22.21
N ASP B 102 17.03 68.91 21.29
CA ASP B 102 17.25 69.59 20.01
C ASP B 102 15.97 69.57 19.19
N LEU B 103 15.17 68.53 19.36
CA LEU B 103 13.91 68.41 18.63
C LEU B 103 12.92 69.44 19.16
N LEU B 104 13.03 69.75 20.44
CA LEU B 104 12.15 70.73 21.08
C LEU B 104 12.60 72.15 20.75
N ASP B 105 13.90 72.30 20.48
CA ASP B 105 14.44 73.62 20.15
C ASP B 105 13.80 74.13 18.87
N ARG B 106 13.66 73.23 17.89
CA ARG B 106 13.03 73.58 16.62
C ARG B 106 11.60 73.99 16.88
N MET B 107 10.95 73.26 17.78
CA MET B 107 9.56 73.50 18.14
C MET B 107 9.37 74.88 18.78
N ASP B 108 10.28 75.26 19.65
CA ASP B 108 10.21 76.55 20.33
C ASP B 108 10.32 77.70 19.34
N ILE B 109 10.76 77.39 18.13
CA ILE B 109 10.91 78.41 17.09
C ILE B 109 9.74 78.37 16.10
N MET B 110 9.44 77.17 15.61
CA MET B 110 8.35 76.99 14.66
C MET B 110 6.99 77.23 15.31
N PHE B 111 6.87 76.88 16.58
CA PHE B 111 5.62 77.07 17.31
C PHE B 111 5.67 78.36 18.13
N GLY B 112 6.53 79.29 17.71
CA GLY B 112 6.66 80.55 18.43
C GLY B 112 6.21 81.73 17.61
N SER B 113 6.96 82.82 17.69
CA SER B 113 6.64 84.04 16.95
C SER B 113 7.33 84.06 15.59
N THR B 114 8.55 83.53 15.55
CA THR B 114 9.32 83.49 14.31
C THR B 114 9.13 82.16 13.59
N GLY B 115 8.00 81.51 13.85
CA GLY B 115 7.72 80.23 13.22
C GLY B 115 6.46 80.26 12.38
N SER B 116 6.42 79.40 11.37
CA SER B 116 5.26 79.32 10.48
C SER B 116 4.59 77.95 10.58
N ALA B 117 4.87 77.24 11.67
CA ALA B 117 4.31 75.92 11.89
C ALA B 117 3.03 76.01 12.71
N ASP B 118 1.99 75.31 12.28
CA ASP B 118 0.72 75.30 12.98
C ASP B 118 0.63 74.08 13.89
N ILE B 119 0.57 74.31 15.19
CA ILE B 119 0.50 73.24 16.18
C ILE B 119 -0.71 72.33 15.96
N GLU B 120 -1.77 72.89 15.39
CA GLU B 120 -2.99 72.12 15.15
C GLU B 120 -2.75 70.95 14.21
N GLU B 121 -2.01 71.19 13.14
CA GLU B 121 -1.71 70.15 12.16
C GLU B 121 -0.81 69.06 12.73
N TRP B 122 0.21 69.46 13.49
CA TRP B 122 1.12 68.48 14.08
C TRP B 122 0.42 67.64 15.15
N MET B 123 -0.59 68.21 15.79
CA MET B 123 -1.34 67.48 16.80
C MET B 123 -2.26 66.50 16.08
N ALA B 124 -2.62 66.85 14.85
CA ALA B 124 -3.49 66.00 14.03
C ALA B 124 -2.69 64.80 13.56
N GLY B 125 -1.41 65.01 13.31
CA GLY B 125 -0.54 63.93 12.87
C GLY B 125 -0.40 62.90 13.97
N VAL B 126 -0.35 63.38 15.22
CA VAL B 126 -0.23 62.50 16.37
C VAL B 126 -1.44 61.58 16.42
N ALA B 127 -2.55 62.05 15.85
CA ALA B 127 -3.78 61.28 15.81
C ALA B 127 -3.69 60.20 14.74
N TRP B 128 -3.28 60.59 13.55
CA TRP B 128 -3.15 59.65 12.44
C TRP B 128 -2.11 58.59 12.77
N LEU B 129 -1.01 59.02 13.38
CA LEU B 129 0.07 58.12 13.75
C LEU B 129 -0.35 57.11 14.81
N HIS B 130 -1.26 57.54 15.69
CA HIS B 130 -1.74 56.66 16.75
C HIS B 130 -2.80 55.71 16.20
N CYS B 131 -3.34 56.05 15.03
CA CYS B 131 -4.35 55.23 14.38
C CYS B 131 -3.68 54.34 13.33
N LEU B 132 -2.35 54.28 13.41
CA LEU B 132 -1.57 53.47 12.47
C LEU B 132 -1.31 52.08 13.04
N LEU B 133 -1.07 52.01 14.35
CA LEU B 133 -0.81 50.74 15.01
C LEU B 133 -1.35 50.74 16.45
N PRO B 134 -1.77 49.56 16.94
CA PRO B 134 -2.31 49.43 18.30
C PRO B 134 -1.32 49.90 19.35
N LYS B 135 -1.73 50.89 20.13
CA LYS B 135 -0.88 51.44 21.18
C LYS B 135 0.44 51.91 20.58
N MET B 136 0.34 52.75 19.54
CA MET B 136 1.52 53.27 18.85
C MET B 136 2.49 53.95 19.82
N ASP B 137 1.98 54.90 20.59
CA ASP B 137 2.82 55.62 21.56
C ASP B 137 3.50 54.65 22.52
N SER B 138 2.78 53.60 22.91
CA SER B 138 3.32 52.60 23.82
C SER B 138 4.51 51.89 23.20
N VAL B 139 4.39 51.55 21.92
CA VAL B 139 5.45 50.86 21.20
C VAL B 139 6.69 51.74 21.08
N VAL B 140 6.48 53.03 20.86
CA VAL B 140 7.58 53.98 20.72
C VAL B 140 8.48 53.99 21.95
N TYR B 141 7.86 53.99 23.12
CA TYR B 141 8.62 53.99 24.37
C TYR B 141 9.46 52.72 24.50
N ASP B 142 8.88 51.61 24.06
CA ASP B 142 9.57 50.32 24.12
C ASP B 142 10.78 50.31 23.19
N PHE B 143 10.59 50.82 21.97
CA PHE B 143 11.67 50.87 20.99
C PHE B 143 12.79 51.76 21.50
N LEU B 144 12.43 52.93 22.02
CA LEU B 144 13.40 53.87 22.55
C LEU B 144 14.32 53.19 23.56
N LYS B 145 13.73 52.62 24.60
CA LYS B 145 14.49 51.93 25.63
C LYS B 145 15.22 50.72 25.06
N CYS B 146 14.59 50.05 24.09
CA CYS B 146 15.20 48.88 23.47
C CYS B 146 16.53 49.31 22.85
N MET B 147 16.58 50.55 22.37
CA MET B 147 17.77 51.11 21.76
C MET B 147 18.76 51.51 22.86
N VAL B 148 18.24 51.96 23.99
CA VAL B 148 19.06 52.37 25.12
C VAL B 148 19.72 51.17 25.79
N TYR B 149 18.91 50.18 26.15
CA TYR B 149 19.41 48.98 26.80
C TYR B 149 20.53 48.34 25.98
N ASN B 150 20.36 48.34 24.67
CA ASN B 150 21.36 47.78 23.76
C ASN B 150 21.67 46.33 24.16
N ILE B 151 20.79 45.41 23.79
CA ILE B 151 20.97 44.00 24.10
C ILE B 151 21.39 43.19 22.88
N PRO B 152 22.60 42.62 22.91
CA PRO B 152 23.15 41.80 21.82
C PRO B 152 22.18 40.78 21.24
N LYS B 153 22.08 40.75 19.91
CA LYS B 153 21.19 39.84 19.20
C LYS B 153 19.74 40.06 19.64
N LYS B 154 19.48 41.26 20.17
CA LYS B 154 18.16 41.67 20.63
C LYS B 154 18.09 43.19 20.49
N ARG B 155 18.27 43.67 19.27
CA ARG B 155 18.25 45.11 19.02
C ARG B 155 17.34 45.54 17.87
N TYR B 156 17.57 44.99 16.68
CA TYR B 156 16.76 45.36 15.53
C TYR B 156 15.30 44.94 15.60
N TRP B 157 14.44 45.78 15.04
CA TRP B 157 13.00 45.55 15.00
C TRP B 157 12.61 45.30 13.55
N LEU B 158 11.53 44.57 13.34
CA LEU B 158 11.08 44.27 11.99
C LEU B 158 9.79 44.99 11.60
N PHE B 159 9.86 45.77 10.52
CA PHE B 159 8.71 46.50 10.01
C PHE B 159 8.27 45.82 8.71
N LYS B 160 7.81 44.58 8.85
CA LYS B 160 7.37 43.78 7.70
C LYS B 160 5.89 44.01 7.40
N GLY B 161 5.62 44.58 6.23
CA GLY B 161 4.24 44.85 5.84
C GLY B 161 4.08 45.12 4.36
N PRO B 162 2.89 44.89 3.80
CA PRO B 162 2.61 45.12 2.38
C PRO B 162 2.94 46.55 1.92
N ILE B 163 2.79 46.80 0.63
CA ILE B 163 3.07 48.12 0.07
C ILE B 163 2.03 49.13 0.56
N ASP B 164 2.50 50.34 0.88
CA ASP B 164 1.62 51.40 1.36
C ASP B 164 0.84 50.94 2.59
N SER B 165 1.40 51.21 3.77
CA SER B 165 0.77 50.84 5.02
C SER B 165 1.18 51.77 6.15
N GLY B 166 2.42 52.23 6.11
CA GLY B 166 2.92 53.13 7.13
C GLY B 166 4.33 52.81 7.60
N LYS B 167 4.92 51.78 6.99
CA LYS B 167 6.28 51.37 7.34
C LYS B 167 7.28 52.49 7.11
N THR B 168 7.42 52.88 5.84
CA THR B 168 8.35 53.94 5.47
C THR B 168 7.99 55.27 6.14
N THR B 169 6.76 55.34 6.65
CA THR B 169 6.29 56.56 7.32
C THR B 169 6.74 56.60 8.77
N LEU B 170 6.76 55.43 9.41
CA LEU B 170 7.17 55.34 10.81
C LEU B 170 8.68 55.12 10.92
N ALA B 171 9.20 54.17 10.15
CA ALA B 171 10.63 53.87 10.16
C ALA B 171 11.45 55.11 9.87
N ALA B 172 10.80 56.11 9.24
CA ALA B 172 11.48 57.35 8.91
C ALA B 172 11.43 58.33 10.07
N ALA B 173 10.23 58.52 10.61
CA ALA B 173 10.03 59.43 11.74
C ALA B 173 10.88 59.00 12.94
N LEU B 174 10.90 57.70 13.20
CA LEU B 174 11.69 57.16 14.31
C LEU B 174 13.16 57.49 14.15
N LEU B 175 13.63 57.49 12.90
CA LEU B 175 15.02 57.79 12.61
C LEU B 175 15.41 59.18 13.09
N GLU B 176 14.48 60.12 12.93
CA GLU B 176 14.72 61.51 13.36
C GLU B 176 14.41 61.70 14.84
N LEU B 177 13.51 60.88 15.36
CA LEU B 177 13.13 60.97 16.77
C LEU B 177 14.29 60.58 17.67
N CYS B 178 15.05 59.57 17.25
CA CYS B 178 16.19 59.09 18.02
C CYS B 178 17.49 59.65 17.47
N GLY B 179 17.67 59.56 16.15
CA GLY B 179 18.87 60.06 15.53
C GLY B 179 19.63 58.96 14.81
N GLY B 180 20.26 59.30 13.70
CA GLY B 180 21.02 58.32 12.94
C GLY B 180 20.85 58.46 11.44
N LYS B 181 21.10 57.38 10.71
CA LYS B 181 20.99 57.38 9.26
C LYS B 181 20.26 56.14 8.76
N ALA B 182 19.77 56.20 7.52
CA ALA B 182 19.06 55.08 6.92
C ALA B 182 19.88 54.53 5.76
N LEU B 183 20.24 53.26 5.84
CA LEU B 183 21.04 52.62 4.80
C LEU B 183 20.20 51.72 3.88
N ASN B 184 20.86 51.09 2.92
CA ASN B 184 20.21 50.20 1.97
C ASN B 184 21.15 49.04 1.66
N VAL B 185 20.57 47.86 1.45
CA VAL B 185 21.37 46.68 1.15
C VAL B 185 20.95 45.98 -0.14
N ASN B 186 20.10 46.63 -0.92
CA ASN B 186 19.63 46.07 -2.18
C ASN B 186 20.76 46.04 -3.19
N LEU B 187 21.75 46.91 -2.99
CA LEU B 187 22.90 46.98 -3.88
C LEU B 187 23.88 45.86 -3.54
N PRO B 188 24.69 45.44 -4.53
CA PRO B 188 25.67 44.36 -4.31
C PRO B 188 26.50 44.55 -3.05
N LEU B 189 27.05 43.45 -2.54
CA LEU B 189 27.87 43.50 -1.34
C LEU B 189 29.21 44.17 -1.64
N ASP B 190 29.29 44.83 -2.80
CA ASP B 190 30.51 45.51 -3.21
C ASP B 190 30.54 46.90 -2.59
N ARG B 191 29.54 47.70 -2.89
CA ARG B 191 29.45 49.06 -2.36
C ARG B 191 28.82 49.03 -0.97
N LEU B 192 28.53 47.84 -0.49
CA LEU B 192 27.94 47.66 0.83
C LEU B 192 28.87 48.24 1.90
N ASN B 193 30.17 48.08 1.70
CA ASN B 193 31.16 48.59 2.63
C ASN B 193 31.20 50.12 2.62
N PHE B 194 30.94 50.70 1.45
CA PHE B 194 30.94 52.15 1.31
C PHE B 194 29.65 52.77 1.82
N GLU B 195 28.68 51.92 2.15
CA GLU B 195 27.40 52.42 2.65
C GLU B 195 27.22 52.07 4.12
N LEU B 196 27.76 50.93 4.53
CA LEU B 196 27.67 50.49 5.92
C LEU B 196 28.58 51.36 6.79
N GLY B 197 29.45 52.12 6.15
CA GLY B 197 30.37 52.98 6.89
C GLY B 197 29.71 54.27 7.32
N VAL B 198 28.39 54.34 7.17
CA VAL B 198 27.65 55.54 7.55
C VAL B 198 27.14 55.40 8.99
N ALA B 199 26.99 54.16 9.44
CA ALA B 199 26.51 53.88 10.79
C ALA B 199 27.58 54.18 11.84
N ILE B 200 28.68 54.78 11.41
CA ILE B 200 29.76 55.13 12.33
C ILE B 200 29.33 56.19 13.33
N ASP B 201 29.56 55.91 14.62
CA ASP B 201 29.21 56.83 15.69
C ASP B 201 27.74 57.20 15.69
N GLN B 202 26.93 56.43 14.98
CA GLN B 202 25.49 56.69 14.91
C GLN B 202 24.77 56.06 16.09
N PHE B 203 23.45 56.12 16.07
CA PHE B 203 22.65 55.56 17.15
C PHE B 203 21.88 54.33 16.66
N LEU B 204 21.26 54.46 15.49
CA LEU B 204 20.49 53.36 14.90
C LEU B 204 20.51 53.43 13.38
N VAL B 205 20.23 52.29 12.74
CA VAL B 205 20.22 52.22 11.28
C VAL B 205 18.83 51.85 10.78
N VAL B 206 18.52 52.26 9.55
CA VAL B 206 17.22 51.98 8.96
C VAL B 206 17.35 51.34 7.58
N PHE B 207 17.10 50.03 7.51
CA PHE B 207 17.18 49.31 6.25
C PHE B 207 15.84 49.37 5.54
N GLU B 208 15.77 50.15 4.46
CA GLU B 208 14.53 50.31 3.69
C GLU B 208 14.30 49.25 2.62
N ASP B 209 13.17 48.56 2.74
CA ASP B 209 12.77 47.53 1.80
C ASP B 209 13.88 46.60 1.35
N VAL B 210 14.02 45.47 2.06
CA VAL B 210 15.03 44.48 1.72
C VAL B 210 14.42 43.41 0.81
N LYS B 211 15.05 43.18 -0.33
CA LYS B 211 14.56 42.20 -1.29
C LYS B 211 15.14 40.81 -1.04
N GLY B 212 14.27 39.81 -1.06
CA GLY B 212 14.70 38.44 -0.85
C GLY B 212 14.12 37.51 -1.90
N THR B 213 14.66 36.31 -1.99
CA THR B 213 14.20 35.32 -2.98
C THR B 213 12.76 34.89 -2.68
N GLY B 214 12.36 35.02 -1.43
CA GLY B 214 11.02 34.63 -1.04
C GLY B 214 9.95 35.51 -1.65
N GLY B 215 8.70 35.03 -1.61
CA GLY B 215 7.60 35.79 -2.18
C GLY B 215 7.68 35.94 -3.68
N GLU B 216 8.01 34.85 -4.37
CA GLU B 216 8.10 34.86 -5.83
C GLU B 216 6.73 34.76 -6.47
N SER B 217 5.74 34.32 -5.69
CA SER B 217 4.38 34.17 -6.18
C SER B 217 3.52 35.39 -5.85
N ARG B 218 4.00 36.23 -4.93
CA ARG B 218 3.28 37.42 -4.54
C ARG B 218 3.73 38.65 -5.33
N ASP B 219 4.27 38.41 -6.52
CA ASP B 219 4.74 39.50 -7.38
C ASP B 219 5.75 40.38 -6.66
N LEU B 220 6.55 39.77 -5.78
CA LEU B 220 7.56 40.50 -5.03
C LEU B 220 8.95 40.25 -5.59
N PRO B 221 9.52 41.24 -6.30
CA PRO B 221 10.85 41.14 -6.90
C PRO B 221 11.93 40.72 -5.89
N SER B 222 12.74 39.74 -6.27
CA SER B 222 13.81 39.25 -5.41
C SER B 222 15.06 40.08 -5.58
N GLY B 223 15.91 40.08 -4.55
CA GLY B 223 17.15 40.85 -4.61
C GLY B 223 18.22 40.27 -3.72
N GLN B 224 18.94 41.14 -3.01
CA GLN B 224 20.01 40.70 -2.11
C GLN B 224 19.80 41.26 -0.70
N GLY B 225 18.66 41.92 -0.50
CA GLY B 225 18.37 42.48 0.81
C GLY B 225 18.42 41.46 1.93
N ILE B 226 17.53 40.48 1.88
CA ILE B 226 17.47 39.43 2.90
C ILE B 226 18.80 38.71 3.03
N ASN B 227 19.43 38.42 1.89
CA ASN B 227 20.71 37.71 1.87
C ASN B 227 21.79 38.50 2.58
N ASN B 228 21.94 39.78 2.21
CA ASN B 228 22.94 40.65 2.82
C ASN B 228 22.78 40.72 4.34
N LEU B 229 21.53 40.71 4.80
CA LEU B 229 21.25 40.78 6.23
C LEU B 229 21.88 39.58 6.95
N ASP B 230 21.79 38.42 6.32
CA ASP B 230 22.35 37.21 6.90
C ASP B 230 23.87 37.21 6.77
N ASN B 231 24.37 37.92 5.77
CA ASN B 231 25.81 38.03 5.55
C ASN B 231 26.40 39.05 6.52
N LEU B 232 25.58 39.48 7.47
CA LEU B 232 25.98 40.46 8.46
C LEU B 232 25.44 40.05 9.83
N ARG B 233 25.72 38.82 10.23
CA ARG B 233 25.26 38.31 11.51
C ARG B 233 25.82 39.09 12.68
N ASP B 234 27.15 39.21 12.75
CA ASP B 234 27.79 39.95 13.83
C ASP B 234 27.30 41.39 13.84
N TYR B 235 27.10 41.95 12.65
CA TYR B 235 26.62 43.32 12.51
C TYR B 235 25.26 43.48 13.20
N LEU B 236 24.45 42.44 13.12
CA LEU B 236 23.11 42.47 13.72
C LEU B 236 23.16 42.19 15.22
N ASP B 237 24.12 41.37 15.65
CA ASP B 237 24.25 41.04 17.07
C ASP B 237 24.84 42.21 17.85
N GLY B 238 26.05 42.61 17.45
CA GLY B 238 26.71 43.72 18.11
C GLY B 238 27.53 43.32 19.32
N SER B 239 27.89 42.04 19.39
CA SER B 239 28.70 41.54 20.50
C SER B 239 30.18 41.67 20.18
N VAL B 240 30.47 42.09 18.95
CA VAL B 240 31.86 42.27 18.50
C VAL B 240 32.01 43.60 17.78
N LYS B 241 33.21 44.15 17.80
CA LYS B 241 33.48 45.42 17.13
C LYS B 241 33.73 45.23 15.65
N VAL B 242 32.69 45.42 14.85
CA VAL B 242 32.79 45.28 13.41
C VAL B 242 33.71 46.33 12.80
N ASN B 243 34.09 46.12 11.55
CA ASN B 243 34.98 47.05 10.86
C ASN B 243 34.19 47.98 9.94
N LEU B 244 34.56 49.26 9.95
CA LEU B 244 33.90 50.26 9.12
C LEU B 244 34.93 51.14 8.42
N GLU B 245 34.58 51.65 7.24
CA GLU B 245 35.48 52.50 6.49
C GLU B 245 34.82 53.79 6.04
N LYS B 246 35.50 54.91 6.28
CA LYS B 246 35.00 56.22 5.90
C LYS B 246 36.05 56.94 5.06
N LYS B 247 35.76 57.11 3.77
CA LYS B 247 36.69 57.78 2.86
C LYS B 247 38.06 57.10 2.87
N HIS B 248 38.20 56.05 2.08
CA HIS B 248 39.46 55.31 1.96
C HIS B 248 40.00 54.83 3.30
N LEU B 249 40.85 55.64 3.93
CA LEU B 249 41.45 55.29 5.21
C LEU B 249 40.41 55.02 6.30
N ASN B 250 40.51 53.86 6.94
CA ASN B 250 39.59 53.48 8.01
C ASN B 250 39.42 54.57 9.04
N LYS B 251 38.18 54.78 9.47
CA LYS B 251 37.87 55.80 10.46
C LYS B 251 37.28 55.24 11.74
N ARG B 252 36.87 53.98 11.73
CA ARG B 252 36.28 53.40 12.93
C ARG B 252 36.19 51.87 12.96
N THR B 253 36.22 51.33 14.17
CA THR B 253 36.11 49.89 14.40
C THR B 253 35.36 49.74 15.71
N GLN B 254 34.07 50.03 15.68
CA GLN B 254 33.22 49.97 16.87
C GLN B 254 32.12 48.93 16.74
N ILE B 255 31.14 49.01 17.66
CA ILE B 255 30.01 48.11 17.66
C ILE B 255 28.95 48.68 16.73
N PHE B 256 28.49 47.87 15.77
CA PHE B 256 27.48 48.31 14.82
C PHE B 256 26.18 48.66 15.55
N PRO B 257 25.75 49.93 15.46
CA PRO B 257 24.53 50.40 16.11
C PRO B 257 23.29 49.60 15.72
N PRO B 258 22.31 49.50 16.64
CA PRO B 258 21.07 48.76 16.38
C PRO B 258 20.23 49.49 15.33
N GLY B 259 18.95 49.15 15.24
CA GLY B 259 18.11 49.83 14.28
C GLY B 259 16.83 49.11 13.89
N ILE B 260 16.33 49.44 12.70
CA ILE B 260 15.09 48.85 12.19
C ILE B 260 15.27 48.36 10.76
N VAL B 261 14.70 47.19 10.45
CA VAL B 261 14.78 46.62 9.12
C VAL B 261 13.36 46.47 8.56
N THR B 262 13.11 47.12 7.42
CA THR B 262 11.79 47.06 6.81
C THR B 262 11.75 46.17 5.57
N MET B 263 10.58 45.61 5.28
CA MET B 263 10.40 44.74 4.13
C MET B 263 8.92 44.61 3.75
N ASN B 264 8.67 44.02 2.58
CA ASN B 264 7.30 43.84 2.10
C ASN B 264 6.87 42.39 1.99
N GLU B 265 6.61 41.75 3.13
CA GLU B 265 6.17 40.37 3.19
C GLU B 265 7.10 39.34 2.54
N TYR B 266 8.41 39.59 2.55
CA TYR B 266 9.34 38.65 1.96
C TYR B 266 9.63 37.51 2.94
N SER B 267 10.21 36.43 2.44
CA SER B 267 10.54 35.28 3.27
C SER B 267 11.73 35.63 4.16
N VAL B 268 11.71 35.18 5.40
CA VAL B 268 12.80 35.48 6.33
C VAL B 268 13.37 34.23 6.99
N PRO B 269 14.67 33.96 6.79
CA PRO B 269 15.34 32.79 7.36
C PRO B 269 15.24 32.80 8.87
N LYS B 270 15.22 31.62 9.49
CA LYS B 270 15.11 31.52 10.94
C LYS B 270 16.37 32.07 11.60
N THR B 271 17.52 31.89 10.95
CA THR B 271 18.79 32.39 11.48
C THR B 271 18.85 33.90 11.43
N LEU B 272 17.93 34.50 10.67
CA LEU B 272 17.86 35.95 10.52
C LEU B 272 16.84 36.52 11.50
N GLN B 273 15.69 35.85 11.58
CA GLN B 273 14.61 36.28 12.46
C GLN B 273 15.08 36.24 13.91
N ALA B 274 16.04 35.35 14.19
CA ALA B 274 16.58 35.20 15.54
C ALA B 274 17.50 36.36 15.90
N ARG B 275 17.66 37.30 14.97
CA ARG B 275 18.51 38.46 15.21
C ARG B 275 17.64 39.68 15.49
N PHE B 276 16.33 39.49 15.39
CA PHE B 276 15.39 40.58 15.64
C PHE B 276 14.84 40.55 17.05
N VAL B 277 13.89 41.43 17.34
CA VAL B 277 13.29 41.52 18.66
C VAL B 277 11.77 41.39 18.56
N LYS B 278 11.16 42.26 17.77
CA LYS B 278 9.72 42.27 17.59
C LYS B 278 9.36 42.46 16.12
N GLN B 279 8.30 41.81 15.68
CA GLN B 279 7.84 41.90 14.30
C GLN B 279 6.51 42.64 14.22
N ILE B 280 6.53 43.83 13.62
CA ILE B 280 5.34 44.64 13.49
C ILE B 280 4.77 44.56 12.08
N ASP B 281 3.68 43.80 11.92
CA ASP B 281 3.05 43.64 10.62
C ASP B 281 2.11 44.81 10.33
N PHE B 282 2.56 45.74 9.49
CA PHE B 282 1.77 46.90 9.13
C PHE B 282 0.59 46.52 8.25
N ARG B 283 -0.60 46.99 8.62
CA ARG B 283 -1.82 46.70 7.86
C ARG B 283 -2.28 47.87 7.01
N PRO B 284 -2.42 47.66 5.69
CA PRO B 284 -2.87 48.72 4.77
C PRO B 284 -4.32 49.08 5.08
N LYS B 285 -4.51 50.03 5.97
CA LYS B 285 -5.85 50.47 6.36
C LYS B 285 -6.42 51.51 5.41
N ASP B 286 -7.70 51.38 5.11
CA ASP B 286 -8.40 52.29 4.20
C ASP B 286 -8.69 53.65 4.83
N TYR B 287 -9.24 53.63 6.05
CA TYR B 287 -9.58 54.88 6.74
C TYR B 287 -8.38 55.80 6.87
N LEU B 288 -7.18 55.24 6.83
CA LEU B 288 -5.95 56.03 6.92
C LEU B 288 -5.73 56.72 5.59
N LYS B 289 -6.02 55.99 4.51
CA LYS B 289 -5.86 56.50 3.16
C LYS B 289 -6.81 57.67 2.92
N HIS B 290 -8.10 57.43 3.17
CA HIS B 290 -9.11 58.45 2.99
C HIS B 290 -8.86 59.63 3.92
N CYS B 291 -8.16 59.37 5.01
CA CYS B 291 -7.85 60.40 5.99
C CYS B 291 -6.90 61.44 5.40
N LEU B 292 -5.83 60.97 4.79
CA LEU B 292 -4.85 61.86 4.17
C LEU B 292 -5.41 62.53 2.93
N GLU B 293 -6.50 61.98 2.41
CA GLU B 293 -7.14 62.53 1.21
C GLU B 293 -7.79 63.88 1.54
N ARG B 294 -7.91 64.18 2.83
CA ARG B 294 -8.49 65.43 3.28
C ARG B 294 -7.60 66.09 4.32
N SER B 295 -6.33 65.69 4.32
CA SER B 295 -5.34 66.23 5.25
C SER B 295 -3.99 66.32 4.56
N GLU B 296 -3.95 67.11 3.48
CA GLU B 296 -2.72 67.28 2.71
C GLU B 296 -1.58 67.89 3.51
N PHE B 297 -1.93 68.66 4.54
CA PHE B 297 -0.92 69.32 5.37
C PHE B 297 0.02 68.34 6.06
N LEU B 298 -0.40 67.09 6.20
CA LEU B 298 0.42 66.07 6.84
C LEU B 298 1.49 65.56 5.88
N LEU B 299 1.12 65.40 4.62
CA LEU B 299 2.04 64.92 3.61
C LEU B 299 2.90 66.06 3.05
N GLU B 300 2.31 67.25 2.98
CA GLU B 300 3.01 68.42 2.46
C GLU B 300 4.08 68.91 3.42
N LYS B 301 3.66 69.33 4.61
CA LYS B 301 4.59 69.84 5.62
C LYS B 301 5.40 68.73 6.29
N ARG B 302 5.25 67.50 5.80
CA ARG B 302 5.97 66.37 6.36
C ARG B 302 5.74 66.27 7.87
N ILE B 303 4.59 65.74 8.27
CA ILE B 303 4.27 65.62 9.68
C ILE B 303 4.15 64.16 10.12
N ILE B 304 3.42 63.37 9.34
CA ILE B 304 3.23 61.95 9.65
C ILE B 304 4.54 61.18 9.64
N GLN B 305 5.57 61.76 9.02
CA GLN B 305 6.87 61.11 8.94
C GLN B 305 7.97 61.98 9.55
N SER B 306 7.58 62.84 10.48
CA SER B 306 8.53 63.73 11.13
C SER B 306 8.82 63.25 12.55
N GLY B 307 10.08 63.41 12.97
CA GLY B 307 10.47 63.00 14.30
C GLY B 307 9.84 63.90 15.35
N ILE B 308 9.60 65.15 14.96
CA ILE B 308 9.00 66.12 15.86
C ILE B 308 7.56 65.70 16.18
N ALA B 309 6.94 65.00 15.24
CA ALA B 309 5.57 64.53 15.41
C ALA B 309 5.51 63.49 16.52
N LEU B 310 6.42 62.52 16.47
CA LEU B 310 6.47 61.46 17.47
C LEU B 310 6.79 62.04 18.84
N LEU B 311 7.57 63.11 18.85
CA LEU B 311 7.95 63.77 20.10
C LEU B 311 6.70 64.28 20.80
N LEU B 312 5.81 64.90 20.02
CA LEU B 312 4.57 65.43 20.56
C LEU B 312 3.71 64.29 21.09
N MET B 313 3.84 63.12 20.47
CA MET B 313 3.09 61.94 20.87
C MET B 313 3.66 61.35 22.16
N LEU B 314 4.95 61.56 22.37
CA LEU B 314 5.62 61.04 23.56
C LEU B 314 5.35 61.94 24.77
N ILE B 315 5.16 63.23 24.50
CA ILE B 315 4.89 64.20 25.56
C ILE B 315 3.41 64.24 25.92
N TRP B 316 2.57 63.81 24.99
CA TRP B 316 1.14 63.80 25.22
C TRP B 316 0.67 62.60 26.05
N TYR B 317 1.15 61.41 25.69
CA TYR B 317 0.77 60.20 26.41
C TYR B 317 1.69 59.84 27.57
N ARG B 318 2.94 59.52 27.25
CA ARG B 318 3.92 59.13 28.27
C ARG B 318 4.17 60.16 29.36
N PRO B 319 4.15 59.71 30.63
CA PRO B 319 4.37 60.55 31.81
C PRO B 319 5.76 61.19 31.80
N VAL B 320 6.01 62.06 32.77
CA VAL B 320 7.29 62.75 32.87
C VAL B 320 8.32 61.87 33.59
N ALA B 321 7.83 60.94 34.39
CA ALA B 321 8.69 60.03 35.15
C ALA B 321 9.44 59.03 34.28
N GLU B 322 9.25 59.12 32.96
CA GLU B 322 9.93 58.21 32.05
C GLU B 322 11.09 58.86 31.30
N PHE B 323 11.06 60.17 31.20
CA PHE B 323 12.12 60.91 30.51
C PHE B 323 13.31 61.09 31.44
N ALA B 324 14.40 61.65 30.90
CA ALA B 324 15.60 61.89 31.69
C ALA B 324 15.27 62.92 32.75
N GLN B 325 15.93 62.82 33.90
CA GLN B 325 15.69 63.74 35.00
C GLN B 325 16.17 65.15 34.67
N SER B 326 16.99 65.27 33.64
CA SER B 326 17.52 66.56 33.22
C SER B 326 16.64 67.19 32.15
N ILE B 327 15.61 66.47 31.73
CA ILE B 327 14.70 66.96 30.70
C ILE B 327 13.25 66.95 31.20
N GLN B 328 13.03 66.30 32.35
CA GLN B 328 11.69 66.23 32.93
C GLN B 328 11.07 67.61 33.14
N SER B 329 11.93 68.61 33.36
CA SER B 329 11.47 69.97 33.59
C SER B 329 10.97 70.60 32.29
N ARG B 330 11.47 70.12 31.17
CA ARG B 330 11.08 70.64 29.87
C ARG B 330 9.86 69.91 29.32
N ILE B 331 9.71 68.65 29.72
CA ILE B 331 8.58 67.84 29.28
C ILE B 331 7.28 68.41 29.82
N VAL B 332 7.30 68.80 31.09
CA VAL B 332 6.13 69.37 31.75
C VAL B 332 5.75 70.70 31.09
N GLU B 333 6.76 71.40 30.58
CA GLU B 333 6.53 72.68 29.91
C GLU B 333 5.54 72.56 28.76
N TRP B 334 5.76 71.60 27.87
CA TRP B 334 4.87 71.39 26.75
C TRP B 334 3.58 70.67 27.15
N LYS B 335 3.61 70.00 28.28
CA LYS B 335 2.43 69.29 28.76
C LYS B 335 1.40 70.34 29.19
N GLU B 336 1.87 71.58 29.32
CA GLU B 336 1.00 72.68 29.71
C GLU B 336 0.55 73.44 28.47
N ARG B 337 1.45 73.55 27.49
CA ARG B 337 1.17 74.24 26.25
C ARG B 337 0.16 73.46 25.41
N LEU B 338 0.39 72.16 25.27
CA LEU B 338 -0.49 71.30 24.50
C LEU B 338 -1.88 71.19 25.12
N ASP B 339 -1.94 71.03 26.44
CA ASP B 339 -3.21 70.92 27.12
C ASP B 339 -3.94 72.26 27.13
N LYS B 340 -3.19 73.33 26.90
CA LYS B 340 -3.75 74.68 26.87
C LYS B 340 -4.44 74.94 25.53
N GLU B 341 -3.78 74.54 24.46
CA GLU B 341 -4.30 74.72 23.11
C GLU B 341 -5.35 73.68 22.77
N PHE B 342 -5.10 72.43 23.16
CA PHE B 342 -6.03 71.34 22.88
C PHE B 342 -6.39 70.54 24.13
N SER B 343 -7.68 70.38 24.37
CA SER B 343 -8.17 69.62 25.50
C SER B 343 -8.21 68.16 25.07
N LEU B 344 -8.97 67.34 25.79
CA LEU B 344 -9.08 65.92 25.44
C LEU B 344 -10.16 65.69 24.40
N SER B 345 -11.07 66.64 24.29
CA SER B 345 -12.18 66.54 23.33
C SER B 345 -11.70 66.82 21.92
N VAL B 346 -11.03 67.96 21.74
CA VAL B 346 -10.53 68.36 20.43
C VAL B 346 -9.54 67.34 19.89
N TYR B 347 -8.84 66.66 20.79
CA TYR B 347 -7.85 65.67 20.38
C TYR B 347 -8.52 64.44 19.80
N GLN B 348 -9.33 63.75 20.60
CA GLN B 348 -10.02 62.56 20.15
C GLN B 348 -10.96 62.85 18.99
N LYS B 349 -11.34 64.12 18.84
CA LYS B 349 -12.23 64.52 17.75
C LYS B 349 -11.48 64.36 16.43
N MET B 350 -10.16 64.45 16.49
CA MET B 350 -9.33 64.32 15.31
C MET B 350 -9.15 62.84 14.96
N LYS B 351 -8.92 62.02 15.97
CA LYS B 351 -8.76 60.59 15.77
C LYS B 351 -10.09 60.03 15.29
N PHE B 352 -11.16 60.75 15.60
CA PHE B 352 -12.51 60.36 15.20
C PHE B 352 -12.64 60.44 13.68
N ASN B 353 -12.27 61.58 13.12
CA ASN B 353 -12.35 61.79 11.68
C ASN B 353 -11.48 60.76 10.97
N VAL B 354 -10.47 60.26 11.66
CA VAL B 354 -9.57 59.27 11.09
C VAL B 354 -10.37 57.98 10.89
N ALA B 355 -11.18 57.64 11.89
CA ALA B 355 -12.01 56.44 11.83
C ALA B 355 -13.00 56.56 10.67
N MET B 356 -13.48 57.78 10.44
CA MET B 356 -14.44 58.04 9.38
C MET B 356 -13.77 57.89 8.02
N GLY B 357 -12.73 58.67 7.80
CA GLY B 357 -12.01 58.64 6.54
C GLY B 357 -11.99 60.05 5.98
N ILE B 358 -12.15 61.03 6.88
CA ILE B 358 -12.15 62.43 6.50
C ILE B 358 -11.00 63.18 7.16
N GLY B 359 -10.87 64.46 6.84
CA GLY B 359 -9.81 65.27 7.40
C GLY B 359 -9.71 65.25 8.91
N VAL B 360 -8.52 65.00 9.42
CA VAL B 360 -8.27 64.95 10.86
C VAL B 360 -8.71 66.24 11.55
N LEU B 361 -8.64 67.35 10.81
CA LEU B 361 -9.01 68.64 11.36
C LEU B 361 -10.38 69.10 10.84
N ASP B 362 -11.41 68.33 11.17
CA ASP B 362 -12.78 68.65 10.75
C ASP B 362 -13.73 68.55 11.93
N LYS C 1 55.13 80.97 21.27
CA LYS C 1 53.82 80.73 20.62
C LYS C 1 53.91 79.60 19.59
N GLN C 2 54.11 78.38 20.06
CA GLN C 2 54.20 77.23 19.17
C GLN C 2 53.64 75.98 19.84
N VAL C 3 53.00 75.13 19.03
CA VAL C 3 52.41 73.90 19.54
C VAL C 3 53.42 72.77 19.63
N SER C 4 53.32 71.97 20.68
CA SER C 4 54.22 70.85 20.89
C SER C 4 53.62 69.56 20.35
N TRP C 5 54.41 68.84 19.55
CA TRP C 5 53.95 67.59 18.96
C TRP C 5 54.29 66.40 19.85
N LYS C 6 55.42 66.51 20.56
CA LYS C 6 55.86 65.45 21.45
C LYS C 6 54.86 65.22 22.59
N LEU C 7 54.18 66.27 23.00
CA LEU C 7 53.18 66.18 24.06
C LEU C 7 51.94 65.44 23.57
N VAL C 8 51.48 65.80 22.38
CA VAL C 8 50.31 65.16 21.79
C VAL C 8 50.63 63.68 21.55
N THR C 9 51.84 63.42 21.07
CA THR C 9 52.29 62.06 20.80
C THR C 9 52.36 61.29 22.12
N GLU C 10 52.78 61.99 23.17
CA GLU C 10 52.90 61.37 24.49
C GLU C 10 51.52 60.91 24.96
N TYR C 11 50.55 61.80 24.89
CA TYR C 11 49.18 61.50 25.30
C TYR C 11 48.65 60.33 24.47
N ALA C 12 49.06 60.28 23.21
CA ALA C 12 48.63 59.23 22.31
C ALA C 12 49.18 57.88 22.76
N MET C 13 50.47 57.87 23.11
CA MET C 13 51.13 56.65 23.57
C MET C 13 50.51 56.16 24.87
N GLU C 14 49.96 57.11 25.64
CA GLU C 14 49.34 56.78 26.93
C GLU C 14 48.01 56.06 26.74
N THR C 15 47.06 56.74 26.10
CA THR C 15 45.73 56.16 25.86
C THR C 15 45.78 55.12 24.74
N LYS C 16 46.93 55.00 24.10
CA LYS C 16 47.11 54.05 23.01
C LYS C 16 46.05 54.24 21.93
N CYS C 17 45.63 55.48 21.73
CA CYS C 17 44.62 55.80 20.74
C CYS C 17 45.16 55.62 19.33
N ASP C 18 44.67 54.60 18.63
CA ASP C 18 45.11 54.32 17.27
C ASP C 18 44.13 54.91 16.26
N ASP C 19 43.40 55.93 16.69
CA ASP C 19 42.42 56.59 15.83
C ASP C 19 42.84 58.05 15.61
N VAL C 20 42.47 58.59 14.45
CA VAL C 20 42.82 59.97 14.12
C VAL C 20 41.82 60.98 14.67
N LEU C 21 40.58 60.91 14.19
CA LEU C 21 39.54 61.82 14.64
C LEU C 21 39.24 61.68 16.13
N LEU C 22 39.37 60.47 16.65
CA LEU C 22 39.12 60.21 18.06
C LEU C 22 40.18 60.92 18.92
N LEU C 23 41.44 60.71 18.55
CA LEU C 23 42.55 61.31 19.27
C LEU C 23 42.47 62.84 19.20
N LEU C 24 41.89 63.33 18.12
CA LEU C 24 41.74 64.77 17.91
C LEU C 24 40.72 65.36 18.88
N GLY C 25 39.52 64.79 18.89
CA GLY C 25 38.47 65.28 19.77
C GLY C 25 38.85 65.22 21.24
N MET C 26 39.42 64.10 21.67
CA MET C 26 39.82 63.92 23.06
C MET C 26 40.80 64.99 23.51
N TYR C 27 41.75 65.33 22.65
CA TYR C 27 42.76 66.33 22.97
C TYR C 27 42.20 67.75 22.91
N LEU C 28 41.13 67.94 22.15
CA LEU C 28 40.51 69.25 22.02
C LEU C 28 39.66 69.63 23.22
N GLU C 29 39.66 68.78 24.24
CA GLU C 29 38.90 69.04 25.45
C GLU C 29 39.78 69.64 26.55
N PHE C 30 41.06 69.77 26.24
CA PHE C 30 42.01 70.31 27.21
C PHE C 30 42.40 71.74 26.84
N GLN C 31 41.64 72.36 25.96
CA GLN C 31 41.92 73.73 25.53
C GLN C 31 40.99 74.71 26.25
N TYR C 32 40.42 74.26 27.35
CA TYR C 32 39.52 75.09 28.15
C TYR C 32 40.11 75.37 29.52
N SER C 33 39.73 74.55 30.49
CA SER C 33 40.24 74.71 31.86
C SER C 33 39.81 73.56 32.75
N PHE C 34 40.78 72.92 33.40
CA PHE C 34 40.51 71.81 34.30
C PHE C 34 40.09 72.38 35.65
N GLU C 35 40.08 73.70 35.72
CA GLU C 35 39.71 74.41 36.94
C GLU C 35 38.26 74.10 37.35
N MET C 36 37.38 74.05 36.36
CA MET C 36 35.96 73.78 36.64
C MET C 36 35.39 72.67 35.76
N CYS C 37 36.25 71.91 35.09
CA CYS C 37 35.79 70.83 34.23
C CYS C 37 35.01 69.79 35.02
N LEU C 38 33.75 69.59 34.64
CA LEU C 38 32.89 68.62 35.31
C LEU C 38 33.41 67.19 35.15
N LYS C 39 33.90 66.88 33.96
CA LYS C 39 34.42 65.55 33.67
C LYS C 39 35.67 65.23 34.49
N CYS C 40 36.33 66.27 34.98
CA CYS C 40 37.54 66.10 35.77
C CYS C 40 37.21 65.86 37.23
N ILE C 41 36.13 66.46 37.69
CA ILE C 41 35.70 66.32 39.08
C ILE C 41 34.87 65.05 39.28
N LYS C 42 33.97 64.76 38.34
CA LYS C 42 33.11 63.59 38.42
C LYS C 42 33.88 62.30 38.21
N LYS C 43 35.08 62.39 37.66
CA LYS C 43 35.90 61.21 37.41
C LYS C 43 35.16 60.27 36.47
N GLU C 44 34.92 60.72 35.24
CA GLU C 44 34.19 59.93 34.26
C GLU C 44 35.12 59.10 33.36
N GLN C 45 36.07 59.77 32.72
CA GLN C 45 37.01 59.09 31.82
C GLN C 45 38.46 59.26 32.25
N PRO C 46 39.13 58.16 32.61
CA PRO C 46 40.52 58.18 33.05
C PRO C 46 41.45 58.84 32.03
N SER C 47 40.97 58.94 30.79
CA SER C 47 41.74 59.55 29.72
C SER C 47 41.51 61.06 29.65
N HIS C 48 40.87 61.60 30.68
CA HIS C 48 40.58 63.03 30.73
C HIS C 48 41.17 63.72 31.95
N TYR C 49 40.59 63.43 33.12
CA TYR C 49 41.04 64.04 34.36
C TYR C 49 42.45 63.63 34.78
N LYS C 50 43.00 62.62 34.09
CA LYS C 50 44.35 62.15 34.40
C LYS C 50 45.39 62.75 33.46
N TYR C 51 44.96 63.41 32.40
CA TYR C 51 45.91 64.00 31.46
C TYR C 51 45.64 65.46 31.09
N HIS C 52 44.60 66.05 31.63
CA HIS C 52 44.29 67.45 31.31
C HIS C 52 45.37 68.39 31.82
N GLU C 53 45.67 68.30 33.11
CA GLU C 53 46.70 69.16 33.71
C GLU C 53 48.06 68.91 33.06
N LYS C 54 48.21 67.72 32.48
CA LYS C 54 49.47 67.33 31.84
C LYS C 54 49.61 67.92 30.44
N HIS C 55 48.49 68.11 29.75
CA HIS C 55 48.52 68.66 28.40
C HIS C 55 47.69 69.93 28.23
N TYR C 56 47.37 70.59 29.35
CA TYR C 56 46.59 71.81 29.31
C TYR C 56 47.35 72.95 28.63
N ALA C 57 48.66 72.98 28.85
CA ALA C 57 49.51 74.02 28.28
C ALA C 57 49.56 73.97 26.76
N ASN C 58 49.77 72.78 26.21
CA ASN C 58 49.86 72.61 24.76
C ASN C 58 48.49 72.69 24.09
N ALA C 59 47.49 72.05 24.70
CA ALA C 59 46.14 72.05 24.16
C ALA C 59 45.60 73.47 24.03
N ALA C 60 46.07 74.35 24.90
CA ALA C 60 45.64 75.75 24.88
C ALA C 60 46.02 76.41 23.56
N ILE C 61 47.18 76.03 23.03
CA ILE C 61 47.66 76.57 21.77
C ILE C 61 47.21 75.67 20.63
N PHE C 62 46.93 74.42 20.94
CA PHE C 62 46.48 73.44 19.95
C PHE C 62 45.21 73.93 19.26
N ALA C 63 44.38 74.66 20.00
CA ALA C 63 43.14 75.18 19.47
C ALA C 63 43.38 76.15 18.31
N ASP C 64 44.40 76.98 18.45
CA ASP C 64 44.74 77.96 17.42
C ASP C 64 45.72 77.40 16.40
N SER C 65 45.70 76.08 16.22
CA SER C 65 46.61 75.43 15.28
C SER C 65 45.91 75.22 13.93
N LYS C 66 46.67 75.39 12.85
CA LYS C 66 46.14 75.22 11.50
C LYS C 66 46.31 73.79 11.02
N ASN C 67 46.88 72.94 11.89
CA ASN C 67 47.10 71.54 11.55
C ASN C 67 46.67 70.64 12.71
N GLN C 68 45.45 70.84 13.19
CA GLN C 68 44.91 70.06 14.29
C GLN C 68 44.83 68.57 13.95
N LYS C 69 44.51 68.25 12.70
CA LYS C 69 44.40 66.86 12.27
C LYS C 69 45.76 66.28 11.91
N THR C 70 46.71 67.15 11.58
CA THR C 70 48.05 66.71 11.21
C THR C 70 48.85 66.31 12.45
N ILE C 71 48.78 67.14 13.48
CA ILE C 71 49.50 66.87 14.72
C ILE C 71 49.04 65.55 15.33
N CYS C 72 47.74 65.35 15.38
CA CYS C 72 47.16 64.12 15.93
C CYS C 72 47.40 62.94 15.01
N GLN C 73 47.57 63.23 13.72
CA GLN C 73 47.79 62.19 12.71
C GLN C 73 49.11 61.48 13.00
N GLN C 74 50.17 62.25 13.17
CA GLN C 74 51.50 61.70 13.45
C GLN C 74 51.47 60.87 14.73
N ALA C 75 50.70 61.34 15.70
CA ALA C 75 50.58 60.63 16.98
C ALA C 75 50.03 59.23 16.75
N VAL C 76 48.99 59.15 15.92
CA VAL C 76 48.37 57.87 15.61
C VAL C 76 49.40 56.90 15.02
N ASP C 77 50.22 57.41 14.10
CA ASP C 77 51.25 56.59 13.47
C ASP C 77 52.24 56.10 14.51
N THR C 78 52.49 56.91 15.52
CA THR C 78 53.41 56.56 16.59
C THR C 78 52.78 55.45 17.44
N VAL C 79 51.45 55.50 17.56
CA VAL C 79 50.72 54.51 18.33
C VAL C 79 50.79 53.16 17.62
N LEU C 80 50.42 53.16 16.34
CA LEU C 80 50.44 51.94 15.53
C LEU C 80 51.88 51.43 15.45
N ALA C 81 52.83 52.36 15.48
CA ALA C 81 54.25 52.01 15.41
C ALA C 81 54.64 51.18 16.62
N LYS C 82 54.13 51.57 17.79
CA LYS C 82 54.42 50.84 19.02
C LYS C 82 53.96 49.40 18.91
N LYS C 83 52.70 49.22 18.52
CA LYS C 83 52.13 47.88 18.35
C LYS C 83 52.89 47.15 17.26
N ARG C 84 53.31 47.89 16.25
CA ARG C 84 54.06 47.32 15.13
C ARG C 84 55.35 46.68 15.63
N VAL C 85 55.90 47.26 16.70
CA VAL C 85 57.15 46.77 17.27
C VAL C 85 56.92 45.65 18.28
N ASP C 86 55.96 45.86 19.19
CA ASP C 86 55.65 44.87 20.21
C ASP C 86 55.28 43.51 19.63
N SER C 87 54.68 43.52 18.44
CA SER C 87 54.27 42.29 17.78
C SER C 87 55.46 41.47 17.30
N LEU C 88 56.67 41.98 17.50
CA LEU C 88 57.88 41.29 17.08
C LEU C 88 58.85 41.03 18.22
N GLN C 89 58.93 41.95 19.16
CA GLN C 89 59.85 41.81 20.29
C GLN C 89 59.28 41.00 21.45
N LEU C 90 58.16 41.45 22.00
CA LEU C 90 57.54 40.75 23.12
C LEU C 90 56.96 39.41 22.68
N THR C 91 57.22 38.37 23.47
CA THR C 91 56.70 37.04 23.15
C THR C 91 55.18 37.09 23.21
N ARG C 92 54.53 36.12 22.60
CA ARG C 92 53.06 36.08 22.59
C ARG C 92 52.48 35.93 23.99
N GLU C 93 53.31 35.53 24.95
CA GLU C 93 52.85 35.37 26.32
C GLU C 93 52.95 36.70 27.06
N GLN C 94 53.98 37.47 26.73
CA GLN C 94 54.19 38.78 27.35
C GLN C 94 53.12 39.75 26.86
N MET C 95 52.73 39.63 25.60
CA MET C 95 51.71 40.49 25.03
C MET C 95 50.41 40.34 25.82
N LEU C 96 50.11 39.10 26.22
CA LEU C 96 48.91 38.82 27.00
C LEU C 96 49.09 39.38 28.40
N THR C 97 50.30 39.25 28.93
CA THR C 97 50.62 39.74 30.27
C THR C 97 50.21 41.20 30.41
N ASN C 98 50.53 42.00 29.40
CA ASN C 98 50.20 43.42 29.41
C ASN C 98 48.69 43.60 29.31
N ARG C 99 48.04 42.77 28.50
CA ARG C 99 46.60 42.83 28.32
C ARG C 99 45.89 42.56 29.65
N PHE C 100 46.26 41.45 30.28
CA PHE C 100 45.66 41.08 31.57
C PHE C 100 45.78 42.19 32.59
N ASN C 101 46.86 42.95 32.53
CA ASN C 101 47.07 44.06 33.46
C ASN C 101 46.17 45.24 33.12
N ASP C 102 46.02 45.52 31.84
CA ASP C 102 45.17 46.63 31.39
C ASP C 102 43.72 46.34 31.73
N LEU C 103 43.36 45.06 31.70
CA LEU C 103 42.00 44.64 32.01
C LEU C 103 41.72 44.84 33.49
N LEU C 104 42.76 44.69 34.30
CA LEU C 104 42.65 44.86 35.74
C LEU C 104 42.65 46.34 36.10
N ASP C 105 43.30 47.16 35.28
CA ASP C 105 43.36 48.60 35.51
C ASP C 105 41.95 49.18 35.50
N ARG C 106 41.14 48.73 34.54
CA ARG C 106 39.77 49.19 34.43
C ARG C 106 39.01 48.78 35.69
N MET C 107 39.30 47.56 36.16
CA MET C 107 38.66 47.01 37.34
C MET C 107 38.99 47.81 38.60
N ASP C 108 40.24 48.23 38.73
CA ASP C 108 40.67 49.00 39.89
C ASP C 108 39.95 50.35 39.95
N ILE C 109 39.33 50.74 38.85
CA ILE C 109 38.62 52.00 38.78
C ILE C 109 37.10 51.79 38.93
N MET C 110 36.56 50.85 38.17
CA MET C 110 35.14 50.55 38.21
C MET C 110 34.74 49.91 39.55
N PHE C 111 35.64 49.10 40.10
CA PHE C 111 35.38 48.42 41.36
C PHE C 111 36.02 49.21 42.52
N GLY C 112 36.22 50.50 42.30
CA GLY C 112 36.82 51.33 43.33
C GLY C 112 35.86 52.39 43.86
N SER C 113 36.38 53.60 44.06
CA SER C 113 35.57 54.71 44.56
C SER C 113 34.99 55.52 43.42
N THR C 114 35.77 55.66 42.34
CA THR C 114 35.33 56.42 41.17
C THR C 114 34.70 55.51 40.14
N GLY C 115 34.17 54.37 40.60
CA GLY C 115 33.55 53.43 39.69
C GLY C 115 32.10 53.17 40.02
N SER C 116 31.31 52.82 39.00
CA SER C 116 29.90 52.54 39.19
C SER C 116 29.58 51.09 38.85
N ALA C 117 30.60 50.25 38.86
CA ALA C 117 30.44 48.82 38.56
C ALA C 117 30.24 48.03 39.84
N ASP C 118 29.26 47.13 39.83
CA ASP C 118 28.96 46.31 40.99
C ASP C 118 29.62 44.94 40.83
N ILE C 119 30.57 44.64 41.71
CA ILE C 119 31.31 43.38 41.66
C ILE C 119 30.38 42.17 41.77
N GLU C 120 29.24 42.35 42.43
CA GLU C 120 28.29 41.26 42.61
C GLU C 120 27.76 40.74 41.28
N GLU C 121 27.42 41.66 40.38
CA GLU C 121 26.90 41.30 39.07
C GLU C 121 27.94 40.61 38.20
N TRP C 122 29.16 41.13 38.21
CA TRP C 122 30.24 40.54 37.43
C TRP C 122 30.61 39.15 37.93
N MET C 123 30.42 38.93 39.23
CA MET C 123 30.73 37.63 39.82
C MET C 123 29.62 36.66 39.43
N ALA C 124 28.43 37.22 39.18
CA ALA C 124 27.28 36.44 38.78
C ALA C 124 27.47 35.98 37.34
N GLY C 125 28.12 36.83 36.54
CA GLY C 125 28.36 36.50 35.16
C GLY C 125 29.33 35.33 35.06
N VAL C 126 30.29 35.29 35.99
CA VAL C 126 31.27 34.21 36.02
C VAL C 126 30.54 32.89 36.26
N ALA C 127 29.38 32.98 36.89
CA ALA C 127 28.57 31.81 37.19
C ALA C 127 27.85 31.34 35.93
N TRP C 128 27.18 32.28 35.26
CA TRP C 128 26.44 31.97 34.04
C TRP C 128 27.39 31.46 32.97
N LEU C 129 28.56 32.09 32.87
CA LEU C 129 29.57 31.71 31.89
C LEU C 129 30.13 30.32 32.15
N HIS C 130 30.20 29.94 33.43
CA HIS C 130 30.72 28.63 33.79
C HIS C 130 29.64 27.57 33.59
N CYS C 131 28.40 28.02 33.47
CA CYS C 131 27.27 27.12 33.26
C CYS C 131 26.93 27.08 31.78
N LEU C 132 27.85 27.60 30.97
CA LEU C 132 27.67 27.63 29.52
C LEU C 132 28.30 26.40 28.87
N LEU C 133 29.45 25.99 29.39
CA LEU C 133 30.17 24.83 28.86
C LEU C 133 30.91 24.08 29.96
N PRO C 134 31.03 22.75 29.81
CA PRO C 134 31.72 21.90 30.79
C PRO C 134 33.16 22.37 31.03
N LYS C 135 33.46 22.71 32.28
CA LYS C 135 34.80 23.18 32.64
C LYS C 135 35.18 24.37 31.78
N MET C 136 34.30 25.38 31.76
CA MET C 136 34.53 26.58 30.97
C MET C 136 35.87 27.22 31.28
N ASP C 137 36.12 27.50 32.57
CA ASP C 137 37.36 28.12 33.00
C ASP C 137 38.56 27.30 32.53
N SER C 138 38.42 25.99 32.58
CA SER C 138 39.49 25.07 32.17
C SER C 138 39.82 25.26 30.70
N VAL C 139 38.78 25.38 29.88
CA VAL C 139 38.93 25.56 28.45
C VAL C 139 39.62 26.88 28.12
N VAL C 140 39.28 27.91 28.89
CA VAL C 140 39.85 29.24 28.69
C VAL C 140 41.37 29.22 28.81
N TYR C 141 41.87 28.52 29.82
CA TYR C 141 43.32 28.43 30.03
C TYR C 141 43.98 27.72 28.86
N ASP C 142 43.30 26.71 28.32
CA ASP C 142 43.84 25.96 27.19
C ASP C 142 43.91 26.82 25.94
N PHE C 143 42.85 27.59 25.70
CA PHE C 143 42.80 28.47 24.54
C PHE C 143 43.89 29.53 24.63
N LEU C 144 44.02 30.12 25.82
CA LEU C 144 45.02 31.15 26.06
C LEU C 144 46.41 30.65 25.64
N LYS C 145 46.83 29.54 26.24
CA LYS C 145 48.12 28.96 25.93
C LYS C 145 48.20 28.51 24.48
N CYS C 146 47.07 28.01 23.96
CA CYS C 146 47.02 27.56 22.57
C CYS C 146 47.40 28.73 21.67
N MET C 147 47.03 29.93 22.11
CA MET C 147 47.34 31.15 21.36
C MET C 147 48.80 31.53 21.56
N VAL C 148 49.31 31.26 22.76
CA VAL C 148 50.69 31.57 23.11
C VAL C 148 51.66 30.65 22.38
N TYR C 149 51.45 29.35 22.50
CA TYR C 149 52.30 28.36 21.85
C TYR C 149 52.41 28.63 20.35
N ASN C 150 51.30 29.03 19.75
CA ASN C 150 51.27 29.34 18.33
C ASN C 150 51.81 28.17 17.50
N ILE C 151 50.99 27.15 17.31
CA ILE C 151 51.38 25.97 16.56
C ILE C 151 50.74 25.94 15.18
N PRO C 152 51.56 26.00 14.12
CA PRO C 152 51.10 25.98 12.72
C PRO C 152 50.06 24.91 12.42
N LYS C 153 48.99 25.32 11.75
CA LYS C 153 47.90 24.42 11.38
C LYS C 153 47.30 23.79 12.63
N LYS C 154 47.48 24.47 13.76
CA LYS C 154 46.97 24.03 15.05
C LYS C 154 46.78 25.28 15.89
N ARG C 155 45.95 26.20 15.41
CA ARG C 155 45.72 27.45 16.11
C ARG C 155 44.24 27.80 16.30
N TYR C 156 43.50 27.88 15.20
CA TYR C 156 42.08 28.23 15.28
C TYR C 156 41.21 27.20 15.97
N TRP C 157 40.20 27.70 16.69
CA TRP C 157 39.25 26.87 17.41
C TRP C 157 37.90 27.01 16.71
N LEU C 158 37.04 26.00 16.84
CA LEU C 158 35.73 26.04 16.21
C LEU C 158 34.58 26.17 17.20
N PHE C 159 33.79 27.23 17.03
CA PHE C 159 32.64 27.48 17.88
C PHE C 159 31.38 27.20 17.06
N LYS C 160 31.22 25.93 16.70
CA LYS C 160 30.09 25.49 15.89
C LYS C 160 28.89 25.11 16.75
N GLY C 161 27.82 25.88 16.62
CA GLY C 161 26.61 25.60 17.40
C GLY C 161 25.37 26.29 16.85
N PRO C 162 24.18 25.76 17.15
CA PRO C 162 22.91 26.33 16.68
C PRO C 162 22.73 27.80 17.07
N ILE C 163 21.66 28.41 16.59
CA ILE C 163 21.37 29.81 16.89
C ILE C 163 21.05 29.99 18.37
N ASP C 164 21.56 31.08 18.96
CA ASP C 164 21.33 31.36 20.37
C ASP C 164 21.77 30.20 21.25
N SER C 165 23.02 30.26 21.69
CA SER C 165 23.58 29.21 22.54
C SER C 165 24.68 29.76 23.45
N GLY C 166 25.44 30.72 22.93
CA GLY C 166 26.52 31.31 23.70
C GLY C 166 27.79 31.51 22.91
N LYS C 167 27.74 31.17 21.62
CA LYS C 167 28.90 31.31 20.75
C LYS C 167 29.34 32.76 20.65
N THR C 168 28.47 33.61 20.10
CA THR C 168 28.76 35.02 19.94
C THR C 168 28.99 35.69 21.29
N THR C 169 28.58 35.03 22.35
CA THR C 169 28.74 35.57 23.71
C THR C 169 30.14 35.28 24.24
N LEU C 170 30.68 34.12 23.91
CA LEU C 170 32.01 33.72 24.35
C LEU C 170 33.08 34.18 23.37
N ALA C 171 32.86 33.93 22.09
CA ALA C 171 33.79 34.31 21.05
C ALA C 171 34.07 35.81 21.11
N ALA C 172 33.16 36.55 21.73
CA ALA C 172 33.31 38.00 21.85
C ALA C 172 34.14 38.35 23.08
N ALA C 173 33.77 37.76 24.22
CA ALA C 173 34.47 38.02 25.47
C ALA C 173 35.94 37.63 25.35
N LEU C 174 36.20 36.49 24.73
CA LEU C 174 37.56 36.00 24.54
C LEU C 174 38.39 37.00 23.74
N LEU C 175 37.74 37.65 22.79
CA LEU C 175 38.40 38.64 21.94
C LEU C 175 38.98 39.77 22.78
N GLU C 176 38.24 40.19 23.80
CA GLU C 176 38.68 41.27 24.67
C GLU C 176 39.60 40.75 25.77
N LEU C 177 39.44 39.49 26.15
CA LEU C 177 40.26 38.89 27.19
C LEU C 177 41.72 38.77 26.74
N CYS C 178 41.91 38.44 25.47
CA CYS C 178 43.25 38.29 24.91
C CYS C 178 43.65 39.55 24.13
N GLY C 179 42.78 40.01 23.26
CA GLY C 179 43.06 41.19 22.47
C GLY C 179 43.05 40.90 20.98
N GLY C 180 42.59 41.86 20.19
CA GLY C 180 42.53 41.67 18.76
C GLY C 180 41.27 42.25 18.13
N LYS C 181 40.92 41.73 16.96
CA LYS C 181 39.73 42.20 16.24
C LYS C 181 38.92 41.03 15.70
N ALA C 182 37.66 41.31 15.37
CA ALA C 182 36.77 40.29 14.83
C ALA C 182 36.44 40.63 13.38
N LEU C 183 36.75 39.72 12.48
CA LEU C 183 36.49 39.93 11.05
C LEU C 183 35.28 39.15 10.56
N ASN C 184 35.00 39.29 9.27
CA ASN C 184 33.88 38.61 8.63
C ASN C 184 34.28 38.19 7.22
N VAL C 185 33.77 37.05 6.78
CA VAL C 185 34.10 36.54 5.44
C VAL C 185 32.86 36.25 4.60
N ASN C 186 31.70 36.68 5.09
CA ASN C 186 30.45 36.45 4.36
C ASN C 186 30.41 37.31 3.10
N LEU C 187 31.19 38.40 3.11
CA LEU C 187 31.25 39.29 1.96
C LEU C 187 32.17 38.69 0.89
N PRO C 188 31.97 39.07 -0.37
CA PRO C 188 32.79 38.57 -1.49
C PRO C 188 34.28 38.64 -1.20
N LEU C 189 35.04 37.82 -1.89
CA LEU C 189 36.49 37.79 -1.72
C LEU C 189 37.11 39.04 -2.31
N ASP C 190 36.28 40.03 -2.61
CA ASP C 190 36.73 41.29 -3.17
C ASP C 190 37.19 42.23 -2.06
N ARG C 191 36.29 42.54 -1.15
CA ARG C 191 36.59 43.41 -0.02
C ARG C 191 37.25 42.61 1.09
N LEU C 192 37.46 41.33 0.84
CA LEU C 192 38.09 40.44 1.82
C LEU C 192 39.48 40.95 2.16
N ASN C 193 40.17 41.50 1.16
CA ASN C 193 41.52 42.03 1.36
C ASN C 193 41.49 43.29 2.21
N PHE C 194 40.42 44.07 2.07
CA PHE C 194 40.28 45.30 2.83
C PHE C 194 39.82 45.04 4.26
N GLU C 195 39.45 43.80 4.54
CA GLU C 195 38.99 43.44 5.88
C GLU C 195 40.01 42.54 6.58
N LEU C 196 40.70 41.70 5.82
CA LEU C 196 41.71 40.82 6.37
C LEU C 196 42.93 41.61 6.78
N GLY C 197 42.99 42.87 6.34
CA GLY C 197 44.13 43.71 6.67
C GLY C 197 43.99 44.32 8.06
N VAL C 198 43.03 43.84 8.84
CA VAL C 198 42.80 44.33 10.18
C VAL C 198 43.57 43.48 11.19
N ALA C 199 43.85 42.24 10.81
CA ALA C 199 44.57 41.31 11.67
C ALA C 199 46.06 41.66 11.76
N ILE C 200 46.43 42.81 11.21
CA ILE C 200 47.82 43.25 11.23
C ILE C 200 48.28 43.56 12.66
N ASP C 201 49.42 42.98 13.05
CA ASP C 201 49.98 43.18 14.37
C ASP C 201 49.01 42.82 15.49
N GLN C 202 47.96 42.08 15.15
CA GLN C 202 46.97 41.66 16.14
C GLN C 202 47.43 40.41 16.86
N PHE C 203 46.54 39.86 17.69
CA PHE C 203 46.87 38.66 18.44
C PHE C 203 46.03 37.48 17.94
N LEU C 204 44.73 37.72 17.76
CA LEU C 204 43.82 36.69 17.28
C LEU C 204 42.68 37.29 16.49
N VAL C 205 42.03 36.47 15.66
CA VAL C 205 40.92 36.92 14.84
C VAL C 205 39.64 36.17 15.20
N VAL C 206 38.50 36.80 14.95
CA VAL C 206 37.21 36.19 15.27
C VAL C 206 36.27 36.23 14.08
N PHE C 207 36.08 35.08 13.44
CA PHE C 207 35.19 34.97 12.28
C PHE C 207 33.78 34.66 12.76
N GLU C 208 32.89 35.65 12.66
CA GLU C 208 31.51 35.50 13.10
C GLU C 208 30.57 34.91 12.05
N ASP C 209 29.95 33.80 12.40
CA ASP C 209 28.99 33.10 11.55
C ASP C 209 29.40 33.01 10.08
N VAL C 210 30.06 31.91 9.73
CA VAL C 210 30.48 31.68 8.35
C VAL C 210 29.43 30.86 7.63
N LYS C 211 28.97 31.36 6.49
CA LYS C 211 27.94 30.68 5.70
C LYS C 211 28.54 29.71 4.68
N GLY C 212 27.99 28.51 4.62
CA GLY C 212 28.46 27.51 3.68
C GLY C 212 27.31 26.87 2.94
N THR C 213 27.63 26.17 1.85
CA THR C 213 26.61 25.51 1.04
C THR C 213 25.92 24.40 1.83
N GLY C 214 26.61 23.87 2.84
CA GLY C 214 26.03 22.80 3.64
C GLY C 214 24.85 23.25 4.47
N GLY C 215 24.09 22.29 4.98
CA GLY C 215 22.93 22.61 5.78
C GLY C 215 21.82 23.30 5.00
N GLU C 216 21.54 22.81 3.81
CA GLU C 216 20.50 23.39 2.96
C GLU C 216 19.12 22.91 3.40
N SER C 217 19.09 21.82 4.16
CA SER C 217 17.84 21.26 4.64
C SER C 217 17.49 21.75 6.05
N ARG C 218 18.49 22.31 6.74
CA ARG C 218 18.29 22.81 8.09
C ARG C 218 17.94 24.31 8.09
N ASP C 219 17.40 24.78 6.97
CA ASP C 219 17.01 26.19 6.85
C ASP C 219 18.19 27.11 7.14
N LEU C 220 19.38 26.67 6.76
CA LEU C 220 20.60 27.46 6.98
C LEU C 220 21.08 28.08 5.68
N PRO C 221 20.88 29.40 5.52
CA PRO C 221 21.30 30.13 4.32
C PRO C 221 22.77 29.92 3.96
N SER C 222 23.03 29.62 2.70
CA SER C 222 24.39 29.40 2.23
C SER C 222 25.06 30.72 1.85
N GLY C 223 26.39 30.73 1.89
CA GLY C 223 27.13 31.93 1.55
C GLY C 223 28.52 31.63 1.05
N GLN C 224 29.51 32.40 1.49
CA GLN C 224 30.89 32.21 1.07
C GLN C 224 31.81 32.06 2.27
N GLY C 225 31.22 32.02 3.46
CA GLY C 225 32.01 31.88 4.68
C GLY C 225 32.92 30.66 4.66
N ILE C 226 32.33 29.48 4.62
CA ILE C 226 33.09 28.24 4.60
C ILE C 226 34.07 28.21 3.43
N ASN C 227 33.62 28.66 2.27
CA ASN C 227 34.45 28.67 1.07
C ASN C 227 35.68 29.55 1.25
N ASN C 228 35.46 30.79 1.68
CA ASN C 228 36.55 31.74 1.90
C ASN C 228 37.60 31.18 2.86
N LEU C 229 37.14 30.45 3.88
CA LEU C 229 38.05 29.86 4.86
C LEU C 229 39.02 28.91 4.18
N ASP C 230 38.53 28.14 3.22
CA ASP C 230 39.37 27.19 2.49
C ASP C 230 40.25 27.93 1.50
N ASN C 231 39.79 29.10 1.05
CA ASN C 231 40.55 29.92 0.12
C ASN C 231 41.64 30.68 0.87
N LEU C 232 41.81 30.32 2.13
CA LEU C 232 42.81 30.95 2.99
C LEU C 232 43.51 29.89 3.83
N ARG C 233 44.03 28.86 3.16
CA ARG C 233 44.72 27.77 3.83
C ARG C 233 45.96 28.25 4.59
N ASP C 234 46.86 28.92 3.88
CA ASP C 234 48.08 29.42 4.50
C ASP C 234 47.73 30.38 5.63
N TYR C 235 46.68 31.17 5.43
CA TYR C 235 46.23 32.12 6.44
C TYR C 235 45.87 31.40 7.73
N LEU C 236 45.31 30.20 7.59
CA LEU C 236 44.91 29.40 8.75
C LEU C 236 46.07 28.65 9.38
N ASP C 237 47.05 28.27 8.56
CA ASP C 237 48.22 27.55 9.05
C ASP C 237 49.17 28.50 9.77
N GLY C 238 49.63 29.52 9.07
CA GLY C 238 50.54 30.48 9.66
C GLY C 238 52.01 30.09 9.57
N SER C 239 52.34 29.20 8.65
CA SER C 239 53.70 28.75 8.47
C SER C 239 54.42 29.65 7.47
N VAL C 240 53.67 30.56 6.86
CA VAL C 240 54.22 31.49 5.88
C VAL C 240 53.73 32.91 6.17
N LYS C 241 54.51 33.89 5.75
CA LYS C 241 54.16 35.29 5.96
C LYS C 241 53.19 35.79 4.89
N VAL C 242 51.89 35.75 5.21
CA VAL C 242 50.86 36.20 4.29
C VAL C 242 50.97 37.68 4.01
N ASN C 243 50.28 38.14 2.97
CA ASN C 243 50.30 39.55 2.59
C ASN C 243 49.07 40.28 3.11
N LEU C 244 49.28 41.49 3.62
CA LEU C 244 48.19 42.30 4.16
C LEU C 244 48.30 43.74 3.65
N GLU C 245 47.17 44.41 3.53
CA GLU C 245 47.15 45.79 3.05
C GLU C 245 46.34 46.71 3.97
N LYS C 246 46.94 47.84 4.32
CA LYS C 246 46.30 48.82 5.19
C LYS C 246 46.32 50.18 4.50
N LYS C 247 45.15 50.65 4.07
CA LYS C 247 45.04 51.93 3.40
C LYS C 247 45.95 52.02 2.18
N HIS C 248 45.47 51.49 1.05
CA HIS C 248 46.21 51.50 -0.20
C HIS C 248 47.59 50.87 -0.10
N LEU C 249 48.60 51.70 0.21
CA LEU C 249 49.97 51.22 0.33
C LEU C 249 50.13 50.15 1.41
N ASN C 250 50.72 49.02 1.02
CA ASN C 250 50.94 47.90 1.93
C ASN C 250 51.59 48.35 3.23
N LYS C 251 51.11 47.81 4.34
CA LYS C 251 51.64 48.14 5.66
C LYS C 251 52.25 46.95 6.39
N ARG C 252 52.00 45.74 5.91
CA ARG C 252 52.56 44.58 6.58
C ARG C 252 52.55 43.28 5.77
N THR C 253 53.50 42.41 6.09
CA THR C 253 53.65 41.11 5.45
C THR C 253 54.17 40.17 6.53
N GLN C 254 53.30 39.85 7.48
CA GLN C 254 53.66 38.98 8.60
C GLN C 254 52.87 37.67 8.61
N ILE C 255 52.93 36.99 9.74
CA ILE C 255 52.23 35.72 9.92
C ILE C 255 50.81 36.04 10.39
N PHE C 256 49.81 35.51 9.69
CA PHE C 256 48.42 35.76 10.05
C PHE C 256 48.13 35.20 11.44
N PRO C 257 47.73 36.07 12.38
CA PRO C 257 47.42 35.67 13.76
C PRO C 257 46.35 34.59 13.84
N PRO C 258 46.42 33.74 14.87
CA PRO C 258 45.44 32.66 15.06
C PRO C 258 44.09 33.25 15.43
N GLY C 259 43.19 32.43 15.97
CA GLY C 259 41.89 32.94 16.36
C GLY C 259 40.79 31.91 16.52
N ILE C 260 39.55 32.38 16.37
CA ILE C 260 38.37 31.52 16.51
C ILE C 260 37.41 31.71 15.34
N VAL C 261 36.85 30.62 14.85
CA VAL C 261 35.89 30.65 13.75
C VAL C 261 34.56 30.10 14.24
N THR C 262 33.50 30.91 14.15
CA THR C 262 32.18 30.50 14.59
C THR C 262 31.24 30.19 13.43
N MET C 263 30.27 29.30 13.67
CA MET C 263 29.30 28.93 12.65
C MET C 263 28.07 28.28 13.27
N ASN C 264 27.02 28.10 12.47
CA ASN C 264 25.77 27.51 12.94
C ASN C 264 25.45 26.16 12.29
N GLU C 265 26.17 25.12 12.71
CA GLU C 265 25.96 23.76 12.19
C GLU C 265 26.09 23.59 10.69
N TYR C 266 26.95 24.38 10.04
CA TYR C 266 27.14 24.24 8.61
C TYR C 266 28.09 23.09 8.31
N SER C 267 28.12 22.66 7.05
CA SER C 267 29.00 21.57 6.64
C SER C 267 30.43 22.09 6.59
N VAL C 268 31.38 21.27 7.01
CA VAL C 268 32.78 21.67 7.02
C VAL C 268 33.68 20.67 6.30
N PRO C 269 34.38 21.11 5.24
CA PRO C 269 35.28 20.26 4.47
C PRO C 269 36.38 19.68 5.36
N LYS C 270 36.85 18.48 5.03
CA LYS C 270 37.90 17.84 5.81
C LYS C 270 39.20 18.62 5.72
N THR C 271 39.45 19.23 4.57
CA THR C 271 40.66 20.02 4.36
C THR C 271 40.62 21.30 5.17
N LEU C 272 39.43 21.64 5.66
CA LEU C 272 39.24 22.84 6.46
C LEU C 272 39.30 22.48 7.94
N GLN C 273 38.63 21.40 8.31
CA GLN C 273 38.59 20.94 9.70
C GLN C 273 40.00 20.60 10.17
N ALA C 274 40.86 20.22 9.23
CA ALA C 274 42.23 19.85 9.53
C ALA C 274 43.08 21.10 9.84
N ARG C 275 42.45 22.26 9.78
CA ARG C 275 43.15 23.52 10.05
C ARG C 275 42.77 24.02 11.44
N PHE C 276 41.86 23.31 12.09
CA PHE C 276 41.40 23.67 13.43
C PHE C 276 42.13 22.89 14.50
N VAL C 277 41.71 23.08 15.74
CA VAL C 277 42.31 22.41 16.89
C VAL C 277 41.26 21.65 17.68
N LYS C 278 40.24 22.37 18.14
CA LYS C 278 39.18 21.78 18.93
C LYS C 278 37.82 22.29 18.46
N GLN C 279 36.81 21.43 18.50
CA GLN C 279 35.46 21.81 18.08
C GLN C 279 34.52 21.84 19.28
N ILE C 280 34.05 23.03 19.62
CA ILE C 280 33.14 23.19 20.76
C ILE C 280 31.70 23.38 20.28
N ASP C 281 30.90 22.33 20.43
CA ASP C 281 29.50 22.38 20.02
C ASP C 281 28.64 23.01 21.12
N PHE C 282 28.28 24.27 20.92
CA PHE C 282 27.46 24.98 21.89
C PHE C 282 26.03 24.45 21.91
N ARG C 283 25.52 24.17 23.11
CA ARG C 283 24.18 23.65 23.27
C ARG C 283 23.19 24.70 23.77
N PRO C 284 22.10 24.93 23.01
CA PRO C 284 21.09 25.92 23.40
C PRO C 284 20.37 25.45 24.66
N LYS C 285 20.90 25.83 25.82
CA LYS C 285 20.32 25.43 27.10
C LYS C 285 19.19 26.37 27.53
N ASP C 286 18.14 25.78 28.09
CA ASP C 286 16.98 26.53 28.55
C ASP C 286 17.23 27.28 29.85
N TYR C 287 17.80 26.59 30.83
CA TYR C 287 18.07 27.20 32.13
C TYR C 287 18.93 28.45 32.00
N LEU C 288 19.69 28.55 30.91
CA LEU C 288 20.53 29.72 30.68
C LEU C 288 19.64 30.87 30.21
N LYS C 289 18.66 30.52 29.38
CA LYS C 289 17.71 31.50 28.85
C LYS C 289 16.89 32.10 29.98
N HIS C 290 16.24 31.24 30.76
CA HIS C 290 15.42 31.68 31.88
C HIS C 290 16.27 32.43 32.90
N CYS C 291 17.56 32.12 32.93
CA CYS C 291 18.49 32.76 33.85
C CYS C 291 18.62 34.25 33.56
N LEU C 292 18.86 34.58 32.29
CA LEU C 292 19.00 35.97 31.88
C LEU C 292 17.68 36.71 31.94
N GLU C 293 16.58 35.95 32.00
CA GLU C 293 15.25 36.54 32.07
C GLU C 293 15.04 37.22 33.42
N ARG C 294 15.94 36.96 34.36
CA ARG C 294 15.86 37.55 35.69
C ARG C 294 17.22 38.13 36.08
N SER C 295 18.06 38.36 35.08
CA SER C 295 19.39 38.91 35.29
C SER C 295 19.73 39.86 34.14
N GLU C 296 18.92 40.89 33.98
CA GLU C 296 19.12 41.87 32.91
C GLU C 296 20.46 42.60 33.00
N PHE C 297 21.00 42.71 34.22
CA PHE C 297 22.26 43.41 34.43
C PHE C 297 23.43 42.79 33.66
N LEU C 298 23.29 41.53 33.28
CA LEU C 298 24.34 40.84 32.53
C LEU C 298 24.32 41.25 31.06
N LEU C 299 23.11 41.40 30.51
CA LEU C 299 22.96 41.79 29.12
C LEU C 299 23.05 43.31 28.96
N GLU C 300 22.59 44.04 29.97
CA GLU C 300 22.62 45.49 29.93
C GLU C 300 24.04 46.04 30.08
N LYS C 301 24.65 45.77 31.23
CA LYS C 301 26.01 46.24 31.49
C LYS C 301 27.08 45.46 30.73
N ARG C 302 26.64 44.58 29.84
CA ARG C 302 27.56 43.77 29.05
C ARG C 302 28.57 43.05 29.95
N ILE C 303 28.14 41.96 30.56
CA ILE C 303 29.01 41.20 31.46
C ILE C 303 29.31 39.80 30.92
N ILE C 304 28.25 39.10 30.49
CA ILE C 304 28.41 37.75 29.96
C ILE C 304 29.27 37.72 28.70
N GLN C 305 29.45 38.87 28.08
CA GLN C 305 30.24 38.96 26.86
C GLN C 305 31.39 39.95 27.01
N SER C 306 31.83 40.15 28.26
CA SER C 306 32.91 41.07 28.55
C SER C 306 34.20 40.31 28.86
N GLY C 307 35.32 40.86 28.40
CA GLY C 307 36.60 40.22 28.64
C GLY C 307 36.97 40.30 30.11
N ILE C 308 36.49 41.34 30.77
CA ILE C 308 36.76 41.54 32.19
C ILE C 308 36.09 40.43 33.00
N ALA C 309 34.98 39.92 32.46
CA ALA C 309 34.24 38.85 33.13
C ALA C 309 35.07 37.58 33.15
N LEU C 310 35.65 37.22 32.01
CA LEU C 310 36.46 36.02 31.91
C LEU C 310 37.71 36.15 32.79
N LEU C 311 38.19 37.38 32.95
CA LEU C 311 39.37 37.63 33.77
C LEU C 311 39.07 37.24 35.21
N LEU C 312 37.89 37.61 35.69
CA LEU C 312 37.47 37.29 37.04
C LEU C 312 37.35 35.78 37.21
N MET C 313 37.00 35.11 36.12
CA MET C 313 36.85 33.65 36.12
C MET C 313 38.21 32.97 36.12
N LEU C 314 39.21 33.65 35.56
CA LEU C 314 40.57 33.11 35.50
C LEU C 314 41.28 33.29 36.83
N ILE C 315 40.92 34.34 37.55
CA ILE C 315 41.54 34.64 38.84
C ILE C 315 40.85 33.86 39.96
N TRP C 316 39.60 33.46 39.73
CA TRP C 316 38.84 32.73 40.73
C TRP C 316 39.20 31.25 40.76
N TYR C 317 39.28 30.62 39.59
CA TYR C 317 39.61 29.20 39.51
C TYR C 317 41.10 28.91 39.36
N ARG C 318 41.68 29.33 38.24
CA ARG C 318 43.09 29.09 37.96
C ARG C 318 44.06 29.65 39.01
N PRO C 319 45.03 28.83 39.45
CA PRO C 319 46.04 29.19 40.43
C PRO C 319 46.92 30.34 39.96
N VAL C 320 47.81 30.81 40.83
CA VAL C 320 48.69 31.92 40.51
C VAL C 320 49.92 31.42 39.75
N ALA C 321 50.25 30.14 39.95
CA ALA C 321 51.40 29.53 39.31
C ALA C 321 51.25 29.36 37.80
N GLU C 322 50.12 29.82 37.25
CA GLU C 322 49.89 29.71 35.82
C GLU C 322 50.06 31.03 35.08
N PHE C 323 49.92 32.14 35.81
CA PHE C 323 50.06 33.46 35.21
C PHE C 323 51.54 33.82 35.07
N ALA C 324 51.82 34.95 34.45
CA ALA C 324 53.19 35.41 34.28
C ALA C 324 53.77 35.73 35.66
N GLN C 325 55.07 35.53 35.81
CA GLN C 325 55.73 35.78 37.10
C GLN C 325 55.75 37.27 37.43
N SER C 326 55.50 38.10 36.43
CA SER C 326 55.49 39.56 36.63
C SER C 326 54.08 40.05 36.97
N ILE C 327 53.11 39.15 36.93
CA ILE C 327 51.72 39.50 37.22
C ILE C 327 51.17 38.66 38.38
N GLN C 328 51.91 37.62 38.75
CA GLN C 328 51.50 36.74 39.84
C GLN C 328 51.22 37.51 41.12
N SER C 329 51.92 38.63 41.31
CA SER C 329 51.74 39.46 42.50
C SER C 329 50.42 40.21 42.47
N ARG C 330 49.91 40.45 41.27
CA ARG C 330 48.64 41.16 41.11
C ARG C 330 47.46 40.20 41.14
N ILE C 331 47.70 38.96 40.72
CA ILE C 331 46.65 37.95 40.70
C ILE C 331 46.21 37.64 42.13
N VAL C 332 47.18 37.50 43.02
CA VAL C 332 46.90 37.21 44.43
C VAL C 332 46.12 38.35 45.05
N GLU C 333 46.36 39.56 44.57
CA GLU C 333 45.68 40.75 45.08
C GLU C 333 44.16 40.61 45.01
N TRP C 334 43.66 40.24 43.83
CA TRP C 334 42.22 40.08 43.66
C TRP C 334 41.71 38.76 44.23
N LYS C 335 42.62 37.81 44.44
CA LYS C 335 42.23 36.53 45.02
C LYS C 335 41.87 36.76 46.48
N GLU C 336 42.23 37.94 46.99
CA GLU C 336 41.94 38.30 48.37
C GLU C 336 40.68 39.16 48.41
N ARG C 337 40.53 40.02 47.39
CA ARG C 337 39.38 40.90 47.29
C ARG C 337 38.10 40.11 47.00
N LEU C 338 38.18 39.21 46.03
CA LEU C 338 37.04 38.38 45.66
C LEU C 338 36.61 37.44 46.78
N ASP C 339 37.58 36.80 47.43
CA ASP C 339 37.28 35.89 48.52
C ASP C 339 36.78 36.65 49.74
N LYS C 340 37.07 37.95 49.79
CA LYS C 340 36.64 38.80 50.89
C LYS C 340 35.18 39.18 50.74
N GLU C 341 34.80 39.54 49.51
CA GLU C 341 33.42 39.94 49.22
C GLU C 341 32.50 38.73 49.08
N PHE C 342 33.01 37.68 48.41
CA PHE C 342 32.22 36.48 48.20
C PHE C 342 32.96 35.21 48.64
N SER C 343 32.30 34.41 49.46
CA SER C 343 32.88 33.16 49.93
C SER C 343 32.57 32.11 48.88
N LEU C 344 32.62 30.83 49.26
CA LEU C 344 32.34 29.75 48.32
C LEU C 344 30.85 29.43 48.29
N SER C 345 30.14 29.85 49.33
CA SER C 345 28.71 29.60 49.43
C SER C 345 27.92 30.57 48.54
N VAL C 346 28.20 31.86 48.69
CA VAL C 346 27.51 32.88 47.89
C VAL C 346 27.77 32.69 46.41
N TYR C 347 28.94 32.12 46.08
CA TYR C 347 29.30 31.90 44.68
C TYR C 347 28.44 30.81 44.06
N GLN C 348 28.55 29.59 44.61
CA GLN C 348 27.78 28.46 44.11
C GLN C 348 26.29 28.69 44.21
N LYS C 349 25.89 29.60 45.09
CA LYS C 349 24.48 29.92 45.27
C LYS C 349 23.97 30.61 44.02
N MET C 350 24.87 31.27 43.30
CA MET C 350 24.51 31.97 42.08
C MET C 350 24.39 30.96 40.92
N LYS C 351 25.34 30.04 40.85
CA LYS C 351 25.33 29.01 39.81
C LYS C 351 24.11 28.13 40.05
N PHE C 352 23.64 28.12 41.28
CA PHE C 352 22.47 27.33 41.67
C PHE C 352 21.23 27.86 40.97
N ASN C 353 21.00 29.17 41.11
CA ASN C 353 19.86 29.81 40.49
C ASN C 353 19.90 29.63 38.98
N VAL C 354 21.10 29.44 38.45
CA VAL C 354 21.28 29.23 37.02
C VAL C 354 20.64 27.89 36.66
N ALA C 355 20.89 26.89 37.49
CA ALA C 355 20.33 25.55 37.28
C ALA C 355 18.81 25.63 37.32
N MET C 356 18.29 26.47 38.21
CA MET C 356 16.85 26.64 38.37
C MET C 356 16.25 27.30 37.14
N GLY C 357 16.74 28.50 36.83
CA GLY C 357 16.24 29.25 35.69
C GLY C 357 15.79 30.61 36.19
N ILE C 358 16.35 31.00 37.33
CA ILE C 358 16.02 32.29 37.95
C ILE C 358 17.25 33.18 38.02
N GLY C 359 17.06 34.40 38.52
CA GLY C 359 18.16 35.35 38.64
C GLY C 359 19.37 34.83 39.38
N VAL C 360 20.53 34.98 38.78
CA VAL C 360 21.78 34.54 39.38
C VAL C 360 21.99 35.14 40.76
N LEU C 361 21.45 36.34 40.96
CA LEU C 361 21.59 37.03 42.24
C LEU C 361 20.30 36.97 43.07
N ASP C 362 19.89 35.77 43.41
CA ASP C 362 18.68 35.55 44.21
C ASP C 362 18.96 34.63 45.38
N LYS D 1 69.95 71.91 16.03
CA LYS D 1 68.55 71.54 16.38
C LYS D 1 67.80 70.94 15.20
N GLN D 2 68.52 70.75 14.09
CA GLN D 2 67.92 70.19 12.89
C GLN D 2 68.09 68.68 12.86
N VAL D 3 67.10 67.98 12.33
CA VAL D 3 67.14 66.52 12.24
C VAL D 3 67.88 66.04 11.01
N SER D 4 68.66 64.97 11.18
CA SER D 4 69.43 64.40 10.09
C SER D 4 68.66 63.27 9.41
N TRP D 5 68.59 63.32 8.08
CA TRP D 5 67.88 62.31 7.31
C TRP D 5 68.82 61.18 6.90
N LYS D 6 70.08 61.53 6.66
CA LYS D 6 71.08 60.54 6.25
C LYS D 6 71.30 59.49 7.34
N LEU D 7 71.15 59.89 8.60
CA LEU D 7 71.33 58.98 9.72
C LEU D 7 70.18 57.98 9.77
N VAL D 8 68.96 58.48 9.62
CA VAL D 8 67.77 57.64 9.65
C VAL D 8 67.83 56.68 8.47
N THR D 9 68.26 57.19 7.32
CA THR D 9 68.38 56.40 6.11
C THR D 9 69.45 55.34 6.31
N GLU D 10 70.50 55.71 7.03
CA GLU D 10 71.60 54.80 7.32
C GLU D 10 71.10 53.63 8.14
N TYR D 11 70.39 53.92 9.22
CA TYR D 11 69.83 52.89 10.09
C TYR D 11 68.90 52.00 9.28
N ALA D 12 68.18 52.59 8.34
CA ALA D 12 67.25 51.86 7.49
C ALA D 12 68.00 50.86 6.62
N MET D 13 69.10 51.32 6.02
CA MET D 13 69.92 50.46 5.16
C MET D 13 70.53 49.32 5.95
N GLU D 14 70.73 49.56 7.25
CA GLU D 14 71.31 48.55 8.13
C GLU D 14 70.33 47.42 8.41
N THR D 15 69.22 47.76 9.05
CA THR D 15 68.20 46.77 9.38
C THR D 15 67.41 46.34 8.16
N LYS D 16 67.66 47.02 7.04
CA LYS D 16 66.98 46.71 5.78
C LYS D 16 65.47 46.75 5.96
N CYS D 17 65.00 47.64 6.83
CA CYS D 17 63.57 47.78 7.11
C CYS D 17 62.86 48.40 5.92
N ASP D 18 62.05 47.58 5.23
CA ASP D 18 61.30 48.04 4.08
C ASP D 18 59.88 48.43 4.48
N ASP D 19 59.70 48.77 5.75
CA ASP D 19 58.40 49.17 6.27
C ASP D 19 58.45 50.61 6.73
N VAL D 20 57.31 51.30 6.65
CA VAL D 20 57.24 52.70 7.05
C VAL D 20 56.98 52.87 8.55
N LEU D 21 55.83 52.41 9.01
CA LEU D 21 55.47 52.51 10.42
C LEU D 21 56.42 51.73 11.32
N LEU D 22 56.93 50.62 10.81
CA LEU D 22 57.86 49.79 11.58
C LEU D 22 59.16 50.54 11.80
N LEU D 23 59.71 51.08 10.71
CA LEU D 23 60.96 51.83 10.78
C LEU D 23 60.81 53.06 11.66
N LEU D 24 59.58 53.57 11.74
CA LEU D 24 59.29 54.75 12.55
C LEU D 24 59.35 54.42 14.05
N GLY D 25 58.61 53.39 14.45
CA GLY D 25 58.59 53.00 15.84
C GLY D 25 59.96 52.60 16.38
N MET D 26 60.68 51.80 15.61
CA MET D 26 62.01 51.34 16.01
C MET D 26 62.97 52.49 16.27
N TYR D 27 62.88 53.52 15.43
CA TYR D 27 63.76 54.68 15.57
C TYR D 27 63.31 55.60 16.69
N LEU D 28 62.04 55.53 17.05
CA LEU D 28 61.49 56.37 18.11
C LEU D 28 61.86 55.86 19.51
N GLU D 29 62.65 54.80 19.56
CA GLU D 29 63.07 54.23 20.84
C GLU D 29 64.46 54.73 21.23
N PHE D 30 65.06 55.53 20.37
CA PHE D 30 66.39 56.07 20.62
C PHE D 30 66.32 57.55 21.02
N GLN D 31 65.12 58.01 21.36
CA GLN D 31 64.93 59.40 21.76
C GLN D 31 64.85 59.52 23.27
N TYR D 32 65.35 58.50 23.96
CA TYR D 32 65.34 58.47 25.42
C TYR D 32 66.77 58.48 25.96
N SER D 33 67.31 57.31 26.23
CA SER D 33 68.66 57.18 26.75
C SER D 33 69.11 55.73 26.83
N PHE D 34 70.25 55.43 26.21
CA PHE D 34 70.79 54.08 26.22
C PHE D 34 71.53 53.87 27.53
N GLU D 35 71.54 54.91 28.36
CA GLU D 35 72.20 54.89 29.65
C GLU D 35 71.60 53.83 30.57
N MET D 36 70.27 53.71 30.55
CA MET D 36 69.59 52.75 31.40
C MET D 36 68.58 51.89 30.64
N CYS D 37 68.65 51.92 29.31
CA CYS D 37 67.73 51.14 28.49
C CYS D 37 67.85 49.65 28.81
N LEU D 38 66.76 49.04 29.23
CA LEU D 38 66.75 47.62 29.56
C LEU D 38 67.01 46.76 28.34
N LYS D 39 66.41 47.15 27.20
CA LYS D 39 66.57 46.41 25.96
C LYS D 39 68.01 46.43 25.46
N CYS D 40 68.78 47.41 25.91
CA CYS D 40 70.18 47.55 25.50
C CYS D 40 71.09 46.67 26.35
N ILE D 41 70.73 46.49 27.63
CA ILE D 41 71.51 45.68 28.55
C ILE D 41 71.15 44.21 28.41
N LYS D 42 69.86 43.93 28.27
CA LYS D 42 69.37 42.56 28.15
C LYS D 42 69.74 41.92 26.82
N LYS D 43 70.16 42.74 25.86
CA LYS D 43 70.53 42.23 24.54
C LYS D 43 69.35 41.46 23.95
N GLU D 44 68.25 42.16 23.68
CA GLU D 44 67.05 41.53 23.14
C GLU D 44 66.98 41.60 21.62
N GLN D 45 67.11 42.80 21.07
CA GLN D 45 67.04 43.00 19.62
C GLN D 45 68.30 43.65 19.06
N PRO D 46 69.04 42.94 18.21
CA PRO D 46 70.27 43.44 17.59
C PRO D 46 70.07 44.77 16.87
N SER D 47 68.81 45.08 16.57
CA SER D 47 68.47 46.32 15.88
C SER D 47 68.21 47.45 16.87
N HIS D 48 68.57 47.23 18.12
CA HIS D 48 68.37 48.25 19.15
C HIS D 48 69.68 48.64 19.85
N TYR D 49 70.20 47.72 20.66
CA TYR D 49 71.42 47.98 21.41
C TYR D 49 72.65 48.15 20.53
N LYS D 50 72.52 47.83 19.25
CA LYS D 50 73.64 47.96 18.31
C LYS D 50 73.59 49.26 17.53
N TYR D 51 72.48 49.98 17.60
CA TYR D 51 72.34 51.23 16.86
C TYR D 51 71.84 52.43 17.67
N HIS D 52 71.57 52.23 18.95
CA HIS D 52 71.08 53.34 19.77
C HIS D 52 72.14 54.41 19.94
N GLU D 53 73.33 54.03 20.39
CA GLU D 53 74.42 54.99 20.59
C GLU D 53 74.81 55.63 19.26
N LYS D 54 74.49 54.94 18.16
CA LYS D 54 74.82 55.43 16.83
C LYS D 54 73.83 56.48 16.33
N HIS D 55 72.57 56.36 16.76
CA HIS D 55 71.54 57.30 16.32
C HIS D 55 70.85 58.02 17.48
N TYR D 56 71.47 57.99 18.66
CA TYR D 56 70.90 58.65 19.83
C TYR D 56 70.84 60.17 19.66
N ALA D 57 71.85 60.71 18.99
CA ALA D 57 71.94 62.15 18.77
C ALA D 57 70.80 62.68 17.90
N ASN D 58 70.55 62.01 16.78
CA ASN D 58 69.50 62.43 15.86
C ASN D 58 68.11 62.10 16.38
N ALA D 59 67.95 60.90 16.95
CA ALA D 59 66.67 60.47 17.48
C ALA D 59 66.18 61.42 18.56
N ALA D 60 67.13 62.05 19.25
CA ALA D 60 66.80 62.99 20.32
C ALA D 60 66.00 64.16 19.76
N ILE D 61 66.36 64.59 18.54
CA ILE D 61 65.68 65.70 17.88
C ILE D 61 64.54 65.17 17.02
N PHE D 62 64.65 63.90 16.63
CA PHE D 62 63.64 63.26 15.81
C PHE D 62 62.28 63.31 16.49
N ALA D 63 62.28 63.27 17.82
CA ALA D 63 61.05 63.31 18.59
C ALA D 63 60.30 64.63 18.40
N ASP D 64 61.04 65.72 18.31
CA ASP D 64 60.43 67.03 18.13
C ASP D 64 60.32 67.40 16.65
N SER D 65 60.20 66.38 15.81
CA SER D 65 60.08 66.60 14.37
C SER D 65 58.62 66.59 13.95
N LYS D 66 58.28 67.46 12.99
CA LYS D 66 56.91 67.56 12.50
C LYS D 66 56.71 66.64 11.30
N ASN D 67 57.75 65.91 10.93
CA ASN D 67 57.69 65.00 9.80
C ASN D 67 58.31 63.65 10.15
N GLN D 68 57.88 63.08 11.27
CA GLN D 68 58.40 61.80 11.74
C GLN D 68 58.15 60.68 10.74
N LYS D 69 56.99 60.71 10.09
CA LYS D 69 56.63 59.69 9.10
C LYS D 69 57.26 59.98 7.74
N THR D 70 57.59 61.24 7.48
CA THR D 70 58.19 61.63 6.22
C THR D 70 59.66 61.23 6.17
N ILE D 71 60.38 61.50 7.24
CA ILE D 71 61.80 61.18 7.33
C ILE D 71 62.01 59.68 7.16
N CYS D 72 61.20 58.89 7.87
CA CYS D 72 61.29 57.44 7.81
C CYS D 72 60.77 56.91 6.47
N GLN D 73 59.89 57.69 5.84
CA GLN D 73 59.30 57.30 4.56
C GLN D 73 60.39 57.23 3.49
N GLN D 74 61.20 58.28 3.39
CA GLN D 74 62.26 58.34 2.41
C GLN D 74 63.26 57.22 2.64
N ALA D 75 63.49 56.87 3.90
CA ALA D 75 64.41 55.80 4.25
C ALA D 75 63.92 54.49 3.65
N VAL D 76 62.62 54.24 3.78
CA VAL D 76 62.02 53.02 3.26
C VAL D 76 62.26 52.92 1.75
N ASP D 77 62.08 54.03 1.05
CA ASP D 77 62.29 54.07 -0.39
C ASP D 77 63.73 53.74 -0.72
N THR D 78 64.64 54.18 0.14
CA THR D 78 66.07 53.92 -0.06
C THR D 78 66.34 52.43 0.15
N VAL D 79 65.57 51.82 1.05
CA VAL D 79 65.71 50.41 1.34
C VAL D 79 65.26 49.59 0.13
N LEU D 80 64.04 49.88 -0.34
CA LEU D 80 63.48 49.19 -1.49
C LEU D 80 64.36 49.46 -2.71
N ALA D 81 64.96 50.64 -2.74
CA ALA D 81 65.83 51.04 -3.84
C ALA D 81 67.04 50.11 -3.91
N LYS D 82 67.59 49.78 -2.74
CA LYS D 82 68.75 48.89 -2.67
C LYS D 82 68.41 47.53 -3.28
N LYS D 83 67.29 46.95 -2.84
CA LYS D 83 66.86 45.67 -3.36
C LYS D 83 66.54 45.79 -4.85
N ARG D 84 66.00 46.96 -5.22
CA ARG D 84 65.65 47.24 -6.61
C ARG D 84 66.89 47.14 -7.49
N VAL D 85 68.03 47.49 -6.92
CA VAL D 85 69.30 47.45 -7.66
C VAL D 85 69.95 46.07 -7.62
N ASP D 86 70.03 45.48 -6.43
CA ASP D 86 70.64 44.17 -6.26
C ASP D 86 69.99 43.11 -7.15
N SER D 87 68.70 43.26 -7.41
CA SER D 87 67.97 42.30 -8.23
C SER D 87 68.40 42.36 -9.69
N LEU D 88 69.30 43.26 -10.02
CA LEU D 88 69.79 43.40 -11.39
C LEU D 88 71.29 43.23 -11.52
N GLN D 89 72.05 43.69 -10.53
CA GLN D 89 73.49 43.59 -10.56
C GLN D 89 74.04 42.27 -10.06
N LEU D 90 73.72 41.91 -8.82
CA LEU D 90 74.20 40.66 -8.25
C LEU D 90 73.53 39.46 -8.91
N THR D 91 74.33 38.45 -9.25
CA THR D 91 73.79 37.25 -9.88
C THR D 91 72.87 36.57 -8.89
N ARG D 92 72.00 35.69 -9.38
CA ARG D 92 71.05 34.99 -8.51
C ARG D 92 71.75 34.10 -7.48
N GLU D 93 73.03 33.81 -7.71
CA GLU D 93 73.78 32.98 -6.78
C GLU D 93 74.37 33.85 -5.68
N GLN D 94 74.76 35.07 -6.04
CA GLN D 94 75.33 36.00 -5.07
C GLN D 94 74.24 36.47 -4.11
N MET D 95 73.03 36.64 -4.64
CA MET D 95 71.91 37.07 -3.81
C MET D 95 71.68 36.07 -2.69
N LEU D 96 71.82 34.78 -3.01
CA LEU D 96 71.65 33.73 -2.02
C LEU D 96 72.82 33.77 -1.04
N THR D 97 74.02 34.03 -1.58
CA THR D 97 75.22 34.09 -0.77
C THR D 97 75.02 35.04 0.41
N ASN D 98 74.43 36.21 0.14
CA ASN D 98 74.19 37.20 1.17
C ASN D 98 73.13 36.69 2.15
N ARG D 99 72.12 36.01 1.62
CA ARG D 99 71.05 35.45 2.44
C ARG D 99 71.61 34.43 3.43
N PHE D 100 72.37 33.47 2.91
CA PHE D 100 72.98 32.44 3.74
C PHE D 100 73.80 33.04 4.87
N ASN D 101 74.43 34.17 4.62
CA ASN D 101 75.24 34.83 5.63
C ASN D 101 74.37 35.50 6.69
N ASP D 102 73.28 36.12 6.25
CA ASP D 102 72.36 36.79 7.16
C ASP D 102 71.68 35.76 8.06
N LEU D 103 71.47 34.56 7.52
CA LEU D 103 70.84 33.48 8.28
C LEU D 103 71.79 33.00 9.37
N LEU D 104 73.09 33.06 9.08
CA LEU D 104 74.10 32.64 10.03
C LEU D 104 74.34 33.72 11.08
N ASP D 105 74.09 34.97 10.72
CA ASP D 105 74.27 36.09 11.64
C ASP D 105 73.34 35.91 12.83
N ARG D 106 72.10 35.51 12.55
CA ARG D 106 71.12 35.29 13.60
C ARG D 106 71.61 34.16 14.50
N MET D 107 72.17 33.14 13.86
CA MET D 107 72.69 31.97 14.56
C MET D 107 73.83 32.33 15.51
N ASP D 108 74.73 33.20 15.05
CA ASP D 108 75.86 33.62 15.87
C ASP D 108 75.42 34.36 17.12
N ILE D 109 74.15 34.77 17.14
CA ILE D 109 73.60 35.50 18.28
C ILE D 109 72.75 34.58 19.16
N MET D 110 71.85 33.83 18.53
CA MET D 110 70.97 32.92 19.25
C MET D 110 71.74 31.75 19.83
N PHE D 111 72.78 31.30 19.10
CA PHE D 111 73.61 30.19 19.55
C PHE D 111 74.86 30.70 20.25
N GLY D 112 74.79 31.92 20.76
CA GLY D 112 75.94 32.51 21.44
C GLY D 112 75.69 32.74 22.91
N SER D 113 76.15 33.89 23.41
CA SER D 113 75.97 34.23 24.81
C SER D 113 74.69 35.05 25.02
N THR D 114 74.37 35.90 24.06
CA THR D 114 73.18 36.73 24.14
C THR D 114 72.00 36.06 23.43
N GLY D 115 72.05 34.74 23.33
CA GLY D 115 70.98 34.01 22.68
C GLY D 115 70.30 33.00 23.60
N SER D 116 69.04 32.72 23.33
CA SER D 116 68.27 31.78 24.12
C SER D 116 67.86 30.56 23.30
N ALA D 117 68.55 30.35 22.18
CA ALA D 117 68.27 29.23 21.30
C ALA D 117 69.14 28.03 21.65
N ASP D 118 68.52 26.86 21.72
CA ASP D 118 69.24 25.63 22.04
C ASP D 118 69.59 24.89 20.75
N ILE D 119 70.89 24.77 20.48
CA ILE D 119 71.36 24.10 19.27
C ILE D 119 70.88 22.64 19.19
N GLU D 120 70.65 22.02 20.33
CA GLU D 120 70.20 20.64 20.38
C GLU D 120 68.85 20.46 19.68
N GLU D 121 67.93 21.37 19.95
CA GLU D 121 66.60 21.30 19.34
C GLU D 121 66.63 21.53 17.84
N TRP D 122 67.41 22.50 17.40
CA TRP D 122 67.51 22.81 15.98
C TRP D 122 68.19 21.67 15.21
N MET D 123 69.07 20.94 15.90
CA MET D 123 69.75 19.81 15.27
C MET D 123 68.76 18.66 15.18
N ALA D 124 67.79 18.66 16.10
CA ALA D 124 66.77 17.62 16.13
C ALA D 124 65.81 17.86 14.97
N GLY D 125 65.58 19.13 14.65
CA GLY D 125 64.69 19.47 13.55
C GLY D 125 65.28 18.99 12.24
N VAL D 126 66.61 19.08 12.13
CA VAL D 126 67.31 18.65 10.93
C VAL D 126 67.07 17.16 10.73
N ALA D 127 66.79 16.46 11.83
CA ALA D 127 66.53 15.03 11.80
C ALA D 127 65.12 14.76 11.30
N TRP D 128 64.15 15.46 11.87
CA TRP D 128 62.75 15.31 11.49
C TRP D 128 62.58 15.71 10.03
N LEU D 129 63.22 16.79 9.64
CA LEU D 129 63.13 17.30 8.28
C LEU D 129 63.74 16.33 7.27
N HIS D 130 64.77 15.60 7.69
CA HIS D 130 65.42 14.65 6.80
C HIS D 130 64.61 13.37 6.73
N CYS D 131 63.72 13.19 7.70
CA CYS D 131 62.85 12.02 7.75
C CYS D 131 61.50 12.36 7.12
N LEU D 132 61.45 13.49 6.44
CA LEU D 132 60.23 13.96 5.78
C LEU D 132 60.18 13.48 4.34
N LEU D 133 61.33 13.48 3.67
CA LEU D 133 61.42 13.06 2.28
C LEU D 133 62.76 12.40 1.99
N PRO D 134 62.77 11.43 1.06
CA PRO D 134 63.99 10.71 0.67
C PRO D 134 65.09 11.66 0.20
N LYS D 135 66.23 11.64 0.87
CA LYS D 135 67.35 12.50 0.53
C LYS D 135 66.90 13.96 0.54
N MET D 136 66.29 14.38 1.63
CA MET D 136 65.79 15.74 1.78
C MET D 136 66.88 16.78 1.51
N ASP D 137 68.01 16.64 2.19
CA ASP D 137 69.12 17.58 2.03
C ASP D 137 69.57 17.62 0.57
N SER D 138 69.55 16.47 -0.08
CA SER D 138 69.96 16.38 -1.48
C SER D 138 69.03 17.20 -2.37
N VAL D 139 67.74 17.11 -2.10
CA VAL D 139 66.74 17.84 -2.87
C VAL D 139 66.89 19.34 -2.69
N VAL D 140 67.22 19.75 -1.46
CA VAL D 140 67.40 21.17 -1.15
C VAL D 140 68.48 21.80 -2.03
N TYR D 141 69.60 21.11 -2.20
CA TYR D 141 70.69 21.62 -3.02
C TYR D 141 70.25 21.78 -4.46
N ASP D 142 69.43 20.84 -4.93
CA ASP D 142 68.93 20.86 -6.30
C ASP D 142 67.99 22.05 -6.51
N PHE D 143 67.10 22.27 -5.55
CA PHE D 143 66.15 23.37 -5.63
C PHE D 143 66.91 24.70 -5.63
N LEU D 144 67.87 24.83 -4.73
CA LEU D 144 68.67 26.04 -4.62
C LEU D 144 69.26 26.41 -5.97
N LYS D 145 70.02 25.49 -6.55
CA LYS D 145 70.64 25.73 -7.85
C LYS D 145 69.59 25.91 -8.94
N CYS D 146 68.48 25.18 -8.82
CA CYS D 146 67.41 25.29 -9.80
C CYS D 146 66.93 26.73 -9.83
N MET D 147 66.98 27.38 -8.68
CA MET D 147 66.57 28.78 -8.56
C MET D 147 67.67 29.69 -9.10
N VAL D 148 68.91 29.27 -8.94
CA VAL D 148 70.06 30.04 -9.41
C VAL D 148 70.16 30.00 -10.93
N TYR D 149 70.15 28.80 -11.49
CA TYR D 149 70.23 28.61 -12.94
C TYR D 149 69.16 29.42 -13.65
N ASN D 150 67.97 29.45 -13.07
CA ASN D 150 66.86 30.20 -13.64
C ASN D 150 66.62 29.79 -15.09
N ILE D 151 65.96 28.65 -15.29
CA ILE D 151 65.68 28.14 -16.62
C ILE D 151 64.21 28.31 -16.99
N PRO D 152 63.93 29.12 -18.03
CA PRO D 152 62.57 29.39 -18.52
C PRO D 152 61.70 28.14 -18.67
N LYS D 153 60.48 28.22 -18.14
CA LYS D 153 59.53 27.12 -18.19
C LYS D 153 60.11 25.88 -17.52
N LYS D 154 61.08 26.12 -16.62
CA LYS D 154 61.74 25.07 -15.88
C LYS D 154 62.23 25.71 -14.57
N ARG D 155 61.29 26.23 -13.79
CA ARG D 155 61.65 26.90 -12.55
C ARG D 155 60.81 26.44 -11.35
N TYR D 156 59.50 26.55 -11.43
CA TYR D 156 58.64 26.15 -10.33
C TYR D 156 58.62 24.66 -10.02
N TRP D 157 58.52 24.35 -8.73
CA TRP D 157 58.47 22.98 -8.24
C TRP D 157 57.07 22.72 -7.71
N LEU D 158 56.65 21.45 -7.71
CA LEU D 158 55.32 21.11 -7.23
C LEU D 158 55.32 20.33 -5.91
N PHE D 159 54.66 20.89 -4.90
CA PHE D 159 54.55 20.26 -3.60
C PHE D 159 53.12 19.75 -3.44
N LYS D 160 52.78 18.77 -4.28
CA LYS D 160 51.45 18.18 -4.29
C LYS D 160 51.35 17.02 -3.31
N GLY D 161 50.53 17.18 -2.26
CA GLY D 161 50.36 16.13 -1.28
C GLY D 161 49.12 16.31 -0.43
N PRO D 162 48.60 15.23 0.16
CA PRO D 162 47.40 15.26 1.01
C PRO D 162 47.54 16.24 2.18
N ILE D 163 46.46 16.42 2.93
CA ILE D 163 46.46 17.32 4.08
C ILE D 163 47.37 16.79 5.19
N ASP D 164 48.11 17.69 5.82
CA ASP D 164 49.03 17.32 6.89
C ASP D 164 50.03 16.27 6.41
N SER D 165 51.18 16.72 5.92
CA SER D 165 52.21 15.83 5.44
C SER D 165 53.60 16.46 5.56
N GLY D 166 53.66 17.78 5.38
CA GLY D 166 54.92 18.49 5.49
C GLY D 166 55.12 19.52 4.40
N LYS D 167 54.13 19.67 3.54
CA LYS D 167 54.19 20.64 2.44
C LYS D 167 54.37 22.05 2.97
N THR D 168 53.36 22.53 3.69
CA THR D 168 53.38 23.87 4.25
C THR D 168 54.54 24.05 5.24
N THR D 169 55.12 22.94 5.67
CA THR D 169 56.23 22.96 6.61
C THR D 169 57.56 23.19 5.88
N LEU D 170 57.68 22.60 4.69
CA LEU D 170 58.90 22.73 3.89
C LEU D 170 58.82 23.95 2.98
N ALA D 171 57.70 24.10 2.28
CA ALA D 171 57.50 25.22 1.37
C ALA D 171 57.68 26.55 2.10
N ALA D 172 57.54 26.51 3.42
CA ALA D 172 57.68 27.70 4.24
C ALA D 172 59.15 27.93 4.61
N ALA D 173 59.80 26.88 5.11
CA ALA D 173 61.21 26.96 5.50
C ALA D 173 62.08 27.37 4.31
N LEU D 174 61.79 26.78 3.16
CA LEU D 174 62.54 27.08 1.94
C LEU D 174 62.44 28.56 1.58
N LEU D 175 61.26 29.14 1.84
CA LEU D 175 61.04 30.54 1.55
C LEU D 175 62.01 31.44 2.31
N GLU D 176 62.29 31.06 3.56
CA GLU D 176 63.20 31.83 4.39
C GLU D 176 64.67 31.45 4.12
N LEU D 177 64.88 30.21 3.69
CA LEU D 177 66.22 29.74 3.40
C LEU D 177 66.82 30.47 2.20
N CYS D 178 65.98 30.74 1.20
CA CYS D 178 66.42 31.45 0.00
C CYS D 178 66.06 32.92 0.06
N GLY D 179 64.81 33.20 0.41
CA GLY D 179 64.35 34.59 0.50
C GLY D 179 63.22 34.86 -0.47
N GLY D 180 62.28 35.71 -0.05
CA GLY D 180 61.16 36.04 -0.90
C GLY D 180 59.85 36.15 -0.14
N LYS D 181 58.73 36.00 -0.85
CA LYS D 181 57.42 36.08 -0.24
C LYS D 181 56.52 34.95 -0.71
N ALA D 182 55.44 34.70 0.03
CA ALA D 182 54.48 33.66 -0.31
C ALA D 182 53.15 34.31 -0.69
N LEU D 183 52.70 34.03 -1.91
CA LEU D 183 51.44 34.59 -2.39
C LEU D 183 50.31 33.58 -2.37
N ASN D 184 49.13 34.01 -2.81
CA ASN D 184 47.95 33.17 -2.87
C ASN D 184 47.14 33.52 -4.12
N VAL D 185 46.51 32.51 -4.72
CA VAL D 185 45.72 32.73 -5.92
C VAL D 185 44.29 32.21 -5.80
N ASN D 186 43.89 31.85 -4.58
CA ASN D 186 42.53 31.36 -4.34
C ASN D 186 41.53 32.49 -4.50
N LEU D 187 42.00 33.72 -4.32
CA LEU D 187 41.14 34.89 -4.47
C LEU D 187 40.93 35.20 -5.95
N PRO D 188 39.82 35.88 -6.28
CA PRO D 188 39.52 36.23 -7.68
C PRO D 188 40.70 36.88 -8.38
N LEU D 189 40.69 36.82 -9.71
CA LEU D 189 41.75 37.41 -10.52
C LEU D 189 41.66 38.92 -10.48
N ASP D 190 40.87 39.44 -9.55
CA ASP D 190 40.68 40.88 -9.41
C ASP D 190 41.80 41.45 -8.55
N ARG D 191 41.91 40.96 -7.32
CA ARG D 191 42.94 41.41 -6.39
C ARG D 191 44.24 40.67 -6.65
N LEU D 192 44.22 39.81 -7.67
CA LEU D 192 45.40 39.03 -8.04
C LEU D 192 46.55 39.97 -8.41
N ASN D 193 46.21 41.08 -9.05
CA ASN D 193 47.21 42.06 -9.45
C ASN D 193 47.81 42.77 -8.25
N PHE D 194 46.99 42.97 -7.22
CA PHE D 194 47.44 43.62 -6.00
C PHE D 194 48.24 42.70 -5.11
N GLU D 195 48.25 41.41 -5.45
CA GLU D 195 48.99 40.43 -4.67
C GLU D 195 50.21 39.92 -5.43
N LEU D 196 50.09 39.84 -6.75
CA LEU D 196 51.20 39.38 -7.58
C LEU D 196 52.28 40.45 -7.64
N GLY D 197 51.94 41.65 -7.19
CA GLY D 197 52.90 42.74 -7.19
C GLY D 197 53.85 42.68 -6.02
N VAL D 198 53.84 41.57 -5.30
CA VAL D 198 54.71 41.38 -4.14
C VAL D 198 55.99 40.68 -4.58
N ALA D 199 55.92 39.94 -5.67
CA ALA D 199 57.08 39.22 -6.18
C ALA D 199 58.09 40.15 -6.84
N ILE D 200 57.88 41.45 -6.69
CA ILE D 200 58.78 42.43 -7.27
C ILE D 200 60.15 42.40 -6.60
N ASP D 201 61.19 42.31 -7.42
CA ASP D 201 62.57 42.26 -6.95
C ASP D 201 62.81 41.12 -5.96
N GLN D 202 61.90 40.16 -5.93
CA GLN D 202 62.03 39.02 -5.03
C GLN D 202 62.91 37.96 -5.65
N PHE D 203 62.99 36.80 -4.99
CA PHE D 203 63.82 35.70 -5.48
C PHE D 203 62.93 34.54 -5.92
N LEU D 204 61.95 34.20 -5.09
CA LEU D 204 61.02 33.11 -5.39
C LEU D 204 59.65 33.35 -4.77
N VAL D 205 58.64 32.69 -5.30
CA VAL D 205 57.27 32.84 -4.81
C VAL D 205 56.76 31.50 -4.26
N VAL D 206 55.81 31.59 -3.33
CA VAL D 206 55.25 30.38 -2.74
C VAL D 206 53.71 30.40 -2.78
N PHE D 207 53.14 29.60 -3.68
CA PHE D 207 51.70 29.52 -3.82
C PHE D 207 51.16 28.44 -2.88
N GLU D 208 50.48 28.88 -1.82
CA GLU D 208 49.93 27.95 -0.83
C GLU D 208 48.54 27.42 -1.16
N ASP D 209 48.44 26.11 -1.23
CA ASP D 209 47.19 25.40 -1.52
C ASP D 209 46.34 26.03 -2.61
N VAL D 210 46.54 25.57 -3.84
CA VAL D 210 45.77 26.07 -4.98
C VAL D 210 44.55 25.17 -5.20
N LYS D 211 43.37 25.77 -5.25
CA LYS D 211 42.14 25.02 -5.45
C LYS D 211 41.76 24.89 -6.92
N GLY D 212 41.41 23.68 -7.31
CA GLY D 212 41.02 23.42 -8.69
C GLY D 212 39.73 22.64 -8.76
N THR D 213 39.12 22.59 -9.95
CA THR D 213 37.87 21.87 -10.14
C THR D 213 38.06 20.37 -9.94
N GLY D 214 39.29 19.91 -10.13
CA GLY D 214 39.58 18.49 -9.98
C GLY D 214 39.43 18.01 -8.54
N GLY D 215 39.35 16.69 -8.37
CA GLY D 215 39.21 16.14 -7.04
C GLY D 215 37.89 16.47 -6.39
N GLU D 216 36.80 16.36 -7.15
CA GLU D 216 35.47 16.64 -6.62
C GLU D 216 34.93 15.47 -5.82
N SER D 217 35.53 14.30 -6.02
CA SER D 217 35.11 13.09 -5.33
C SER D 217 35.94 12.83 -4.08
N ARG D 218 37.08 13.51 -3.98
CA ARG D 218 37.97 13.34 -2.84
C ARG D 218 37.70 14.39 -1.76
N ASP D 219 36.48 14.93 -1.74
CA ASP D 219 36.10 15.94 -0.77
C ASP D 219 37.04 17.13 -0.80
N LEU D 220 37.55 17.46 -1.99
CA LEU D 220 38.47 18.58 -2.15
C LEU D 220 37.77 19.76 -2.79
N PRO D 221 37.48 20.81 -1.98
CA PRO D 221 36.80 22.02 -2.46
C PRO D 221 37.49 22.65 -3.67
N SER D 222 36.71 22.99 -4.68
CA SER D 222 37.22 23.60 -5.90
C SER D 222 37.33 25.11 -5.74
N GLY D 223 38.22 25.73 -6.52
CA GLY D 223 38.39 27.16 -6.45
C GLY D 223 38.91 27.73 -7.75
N GLN D 224 39.85 28.67 -7.66
CA GLN D 224 40.44 29.30 -8.84
C GLN D 224 41.96 29.17 -8.84
N GLY D 225 42.49 28.44 -7.87
CA GLY D 225 43.92 28.26 -7.77
C GLY D 225 44.54 27.70 -9.04
N ILE D 226 44.17 26.47 -9.39
CA ILE D 226 44.69 25.83 -10.59
C ILE D 226 44.42 26.66 -11.84
N ASN D 227 43.22 27.23 -11.93
CA ASN D 227 42.84 28.05 -13.07
C ASN D 227 43.74 29.28 -13.21
N ASN D 228 43.90 30.02 -12.12
CA ASN D 228 44.75 31.22 -12.12
C ASN D 228 46.17 30.90 -12.56
N LEU D 229 46.66 29.73 -12.17
CA LEU D 229 48.01 29.32 -12.53
C LEU D 229 48.17 29.24 -14.05
N ASP D 230 47.12 28.74 -14.71
CA ASP D 230 47.14 28.61 -16.16
C ASP D 230 46.94 29.97 -16.81
N ASN D 231 46.27 30.87 -16.08
CA ASN D 231 46.01 32.22 -16.58
C ASN D 231 47.27 33.07 -16.40
N LEU D 232 48.36 32.40 -16.02
CA LEU D 232 49.64 33.07 -15.81
C LEU D 232 50.77 32.23 -16.41
N ARG D 233 50.62 31.87 -17.68
CA ARG D 233 51.61 31.07 -18.37
C ARG D 233 52.97 31.76 -18.44
N ASP D 234 52.99 32.97 -18.98
CA ASP D 234 54.23 33.73 -19.10
C ASP D 234 54.85 33.95 -17.72
N TYR D 235 53.99 34.16 -16.73
CA TYR D 235 54.44 34.37 -15.36
C TYR D 235 55.22 33.15 -14.86
N LEU D 236 54.79 31.98 -15.29
CA LEU D 236 55.43 30.73 -14.89
C LEU D 236 56.69 30.44 -15.70
N ASP D 237 56.70 30.86 -16.95
CA ASP D 237 57.86 30.65 -17.82
C ASP D 237 59.00 31.59 -17.45
N GLY D 238 58.72 32.90 -17.53
CA GLY D 238 59.73 33.88 -17.19
C GLY D 238 60.61 34.28 -18.36
N SER D 239 60.15 34.01 -19.58
CA SER D 239 60.92 34.36 -20.77
C SER D 239 60.58 35.77 -21.24
N VAL D 240 59.60 36.38 -20.56
CA VAL D 240 59.18 37.74 -20.88
C VAL D 240 59.04 38.57 -19.61
N LYS D 241 59.20 39.88 -19.74
CA LYS D 241 59.09 40.78 -18.60
C LYS D 241 57.63 41.11 -18.29
N VAL D 242 57.04 40.36 -17.35
CA VAL D 242 55.66 40.58 -16.97
C VAL D 242 55.47 41.95 -16.32
N ASN D 243 54.22 42.37 -16.19
CA ASN D 243 53.90 43.65 -15.58
C ASN D 243 53.48 43.49 -14.13
N LEU D 244 53.96 44.39 -13.27
CA LEU D 244 53.65 44.37 -11.86
C LEU D 244 53.28 45.77 -11.36
N GLU D 245 52.44 45.83 -10.34
CA GLU D 245 52.01 47.11 -9.79
C GLU D 245 52.17 47.16 -8.28
N LYS D 246 52.79 48.23 -7.79
CA LYS D 246 53.00 48.41 -6.36
C LYS D 246 52.46 49.78 -5.95
N LYS D 247 51.37 49.77 -5.20
CA LYS D 247 50.74 51.01 -4.73
C LYS D 247 50.39 51.93 -5.90
N HIS D 248 49.23 51.69 -6.52
CA HIS D 248 48.76 52.49 -7.64
C HIS D 248 49.75 52.57 -8.80
N LEU D 249 50.61 53.60 -8.77
CA LEU D 249 51.60 53.80 -9.82
C LEU D 249 52.55 52.62 -9.96
N ASN D 250 52.68 52.11 -11.18
CA ASN D 250 53.55 50.98 -11.48
C ASN D 250 54.94 51.18 -10.92
N LYS D 251 55.49 50.12 -10.34
CA LYS D 251 56.83 50.17 -9.76
C LYS D 251 57.82 49.22 -10.43
N ARG D 252 57.33 48.30 -11.24
CA ARG D 252 58.24 47.35 -11.89
C ARG D 252 57.65 46.60 -13.07
N THR D 253 58.54 46.22 -13.99
CA THR D 253 58.19 45.45 -15.17
C THR D 253 59.38 44.54 -15.46
N GLN D 254 59.56 43.53 -14.61
CA GLN D 254 60.67 42.60 -14.72
C GLN D 254 60.21 41.17 -15.00
N ILE D 255 61.14 40.23 -14.82
CA ILE D 255 60.85 38.82 -15.03
C ILE D 255 60.29 38.26 -13.74
N PHE D 256 59.12 37.63 -13.82
CA PHE D 256 58.50 37.05 -12.63
C PHE D 256 59.38 35.97 -12.03
N PRO D 257 59.82 36.15 -10.77
CA PRO D 257 60.69 35.20 -10.07
C PRO D 257 60.09 33.79 -10.00
N PRO D 258 60.95 32.76 -9.98
CA PRO D 258 60.50 31.37 -9.91
C PRO D 258 59.89 31.10 -8.54
N GLY D 259 59.75 29.82 -8.19
CA GLY D 259 59.19 29.50 -6.88
C GLY D 259 58.63 28.10 -6.73
N ILE D 260 57.71 27.96 -5.78
CA ILE D 260 57.08 26.68 -5.49
C ILE D 260 55.56 26.81 -5.41
N VAL D 261 54.87 25.82 -5.98
CA VAL D 261 53.40 25.81 -5.97
C VAL D 261 52.93 24.57 -5.22
N THR D 262 52.15 24.77 -4.15
CA THR D 262 51.65 23.67 -3.35
C THR D 262 50.17 23.40 -3.58
N MET D 263 49.75 22.16 -3.37
CA MET D 263 48.36 21.76 -3.55
C MET D 263 48.05 20.45 -2.84
N ASN D 264 46.77 20.11 -2.74
CA ASN D 264 46.35 18.89 -2.07
C ASN D 264 45.68 17.87 -3.00
N GLU D 265 46.50 17.21 -3.83
CA GLU D 265 46.02 16.19 -4.75
C GLU D 265 44.95 16.64 -5.76
N TYR D 266 45.00 17.91 -6.16
CA TYR D 266 44.02 18.40 -7.13
C TYR D 266 44.45 18.01 -8.54
N SER D 267 43.52 18.12 -9.48
CA SER D 267 43.80 17.79 -10.87
C SER D 267 44.67 18.88 -11.47
N VAL D 268 45.64 18.50 -12.30
CA VAL D 268 46.53 19.46 -12.91
C VAL D 268 46.60 19.32 -14.44
N PRO D 269 46.22 20.38 -15.17
CA PRO D 269 46.24 20.38 -16.64
C PRO D 269 47.64 20.09 -17.17
N LYS D 270 47.74 19.47 -18.33
CA LYS D 270 49.03 19.14 -18.92
C LYS D 270 49.77 20.41 -19.30
N THR D 271 49.04 21.43 -19.73
CA THR D 271 49.64 22.70 -20.11
C THR D 271 50.18 23.44 -18.91
N LEU D 272 49.79 22.99 -17.71
CA LEU D 272 50.24 23.60 -16.47
C LEU D 272 51.42 22.81 -15.92
N GLN D 273 51.31 21.49 -15.94
CA GLN D 273 52.35 20.61 -15.45
C GLN D 273 53.63 20.81 -16.25
N ALA D 274 53.48 21.23 -17.50
CA ALA D 274 54.61 21.46 -18.39
C ALA D 274 55.35 22.75 -18.02
N ARG D 275 54.87 23.43 -16.99
CA ARG D 275 55.49 24.67 -16.54
C ARG D 275 56.28 24.41 -15.27
N PHE D 276 56.21 23.18 -14.77
CA PHE D 276 56.92 22.80 -13.56
C PHE D 276 58.24 22.11 -13.87
N VAL D 277 58.91 21.62 -12.84
CA VAL D 277 60.19 20.95 -12.99
C VAL D 277 60.15 19.56 -12.36
N LYS D 278 59.82 19.51 -11.07
CA LYS D 278 59.74 18.26 -10.33
C LYS D 278 58.50 18.23 -9.46
N GLN D 279 57.90 17.05 -9.33
CA GLN D 279 56.70 16.89 -8.52
C GLN D 279 57.01 16.04 -7.28
N ILE D 280 56.93 16.67 -6.12
CA ILE D 280 57.20 15.99 -4.86
C ILE D 280 55.91 15.64 -4.13
N ASP D 281 55.54 14.36 -4.16
CA ASP D 281 54.32 13.89 -3.51
C ASP D 281 54.58 13.63 -2.03
N PHE D 282 54.16 14.55 -1.18
CA PHE D 282 54.35 14.41 0.26
C PHE D 282 53.46 13.31 0.83
N ARG D 283 54.05 12.42 1.62
CA ARG D 283 53.33 11.32 2.23
C ARG D 283 53.04 11.55 3.71
N PRO D 284 51.75 11.51 4.10
CA PRO D 284 51.37 11.70 5.50
C PRO D 284 51.88 10.54 6.35
N LYS D 285 53.10 10.68 6.87
CA LYS D 285 53.70 9.64 7.68
C LYS D 285 53.28 9.72 9.14
N ASP D 286 53.05 8.56 9.75
CA ASP D 286 52.62 8.47 11.14
C ASP D 286 53.75 8.73 12.13
N TYR D 287 54.90 8.08 11.91
CA TYR D 287 56.05 8.25 12.79
C TYR D 287 56.47 9.71 12.92
N LEU D 288 56.11 10.52 11.93
CA LEU D 288 56.44 11.94 11.97
C LEU D 288 55.47 12.63 12.93
N LYS D 289 54.22 12.19 12.89
CA LYS D 289 53.17 12.73 13.74
C LYS D 289 53.48 12.45 15.20
N HIS D 290 53.70 11.17 15.51
CA HIS D 290 54.01 10.75 16.88
C HIS D 290 55.31 11.38 17.35
N CYS D 291 56.17 11.74 16.39
CA CYS D 291 57.45 12.35 16.70
C CYS D 291 57.26 13.72 17.33
N LEU D 292 56.44 14.55 16.69
CA LEU D 292 56.17 15.89 17.19
C LEU D 292 55.34 15.86 18.46
N GLU D 293 54.72 14.71 18.72
CA GLU D 293 53.89 14.55 19.91
C GLU D 293 54.76 14.53 21.17
N ARG D 294 56.06 14.40 20.96
CA ARG D 294 57.02 14.38 22.07
C ARG D 294 58.18 15.33 21.79
N SER D 295 57.94 16.27 20.88
CA SER D 295 58.94 17.25 20.50
C SER D 295 58.26 18.58 20.22
N GLU D 296 57.58 19.12 21.23
CA GLU D 296 56.86 20.38 21.10
C GLU D 296 57.78 21.56 20.76
N PHE D 297 59.05 21.47 21.14
CA PHE D 297 60.00 22.54 20.90
C PHE D 297 60.18 22.85 19.41
N LEU D 298 59.85 21.89 18.55
CA LEU D 298 59.97 22.08 17.11
C LEU D 298 58.82 22.93 16.58
N LEU D 299 57.62 22.69 17.09
CA LEU D 299 56.44 23.43 16.68
C LEU D 299 56.33 24.76 17.41
N GLU D 300 56.78 24.79 18.66
CA GLU D 300 56.73 25.99 19.47
C GLU D 300 57.74 27.04 19.00
N LYS D 301 59.02 26.69 19.08
CA LYS D 301 60.09 27.60 18.68
C LYS D 301 60.22 27.72 17.16
N ARG D 302 59.28 27.13 16.44
CA ARG D 302 59.30 27.18 14.97
C ARG D 302 60.65 26.75 14.43
N ILE D 303 60.89 25.44 14.40
CA ILE D 303 62.16 24.90 13.91
C ILE D 303 61.97 24.10 12.62
N ILE D 304 61.00 23.19 12.62
CA ILE D 304 60.72 22.36 11.44
C ILE D 304 60.32 23.18 10.23
N GLN D 305 59.92 24.42 10.45
CA GLN D 305 59.51 25.29 9.36
C GLN D 305 60.33 26.58 9.33
N SER D 306 61.56 26.49 9.85
CA SER D 306 62.46 27.64 9.87
C SER D 306 63.54 27.50 8.82
N GLY D 307 63.91 28.63 8.20
CA GLY D 307 64.93 28.61 7.17
C GLY D 307 66.29 28.32 7.79
N ILE D 308 66.45 28.71 9.05
CA ILE D 308 67.70 28.49 9.77
C ILE D 308 67.92 27.00 9.97
N ALA D 309 66.81 26.25 10.05
CA ALA D 309 66.87 24.81 10.24
C ALA D 309 67.47 24.15 9.01
N LEU D 310 66.98 24.53 7.84
CA LEU D 310 67.47 23.96 6.59
C LEU D 310 68.94 24.33 6.38
N LEU D 311 69.33 25.49 6.88
CA LEU D 311 70.71 25.95 6.76
C LEU D 311 71.63 24.98 7.48
N LEU D 312 71.23 24.57 8.68
CA LEU D 312 72.01 23.63 9.48
C LEU D 312 72.09 22.29 8.76
N MET D 313 71.05 21.98 7.99
CA MET D 313 71.00 20.73 7.24
C MET D 313 71.89 20.79 6.01
N LEU D 314 72.11 22.01 5.51
CA LEU D 314 72.94 22.21 4.33
C LEU D 314 74.42 22.21 4.71
N ILE D 315 74.70 22.65 5.94
CA ILE D 315 76.07 22.72 6.43
C ILE D 315 76.51 21.38 7.01
N TRP D 316 75.54 20.55 7.40
CA TRP D 316 75.83 19.25 7.98
C TRP D 316 76.14 18.20 6.91
N TYR D 317 75.32 18.13 5.87
CA TYR D 317 75.52 17.16 4.80
C TYR D 317 76.38 17.67 3.65
N ARG D 318 75.88 18.68 2.94
CA ARG D 318 76.59 19.23 1.78
C ARG D 318 77.99 19.77 2.08
N PRO D 319 78.97 19.38 1.25
CA PRO D 319 80.36 19.79 1.36
C PRO D 319 80.52 21.31 1.25
N VAL D 320 81.74 21.79 1.46
CA VAL D 320 82.04 23.21 1.37
C VAL D 320 82.28 23.63 -0.07
N ALA D 321 82.66 22.68 -0.90
CA ALA D 321 82.95 22.94 -2.31
C ALA D 321 81.71 23.28 -3.13
N GLU D 322 80.55 23.32 -2.47
CA GLU D 322 79.31 23.64 -3.17
C GLU D 322 78.80 25.05 -2.90
N PHE D 323 79.24 25.63 -1.79
CA PHE D 323 78.84 26.98 -1.42
C PHE D 323 79.67 28.00 -2.19
N ALA D 324 79.34 29.28 -2.03
CA ALA D 324 80.08 30.34 -2.69
C ALA D 324 81.49 30.38 -2.11
N GLN D 325 82.46 30.75 -2.94
CA GLN D 325 83.85 30.80 -2.50
C GLN D 325 84.08 31.90 -1.47
N SER D 326 83.12 32.83 -1.37
CA SER D 326 83.23 33.92 -0.41
C SER D 326 82.55 33.56 0.91
N ILE D 327 81.94 32.39 0.96
CA ILE D 327 81.25 31.94 2.16
C ILE D 327 81.80 30.59 2.63
N GLN D 328 82.60 29.95 1.79
CA GLN D 328 83.20 28.66 2.12
C GLN D 328 83.97 28.70 3.42
N SER D 329 84.53 29.86 3.75
CA SER D 329 85.30 30.03 4.97
C SER D 329 84.40 30.05 6.20
N ARG D 330 83.14 30.42 6.01
CA ARG D 330 82.18 30.49 7.11
C ARG D 330 81.48 29.15 7.29
N ILE D 331 81.34 28.40 6.20
CA ILE D 331 80.69 27.10 6.24
C ILE D 331 81.50 26.13 7.09
N VAL D 332 82.82 26.16 6.90
CA VAL D 332 83.71 25.29 7.65
C VAL D 332 83.66 25.63 9.13
N GLU D 333 83.40 26.90 9.44
CA GLU D 333 83.33 27.36 10.81
C GLU D 333 82.29 26.58 11.61
N TRP D 334 81.07 26.47 11.08
CA TRP D 334 80.02 25.74 11.76
C TRP D 334 80.18 24.22 11.62
N LYS D 335 80.95 23.80 10.63
CA LYS D 335 81.18 22.37 10.43
C LYS D 335 82.06 21.87 11.57
N GLU D 336 82.63 22.82 12.31
CA GLU D 336 83.49 22.49 13.45
C GLU D 336 82.68 22.60 14.72
N ARG D 337 81.78 23.58 14.77
CA ARG D 337 80.93 23.81 15.93
C ARG D 337 79.92 22.67 16.09
N LEU D 338 79.26 22.32 14.99
CA LEU D 338 78.27 21.25 15.01
C LEU D 338 78.88 19.89 15.33
N ASP D 339 80.02 19.59 14.72
CA ASP D 339 80.69 18.32 14.96
C ASP D 339 81.28 18.28 16.37
N LYS D 340 81.44 19.45 16.97
CA LYS D 340 82.00 19.55 18.32
C LYS D 340 80.92 19.24 19.35
N GLU D 341 79.72 19.79 19.13
CA GLU D 341 78.60 19.59 20.04
C GLU D 341 77.93 18.24 19.81
N PHE D 342 77.78 17.85 18.55
CA PHE D 342 77.15 16.58 18.21
C PHE D 342 78.00 15.74 17.26
N SER D 343 78.23 14.49 17.64
CA SER D 343 79.00 13.56 16.81
C SER D 343 78.03 12.94 15.81
N LEU D 344 78.39 11.80 15.25
CA LEU D 344 77.53 11.13 14.29
C LEU D 344 76.56 10.20 14.99
N SER D 345 76.89 9.83 16.23
CA SER D 345 76.05 8.93 17.02
C SER D 345 74.83 9.67 17.57
N VAL D 346 75.08 10.79 18.24
CA VAL D 346 74.00 11.59 18.82
C VAL D 346 73.04 12.09 17.76
N TYR D 347 73.55 12.29 16.54
CA TYR D 347 72.72 12.77 15.45
C TYR D 347 71.73 11.70 14.99
N GLN D 348 72.25 10.58 14.51
CA GLN D 348 71.41 9.49 14.04
C GLN D 348 70.52 8.95 15.16
N LYS D 349 70.92 9.19 16.40
CA LYS D 349 70.13 8.72 17.54
C LYS D 349 68.81 9.49 17.58
N MET D 350 68.83 10.70 17.02
CA MET D 350 67.63 11.53 16.98
C MET D 350 66.71 11.08 15.86
N LYS D 351 67.30 10.79 14.70
CA LYS D 351 66.53 10.32 13.56
C LYS D 351 65.96 8.95 13.90
N PHE D 352 66.60 8.29 14.86
CA PHE D 352 66.17 6.97 15.32
C PHE D 352 64.82 7.09 16.02
N ASN D 353 64.73 8.00 16.98
CA ASN D 353 63.50 8.22 17.72
C ASN D 353 62.38 8.61 16.78
N VAL D 354 62.75 9.20 15.65
CA VAL D 354 61.78 9.63 14.65
C VAL D 354 61.13 8.38 14.07
N ALA D 355 61.96 7.37 13.78
CA ALA D 355 61.48 6.11 13.22
C ALA D 355 60.53 5.45 14.22
N MET D 356 60.84 5.60 15.50
CA MET D 356 60.03 5.01 16.55
C MET D 356 58.68 5.71 16.64
N GLY D 357 58.73 7.01 16.89
CA GLY D 357 57.52 7.80 17.01
C GLY D 357 57.57 8.52 18.34
N ILE D 358 58.78 8.70 18.85
CA ILE D 358 59.00 9.37 20.12
C ILE D 358 59.83 10.63 19.94
N GLY D 359 60.04 11.36 21.03
CA GLY D 359 60.80 12.59 20.98
C GLY D 359 62.18 12.47 20.35
N VAL D 360 62.46 13.35 19.39
CA VAL D 360 63.74 13.34 18.69
C VAL D 360 64.92 13.45 19.67
N LEU D 361 64.68 14.10 20.81
CA LEU D 361 65.72 14.27 21.80
C LEU D 361 65.52 13.34 23.00
N ASP D 362 65.57 12.04 22.74
CA ASP D 362 65.41 11.03 23.79
C ASP D 362 66.51 9.98 23.70
N LYS E 1 76.28 73.32 -1.61
CA LYS E 1 75.30 73.62 -0.52
C LYS E 1 73.88 73.39 -1.01
N GLN E 2 73.76 72.88 -2.23
CA GLN E 2 72.47 72.59 -2.85
C GLN E 2 72.61 71.46 -3.86
N VAL E 3 71.58 70.63 -3.96
CA VAL E 3 71.60 69.50 -4.89
C VAL E 3 71.17 69.91 -6.29
N SER E 4 71.84 69.34 -7.28
CA SER E 4 71.54 69.63 -8.68
C SER E 4 70.56 68.60 -9.25
N TRP E 5 69.51 69.09 -9.89
CA TRP E 5 68.49 68.23 -10.48
C TRP E 5 68.83 67.90 -11.93
N LYS E 6 69.46 68.85 -12.62
CA LYS E 6 69.84 68.67 -14.01
C LYS E 6 70.84 67.54 -14.18
N LEU E 7 71.68 67.33 -13.17
CA LEU E 7 72.67 66.27 -13.20
C LEU E 7 72.01 64.91 -13.06
N VAL E 8 71.08 64.80 -12.11
CA VAL E 8 70.36 63.56 -11.88
C VAL E 8 69.54 63.23 -13.13
N THR E 9 68.94 64.26 -13.71
CA THR E 9 68.12 64.10 -14.91
C THR E 9 69.01 63.67 -16.06
N GLU E 10 70.24 64.20 -16.08
CA GLU E 10 71.20 63.87 -17.12
C GLU E 10 71.53 62.39 -17.07
N TYR E 11 71.87 61.91 -15.87
CA TYR E 11 72.20 60.51 -15.67
C TYR E 11 71.02 59.64 -16.07
N ALA E 12 69.82 60.14 -15.81
CA ALA E 12 68.59 59.42 -16.13
C ALA E 12 68.44 59.27 -17.65
N MET E 13 68.70 60.36 -18.37
CA MET E 13 68.60 60.36 -19.82
C MET E 13 69.65 59.44 -20.42
N GLU E 14 70.75 59.25 -19.71
CA GLU E 14 71.84 58.39 -20.17
C GLU E 14 71.46 56.92 -20.09
N THR E 15 71.20 56.44 -18.88
CA THR E 15 70.83 55.05 -18.67
C THR E 15 69.39 54.78 -19.11
N LYS E 16 68.68 55.85 -19.48
CA LYS E 16 67.30 55.74 -19.93
C LYS E 16 66.45 55.00 -18.90
N CYS E 17 66.78 55.19 -17.63
CA CYS E 17 66.05 54.55 -16.53
C CYS E 17 64.65 55.15 -16.39
N ASP E 18 63.64 54.36 -16.74
CA ASP E 18 62.26 54.79 -16.66
C ASP E 18 61.62 54.30 -15.36
N ASP E 19 62.46 54.03 -14.36
CA ASP E 19 61.99 53.57 -13.07
C ASP E 19 62.33 54.60 -11.99
N VAL E 20 61.50 54.66 -10.95
CA VAL E 20 61.71 55.61 -9.86
C VAL E 20 62.67 55.08 -8.80
N LEU E 21 62.28 54.01 -8.13
CA LEU E 21 63.11 53.42 -7.08
C LEU E 21 64.44 52.91 -7.62
N LEU E 22 64.43 52.42 -8.86
CA LEU E 22 65.65 51.91 -9.48
C LEU E 22 66.64 53.04 -9.71
N LEU E 23 66.15 54.13 -10.31
CA LEU E 23 66.99 55.29 -10.59
C LEU E 23 67.52 55.89 -9.29
N LEU E 24 66.76 55.72 -8.22
CA LEU E 24 67.14 56.24 -6.91
C LEU E 24 68.32 55.46 -6.33
N GLY E 25 68.18 54.14 -6.26
CA GLY E 25 69.24 53.31 -5.72
C GLY E 25 70.54 53.43 -6.49
N MET E 26 70.46 53.38 -7.82
CA MET E 26 71.64 53.48 -8.66
C MET E 26 72.42 54.77 -8.42
N TYR E 27 71.70 55.87 -8.22
CA TYR E 27 72.33 57.16 -8.01
C TYR E 27 72.86 57.31 -6.58
N LEU E 28 72.31 56.51 -5.66
CA LEU E 28 72.74 56.55 -4.27
C LEU E 28 74.04 55.81 -4.03
N GLU E 29 74.64 55.30 -5.10
CA GLU E 29 75.91 54.57 -4.99
C GLU E 29 77.09 55.48 -5.31
N PHE E 30 76.79 56.72 -5.67
CA PHE E 30 77.83 57.69 -6.01
C PHE E 30 78.03 58.70 -4.89
N GLN E 31 77.50 58.40 -3.71
CA GLN E 31 77.63 59.29 -2.57
C GLN E 31 78.73 58.80 -1.62
N TYR E 32 79.61 57.96 -2.15
CA TYR E 32 80.71 57.40 -1.37
C TYR E 32 82.04 57.88 -1.93
N SER E 33 82.64 57.07 -2.80
CA SER E 33 83.92 57.41 -3.39
C SER E 33 84.32 56.42 -4.48
N PHE E 34 84.61 56.93 -5.68
CA PHE E 34 85.02 56.10 -6.79
C PHE E 34 86.50 55.79 -6.64
N GLU E 35 87.09 56.34 -5.59
CA GLU E 35 88.51 56.16 -5.30
C GLU E 35 88.85 54.69 -5.05
N MET E 36 87.98 53.99 -4.34
CA MET E 36 88.21 52.59 -4.03
C MET E 36 87.00 51.70 -4.35
N CYS E 37 86.04 52.23 -5.09
CA CYS E 37 84.84 51.47 -5.43
C CYS E 37 85.21 50.21 -6.22
N LEU E 38 84.85 49.05 -5.68
CA LEU E 38 85.14 47.79 -6.33
C LEU E 38 84.40 47.65 -7.66
N LYS E 39 83.15 48.09 -7.69
CA LYS E 39 82.34 48.01 -8.90
C LYS E 39 82.89 48.89 -10.02
N CYS E 40 83.71 49.88 -9.65
CA CYS E 40 84.29 50.77 -10.64
C CYS E 40 85.56 50.18 -11.24
N ILE E 41 86.30 49.43 -10.42
CA ILE E 41 87.54 48.80 -10.87
C ILE E 41 87.26 47.49 -11.60
N LYS E 42 86.33 46.72 -11.06
CA LYS E 42 85.97 45.42 -11.63
C LYS E 42 85.21 45.55 -12.95
N LYS E 43 84.73 46.76 -13.25
CA LYS E 43 83.98 46.99 -14.49
C LYS E 43 82.80 46.03 -14.56
N GLU E 44 81.86 46.18 -13.63
CA GLU E 44 80.69 45.31 -13.58
C GLU E 44 79.49 45.89 -14.33
N GLN E 45 79.10 47.12 -13.99
CA GLN E 45 77.96 47.77 -14.61
C GLN E 45 78.34 49.09 -15.28
N PRO E 46 78.19 49.16 -16.62
CA PRO E 46 78.52 50.36 -17.40
C PRO E 46 77.79 51.60 -16.88
N SER E 47 76.73 51.38 -16.12
CA SER E 47 75.94 52.47 -15.57
C SER E 47 76.48 52.91 -14.20
N HIS E 48 77.68 52.45 -13.87
CA HIS E 48 78.28 52.80 -12.59
C HIS E 48 79.65 53.47 -12.77
N TYR E 49 80.64 52.68 -13.17
CA TYR E 49 82.00 53.19 -13.35
C TYR E 49 82.13 54.21 -14.47
N LYS E 50 81.08 54.36 -15.27
CA LYS E 50 81.10 55.31 -16.38
C LYS E 50 80.41 56.63 -16.02
N TYR E 51 79.73 56.66 -14.88
CA TYR E 51 79.03 57.89 -14.47
C TYR E 51 79.28 58.33 -13.04
N HIS E 52 80.08 57.58 -12.29
CA HIS E 52 80.35 57.96 -10.90
C HIS E 52 81.13 59.26 -10.81
N GLU E 53 82.25 59.33 -11.50
CA GLU E 53 83.07 60.54 -11.49
C GLU E 53 82.30 61.72 -12.07
N LYS E 54 81.29 61.42 -12.88
CA LYS E 54 80.48 62.45 -13.51
C LYS E 54 79.40 63.01 -12.57
N HIS E 55 78.92 62.18 -11.65
CA HIS E 55 77.89 62.62 -10.72
C HIS E 55 78.29 62.46 -9.25
N TYR E 56 79.58 62.31 -9.00
CA TYR E 56 80.08 62.15 -7.63
C TYR E 56 79.86 63.40 -6.80
N ALA E 57 79.99 64.56 -7.45
CA ALA E 57 79.82 65.85 -6.77
C ALA E 57 78.40 66.06 -6.26
N ASN E 58 77.42 65.81 -7.12
CA ASN E 58 76.03 65.99 -6.74
C ASN E 58 75.52 64.89 -5.82
N ALA E 59 75.89 63.64 -6.12
CA ALA E 59 75.47 62.51 -5.31
C ALA E 59 75.94 62.66 -3.87
N ALA E 60 77.06 63.35 -3.69
CA ALA E 60 77.62 63.58 -2.36
C ALA E 60 76.64 64.37 -1.51
N ILE E 61 75.94 65.31 -2.12
CA ILE E 61 74.96 66.13 -1.43
C ILE E 61 73.59 65.49 -1.53
N PHE E 62 73.40 64.66 -2.54
CA PHE E 62 72.14 63.96 -2.77
C PHE E 62 71.76 63.12 -1.54
N ALA E 63 72.78 62.62 -0.85
CA ALA E 63 72.57 61.80 0.34
C ALA E 63 71.88 62.57 1.45
N ASP E 64 72.26 63.84 1.61
CA ASP E 64 71.68 64.69 2.65
C ASP E 64 70.46 65.46 2.13
N SER E 65 69.79 64.89 1.12
CA SER E 65 68.61 65.54 0.55
C SER E 65 67.34 65.00 1.20
N LYS E 66 66.37 65.89 1.40
CA LYS E 66 65.10 65.50 2.01
C LYS E 66 64.09 65.10 0.95
N ASN E 67 64.52 65.13 -0.31
CA ASN E 67 63.65 64.78 -1.43
C ASN E 67 64.37 63.84 -2.40
N GLN E 68 64.96 62.78 -1.86
CA GLN E 68 65.69 61.82 -2.68
C GLN E 68 64.81 61.15 -3.73
N LYS E 69 63.56 60.89 -3.37
CA LYS E 69 62.63 60.24 -4.29
C LYS E 69 61.98 61.25 -5.24
N THR E 70 61.96 62.51 -4.84
CA THR E 70 61.38 63.57 -5.65
C THR E 70 62.32 63.95 -6.80
N ILE E 71 63.60 64.11 -6.48
CA ILE E 71 64.59 64.48 -7.48
C ILE E 71 64.66 63.43 -8.57
N CYS E 72 64.69 62.16 -8.17
CA CYS E 72 64.75 61.05 -9.11
C CYS E 72 63.42 60.86 -9.84
N GLN E 73 62.35 61.30 -9.19
CA GLN E 73 61.01 61.18 -9.76
C GLN E 73 60.91 62.02 -11.04
N GLN E 74 61.31 63.27 -10.95
CA GLN E 74 61.26 64.18 -12.10
C GLN E 74 62.12 63.64 -13.24
N ALA E 75 63.24 63.02 -12.88
CA ALA E 75 64.15 62.46 -13.87
C ALA E 75 63.42 61.38 -14.68
N VAL E 76 62.69 60.52 -13.98
CA VAL E 76 61.93 59.45 -14.61
C VAL E 76 60.96 60.02 -15.63
N ASP E 77 60.26 61.10 -15.25
CA ASP E 77 59.30 61.73 -16.14
C ASP E 77 60.01 62.27 -17.38
N THR E 78 61.24 62.73 -17.20
CA THR E 78 62.02 63.26 -18.32
C THR E 78 62.41 62.11 -19.24
N VAL E 79 62.61 60.93 -18.65
CA VAL E 79 62.98 59.75 -19.41
C VAL E 79 61.79 59.31 -20.27
N LEU E 80 60.64 59.15 -19.63
CA LEU E 80 59.42 58.76 -20.32
C LEU E 80 59.06 59.82 -21.35
N ALA E 81 59.40 61.06 -21.04
CA ALA E 81 59.11 62.18 -21.92
C ALA E 81 59.88 62.03 -23.23
N LYS E 82 61.13 61.58 -23.13
CA LYS E 82 61.97 61.37 -24.29
C LYS E 82 61.32 60.34 -25.23
N LYS E 83 60.96 59.20 -24.66
CA LYS E 83 60.33 58.13 -25.44
C LYS E 83 58.99 58.63 -25.96
N ARG E 84 58.32 59.45 -25.17
CA ARG E 84 57.02 60.02 -25.55
C ARG E 84 57.16 60.84 -26.83
N VAL E 85 58.33 61.44 -27.01
CA VAL E 85 58.60 62.27 -28.18
C VAL E 85 59.10 61.44 -29.36
N ASP E 86 60.07 60.56 -29.11
CA ASP E 86 60.64 59.73 -30.15
C ASP E 86 59.59 58.88 -30.87
N SER E 87 58.54 58.52 -30.14
CA SER E 87 57.47 57.69 -30.71
C SER E 87 56.63 58.46 -31.74
N LEU E 88 56.96 59.73 -31.93
CA LEU E 88 56.22 60.56 -32.88
C LEU E 88 57.11 61.17 -33.97
N GLN E 89 58.34 61.53 -33.60
CA GLN E 89 59.26 62.14 -34.55
C GLN E 89 60.05 61.13 -35.39
N LEU E 90 60.79 60.26 -34.73
CA LEU E 90 61.58 59.25 -35.43
C LEU E 90 60.68 58.21 -36.10
N THR E 91 60.98 57.89 -37.35
CA THR E 91 60.20 56.90 -38.08
C THR E 91 60.38 55.55 -37.38
N ARG E 92 59.47 54.62 -37.65
CA ARG E 92 59.53 53.31 -37.01
C ARG E 92 60.79 52.54 -37.39
N GLU E 93 61.47 52.98 -38.45
CA GLU E 93 62.69 52.32 -38.90
C GLU E 93 63.88 52.90 -38.14
N GLN E 94 63.82 54.19 -37.85
CA GLN E 94 64.88 54.86 -37.11
C GLN E 94 64.89 54.39 -35.66
N MET E 95 63.69 54.16 -35.12
CA MET E 95 63.57 53.70 -33.74
C MET E 95 64.32 52.37 -33.59
N LEU E 96 64.21 51.52 -34.60
CA LEU E 96 64.89 50.23 -34.58
C LEU E 96 66.39 50.44 -34.73
N THR E 97 66.76 51.40 -35.59
CA THR E 97 68.15 51.72 -35.83
C THR E 97 68.88 51.98 -34.51
N ASN E 98 68.24 52.74 -33.63
CA ASN E 98 68.83 53.06 -32.33
C ASN E 98 68.91 51.80 -31.47
N ARG E 99 67.87 50.97 -31.55
CA ARG E 99 67.82 49.73 -30.78
C ARG E 99 68.97 48.81 -31.18
N PHE E 100 69.10 48.58 -32.48
CA PHE E 100 70.16 47.71 -33.00
C PHE E 100 71.54 48.17 -32.52
N ASN E 101 71.71 49.48 -32.39
CA ASN E 101 72.98 50.02 -31.93
C ASN E 101 73.19 49.77 -30.45
N ASP E 102 72.13 49.93 -29.67
CA ASP E 102 72.21 49.72 -28.23
C ASP E 102 72.48 48.24 -27.93
N LEU E 103 71.97 47.37 -28.80
CA LEU E 103 72.17 45.94 -28.64
C LEU E 103 73.63 45.59 -28.91
N LEU E 104 74.26 46.34 -29.80
CA LEU E 104 75.65 46.13 -30.15
C LEU E 104 76.57 46.73 -29.08
N ASP E 105 76.09 47.77 -28.41
CA ASP E 105 76.86 48.42 -27.36
C ASP E 105 77.17 47.41 -26.25
N ARG E 106 76.17 46.62 -25.89
CA ARG E 106 76.33 45.61 -24.86
C ARG E 106 77.37 44.60 -25.33
N MET E 107 77.29 44.26 -26.61
CA MET E 107 78.20 43.31 -27.22
C MET E 107 79.65 43.78 -27.19
N ASP E 108 79.86 45.06 -27.47
CA ASP E 108 81.20 45.63 -27.46
C ASP E 108 81.83 45.57 -26.07
N ILE E 109 81.00 45.31 -25.06
CA ILE E 109 81.48 45.23 -23.69
C ILE E 109 81.63 43.78 -23.25
N MET E 110 80.59 42.98 -23.48
CA MET E 110 80.60 41.58 -23.10
C MET E 110 81.59 40.78 -23.94
N PHE E 111 81.72 41.16 -25.21
CA PHE E 111 82.64 40.47 -26.12
C PHE E 111 83.96 41.22 -26.20
N GLY E 112 84.27 41.99 -25.16
CA GLY E 112 85.50 42.75 -25.14
C GLY E 112 86.45 42.30 -24.05
N SER E 113 87.08 43.25 -23.38
CA SER E 113 88.02 42.95 -22.30
C SER E 113 87.32 42.94 -20.94
N THR E 114 86.34 43.82 -20.78
CA THR E 114 85.60 43.92 -19.52
C THR E 114 84.32 43.08 -19.59
N GLY E 115 84.33 42.07 -20.45
CA GLY E 115 83.17 41.22 -20.59
C GLY E 115 83.45 39.77 -20.28
N SER E 116 82.42 39.04 -19.84
CA SER E 116 82.56 37.63 -19.49
C SER E 116 81.71 36.77 -20.41
N ALA E 117 81.33 37.32 -21.56
CA ALA E 117 80.51 36.59 -22.52
C ALA E 117 81.39 35.90 -23.56
N ASP E 118 81.08 34.64 -23.84
CA ASP E 118 81.84 33.87 -24.81
C ASP E 118 81.12 33.89 -26.16
N ILE E 119 81.75 34.49 -27.16
CA ILE E 119 81.17 34.60 -28.49
C ILE E 119 80.85 33.25 -29.11
N GLU E 120 81.59 32.22 -28.70
CA GLU E 120 81.38 30.87 -29.22
C GLU E 120 79.98 30.35 -28.90
N GLU E 121 79.55 30.56 -27.66
CA GLU E 121 78.22 30.11 -27.23
C GLU E 121 77.10 30.85 -27.94
N TRP E 122 77.25 32.17 -28.07
CA TRP E 122 76.23 32.97 -28.73
C TRP E 122 76.13 32.64 -30.22
N MET E 123 77.24 32.20 -30.81
CA MET E 123 77.25 31.84 -32.22
C MET E 123 76.58 30.47 -32.35
N ALA E 124 76.63 29.69 -31.27
CA ALA E 124 76.03 28.37 -31.24
C ALA E 124 74.52 28.53 -31.15
N GLY E 125 74.09 29.58 -30.46
CA GLY E 125 72.67 29.83 -30.32
C GLY E 125 72.07 30.20 -31.66
N VAL E 126 72.84 30.92 -32.46
CA VAL E 126 72.40 31.33 -33.79
C VAL E 126 72.15 30.08 -34.64
N ALA E 127 72.82 29.00 -34.28
CA ALA E 127 72.68 27.73 -34.99
C ALA E 127 71.40 27.04 -34.56
N TRP E 128 71.18 26.94 -33.25
CA TRP E 128 69.98 26.30 -32.72
C TRP E 128 68.74 27.07 -33.16
N LEU E 129 68.84 28.40 -33.13
CA LEU E 129 67.73 29.26 -33.52
C LEU E 129 67.38 29.13 -35.00
N HIS E 130 68.40 28.86 -35.81
CA HIS E 130 68.19 28.71 -37.25
C HIS E 130 67.65 27.31 -37.55
N CYS E 131 67.80 26.41 -36.58
CA CYS E 131 67.31 25.05 -36.73
C CYS E 131 65.95 24.92 -36.05
N LEU E 132 65.36 26.06 -35.74
CA LEU E 132 64.06 26.10 -35.09
C LEU E 132 62.94 26.23 -36.12
N LEU E 133 63.20 27.00 -37.17
CA LEU E 133 62.21 27.20 -38.23
C LEU E 133 62.88 27.39 -39.59
N PRO E 134 62.21 26.96 -40.67
CA PRO E 134 62.75 27.07 -42.03
C PRO E 134 63.07 28.52 -42.38
N LYS E 135 64.32 28.79 -42.72
CA LYS E 135 64.76 30.14 -43.07
C LYS E 135 64.41 31.10 -41.95
N MET E 136 64.84 30.75 -40.72
CA MET E 136 64.57 31.58 -39.56
C MET E 136 65.05 33.02 -39.74
N ASP E 137 66.31 33.19 -40.13
CA ASP E 137 66.88 34.51 -40.34
C ASP E 137 66.06 35.29 -41.38
N SER E 138 65.59 34.58 -42.40
CA SER E 138 64.80 35.20 -43.46
C SER E 138 63.50 35.75 -42.90
N VAL E 139 62.86 34.98 -42.02
CA VAL E 139 61.60 35.39 -41.42
C VAL E 139 61.79 36.61 -40.53
N VAL E 140 62.92 36.66 -39.82
CA VAL E 140 63.21 37.77 -38.92
C VAL E 140 63.23 39.10 -39.68
N TYR E 141 63.85 39.12 -40.84
CA TYR E 141 63.93 40.34 -41.64
C TYR E 141 62.54 40.78 -42.08
N ASP E 142 61.69 39.81 -42.39
CA ASP E 142 60.33 40.09 -42.82
C ASP E 142 59.51 40.69 -41.68
N PHE E 143 59.65 40.11 -40.49
CA PHE E 143 58.93 40.60 -39.31
C PHE E 143 59.38 42.02 -38.98
N LEU E 144 60.69 42.24 -39.01
CA LEU E 144 61.25 43.56 -38.72
C LEU E 144 60.59 44.62 -39.59
N LYS E 145 60.68 44.44 -40.90
CA LYS E 145 60.09 45.38 -41.84
C LYS E 145 58.58 45.44 -41.69
N CYS E 146 57.97 44.29 -41.38
CA CYS E 146 56.53 44.23 -41.21
C CYS E 146 56.13 45.19 -40.09
N MET E 147 57.02 45.33 -39.11
CA MET E 147 56.80 46.22 -37.98
C MET E 147 57.06 47.67 -38.41
N VAL E 148 58.02 47.85 -39.31
CA VAL E 148 58.37 49.17 -39.80
C VAL E 148 57.29 49.73 -40.72
N TYR E 149 56.90 48.94 -41.72
CA TYR E 149 55.87 49.36 -42.66
C TYR E 149 54.59 49.77 -41.93
N ASN E 150 54.26 49.03 -40.88
CA ASN E 150 53.08 49.33 -40.08
C ASN E 150 51.84 49.42 -40.97
N ILE E 151 51.31 48.26 -41.35
CA ILE E 151 50.13 48.20 -42.21
C ILE E 151 48.88 47.79 -41.42
N PRO E 152 47.89 48.68 -41.35
CA PRO E 152 46.62 48.45 -40.64
C PRO E 152 45.98 47.09 -40.92
N LYS E 153 45.59 46.40 -39.86
CA LYS E 153 44.96 45.08 -39.97
C LYS E 153 45.90 44.11 -40.67
N LYS E 154 47.19 44.43 -40.64
CA LYS E 154 48.23 43.62 -41.24
C LYS E 154 49.51 43.88 -40.46
N ARG E 155 49.47 43.60 -39.15
CA ARG E 155 50.62 43.85 -38.30
C ARG E 155 51.02 42.66 -37.42
N TYR E 156 50.08 42.18 -36.61
CA TYR E 156 50.38 41.05 -35.72
C TYR E 156 50.66 39.73 -36.43
N TRP E 157 51.57 38.97 -35.84
CA TRP E 157 51.96 37.65 -36.36
C TRP E 157 51.46 36.60 -35.38
N LEU E 158 51.23 35.39 -35.87
CA LEU E 158 50.74 34.31 -35.01
C LEU E 158 51.77 33.21 -34.75
N PHE E 159 52.08 33.00 -33.48
CA PHE E 159 53.02 31.97 -33.07
C PHE E 159 52.22 30.83 -32.43
N LYS E 160 51.40 30.18 -33.26
CA LYS E 160 50.55 29.09 -32.81
C LYS E 160 51.27 27.73 -32.90
N GLY E 161 51.52 27.13 -31.74
CA GLY E 161 52.19 25.84 -31.73
C GLY E 161 52.03 25.10 -30.41
N PRO E 162 52.17 23.76 -30.40
CA PRO E 162 52.04 22.94 -29.21
C PRO E 162 52.97 23.37 -28.08
N ILE E 163 52.85 22.73 -26.93
CA ILE E 163 53.68 23.05 -25.77
C ILE E 163 55.14 22.64 -26.03
N ASP E 164 56.06 23.50 -25.60
CA ASP E 164 57.49 23.24 -25.80
C ASP E 164 57.82 23.02 -27.27
N SER E 165 58.17 24.09 -27.95
CA SER E 165 58.50 24.03 -29.37
C SER E 165 59.48 25.14 -29.76
N GLY E 166 59.34 26.30 -29.12
CA GLY E 166 60.22 27.42 -29.41
C GLY E 166 59.49 28.74 -29.52
N LYS E 167 58.19 28.71 -29.29
CA LYS E 167 57.37 29.91 -29.36
C LYS E 167 57.83 30.95 -28.34
N THR E 168 57.71 30.61 -27.07
CA THR E 168 58.09 31.50 -25.99
C THR E 168 59.59 31.83 -26.05
N THR E 169 60.33 31.04 -26.81
CA THR E 169 61.76 31.24 -26.96
C THR E 169 62.07 32.30 -28.02
N LEU E 170 61.27 32.32 -29.07
CA LEU E 170 61.44 33.28 -30.16
C LEU E 170 60.66 34.56 -29.89
N ALA E 171 59.40 34.40 -29.51
CA ALA E 171 58.54 35.55 -29.24
C ALA E 171 59.16 36.44 -28.16
N ALA E 172 60.08 35.87 -27.39
CA ALA E 172 60.75 36.61 -26.32
C ALA E 172 61.97 37.34 -26.88
N ALA E 173 62.82 36.62 -27.60
CA ALA E 173 64.01 37.19 -28.19
C ALA E 173 63.67 38.34 -29.12
N LEU E 174 62.63 38.16 -29.92
CA LEU E 174 62.19 39.19 -30.86
C LEU E 174 61.80 40.46 -30.12
N LEU E 175 61.21 40.29 -28.94
CA LEU E 175 60.78 41.42 -28.13
C LEU E 175 61.97 42.33 -27.78
N GLU E 176 63.11 41.70 -27.49
CA GLU E 176 64.31 42.45 -27.14
C GLU E 176 65.07 42.92 -28.38
N LEU E 177 64.92 42.18 -29.47
CA LEU E 177 65.59 42.52 -30.73
C LEU E 177 65.04 43.81 -31.30
N CYS E 178 63.74 44.02 -31.17
CA CYS E 178 63.09 45.21 -31.68
C CYS E 178 62.85 46.22 -30.57
N GLY E 179 62.29 45.75 -29.46
CA GLY E 179 62.00 46.62 -28.33
C GLY E 179 60.53 46.67 -28.01
N GLY E 180 60.21 46.76 -26.72
CA GLY E 180 58.81 46.83 -26.32
C GLY E 180 58.55 46.03 -25.05
N LYS E 181 57.29 45.65 -24.86
CA LYS E 181 56.88 44.88 -23.69
C LYS E 181 55.97 43.72 -24.06
N ALA E 182 55.85 42.75 -23.15
CA ALA E 182 55.01 41.59 -23.38
C ALA E 182 53.83 41.62 -22.41
N LEU E 183 52.62 41.63 -22.95
CA LEU E 183 51.41 41.68 -22.14
C LEU E 183 50.72 40.32 -22.04
N ASN E 184 49.61 40.29 -21.32
CA ASN E 184 48.83 39.08 -21.14
C ASN E 184 47.34 39.43 -21.12
N VAL E 185 46.51 38.55 -21.66
CA VAL E 185 45.07 38.78 -21.71
C VAL E 185 44.25 37.66 -21.08
N ASN E 186 44.94 36.74 -20.39
CA ASN E 186 44.25 35.63 -19.75
C ASN E 186 43.43 36.13 -18.56
N LEU E 187 43.82 37.29 -18.02
CA LEU E 187 43.11 37.89 -16.90
C LEU E 187 41.85 38.58 -17.40
N PRO E 188 40.85 38.73 -16.52
CA PRO E 188 39.59 39.37 -16.88
C PRO E 188 39.79 40.71 -17.60
N LEU E 189 38.78 41.13 -18.36
CA LEU E 189 38.85 42.39 -19.08
C LEU E 189 38.76 43.57 -18.12
N ASP E 190 38.92 43.28 -16.83
CA ASP E 190 38.87 44.31 -15.80
C ASP E 190 40.23 44.98 -15.67
N ARG E 191 41.25 44.18 -15.36
CA ARG E 191 42.60 44.68 -15.21
C ARG E 191 43.27 44.79 -16.57
N LEU E 192 42.53 44.46 -17.62
CA LEU E 192 43.04 44.51 -18.97
C LEU E 192 43.48 45.93 -19.32
N ASN E 193 42.73 46.90 -18.82
CA ASN E 193 43.04 48.30 -19.06
C ASN E 193 44.32 48.72 -18.34
N PHE E 194 44.56 48.12 -17.17
CA PHE E 194 45.75 48.43 -16.39
C PHE E 194 46.98 47.73 -16.93
N GLU E 195 46.78 46.82 -17.89
CA GLU E 195 47.88 46.08 -18.48
C GLU E 195 48.13 46.52 -19.92
N LEU E 196 47.05 46.86 -20.62
CA LEU E 196 47.16 47.31 -22.00
C LEU E 196 47.78 48.70 -22.06
N GLY E 197 47.86 49.35 -20.91
CA GLY E 197 48.44 50.68 -20.84
C GLY E 197 49.95 50.65 -20.82
N VAL E 198 50.53 49.47 -21.06
CA VAL E 198 51.98 49.32 -21.06
C VAL E 198 52.52 49.51 -22.48
N ALA E 199 51.66 49.26 -23.48
CA ALA E 199 52.05 49.39 -24.88
C ALA E 199 52.19 50.86 -25.29
N ILE E 200 52.10 51.76 -24.31
CA ILE E 200 52.22 53.19 -24.58
C ILE E 200 53.62 53.56 -25.07
N ASP E 201 53.68 54.26 -26.20
CA ASP E 201 54.94 54.69 -26.78
C ASP E 201 55.89 53.52 -27.06
N GLN E 202 55.35 52.31 -27.07
CA GLN E 202 56.15 51.12 -27.32
C GLN E 202 56.30 50.89 -28.83
N PHE E 203 56.89 49.76 -29.19
CA PHE E 203 57.09 49.42 -30.59
C PHE E 203 56.22 48.24 -30.98
N LEU E 204 56.23 47.21 -30.15
CA LEU E 204 55.43 46.01 -30.39
C LEU E 204 55.01 45.34 -29.09
N VAL E 205 53.96 44.52 -29.16
CA VAL E 205 53.44 43.83 -27.98
C VAL E 205 53.56 42.32 -28.17
N VAL E 206 53.64 41.60 -27.04
CA VAL E 206 53.77 40.15 -27.08
C VAL E 206 52.74 39.48 -26.18
N PHE E 207 51.71 38.89 -26.79
CA PHE E 207 50.68 38.20 -26.03
C PHE E 207 51.08 36.75 -25.83
N GLU E 208 51.42 36.40 -24.60
CA GLU E 208 51.85 35.05 -24.27
C GLU E 208 50.71 34.09 -23.92
N ASP E 209 50.63 33.00 -24.69
CA ASP E 209 49.64 31.96 -24.50
C ASP E 209 48.22 32.46 -24.21
N VAL E 210 47.43 32.62 -25.27
CA VAL E 210 46.05 33.08 -25.13
C VAL E 210 45.12 31.87 -25.05
N LYS E 211 44.30 31.82 -24.02
CA LYS E 211 43.37 30.72 -23.82
C LYS E 211 42.02 30.97 -24.48
N GLY E 212 41.52 29.97 -25.19
CA GLY E 212 40.24 30.08 -25.86
C GLY E 212 39.37 28.87 -25.59
N THR E 213 38.08 28.98 -25.89
CA THR E 213 37.15 27.89 -25.66
C THR E 213 37.47 26.69 -26.55
N GLY E 214 38.15 26.95 -27.66
CA GLY E 214 38.50 25.88 -28.58
C GLY E 214 39.52 24.91 -27.99
N GLY E 215 39.64 23.75 -28.62
CA GLY E 215 40.58 22.75 -28.13
C GLY E 215 40.20 22.16 -26.79
N GLU E 216 38.92 21.85 -26.62
CA GLU E 216 38.43 21.28 -25.37
C GLU E 216 38.73 19.78 -25.31
N SER E 217 39.01 19.19 -26.46
CA SER E 217 39.29 17.76 -26.53
C SER E 217 40.80 17.49 -26.51
N ARG E 218 41.60 18.53 -26.75
CA ARG E 218 43.04 18.40 -26.75
C ARG E 218 43.65 18.74 -25.39
N ASP E 219 42.85 18.59 -24.34
CA ASP E 219 43.30 18.88 -22.98
C ASP E 219 43.86 20.30 -22.87
N LEU E 220 43.27 21.22 -23.63
CA LEU E 220 43.71 22.61 -23.61
C LEU E 220 42.73 23.49 -22.84
N PRO E 221 43.11 23.89 -21.62
CA PRO E 221 42.28 24.74 -20.76
C PRO E 221 41.78 26.00 -21.46
N SER E 222 40.48 26.28 -21.34
CA SER E 222 39.88 27.45 -21.96
C SER E 222 40.02 28.67 -21.05
N GLY E 223 39.98 29.85 -21.64
CA GLY E 223 40.10 31.08 -20.87
C GLY E 223 39.43 32.25 -21.56
N GLN E 224 40.09 33.41 -21.53
CA GLN E 224 39.54 34.62 -22.15
C GLN E 224 40.54 35.21 -23.13
N GLY E 225 41.65 34.52 -23.35
CA GLY E 225 42.66 35.00 -24.27
C GLY E 225 42.13 35.30 -25.65
N ILE E 226 41.64 34.26 -26.34
CA ILE E 226 41.10 34.40 -27.68
C ILE E 226 39.96 35.41 -27.71
N ASN E 227 39.10 35.35 -26.70
CA ASN E 227 37.95 36.26 -26.61
C ASN E 227 38.39 37.71 -26.52
N ASN E 228 39.29 37.99 -25.58
CA ASN E 228 39.79 39.35 -25.39
C ASN E 228 40.39 39.91 -26.66
N LEU E 229 41.07 39.06 -27.44
CA LEU E 229 41.69 39.49 -28.68
C LEU E 229 40.63 40.05 -29.63
N ASP E 230 39.48 39.39 -29.68
CA ASP E 230 38.39 39.81 -30.55
C ASP E 230 37.72 41.06 -29.97
N ASN E 231 37.80 41.20 -28.65
CA ASN E 231 37.21 42.36 -27.98
C ASN E 231 38.14 43.56 -28.13
N LEU E 232 39.15 43.40 -28.98
CA LEU E 232 40.12 44.46 -29.24
C LEU E 232 40.43 44.51 -30.73
N ARG E 233 39.39 44.61 -31.54
CA ARG E 233 39.54 44.67 -32.99
C ARG E 233 40.35 45.89 -33.43
N ASP E 234 39.90 47.07 -33.04
CA ASP E 234 40.60 48.30 -33.40
C ASP E 234 42.03 48.26 -32.89
N TYR E 235 42.22 47.69 -31.72
CA TYR E 235 43.55 47.56 -31.12
C TYR E 235 44.47 46.77 -32.03
N LEU E 236 43.90 45.77 -32.70
CA LEU E 236 44.67 44.92 -33.59
C LEU E 236 44.89 45.55 -34.95
N ASP E 237 43.93 46.35 -35.40
CA ASP E 237 44.03 47.02 -36.69
C ASP E 237 45.02 48.19 -36.61
N GLY E 238 44.73 49.14 -35.73
CA GLY E 238 45.60 50.30 -35.58
C GLY E 238 45.28 51.44 -36.52
N SER E 239 44.07 51.45 -37.05
CA SER E 239 43.64 52.52 -37.95
C SER E 239 43.03 53.67 -37.17
N VAL E 240 42.89 53.48 -35.87
CA VAL E 240 42.32 54.49 -34.99
C VAL E 240 43.17 54.63 -33.72
N LYS E 241 43.12 55.81 -33.12
CA LYS E 241 43.89 56.07 -31.90
C LYS E 241 43.16 55.56 -30.67
N VAL E 242 43.51 54.35 -30.24
CA VAL E 242 42.90 53.74 -29.07
C VAL E 242 43.22 54.53 -27.80
N ASN E 243 42.49 54.23 -26.73
CA ASN E 243 42.70 54.91 -25.46
C ASN E 243 43.54 54.06 -24.51
N LEU E 244 44.46 54.70 -23.81
CA LEU E 244 45.34 54.02 -22.86
C LEU E 244 45.42 54.80 -21.56
N GLU E 245 45.64 54.10 -20.46
CA GLU E 245 45.74 54.74 -19.15
C GLU E 245 46.99 54.31 -18.39
N LYS E 246 47.72 55.29 -17.87
CA LYS E 246 48.94 55.01 -17.11
C LYS E 246 48.85 55.72 -15.76
N LYS E 247 48.70 54.94 -14.70
CA LYS E 247 48.60 55.48 -13.35
C LYS E 247 47.46 56.48 -13.25
N HIS E 248 46.25 55.96 -13.02
CA HIS E 248 45.06 56.80 -12.87
C HIS E 248 44.82 57.75 -14.05
N LEU E 249 45.36 58.96 -13.94
CA LEU E 249 45.21 59.97 -14.99
C LEU E 249 45.76 59.51 -16.33
N ASN E 250 44.93 59.60 -17.37
CA ASN E 250 45.31 59.19 -18.72
C ASN E 250 46.65 59.80 -19.14
N LYS E 251 47.48 58.99 -19.79
CA LYS E 251 48.79 59.44 -20.24
C LYS E 251 48.97 59.38 -21.75
N ARG E 252 48.06 58.68 -22.44
CA ARG E 252 48.19 58.58 -23.89
C ARG E 252 46.94 58.13 -24.64
N THR E 253 46.84 58.57 -25.88
CA THR E 253 45.73 58.21 -26.77
C THR E 253 46.33 58.13 -28.17
N GLN E 254 47.12 57.09 -28.40
CA GLN E 254 47.79 56.89 -29.68
C GLN E 254 47.34 55.62 -30.39
N ILE E 255 48.10 55.23 -31.40
CA ILE E 255 47.81 54.03 -32.17
C ILE E 255 48.45 52.85 -31.46
N PHE E 256 47.66 51.82 -31.18
CA PHE E 256 48.16 50.64 -30.49
C PHE E 256 49.24 49.96 -31.33
N PRO E 257 50.47 49.85 -30.80
CA PRO E 257 51.59 49.23 -31.50
C PRO E 257 51.31 47.79 -31.93
N PRO E 258 51.91 47.35 -33.04
CA PRO E 258 51.72 45.99 -33.55
C PRO E 258 52.38 44.99 -32.61
N GLY E 259 52.60 43.76 -33.07
CA GLY E 259 53.23 42.77 -32.22
C GLY E 259 53.04 41.33 -32.63
N ILE E 260 53.15 40.44 -31.64
CA ILE E 260 53.02 39.01 -31.85
C ILE E 260 52.08 38.38 -30.82
N VAL E 261 51.22 37.46 -31.28
CA VAL E 261 50.28 36.77 -30.42
C VAL E 261 50.59 35.27 -30.44
N THR E 262 50.88 34.70 -29.29
CA THR E 262 51.21 33.28 -29.19
C THR E 262 50.08 32.46 -28.58
N MET E 263 50.01 31.18 -28.96
CA MET E 263 48.99 30.28 -28.45
C MET E 263 49.37 28.82 -28.65
N ASN E 264 48.62 27.91 -28.02
CA ASN E 264 48.89 26.49 -28.13
C ASN E 264 47.80 25.69 -28.83
N GLU E 265 47.72 25.84 -30.15
CA GLU E 265 46.74 25.12 -30.96
C GLU E 265 45.28 25.36 -30.60
N TYR E 266 44.95 26.55 -30.10
CA TYR E 266 43.56 26.85 -29.75
C TYR E 266 42.78 27.24 -31.01
N SER E 267 41.45 27.23 -30.90
CA SER E 267 40.60 27.60 -32.03
C SER E 267 40.67 29.10 -32.22
N VAL E 268 40.69 29.54 -33.48
CA VAL E 268 40.77 30.97 -33.79
C VAL E 268 39.66 31.43 -34.73
N PRO E 269 38.83 32.38 -34.28
CA PRO E 269 37.73 32.91 -35.09
C PRO E 269 38.25 33.52 -36.39
N LYS E 270 37.45 33.47 -37.45
CA LYS E 270 37.85 34.02 -38.73
C LYS E 270 38.01 35.54 -38.65
N THR E 271 37.17 36.17 -37.83
CA THR E 271 37.22 37.62 -37.66
C THR E 271 38.48 38.03 -36.90
N LEU E 272 39.12 37.05 -36.28
CA LEU E 272 40.35 37.31 -35.52
C LEU E 272 41.56 37.03 -36.39
N GLN E 273 41.51 35.90 -37.11
CA GLN E 273 42.60 35.51 -37.98
C GLN E 273 42.82 36.55 -39.07
N ALA E 274 41.76 37.27 -39.41
CA ALA E 274 41.81 38.30 -40.43
C ALA E 274 42.53 39.55 -39.93
N ARG E 275 42.97 39.50 -38.68
CA ARG E 275 43.67 40.64 -38.08
C ARG E 275 45.17 40.33 -38.01
N PHE E 276 45.54 39.12 -38.42
CA PHE E 276 46.93 38.70 -38.42
C PHE E 276 47.58 38.88 -39.79
N VAL E 277 48.82 38.42 -39.91
CA VAL E 277 49.56 38.52 -41.16
C VAL E 277 50.06 37.15 -41.60
N LYS E 278 50.82 36.50 -40.73
CA LYS E 278 51.37 35.18 -41.02
C LYS E 278 51.22 34.27 -39.82
N GLN E 279 50.98 32.99 -40.08
CA GLN E 279 50.82 32.00 -39.02
C GLN E 279 51.98 31.02 -39.02
N ILE E 280 52.80 31.07 -37.97
CA ILE E 280 53.95 30.19 -37.86
C ILE E 280 53.68 29.04 -36.89
N ASP E 281 53.46 27.85 -37.43
CA ASP E 281 53.18 26.68 -36.62
C ASP E 281 54.47 26.04 -36.13
N PHE E 282 54.81 26.29 -34.87
CA PHE E 282 56.03 25.74 -34.29
C PHE E 282 55.93 24.23 -34.08
N ARG E 283 56.94 23.51 -34.54
CA ARG E 283 56.97 22.06 -34.41
C ARG E 283 57.90 21.57 -33.31
N PRO E 284 57.36 20.80 -32.34
CA PRO E 284 58.15 20.28 -31.24
C PRO E 284 59.17 19.27 -31.77
N LYS E 285 60.35 19.75 -32.14
CA LYS E 285 61.41 18.90 -32.68
C LYS E 285 62.23 18.25 -31.58
N ASP E 286 62.57 16.98 -31.79
CA ASP E 286 63.35 16.21 -30.83
C ASP E 286 64.83 16.60 -30.82
N TYR E 287 65.43 16.68 -32.00
CA TYR E 287 66.84 17.02 -32.12
C TYR E 287 67.17 18.35 -31.44
N LEU E 288 66.17 19.20 -31.29
CA LEU E 288 66.36 20.49 -30.63
C LEU E 288 66.43 20.25 -29.13
N LYS E 289 65.60 19.33 -28.65
CA LYS E 289 65.55 18.98 -27.24
C LYS E 289 66.87 18.36 -26.80
N HIS E 290 67.29 17.32 -27.51
CA HIS E 290 68.53 16.62 -27.20
C HIS E 290 69.72 17.57 -27.36
N CYS E 291 69.53 18.60 -28.19
CA CYS E 291 70.58 19.58 -28.43
C CYS E 291 70.90 20.38 -27.17
N LEU E 292 69.84 20.90 -26.54
CA LEU E 292 70.00 21.69 -25.32
C LEU E 292 70.42 20.81 -24.15
N GLU E 293 70.25 19.50 -24.31
CA GLU E 293 70.63 18.55 -23.26
C GLU E 293 72.15 18.48 -23.11
N ARG E 294 72.85 19.06 -24.08
CA ARG E 294 74.30 19.07 -24.06
C ARG E 294 74.81 20.48 -24.35
N SER E 295 73.93 21.46 -24.16
CA SER E 295 74.27 22.86 -24.39
C SER E 295 73.56 23.73 -23.35
N GLU E 296 73.87 23.48 -22.07
CA GLU E 296 73.25 24.22 -20.98
C GLU E 296 73.55 25.72 -21.02
N PHE E 297 74.67 26.08 -21.63
CA PHE E 297 75.07 27.48 -21.71
C PHE E 297 74.04 28.36 -22.44
N LEU E 298 73.21 27.74 -23.27
CA LEU E 298 72.19 28.48 -24.01
C LEU E 298 71.01 28.82 -23.12
N LEU E 299 70.63 27.88 -22.25
CA LEU E 299 69.51 28.08 -21.33
C LEU E 299 69.95 28.85 -20.09
N GLU E 300 71.20 28.62 -19.67
CA GLU E 300 71.73 29.28 -18.48
C GLU E 300 71.99 30.77 -18.74
N LYS E 301 72.90 31.06 -19.66
CA LYS E 301 73.26 32.43 -19.99
C LYS E 301 72.19 33.13 -20.82
N ARG E 302 71.05 32.48 -21.00
CA ARG E 302 69.96 33.06 -21.78
C ARG E 302 70.44 33.53 -23.14
N ILE E 303 70.61 32.59 -24.07
CA ILE E 303 71.08 32.93 -25.41
C ILE E 303 70.02 32.65 -26.47
N ILE E 304 69.42 31.48 -26.41
CA ILE E 304 68.38 31.09 -27.37
C ILE E 304 67.17 32.00 -27.31
N GLN E 305 67.03 32.75 -26.22
CA GLN E 305 65.90 33.66 -26.05
C GLN E 305 66.37 35.08 -25.82
N SER E 306 67.57 35.39 -26.32
CA SER E 306 68.14 36.72 -26.17
C SER E 306 68.04 37.51 -27.48
N GLY E 307 67.77 38.80 -27.37
CA GLY E 307 67.66 39.64 -28.55
C GLY E 307 69.01 39.81 -29.21
N ILE E 308 70.07 39.75 -28.39
CA ILE E 308 71.43 39.90 -28.88
C ILE E 308 71.78 38.71 -29.78
N ALA E 309 71.16 37.57 -29.50
CA ALA E 309 71.38 36.36 -30.28
C ALA E 309 70.87 36.54 -31.71
N LEU E 310 69.63 37.05 -31.83
CA LEU E 310 69.03 37.28 -33.13
C LEU E 310 69.81 38.32 -33.90
N LEU E 311 70.41 39.27 -33.19
CA LEU E 311 71.19 40.33 -33.82
C LEU E 311 72.38 39.70 -34.54
N LEU E 312 73.04 38.76 -33.89
CA LEU E 312 74.18 38.06 -34.46
C LEU E 312 73.74 37.28 -35.70
N MET E 313 72.50 36.82 -35.68
CA MET E 313 71.94 36.06 -36.79
C MET E 313 71.59 36.97 -37.95
N LEU E 314 71.30 38.23 -37.65
CA LEU E 314 70.94 39.21 -38.67
C LEU E 314 72.20 39.76 -39.35
N ILE E 315 73.29 39.81 -38.60
CA ILE E 315 74.56 40.32 -39.10
C ILE E 315 75.33 39.23 -39.86
N TRP E 316 75.03 37.97 -39.53
CA TRP E 316 75.70 36.84 -40.17
C TRP E 316 75.13 36.52 -41.55
N TYR E 317 73.81 36.46 -41.66
CA TYR E 317 73.16 36.15 -42.93
C TYR E 317 72.82 37.38 -43.77
N ARG E 318 71.93 38.22 -43.26
CA ARG E 318 71.50 39.41 -43.98
C ARG E 318 72.61 40.38 -44.35
N PRO E 319 72.63 40.83 -45.62
CA PRO E 319 73.61 41.77 -46.15
C PRO E 319 73.58 43.11 -45.43
N VAL E 320 74.52 43.99 -45.77
CA VAL E 320 74.60 45.31 -45.15
C VAL E 320 73.64 46.28 -45.82
N ALA E 321 73.31 45.99 -47.08
CA ALA E 321 72.41 46.85 -47.86
C ALA E 321 70.96 46.83 -47.35
N GLU E 322 70.70 46.10 -46.27
CA GLU E 322 69.36 46.02 -45.72
C GLU E 322 69.19 46.84 -44.44
N PHE E 323 70.30 47.10 -43.76
CA PHE E 323 70.26 47.88 -42.52
C PHE E 323 70.20 49.37 -42.85
N ALA E 324 70.05 50.19 -41.81
CA ALA E 324 69.99 51.63 -41.99
C ALA E 324 71.34 52.10 -42.51
N GLN E 325 71.33 53.16 -43.32
CA GLN E 325 72.56 53.69 -43.89
C GLN E 325 73.46 54.31 -42.82
N SER E 326 72.89 54.59 -41.65
CA SER E 326 73.65 55.17 -40.55
C SER E 326 74.22 54.09 -39.64
N ILE E 327 73.89 52.83 -39.93
CA ILE E 327 74.39 51.72 -39.13
C ILE E 327 75.14 50.71 -39.99
N GLN E 328 75.04 50.87 -41.31
CA GLN E 328 75.73 49.98 -42.25
C GLN E 328 77.22 49.91 -41.97
N SER E 329 77.78 50.99 -41.45
CA SER E 329 79.20 51.04 -41.15
C SER E 329 79.56 50.19 -39.93
N ARG E 330 78.57 49.99 -39.06
CA ARG E 330 78.78 49.20 -37.85
C ARG E 330 78.50 47.72 -38.11
N ILE E 331 77.61 47.45 -39.06
CA ILE E 331 77.27 46.07 -39.41
C ILE E 331 78.47 45.35 -40.01
N VAL E 332 79.19 46.06 -40.88
CA VAL E 332 80.38 45.50 -41.52
C VAL E 332 81.45 45.22 -40.49
N GLU E 333 81.46 46.01 -39.42
CA GLU E 333 82.44 45.85 -38.35
C GLU E 333 82.40 44.46 -37.75
N TRP E 334 81.21 44.00 -37.39
CA TRP E 334 81.07 42.66 -36.81
C TRP E 334 81.11 41.57 -37.86
N LYS E 335 80.89 41.93 -39.12
CA LYS E 335 80.94 40.96 -40.20
C LYS E 335 82.38 40.55 -40.41
N GLU E 336 83.29 41.31 -39.80
CA GLU E 336 84.72 41.04 -39.89
C GLU E 336 85.16 40.29 -38.64
N ARG E 337 84.57 40.65 -37.50
CA ARG E 337 84.89 40.02 -36.23
C ARG E 337 84.39 38.57 -36.20
N LEU E 338 83.14 38.38 -36.60
CA LEU E 338 82.55 37.05 -36.62
C LEU E 338 83.23 36.11 -37.62
N ASP E 339 83.52 36.62 -38.81
CA ASP E 339 84.19 35.82 -39.83
C ASP E 339 85.63 35.54 -39.44
N LYS E 340 86.17 36.36 -38.53
CA LYS E 340 87.54 36.20 -38.07
C LYS E 340 87.63 35.08 -37.04
N GLU E 341 86.67 35.06 -36.12
CA GLU E 341 86.64 34.04 -35.08
C GLU E 341 86.08 32.72 -35.59
N PHE E 342 85.03 32.79 -36.41
CA PHE E 342 84.41 31.59 -36.96
C PHE E 342 84.27 31.65 -38.47
N SER E 343 84.75 30.61 -39.14
CA SER E 343 84.66 30.52 -40.60
C SER E 343 83.30 29.92 -40.91
N LEU E 344 83.15 29.38 -42.11
CA LEU E 344 81.88 28.78 -42.51
C LEU E 344 81.81 27.32 -42.09
N SER E 345 82.98 26.73 -41.83
CA SER E 345 83.05 25.33 -41.43
C SER E 345 82.65 25.16 -39.96
N VAL E 346 83.28 25.95 -39.09
CA VAL E 346 83.00 25.88 -37.67
C VAL E 346 81.54 26.23 -37.37
N TYR E 347 80.95 27.06 -38.22
CA TYR E 347 79.56 27.47 -38.04
C TYR E 347 78.61 26.30 -38.31
N GLN E 348 78.63 25.81 -39.54
CA GLN E 348 77.77 24.70 -39.93
C GLN E 348 78.04 23.45 -39.11
N LYS E 349 79.24 23.37 -38.53
CA LYS E 349 79.60 22.23 -37.71
C LYS E 349 78.76 22.22 -36.45
N MET E 350 78.30 23.41 -36.06
CA MET E 350 77.46 23.55 -34.87
C MET E 350 76.02 23.16 -35.20
N LYS E 351 75.54 23.61 -36.35
CA LYS E 351 74.19 23.29 -36.79
C LYS E 351 74.13 21.79 -37.04
N PHE E 352 75.29 21.21 -37.31
CA PHE E 352 75.40 19.77 -37.57
C PHE E 352 75.05 18.99 -36.31
N ASN E 353 75.70 19.34 -35.20
CA ASN E 353 75.45 18.67 -33.93
C ASN E 353 73.99 18.83 -33.53
N VAL E 354 73.36 19.88 -34.03
CA VAL E 354 71.94 20.13 -33.75
C VAL E 354 71.13 19.02 -34.40
N ALA E 355 71.48 18.70 -35.65
CA ALA E 355 70.80 17.66 -36.39
C ALA E 355 70.95 16.32 -35.67
N MET E 356 72.13 16.12 -35.08
CA MET E 356 72.42 14.89 -34.37
C MET E 356 71.58 14.80 -33.10
N GLY E 357 71.75 15.79 -32.23
CA GLY E 357 71.03 15.82 -30.97
C GLY E 357 72.04 15.94 -29.85
N ILE E 358 73.21 16.46 -30.20
CA ILE E 358 74.29 16.65 -29.24
C ILE E 358 74.65 18.13 -29.10
N GLY E 359 75.58 18.41 -28.21
CA GLY E 359 76.00 19.79 -27.98
C GLY E 359 76.42 20.54 -29.22
N VAL E 360 75.85 21.74 -29.39
CA VAL E 360 76.16 22.58 -30.54
C VAL E 360 77.65 22.85 -30.66
N LEU E 361 78.34 22.87 -29.52
CA LEU E 361 79.77 23.12 -29.50
C LEU E 361 80.58 21.85 -29.28
N ASP E 362 80.46 20.92 -30.22
CA ASP E 362 81.18 19.64 -30.15
C ASP E 362 81.87 19.34 -31.47
N LYS F 1 65.69 86.44 -14.10
CA LYS F 1 65.67 84.95 -14.09
C LYS F 1 64.24 84.45 -13.94
N GLN F 2 64.09 83.31 -13.27
CA GLN F 2 62.78 82.70 -13.03
C GLN F 2 62.15 82.19 -14.32
N VAL F 3 61.45 81.06 -14.23
CA VAL F 3 60.81 80.45 -15.38
C VAL F 3 59.43 81.05 -15.64
N SER F 4 59.11 81.24 -16.92
CA SER F 4 57.83 81.80 -17.32
C SER F 4 56.82 80.70 -17.61
N TRP F 5 55.64 80.83 -17.04
CA TRP F 5 54.58 79.84 -17.22
C TRP F 5 53.68 80.22 -18.40
N LYS F 6 53.51 81.52 -18.61
CA LYS F 6 52.69 82.02 -19.71
C LYS F 6 53.25 81.61 -21.07
N LEU F 7 54.57 81.49 -21.15
CA LEU F 7 55.21 81.10 -22.39
C LEU F 7 54.96 79.62 -22.69
N VAL F 8 55.11 78.79 -21.66
CA VAL F 8 54.89 77.36 -21.80
C VAL F 8 53.42 77.13 -22.16
N THR F 9 52.53 77.88 -21.51
CA THR F 9 51.11 77.78 -21.74
C THR F 9 50.80 78.24 -23.17
N GLU F 10 51.54 79.25 -23.63
CA GLU F 10 51.36 79.78 -24.97
C GLU F 10 51.69 78.69 -25.99
N TYR F 11 52.84 78.06 -25.83
CA TYR F 11 53.28 76.99 -26.73
C TYR F 11 52.25 75.87 -26.72
N ALA F 12 51.66 75.63 -25.55
CA ALA F 12 50.66 74.58 -25.39
C ALA F 12 49.42 74.91 -26.20
N MET F 13 48.97 76.16 -26.12
CA MET F 13 47.79 76.61 -26.85
C MET F 13 48.03 76.54 -28.35
N GLU F 14 49.29 76.65 -28.74
CA GLU F 14 49.67 76.61 -30.15
C GLU F 14 49.55 75.20 -30.72
N THR F 15 50.35 74.28 -30.18
CA THR F 15 50.34 72.90 -30.63
C THR F 15 49.09 72.16 -30.15
N LYS F 16 48.32 72.82 -29.29
CA LYS F 16 47.09 72.24 -28.74
C LYS F 16 47.38 70.90 -28.09
N CYS F 17 48.56 70.78 -27.49
CA CYS F 17 48.96 69.55 -26.82
C CYS F 17 48.16 69.33 -25.55
N ASP F 18 47.28 68.33 -25.56
CA ASP F 18 46.45 68.01 -24.41
C ASP F 18 47.07 66.88 -23.60
N ASP F 19 48.38 66.72 -23.73
CA ASP F 19 49.10 65.68 -23.01
C ASP F 19 50.10 66.33 -22.04
N VAL F 20 50.37 65.64 -20.94
CA VAL F 20 51.30 66.14 -19.93
C VAL F 20 52.75 65.81 -20.25
N LEU F 21 53.07 64.52 -20.27
CA LEU F 21 54.43 64.07 -20.55
C LEU F 21 54.88 64.45 -21.96
N LEU F 22 53.95 64.47 -22.90
CA LEU F 22 54.27 64.82 -24.28
C LEU F 22 54.66 66.29 -24.37
N LEU F 23 53.85 67.16 -23.77
CA LEU F 23 54.11 68.59 -23.77
C LEU F 23 55.42 68.89 -23.05
N LEU F 24 55.77 68.03 -22.10
CA LEU F 24 57.01 68.19 -21.33
C LEU F 24 58.23 67.91 -22.19
N GLY F 25 58.26 66.74 -22.82
CA GLY F 25 59.39 66.38 -23.66
C GLY F 25 59.61 67.34 -24.81
N MET F 26 58.54 67.72 -25.49
CA MET F 26 58.62 68.63 -26.62
C MET F 26 59.25 69.97 -26.24
N TYR F 27 58.91 70.47 -25.06
CA TYR F 27 59.42 71.75 -24.58
C TYR F 27 60.85 71.63 -24.07
N LEU F 28 61.24 70.41 -23.68
CA LEU F 28 62.58 70.17 -23.16
C LEU F 28 63.63 70.10 -24.26
N GLU F 29 63.21 70.31 -25.50
CA GLU F 29 64.13 70.27 -26.64
C GLU F 29 64.59 71.67 -27.02
N PHE F 30 64.07 72.67 -26.32
CA PHE F 30 64.42 74.07 -26.60
C PHE F 30 65.37 74.61 -25.54
N GLN F 31 65.96 73.72 -24.74
CA GLN F 31 66.89 74.12 -23.69
C GLN F 31 68.32 73.91 -24.14
N TYR F 32 68.51 73.82 -25.46
CA TYR F 32 69.84 73.60 -26.01
C TYR F 32 70.24 74.81 -26.87
N SER F 33 69.99 74.72 -28.17
CA SER F 33 70.32 75.80 -29.09
C SER F 33 69.79 75.54 -30.49
N PHE F 34 69.02 76.49 -31.01
CA PHE F 34 68.45 76.37 -32.35
C PHE F 34 69.52 76.76 -33.36
N GLU F 35 70.69 77.13 -32.83
CA GLU F 35 71.82 77.55 -33.65
C GLU F 35 72.29 76.43 -34.57
N MET F 36 72.31 75.20 -34.05
CA MET F 36 72.76 74.05 -34.83
C MET F 36 71.79 72.87 -34.77
N CYS F 37 70.58 73.11 -34.27
CA CYS F 37 69.59 72.05 -34.16
C CYS F 37 69.28 71.45 -35.53
N LEU F 38 69.52 70.15 -35.68
CA LEU F 38 69.26 69.46 -36.94
C LEU F 38 67.78 69.46 -37.28
N LYS F 39 66.94 69.26 -36.27
CA LYS F 39 65.49 69.22 -36.46
C LYS F 39 64.95 70.57 -36.92
N CYS F 40 65.69 71.64 -36.66
CA CYS F 40 65.27 72.97 -37.04
C CYS F 40 65.64 73.28 -38.49
N ILE F 41 66.76 72.73 -38.93
CA ILE F 41 67.24 72.95 -40.30
C ILE F 41 66.56 71.99 -41.28
N LYS F 42 66.40 70.74 -40.83
CA LYS F 42 65.79 69.70 -41.66
C LYS F 42 64.29 69.90 -41.84
N LYS F 43 63.70 70.77 -41.01
CA LYS F 43 62.26 71.02 -41.08
C LYS F 43 61.50 69.72 -40.95
N GLU F 44 61.62 69.08 -39.79
CA GLU F 44 60.95 67.81 -39.53
C GLU F 44 59.59 67.97 -38.87
N GLN F 45 59.55 68.69 -37.75
CA GLN F 45 58.31 68.90 -37.01
C GLN F 45 57.98 70.38 -36.86
N PRO F 46 56.86 70.82 -37.44
CA PRO F 46 56.41 72.21 -37.37
C PRO F 46 56.28 72.72 -35.94
N SER F 47 56.21 71.78 -34.99
CA SER F 47 56.08 72.12 -33.59
C SER F 47 57.46 72.27 -32.93
N HIS F 48 58.50 72.34 -33.76
CA HIS F 48 59.86 72.49 -33.24
C HIS F 48 60.56 73.73 -33.78
N TYR F 49 60.92 73.69 -35.07
CA TYR F 49 61.61 74.79 -35.71
C TYR F 49 60.78 76.07 -35.81
N LYS F 50 59.49 75.96 -35.52
CA LYS F 50 58.60 77.12 -35.57
C LYS F 50 58.39 77.77 -34.21
N TYR F 51 58.83 77.09 -33.15
CA TYR F 51 58.64 77.63 -31.80
C TYR F 51 59.89 77.63 -30.92
N HIS F 52 61.01 77.13 -31.44
CA HIS F 52 62.23 77.09 -30.64
C HIS F 52 62.74 78.49 -30.32
N GLU F 53 62.92 79.32 -31.35
CA GLU F 53 63.40 80.68 -31.16
C GLU F 53 62.41 81.47 -30.31
N LYS F 54 61.16 81.03 -30.30
CA LYS F 54 60.10 81.71 -29.55
C LYS F 54 60.12 81.36 -28.07
N HIS F 55 60.56 80.15 -27.74
CA HIS F 55 60.60 79.71 -26.35
C HIS F 55 62.00 79.27 -25.90
N TYR F 56 63.02 79.66 -26.65
CA TYR F 56 64.39 79.30 -26.30
C TYR F 56 64.84 79.96 -25.00
N ALA F 57 64.37 81.18 -24.77
CA ALA F 57 64.73 81.93 -23.57
C ALA F 57 64.22 81.27 -22.29
N ASN F 58 62.94 80.90 -22.29
CA ASN F 58 62.34 80.26 -21.12
C ASN F 58 62.78 78.82 -20.94
N ALA F 59 62.85 78.07 -22.05
CA ALA F 59 63.25 76.68 -22.01
C ALA F 59 64.65 76.53 -21.44
N ALA F 60 65.47 77.57 -21.62
CA ALA F 60 66.84 77.56 -21.12
C ALA F 60 66.84 77.46 -19.59
N ILE F 61 65.88 78.11 -18.97
CA ILE F 61 65.75 78.10 -17.51
C ILE F 61 64.83 76.96 -17.08
N PHE F 62 63.97 76.53 -18.00
CA PHE F 62 63.03 75.45 -17.74
C PHE F 62 63.77 74.18 -17.33
N ALA F 63 64.97 74.01 -17.86
CA ALA F 63 65.79 72.84 -17.57
C ALA F 63 66.17 72.78 -16.10
N ASP F 64 66.49 73.94 -15.52
CA ASP F 64 66.87 74.02 -14.11
C ASP F 64 65.67 74.26 -13.21
N SER F 65 64.50 73.82 -13.65
CA SER F 65 63.27 73.99 -12.88
C SER F 65 62.98 72.73 -12.05
N LYS F 66 62.49 72.94 -10.84
CA LYS F 66 62.17 71.84 -9.94
C LYS F 66 60.72 71.39 -10.13
N ASN F 67 60.02 72.04 -11.04
CA ASN F 67 58.62 71.72 -11.32
C ASN F 67 58.38 71.62 -12.82
N GLN F 68 59.21 70.84 -13.51
CA GLN F 68 59.10 70.67 -14.95
C GLN F 68 57.76 70.06 -15.35
N LYS F 69 57.25 69.14 -14.55
CA LYS F 69 55.98 68.49 -14.84
C LYS F 69 54.79 69.33 -14.37
N THR F 70 55.04 70.23 -13.42
CA THR F 70 53.98 71.09 -12.90
C THR F 70 53.67 72.22 -13.88
N ILE F 71 54.72 72.85 -14.40
CA ILE F 71 54.57 73.95 -15.34
C ILE F 71 53.81 73.48 -16.58
N CYS F 72 54.20 72.33 -17.11
CA CYS F 72 53.57 71.76 -18.29
C CYS F 72 52.18 71.24 -17.97
N GLN F 73 51.97 70.88 -16.71
CA GLN F 73 50.69 70.35 -16.25
C GLN F 73 49.60 71.41 -16.40
N GLN F 74 49.88 72.60 -15.89
CA GLN F 74 48.92 73.70 -15.96
C GLN F 74 48.60 74.04 -17.42
N ALA F 75 49.62 73.94 -18.27
CA ALA F 75 49.46 74.24 -19.69
C ALA F 75 48.42 73.29 -20.29
N VAL F 76 48.53 72.00 -19.94
CA VAL F 76 47.61 70.99 -20.44
C VAL F 76 46.18 71.36 -20.06
N ASP F 77 45.98 71.79 -18.81
CA ASP F 77 44.66 72.15 -18.34
C ASP F 77 44.13 73.34 -19.13
N THR F 78 45.03 74.23 -19.54
CA THR F 78 44.65 75.40 -20.32
C THR F 78 44.23 74.95 -21.71
N VAL F 79 44.86 73.89 -22.19
CA VAL F 79 44.56 73.34 -23.51
C VAL F 79 43.17 72.72 -23.50
N LEU F 80 42.94 71.84 -22.53
CA LEU F 80 41.65 71.18 -22.38
C LEU F 80 40.57 72.23 -22.11
N ALA F 81 40.97 73.30 -21.43
CA ALA F 81 40.05 74.38 -21.09
C ALA F 81 39.55 75.04 -22.37
N LYS F 82 40.44 75.23 -23.33
CA LYS F 82 40.08 75.85 -24.60
C LYS F 82 39.01 75.01 -25.29
N LYS F 83 39.26 73.72 -25.43
CA LYS F 83 38.32 72.81 -26.06
C LYS F 83 37.02 72.77 -25.24
N ARG F 84 37.17 72.86 -23.93
CA ARG F 84 36.04 72.86 -23.01
C ARG F 84 35.11 74.01 -23.31
N VAL F 85 35.68 75.11 -23.79
CA VAL F 85 34.91 76.31 -24.12
C VAL F 85 34.36 76.27 -25.54
N ASP F 86 35.20 75.91 -26.49
CA ASP F 86 34.80 75.84 -27.89
C ASP F 86 33.62 74.91 -28.12
N SER F 87 33.53 73.87 -27.28
CA SER F 87 32.44 72.90 -27.41
C SER F 87 31.09 73.48 -27.01
N LEU F 88 31.09 74.74 -26.58
CA LEU F 88 29.85 75.39 -26.16
C LEU F 88 29.55 76.67 -26.94
N GLN F 89 30.60 77.41 -27.30
CA GLN F 89 30.42 78.65 -28.04
C GLN F 89 30.31 78.48 -29.54
N LEU F 90 31.35 77.89 -30.15
CA LEU F 90 31.35 77.67 -31.59
C LEU F 90 30.31 76.62 -31.99
N THR F 91 29.55 76.92 -33.05
CA THR F 91 28.53 75.99 -33.53
C THR F 91 29.24 74.73 -34.02
N ARG F 92 28.50 73.64 -34.14
CA ARG F 92 29.09 72.38 -34.59
C ARG F 92 29.63 72.47 -36.01
N GLU F 93 29.22 73.50 -36.75
CA GLU F 93 29.70 73.68 -38.12
C GLU F 93 31.00 74.45 -38.11
N GLN F 94 31.13 75.38 -37.18
CA GLN F 94 32.34 76.18 -37.06
C GLN F 94 33.48 75.31 -36.54
N MET F 95 33.15 74.38 -35.65
CA MET F 95 34.16 73.49 -35.10
C MET F 95 34.81 72.70 -36.23
N LEU F 96 34.00 72.28 -37.20
CA LEU F 96 34.51 71.54 -38.34
C LEU F 96 35.33 72.47 -39.23
N THR F 97 34.86 73.71 -39.36
CA THR F 97 35.55 74.71 -40.17
C THR F 97 37.02 74.81 -39.77
N ASN F 98 37.26 74.84 -38.46
CA ASN F 98 38.62 74.93 -37.93
C ASN F 98 39.38 73.65 -38.24
N ARG F 99 38.69 72.51 -38.12
CA ARG F 99 39.32 71.22 -38.38
C ARG F 99 39.78 71.13 -39.83
N PHE F 100 38.87 71.45 -40.75
CA PHE F 100 39.18 71.40 -42.18
C PHE F 100 40.39 72.26 -42.51
N ASN F 101 40.56 73.37 -41.78
CA ASN F 101 41.70 74.25 -42.02
C ASN F 101 42.99 73.64 -41.48
N ASP F 102 42.90 73.01 -40.32
CA ASP F 102 44.08 72.39 -39.71
C ASP F 102 44.53 71.21 -40.56
N LEU F 103 43.59 70.55 -41.22
CA LEU F 103 43.90 69.42 -42.08
C LEU F 103 44.64 69.90 -43.32
N LEU F 104 44.31 71.11 -43.76
CA LEU F 104 44.94 71.71 -44.93
C LEU F 104 46.32 72.27 -44.57
N ASP F 105 46.49 72.66 -43.31
CA ASP F 105 47.76 73.19 -42.85
C ASP F 105 48.85 72.15 -43.01
N ARG F 106 48.52 70.91 -42.65
CA ARG F 106 49.47 69.81 -42.78
C ARG F 106 49.81 69.62 -44.25
N MET F 107 48.79 69.75 -45.09
CA MET F 107 48.94 69.59 -46.53
C MET F 107 49.86 70.65 -47.13
N ASP F 108 49.73 71.88 -46.68
CA ASP F 108 50.56 72.98 -47.17
C ASP F 108 52.03 72.75 -46.84
N ILE F 109 52.29 71.82 -45.94
CA ILE F 109 53.67 71.51 -45.54
C ILE F 109 54.16 70.24 -46.22
N MET F 110 53.36 69.19 -46.16
CA MET F 110 53.72 67.91 -46.77
C MET F 110 53.73 67.99 -48.28
N PHE F 111 52.83 68.79 -48.84
CA PHE F 111 52.75 68.98 -50.29
C PHE F 111 53.48 70.23 -50.71
N GLY F 112 54.45 70.66 -49.90
CA GLY F 112 55.21 71.84 -50.21
C GLY F 112 56.69 71.55 -50.47
N SER F 113 57.55 72.40 -49.95
CA SER F 113 59.00 72.23 -50.12
C SER F 113 59.59 71.43 -48.97
N THR F 114 59.06 71.65 -47.77
CA THR F 114 59.55 70.96 -46.58
C THR F 114 58.72 69.70 -46.31
N GLY F 115 58.11 69.17 -47.35
CA GLY F 115 57.29 67.97 -47.21
C GLY F 115 57.79 66.81 -48.04
N SER F 116 57.51 65.59 -47.58
CA SER F 116 57.94 64.40 -48.29
C SER F 116 56.72 63.59 -48.76
N ALA F 117 55.57 64.26 -48.83
CA ALA F 117 54.34 63.60 -49.26
C ALA F 117 54.12 63.79 -50.76
N ASP F 118 53.77 62.71 -51.44
CA ASP F 118 53.53 62.76 -52.88
C ASP F 118 52.03 62.90 -53.14
N ILE F 119 51.64 64.03 -53.73
CA ILE F 119 50.24 64.29 -54.03
C ILE F 119 49.62 63.24 -54.94
N GLU F 120 50.45 62.61 -55.77
CA GLU F 120 49.98 61.58 -56.69
C GLU F 120 49.36 60.39 -55.95
N GLU F 121 50.02 59.94 -54.90
CA GLU F 121 49.55 58.81 -54.11
C GLU F 121 48.25 59.13 -53.37
N TRP F 122 48.18 60.32 -52.78
CA TRP F 122 46.98 60.73 -52.05
C TRP F 122 45.79 60.91 -52.99
N MET F 123 46.06 61.27 -54.23
CA MET F 123 45.00 61.45 -55.21
C MET F 123 44.53 60.06 -55.64
N ALA F 124 45.44 59.10 -55.55
CA ALA F 124 45.14 57.72 -55.92
C ALA F 124 44.23 57.12 -54.85
N GLY F 125 44.45 57.53 -53.60
CA GLY F 125 43.64 57.04 -52.51
C GLY F 125 42.21 57.51 -52.67
N VAL F 126 42.05 58.73 -53.16
CA VAL F 126 40.73 59.30 -53.37
C VAL F 126 39.98 58.44 -54.38
N ALA F 127 40.74 57.76 -55.23
CA ALA F 127 40.16 56.89 -56.25
C ALA F 127 39.69 55.58 -55.62
N TRP F 128 40.57 54.97 -54.83
CA TRP F 128 40.25 53.71 -54.18
C TRP F 128 39.08 53.91 -53.21
N LEU F 129 39.11 55.02 -52.48
CA LEU F 129 38.06 55.34 -51.52
C LEU F 129 36.71 55.57 -52.19
N HIS F 130 36.74 56.10 -53.40
CA HIS F 130 35.51 56.37 -54.14
C HIS F 130 35.00 55.07 -54.76
N CYS F 131 35.88 54.08 -54.85
CA CYS F 131 35.53 52.79 -55.42
C CYS F 131 35.19 51.82 -54.29
N LEU F 132 35.00 52.37 -53.10
CA LEU F 132 34.66 51.58 -51.92
C LEU F 132 33.15 51.50 -51.73
N LEU F 133 32.47 52.61 -52.00
CA LEU F 133 31.02 52.67 -51.86
C LEU F 133 30.39 53.60 -52.90
N PRO F 134 29.16 53.29 -53.33
CA PRO F 134 28.43 54.10 -54.32
C PRO F 134 28.30 55.55 -53.88
N LYS F 135 28.84 56.47 -54.68
CA LYS F 135 28.78 57.89 -54.37
C LYS F 135 29.39 58.14 -52.99
N MET F 136 30.61 57.65 -52.79
CA MET F 136 31.30 57.81 -51.53
C MET F 136 31.38 59.27 -51.09
N ASP F 137 31.90 60.12 -51.97
CA ASP F 137 32.03 61.54 -51.68
C ASP F 137 30.68 62.15 -51.29
N SER F 138 29.62 61.71 -51.96
CA SER F 138 28.28 62.19 -51.69
C SER F 138 27.86 61.85 -50.27
N VAL F 139 28.16 60.62 -49.85
CA VAL F 139 27.81 60.16 -48.51
C VAL F 139 28.56 60.95 -47.44
N VAL F 140 29.82 61.28 -47.73
CA VAL F 140 30.65 62.03 -46.79
C VAL F 140 30.03 63.38 -46.45
N TYR F 141 29.51 64.08 -47.46
CA TYR F 141 28.88 65.38 -47.24
C TYR F 141 27.64 65.23 -46.36
N ASP F 142 26.91 64.15 -46.56
CA ASP F 142 25.70 63.89 -45.78
C ASP F 142 26.03 63.62 -44.33
N PHE F 143 27.07 62.80 -44.10
CA PHE F 143 27.49 62.48 -42.75
C PHE F 143 27.97 63.74 -42.03
N LEU F 144 28.78 64.53 -42.72
CA LEU F 144 29.30 65.77 -42.17
C LEU F 144 28.17 66.63 -41.61
N LYS F 145 27.21 66.96 -42.48
CA LYS F 145 26.08 67.78 -42.08
C LYS F 145 25.23 67.07 -41.04
N CYS F 146 25.13 65.75 -41.16
CA CYS F 146 24.34 64.96 -40.21
C CYS F 146 24.91 65.19 -38.82
N MET F 147 26.22 65.39 -38.75
CA MET F 147 26.92 65.63 -37.49
C MET F 147 26.69 67.08 -37.06
N VAL F 148 26.60 67.97 -38.03
CA VAL F 148 26.39 69.39 -37.76
C VAL F 148 24.96 69.65 -37.26
N TYR F 149 23.98 69.17 -38.01
CA TYR F 149 22.58 69.35 -37.65
C TYR F 149 22.31 68.85 -36.23
N ASN F 150 22.94 67.73 -35.88
CA ASN F 150 22.80 67.15 -34.55
C ASN F 150 21.32 66.94 -34.22
N ILE F 151 20.74 65.88 -34.76
CA ILE F 151 19.34 65.57 -34.53
C ILE F 151 19.17 64.38 -33.57
N PRO F 152 18.56 64.62 -32.41
CA PRO F 152 18.32 63.60 -31.38
C PRO F 152 17.75 62.30 -31.92
N LYS F 153 18.34 61.19 -31.50
CA LYS F 153 17.93 59.85 -31.93
C LYS F 153 18.02 59.73 -33.44
N LYS F 154 18.85 60.58 -34.03
CA LYS F 154 19.09 60.62 -35.46
C LYS F 154 20.50 61.16 -35.68
N ARG F 155 21.48 60.47 -35.11
CA ARG F 155 22.87 60.92 -35.22
C ARG F 155 23.84 59.84 -35.66
N TYR F 156 23.90 58.72 -34.93
CA TYR F 156 24.81 57.65 -35.27
C TYR F 156 24.52 56.94 -36.59
N TRP F 157 25.59 56.54 -37.28
CA TRP F 157 25.48 55.83 -38.54
C TRP F 157 25.97 54.40 -38.31
N LEU F 158 25.50 53.46 -39.12
CA LEU F 158 25.90 52.06 -38.98
C LEU F 158 26.80 51.56 -40.10
N PHE F 159 27.99 51.10 -39.72
CA PHE F 159 28.95 50.56 -40.67
C PHE F 159 28.99 49.04 -40.50
N LYS F 160 27.86 48.40 -40.80
CA LYS F 160 27.72 46.96 -40.67
C LYS F 160 28.16 46.23 -41.93
N GLY F 161 29.24 45.45 -41.81
CA GLY F 161 29.74 44.71 -42.95
C GLY F 161 30.68 43.59 -42.56
N PRO F 162 30.83 42.56 -43.42
CA PRO F 162 31.71 41.41 -43.15
C PRO F 162 33.15 41.83 -42.87
N ILE F 163 33.99 40.85 -42.53
CA ILE F 163 35.39 41.12 -42.25
C ILE F 163 36.13 41.54 -43.51
N ASP F 164 37.02 42.53 -43.37
CA ASP F 164 37.78 43.04 -44.49
C ASP F 164 36.87 43.51 -45.61
N SER F 165 36.52 44.80 -45.58
CA SER F 165 35.64 45.38 -46.59
C SER F 165 35.91 46.87 -46.77
N GLY F 166 36.27 47.53 -45.68
CA GLY F 166 36.56 48.95 -45.74
C GLY F 166 35.95 49.74 -44.59
N LYS F 167 35.28 49.03 -43.68
CA LYS F 167 34.65 49.66 -42.52
C LYS F 167 35.69 50.38 -41.67
N THR F 168 36.60 49.61 -41.09
CA THR F 168 37.65 50.15 -40.23
C THR F 168 38.53 51.14 -41.00
N THR F 169 38.45 51.09 -42.33
CA THR F 169 39.25 51.98 -43.16
C THR F 169 38.57 53.34 -43.32
N LEU F 170 37.25 53.34 -43.39
CA LEU F 170 36.49 54.58 -43.55
C LEU F 170 36.13 55.17 -42.19
N ALA F 171 35.64 54.33 -41.29
CA ALA F 171 35.25 54.77 -39.95
C ALA F 171 36.44 55.43 -39.25
N ALA F 172 37.64 55.13 -39.72
CA ALA F 172 38.85 55.69 -39.13
C ALA F 172 39.18 57.04 -39.77
N ALA F 173 39.18 57.08 -41.09
CA ALA F 173 39.46 58.31 -41.82
C ALA F 173 38.47 59.41 -41.45
N LEU F 174 37.20 59.04 -41.35
CA LEU F 174 36.15 60.00 -41.00
C LEU F 174 36.41 60.61 -39.63
N LEU F 175 36.96 59.80 -38.72
CA LEU F 175 37.27 60.25 -37.37
C LEU F 175 38.24 61.43 -37.40
N GLU F 176 39.22 61.36 -38.30
CA GLU F 176 40.22 62.41 -38.42
C GLU F 176 39.72 63.56 -39.29
N LEU F 177 38.83 63.25 -40.22
CA LEU F 177 38.27 64.26 -41.11
C LEU F 177 37.43 65.26 -40.34
N CYS F 178 36.68 64.77 -39.35
CA CYS F 178 35.82 65.62 -38.55
C CYS F 178 36.49 65.96 -37.21
N GLY F 179 37.00 64.93 -36.54
CA GLY F 179 37.65 65.14 -35.26
C GLY F 179 36.96 64.39 -34.14
N GLY F 180 37.74 63.88 -33.19
CA GLY F 180 37.17 63.14 -32.09
C GLY F 180 38.00 61.94 -31.69
N LYS F 181 37.37 60.97 -31.03
CA LYS F 181 38.05 59.77 -30.59
C LYS F 181 37.24 58.52 -30.89
N ALA F 182 37.90 57.37 -30.87
CA ALA F 182 37.24 56.09 -31.15
C ALA F 182 37.24 55.26 -29.88
N LEU F 183 36.05 54.88 -29.42
CA LEU F 183 35.92 54.07 -28.21
C LEU F 183 35.62 52.62 -28.51
N ASN F 184 35.47 51.83 -27.45
CA ASN F 184 35.16 50.41 -27.57
C ASN F 184 34.21 50.00 -26.44
N VAL F 185 33.32 49.07 -26.73
CA VAL F 185 32.35 48.62 -25.73
C VAL F 185 32.37 47.10 -25.54
N ASN F 186 33.36 46.44 -26.10
CA ASN F 186 33.48 44.99 -25.96
C ASN F 186 33.85 44.62 -24.53
N LEU F 187 34.46 45.57 -23.83
CA LEU F 187 34.85 45.35 -22.43
C LEU F 187 33.64 45.50 -21.53
N PRO F 188 33.67 44.85 -20.35
CA PRO F 188 32.56 44.92 -19.40
C PRO F 188 32.07 46.35 -19.15
N LEU F 189 30.84 46.47 -18.69
CA LEU F 189 30.25 47.78 -18.41
C LEU F 189 30.89 48.37 -17.16
N ASP F 190 32.01 47.78 -16.73
CA ASP F 190 32.72 48.26 -15.55
C ASP F 190 33.66 49.39 -15.94
N ARG F 191 34.58 49.11 -16.85
CA ARG F 191 35.54 50.11 -17.31
C ARG F 191 34.91 50.96 -18.40
N LEU F 192 33.64 50.69 -18.70
CA LEU F 192 32.91 51.43 -19.72
C LEU F 192 32.87 52.91 -19.36
N ASN F 193 32.74 53.19 -18.07
CA ASN F 193 32.69 54.57 -17.59
C ASN F 193 34.03 55.26 -17.75
N PHE F 194 35.10 54.49 -17.61
CA PHE F 194 36.46 55.03 -17.75
C PHE F 194 36.85 55.21 -19.21
N GLU F 195 36.02 54.69 -20.11
CA GLU F 195 36.30 54.81 -21.54
C GLU F 195 35.32 55.76 -22.21
N LEU F 196 34.08 55.79 -21.73
CA LEU F 196 33.07 56.66 -22.29
C LEU F 196 33.36 58.10 -21.90
N GLY F 197 34.27 58.29 -20.96
CA GLY F 197 34.62 59.62 -20.51
C GLY F 197 35.60 60.29 -21.45
N VAL F 198 35.83 59.69 -22.61
CA VAL F 198 36.75 60.23 -23.60
C VAL F 198 36.00 61.12 -24.59
N ALA F 199 34.70 60.85 -24.73
CA ALA F 199 33.87 61.61 -25.66
C ALA F 199 33.56 63.01 -25.13
N ILE F 200 34.22 63.39 -24.04
CA ILE F 200 34.02 64.70 -23.44
C ILE F 200 34.52 65.82 -24.35
N ASP F 201 33.65 66.80 -24.60
CA ASP F 201 33.99 67.93 -25.45
C ASP F 201 34.43 67.51 -26.84
N GLN F 202 34.14 66.27 -27.21
CA GLN F 202 34.50 65.76 -28.52
C GLN F 202 33.45 66.14 -29.56
N PHE F 203 33.60 65.62 -30.77
CA PHE F 203 32.66 65.91 -31.85
C PHE F 203 31.86 64.66 -32.20
N LEU F 204 32.56 63.53 -32.34
CA LEU F 204 31.91 62.27 -32.66
C LEU F 204 32.68 61.09 -32.08
N VAL F 205 32.00 59.95 -31.95
CA VAL F 205 32.61 58.75 -31.39
C VAL F 205 32.62 57.62 -32.42
N VAL F 206 33.56 56.71 -32.28
CA VAL F 206 33.68 55.59 -33.21
C VAL F 206 33.75 54.25 -32.48
N PHE F 207 32.65 53.51 -32.51
CA PHE F 207 32.59 52.20 -31.85
C PHE F 207 33.07 51.12 -32.83
N GLU F 208 34.26 50.60 -32.57
CA GLU F 208 34.84 49.57 -33.43
C GLU F 208 34.42 48.14 -33.09
N ASP F 209 33.85 47.47 -34.08
CA ASP F 209 33.39 46.09 -33.97
C ASP F 209 32.70 45.76 -32.65
N VAL F 210 31.38 45.86 -32.64
CA VAL F 210 30.59 45.55 -31.45
C VAL F 210 30.11 44.10 -31.53
N LYS F 211 30.39 43.34 -30.48
CA LYS F 211 30.00 41.93 -30.44
C LYS F 211 28.63 41.72 -29.81
N GLY F 212 27.81 40.92 -30.47
CA GLY F 212 26.47 40.63 -29.98
C GLY F 212 26.19 39.15 -29.99
N THR F 213 25.13 38.74 -29.29
CA THR F 213 24.76 37.33 -29.23
C THR F 213 24.33 36.80 -30.59
N GLY F 214 23.90 37.71 -31.47
CA GLY F 214 23.46 37.30 -32.78
C GLY F 214 24.60 36.77 -33.65
N GLY F 215 24.25 36.11 -34.74
CA GLY F 215 25.26 35.56 -35.62
C GLY F 215 26.08 34.46 -35.00
N GLU F 216 25.41 33.54 -34.29
CA GLU F 216 26.09 32.43 -33.65
C GLU F 216 26.40 31.31 -34.65
N SER F 217 25.71 31.34 -35.79
CA SER F 217 25.90 30.34 -36.83
C SER F 217 26.89 30.81 -37.88
N ARG F 218 27.16 32.11 -37.91
CA ARG F 218 28.08 32.67 -38.89
C ARG F 218 29.50 32.78 -38.33
N ASP F 219 29.81 31.94 -37.35
CA ASP F 219 31.13 31.93 -36.73
C ASP F 219 31.51 33.31 -36.20
N LEU F 220 30.51 34.04 -35.72
CA LEU F 220 30.74 35.38 -35.19
C LEU F 220 30.67 35.38 -33.66
N PRO F 221 31.84 35.49 -33.00
CA PRO F 221 31.94 35.50 -31.54
C PRO F 221 31.03 36.54 -30.89
N SER F 222 30.28 36.11 -29.87
CA SER F 222 29.37 37.01 -29.16
C SER F 222 30.10 37.76 -28.06
N GLY F 223 29.56 38.91 -27.68
CA GLY F 223 30.18 39.71 -26.64
C GLY F 223 29.18 40.58 -25.91
N GLN F 224 29.57 41.83 -25.65
CA GLN F 224 28.69 42.77 -24.95
C GLN F 224 28.53 44.06 -25.75
N GLY F 225 29.10 44.08 -26.95
CA GLY F 225 29.01 45.26 -27.79
C GLY F 225 27.59 45.71 -28.04
N ILE F 226 26.81 44.87 -28.72
CA ILE F 226 25.42 45.20 -29.03
C ILE F 226 24.63 45.49 -27.75
N ASN F 227 24.85 44.69 -26.72
CA ASN F 227 24.16 44.87 -25.45
C ASN F 227 24.45 46.24 -24.82
N ASN F 228 25.74 46.57 -24.72
CA ASN F 228 26.14 47.85 -24.14
C ASN F 228 25.51 49.03 -24.88
N LEU F 229 25.37 48.90 -26.20
CA LEU F 229 24.79 49.96 -27.01
C LEU F 229 23.36 50.24 -26.57
N ASP F 230 22.62 49.18 -26.25
CA ASP F 230 21.25 49.32 -25.81
C ASP F 230 21.21 49.83 -24.36
N ASN F 231 22.26 49.54 -23.61
CA ASN F 231 22.36 49.98 -22.23
C ASN F 231 22.78 51.45 -22.20
N LEU F 232 22.77 52.08 -23.37
CA LEU F 232 23.15 53.49 -23.50
C LEU F 232 22.20 54.18 -24.47
N ARG F 233 20.89 54.04 -24.20
CA ARG F 233 19.87 54.65 -25.05
C ARG F 233 19.98 56.17 -25.09
N ASP F 234 19.96 56.80 -23.92
CA ASP F 234 20.06 58.25 -23.84
C ASP F 234 21.37 58.72 -24.48
N TYR F 235 22.43 57.93 -24.28
CA TYR F 235 23.74 58.25 -24.84
C TYR F 235 23.66 58.33 -26.37
N LEU F 236 22.83 57.48 -26.95
CA LEU F 236 22.67 57.44 -28.40
C LEU F 236 21.72 58.53 -28.91
N ASP F 237 20.74 58.89 -28.09
CA ASP F 237 19.78 59.92 -28.47
C ASP F 237 20.40 61.30 -28.37
N GLY F 238 20.86 61.65 -27.17
CA GLY F 238 21.49 62.95 -26.97
C GLY F 238 20.50 64.05 -26.61
N SER F 239 19.32 63.68 -26.15
CA SER F 239 18.30 64.65 -25.78
C SER F 239 18.47 65.05 -24.31
N VAL F 240 19.39 64.38 -23.62
CA VAL F 240 19.66 64.65 -22.22
C VAL F 240 21.16 64.74 -21.97
N LYS F 241 21.55 65.47 -20.94
CA LYS F 241 22.96 65.64 -20.61
C LYS F 241 23.47 64.46 -19.79
N VAL F 242 24.09 63.50 -20.46
CA VAL F 242 24.62 62.31 -19.79
C VAL F 242 25.76 62.68 -18.86
N ASN F 243 26.15 61.74 -18.00
CA ASN F 243 27.23 61.96 -17.05
C ASN F 243 28.53 61.33 -17.54
N LEU F 244 29.62 62.06 -17.37
CA LEU F 244 30.94 61.59 -17.78
C LEU F 244 31.96 61.83 -16.68
N GLU F 245 32.99 61.00 -16.63
CA GLU F 245 34.03 61.13 -15.62
C GLU F 245 35.43 61.10 -16.23
N LYS F 246 36.25 62.06 -15.84
CA LYS F 246 37.63 62.15 -16.33
C LYS F 246 38.57 62.23 -15.14
N LYS F 247 39.34 61.16 -14.93
CA LYS F 247 40.29 61.11 -13.83
C LYS F 247 39.60 61.36 -12.48
N HIS F 248 39.03 60.30 -11.92
CA HIS F 248 38.35 60.38 -10.62
C HIS F 248 37.25 61.44 -10.57
N LEU F 249 37.62 62.65 -10.16
CA LEU F 249 36.67 63.75 -10.04
C LEU F 249 36.01 64.09 -11.38
N ASN F 250 34.68 64.12 -11.38
CA ASN F 250 33.90 64.42 -12.57
C ASN F 250 34.39 65.68 -13.27
N LYS F 251 34.46 65.62 -14.60
CA LYS F 251 34.93 66.75 -15.39
C LYS F 251 33.87 67.29 -16.35
N ARG F 252 32.79 66.55 -16.56
CA ARG F 252 31.77 67.01 -17.48
C ARG F 252 30.42 66.30 -17.38
N THR F 253 29.37 67.02 -17.75
CA THR F 253 28.00 66.52 -17.75
C THR F 253 27.31 67.20 -18.91
N GLN F 254 27.68 66.80 -20.12
CA GLN F 254 27.13 67.38 -21.34
C GLN F 254 26.33 66.37 -22.17
N ILE F 255 26.06 66.74 -23.41
CA ILE F 255 25.33 65.88 -24.35
C ILE F 255 26.35 64.97 -25.03
N PHE F 256 26.11 63.67 -24.97
CA PHE F 256 27.01 62.71 -25.59
C PHE F 256 27.07 62.93 -27.10
N PRO F 257 28.26 63.25 -27.63
CA PRO F 257 28.47 63.50 -29.05
C PRO F 257 28.02 62.33 -29.94
N PRO F 258 27.58 62.63 -31.17
CA PRO F 258 27.12 61.60 -32.11
C PRO F 258 28.31 60.76 -32.57
N GLY F 259 28.16 60.02 -33.66
CA GLY F 259 29.25 59.22 -34.15
C GLY F 259 28.89 58.07 -35.08
N ILE F 260 29.77 57.07 -35.12
CA ILE F 260 29.57 55.90 -35.98
C ILE F 260 29.79 54.61 -35.21
N VAL F 261 28.94 53.62 -35.45
CA VAL F 261 29.05 52.33 -34.80
C VAL F 261 29.28 51.26 -35.86
N THR F 262 30.39 50.52 -35.75
CA THR F 262 30.73 49.49 -36.70
C THR F 262 30.52 48.08 -36.14
N MET F 263 30.24 47.13 -37.03
CA MET F 263 30.03 45.74 -36.64
C MET F 263 30.18 44.79 -37.83
N ASN F 264 30.22 43.50 -37.55
CA ASN F 264 30.38 42.48 -38.60
C ASN F 264 29.18 41.56 -38.75
N GLU F 265 28.11 42.09 -39.34
CA GLU F 265 26.88 41.32 -39.58
C GLU F 265 26.22 40.71 -38.36
N TYR F 266 26.34 41.37 -37.20
CA TYR F 266 25.71 40.84 -35.99
C TYR F 266 24.24 41.21 -35.96
N SER F 267 23.48 40.56 -35.09
CA SER F 267 22.06 40.84 -34.96
C SER F 267 21.87 42.18 -34.25
N VAL F 268 20.90 42.96 -34.70
CA VAL F 268 20.66 44.27 -34.10
C VAL F 268 19.20 44.45 -33.66
N PRO F 269 18.97 44.69 -32.36
CA PRO F 269 17.63 44.89 -31.81
C PRO F 269 16.93 46.07 -32.48
N LYS F 270 15.61 46.00 -32.59
CA LYS F 270 14.86 47.08 -33.22
C LYS F 270 14.95 48.36 -32.40
N THR F 271 15.02 48.22 -31.08
CA THR F 271 15.11 49.36 -30.18
C THR F 271 16.48 50.03 -30.31
N LEU F 272 17.41 49.33 -30.93
CA LEU F 272 18.77 49.84 -31.13
C LEU F 272 18.88 50.47 -32.51
N GLN F 273 18.35 49.77 -33.50
CA GLN F 273 18.39 50.24 -34.89
C GLN F 273 17.64 51.56 -35.01
N ALA F 274 16.66 51.77 -34.12
CA ALA F 274 15.86 52.99 -34.12
C ALA F 274 16.66 54.17 -33.58
N ARG F 275 17.90 53.92 -33.20
CA ARG F 275 18.76 54.97 -32.66
C ARG F 275 19.77 55.40 -33.72
N PHE F 276 19.74 54.72 -34.86
CA PHE F 276 20.64 55.03 -35.96
C PHE F 276 19.99 55.94 -37.00
N VAL F 277 20.71 56.18 -38.09
CA VAL F 277 20.21 57.03 -39.16
C VAL F 277 20.24 56.28 -40.49
N LYS F 278 21.42 55.81 -40.86
CA LYS F 278 21.62 55.09 -42.11
C LYS F 278 22.49 53.87 -41.89
N GLN F 279 22.19 52.80 -42.62
CA GLN F 279 22.96 51.56 -42.51
C GLN F 279 23.74 51.30 -43.80
N ILE F 280 25.06 51.37 -43.70
CA ILE F 280 25.92 51.14 -44.85
C ILE F 280 26.55 49.75 -44.82
N ASP F 281 26.03 48.85 -45.66
CA ASP F 281 26.53 47.49 -45.72
C ASP F 281 27.77 47.42 -46.61
N PHE F 282 28.94 47.35 -46.00
CA PHE F 282 30.20 47.27 -46.75
C PHE F 282 30.35 45.92 -47.43
N ARG F 283 30.68 45.95 -48.72
CA ARG F 283 30.86 44.74 -49.51
C ARG F 283 32.32 44.40 -49.76
N PRO F 284 32.75 43.19 -49.35
CA PRO F 284 34.14 42.77 -49.54
C PRO F 284 34.42 42.59 -51.04
N LYS F 285 34.86 43.66 -51.68
CA LYS F 285 35.15 43.64 -53.11
C LYS F 285 36.56 43.12 -53.40
N ASP F 286 36.68 42.31 -54.45
CA ASP F 286 37.94 41.72 -54.85
C ASP F 286 38.87 42.72 -55.54
N TYR F 287 38.33 43.46 -56.51
CA TYR F 287 39.12 44.44 -57.24
C TYR F 287 39.80 45.45 -56.32
N LEU F 288 39.24 45.63 -55.12
CA LEU F 288 39.82 46.55 -54.15
C LEU F 288 41.02 45.89 -53.51
N LYS F 289 40.90 44.59 -53.27
CA LYS F 289 41.97 43.80 -52.68
C LYS F 289 43.17 43.76 -53.61
N HIS F 290 42.94 43.34 -54.85
CA HIS F 290 44.00 43.26 -55.84
C HIS F 290 44.59 44.63 -56.12
N CYS F 291 43.80 45.67 -55.87
CA CYS F 291 44.23 47.05 -56.09
C CYS F 291 45.36 47.42 -55.13
N LEU F 292 45.16 47.14 -53.85
CA LEU F 292 46.16 47.44 -52.84
C LEU F 292 47.38 46.52 -52.96
N GLU F 293 47.21 45.42 -53.69
CA GLU F 293 48.29 44.48 -53.90
C GLU F 293 49.37 45.07 -54.79
N ARG F 294 49.04 46.19 -55.42
CA ARG F 294 49.98 46.89 -56.29
C ARG F 294 50.02 48.37 -55.96
N SER F 295 49.56 48.70 -54.75
CA SER F 295 49.54 50.08 -54.28
C SER F 295 49.86 50.10 -52.79
N GLU F 296 51.04 49.62 -52.44
CA GLU F 296 51.47 49.56 -51.04
C GLU F 296 51.55 50.94 -50.39
N PHE F 297 51.79 51.98 -51.19
CA PHE F 297 51.91 53.34 -50.68
C PHE F 297 50.66 53.82 -49.95
N LEU F 298 49.52 53.21 -50.24
CA LEU F 298 48.26 53.58 -49.59
C LEU F 298 48.19 53.01 -48.18
N LEU F 299 48.66 51.77 -48.01
CA LEU F 299 48.65 51.12 -46.71
C LEU F 299 49.85 51.53 -45.87
N GLU F 300 50.98 51.77 -46.54
CA GLU F 300 52.20 52.17 -45.86
C GLU F 300 52.11 53.59 -45.30
N LYS F 301 51.96 54.56 -46.20
CA LYS F 301 51.88 55.97 -45.81
C LYS F 301 50.53 56.33 -45.19
N ARG F 302 49.69 55.31 -44.97
CA ARG F 302 48.37 55.54 -44.38
C ARG F 302 47.61 56.61 -45.15
N ILE F 303 47.03 56.24 -46.29
CA ILE F 303 46.28 57.18 -47.11
C ILE F 303 44.80 56.81 -47.19
N ILE F 304 44.51 55.55 -47.46
CA ILE F 304 43.13 55.08 -47.57
C ILE F 304 42.36 55.23 -46.26
N GLN F 305 43.09 55.42 -45.16
CA GLN F 305 42.47 55.57 -43.86
C GLN F 305 42.88 56.88 -43.20
N SER F 306 43.22 57.87 -44.02
CA SER F 306 43.65 59.17 -43.52
C SER F 306 42.54 60.21 -43.73
N GLY F 307 42.40 61.11 -42.76
CA GLY F 307 41.39 62.14 -42.86
C GLY F 307 41.74 63.13 -43.94
N ILE F 308 43.04 63.30 -44.19
CA ILE F 308 43.52 64.21 -45.22
C ILE F 308 43.10 63.71 -46.59
N ALA F 309 42.96 62.39 -46.71
CA ALA F 309 42.56 61.77 -47.96
C ALA F 309 41.13 62.16 -48.30
N LEU F 310 40.23 62.03 -47.33
CA LEU F 310 38.83 62.38 -47.52
C LEU F 310 38.68 63.87 -47.83
N LEU F 311 39.58 64.67 -47.27
CA LEU F 311 39.55 66.12 -47.48
C LEU F 311 39.76 66.41 -48.97
N LEU F 312 40.73 65.71 -49.57
CA LEU F 312 41.04 65.87 -50.97
C LEU F 312 39.84 65.45 -51.82
N MET F 313 39.09 64.48 -51.30
CA MET F 313 37.92 63.97 -52.00
C MET F 313 36.75 64.94 -51.89
N LEU F 314 36.74 65.74 -50.82
CA LEU F 314 35.69 66.72 -50.59
C LEU F 314 35.95 67.98 -51.41
N ILE F 315 37.22 68.27 -51.66
CA ILE F 315 37.60 69.45 -52.43
C ILE F 315 37.56 69.17 -53.93
N TRP F 316 37.67 67.89 -54.29
CA TRP F 316 37.66 67.49 -55.69
C TRP F 316 36.25 67.43 -56.27
N TYR F 317 35.33 66.80 -55.54
CA TYR F 317 33.95 66.68 -56.01
C TYR F 317 33.04 67.81 -55.56
N ARG F 318 32.82 67.91 -54.25
CA ARG F 318 31.93 68.93 -53.70
C ARG F 318 32.32 70.37 -54.02
N PRO F 319 31.32 71.17 -54.47
CA PRO F 319 31.50 72.58 -54.83
C PRO F 319 31.97 73.41 -53.64
N VAL F 320 32.27 74.68 -53.89
CA VAL F 320 32.74 75.58 -52.86
C VAL F 320 31.57 76.16 -52.07
N ALA F 321 30.40 76.19 -52.71
CA ALA F 321 29.19 76.73 -52.09
C ALA F 321 28.67 75.88 -50.94
N GLU F 322 29.36 74.80 -50.61
CA GLU F 322 28.94 73.93 -49.53
C GLU F 322 29.79 74.08 -48.27
N PHE F 323 31.00 74.58 -48.43
CA PHE F 323 31.89 74.78 -47.29
C PHE F 323 31.54 76.09 -46.57
N ALA F 324 32.20 76.34 -45.45
CA ALA F 324 31.96 77.56 -44.69
C ALA F 324 32.40 78.75 -45.53
N GLN F 325 31.73 79.88 -45.35
CA GLN F 325 32.05 81.08 -46.12
C GLN F 325 33.42 81.64 -45.74
N SER F 326 33.94 81.21 -44.60
CA SER F 326 35.24 81.67 -44.13
C SER F 326 36.36 80.74 -44.61
N ILE F 327 35.98 79.66 -45.29
CA ILE F 327 36.96 78.71 -45.80
C ILE F 327 36.81 78.52 -47.31
N GLN F 328 35.73 79.05 -47.87
CA GLN F 328 35.49 78.95 -49.30
C GLN F 328 36.65 79.50 -50.13
N SER F 329 37.36 80.47 -49.56
CA SER F 329 38.50 81.08 -50.25
C SER F 329 39.69 80.14 -50.29
N ARG F 330 39.75 79.22 -49.34
CA ARG F 330 40.85 78.26 -49.26
C ARG F 330 40.54 77.01 -50.07
N ILE F 331 39.25 76.69 -50.20
CA ILE F 331 38.82 75.52 -50.96
C ILE F 331 39.17 75.70 -52.44
N VAL F 332 38.91 76.91 -52.95
CA VAL F 332 39.20 77.21 -54.34
C VAL F 332 40.69 77.14 -54.61
N GLU F 333 41.49 77.45 -53.58
CA GLU F 333 42.94 77.41 -53.71
C GLU F 333 43.43 76.04 -54.15
N TRP F 334 42.98 74.99 -53.49
CA TRP F 334 43.40 73.63 -53.85
C TRP F 334 42.66 73.11 -55.08
N LYS F 335 41.52 73.73 -55.40
CA LYS F 335 40.78 73.31 -56.58
C LYS F 335 41.56 73.72 -57.82
N GLU F 336 42.56 74.57 -57.60
CA GLU F 336 43.41 75.05 -58.69
C GLU F 336 44.70 74.21 -58.72
N ARG F 337 45.18 73.85 -57.54
CA ARG F 337 46.39 73.05 -57.41
C ARG F 337 46.17 71.63 -57.90
N LEU F 338 45.07 71.02 -57.47
CA LEU F 338 44.73 69.66 -57.87
C LEU F 338 44.45 69.55 -59.36
N ASP F 339 43.69 70.50 -59.90
CA ASP F 339 43.36 70.50 -61.32
C ASP F 339 44.60 70.82 -62.16
N LYS F 340 45.59 71.42 -61.53
CA LYS F 340 46.83 71.78 -62.22
C LYS F 340 47.73 70.56 -62.35
N GLU F 341 47.83 69.78 -61.28
CA GLU F 341 48.67 68.58 -61.27
C GLU F 341 47.96 67.42 -61.96
N PHE F 342 46.67 67.27 -61.73
CA PHE F 342 45.91 66.18 -62.33
C PHE F 342 44.64 66.67 -63.03
N SER F 343 44.49 66.27 -64.28
CA SER F 343 43.31 66.65 -65.06
C SER F 343 42.23 65.63 -64.74
N LEU F 344 41.23 65.51 -65.61
CA LEU F 344 40.14 64.56 -65.38
C LEU F 344 40.48 63.20 -65.95
N SER F 345 41.46 63.17 -66.88
CA SER F 345 41.88 61.92 -67.50
C SER F 345 42.76 61.11 -66.57
N VAL F 346 43.79 61.75 -66.02
CA VAL F 346 44.72 61.08 -65.11
C VAL F 346 44.01 60.59 -63.86
N TYR F 347 42.94 61.28 -63.47
CA TYR F 347 42.18 60.90 -62.29
C TYR F 347 41.41 59.60 -62.52
N GLN F 348 40.49 59.62 -63.48
CA GLN F 348 39.69 58.43 -63.79
C GLN F 348 40.57 57.27 -64.23
N LYS F 349 41.77 57.57 -64.71
CA LYS F 349 42.69 56.52 -65.14
C LYS F 349 43.12 55.71 -63.93
N MET F 350 43.08 56.33 -62.77
CA MET F 350 43.46 55.66 -61.53
C MET F 350 42.31 54.77 -61.04
N LYS F 351 41.10 55.31 -61.11
CA LYS F 351 39.92 54.56 -60.69
C LYS F 351 39.74 53.39 -61.65
N PHE F 352 40.31 53.54 -62.84
CA PHE F 352 40.24 52.52 -63.87
C PHE F 352 41.02 51.28 -63.43
N ASN F 353 42.27 51.50 -63.02
CA ASN F 353 43.12 50.41 -62.58
C ASN F 353 42.49 49.72 -61.37
N VAL F 354 41.66 50.45 -60.64
CA VAL F 354 40.98 49.91 -59.48
C VAL F 354 40.00 48.85 -59.96
N ALA F 355 39.28 49.16 -61.03
CA ALA F 355 38.31 48.24 -61.62
C ALA F 355 39.02 46.99 -62.10
N MET F 356 40.24 47.16 -62.61
CA MET F 356 41.04 46.05 -63.10
C MET F 356 41.48 45.15 -61.96
N GLY F 357 42.21 45.75 -61.02
CA GLY F 357 42.72 45.02 -59.89
C GLY F 357 44.22 45.21 -59.83
N ILE F 358 44.68 46.30 -60.44
CA ILE F 358 46.09 46.64 -60.49
C ILE F 358 46.36 47.97 -59.79
N GLY F 359 47.64 48.34 -59.71
CA GLY F 359 48.02 49.58 -59.06
C GLY F 359 47.29 50.82 -59.55
N VAL F 360 46.73 51.58 -58.61
CA VAL F 360 46.01 52.80 -58.94
C VAL F 360 46.86 53.75 -59.77
N LEU F 361 48.17 53.71 -59.57
CA LEU F 361 49.09 54.58 -60.29
C LEU F 361 49.82 53.84 -61.40
N ASP F 362 49.08 53.33 -62.37
CA ASP F 362 49.64 52.60 -63.50
C ASP F 362 49.08 53.12 -64.82
N LYS G 1 -10.55 -48.40 -30.45
CA LYS G 1 -11.46 -49.37 -29.77
C LYS G 1 -12.32 -48.70 -28.69
N GLN G 2 -13.61 -49.03 -28.67
CA GLN G 2 -14.53 -48.46 -27.69
C GLN G 2 -15.88 -49.18 -27.77
N VAL G 3 -16.52 -49.35 -26.62
CA VAL G 3 -17.81 -50.02 -26.55
C VAL G 3 -18.96 -49.06 -26.82
N SER G 4 -19.96 -49.56 -27.56
CA SER G 4 -21.13 -48.75 -27.91
C SER G 4 -22.24 -48.97 -26.90
N TRP G 5 -22.81 -47.88 -26.39
CA TRP G 5 -23.89 -47.94 -25.41
C TRP G 5 -25.25 -47.95 -26.11
N LYS G 6 -25.33 -47.25 -27.24
CA LYS G 6 -26.57 -47.16 -28.00
C LYS G 6 -27.00 -48.52 -28.51
N LEU G 7 -26.05 -49.39 -28.79
CA LEU G 7 -26.34 -50.73 -29.28
C LEU G 7 -26.92 -51.58 -28.16
N VAL G 8 -26.30 -51.51 -26.99
CA VAL G 8 -26.77 -52.27 -25.84
C VAL G 8 -28.16 -51.79 -25.45
N THR G 9 -28.35 -50.47 -25.51
CA THR G 9 -29.64 -49.86 -25.19
C THR G 9 -30.67 -50.31 -26.22
N GLU G 10 -30.23 -50.44 -27.47
CA GLU G 10 -31.11 -50.85 -28.55
C GLU G 10 -31.62 -52.26 -28.27
N TYR G 11 -30.70 -53.17 -27.97
CA TYR G 11 -31.06 -54.55 -27.67
C TYR G 11 -32.01 -54.60 -26.48
N ALA G 12 -31.80 -53.69 -25.53
CA ALA G 12 -32.62 -53.61 -24.34
C ALA G 12 -34.05 -53.21 -24.71
N MET G 13 -34.17 -52.21 -25.57
CA MET G 13 -35.47 -51.73 -26.02
C MET G 13 -36.21 -52.82 -26.80
N GLU G 14 -35.44 -53.70 -27.42
CA GLU G 14 -36.01 -54.80 -28.21
C GLU G 14 -36.64 -55.86 -27.32
N THR G 15 -35.83 -56.50 -26.48
CA THR G 15 -36.29 -57.54 -25.58
C THR G 15 -37.08 -56.95 -24.41
N LYS G 16 -37.08 -55.63 -24.32
CA LYS G 16 -37.79 -54.93 -23.25
C LYS G 16 -37.36 -55.44 -21.88
N CYS G 17 -36.08 -55.81 -21.78
CA CYS G 17 -35.52 -56.32 -20.54
C CYS G 17 -35.42 -55.21 -19.50
N ASP G 18 -36.25 -55.29 -18.47
CA ASP G 18 -36.25 -54.30 -17.40
C ASP G 18 -35.43 -54.79 -16.21
N ASP G 19 -34.51 -55.70 -16.48
CA ASP G 19 -33.64 -56.25 -15.43
C ASP G 19 -32.19 -55.88 -15.71
N VAL G 20 -31.40 -55.75 -14.65
CA VAL G 20 -30.00 -55.38 -14.79
C VAL G 20 -29.10 -56.58 -15.05
N LEU G 21 -29.03 -57.49 -14.08
CA LEU G 21 -28.20 -58.69 -14.21
C LEU G 21 -28.65 -59.58 -15.36
N LEU G 22 -29.95 -59.60 -15.62
CA LEU G 22 -30.49 -60.42 -16.70
C LEU G 22 -30.02 -59.88 -18.05
N LEU G 23 -30.17 -58.57 -18.24
CA LEU G 23 -29.77 -57.92 -19.48
C LEU G 23 -28.27 -58.07 -19.68
N LEU G 24 -27.54 -58.17 -18.58
CA LEU G 24 -26.08 -58.31 -18.62
C LEU G 24 -25.68 -59.69 -19.15
N GLY G 25 -26.21 -60.74 -18.53
CA GLY G 25 -25.88 -62.08 -18.96
C GLY G 25 -26.27 -62.37 -20.40
N MET G 26 -27.47 -61.96 -20.78
CA MET G 26 -27.95 -62.19 -22.14
C MET G 26 -27.04 -61.57 -23.19
N TYR G 27 -26.54 -60.37 -22.90
CA TYR G 27 -25.67 -59.67 -23.83
C TYR G 27 -24.25 -60.23 -23.83
N LEU G 28 -23.87 -60.89 -22.73
CA LEU G 28 -22.55 -61.48 -22.61
C LEU G 28 -22.41 -62.79 -23.38
N GLU G 29 -23.46 -63.17 -24.11
CA GLU G 29 -23.43 -64.40 -24.88
C GLU G 29 -23.11 -64.10 -26.35
N PHE G 30 -22.95 -62.83 -26.67
CA PHE G 30 -22.65 -62.43 -28.04
C PHE G 30 -21.19 -62.02 -28.18
N GLN G 31 -20.37 -62.36 -27.19
CA GLN G 31 -18.95 -62.03 -27.21
C GLN G 31 -18.13 -63.23 -27.65
N TYR G 32 -18.79 -64.20 -28.28
CA TYR G 32 -18.11 -65.40 -28.75
C TYR G 32 -18.16 -65.47 -30.27
N SER G 33 -19.15 -66.17 -30.81
CA SER G 33 -19.30 -66.32 -32.24
C SER G 33 -20.60 -67.01 -32.61
N PHE G 34 -21.38 -66.36 -33.47
CA PHE G 34 -22.66 -66.91 -33.91
C PHE G 34 -22.38 -67.91 -35.03
N GLU G 35 -21.10 -68.06 -35.36
CA GLU G 35 -20.65 -68.95 -36.41
C GLU G 35 -20.99 -70.40 -36.09
N MET G 36 -20.82 -70.78 -34.82
CA MET G 36 -21.11 -72.14 -34.39
C MET G 36 -21.99 -72.23 -33.15
N CYS G 37 -22.61 -71.11 -32.78
CA CYS G 37 -23.47 -71.07 -31.61
C CYS G 37 -24.62 -72.06 -31.74
N LEU G 38 -24.71 -73.01 -30.82
CA LEU G 38 -25.77 -74.00 -30.85
C LEU G 38 -27.14 -73.38 -30.63
N LYS G 39 -27.21 -72.40 -29.74
CA LYS G 39 -28.46 -71.72 -29.44
C LYS G 39 -28.98 -70.92 -30.63
N CYS G 40 -28.09 -70.60 -31.56
CA CYS G 40 -28.47 -69.84 -32.75
C CYS G 40 -29.01 -70.75 -33.84
N ILE G 41 -28.47 -71.97 -33.91
CA ILE G 41 -28.91 -72.94 -34.92
C ILE G 41 -30.16 -73.69 -34.46
N LYS G 42 -30.19 -74.05 -33.18
CA LYS G 42 -31.33 -74.78 -32.62
C LYS G 42 -32.58 -73.91 -32.49
N LYS G 43 -32.41 -72.60 -32.60
CA LYS G 43 -33.53 -71.68 -32.49
C LYS G 43 -34.23 -71.89 -31.15
N GLU G 44 -33.52 -71.61 -30.06
CA GLU G 44 -34.06 -71.79 -28.71
C GLU G 44 -34.71 -70.52 -28.16
N GLN G 45 -33.96 -69.42 -28.16
CA GLN G 45 -34.46 -68.16 -27.64
C GLN G 45 -34.42 -67.04 -28.68
N PRO G 46 -35.60 -66.51 -29.06
CA PRO G 46 -35.72 -65.44 -30.05
C PRO G 46 -34.87 -64.21 -29.69
N SER G 47 -34.49 -64.13 -28.41
CA SER G 47 -33.69 -63.01 -27.94
C SER G 47 -32.20 -63.31 -28.07
N HIS G 48 -31.87 -64.35 -28.82
CA HIS G 48 -30.47 -64.73 -29.02
C HIS G 48 -30.08 -64.76 -30.49
N TYR G 49 -30.58 -65.77 -31.20
CA TYR G 49 -30.27 -65.95 -32.62
C TYR G 49 -30.80 -64.82 -33.50
N LYS G 50 -31.66 -63.97 -32.94
CA LYS G 50 -32.23 -62.86 -33.69
C LYS G 50 -31.47 -61.55 -33.46
N TYR G 51 -30.58 -61.54 -32.48
CA TYR G 51 -29.83 -60.32 -32.17
C TYR G 51 -28.32 -60.49 -32.03
N HIS G 52 -27.82 -61.72 -32.18
CA HIS G 52 -26.39 -61.94 -32.04
C HIS G 52 -25.60 -61.26 -33.16
N GLU G 53 -25.97 -61.52 -34.41
CA GLU G 53 -25.29 -60.91 -35.54
C GLU G 53 -25.45 -59.40 -35.51
N LYS G 54 -26.48 -58.93 -34.82
CA LYS G 54 -26.76 -57.50 -34.73
C LYS G 54 -25.90 -56.80 -33.68
N HIS G 55 -25.53 -57.54 -32.63
CA HIS G 55 -24.71 -56.97 -31.56
C HIS G 55 -23.41 -57.72 -31.32
N TYR G 56 -23.00 -58.54 -32.29
CA TYR G 56 -21.77 -59.31 -32.17
C TYR G 56 -20.54 -58.42 -32.14
N ALA G 57 -20.59 -57.32 -32.91
CA ALA G 57 -19.48 -56.38 -32.99
C ALA G 57 -19.20 -55.69 -31.66
N ASN G 58 -20.25 -55.17 -31.02
CA ASN G 58 -20.11 -54.47 -29.76
C ASN G 58 -19.86 -55.42 -28.59
N ALA G 59 -20.58 -56.54 -28.56
CA ALA G 59 -20.43 -57.52 -27.50
C ALA G 59 -19.00 -58.04 -27.45
N ALA G 60 -18.33 -58.06 -28.60
CA ALA G 60 -16.95 -58.53 -28.68
C ALA G 60 -16.04 -57.67 -27.81
N ILE G 61 -16.32 -56.37 -27.78
CA ILE G 61 -15.54 -55.43 -26.99
C ILE G 61 -16.16 -55.29 -25.60
N PHE G 62 -17.45 -55.58 -25.51
CA PHE G 62 -18.18 -55.50 -24.25
C PHE G 62 -17.53 -56.38 -23.20
N ALA G 63 -16.93 -57.48 -23.63
CA ALA G 63 -16.27 -58.42 -22.72
C ALA G 63 -15.10 -57.77 -22.02
N ASP G 64 -14.34 -56.96 -22.75
CA ASP G 64 -13.18 -56.28 -22.18
C ASP G 64 -13.53 -54.91 -21.60
N SER G 65 -14.78 -54.77 -21.17
CA SER G 65 -15.26 -53.51 -20.60
C SER G 65 -15.15 -53.54 -19.08
N LYS G 66 -14.77 -52.41 -18.50
CA LYS G 66 -14.63 -52.30 -17.06
C LYS G 66 -15.94 -51.84 -16.41
N ASN G 67 -16.96 -51.65 -17.24
CA ASN G 67 -18.27 -51.21 -16.76
C ASN G 67 -19.38 -52.03 -17.39
N GLN G 68 -19.25 -53.36 -17.32
CA GLN G 68 -20.24 -54.26 -17.89
C GLN G 68 -21.62 -54.08 -17.27
N LYS G 69 -21.65 -53.81 -15.97
CA LYS G 69 -22.91 -53.63 -15.27
C LYS G 69 -23.44 -52.21 -15.40
N THR G 70 -22.55 -51.27 -15.72
CA THR G 70 -22.94 -49.88 -15.88
C THR G 70 -23.62 -49.66 -17.24
N ILE G 71 -23.02 -50.22 -18.29
CA ILE G 71 -23.56 -50.10 -19.63
C ILE G 71 -24.97 -50.67 -19.69
N CYS G 72 -25.15 -51.86 -19.12
CA CYS G 72 -26.43 -52.53 -19.11
C CYS G 72 -27.40 -51.84 -18.16
N GLN G 73 -26.86 -51.16 -17.16
CA GLN G 73 -27.66 -50.45 -16.17
C GLN G 73 -28.46 -49.33 -16.84
N GLN G 74 -27.77 -48.51 -17.62
CA GLN G 74 -28.41 -47.39 -18.32
C GLN G 74 -29.48 -47.91 -19.26
N ALA G 75 -29.22 -49.06 -19.87
CA ALA G 75 -30.17 -49.67 -20.81
C ALA G 75 -31.47 -49.97 -20.08
N VAL G 76 -31.35 -50.54 -18.89
CA VAL G 76 -32.52 -50.88 -18.08
C VAL G 76 -33.36 -49.64 -17.81
N ASP G 77 -32.70 -48.54 -17.47
CA ASP G 77 -33.39 -47.29 -17.19
C ASP G 77 -34.13 -46.81 -18.43
N THR G 78 -33.54 -47.06 -19.60
CA THR G 78 -34.15 -46.66 -20.86
C THR G 78 -35.39 -47.53 -21.11
N VAL G 79 -35.33 -48.78 -20.64
CA VAL G 79 -36.45 -49.70 -20.80
C VAL G 79 -37.61 -49.24 -19.93
N LEU G 80 -37.33 -49.03 -18.64
CA LEU G 80 -38.34 -48.58 -17.70
C LEU G 80 -38.86 -47.21 -18.14
N ALA G 81 -37.99 -46.43 -18.78
CA ALA G 81 -38.37 -45.10 -19.25
C ALA G 81 -39.44 -45.21 -20.32
N LYS G 82 -39.29 -46.20 -21.20
CA LYS G 82 -40.27 -46.42 -22.27
C LYS G 82 -41.64 -46.70 -21.67
N LYS G 83 -41.70 -47.65 -20.75
CA LYS G 83 -42.96 -48.00 -20.09
C LYS G 83 -43.48 -46.79 -19.31
N ARG G 84 -42.54 -46.03 -18.75
CA ARG G 84 -42.88 -44.84 -17.97
C ARG G 84 -43.64 -43.85 -18.84
N VAL G 85 -43.33 -43.84 -20.14
CA VAL G 85 -43.96 -42.94 -21.08
C VAL G 85 -45.26 -43.51 -21.64
N ASP G 86 -45.23 -44.77 -22.07
CA ASP G 86 -46.39 -45.42 -22.63
C ASP G 86 -47.59 -45.42 -21.68
N SER G 87 -47.31 -45.43 -20.38
CA SER G 87 -48.36 -45.44 -19.37
C SER G 87 -49.10 -44.11 -19.30
N LEU G 88 -48.66 -43.14 -20.10
CA LEU G 88 -49.30 -41.83 -20.11
C LEU G 88 -49.83 -41.41 -21.48
N GLN G 89 -49.11 -41.80 -22.54
CA GLN G 89 -49.52 -41.46 -23.89
C GLN G 89 -50.54 -42.42 -24.50
N LEU G 90 -50.20 -43.69 -24.58
CA LEU G 90 -51.09 -44.69 -25.15
C LEU G 90 -52.29 -44.92 -24.24
N THR G 91 -53.48 -44.96 -24.83
CA THR G 91 -54.70 -45.20 -24.06
C THR G 91 -54.62 -46.60 -23.47
N ARG G 92 -55.43 -46.87 -22.45
CA ARG G 92 -55.42 -48.17 -21.80
C ARG G 92 -55.84 -49.29 -22.75
N GLU G 93 -56.46 -48.93 -23.87
CA GLU G 93 -56.90 -49.92 -24.85
C GLU G 93 -55.75 -50.24 -25.80
N GLN G 94 -54.96 -49.22 -26.11
CA GLN G 94 -53.83 -49.39 -27.01
C GLN G 94 -52.75 -50.21 -26.32
N MET G 95 -52.59 -50.00 -25.02
CA MET G 95 -51.59 -50.74 -24.26
C MET G 95 -51.88 -52.24 -24.36
N LEU G 96 -53.15 -52.59 -24.32
CA LEU G 96 -53.55 -53.99 -24.43
C LEU G 96 -53.31 -54.47 -25.86
N THR G 97 -53.59 -53.60 -26.82
CA THR G 97 -53.41 -53.92 -28.23
C THR G 97 -52.00 -54.45 -28.47
N ASN G 98 -51.01 -53.77 -27.89
CA ASN G 98 -49.62 -54.18 -28.03
C ASN G 98 -49.37 -55.52 -27.34
N ARG G 99 -50.00 -55.69 -26.18
CA ARG G 99 -49.85 -56.93 -25.41
C ARG G 99 -50.39 -58.11 -26.21
N PHE G 100 -51.61 -57.98 -26.70
CA PHE G 100 -52.23 -59.03 -27.49
C PHE G 100 -51.37 -59.45 -28.66
N ASN G 101 -50.63 -58.49 -29.24
CA ASN G 101 -49.77 -58.78 -30.38
C ASN G 101 -48.51 -59.52 -29.93
N ASP G 102 -47.96 -59.12 -28.78
CA ASP G 102 -46.77 -59.77 -28.26
C ASP G 102 -47.08 -61.20 -27.86
N LEU G 103 -48.31 -61.44 -27.42
CA LEU G 103 -48.75 -62.77 -27.01
C LEU G 103 -48.85 -63.67 -28.24
N LEU G 104 -49.21 -63.07 -29.37
CA LEU G 104 -49.34 -63.80 -30.62
C LEU G 104 -47.98 -64.05 -31.25
N ASP G 105 -47.02 -63.17 -30.96
CA ASP G 105 -45.67 -63.31 -31.48
C ASP G 105 -45.06 -64.62 -30.99
N ARG G 106 -45.27 -64.91 -29.70
CA ARG G 106 -44.76 -66.13 -29.10
C ARG G 106 -45.41 -67.31 -29.80
N MET G 107 -46.71 -67.17 -30.08
CA MET G 107 -47.48 -68.22 -30.73
C MET G 107 -46.97 -68.52 -32.14
N ASP G 108 -46.62 -67.48 -32.88
CA ASP G 108 -46.13 -67.63 -34.24
C ASP G 108 -44.81 -68.40 -34.27
N ILE G 109 -44.18 -68.52 -33.10
CA ILE G 109 -42.90 -69.22 -32.99
C ILE G 109 -43.10 -70.62 -32.43
N MET G 110 -43.85 -70.72 -31.33
CA MET G 110 -44.11 -72.01 -30.69
C MET G 110 -45.01 -72.88 -31.55
N PHE G 111 -45.93 -72.27 -32.27
CA PHE G 111 -46.86 -73.00 -33.13
C PHE G 111 -46.36 -72.97 -34.58
N GLY G 112 -45.05 -72.78 -34.74
CA GLY G 112 -44.48 -72.75 -36.08
C GLY G 112 -43.52 -73.90 -36.33
N SER G 113 -42.41 -73.60 -36.99
CA SER G 113 -41.41 -74.61 -37.31
C SER G 113 -40.35 -74.71 -36.22
N THR G 114 -40.01 -73.56 -35.63
CA THR G 114 -39.01 -73.50 -34.57
C THR G 114 -39.67 -73.57 -33.19
N GLY G 115 -40.85 -74.15 -33.15
CA GLY G 115 -41.57 -74.26 -31.88
C GLY G 115 -41.84 -75.70 -31.49
N SER G 116 -41.95 -75.95 -30.19
CA SER G 116 -42.22 -77.28 -29.68
C SER G 116 -43.57 -77.33 -28.95
N ALA G 117 -44.41 -76.35 -29.24
CA ALA G 117 -45.73 -76.28 -28.61
C ALA G 117 -46.78 -76.95 -29.49
N ASP G 118 -47.62 -77.77 -28.87
CA ASP G 118 -48.66 -78.48 -29.60
C ASP G 118 -49.98 -77.72 -29.45
N ILE G 119 -50.50 -77.22 -30.58
CA ILE G 119 -51.73 -76.45 -30.60
C ILE G 119 -52.91 -77.25 -30.05
N GLU G 120 -52.85 -78.57 -30.17
CA GLU G 120 -53.92 -79.43 -29.69
C GLU G 120 -54.13 -79.29 -28.18
N GLU G 121 -53.03 -79.29 -27.44
CA GLU G 121 -53.09 -79.17 -25.99
C GLU G 121 -53.61 -77.80 -25.54
N TRP G 122 -53.15 -76.75 -26.19
CA TRP G 122 -53.57 -75.40 -25.83
C TRP G 122 -55.05 -75.18 -26.16
N MET G 123 -55.54 -75.89 -27.17
CA MET G 123 -56.95 -75.78 -27.55
C MET G 123 -57.77 -76.57 -26.53
N ALA G 124 -57.13 -77.55 -25.91
CA ALA G 124 -57.79 -78.37 -24.90
C ALA G 124 -57.93 -77.56 -23.63
N GLY G 125 -56.95 -76.69 -23.38
CA GLY G 125 -56.99 -75.84 -22.21
C GLY G 125 -58.14 -74.86 -22.30
N VAL G 126 -58.39 -74.39 -23.52
CA VAL G 126 -59.48 -73.45 -23.77
C VAL G 126 -60.80 -74.11 -23.39
N ALA G 127 -60.82 -75.44 -23.46
CA ALA G 127 -62.01 -76.21 -23.13
C ALA G 127 -62.17 -76.30 -21.61
N TRP G 128 -61.09 -76.67 -20.93
CA TRP G 128 -61.12 -76.78 -19.48
C TRP G 128 -61.42 -75.43 -18.85
N LEU G 129 -60.80 -74.39 -19.39
CA LEU G 129 -60.99 -73.03 -18.89
C LEU G 129 -62.43 -72.54 -19.08
N HIS G 130 -63.07 -72.99 -20.15
CA HIS G 130 -64.45 -72.60 -20.43
C HIS G 130 -65.40 -73.41 -19.56
N CYS G 131 -64.91 -74.52 -19.03
CA CYS G 131 -65.71 -75.38 -18.16
C CYS G 131 -65.43 -75.04 -16.71
N LEU G 132 -64.77 -73.90 -16.50
CA LEU G 132 -64.42 -73.45 -15.16
C LEU G 132 -65.50 -72.52 -14.61
N LEU G 133 -66.05 -71.67 -15.48
CA LEU G 133 -67.09 -70.74 -15.09
C LEU G 133 -68.08 -70.48 -16.23
N PRO G 134 -69.35 -70.22 -15.88
CA PRO G 134 -70.41 -69.96 -16.87
C PRO G 134 -70.05 -68.81 -17.79
N LYS G 135 -69.98 -69.09 -19.09
CA LYS G 135 -69.64 -68.08 -20.08
C LYS G 135 -68.29 -67.44 -19.73
N MET G 136 -67.28 -68.28 -19.54
CA MET G 136 -65.95 -67.82 -19.19
C MET G 136 -65.42 -66.79 -20.19
N ASP G 137 -65.45 -67.15 -21.46
CA ASP G 137 -64.97 -66.24 -22.51
C ASP G 137 -65.70 -64.91 -22.46
N SER G 138 -67.00 -64.96 -22.16
CA SER G 138 -67.82 -63.76 -22.09
C SER G 138 -67.34 -62.85 -20.96
N VAL G 139 -67.01 -63.45 -19.82
CA VAL G 139 -66.53 -62.70 -18.67
C VAL G 139 -65.19 -62.04 -18.95
N VAL G 140 -64.33 -62.75 -19.69
CA VAL G 140 -63.01 -62.22 -20.03
C VAL G 140 -63.11 -60.91 -20.79
N TYR G 141 -64.03 -60.84 -21.75
CA TYR G 141 -64.20 -59.63 -22.55
C TYR G 141 -64.66 -58.48 -21.66
N ASP G 142 -65.51 -58.78 -20.69
CA ASP G 142 -66.03 -57.77 -19.78
C ASP G 142 -64.92 -57.24 -18.88
N PHE G 143 -64.08 -58.14 -18.36
CA PHE G 143 -62.97 -57.74 -17.51
C PHE G 143 -62.00 -56.86 -18.28
N LEU G 144 -61.66 -57.31 -19.49
CA LEU G 144 -60.75 -56.56 -20.35
C LEU G 144 -61.19 -55.11 -20.47
N LYS G 145 -62.41 -54.91 -20.97
CA LYS G 145 -62.95 -53.58 -21.14
C LYS G 145 -63.09 -52.86 -19.80
N CYS G 146 -63.41 -53.61 -18.75
CA CYS G 146 -63.56 -53.02 -17.42
C CYS G 146 -62.23 -52.38 -17.04
N MET G 147 -61.14 -52.98 -17.51
CA MET G 147 -59.80 -52.48 -17.24
C MET G 147 -59.52 -51.27 -18.14
N VAL G 148 -60.05 -51.31 -19.35
CA VAL G 148 -59.86 -50.23 -20.31
C VAL G 148 -60.64 -48.98 -19.90
N TYR G 149 -61.93 -49.15 -19.64
CA TYR G 149 -62.79 -48.03 -19.24
C TYR G 149 -62.21 -47.31 -18.04
N ASN G 150 -61.64 -48.08 -17.11
CA ASN G 150 -61.04 -47.50 -15.91
C ASN G 150 -62.03 -46.58 -15.18
N ILE G 151 -62.95 -47.18 -14.45
CA ILE G 151 -63.96 -46.42 -13.72
C ILE G 151 -63.68 -46.40 -12.22
N PRO G 152 -63.42 -45.21 -11.65
CA PRO G 152 -63.12 -45.01 -10.23
C PRO G 152 -64.07 -45.75 -9.30
N LYS G 153 -63.51 -46.47 -8.32
CA LYS G 153 -64.28 -47.23 -7.35
C LYS G 153 -65.14 -48.28 -8.05
N LYS G 154 -64.72 -48.63 -9.27
CA LYS G 154 -65.41 -49.62 -10.09
C LYS G 154 -64.36 -50.22 -11.00
N ARG G 155 -63.33 -50.83 -10.41
CA ARG G 155 -62.25 -51.43 -11.18
C ARG G 155 -61.91 -52.85 -10.76
N TYR G 156 -61.57 -53.06 -9.50
CA TYR G 156 -61.21 -54.39 -9.02
C TYR G 156 -62.34 -55.41 -9.05
N TRP G 157 -61.97 -56.66 -9.34
CA TRP G 157 -62.92 -57.77 -9.38
C TRP G 157 -62.59 -58.70 -8.22
N LEU G 158 -63.59 -59.45 -7.76
CA LEU G 158 -63.38 -60.37 -6.64
C LEU G 158 -63.42 -61.84 -7.04
N PHE G 159 -62.33 -62.54 -6.76
CA PHE G 159 -62.23 -63.98 -7.06
C PHE G 159 -62.31 -64.73 -5.74
N LYS G 160 -63.46 -64.64 -5.09
CA LYS G 160 -63.69 -65.28 -3.80
C LYS G 160 -64.21 -66.70 -3.96
N GLY G 161 -63.40 -67.67 -3.54
CA GLY G 161 -63.81 -69.07 -3.64
C GLY G 161 -62.99 -69.99 -2.76
N PRO G 162 -63.53 -71.17 -2.41
CA PRO G 162 -62.85 -72.14 -1.56
C PRO G 162 -61.49 -72.56 -2.11
N ILE G 163 -60.76 -73.37 -1.36
CA ILE G 163 -59.45 -73.85 -1.78
C ILE G 163 -59.57 -74.79 -2.97
N ASP G 164 -58.65 -74.64 -3.93
CA ASP G 164 -58.66 -75.48 -5.12
C ASP G 164 -59.99 -75.38 -5.85
N SER G 165 -60.07 -74.45 -6.80
CA SER G 165 -61.28 -74.24 -7.58
C SER G 165 -60.97 -73.68 -8.95
N GLY G 166 -59.95 -72.83 -9.02
CA GLY G 166 -59.56 -72.24 -10.29
C GLY G 166 -59.22 -70.76 -10.18
N LYS G 167 -59.30 -70.22 -8.97
CA LYS G 167 -59.01 -68.82 -8.73
C LYS G 167 -57.57 -68.49 -9.13
N THR G 168 -56.62 -69.08 -8.44
CA THR G 168 -55.20 -68.85 -8.72
C THR G 168 -54.84 -69.27 -10.14
N THR G 169 -55.71 -70.05 -10.77
CA THR G 169 -55.47 -70.52 -12.12
C THR G 169 -55.90 -69.47 -13.15
N LEU G 170 -56.99 -68.76 -12.85
CA LEU G 170 -57.51 -67.73 -13.75
C LEU G 170 -56.88 -66.38 -13.44
N ALA G 171 -56.84 -66.02 -12.16
CA ALA G 171 -56.26 -64.74 -11.74
C ALA G 171 -54.82 -64.62 -12.21
N ALA G 172 -54.21 -65.76 -12.51
CA ALA G 172 -52.83 -65.79 -12.98
C ALA G 172 -52.76 -65.59 -14.48
N ALA G 173 -53.57 -66.37 -15.21
CA ALA G 173 -53.61 -66.30 -16.66
C ALA G 173 -54.01 -64.89 -17.11
N LEU G 174 -55.00 -64.31 -16.44
CA LEU G 174 -55.47 -62.97 -16.78
C LEU G 174 -54.35 -61.95 -16.63
N LEU G 175 -53.49 -62.17 -15.65
CA LEU G 175 -52.37 -61.27 -15.40
C LEU G 175 -51.45 -61.18 -16.62
N GLU G 176 -51.24 -62.32 -17.28
CA GLU G 176 -50.39 -62.38 -18.45
C GLU G 176 -51.14 -61.98 -19.72
N LEU G 177 -52.46 -62.20 -19.72
CA LEU G 177 -53.29 -61.87 -20.86
C LEU G 177 -53.35 -60.36 -21.07
N CYS G 178 -53.41 -59.62 -19.96
CA CYS G 178 -53.47 -58.16 -20.03
C CYS G 178 -52.10 -57.54 -19.78
N GLY G 179 -51.43 -58.00 -18.73
CA GLY G 179 -50.11 -57.48 -18.40
C GLY G 179 -50.09 -56.83 -17.03
N GLY G 180 -48.97 -56.98 -16.33
CA GLY G 180 -48.86 -56.39 -15.01
C GLY G 180 -48.12 -57.30 -14.04
N LYS G 181 -48.35 -57.08 -12.74
CA LYS G 181 -47.71 -57.87 -11.71
C LYS G 181 -48.71 -58.29 -10.63
N ALA G 182 -48.34 -59.30 -9.86
CA ALA G 182 -49.19 -59.81 -8.79
C ALA G 182 -48.54 -59.51 -7.44
N LEU G 183 -49.25 -58.77 -6.59
CA LEU G 183 -48.72 -58.41 -5.28
C LEU G 183 -49.35 -59.24 -4.16
N ASN G 184 -48.94 -58.95 -2.93
CA ASN G 184 -49.44 -59.64 -1.75
C ASN G 184 -49.55 -58.65 -0.60
N VAL G 185 -50.56 -58.82 0.24
CA VAL G 185 -50.78 -57.93 1.37
C VAL G 185 -50.85 -58.67 2.71
N ASN G 186 -50.51 -59.95 2.71
CA ASN G 186 -50.53 -60.74 3.93
C ASN G 186 -49.43 -60.29 4.87
N LEU G 187 -48.39 -59.67 4.31
CA LEU G 187 -47.28 -59.18 5.10
C LEU G 187 -47.66 -57.86 5.76
N PRO G 188 -47.02 -57.52 6.89
CA PRO G 188 -47.30 -56.28 7.61
C PRO G 188 -47.32 -55.06 6.70
N LEU G 189 -48.01 -54.01 7.15
CA LEU G 189 -48.11 -52.78 6.37
C LEU G 189 -46.77 -52.05 6.36
N ASP G 190 -45.72 -52.75 6.79
CA ASP G 190 -44.38 -52.17 6.84
C ASP G 190 -43.73 -52.30 5.47
N ARG G 191 -43.59 -53.53 4.99
CA ARG G 191 -42.99 -53.80 3.70
C ARG G 191 -44.03 -53.64 2.59
N LEU G 192 -45.23 -53.25 2.98
CA LEU G 192 -46.32 -53.04 2.03
C LEU G 192 -45.93 -51.97 1.02
N ASN G 193 -45.21 -50.96 1.49
CA ASN G 193 -44.77 -49.86 0.62
C ASN G 193 -43.71 -50.34 -0.36
N PHE G 194 -42.89 -51.30 0.07
CA PHE G 194 -41.84 -51.84 -0.78
C PHE G 194 -42.39 -52.85 -1.79
N GLU G 195 -43.66 -53.22 -1.62
CA GLU G 195 -44.29 -54.18 -2.52
C GLU G 195 -45.33 -53.50 -3.41
N LEU G 196 -46.01 -52.49 -2.86
CA LEU G 196 -47.03 -51.76 -3.61
C LEU G 196 -46.36 -50.89 -4.67
N GLY G 197 -45.05 -50.74 -4.57
CA GLY G 197 -44.32 -49.92 -5.51
C GLY G 197 -44.01 -50.67 -6.80
N VAL G 198 -44.63 -51.84 -6.96
CA VAL G 198 -44.43 -52.65 -8.15
C VAL G 198 -45.50 -52.33 -9.19
N ALA G 199 -46.63 -51.83 -8.72
CA ALA G 199 -47.74 -51.49 -9.60
C ALA G 199 -47.46 -50.22 -10.40
N ILE G 200 -46.23 -49.72 -10.31
CA ILE G 200 -45.85 -48.51 -11.02
C ILE G 200 -45.85 -48.72 -12.53
N ASP G 201 -46.54 -47.83 -13.24
CA ASP G 201 -46.63 -47.91 -14.71
C ASP G 201 -47.20 -49.24 -15.19
N GLN G 202 -47.82 -49.98 -14.29
CA GLN G 202 -48.41 -51.27 -14.63
C GLN G 202 -49.81 -51.08 -15.22
N PHE G 203 -50.50 -52.20 -15.45
CA PHE G 203 -51.84 -52.15 -16.00
C PHE G 203 -52.86 -52.61 -14.95
N LEU G 204 -52.56 -53.72 -14.29
CA LEU G 204 -53.43 -54.26 -13.26
C LEU G 204 -52.64 -55.00 -12.18
N VAL G 205 -53.25 -55.16 -11.01
CA VAL G 205 -52.61 -55.85 -9.90
C VAL G 205 -53.38 -57.10 -9.52
N VAL G 206 -52.68 -58.07 -8.93
CA VAL G 206 -53.31 -59.32 -8.52
C VAL G 206 -52.99 -59.66 -7.07
N PHE G 207 -53.97 -59.48 -6.19
CA PHE G 207 -53.80 -59.78 -4.78
C PHE G 207 -54.17 -61.24 -4.52
N GLU G 208 -53.15 -62.05 -4.25
CA GLU G 208 -53.36 -63.48 -4.00
C GLU G 208 -53.67 -63.84 -2.56
N ASP G 209 -54.83 -64.48 -2.37
CA ASP G 209 -55.30 -64.92 -1.07
C ASP G 209 -55.09 -63.92 0.06
N VAL G 210 -56.11 -63.09 0.32
CA VAL G 210 -56.05 -62.11 1.38
C VAL G 210 -56.67 -62.69 2.65
N LYS G 211 -55.92 -62.65 3.74
CA LYS G 211 -56.39 -63.18 5.02
C LYS G 211 -57.13 -62.14 5.84
N GLY G 212 -58.27 -62.54 6.38
CA GLY G 212 -59.07 -61.63 7.21
C GLY G 212 -59.50 -62.31 8.49
N THR G 213 -59.96 -61.51 9.44
CA THR G 213 -60.41 -62.05 10.73
C THR G 213 -61.65 -62.92 10.57
N GLY G 214 -62.40 -62.71 9.49
CA GLY G 214 -63.59 -63.48 9.25
C GLY G 214 -63.30 -64.94 8.95
N GLY G 215 -64.32 -65.78 9.03
CA GLY G 215 -64.15 -67.19 8.75
C GLY G 215 -63.28 -67.90 9.78
N GLU G 216 -63.50 -67.61 11.05
CA GLU G 216 -62.73 -68.23 12.12
C GLU G 216 -63.24 -69.62 12.44
N SER G 217 -64.47 -69.90 12.00
CA SER G 217 -65.10 -71.20 12.24
C SER G 217 -64.90 -72.14 11.05
N ARG G 218 -64.52 -71.58 9.91
CA ARG G 218 -64.31 -72.39 8.71
C ARG G 218 -62.84 -72.80 8.55
N ASP G 219 -62.13 -72.84 9.67
CA ASP G 219 -60.72 -73.22 9.66
C ASP G 219 -59.91 -72.34 8.71
N LEU G 220 -60.29 -71.07 8.61
CA LEU G 220 -59.61 -70.14 7.74
C LEU G 220 -58.73 -69.18 8.54
N PRO G 221 -57.40 -69.38 8.49
CA PRO G 221 -56.44 -68.54 9.22
C PRO G 221 -56.62 -67.05 8.93
N SER G 222 -56.64 -66.25 9.99
CA SER G 222 -56.81 -64.81 9.86
C SER G 222 -55.46 -64.13 9.63
N GLY G 223 -55.48 -62.95 9.01
CA GLY G 223 -54.26 -62.22 8.75
C GLY G 223 -54.49 -60.73 8.65
N GLN G 224 -53.85 -60.09 7.68
CA GLN G 224 -53.99 -58.65 7.49
C GLN G 224 -54.41 -58.33 6.06
N GLY G 225 -54.70 -59.36 5.28
CA GLY G 225 -55.11 -59.17 3.90
C GLY G 225 -56.31 -58.25 3.76
N ILE G 226 -57.44 -58.69 4.31
CA ILE G 226 -58.68 -57.91 4.25
C ILE G 226 -58.49 -56.53 4.86
N ASN G 227 -57.79 -56.47 5.99
CA ASN G 227 -57.56 -55.21 6.67
C ASN G 227 -56.76 -54.24 5.80
N ASN G 228 -55.64 -54.70 5.25
CA ASN G 228 -54.80 -53.87 4.40
C ASN G 228 -55.58 -53.31 3.21
N LEU G 229 -56.50 -54.11 2.67
CA LEU G 229 -57.30 -53.67 1.54
C LEU G 229 -58.10 -52.43 1.91
N ASP G 230 -58.64 -52.42 3.13
CA ASP G 230 -59.43 -51.29 3.59
C ASP G 230 -58.52 -50.12 3.92
N ASN G 231 -57.27 -50.42 4.28
CA ASN G 231 -56.30 -49.38 4.62
C ASN G 231 -55.75 -48.78 3.32
N LEU G 232 -56.37 -49.14 2.21
CA LEU G 232 -55.97 -48.65 0.90
C LEU G 232 -57.20 -48.31 0.07
N ARG G 233 -58.08 -47.48 0.64
CA ARG G 233 -59.31 -47.08 -0.03
C ARG G 233 -59.03 -46.32 -1.32
N ASP G 234 -58.25 -45.24 -1.23
CA ASP G 234 -57.93 -44.45 -2.40
C ASP G 234 -57.22 -45.31 -3.45
N TYR G 235 -56.38 -46.23 -2.97
CA TYR G 235 -55.66 -47.13 -3.86
C TYR G 235 -56.63 -47.96 -4.68
N LEU G 236 -57.75 -48.32 -4.08
CA LEU G 236 -58.77 -49.13 -4.75
C LEU G 236 -59.67 -48.30 -5.66
N ASP G 237 -59.89 -47.04 -5.29
CA ASP G 237 -60.73 -46.15 -6.07
C ASP G 237 -59.98 -45.67 -7.32
N GLY G 238 -58.85 -45.00 -7.10
CA GLY G 238 -58.06 -44.52 -8.22
C GLY G 238 -58.45 -43.13 -8.69
N SER G 239 -59.15 -42.38 -7.84
CA SER G 239 -59.58 -41.04 -8.19
C SER G 239 -58.52 -40.02 -7.79
N VAL G 240 -57.47 -40.51 -7.13
CA VAL G 240 -56.37 -39.66 -6.69
C VAL G 240 -55.03 -40.32 -7.02
N LYS G 241 -54.01 -39.50 -7.19
CA LYS G 241 -52.67 -40.00 -7.51
C LYS G 241 -51.94 -40.45 -6.25
N VAL G 242 -52.01 -41.75 -5.98
CA VAL G 242 -51.35 -42.32 -4.80
C VAL G 242 -49.83 -42.19 -4.91
N ASN G 243 -49.15 -42.41 -3.79
CA ASN G 243 -47.69 -42.33 -3.75
C ASN G 243 -47.05 -43.70 -3.83
N LEU G 244 -45.98 -43.82 -4.62
CA LEU G 244 -45.27 -45.08 -4.78
C LEU G 244 -43.77 -44.86 -4.66
N GLU G 245 -43.05 -45.87 -4.21
CA GLU G 245 -41.60 -45.78 -4.06
C GLU G 245 -40.89 -46.96 -4.70
N LYS G 246 -39.87 -46.65 -5.51
CA LYS G 246 -39.08 -47.68 -6.18
C LYS G 246 -37.60 -47.45 -5.87
N LYS G 247 -37.03 -48.34 -5.08
CA LYS G 247 -35.62 -48.24 -4.70
C LYS G 247 -35.31 -46.91 -4.04
N HIS G 248 -35.56 -46.82 -2.73
CA HIS G 248 -35.31 -45.61 -1.97
C HIS G 248 -35.98 -44.36 -2.53
N LEU G 249 -35.28 -43.64 -3.40
CA LEU G 249 -35.81 -42.43 -4.01
C LEU G 249 -37.08 -42.68 -4.80
N ASN G 250 -38.12 -41.90 -4.49
CA ASN G 250 -39.41 -42.03 -5.15
C ASN G 250 -39.27 -42.02 -6.67
N LYS G 251 -40.02 -42.90 -7.33
CA LYS G 251 -39.99 -43.01 -8.78
C LYS G 251 -41.32 -42.70 -9.44
N ARG G 252 -42.39 -42.62 -8.66
CA ARG G 252 -43.69 -42.33 -9.25
C ARG G 252 -44.78 -41.90 -8.28
N THR G 253 -45.72 -41.13 -8.80
CA THR G 253 -46.86 -40.63 -8.03
C THR G 253 -48.03 -40.57 -9.02
N GLN G 254 -48.53 -41.74 -9.41
CA GLN G 254 -49.61 -41.83 -10.37
C GLN G 254 -50.87 -42.45 -9.77
N ILE G 255 -51.79 -42.84 -10.65
CA ILE G 255 -53.05 -43.47 -10.24
C ILE G 255 -52.79 -44.97 -10.11
N PHE G 256 -53.13 -45.53 -8.95
CA PHE G 256 -52.92 -46.95 -8.71
C PHE G 256 -53.76 -47.78 -9.69
N PRO G 257 -53.10 -48.59 -10.53
CA PRO G 257 -53.78 -49.44 -11.52
C PRO G 257 -54.82 -50.37 -10.90
N PRO G 258 -55.88 -50.69 -11.67
CA PRO G 258 -56.95 -51.58 -11.19
C PRO G 258 -56.41 -53.00 -11.05
N GLY G 259 -57.30 -53.97 -10.97
CA GLY G 259 -56.84 -55.35 -10.84
C GLY G 259 -57.85 -56.35 -10.30
N ILE G 260 -57.33 -57.42 -9.73
CA ILE G 260 -58.16 -58.49 -9.16
C ILE G 260 -57.69 -58.87 -7.76
N VAL G 261 -58.65 -59.10 -6.87
CA VAL G 261 -58.35 -59.48 -5.49
C VAL G 261 -58.96 -60.86 -5.22
N THR G 262 -58.12 -61.82 -4.85
CA THR G 262 -58.59 -63.17 -4.59
C THR G 262 -58.60 -63.50 -3.09
N MET G 263 -59.49 -64.41 -2.71
CA MET G 263 -59.62 -64.83 -1.32
C MET G 263 -60.34 -66.16 -1.19
N ASN G 264 -60.32 -66.75 0.01
CA ASN G 264 -60.97 -68.03 0.25
C ASN G 264 -62.14 -67.96 1.24
N GLU G 265 -63.26 -67.41 0.77
CA GLU G 265 -64.47 -67.30 1.58
C GLU G 265 -64.33 -66.52 2.89
N TYR G 266 -63.44 -65.53 2.91
CA TYR G 266 -63.27 -64.72 4.13
C TYR G 266 -64.36 -63.66 4.21
N SER G 267 -64.52 -63.06 5.39
CA SER G 267 -65.53 -62.03 5.58
C SER G 267 -65.04 -60.75 4.91
N VAL G 268 -65.97 -60.02 4.29
CA VAL G 268 -65.61 -58.79 3.60
C VAL G 268 -66.46 -57.60 4.04
N PRO G 269 -65.82 -56.55 4.57
CA PRO G 269 -66.51 -55.35 5.03
C PRO G 269 -67.30 -54.70 3.90
N LYS G 270 -68.41 -54.06 4.24
CA LYS G 270 -69.24 -53.41 3.22
C LYS G 270 -68.49 -52.24 2.57
N THR G 271 -67.66 -51.57 3.35
CA THR G 271 -66.88 -50.44 2.85
C THR G 271 -65.80 -50.92 1.89
N LEU G 272 -65.53 -52.22 1.91
CA LEU G 272 -64.53 -52.81 1.04
C LEU G 272 -65.18 -53.37 -0.21
N GLN G 273 -66.31 -54.06 -0.02
CA GLN G 273 -67.05 -54.65 -1.13
C GLN G 273 -67.52 -53.56 -2.08
N ALA G 274 -67.72 -52.36 -1.55
CA ALA G 274 -68.19 -51.23 -2.34
C ALA G 274 -67.07 -50.68 -3.23
N ARG G 275 -65.90 -51.30 -3.14
CA ARG G 275 -64.75 -50.87 -3.94
C ARG G 275 -64.54 -51.85 -5.09
N PHE G 276 -65.35 -52.90 -5.13
CA PHE G 276 -65.26 -53.91 -6.17
C PHE G 276 -66.28 -53.66 -7.28
N VAL G 277 -66.35 -54.59 -8.23
CA VAL G 277 -67.27 -54.49 -9.35
C VAL G 277 -68.15 -55.72 -9.43
N LYS G 278 -67.51 -56.88 -9.54
CA LYS G 278 -68.22 -58.14 -9.65
C LYS G 278 -67.57 -59.20 -8.75
N GLN G 279 -68.39 -60.07 -8.18
CA GLN G 279 -67.90 -61.12 -7.31
C GLN G 279 -68.10 -62.49 -7.95
N ILE G 280 -67.00 -63.15 -8.29
CA ILE G 280 -67.05 -64.46 -8.93
C ILE G 280 -66.73 -65.56 -7.94
N ASP G 281 -67.77 -66.27 -7.50
CA ASP G 281 -67.59 -67.37 -6.54
C ASP G 281 -67.18 -68.65 -7.25
N PHE G 282 -65.90 -68.98 -7.18
CA PHE G 282 -65.39 -70.19 -7.83
C PHE G 282 -65.87 -71.44 -7.12
N ARG G 283 -66.38 -72.39 -7.89
CA ARG G 283 -66.89 -73.64 -7.34
C ARG G 283 -65.94 -74.82 -7.58
N PRO G 284 -65.52 -75.48 -6.48
CA PRO G 284 -64.62 -76.63 -6.59
C PRO G 284 -65.32 -77.79 -7.28
N LYS G 285 -65.21 -77.84 -8.61
CA LYS G 285 -65.86 -78.88 -9.39
C LYS G 285 -65.01 -80.14 -9.49
N ASP G 286 -65.67 -81.30 -9.39
CA ASP G 286 -64.99 -82.59 -9.44
C ASP G 286 -64.55 -82.97 -10.84
N TYR G 287 -65.44 -82.83 -11.82
CA TYR G 287 -65.13 -83.19 -13.20
C TYR G 287 -63.91 -82.44 -13.71
N LEU G 288 -63.60 -81.30 -13.10
CA LEU G 288 -62.43 -80.51 -13.50
C LEU G 288 -61.19 -81.20 -12.94
N LYS G 289 -61.32 -81.70 -11.72
CA LYS G 289 -60.23 -82.39 -11.05
C LYS G 289 -59.86 -83.66 -11.80
N HIS G 290 -60.85 -84.51 -12.03
CA HIS G 290 -60.64 -85.77 -12.75
C HIS G 290 -60.15 -85.50 -14.17
N CYS G 291 -60.48 -84.32 -14.68
CA CYS G 291 -60.09 -83.92 -16.02
C CYS G 291 -58.56 -83.78 -16.12
N LEU G 292 -57.99 -83.05 -15.18
CA LEU G 292 -56.54 -82.82 -15.16
C LEU G 292 -55.80 -84.10 -14.78
N GLU G 293 -56.53 -85.07 -14.23
CA GLU G 293 -55.93 -86.34 -13.83
C GLU G 293 -55.54 -87.15 -15.05
N ARG G 294 -56.02 -86.72 -16.21
CA ARG G 294 -55.72 -87.40 -17.48
C ARG G 294 -55.28 -86.39 -18.52
N SER G 295 -54.86 -85.21 -18.05
CA SER G 295 -54.40 -84.15 -18.93
C SER G 295 -53.25 -83.41 -18.26
N GLU G 296 -52.17 -84.14 -17.98
CA GLU G 296 -51.00 -83.56 -17.33
C GLU G 296 -50.35 -82.45 -18.14
N PHE G 297 -50.51 -82.49 -19.46
CA PHE G 297 -49.92 -81.49 -20.33
C PHE G 297 -50.39 -80.07 -20.03
N LEU G 298 -51.54 -79.94 -19.39
CA LEU G 298 -52.09 -78.63 -19.04
C LEU G 298 -51.36 -78.05 -17.82
N LEU G 299 -51.07 -78.90 -16.86
CA LEU G 299 -50.38 -78.48 -15.64
C LEU G 299 -48.87 -78.43 -15.85
N GLU G 300 -48.36 -79.33 -16.68
CA GLU G 300 -46.93 -79.38 -16.96
C GLU G 300 -46.46 -78.21 -17.82
N LYS G 301 -46.99 -78.13 -19.04
CA LYS G 301 -46.63 -77.05 -19.95
C LYS G 301 -47.26 -75.72 -19.59
N ARG G 302 -47.92 -75.67 -18.44
CA ARG G 302 -48.57 -74.44 -17.98
C ARG G 302 -49.48 -73.87 -19.06
N ILE G 303 -50.68 -74.45 -19.19
CA ILE G 303 -51.64 -74.00 -20.20
C ILE G 303 -52.89 -73.40 -19.57
N ILE G 304 -53.46 -74.12 -18.60
CA ILE G 304 -54.67 -73.66 -17.91
C ILE G 304 -54.46 -72.34 -17.18
N GLN G 305 -53.20 -71.98 -16.95
CA GLN G 305 -52.88 -70.75 -16.24
C GLN G 305 -51.96 -69.86 -17.08
N SER G 306 -52.06 -70.01 -18.40
CA SER G 306 -51.25 -69.21 -19.31
C SER G 306 -52.09 -68.14 -19.98
N GLY G 307 -51.50 -66.96 -20.19
CA GLY G 307 -52.20 -65.88 -20.82
C GLY G 307 -52.44 -66.19 -22.29
N ILE G 308 -51.56 -66.97 -22.87
CA ILE G 308 -51.67 -67.36 -24.28
C ILE G 308 -52.90 -68.23 -24.46
N ALA G 309 -53.27 -68.96 -23.41
CA ALA G 309 -54.42 -69.84 -23.45
C ALA G 309 -55.71 -69.01 -23.58
N LEU G 310 -55.83 -67.98 -22.75
CA LEU G 310 -57.00 -67.13 -22.78
C LEU G 310 -57.09 -66.39 -24.12
N LEU G 311 -55.94 -66.11 -24.71
CA LEU G 311 -55.90 -65.41 -26.00
C LEU G 311 -56.58 -66.27 -27.06
N LEU G 312 -56.28 -67.57 -27.04
CA LEU G 312 -56.87 -68.50 -27.98
C LEU G 312 -58.38 -68.58 -27.76
N MET G 313 -58.79 -68.38 -26.51
CA MET G 313 -60.20 -68.42 -26.14
C MET G 313 -60.92 -67.14 -26.60
N LEU G 314 -60.16 -66.06 -26.68
CA LEU G 314 -60.71 -64.77 -27.11
C LEU G 314 -60.84 -64.72 -28.63
N ILE G 315 -59.96 -65.41 -29.32
CA ILE G 315 -59.95 -65.43 -30.78
C ILE G 315 -60.93 -66.48 -31.31
N TRP G 316 -61.24 -67.48 -30.48
CA TRP G 316 -62.16 -68.54 -30.87
C TRP G 316 -63.61 -68.13 -30.76
N TYR G 317 -63.99 -67.52 -29.64
CA TYR G 317 -65.36 -67.09 -29.43
C TYR G 317 -65.65 -65.67 -29.89
N ARG G 318 -65.01 -64.70 -29.24
CA ARG G 318 -65.23 -63.29 -29.57
C ARG G 318 -64.93 -62.89 -31.00
N PRO G 319 -65.87 -62.16 -31.64
CA PRO G 319 -65.75 -61.69 -33.02
C PRO G 319 -64.54 -60.78 -33.21
N VAL G 320 -64.29 -60.39 -34.46
CA VAL G 320 -63.17 -59.52 -34.78
C VAL G 320 -63.53 -58.06 -34.55
N ALA G 321 -64.83 -57.76 -34.61
CA ALA G 321 -65.32 -56.40 -34.42
C ALA G 321 -65.15 -55.88 -33.00
N GLU G 322 -64.57 -56.69 -32.13
CA GLU G 322 -64.36 -56.27 -30.74
C GLU G 322 -62.91 -55.90 -30.43
N PHE G 323 -61.99 -56.40 -31.24
CA PHE G 323 -60.57 -56.12 -31.04
C PHE G 323 -60.23 -54.75 -31.64
N ALA G 324 -59.00 -54.30 -31.44
CA ALA G 324 -58.55 -53.03 -31.98
C ALA G 324 -58.55 -53.12 -33.49
N GLN G 325 -58.82 -52.00 -34.16
CA GLN G 325 -58.87 -51.98 -35.62
C GLN G 325 -57.49 -52.20 -36.23
N SER G 326 -56.45 -52.06 -35.41
CA SER G 326 -55.08 -52.25 -35.88
C SER G 326 -54.62 -53.69 -35.65
N ILE G 327 -55.48 -54.49 -35.02
CA ILE G 327 -55.15 -55.89 -34.75
C ILE G 327 -56.20 -56.83 -35.35
N GLN G 328 -57.32 -56.26 -35.80
CA GLN G 328 -58.39 -57.03 -36.40
C GLN G 328 -57.91 -57.88 -37.56
N SER G 329 -56.88 -57.41 -38.26
CA SER G 329 -56.32 -58.12 -39.39
C SER G 329 -55.54 -59.36 -38.95
N ARG G 330 -55.04 -59.33 -37.71
CA ARG G 330 -54.27 -60.44 -37.18
C ARG G 330 -55.18 -61.46 -36.49
N ILE G 331 -56.31 -60.98 -35.97
CA ILE G 331 -57.26 -61.85 -35.30
C ILE G 331 -57.87 -62.83 -36.29
N VAL G 332 -58.21 -62.34 -37.48
CA VAL G 332 -58.79 -63.16 -38.53
C VAL G 332 -57.78 -64.22 -38.97
N GLU G 333 -56.50 -63.88 -38.89
CA GLU G 333 -55.44 -64.79 -39.29
C GLU G 333 -55.51 -66.11 -38.54
N TRP G 334 -55.61 -66.04 -37.21
CA TRP G 334 -55.69 -67.25 -36.40
C TRP G 334 -57.08 -67.86 -36.42
N LYS G 335 -58.08 -67.07 -36.82
CA LYS G 335 -59.44 -67.59 -36.89
C LYS G 335 -59.51 -68.56 -38.06
N GLU G 336 -58.49 -68.52 -38.91
CA GLU G 336 -58.42 -69.40 -40.06
C GLU G 336 -57.54 -70.61 -39.72
N ARG G 337 -56.50 -70.37 -38.94
CA ARG G 337 -55.58 -71.42 -38.54
C ARG G 337 -56.26 -72.39 -37.56
N LEU G 338 -56.94 -71.85 -36.56
CA LEU G 338 -57.63 -72.66 -35.57
C LEU G 338 -58.78 -73.46 -36.19
N ASP G 339 -59.56 -72.82 -37.05
CA ASP G 339 -60.68 -73.50 -37.70
C ASP G 339 -60.19 -74.52 -38.70
N LYS G 340 -58.94 -74.38 -39.12
CA LYS G 340 -58.33 -75.29 -40.08
C LYS G 340 -57.88 -76.57 -39.39
N GLU G 341 -57.26 -76.42 -38.22
CA GLU G 341 -56.77 -77.55 -37.45
C GLU G 341 -57.90 -78.23 -36.68
N PHE G 342 -58.78 -77.43 -36.10
CA PHE G 342 -59.89 -77.97 -35.33
C PHE G 342 -61.24 -77.39 -35.77
N SER G 343 -62.18 -78.29 -36.04
CA SER G 343 -63.52 -77.90 -36.45
C SER G 343 -64.32 -77.65 -35.18
N LEU G 344 -65.65 -77.67 -35.28
CA LEU G 344 -66.48 -77.45 -34.11
C LEU G 344 -66.75 -78.76 -33.37
N SER G 345 -66.56 -79.88 -34.07
CA SER G 345 -66.78 -81.19 -33.48
C SER G 345 -65.63 -81.59 -32.56
N VAL G 346 -64.41 -81.48 -33.07
CA VAL G 346 -63.22 -81.83 -32.29
C VAL G 346 -63.09 -80.95 -31.06
N TYR G 347 -63.59 -79.73 -31.15
CA TYR G 347 -63.52 -78.78 -30.04
C TYR G 347 -64.45 -79.21 -28.90
N GLN G 348 -65.74 -79.26 -29.18
CA GLN G 348 -66.73 -79.66 -28.18
C GLN G 348 -66.47 -81.07 -27.66
N LYS G 349 -65.77 -81.87 -28.46
CA LYS G 349 -65.47 -83.24 -28.07
C LYS G 349 -64.50 -83.22 -26.88
N MET G 350 -63.73 -82.13 -26.78
CA MET G 350 -62.78 -81.98 -25.68
C MET G 350 -63.51 -81.52 -24.43
N LYS G 351 -64.43 -80.57 -24.58
CA LYS G 351 -65.21 -80.07 -23.45
C LYS G 351 -66.09 -81.20 -22.95
N PHE G 352 -66.35 -82.16 -23.83
CA PHE G 352 -67.17 -83.32 -23.51
C PHE G 352 -66.46 -84.18 -22.47
N ASN G 353 -65.21 -84.53 -22.76
CA ASN G 353 -64.41 -85.34 -21.85
C ASN G 353 -64.28 -84.64 -20.50
N VAL G 354 -64.38 -83.32 -20.52
CA VAL G 354 -64.29 -82.54 -19.30
C VAL G 354 -65.50 -82.87 -18.42
N ALA G 355 -66.66 -82.94 -19.06
CA ALA G 355 -67.90 -83.26 -18.37
C ALA G 355 -67.80 -84.66 -17.75
N MET G 356 -67.16 -85.56 -18.48
CA MET G 356 -66.98 -86.94 -18.02
C MET G 356 -66.06 -86.98 -16.82
N GLY G 357 -64.83 -86.49 -17.01
CA GLY G 357 -63.84 -86.50 -15.95
C GLY G 357 -62.62 -87.21 -16.46
N ILE G 358 -62.47 -87.22 -17.78
CA ILE G 358 -61.35 -87.87 -18.45
C ILE G 358 -60.52 -86.86 -19.23
N GLY G 359 -59.43 -87.33 -19.83
CA GLY G 359 -58.56 -86.46 -20.59
C GLY G 359 -59.26 -85.65 -21.68
N VAL G 360 -59.02 -84.34 -21.68
CA VAL G 360 -59.62 -83.44 -22.66
C VAL G 360 -59.32 -83.89 -24.09
N LEU G 361 -58.18 -84.55 -24.28
CA LEU G 361 -57.78 -85.02 -25.60
C LEU G 361 -57.98 -86.52 -25.75
N ASP G 362 -59.22 -86.97 -25.64
CA ASP G 362 -59.56 -88.38 -25.77
C ASP G 362 -60.72 -88.57 -26.73
N LYS H 1 -20.50 -32.96 -30.73
CA LYS H 1 -19.22 -33.43 -30.12
C LYS H 1 -19.37 -33.52 -28.60
N GLN H 2 -20.39 -32.84 -28.08
CA GLN H 2 -20.67 -32.83 -26.65
C GLN H 2 -22.15 -32.55 -26.41
N VAL H 3 -22.70 -33.17 -25.36
CA VAL H 3 -24.09 -32.99 -25.01
C VAL H 3 -24.32 -31.75 -24.15
N SER H 4 -25.43 -31.06 -24.43
CA SER H 4 -25.78 -29.85 -23.69
C SER H 4 -26.71 -30.18 -22.54
N TRP H 5 -26.38 -29.68 -21.34
CA TRP H 5 -27.19 -29.92 -20.16
C TRP H 5 -28.23 -28.82 -19.98
N LYS H 6 -27.87 -27.60 -20.38
CA LYS H 6 -28.76 -26.45 -20.26
C LYS H 6 -30.02 -26.65 -21.10
N LEU H 7 -29.89 -27.36 -22.21
CA LEU H 7 -31.03 -27.61 -23.10
C LEU H 7 -31.98 -28.61 -22.45
N VAL H 8 -31.44 -29.67 -21.89
CA VAL H 8 -32.23 -30.69 -21.22
C VAL H 8 -32.93 -30.07 -20.02
N THR H 9 -32.20 -29.22 -19.30
CA THR H 9 -32.73 -28.54 -18.13
C THR H 9 -33.84 -27.58 -18.57
N GLU H 10 -33.65 -26.97 -19.74
CA GLU H 10 -34.63 -26.04 -20.29
C GLU H 10 -35.94 -26.77 -20.54
N TYR H 11 -35.85 -27.90 -21.25
CA TYR H 11 -37.02 -28.71 -21.56
C TYR H 11 -37.70 -29.14 -20.27
N ALA H 12 -36.91 -29.40 -19.24
CA ALA H 12 -37.43 -29.83 -17.95
C ALA H 12 -38.23 -28.71 -17.31
N MET H 13 -37.70 -27.50 -17.36
CA MET H 13 -38.36 -26.33 -16.77
C MET H 13 -39.66 -26.04 -17.52
N GLU H 14 -39.71 -26.44 -18.79
CA GLU H 14 -40.89 -26.22 -19.62
C GLU H 14 -42.04 -27.15 -19.22
N THR H 15 -41.81 -28.45 -19.35
CA THR H 15 -42.82 -29.45 -19.01
C THR H 15 -42.96 -29.60 -17.50
N LYS H 16 -42.08 -28.93 -16.76
CA LYS H 16 -42.10 -29.00 -15.30
C LYS H 16 -42.06 -30.44 -14.81
N CYS H 17 -41.36 -31.29 -15.55
CA CYS H 17 -41.23 -32.70 -15.20
C CYS H 17 -40.36 -32.87 -13.96
N ASP H 18 -41.00 -33.26 -12.86
CA ASP H 18 -40.29 -33.47 -11.60
C ASP H 18 -39.96 -34.95 -11.41
N ASP H 19 -39.89 -35.68 -12.53
CA ASP H 19 -39.58 -37.10 -12.49
C ASP H 19 -38.26 -37.35 -13.21
N VAL H 20 -37.54 -38.39 -12.80
CA VAL H 20 -36.26 -38.73 -13.39
C VAL H 20 -36.41 -39.61 -14.62
N LEU H 21 -36.92 -40.82 -14.44
CA LEU H 21 -37.11 -41.75 -15.54
C LEU H 21 -38.09 -41.23 -16.59
N LEU H 22 -39.08 -40.47 -16.14
CA LEU H 22 -40.07 -39.90 -17.06
C LEU H 22 -39.42 -38.87 -17.97
N LEU H 23 -38.67 -37.95 -17.36
CA LEU H 23 -37.99 -36.91 -18.10
C LEU H 23 -36.97 -37.52 -19.06
N LEU H 24 -36.45 -38.69 -18.70
CA LEU H 24 -35.46 -39.38 -19.52
C LEU H 24 -36.10 -39.94 -20.78
N GLY H 25 -37.17 -40.72 -20.61
CA GLY H 25 -37.85 -41.31 -21.76
C GLY H 25 -38.39 -40.27 -22.73
N MET H 26 -39.01 -39.23 -22.21
CA MET H 26 -39.59 -38.19 -23.04
C MET H 26 -38.54 -37.51 -23.92
N TYR H 27 -37.36 -37.28 -23.36
CA TYR H 27 -36.28 -36.64 -24.09
C TYR H 27 -35.59 -37.58 -25.07
N LEU H 28 -35.72 -38.89 -24.83
CA LEU H 28 -35.11 -39.89 -25.69
C LEU H 28 -35.91 -40.13 -26.97
N GLU H 29 -36.98 -39.35 -27.15
CA GLU H 29 -37.82 -39.48 -28.34
C GLU H 29 -37.44 -38.44 -29.38
N PHE H 30 -36.49 -37.58 -29.05
CA PHE H 30 -36.04 -36.54 -29.96
C PHE H 30 -34.69 -36.87 -30.57
N GLN H 31 -34.28 -38.13 -30.45
CA GLN H 31 -33.00 -38.57 -30.99
C GLN H 31 -33.20 -39.30 -32.31
N TYR H 32 -34.36 -39.07 -32.93
CA TYR H 32 -34.69 -39.71 -34.20
C TYR H 32 -34.82 -38.65 -35.29
N SER H 33 -36.05 -38.21 -35.53
CA SER H 33 -36.31 -37.20 -36.56
C SER H 33 -37.75 -36.73 -36.53
N PHE H 34 -37.94 -35.42 -36.41
CA PHE H 34 -39.28 -34.84 -36.38
C PHE H 34 -39.78 -34.72 -37.81
N GLU H 35 -38.94 -35.14 -38.75
CA GLU H 35 -39.24 -35.09 -40.16
C GLU H 35 -40.45 -35.96 -40.50
N MET H 36 -40.53 -37.13 -39.88
CA MET H 36 -41.64 -38.06 -40.14
C MET H 36 -42.30 -38.58 -38.86
N CYS H 37 -41.99 -37.95 -37.74
CA CYS H 37 -42.56 -38.38 -36.46
C CYS H 37 -44.08 -38.29 -36.49
N LEU H 38 -44.74 -39.43 -36.27
CA LEU H 38 -46.19 -39.48 -36.27
C LEU H 38 -46.79 -38.67 -35.12
N LYS H 39 -46.14 -38.73 -33.97
CA LYS H 39 -46.61 -38.00 -32.79
C LYS H 39 -46.51 -36.48 -32.98
N CYS H 40 -45.68 -36.05 -33.91
CA CYS H 40 -45.50 -34.63 -34.19
C CYS H 40 -46.56 -34.12 -35.14
N ILE H 41 -46.99 -34.97 -36.07
CA ILE H 41 -47.99 -34.60 -37.06
C ILE H 41 -49.40 -34.77 -36.49
N LYS H 42 -49.61 -35.85 -35.75
CA LYS H 42 -50.91 -36.15 -35.17
C LYS H 42 -51.26 -35.22 -34.01
N LYS H 43 -50.27 -34.48 -33.52
CA LYS H 43 -50.48 -33.55 -32.41
C LYS H 43 -51.09 -34.30 -31.23
N GLU H 44 -50.33 -35.22 -30.67
CA GLU H 44 -50.81 -36.02 -29.55
C GLU H 44 -50.41 -35.44 -28.18
N GLN H 45 -49.13 -35.17 -28.01
CA GLN H 45 -48.64 -34.62 -26.74
C GLN H 45 -47.90 -33.29 -26.94
N PRO H 46 -48.44 -32.20 -26.36
CA PRO H 46 -47.85 -30.87 -26.46
C PRO H 46 -46.39 -30.84 -26.00
N SER H 47 -46.00 -31.85 -25.24
CA SER H 47 -44.64 -31.96 -24.73
C SER H 47 -43.73 -32.68 -25.71
N HIS H 48 -44.22 -32.89 -26.93
CA HIS H 48 -43.44 -33.57 -27.96
C HIS H 48 -43.23 -32.73 -29.22
N TYR H 49 -44.30 -32.55 -29.98
CA TYR H 49 -44.25 -31.79 -31.22
C TYR H 49 -43.93 -30.31 -31.01
N LYS H 50 -43.97 -29.86 -29.76
CA LYS H 50 -43.68 -28.46 -29.46
C LYS H 50 -42.24 -28.25 -28.99
N TYR H 51 -41.53 -29.34 -28.73
CA TYR H 51 -40.14 -29.23 -28.27
C TYR H 51 -39.13 -30.11 -29.00
N HIS H 52 -39.59 -30.89 -29.97
CA HIS H 52 -38.67 -31.76 -30.70
C HIS H 52 -37.67 -30.95 -31.52
N GLU H 53 -38.17 -30.05 -32.37
CA GLU H 53 -37.30 -29.22 -33.19
C GLU H 53 -36.41 -28.34 -32.33
N LYS H 54 -36.84 -28.11 -31.08
CA LYS H 54 -36.08 -27.27 -30.15
C LYS H 54 -34.94 -28.03 -29.49
N HIS H 55 -35.11 -29.33 -29.30
CA HIS H 55 -34.08 -30.15 -28.66
C HIS H 55 -33.60 -31.31 -29.52
N TYR H 56 -33.88 -31.25 -30.82
CA TYR H 56 -33.47 -32.32 -31.73
C TYR H 56 -31.96 -32.40 -31.86
N ALA H 57 -31.30 -31.24 -31.83
CA ALA H 57 -29.85 -31.17 -31.96
C ALA H 57 -29.13 -31.86 -30.80
N ASN H 58 -29.54 -31.55 -29.58
CA ASN H 58 -28.91 -32.13 -28.39
C ASN H 58 -29.31 -33.58 -28.19
N ALA H 59 -30.59 -33.87 -28.37
CA ALA H 59 -31.10 -35.24 -28.19
C ALA H 59 -30.38 -36.21 -29.12
N ALA H 60 -29.93 -35.70 -30.27
CA ALA H 60 -29.23 -36.52 -31.25
C ALA H 60 -27.95 -37.07 -30.65
N ILE H 61 -27.29 -36.26 -29.82
CA ILE H 61 -26.04 -36.66 -29.18
C ILE H 61 -26.36 -37.28 -27.82
N PHE H 62 -27.51 -36.93 -27.28
CA PHE H 62 -27.94 -37.44 -25.97
C PHE H 62 -28.00 -38.96 -26.00
N ALA H 63 -28.32 -39.52 -27.15
CA ALA H 63 -28.41 -40.97 -27.32
C ALA H 63 -27.07 -41.66 -27.07
N ASP H 64 -26.00 -41.04 -27.55
CA ASP H 64 -24.66 -41.59 -27.38
C ASP H 64 -23.99 -41.09 -26.09
N SER H 65 -24.80 -40.75 -25.11
CA SER H 65 -24.29 -40.26 -23.83
C SER H 65 -24.17 -41.39 -22.83
N LYS H 66 -23.11 -41.36 -22.01
CA LYS H 66 -22.88 -42.39 -21.02
C LYS H 66 -23.51 -41.99 -19.68
N ASN H 67 -24.18 -40.85 -19.67
CA ASN H 67 -24.83 -40.35 -18.46
C ASN H 67 -26.24 -39.84 -18.77
N GLN H 68 -27.02 -40.68 -19.46
CA GLN H 68 -28.38 -40.33 -19.83
C GLN H 68 -29.27 -40.05 -18.62
N LYS H 69 -29.05 -40.80 -17.56
CA LYS H 69 -29.85 -40.64 -16.34
C LYS H 69 -29.29 -39.51 -15.46
N THR H 70 -28.02 -39.19 -15.64
CA THR H 70 -27.39 -38.13 -14.86
C THR H 70 -27.81 -36.76 -15.38
N ILE H 71 -27.77 -36.59 -16.69
CA ILE H 71 -28.15 -35.33 -17.32
C ILE H 71 -29.59 -34.96 -16.95
N CYS H 72 -30.48 -35.94 -17.07
CA CYS H 72 -31.89 -35.72 -16.77
C CYS H 72 -32.10 -35.58 -15.26
N GLN H 73 -31.20 -36.16 -14.48
CA GLN H 73 -31.29 -36.11 -13.02
C GLN H 73 -31.17 -34.67 -12.54
N GLN H 74 -30.13 -33.98 -13.01
CA GLN H 74 -29.89 -32.60 -12.63
C GLN H 74 -31.08 -31.72 -13.02
N ALA H 75 -31.67 -32.03 -14.17
CA ALA H 75 -32.82 -31.28 -14.67
C ALA H 75 -33.96 -31.37 -13.66
N VAL H 76 -34.21 -32.58 -13.17
CA VAL H 76 -35.27 -32.81 -12.19
C VAL H 76 -35.06 -31.94 -10.96
N ASP H 77 -33.82 -31.88 -10.48
CA ASP H 77 -33.48 -31.08 -9.32
C ASP H 77 -33.77 -29.61 -9.58
N THR H 78 -33.55 -29.19 -10.83
CA THR H 78 -33.79 -27.81 -11.23
C THR H 78 -35.29 -27.55 -11.22
N VAL H 79 -36.06 -28.58 -11.55
CA VAL H 79 -37.51 -28.47 -11.59
C VAL H 79 -38.04 -28.32 -10.16
N LEU H 80 -37.64 -29.23 -9.29
CA LEU H 80 -38.05 -29.18 -7.89
C LEU H 80 -37.55 -27.89 -7.26
N ALA H 81 -36.40 -27.42 -7.74
CA ALA H 81 -35.81 -26.18 -7.22
C ALA H 81 -36.74 -25.01 -7.50
N LYS H 82 -37.32 -24.99 -8.69
CA LYS H 82 -38.23 -23.92 -9.09
C LYS H 82 -39.41 -23.87 -8.12
N LYS H 83 -40.04 -25.02 -7.91
CA LYS H 83 -41.18 -25.11 -7.00
C LYS H 83 -40.73 -24.77 -5.59
N ARG H 84 -39.51 -25.16 -5.27
CA ARG H 84 -38.93 -24.91 -3.95
C ARG H 84 -38.87 -23.41 -3.69
N VAL H 85 -38.69 -22.64 -4.75
CA VAL H 85 -38.59 -21.19 -4.66
C VAL H 85 -39.97 -20.52 -4.70
N ASP H 86 -40.80 -20.93 -5.65
CA ASP H 86 -42.13 -20.36 -5.80
C ASP H 86 -42.97 -20.48 -4.53
N SER H 87 -42.72 -21.54 -3.77
CA SER H 87 -43.47 -21.78 -2.54
C SER H 87 -43.12 -20.78 -1.45
N LEU H 88 -42.19 -19.87 -1.74
CA LEU H 88 -41.78 -18.87 -0.77
C LEU H 88 -41.96 -17.43 -1.27
N GLN H 89 -41.74 -17.23 -2.57
CA GLN H 89 -41.86 -15.89 -3.14
C GLN H 89 -43.28 -15.53 -3.56
N LEU H 90 -43.88 -16.32 -4.44
CA LEU H 90 -45.24 -16.06 -4.90
C LEU H 90 -46.25 -16.29 -3.79
N THR H 91 -47.18 -15.35 -3.63
CA THR H 91 -48.21 -15.48 -2.60
C THR H 91 -49.07 -16.70 -2.94
N ARG H 92 -49.80 -17.20 -1.96
CA ARG H 92 -50.64 -18.37 -2.16
C ARG H 92 -51.74 -18.12 -3.19
N GLU H 93 -52.00 -16.86 -3.49
CA GLU H 93 -53.04 -16.52 -4.46
C GLU H 93 -52.44 -16.53 -5.86
N GLN H 94 -51.17 -16.11 -5.96
CA GLN H 94 -50.49 -16.07 -7.25
C GLN H 94 -50.20 -17.50 -7.71
N MET H 95 -49.89 -18.38 -6.75
CA MET H 95 -49.61 -19.77 -7.09
C MET H 95 -50.83 -20.38 -7.78
N LEU H 96 -52.02 -20.03 -7.30
CA LEU H 96 -53.24 -20.53 -7.89
C LEU H 96 -53.44 -19.90 -9.26
N THR H 97 -53.12 -18.62 -9.35
CA THR H 97 -53.25 -17.88 -10.61
C THR H 97 -52.56 -18.64 -11.74
N ASN H 98 -51.35 -19.12 -11.47
CA ASN H 98 -50.59 -19.87 -12.47
C ASN H 98 -51.27 -21.20 -12.78
N ARG H 99 -51.81 -21.84 -11.73
CA ARG H 99 -52.48 -23.12 -11.88
C ARG H 99 -53.71 -22.96 -12.78
N PHE H 100 -54.56 -21.98 -12.47
CA PHE H 100 -55.75 -21.73 -13.25
C PHE H 100 -55.43 -21.52 -14.72
N ASN H 101 -54.28 -20.91 -15.00
CA ASN H 101 -53.87 -20.66 -16.38
C ASN H 101 -53.41 -21.95 -17.05
N ASP H 102 -52.69 -22.79 -16.32
CA ASP H 102 -52.21 -24.05 -16.87
C ASP H 102 -53.39 -24.98 -17.15
N LEU H 103 -54.44 -24.85 -16.35
CA LEU H 103 -55.64 -25.67 -16.52
C LEU H 103 -56.36 -25.24 -17.80
N LEU H 104 -56.27 -23.95 -18.11
CA LEU H 104 -56.91 -23.42 -19.30
C LEU H 104 -56.09 -23.73 -20.56
N ASP H 105 -54.78 -23.89 -20.37
CA ASP H 105 -53.89 -24.19 -21.48
C ASP H 105 -54.28 -25.54 -22.09
N ARG H 106 -54.59 -26.50 -21.23
CA ARG H 106 -54.99 -27.83 -21.67
C ARG H 106 -56.30 -27.70 -22.45
N MET H 107 -57.18 -26.84 -21.94
CA MET H 107 -58.49 -26.59 -22.54
C MET H 107 -58.36 -25.99 -23.94
N ASP H 108 -57.44 -25.06 -24.11
CA ASP H 108 -57.23 -24.41 -25.40
C ASP H 108 -56.76 -25.40 -26.45
N ILE H 109 -56.32 -26.58 -25.99
CA ILE H 109 -55.84 -27.61 -26.90
C ILE H 109 -56.91 -28.68 -27.12
N MET H 110 -57.47 -29.18 -26.03
CA MET H 110 -58.49 -30.21 -26.10
C MET H 110 -59.79 -29.68 -26.71
N PHE H 111 -60.10 -28.42 -26.43
CA PHE H 111 -61.30 -27.79 -26.96
C PHE H 111 -60.97 -26.98 -28.22
N GLY H 112 -59.89 -27.35 -28.89
CA GLY H 112 -59.49 -26.65 -30.09
C GLY H 112 -59.56 -27.53 -31.33
N SER H 113 -58.56 -27.42 -32.19
CA SER H 113 -58.51 -28.20 -33.42
C SER H 113 -57.73 -29.49 -33.21
N THR H 114 -56.68 -29.43 -32.40
CA THR H 114 -55.86 -30.60 -32.12
C THR H 114 -56.33 -31.31 -30.85
N GLY H 115 -57.61 -31.13 -30.52
CA GLY H 115 -58.16 -31.76 -29.34
C GLY H 115 -59.31 -32.69 -29.65
N SER H 116 -59.51 -33.69 -28.80
CA SER H 116 -60.58 -34.67 -28.98
C SER H 116 -61.58 -34.60 -27.83
N ALA H 117 -61.57 -33.48 -27.11
CA ALA H 117 -62.47 -33.28 -25.99
C ALA H 117 -63.74 -32.56 -26.43
N ASP H 118 -64.88 -33.06 -25.99
CA ASP H 118 -66.17 -32.47 -26.34
C ASP H 118 -66.63 -31.56 -25.22
N ILE H 119 -66.72 -30.26 -25.50
CA ILE H 119 -67.14 -29.27 -24.52
C ILE H 119 -68.52 -29.56 -23.95
N GLU H 120 -69.37 -30.23 -24.74
CA GLU H 120 -70.72 -30.55 -24.30
C GLU H 120 -70.72 -31.45 -23.07
N GLU H 121 -69.86 -32.47 -23.08
CA GLU H 121 -69.77 -33.40 -21.97
C GLU H 121 -69.23 -32.74 -20.70
N TRP H 122 -68.20 -31.91 -20.85
CA TRP H 122 -67.61 -31.23 -19.71
C TRP H 122 -68.58 -30.22 -19.10
N MET H 123 -69.46 -29.67 -19.93
CA MET H 123 -70.44 -28.71 -19.45
C MET H 123 -71.53 -29.48 -18.71
N ALA H 124 -71.70 -30.74 -19.09
CA ALA H 124 -72.68 -31.61 -18.48
C ALA H 124 -72.19 -32.00 -17.08
N GLY H 125 -70.87 -32.14 -16.95
CA GLY H 125 -70.29 -32.49 -15.68
C GLY H 125 -70.49 -31.37 -14.68
N VAL H 126 -70.42 -30.13 -15.18
CA VAL H 126 -70.61 -28.96 -14.34
C VAL H 126 -72.02 -28.99 -13.76
N ALA H 127 -72.93 -29.66 -14.47
CA ALA H 127 -74.31 -29.78 -14.05
C ALA H 127 -74.43 -30.82 -12.94
N TRP H 128 -73.84 -31.98 -13.16
CA TRP H 128 -73.88 -33.06 -12.19
C TRP H 128 -73.17 -32.64 -10.90
N LEU H 129 -72.04 -31.96 -11.07
CA LEU H 129 -71.26 -31.49 -9.93
C LEU H 129 -72.00 -30.44 -9.12
N HIS H 130 -72.83 -29.65 -9.79
CA HIS H 130 -73.59 -28.61 -9.10
C HIS H 130 -74.81 -29.23 -8.43
N CYS H 131 -75.16 -30.44 -8.85
CA CYS H 131 -76.30 -31.15 -8.29
C CYS H 131 -75.80 -32.12 -7.22
N LEU H 132 -74.55 -31.95 -6.82
CA LEU H 132 -73.93 -32.81 -5.82
C LEU H 132 -74.08 -32.20 -4.42
N LEU H 133 -73.98 -30.88 -4.35
CA LEU H 133 -74.10 -30.17 -3.07
C LEU H 133 -74.72 -28.79 -3.26
N PRO H 134 -75.47 -28.31 -2.26
CA PRO H 134 -76.13 -27.00 -2.31
C PRO H 134 -75.13 -25.87 -2.55
N LYS H 135 -75.31 -25.13 -3.64
CA LYS H 135 -74.43 -24.04 -3.99
C LYS H 135 -72.99 -24.54 -4.09
N MET H 136 -72.80 -25.60 -4.88
CA MET H 136 -71.48 -26.19 -5.06
C MET H 136 -70.44 -25.18 -5.51
N ASP H 137 -70.75 -24.45 -6.58
CA ASP H 137 -69.82 -23.44 -7.10
C ASP H 137 -69.48 -22.41 -6.02
N SER H 138 -70.48 -22.07 -5.21
CA SER H 138 -70.28 -21.10 -4.14
C SER H 138 -69.26 -21.60 -3.12
N VAL H 139 -69.38 -22.88 -2.78
CA VAL H 139 -68.48 -23.51 -1.82
C VAL H 139 -67.05 -23.55 -2.35
N VAL H 140 -66.91 -23.80 -3.64
CA VAL H 140 -65.60 -23.87 -4.28
C VAL H 140 -64.82 -22.57 -4.10
N TYR H 141 -65.49 -21.44 -4.29
CA TYR H 141 -64.85 -20.15 -4.15
C TYR H 141 -64.38 -19.93 -2.71
N ASP H 142 -65.18 -20.40 -1.77
CA ASP H 142 -64.85 -20.27 -0.36
C ASP H 142 -63.63 -21.10 -0.01
N PHE H 143 -63.59 -22.34 -0.50
CA PHE H 143 -62.47 -23.22 -0.23
C PHE H 143 -61.19 -22.64 -0.83
N LEU H 144 -61.28 -22.17 -2.07
CA LEU H 144 -60.14 -21.58 -2.75
C LEU H 144 -59.50 -20.50 -1.90
N LYS H 145 -60.29 -19.49 -1.54
CA LYS H 145 -59.81 -18.39 -0.71
C LYS H 145 -59.38 -18.88 0.67
N CYS H 146 -60.09 -19.89 1.19
CA CYS H 146 -59.75 -20.44 2.49
C CYS H 146 -58.32 -20.96 2.44
N MET H 147 -57.93 -21.44 1.27
CA MET H 147 -56.59 -21.97 1.06
C MET H 147 -55.61 -20.80 0.89
N VAL H 148 -56.08 -19.73 0.28
CA VAL H 148 -55.26 -18.54 0.05
C VAL H 148 -54.98 -17.79 1.35
N TYR H 149 -56.04 -17.49 2.08
CA TYR H 149 -55.91 -16.78 3.36
C TYR H 149 -54.95 -17.50 4.29
N ASN H 150 -55.01 -18.83 4.29
CA ASN H 150 -54.13 -19.64 5.13
C ASN H 150 -54.22 -19.19 6.59
N ILE H 151 -55.29 -19.62 7.26
CA ILE H 151 -55.49 -19.26 8.66
C ILE H 151 -55.21 -20.44 9.59
N PRO H 152 -54.20 -20.31 10.46
CA PRO H 152 -53.80 -21.35 11.42
C PRO H 152 -54.96 -21.98 12.19
N LYS H 153 -54.96 -23.30 12.23
CA LYS H 153 -56.01 -24.06 12.91
C LYS H 153 -57.37 -23.74 12.31
N LYS H 154 -57.34 -23.27 11.07
CA LYS H 154 -58.55 -22.91 10.33
C LYS H 154 -58.21 -23.08 8.85
N ARG H 155 -57.84 -24.30 8.47
CA ARG H 155 -57.46 -24.57 7.08
C ARG H 155 -58.14 -25.79 6.48
N TYR H 156 -57.98 -26.95 7.11
CA TYR H 156 -58.58 -28.17 6.58
C TYR H 156 -60.10 -28.21 6.62
N TRP H 157 -60.68 -28.84 5.59
CA TRP H 157 -62.12 -28.99 5.46
C TRP H 157 -62.45 -30.47 5.66
N LEU H 158 -63.68 -30.76 6.09
CA LEU H 158 -64.08 -32.14 6.31
C LEU H 158 -65.11 -32.65 5.31
N PHE H 159 -64.76 -33.72 4.60
CA PHE H 159 -65.65 -34.33 3.63
C PHE H 159 -66.15 -35.65 4.21
N LYS H 160 -66.92 -35.53 5.29
CA LYS H 160 -67.46 -36.69 6.00
C LYS H 160 -68.81 -37.12 5.41
N GLY H 161 -68.84 -38.31 4.83
CA GLY H 161 -70.07 -38.82 4.25
C GLY H 161 -70.05 -40.31 3.99
N PRO H 162 -71.22 -40.97 3.92
CA PRO H 162 -71.33 -42.41 3.68
C PRO H 162 -70.61 -42.85 2.41
N ILE H 163 -70.59 -44.16 2.17
CA ILE H 163 -69.95 -44.71 0.99
C ILE H 163 -70.72 -44.32 -0.28
N ASP H 164 -69.98 -43.99 -1.34
CA ASP H 164 -70.59 -43.59 -2.60
C ASP H 164 -71.54 -42.42 -2.41
N SER H 165 -71.02 -41.21 -2.56
CA SER H 165 -71.83 -40.00 -2.41
C SER H 165 -71.26 -38.86 -3.25
N GLY H 166 -69.95 -38.82 -3.38
CA GLY H 166 -69.32 -37.77 -4.16
C GLY H 166 -68.08 -37.19 -3.51
N LYS H 167 -67.72 -37.73 -2.34
CA LYS H 167 -66.55 -37.26 -1.60
C LYS H 167 -65.28 -37.43 -2.43
N THR H 168 -64.94 -38.68 -2.72
CA THR H 168 -63.75 -39.00 -3.49
C THR H 168 -63.81 -38.39 -4.88
N THR H 169 -65.00 -37.97 -5.29
CA THR H 169 -65.20 -37.38 -6.61
C THR H 169 -64.86 -35.89 -6.59
N LEU H 170 -65.19 -35.22 -5.48
CA LEU H 170 -64.92 -33.80 -5.33
C LEU H 170 -63.53 -33.56 -4.74
N ALA H 171 -63.21 -34.28 -3.67
CA ALA H 171 -61.92 -34.14 -3.01
C ALA H 171 -60.79 -34.39 -4.00
N ALA H 172 -61.10 -35.08 -5.09
CA ALA H 172 -60.11 -35.38 -6.11
C ALA H 172 -60.00 -34.24 -7.12
N ALA H 173 -61.14 -33.79 -7.63
CA ALA H 173 -61.18 -32.70 -8.60
C ALA H 173 -60.56 -31.45 -8.01
N LEU H 174 -60.88 -31.16 -6.75
CA LEU H 174 -60.35 -29.98 -6.07
C LEU H 174 -58.83 -30.03 -6.01
N LEU H 175 -58.29 -31.23 -5.84
CA LEU H 175 -56.85 -31.42 -5.77
C LEU H 175 -56.16 -30.93 -7.03
N GLU H 176 -56.79 -31.17 -8.18
CA GLU H 176 -56.25 -30.76 -9.46
C GLU H 176 -56.60 -29.31 -9.78
N LEU H 177 -57.72 -28.85 -9.24
CA LEU H 177 -58.16 -27.48 -9.48
C LEU H 177 -57.20 -26.48 -8.83
N CYS H 178 -56.71 -26.83 -7.64
CA CYS H 178 -55.78 -25.96 -6.93
C CYS H 178 -54.34 -26.41 -7.11
N GLY H 179 -54.11 -27.71 -6.94
CA GLY H 179 -52.77 -28.24 -7.09
C GLY H 179 -52.26 -28.87 -5.81
N GLY H 180 -51.50 -29.95 -5.93
CA GLY H 180 -50.97 -30.62 -4.77
C GLY H 180 -50.99 -32.14 -4.88
N LYS H 181 -50.95 -32.82 -3.75
CA LYS H 181 -50.97 -34.28 -3.74
C LYS H 181 -51.95 -34.82 -2.70
N ALA H 182 -52.32 -36.08 -2.84
CA ALA H 182 -53.24 -36.73 -1.92
C ALA H 182 -52.50 -37.80 -1.13
N LEU H 183 -52.50 -37.68 0.19
CA LEU H 183 -51.82 -38.64 1.05
C LEU H 183 -52.79 -39.60 1.73
N ASN H 184 -52.24 -40.50 2.54
CA ASN H 184 -53.03 -41.49 3.27
C ASN H 184 -52.41 -41.70 4.65
N VAL H 185 -53.25 -41.94 5.64
CA VAL H 185 -52.75 -42.16 7.01
C VAL H 185 -53.25 -43.46 7.62
N ASN H 186 -53.85 -44.31 6.79
CA ASN H 186 -54.35 -45.60 7.27
C ASN H 186 -53.18 -46.52 7.62
N LEU H 187 -52.03 -46.26 7.02
CA LEU H 187 -50.83 -47.06 7.28
C LEU H 187 -50.21 -46.63 8.60
N PRO H 188 -49.45 -47.53 9.25
CA PRO H 188 -48.80 -47.23 10.52
C PRO H 188 -48.05 -45.90 10.51
N LEU H 189 -47.83 -45.34 11.69
CA LEU H 189 -47.12 -44.08 11.82
C LEU H 189 -45.64 -44.28 11.53
N ASP H 190 -45.31 -45.44 10.96
CA ASP H 190 -43.93 -45.76 10.62
C ASP H 190 -43.59 -45.16 9.26
N ARG H 191 -44.32 -45.55 8.23
CA ARG H 191 -44.11 -45.06 6.88
C ARG H 191 -44.81 -43.72 6.70
N LEU H 192 -45.43 -43.24 7.77
CA LEU H 192 -46.15 -41.97 7.74
C LEU H 192 -45.18 -40.84 7.38
N ASN H 193 -43.95 -40.94 7.87
CA ASN H 193 -42.94 -39.93 7.59
C ASN H 193 -42.51 -39.97 6.12
N PHE H 194 -42.51 -41.16 5.54
CA PHE H 194 -42.13 -41.33 4.15
C PHE H 194 -43.26 -40.93 3.20
N GLU H 195 -44.43 -40.67 3.75
CA GLU H 195 -45.57 -40.28 2.94
C GLU H 195 -45.94 -38.82 3.18
N LEU H 196 -45.75 -38.35 4.41
CA LEU H 196 -46.05 -36.97 4.75
C LEU H 196 -45.01 -36.04 4.12
N GLY H 197 -43.92 -36.62 3.63
CA GLY H 197 -42.88 -35.83 3.00
C GLY H 197 -43.21 -35.47 1.56
N VAL H 198 -44.45 -35.72 1.17
CA VAL H 198 -44.90 -35.41 -0.19
C VAL H 198 -45.51 -34.02 -0.23
N ALA H 199 -46.02 -33.57 0.91
CA ALA H 199 -46.65 -32.25 1.01
C ALA H 199 -45.63 -31.13 0.95
N ILE H 200 -44.37 -31.47 0.65
CA ILE H 200 -43.31 -30.48 0.57
C ILE H 200 -43.52 -29.53 -0.60
N ASP H 201 -43.47 -28.23 -0.32
CA ASP H 201 -43.64 -27.20 -1.33
C ASP H 201 -44.97 -27.33 -2.07
N GLN H 202 -45.89 -28.10 -1.51
CA GLN H 202 -47.20 -28.29 -2.12
C GLN H 202 -48.14 -27.15 -1.74
N PHE H 203 -49.41 -27.28 -2.12
CA PHE H 203 -50.40 -26.25 -1.83
C PHE H 203 -51.42 -26.79 -0.82
N LEU H 204 -51.91 -28.00 -1.06
CA LEU H 204 -52.88 -28.63 -0.18
C LEU H 204 -52.74 -30.15 -0.18
N VAL H 205 -53.25 -30.78 0.86
CA VAL H 205 -53.18 -32.24 0.99
C VAL H 205 -54.58 -32.84 1.00
N VAL H 206 -54.68 -34.10 0.58
CA VAL H 206 -55.97 -34.79 0.54
C VAL H 206 -55.90 -36.14 1.24
N PHE H 207 -56.47 -36.21 2.44
CA PHE H 207 -56.48 -37.45 3.21
C PHE H 207 -57.72 -38.27 2.83
N GLU H 208 -57.50 -39.36 2.10
CA GLU H 208 -58.60 -40.22 1.65
C GLU H 208 -59.00 -41.29 2.65
N ASP H 209 -60.28 -41.26 3.03
CA ASP H 209 -60.88 -42.21 3.96
C ASP H 209 -60.01 -42.55 5.17
N VAL H 210 -60.21 -41.83 6.26
CA VAL H 210 -59.46 -42.07 7.49
C VAL H 210 -60.26 -42.99 8.39
N LYS H 211 -59.63 -44.09 8.82
CA LYS H 211 -60.29 -45.06 9.68
C LYS H 211 -60.10 -44.74 11.16
N GLY H 212 -61.20 -44.82 11.91
CA GLY H 212 -61.15 -44.55 13.34
C GLY H 212 -61.87 -45.63 14.13
N THR H 213 -61.65 -45.66 15.44
CA THR H 213 -62.28 -46.65 16.29
C THR H 213 -63.79 -46.46 16.34
N GLY H 214 -64.24 -45.24 16.06
CA GLY H 214 -65.67 -44.96 16.09
C GLY H 214 -66.43 -45.67 14.99
N GLY H 215 -67.76 -45.73 15.13
CA GLY H 215 -68.58 -46.39 14.13
C GLY H 215 -68.36 -47.89 14.06
N GLU H 216 -68.27 -48.53 15.23
CA GLU H 216 -68.07 -49.97 15.29
C GLU H 216 -69.38 -50.72 15.07
N SER H 217 -70.49 -50.02 15.21
CA SER H 217 -71.81 -50.61 15.03
C SER H 217 -72.34 -50.37 13.61
N ARG H 218 -71.74 -49.44 12.90
CA ARG H 218 -72.16 -49.12 11.54
C ARG H 218 -71.35 -49.89 10.50
N ASP H 219 -70.80 -51.03 10.91
CA ASP H 219 -70.01 -51.87 10.02
C ASP H 219 -68.86 -51.08 9.39
N LEU H 220 -68.31 -50.14 10.15
CA LEU H 220 -67.20 -49.32 9.67
C LEU H 220 -65.88 -49.76 10.30
N PRO H 221 -65.03 -50.45 9.51
CA PRO H 221 -63.73 -50.93 9.98
C PRO H 221 -62.87 -49.83 10.62
N SER H 222 -62.32 -50.14 11.78
CA SER H 222 -61.47 -49.18 12.50
C SER H 222 -60.03 -49.27 12.01
N GLY H 223 -59.30 -48.18 12.19
CA GLY H 223 -57.91 -48.13 11.76
C GLY H 223 -57.08 -47.15 12.57
N GLN H 224 -56.23 -46.40 11.89
CA GLN H 224 -55.37 -45.43 12.54
C GLN H 224 -55.53 -44.04 11.91
N GLY H 225 -56.47 -43.93 10.98
CA GLY H 225 -56.70 -42.67 10.30
C GLY H 225 -56.99 -41.52 11.26
N ILE H 226 -58.10 -41.62 11.98
CA ILE H 226 -58.49 -40.60 12.93
C ILE H 226 -57.41 -40.36 13.98
N ASN H 227 -56.81 -41.44 14.46
CA ASN H 227 -55.75 -41.35 15.46
C ASN H 227 -54.56 -40.56 14.95
N ASN H 228 -54.05 -40.94 13.77
CA ASN H 228 -52.90 -40.26 13.18
C ASN H 228 -53.16 -38.77 13.01
N LEU H 229 -54.40 -38.41 12.68
CA LEU H 229 -54.76 -37.01 12.49
C LEU H 229 -54.52 -36.22 13.77
N ASP H 230 -54.84 -36.83 14.91
CA ASP H 230 -54.66 -36.19 16.20
C ASP H 230 -53.18 -36.19 16.59
N ASN H 231 -52.45 -37.17 16.06
CA ASN H 231 -51.02 -37.28 16.35
C ASN H 231 -50.26 -36.29 15.46
N LEU H 232 -51.01 -35.41 14.80
CA LEU H 232 -50.43 -34.41 13.92
C LEU H 232 -51.16 -33.07 14.13
N ARG H 233 -51.24 -32.64 15.38
CA ARG H 233 -51.91 -31.39 15.72
C ARG H 233 -51.25 -30.18 15.05
N ASP H 234 -49.96 -30.01 15.27
CA ASP H 234 -49.23 -28.90 14.68
C ASP H 234 -49.33 -28.96 13.16
N TYR H 235 -49.29 -30.17 12.62
CA TYR H 235 -49.38 -30.36 11.17
C TYR H 235 -50.70 -29.79 10.65
N LEU H 236 -51.75 -29.91 11.45
CA LEU H 236 -53.07 -29.42 11.07
C LEU H 236 -53.21 -27.92 11.29
N ASP H 237 -52.53 -27.40 12.30
CA ASP H 237 -52.59 -25.97 12.61
C ASP H 237 -51.78 -25.18 11.61
N GLY H 238 -50.48 -25.46 11.53
CA GLY H 238 -49.61 -24.77 10.60
C GLY H 238 -49.00 -23.50 11.17
N SER H 239 -48.98 -23.38 12.49
CA SER H 239 -48.43 -22.20 13.14
C SER H 239 -46.93 -22.41 13.41
N VAL H 240 -46.46 -23.62 13.11
CA VAL H 240 -45.05 -23.95 13.31
C VAL H 240 -44.51 -24.68 12.08
N LYS H 241 -43.20 -24.59 11.87
CA LYS H 241 -42.57 -25.24 10.73
C LYS H 241 -42.26 -26.70 11.03
N VAL H 242 -43.17 -27.58 10.60
CA VAL H 242 -43.01 -29.01 10.82
C VAL H 242 -41.80 -29.56 10.06
N ASN H 243 -41.39 -30.78 10.40
CA ASN H 243 -40.25 -31.41 9.75
C ASN H 243 -40.70 -32.40 8.69
N LEU H 244 -40.01 -32.39 7.55
CA LEU H 244 -40.34 -33.28 6.44
C LEU H 244 -39.06 -33.91 5.89
N GLU H 245 -39.18 -35.11 5.34
CA GLU H 245 -38.05 -35.82 4.78
C GLU H 245 -38.32 -36.34 3.37
N LYS H 246 -37.39 -36.06 2.46
CA LYS H 246 -37.51 -36.50 1.07
C LYS H 246 -36.25 -37.25 0.68
N LYS H 247 -36.39 -38.56 0.50
CA LYS H 247 -35.26 -39.41 0.12
C LYS H 247 -34.12 -39.28 1.12
N HIS H 248 -34.19 -40.05 2.21
CA HIS H 248 -33.16 -40.05 3.24
C HIS H 248 -32.85 -38.66 3.80
N LEU H 249 -31.88 -37.98 3.21
CA LEU H 249 -31.49 -36.64 3.65
C LEU H 249 -32.64 -35.65 3.60
N ASN H 250 -32.88 -34.98 4.72
CA ASN H 250 -33.95 -33.99 4.82
C ASN H 250 -33.90 -32.97 3.69
N LYS H 251 -35.08 -32.65 3.15
CA LYS H 251 -35.18 -31.71 2.05
C LYS H 251 -35.99 -30.46 2.40
N ARG H 252 -36.71 -30.49 3.52
CA ARG H 252 -37.52 -29.33 3.88
C ARG H 252 -37.99 -29.29 5.33
N THR H 253 -38.20 -28.07 5.83
CA THR H 253 -38.68 -27.83 7.18
C THR H 253 -39.55 -26.57 7.09
N GLN H 254 -40.71 -26.71 6.46
CA GLN H 254 -41.63 -25.60 6.27
C GLN H 254 -42.95 -25.78 7.00
N ILE H 255 -43.93 -24.97 6.64
CA ILE H 255 -45.26 -25.03 7.23
C ILE H 255 -46.07 -26.05 6.43
N PHE H 256 -46.65 -27.03 7.14
CA PHE H 256 -47.44 -28.06 6.48
C PHE H 256 -48.65 -27.45 5.79
N PRO H 257 -48.74 -27.60 4.46
CA PRO H 257 -49.84 -27.06 3.66
C PRO H 257 -51.22 -27.53 4.14
N PRO H 258 -52.25 -26.69 3.96
CA PRO H 258 -53.62 -27.03 4.37
C PRO H 258 -54.16 -28.15 3.48
N GLY H 259 -55.48 -28.34 3.48
CA GLY H 259 -56.04 -29.38 2.66
C GLY H 259 -57.43 -29.86 3.04
N ILE H 260 -57.74 -31.08 2.63
CA ILE H 260 -59.04 -31.69 2.91
C ILE H 260 -58.90 -33.09 3.47
N VAL H 261 -59.71 -33.42 4.46
CA VAL H 261 -59.70 -34.74 5.09
C VAL H 261 -61.06 -35.40 4.89
N THR H 262 -61.06 -36.56 4.25
CA THR H 262 -62.30 -37.29 3.98
C THR H 262 -62.47 -38.51 4.88
N MET H 263 -63.73 -38.88 5.13
CA MET H 263 -64.04 -40.03 5.97
C MET H 263 -65.47 -40.53 5.74
N ASN H 264 -65.79 -41.70 6.28
CA ASN H 264 -67.11 -42.28 6.12
C ASN H 264 -67.90 -42.40 7.43
N GLU H 265 -68.38 -41.28 7.93
CA GLU H 265 -69.18 -41.24 9.16
C GLU H 265 -68.50 -41.80 10.41
N TYR H 266 -67.17 -41.68 10.50
CA TYR H 266 -66.46 -42.17 11.67
C TYR H 266 -66.56 -41.16 12.81
N SER H 267 -66.23 -41.59 14.02
CA SER H 267 -66.28 -40.71 15.18
C SER H 267 -65.09 -39.75 15.12
N VAL H 268 -65.33 -38.50 15.49
CA VAL H 268 -64.27 -37.50 15.46
C VAL H 268 -64.09 -36.77 16.78
N PRO H 269 -62.89 -36.87 17.38
CA PRO H 269 -62.58 -36.22 18.66
C PRO H 269 -62.78 -34.72 18.57
N LYS H 270 -63.16 -34.10 19.69
CA LYS H 270 -63.39 -32.66 19.70
C LYS H 270 -62.09 -31.90 19.46
N THR H 271 -60.98 -32.46 19.95
CA THR H 271 -59.67 -31.84 19.78
C THR H 271 -59.21 -31.92 18.33
N LEU H 272 -59.90 -32.76 17.55
CA LEU H 272 -59.57 -32.93 16.14
C LEU H 272 -60.48 -32.04 15.29
N GLN H 273 -61.77 -32.05 15.63
CA GLN H 273 -62.76 -31.26 14.92
C GLN H 273 -62.43 -29.77 15.03
N ALA H 274 -61.76 -29.40 16.12
CA ALA H 274 -61.37 -28.01 16.35
C ALA H 274 -60.21 -27.59 15.45
N ARG H 275 -59.74 -28.52 14.62
CA ARG H 275 -58.65 -28.25 13.71
C ARG H 275 -59.18 -28.06 12.30
N PHE H 276 -60.49 -28.24 12.14
CA PHE H 276 -61.14 -28.11 10.85
C PHE H 276 -61.78 -26.72 10.69
N VAL H 277 -62.49 -26.53 9.59
CA VAL H 277 -63.16 -25.27 9.29
C VAL H 277 -64.64 -25.48 9.04
N LYS H 278 -64.94 -26.33 8.05
CA LYS H 278 -66.31 -26.63 7.69
C LYS H 278 -66.50 -28.12 7.47
N GLN H 279 -67.67 -28.63 7.84
CA GLN H 279 -67.97 -30.06 7.70
C GLN H 279 -69.06 -30.25 6.64
N ILE H 280 -68.69 -30.86 5.52
CA ILE H 280 -69.64 -31.11 4.44
C ILE H 280 -70.09 -32.56 4.43
N ASP H 281 -71.32 -32.79 4.88
CA ASP H 281 -71.88 -34.13 4.92
C ASP H 281 -72.46 -34.52 3.56
N PHE H 282 -71.73 -35.32 2.82
CA PHE H 282 -72.17 -35.77 1.50
C PHE H 282 -73.34 -36.74 1.60
N ARG H 283 -74.39 -36.47 0.83
CA ARG H 283 -75.58 -37.32 0.83
C ARG H 283 -75.66 -38.23 -0.39
N PRO H 284 -75.76 -39.55 -0.17
CA PRO H 284 -75.86 -40.51 -1.27
C PRO H 284 -77.18 -40.33 -2.00
N LYS H 285 -77.18 -39.47 -3.02
CA LYS H 285 -78.39 -39.19 -3.78
C LYS H 285 -78.60 -40.20 -4.90
N ASP H 286 -79.86 -40.61 -5.09
CA ASP H 286 -80.22 -41.57 -6.12
C ASP H 286 -80.20 -40.99 -7.53
N TYR H 287 -80.82 -39.83 -7.70
CA TYR H 287 -80.88 -39.19 -9.01
C TYR H 287 -79.49 -38.97 -9.60
N LEU H 288 -78.48 -38.91 -8.75
CA LEU H 288 -77.11 -38.74 -9.20
C LEU H 288 -76.62 -40.06 -9.77
N LYS H 289 -76.99 -41.14 -9.09
CA LYS H 289 -76.62 -42.49 -9.50
C LYS H 289 -77.22 -42.82 -10.87
N HIS H 290 -78.54 -42.67 -10.97
CA HIS H 290 -79.24 -42.94 -12.22
C HIS H 290 -78.76 -42.02 -13.32
N CYS H 291 -78.23 -40.86 -12.92
CA CYS H 291 -77.74 -39.87 -13.87
C CYS H 291 -76.51 -40.41 -14.62
N LEU H 292 -75.55 -40.93 -13.87
CA LEU H 292 -74.33 -41.48 -14.46
C LEU H 292 -74.61 -42.77 -15.20
N GLU H 293 -75.78 -43.37 -14.94
CA GLU H 293 -76.16 -44.62 -15.60
C GLU H 293 -76.47 -44.37 -17.07
N ARG H 294 -76.59 -43.10 -17.44
CA ARG H 294 -76.87 -42.72 -18.81
C ARG H 294 -75.92 -41.62 -19.26
N SER H 295 -74.80 -41.50 -18.54
CA SER H 295 -73.78 -40.50 -18.84
C SER H 295 -72.40 -41.09 -18.57
N GLU H 296 -72.08 -42.17 -19.27
CA GLU H 296 -70.80 -42.85 -19.10
C GLU H 296 -69.60 -41.96 -19.43
N PHE H 297 -69.80 -40.98 -20.30
CA PHE H 297 -68.72 -40.09 -20.71
C PHE H 297 -68.11 -39.32 -19.54
N LEU H 298 -68.86 -39.18 -18.46
CA LEU H 298 -68.38 -38.46 -17.28
C LEU H 298 -67.40 -39.33 -16.48
N LEU H 299 -67.71 -40.62 -16.37
CA LEU H 299 -66.88 -41.55 -15.64
C LEU H 299 -65.72 -42.05 -16.50
N GLU H 300 -65.97 -42.19 -17.80
CA GLU H 300 -64.96 -42.66 -18.74
C GLU H 300 -63.87 -41.62 -18.97
N LYS H 301 -64.25 -40.48 -19.52
CA LYS H 301 -63.31 -39.41 -19.82
C LYS H 301 -62.87 -38.65 -18.56
N ARG H 302 -63.27 -39.15 -17.40
CA ARG H 302 -62.92 -38.50 -16.13
C ARG H 302 -63.26 -37.02 -16.15
N ILE H 303 -64.54 -36.71 -15.96
CA ILE H 303 -64.99 -35.32 -15.97
C ILE H 303 -65.50 -34.87 -14.60
N ILE H 304 -66.37 -35.68 -14.00
CA ILE H 304 -66.94 -35.37 -12.69
C ILE H 304 -65.86 -35.26 -11.60
N GLN H 305 -64.68 -35.81 -11.88
CA GLN H 305 -63.59 -35.79 -10.92
C GLN H 305 -62.36 -35.10 -11.50
N SER H 306 -62.58 -34.22 -12.47
CA SER H 306 -61.49 -33.50 -13.12
C SER H 306 -61.42 -32.06 -12.62
N GLY H 307 -60.21 -31.55 -12.47
CA GLY H 307 -60.03 -30.18 -12.02
C GLY H 307 -60.48 -29.21 -13.09
N ILE H 308 -60.36 -29.62 -14.34
CA ILE H 308 -60.75 -28.79 -15.47
C ILE H 308 -62.26 -28.58 -15.44
N ALA H 309 -62.98 -29.56 -14.88
CA ALA H 309 -64.43 -29.48 -14.78
C ALA H 309 -64.84 -28.38 -13.83
N LEU H 310 -64.21 -28.34 -12.66
CA LEU H 310 -64.50 -27.32 -11.66
C LEU H 310 -64.14 -25.94 -12.19
N LEU H 311 -63.12 -25.88 -13.04
CA LEU H 311 -62.67 -24.61 -13.61
C LEU H 311 -63.80 -24.02 -14.46
N LEU H 312 -64.44 -24.88 -15.25
CA LEU H 312 -65.54 -24.45 -16.10
C LEU H 312 -66.70 -23.97 -15.24
N MET H 313 -66.83 -24.56 -14.06
CA MET H 313 -67.89 -24.20 -13.13
C MET H 313 -67.59 -22.88 -12.44
N LEU H 314 -66.30 -22.55 -12.33
CA LEU H 314 -65.88 -21.30 -11.71
C LEU H 314 -66.00 -20.14 -12.68
N ILE H 315 -65.83 -20.44 -13.96
CA ILE H 315 -65.90 -19.42 -15.00
C ILE H 315 -67.35 -19.17 -15.43
N TRP H 316 -68.21 -20.17 -15.19
CA TRP H 316 -69.62 -20.05 -15.56
C TRP H 316 -70.42 -19.24 -14.56
N TYR H 317 -70.25 -19.54 -13.27
CA TYR H 317 -70.98 -18.83 -12.23
C TYR H 317 -70.26 -17.60 -11.69
N ARG H 318 -69.11 -17.81 -11.05
CA ARG H 318 -68.35 -16.72 -10.46
C ARG H 318 -67.92 -15.63 -11.42
N PRO H 319 -68.15 -14.36 -11.04
CA PRO H 319 -67.81 -13.17 -11.84
C PRO H 319 -66.31 -13.09 -12.11
N VAL H 320 -65.91 -12.11 -12.91
CA VAL H 320 -64.51 -11.91 -13.26
C VAL H 320 -63.79 -11.11 -12.18
N ALA H 321 -64.56 -10.33 -11.42
CA ALA H 321 -64.01 -9.49 -10.36
C ALA H 321 -63.48 -10.29 -9.18
N GLU H 322 -63.55 -11.61 -9.26
CA GLU H 322 -63.07 -12.46 -8.17
C GLU H 322 -61.73 -13.13 -8.48
N PHE H 323 -61.41 -13.25 -9.76
CA PHE H 323 -60.15 -13.86 -10.17
C PHE H 323 -59.02 -12.85 -10.08
N ALA H 324 -57.80 -13.31 -10.32
CA ALA H 324 -56.63 -12.43 -10.27
C ALA H 324 -56.76 -11.40 -11.39
N GLN H 325 -56.24 -10.21 -11.16
CA GLN H 325 -56.30 -9.14 -12.16
C GLN H 325 -55.47 -9.45 -13.38
N SER H 326 -54.56 -10.42 -13.25
CA SER H 326 -53.69 -10.81 -14.36
C SER H 326 -54.30 -11.97 -15.15
N ILE H 327 -55.45 -12.46 -14.69
CA ILE H 327 -56.13 -13.55 -15.36
C ILE H 327 -57.56 -13.17 -15.74
N GLN H 328 -58.02 -12.04 -15.22
CA GLN H 328 -59.37 -11.56 -15.50
C GLN H 328 -59.62 -11.43 -17.00
N SER H 329 -58.57 -11.15 -17.75
CA SER H 329 -58.68 -10.98 -19.20
C SER H 329 -58.90 -12.32 -19.89
N ARG H 330 -58.46 -13.41 -19.25
CA ARG H 330 -58.60 -14.74 -19.81
C ARG H 330 -59.93 -15.37 -19.40
N ILE H 331 -60.43 -14.96 -18.23
CA ILE H 331 -61.70 -15.48 -17.73
C ILE H 331 -62.84 -15.05 -18.63
N VAL H 332 -62.81 -13.79 -19.03
CA VAL H 332 -63.84 -13.24 -19.92
C VAL H 332 -63.81 -13.94 -21.26
N GLU H 333 -62.63 -14.39 -21.67
CA GLU H 333 -62.46 -15.09 -22.94
C GLU H 333 -63.37 -16.31 -23.04
N TRP H 334 -63.34 -17.16 -22.02
CA TRP H 334 -64.17 -18.35 -22.01
C TRP H 334 -65.62 -18.05 -21.65
N LYS H 335 -65.85 -16.90 -21.04
CA LYS H 335 -67.21 -16.52 -20.68
C LYS H 335 -67.96 -16.18 -21.96
N GLU H 336 -67.21 -16.04 -23.05
CA GLU H 336 -67.79 -15.73 -24.35
C GLU H 336 -67.93 -17.02 -25.15
N ARG H 337 -66.97 -17.92 -24.99
CA ARG H 337 -66.97 -19.19 -25.69
C ARG H 337 -68.08 -20.09 -25.16
N LEU H 338 -68.18 -20.19 -23.84
CA LEU H 338 -69.19 -21.02 -23.20
C LEU H 338 -70.61 -20.51 -23.47
N ASP H 339 -70.80 -19.21 -23.38
CA ASP H 339 -72.11 -18.62 -23.63
C ASP H 339 -72.47 -18.69 -25.11
N LYS H 340 -71.46 -18.87 -25.94
CA LYS H 340 -71.65 -18.96 -27.38
C LYS H 340 -72.14 -20.36 -27.77
N GLU H 341 -71.53 -21.37 -27.16
CA GLU H 341 -71.89 -22.77 -27.43
C GLU H 341 -73.15 -23.18 -26.68
N PHE H 342 -73.25 -22.74 -25.42
CA PHE H 342 -74.42 -23.08 -24.60
C PHE H 342 -75.05 -21.84 -23.96
N SER H 343 -76.35 -21.72 -24.15
CA SER H 343 -77.11 -20.61 -23.57
C SER H 343 -77.48 -21.02 -22.15
N LEU H 344 -78.49 -20.36 -21.58
CA LEU H 344 -78.92 -20.69 -20.23
C LEU H 344 -79.96 -21.79 -20.24
N SER H 345 -80.58 -22.01 -21.40
CA SER H 345 -81.60 -23.04 -21.54
C SER H 345 -80.97 -24.43 -21.66
N VAL H 346 -80.01 -24.57 -22.57
CA VAL H 346 -79.33 -25.84 -22.78
C VAL H 346 -78.59 -26.28 -21.52
N TYR H 347 -78.16 -25.32 -20.71
CA TYR H 347 -77.44 -25.62 -19.49
C TYR H 347 -78.36 -26.24 -18.44
N GLN H 348 -79.37 -25.48 -18.03
CA GLN H 348 -80.32 -25.96 -17.03
C GLN H 348 -81.06 -27.21 -17.51
N LYS H 349 -81.10 -27.40 -18.82
CA LYS H 349 -81.76 -28.57 -19.39
C LYS H 349 -80.99 -29.83 -19.01
N MET H 350 -79.69 -29.66 -18.77
CA MET H 350 -78.83 -30.77 -18.39
C MET H 350 -79.02 -31.08 -16.91
N LYS H 351 -79.08 -30.04 -16.09
CA LYS H 351 -79.26 -30.21 -14.65
C LYS H 351 -80.66 -30.78 -14.44
N PHE H 352 -81.53 -30.57 -15.41
CA PHE H 352 -82.90 -31.06 -15.37
C PHE H 352 -82.91 -32.58 -15.42
N ASN H 353 -82.22 -33.14 -16.40
CA ASN H 353 -82.14 -34.58 -16.57
C ASN H 353 -81.51 -35.21 -15.33
N VAL H 354 -80.71 -34.43 -14.62
CA VAL H 354 -80.06 -34.91 -13.40
C VAL H 354 -81.15 -35.16 -12.35
N ALA H 355 -82.09 -34.23 -12.28
CA ALA H 355 -83.19 -34.32 -11.33
C ALA H 355 -84.03 -35.55 -11.66
N MET H 356 -84.17 -35.84 -12.95
CA MET H 356 -84.94 -36.98 -13.41
C MET H 356 -84.24 -38.29 -13.03
N GLY H 357 -83.01 -38.43 -13.52
CA GLY H 357 -82.24 -39.63 -13.27
C GLY H 357 -81.82 -40.21 -14.60
N ILE H 358 -81.79 -39.35 -15.61
CA ILE H 358 -81.41 -39.74 -16.96
C ILE H 358 -80.15 -39.00 -17.42
N GLY H 359 -79.67 -39.33 -18.61
CA GLY H 359 -78.48 -38.71 -19.14
C GLY H 359 -78.51 -37.19 -19.15
N VAL H 360 -77.46 -36.58 -18.62
CA VAL H 360 -77.34 -35.13 -18.57
C VAL H 360 -77.47 -34.50 -19.95
N LEU H 361 -77.07 -35.24 -20.97
CA LEU H 361 -77.14 -34.75 -22.34
C LEU H 361 -78.30 -35.38 -23.12
N ASP H 362 -79.51 -35.13 -22.65
CA ASP H 362 -80.72 -35.65 -23.29
C ASP H 362 -81.75 -34.55 -23.48
N LYS I 1 -14.91 -18.81 -18.27
CA LYS I 1 -14.45 -20.14 -18.77
C LYS I 1 -14.48 -21.20 -17.67
N GLN I 2 -15.02 -20.81 -16.52
CA GLN I 2 -15.12 -21.70 -15.35
C GLN I 2 -16.02 -21.06 -14.30
N VAL I 3 -16.79 -21.90 -13.60
CA VAL I 3 -17.71 -21.42 -12.56
C VAL I 3 -17.00 -21.23 -11.23
N SER I 4 -17.37 -20.17 -10.52
CA SER I 4 -16.78 -19.86 -9.22
C SER I 4 -17.63 -20.44 -8.09
N TRP I 5 -16.99 -21.15 -7.18
CA TRP I 5 -17.68 -21.76 -6.05
C TRP I 5 -17.71 -20.81 -4.85
N LYS I 6 -16.65 -20.02 -4.71
CA LYS I 6 -16.55 -19.07 -3.61
C LYS I 6 -17.65 -18.02 -3.66
N LEU I 7 -18.09 -17.69 -4.88
CA LEU I 7 -19.16 -16.70 -5.05
C LEU I 7 -20.49 -17.28 -4.61
N VAL I 8 -20.76 -18.51 -5.03
CA VAL I 8 -22.01 -19.19 -4.67
C VAL I 8 -22.03 -19.38 -3.16
N THR I 9 -20.89 -19.74 -2.59
CA THR I 9 -20.77 -19.95 -1.16
C THR I 9 -20.97 -18.62 -0.44
N GLU I 10 -20.49 -17.54 -1.05
CA GLU I 10 -20.62 -16.21 -0.48
C GLU I 10 -22.09 -15.84 -0.37
N TYR I 11 -22.82 -16.02 -1.48
CA TYR I 11 -24.24 -15.72 -1.52
C TYR I 11 -24.98 -16.56 -0.48
N ALA I 12 -24.51 -17.79 -0.29
CA ALA I 12 -25.11 -18.70 0.67
C ALA I 12 -24.92 -18.19 2.09
N MET I 13 -23.71 -17.72 2.40
CA MET I 13 -23.41 -17.18 3.71
C MET I 13 -24.21 -15.92 3.98
N GLU I 14 -24.58 -15.22 2.92
CA GLU I 14 -25.35 -13.99 3.03
C GLU I 14 -26.80 -14.28 3.43
N THR I 15 -27.52 -14.99 2.56
CA THR I 15 -28.91 -15.33 2.82
C THR I 15 -29.04 -16.41 3.88
N LYS I 16 -27.90 -16.98 4.29
CA LYS I 16 -27.88 -18.03 5.30
C LYS I 16 -28.78 -19.19 4.91
N CYS I 17 -28.87 -19.45 3.61
CA CYS I 17 -29.70 -20.52 3.10
C CYS I 17 -29.10 -21.88 3.45
N ASP I 18 -29.77 -22.60 4.36
CA ASP I 18 -29.32 -23.91 4.78
C ASP I 18 -30.05 -25.01 4.02
N ASP I 19 -30.54 -24.65 2.83
CA ASP I 19 -31.26 -25.61 1.99
C ASP I 19 -30.49 -25.82 0.69
N VAL I 20 -30.62 -27.02 0.12
CA VAL I 20 -29.93 -27.35 -1.13
C VAL I 20 -30.69 -26.90 -2.36
N LEU I 21 -31.87 -27.47 -2.58
CA LEU I 21 -32.69 -27.13 -3.73
C LEU I 21 -33.13 -25.66 -3.72
N LEU I 22 -33.34 -25.12 -2.53
CA LEU I 22 -33.75 -23.72 -2.41
C LEU I 22 -32.62 -22.80 -2.86
N LEU I 23 -31.41 -23.05 -2.34
CA LEU I 23 -30.25 -22.25 -2.69
C LEU I 23 -29.96 -22.36 -4.19
N LEU I 24 -30.32 -23.50 -4.77
CA LEU I 24 -30.10 -23.75 -6.18
C LEU I 24 -31.02 -22.88 -7.04
N GLY I 25 -32.32 -22.95 -6.77
CA GLY I 25 -33.27 -22.18 -7.53
C GLY I 25 -33.04 -20.68 -7.45
N MET I 26 -32.80 -20.19 -6.24
CA MET I 26 -32.56 -18.76 -6.02
C MET I 26 -31.38 -18.24 -6.83
N TYR I 27 -30.32 -19.04 -6.91
CA TYR I 27 -29.13 -18.65 -7.64
C TYR I 27 -29.31 -18.78 -9.15
N LEU I 28 -30.25 -19.62 -9.56
CA LEU I 28 -30.52 -19.85 -10.98
C LEU I 28 -31.33 -18.72 -11.60
N GLU I 29 -31.62 -17.69 -10.82
CA GLU I 29 -32.40 -16.55 -11.30
C GLU I 29 -31.48 -15.40 -11.71
N PHE I 30 -30.17 -15.59 -11.52
CA PHE I 30 -29.20 -14.57 -11.86
C PHE I 30 -28.44 -14.92 -13.14
N GLN I 31 -28.97 -15.89 -13.89
CA GLN I 31 -28.34 -16.32 -15.13
C GLN I 31 -29.06 -15.70 -16.33
N TYR I 32 -29.80 -14.63 -16.07
CA TYR I 32 -30.54 -13.93 -17.12
C TYR I 32 -29.99 -12.53 -17.30
N SER I 33 -30.63 -11.56 -16.64
CA SER I 33 -30.20 -10.17 -16.72
C SER I 33 -30.96 -9.29 -15.74
N PHE I 34 -30.22 -8.55 -14.92
CA PHE I 34 -30.81 -7.66 -13.94
C PHE I 34 -31.18 -6.36 -14.65
N GLU I 35 -30.89 -6.31 -15.94
CA GLU I 35 -31.16 -5.14 -16.76
C GLU I 35 -32.66 -4.85 -16.82
N MET I 36 -33.47 -5.89 -16.93
CA MET I 36 -34.92 -5.73 -17.02
C MET I 36 -35.68 -6.63 -16.05
N CYS I 37 -34.98 -7.22 -15.09
CA CYS I 37 -35.61 -8.09 -14.11
C CYS I 37 -36.69 -7.35 -13.33
N LEU I 38 -37.93 -7.84 -13.41
CA LEU I 38 -39.04 -7.21 -12.71
C LEU I 38 -38.88 -7.31 -11.20
N LYS I 39 -38.39 -8.45 -10.72
CA LYS I 39 -38.18 -8.67 -9.30
C LYS I 39 -37.12 -7.74 -8.73
N CYS I 40 -36.26 -7.22 -9.59
CA CYS I 40 -35.18 -6.33 -9.17
C CYS I 40 -35.67 -4.89 -9.06
N ILE I 41 -36.61 -4.53 -9.92
CA ILE I 41 -37.16 -3.18 -9.93
C ILE I 41 -38.29 -3.03 -8.91
N LYS I 42 -39.16 -4.04 -8.82
CA LYS I 42 -40.28 -4.00 -7.89
C LYS I 42 -39.83 -4.15 -6.43
N LYS I 43 -38.59 -4.56 -6.23
CA LYS I 43 -38.06 -4.74 -4.88
C LYS I 43 -38.95 -5.71 -4.11
N GLU I 44 -38.97 -6.96 -4.56
CA GLU I 44 -39.79 -7.99 -3.93
C GLU I 44 -39.04 -8.80 -2.87
N GLN I 45 -37.89 -9.36 -3.25
CA GLN I 45 -37.10 -10.16 -2.33
C GLN I 45 -35.67 -9.62 -2.17
N PRO I 46 -35.32 -9.19 -0.95
CA PRO I 46 -33.99 -8.64 -0.65
C PRO I 46 -32.87 -9.60 -1.04
N SER I 47 -33.22 -10.87 -1.21
CA SER I 47 -32.25 -11.89 -1.58
C SER I 47 -32.11 -12.01 -3.10
N HIS I 48 -32.66 -11.03 -3.82
CA HIS I 48 -32.61 -11.05 -5.28
C HIS I 48 -31.97 -9.79 -5.85
N TYR I 49 -32.68 -8.67 -5.76
CA TYR I 49 -32.19 -7.40 -6.28
C TYR I 49 -30.95 -6.87 -5.55
N LYS I 50 -30.61 -7.48 -4.42
CA LYS I 50 -29.45 -7.07 -3.66
C LYS I 50 -28.22 -7.91 -3.95
N TYR I 51 -28.40 -9.02 -4.66
CA TYR I 51 -27.28 -9.90 -4.96
C TYR I 51 -27.15 -10.32 -6.43
N HIS I 52 -28.06 -9.86 -7.28
CA HIS I 52 -27.99 -10.23 -8.69
C HIS I 52 -26.75 -9.65 -9.37
N GLU I 53 -26.58 -8.34 -9.26
CA GLU I 53 -25.42 -7.69 -9.87
C GLU I 53 -24.13 -8.21 -9.27
N LYS I 54 -24.22 -8.75 -8.06
CA LYS I 54 -23.06 -9.29 -7.36
C LYS I 54 -22.67 -10.68 -7.85
N HIS I 55 -23.65 -11.46 -8.28
CA HIS I 55 -23.40 -12.82 -8.74
C HIS I 55 -23.87 -13.08 -10.17
N TYR I 56 -24.11 -12.00 -10.92
CA TYR I 56 -24.57 -12.14 -12.29
C TYR I 56 -23.51 -12.76 -13.19
N ALA I 57 -22.25 -12.44 -12.91
CA ALA I 57 -21.13 -12.96 -13.69
C ALA I 57 -20.98 -14.47 -13.58
N ASN I 58 -21.02 -14.98 -12.35
CA ASN I 58 -20.87 -16.41 -12.12
C ASN I 58 -22.13 -17.19 -12.49
N ALA I 59 -23.30 -16.65 -12.13
CA ALA I 59 -24.57 -17.30 -12.43
C ALA I 59 -24.73 -17.50 -13.94
N ALA I 60 -24.13 -16.61 -14.72
CA ALA I 60 -24.20 -16.68 -16.17
C ALA I 60 -23.59 -17.98 -16.66
N ILE I 61 -22.51 -18.41 -16.01
CA ILE I 61 -21.82 -19.65 -16.37
C ILE I 61 -22.39 -20.80 -15.57
N PHE I 62 -22.98 -20.48 -14.43
CA PHE I 62 -23.57 -21.49 -13.54
C PHE I 62 -24.63 -22.29 -14.29
N ALA I 63 -25.30 -21.63 -15.24
CA ALA I 63 -26.35 -22.28 -16.02
C ALA I 63 -25.80 -23.43 -16.85
N ASP I 64 -24.61 -23.23 -17.43
CA ASP I 64 -23.98 -24.25 -18.25
C ASP I 64 -23.09 -25.17 -17.43
N SER I 65 -23.41 -25.32 -16.16
CA SER I 65 -22.63 -26.18 -15.26
C SER I 65 -23.25 -27.57 -15.18
N LYS I 66 -22.40 -28.58 -15.11
CA LYS I 66 -22.85 -29.97 -15.04
C LYS I 66 -22.99 -30.41 -13.58
N ASN I 67 -22.72 -29.49 -12.66
CA ASN I 67 -22.80 -29.78 -11.23
C ASN I 67 -23.53 -28.64 -10.51
N GLN I 68 -24.70 -28.27 -11.01
CA GLN I 68 -25.49 -27.20 -10.42
C GLN I 68 -25.89 -27.51 -8.97
N LYS I 69 -26.19 -28.77 -8.70
CA LYS I 69 -26.60 -29.19 -7.36
C LYS I 69 -25.40 -29.43 -6.45
N THR I 70 -24.25 -29.70 -7.06
CA THR I 70 -23.03 -29.95 -6.30
C THR I 70 -22.45 -28.64 -5.77
N ILE I 71 -22.38 -27.62 -6.63
CA ILE I 71 -21.85 -26.32 -6.25
C ILE I 71 -22.65 -25.73 -5.10
N CYS I 72 -23.97 -25.79 -5.22
CA CYS I 72 -24.86 -25.26 -4.19
C CYS I 72 -24.85 -26.14 -2.94
N GLN I 73 -24.53 -27.42 -3.14
CA GLN I 73 -24.48 -28.38 -2.04
C GLN I 73 -23.40 -27.98 -1.04
N GLN I 74 -22.20 -27.73 -1.55
CA GLN I 74 -21.07 -27.35 -0.70
C GLN I 74 -21.39 -26.05 0.04
N ALA I 75 -22.09 -25.15 -0.62
CA ALA I 75 -22.47 -23.88 -0.02
C ALA I 75 -23.33 -24.13 1.21
N VAL I 76 -24.30 -25.03 1.08
CA VAL I 76 -25.18 -25.37 2.18
C VAL I 76 -24.39 -25.86 3.38
N ASP I 77 -23.39 -26.70 3.13
CA ASP I 77 -22.55 -27.24 4.19
C ASP I 77 -21.79 -26.10 4.87
N THR I 78 -21.41 -25.10 4.10
CA THR I 78 -20.69 -23.95 4.64
C THR I 78 -21.63 -23.14 5.51
N VAL I 79 -22.90 -23.13 5.15
CA VAL I 79 -23.92 -22.40 5.90
C VAL I 79 -24.12 -23.08 7.25
N LEU I 80 -24.39 -24.38 7.21
CA LEU I 80 -24.60 -25.16 8.43
C LEU I 80 -23.33 -25.11 9.27
N ALA I 81 -22.19 -25.02 8.60
CA ALA I 81 -20.90 -24.97 9.28
C ALA I 81 -20.81 -23.71 10.13
N LYS I 82 -21.30 -22.60 9.59
CA LYS I 82 -21.27 -21.33 10.30
C LYS I 82 -22.07 -21.46 11.60
N LYS I 83 -23.30 -21.95 11.49
CA LYS I 83 -24.15 -22.12 12.66
C LYS I 83 -23.52 -23.14 13.60
N ARG I 84 -22.85 -24.13 13.02
CA ARG I 84 -22.19 -25.17 13.80
C ARG I 84 -21.13 -24.56 14.70
N VAL I 85 -20.53 -23.46 14.23
CA VAL I 85 -19.49 -22.77 14.99
C VAL I 85 -20.06 -21.76 15.98
N ASP I 86 -21.00 -20.94 15.51
CA ASP I 86 -21.62 -19.92 16.36
C ASP I 86 -22.27 -20.51 17.61
N SER I 87 -22.74 -21.75 17.50
CA SER I 87 -23.38 -22.43 18.62
C SER I 87 -22.40 -22.79 19.73
N LEU I 88 -21.12 -22.50 19.51
CA LEU I 88 -20.09 -22.81 20.49
C LEU I 88 -19.30 -21.58 20.94
N GLN I 89 -19.07 -20.65 20.01
CA GLN I 89 -18.30 -19.46 20.33
C GLN I 89 -19.13 -18.33 20.94
N LEU I 90 -20.14 -17.88 20.22
CA LEU I 90 -21.01 -16.80 20.70
C LEU I 90 -21.85 -17.26 21.88
N THR I 91 -21.92 -16.44 22.92
CA THR I 91 -22.70 -16.77 24.10
C THR I 91 -24.17 -16.83 23.68
N ARG I 92 -25.00 -17.47 24.49
CA ARG I 92 -26.42 -17.61 24.18
C ARG I 92 -27.13 -16.26 24.13
N GLU I 93 -26.49 -15.22 24.68
CA GLU I 93 -27.08 -13.89 24.67
C GLU I 93 -26.72 -13.18 23.37
N GLN I 94 -25.51 -13.44 22.89
CA GLN I 94 -25.04 -12.83 21.65
C GLN I 94 -25.80 -13.42 20.47
N MET I 95 -26.11 -14.71 20.54
CA MET I 95 -26.85 -15.38 19.48
C MET I 95 -28.20 -14.69 19.29
N LEU I 96 -28.82 -14.29 20.41
CA LEU I 96 -30.10 -13.61 20.35
C LEU I 96 -29.90 -12.20 19.80
N THR I 97 -28.80 -11.57 20.19
CA THR I 97 -28.48 -10.23 19.75
C THR I 97 -28.54 -10.15 18.23
N ASN I 98 -27.95 -11.14 17.57
CA ASN I 98 -27.93 -11.19 16.11
C ASN I 98 -29.34 -11.42 15.57
N ARG I 99 -30.11 -12.25 16.27
CA ARG I 99 -31.47 -12.55 15.85
C ARG I 99 -32.33 -11.30 15.91
N PHE I 100 -32.28 -10.60 17.04
CA PHE I 100 -33.05 -9.37 17.21
C PHE I 100 -32.74 -8.36 16.11
N ASN I 101 -31.50 -8.34 15.64
CA ASN I 101 -31.11 -7.42 14.59
C ASN I 101 -31.66 -7.85 13.24
N ASP I 102 -31.65 -9.16 12.98
CA ASP I 102 -32.17 -9.68 11.72
C ASP I 102 -33.67 -9.47 11.65
N LEU I 103 -34.33 -9.48 12.80
CA LEU I 103 -35.77 -9.30 12.87
C LEU I 103 -36.10 -7.84 12.54
N LEU I 104 -35.18 -6.94 12.91
CA LEU I 104 -35.36 -5.51 12.66
C LEU I 104 -35.03 -5.17 11.21
N ASP I 105 -34.16 -5.98 10.61
CA ASP I 105 -33.77 -5.76 9.22
C ASP I 105 -34.98 -5.90 8.32
N ARG I 106 -35.81 -6.91 8.60
CA ARG I 106 -37.02 -7.15 7.83
C ARG I 106 -37.93 -5.94 8.00
N MET I 107 -37.99 -5.44 9.22
CA MET I 107 -38.83 -4.30 9.57
C MET I 107 -38.41 -3.03 8.82
N ASP I 108 -37.11 -2.81 8.71
CA ASP I 108 -36.59 -1.64 8.02
C ASP I 108 -36.96 -1.66 6.53
N ILE I 109 -37.40 -2.81 6.05
CA ILE I 109 -37.78 -2.97 4.66
C ILE I 109 -39.28 -2.93 4.49
N MET I 110 -39.99 -3.72 5.30
CA MET I 110 -41.44 -3.78 5.25
C MET I 110 -42.08 -2.48 5.73
N PHE I 111 -41.45 -1.85 6.71
CA PHE I 111 -41.96 -0.58 7.25
C PHE I 111 -41.25 0.60 6.60
N GLY I 112 -40.72 0.38 5.40
CA GLY I 112 -40.02 1.44 4.69
C GLY I 112 -40.72 1.86 3.42
N SER I 113 -39.95 2.09 2.37
CA SER I 113 -40.50 2.50 1.08
C SER I 113 -40.78 1.29 0.19
N THR I 114 -39.91 0.28 0.28
CA THR I 114 -40.06 -0.92 -0.52
C THR I 114 -40.83 -2.00 0.26
N GLY I 115 -41.63 -1.56 1.23
CA GLY I 115 -42.39 -2.49 2.03
C GLY I 115 -43.89 -2.28 1.91
N SER I 116 -44.65 -3.34 2.11
CA SER I 116 -46.11 -3.28 2.02
C SER I 116 -46.74 -3.60 3.37
N ALA I 117 -45.95 -3.50 4.44
CA ALA I 117 -46.43 -3.78 5.78
C ALA I 117 -46.92 -2.51 6.47
N ASP I 118 -48.08 -2.58 7.10
CA ASP I 118 -48.65 -1.43 7.79
C ASP I 118 -48.33 -1.51 9.27
N ILE I 119 -47.55 -0.56 9.77
CA ILE I 119 -47.15 -0.52 11.16
C ILE I 119 -48.34 -0.46 12.12
N GLU I 120 -49.45 0.10 11.65
CA GLU I 120 -50.64 0.21 12.47
C GLU I 120 -51.18 -1.16 12.89
N GLU I 121 -51.22 -2.08 11.95
CA GLU I 121 -51.71 -3.43 12.22
C GLU I 121 -50.80 -4.20 13.18
N TRP I 122 -49.49 -4.09 12.97
CA TRP I 122 -48.55 -4.78 13.83
C TRP I 122 -48.56 -4.22 15.24
N MET I 123 -48.88 -2.93 15.37
CA MET I 123 -48.96 -2.31 16.69
C MET I 123 -50.24 -2.77 17.36
N ALA I 124 -51.23 -3.12 16.54
CA ALA I 124 -52.50 -3.60 17.04
C ALA I 124 -52.32 -5.01 17.58
N GLY I 125 -51.43 -5.77 16.95
CA GLY I 125 -51.16 -7.12 17.38
C GLY I 125 -50.51 -7.11 18.75
N VAL I 126 -49.65 -6.11 18.98
CA VAL I 126 -48.96 -5.97 20.25
C VAL I 126 -50.00 -5.76 21.36
N ALA I 127 -51.15 -5.24 20.96
CA ALA I 127 -52.24 -4.98 21.91
C ALA I 127 -52.97 -6.28 22.23
N TRP I 128 -53.33 -7.03 21.19
CA TRP I 128 -54.02 -8.29 21.36
C TRP I 128 -53.14 -9.27 22.12
N LEU I 129 -51.86 -9.30 21.79
CA LEU I 129 -50.90 -10.18 22.44
C LEU I 129 -50.71 -9.86 23.91
N HIS I 130 -50.83 -8.57 24.25
CA HIS I 130 -50.67 -8.14 25.63
C HIS I 130 -51.95 -8.41 26.41
N CYS I 131 -53.04 -8.63 25.68
CA CYS I 131 -54.33 -8.91 26.29
C CYS I 131 -54.55 -10.42 26.31
N LEU I 132 -53.48 -11.17 26.05
CA LEU I 132 -53.54 -12.62 26.03
C LEU I 132 -53.17 -13.21 27.39
N LEU I 133 -52.21 -12.57 28.06
CA LEU I 133 -51.76 -13.02 29.38
C LEU I 133 -51.31 -11.84 30.24
N PRO I 134 -51.50 -11.96 31.56
CA PRO I 134 -51.10 -10.91 32.51
C PRO I 134 -49.63 -10.56 32.39
N LYS I 135 -49.33 -9.30 32.09
CA LYS I 135 -47.95 -8.84 31.95
C LYS I 135 -47.24 -9.69 30.91
N MET I 136 -47.84 -9.80 29.72
CA MET I 136 -47.28 -10.59 28.64
C MET I 136 -45.84 -10.18 28.31
N ASP I 137 -45.64 -8.89 28.06
CA ASP I 137 -44.31 -8.37 27.75
C ASP I 137 -43.32 -8.71 28.85
N SER I 138 -43.78 -8.66 30.10
CA SER I 138 -42.93 -8.96 31.24
C SER I 138 -42.47 -10.41 31.20
N VAL I 139 -43.38 -11.31 30.86
CA VAL I 139 -43.08 -12.73 30.78
C VAL I 139 -42.07 -13.02 29.67
N VAL I 140 -42.20 -12.31 28.55
CA VAL I 140 -41.31 -12.48 27.41
C VAL I 140 -39.85 -12.24 27.80
N TYR I 141 -39.61 -11.17 28.56
CA TYR I 141 -38.25 -10.85 28.99
C TYR I 141 -37.70 -11.94 29.88
N ASP I 142 -38.55 -12.51 30.72
CA ASP I 142 -38.14 -13.59 31.62
C ASP I 142 -37.76 -14.84 30.84
N PHE I 143 -38.59 -15.19 29.85
CA PHE I 143 -38.34 -16.37 29.03
C PHE I 143 -37.03 -16.20 28.27
N LEU I 144 -36.85 -15.03 27.66
CA LEU I 144 -35.64 -14.72 26.91
C LEU I 144 -34.40 -15.02 27.74
N LYS I 145 -34.29 -14.35 28.88
CA LYS I 145 -33.16 -14.54 29.78
C LYS I 145 -33.09 -15.97 30.30
N CYS I 146 -34.26 -16.58 30.51
CA CYS I 146 -34.31 -17.95 30.99
C CYS I 146 -33.60 -18.84 29.98
N MET I 147 -33.70 -18.47 28.71
CA MET I 147 -33.06 -19.21 27.63
C MET I 147 -31.56 -18.88 27.60
N VAL I 148 -31.23 -17.64 27.95
CA VAL I 148 -29.84 -17.20 27.96
C VAL I 148 -29.07 -17.82 29.12
N TYR I 149 -29.62 -17.70 30.32
CA TYR I 149 -28.98 -18.26 31.52
C TYR I 149 -28.69 -19.74 31.33
N ASN I 150 -29.62 -20.45 30.70
CA ASN I 150 -29.47 -21.88 30.44
C ASN I 150 -29.15 -22.62 31.75
N ILE I 151 -30.19 -22.86 32.54
CA ILE I 151 -30.04 -23.56 33.82
C ILE I 151 -30.57 -24.99 33.74
N PRO I 152 -29.68 -25.98 33.93
CA PRO I 152 -30.01 -27.40 33.89
C PRO I 152 -31.26 -27.78 34.69
N LYS I 153 -32.15 -28.54 34.06
CA LYS I 153 -33.40 -28.98 34.69
C LYS I 153 -34.23 -27.77 35.10
N LYS I 154 -33.95 -26.64 34.46
CA LYS I 154 -34.66 -25.39 34.70
C LYS I 154 -34.60 -24.59 33.41
N ARG I 155 -35.14 -25.16 32.34
CA ARG I 155 -35.12 -24.50 31.04
C ARG I 155 -36.47 -24.44 30.34
N TYR I 156 -37.10 -25.60 30.12
CA TYR I 156 -38.39 -25.64 29.45
C TYR I 156 -39.54 -25.01 30.21
N TRP I 157 -40.44 -24.38 29.45
CA TRP I 157 -41.62 -23.73 30.00
C TRP I 157 -42.84 -24.53 29.57
N LEU I 158 -43.92 -24.45 30.35
CA LEU I 158 -45.13 -25.19 30.02
C LEU I 158 -46.29 -24.31 29.58
N PHE I 159 -46.78 -24.56 28.37
CA PHE I 159 -47.90 -23.81 27.81
C PHE I 159 -49.13 -24.73 27.83
N LYS I 160 -49.57 -25.08 29.02
CA LYS I 160 -50.71 -25.97 29.22
C LYS I 160 -52.02 -25.20 29.26
N GLY I 161 -52.87 -25.43 28.27
CA GLY I 161 -54.15 -24.74 28.22
C GLY I 161 -55.14 -25.41 27.28
N PRO I 162 -56.45 -25.19 27.49
CA PRO I 162 -57.51 -25.78 26.65
C PRO I 162 -57.34 -25.44 25.18
N ILE I 163 -58.21 -26.01 24.35
CA ILE I 163 -58.17 -25.76 22.90
C ILE I 163 -58.55 -24.31 22.59
N ASP I 164 -57.83 -23.71 21.64
CA ASP I 164 -58.09 -22.34 21.25
C ASP I 164 -58.02 -21.40 22.45
N SER I 165 -56.82 -20.85 22.68
CA SER I 165 -56.61 -19.94 23.80
C SER I 165 -55.47 -18.97 23.49
N GLY I 166 -54.46 -19.44 22.76
CA GLY I 166 -53.34 -18.58 22.41
C GLY I 166 -52.00 -19.28 22.55
N LYS I 167 -52.03 -20.56 22.93
CA LYS I 167 -50.81 -21.34 23.10
C LYS I 167 -50.03 -21.42 21.79
N THR I 168 -50.62 -22.06 20.80
CA THR I 168 -49.99 -22.22 19.49
C THR I 168 -49.71 -20.87 18.84
N THR I 169 -50.34 -19.82 19.35
CA THR I 169 -50.16 -18.48 18.82
C THR I 169 -48.92 -17.82 19.42
N LEU I 170 -48.65 -18.09 20.68
CA LEU I 170 -47.49 -17.53 21.37
C LEU I 170 -46.27 -18.43 21.21
N ALA I 171 -46.46 -19.72 21.45
CA ALA I 171 -45.37 -20.69 21.34
C ALA I 171 -44.75 -20.64 19.95
N ALA I 172 -45.49 -20.11 18.99
CA ALA I 172 -45.02 -20.00 17.61
C ALA I 172 -44.23 -18.71 17.42
N ALA I 173 -44.81 -17.60 17.86
CA ALA I 173 -44.16 -16.30 17.74
C ALA I 173 -42.82 -16.29 18.48
N LEU I 174 -42.80 -16.87 19.67
CA LEU I 174 -41.59 -16.93 20.47
C LEU I 174 -40.49 -17.69 19.73
N LEU I 175 -40.88 -18.71 18.97
CA LEU I 175 -39.93 -19.51 18.22
C LEU I 175 -39.16 -18.65 17.22
N GLU I 176 -39.86 -17.69 16.61
CA GLU I 176 -39.24 -16.81 15.63
C GLU I 176 -38.55 -15.63 16.31
N LEU I 177 -39.05 -15.24 17.48
CA LEU I 177 -38.47 -14.13 18.23
C LEU I 177 -37.06 -14.45 18.70
N CYS I 178 -36.85 -15.70 19.12
CA CYS I 178 -35.56 -16.14 19.60
C CYS I 178 -34.80 -16.90 18.51
N GLY I 179 -35.48 -17.86 17.88
CA GLY I 179 -34.85 -18.64 16.84
C GLY I 179 -34.83 -20.11 17.18
N GLY I 180 -34.98 -20.96 16.16
CA GLY I 180 -34.98 -22.39 16.39
C GLY I 180 -36.01 -23.13 15.55
N LYS I 181 -36.39 -24.32 16.00
CA LYS I 181 -37.37 -25.13 15.29
C LYS I 181 -38.40 -25.73 16.25
N ALA I 182 -39.53 -26.15 15.70
CA ALA I 182 -40.60 -26.75 16.49
C ALA I 182 -40.72 -28.24 16.13
N LEU I 183 -40.57 -29.09 17.14
CA LEU I 183 -40.66 -30.54 16.92
C LEU I 183 -41.99 -31.11 17.40
N ASN I 184 -42.13 -32.42 17.26
CA ASN I 184 -43.32 -33.14 17.67
C ASN I 184 -42.93 -34.50 18.22
N VAL I 185 -43.67 -34.96 19.23
CA VAL I 185 -43.38 -36.25 19.84
C VAL I 185 -44.58 -37.18 19.87
N ASN I 186 -45.64 -36.81 19.17
CA ASN I 186 -46.84 -37.64 19.11
C ASN I 186 -46.57 -38.91 18.32
N LEU I 187 -45.58 -38.86 17.44
CA LEU I 187 -45.21 -40.01 16.64
C LEU I 187 -44.38 -40.98 17.48
N PRO I 188 -44.40 -42.27 17.11
CA PRO I 188 -43.64 -43.30 17.84
C PRO I 188 -42.20 -42.90 18.11
N LEU I 189 -41.60 -43.51 19.12
CA LEU I 189 -40.22 -43.22 19.49
C LEU I 189 -39.27 -43.79 18.43
N ASP I 190 -39.82 -44.17 17.29
CA ASP I 190 -39.03 -44.72 16.20
C ASP I 190 -38.45 -43.59 15.36
N ARG I 191 -39.32 -42.76 14.82
CA ARG I 191 -38.90 -41.63 14.00
C ARG I 191 -38.52 -40.45 14.89
N LEU I 192 -38.62 -40.65 16.20
CA LEU I 192 -38.30 -39.62 17.17
C LEU I 192 -36.85 -39.17 16.98
N ASN I 193 -35.98 -40.11 16.66
CA ASN I 193 -34.57 -39.82 16.46
C ASN I 193 -34.35 -39.00 15.19
N PHE I 194 -35.19 -39.24 14.19
CA PHE I 194 -35.10 -38.52 12.92
C PHE I 194 -35.71 -37.13 13.02
N GLU I 195 -36.38 -36.85 14.13
CA GLU I 195 -37.01 -35.55 14.32
C GLU I 195 -36.29 -34.74 15.40
N LEU I 196 -35.77 -35.44 16.41
CA LEU I 196 -35.05 -34.79 17.49
C LEU I 196 -33.70 -34.29 16.99
N GLY I 197 -33.31 -34.76 15.81
CA GLY I 197 -32.04 -34.34 15.23
C GLY I 197 -32.11 -32.98 14.57
N VAL I 198 -33.23 -32.28 14.78
CA VAL I 198 -33.43 -30.97 14.20
C VAL I 198 -32.97 -29.88 15.17
N ALA I 199 -32.97 -30.22 16.45
CA ALA I 199 -32.55 -29.28 17.49
C ALA I 199 -31.04 -29.07 17.50
N ILE I 200 -30.37 -29.62 16.50
CA ILE I 200 -28.91 -29.49 16.40
C ILE I 200 -28.50 -28.05 16.15
N ASP I 201 -27.58 -27.56 16.98
CA ASP I 201 -27.08 -26.19 16.86
C ASP I 201 -28.18 -25.15 16.93
N GLN I 202 -29.35 -25.56 17.43
CA GLN I 202 -30.48 -24.64 17.55
C GLN I 202 -30.39 -23.86 18.85
N PHE I 203 -31.44 -23.10 19.15
CA PHE I 203 -31.49 -22.30 20.37
C PHE I 203 -32.54 -22.85 21.32
N LEU I 204 -33.72 -23.12 20.79
CA LEU I 204 -34.82 -23.66 21.58
C LEU I 204 -35.73 -24.56 20.75
N VAL I 205 -36.48 -25.42 21.43
CA VAL I 205 -37.38 -26.34 20.76
C VAL I 205 -38.83 -26.07 21.16
N VAL I 206 -39.77 -26.42 20.29
CA VAL I 206 -41.18 -26.20 20.56
C VAL I 206 -42.01 -27.47 20.34
N PHE I 207 -42.41 -28.10 21.44
CA PHE I 207 -43.21 -29.32 21.37
C PHE I 207 -44.69 -28.96 21.31
N GLU I 208 -45.30 -29.15 20.15
CA GLU I 208 -46.70 -28.82 19.95
C GLU I 208 -47.67 -29.94 20.34
N ASP I 209 -48.58 -29.60 21.24
CA ASP I 209 -49.61 -30.52 21.73
C ASP I 209 -49.13 -31.95 21.98
N VAL I 210 -48.73 -32.22 23.21
CA VAL I 210 -48.27 -33.55 23.59
C VAL I 210 -49.44 -34.35 24.17
N LYS I 211 -49.67 -35.54 23.62
CA LYS I 211 -50.77 -36.39 24.06
C LYS I 211 -50.34 -37.34 25.17
N GLY I 212 -51.16 -37.42 26.22
CA GLY I 212 -50.86 -38.30 27.33
C GLY I 212 -52.08 -39.13 27.71
N THR I 213 -51.87 -40.16 28.50
CA THR I 213 -52.95 -41.04 28.93
C THR I 213 -53.95 -40.30 29.82
N GLY I 214 -53.48 -39.22 30.45
CA GLY I 214 -54.34 -38.45 31.33
C GLY I 214 -55.44 -37.73 30.57
N GLY I 215 -56.46 -37.27 31.31
CA GLY I 215 -57.56 -36.56 30.69
C GLY I 215 -58.41 -37.44 29.79
N GLU I 216 -58.72 -38.65 30.24
CA GLU I 216 -59.53 -39.58 29.47
C GLU I 216 -61.01 -39.24 29.59
N SER I 217 -61.36 -38.47 30.61
CA SER I 217 -62.74 -38.08 30.84
C SER I 217 -63.05 -36.71 30.22
N ARG I 218 -62.02 -35.97 29.87
CA ARG I 218 -62.18 -34.64 29.28
C ARG I 218 -62.16 -34.70 27.75
N ASP I 219 -62.50 -35.87 27.20
CA ASP I 219 -62.50 -36.05 25.75
C ASP I 219 -61.17 -35.69 25.13
N LEU I 220 -60.09 -35.96 25.87
CA LEU I 220 -58.74 -35.65 25.38
C LEU I 220 -58.02 -36.93 24.95
N PRO I 221 -57.88 -37.13 23.62
CA PRO I 221 -57.22 -38.30 23.06
C PRO I 221 -55.82 -38.53 23.64
N SER I 222 -55.54 -39.76 24.03
CA SER I 222 -54.25 -40.12 24.60
C SER I 222 -53.25 -40.46 23.49
N GLY I 223 -51.97 -40.32 23.79
CA GLY I 223 -50.93 -40.62 22.81
C GLY I 223 -49.63 -41.01 23.46
N GLN I 224 -48.52 -40.50 22.91
CA GLN I 224 -47.20 -40.80 23.45
C GLN I 224 -46.43 -39.52 23.77
N GLY I 225 -47.10 -38.39 23.63
CA GLY I 225 -46.46 -37.11 23.90
C GLY I 225 -45.87 -37.03 25.29
N ILE I 226 -46.73 -37.09 26.31
CA ILE I 226 -46.28 -37.02 27.69
C ILE I 226 -45.26 -38.10 28.01
N ASN I 227 -45.51 -39.30 27.51
CA ASN I 227 -44.61 -40.43 27.74
C ASN I 227 -43.22 -40.17 27.17
N ASN I 228 -43.17 -39.78 25.90
CA ASN I 228 -41.90 -39.50 25.24
C ASN I 228 -41.09 -38.44 25.99
N LEU I 229 -41.79 -37.46 26.55
CA LEU I 229 -41.12 -36.40 27.30
C LEU I 229 -40.36 -36.98 28.48
N ASP I 230 -40.95 -37.95 29.14
CA ASP I 230 -40.32 -38.59 30.29
C ASP I 230 -39.20 -39.52 29.83
N ASN I 231 -39.33 -40.02 28.59
CA ASN I 231 -38.33 -40.92 28.03
C ASN I 231 -37.15 -40.08 27.52
N LEU I 232 -37.16 -38.80 27.86
CA LEU I 232 -36.11 -37.88 27.46
C LEU I 232 -35.74 -36.97 28.63
N ARG I 233 -35.45 -37.57 29.77
CA ARG I 233 -35.09 -36.82 30.97
C ARG I 233 -33.83 -35.99 30.78
N ASP I 234 -32.74 -36.64 30.36
CA ASP I 234 -31.49 -35.93 30.14
C ASP I 234 -31.68 -34.85 29.08
N TYR I 235 -32.49 -35.14 28.08
CA TYR I 235 -32.77 -34.18 27.01
C TYR I 235 -33.40 -32.91 27.57
N LEU I 236 -34.22 -33.07 28.60
CA LEU I 236 -34.89 -31.95 29.24
C LEU I 236 -33.98 -31.20 30.22
N ASP I 237 -33.08 -31.94 30.85
CA ASP I 237 -32.15 -31.34 31.81
C ASP I 237 -31.06 -30.56 31.09
N GLY I 238 -30.31 -31.25 30.25
CA GLY I 238 -29.24 -30.60 29.50
C GLY I 238 -27.92 -30.57 30.22
N SER I 239 -27.75 -31.43 31.21
CA SER I 239 -26.51 -31.49 31.98
C SER I 239 -25.53 -32.46 31.32
N VAL I 240 -26.00 -33.13 30.27
CA VAL I 240 -25.17 -34.08 29.54
C VAL I 240 -25.31 -33.86 28.04
N LYS I 241 -24.29 -34.24 27.29
CA LYS I 241 -24.31 -34.08 25.84
C LYS I 241 -25.05 -35.23 25.16
N VAL I 242 -26.33 -35.02 24.88
CA VAL I 242 -27.16 -36.03 24.24
C VAL I 242 -26.66 -36.33 22.82
N ASN I 243 -27.16 -37.43 22.25
CA ASN I 243 -26.76 -37.83 20.91
C ASN I 243 -27.82 -37.42 19.89
N LEU I 244 -27.36 -36.92 18.74
CA LEU I 244 -28.25 -36.49 17.67
C LEU I 244 -27.76 -37.02 16.33
N GLU I 245 -28.69 -37.25 15.41
CA GLU I 245 -28.33 -37.75 14.09
C GLU I 245 -28.97 -36.92 12.97
N LYS I 246 -28.14 -36.53 12.00
CA LYS I 246 -28.60 -35.75 10.86
C LYS I 246 -28.19 -36.45 9.58
N LYS I 247 -29.17 -36.99 8.86
CA LYS I 247 -28.93 -37.69 7.61
C LYS I 247 -27.93 -38.84 7.80
N HIS I 248 -28.44 -39.98 8.23
CA HIS I 248 -27.62 -41.17 8.44
C HIS I 248 -26.44 -40.94 9.39
N LEU I 249 -25.29 -40.57 8.81
CA LEU I 249 -24.09 -40.34 9.60
C LEU I 249 -24.27 -39.24 10.63
N ASN I 250 -23.94 -39.54 11.89
CA ASN I 250 -24.07 -38.60 12.99
C ASN I 250 -23.43 -37.25 12.66
N LYS I 251 -24.12 -36.18 13.03
CA LYS I 251 -23.62 -34.83 12.78
C LYS I 251 -23.38 -34.04 14.05
N ARG I 252 -23.87 -34.51 15.18
CA ARG I 252 -23.66 -33.78 16.43
C ARG I 252 -23.92 -34.55 17.71
N THR I 253 -23.23 -34.14 18.77
CA THR I 253 -23.35 -34.74 20.09
C THR I 253 -23.16 -33.59 21.09
N GLN I 254 -24.16 -32.72 21.15
CA GLN I 254 -24.10 -31.55 22.04
C GLN I 254 -25.17 -31.58 23.12
N ILE I 255 -25.37 -30.43 23.76
CA ILE I 255 -26.37 -30.29 24.81
C ILE I 255 -27.69 -29.94 24.14
N PHE I 256 -28.73 -30.71 24.44
CA PHE I 256 -30.04 -30.48 23.86
C PHE I 256 -30.57 -29.11 24.28
N PRO I 257 -30.81 -28.22 23.30
CA PRO I 257 -31.31 -26.86 23.56
C PRO I 257 -32.62 -26.85 24.35
N PRO I 258 -32.84 -25.80 25.16
CA PRO I 258 -34.06 -25.67 25.97
C PRO I 258 -35.26 -25.42 25.05
N GLY I 259 -36.35 -24.94 25.61
CA GLY I 259 -37.53 -24.67 24.79
C GLY I 259 -38.85 -24.58 25.52
N ILE I 260 -39.93 -24.84 24.78
CA ILE I 260 -41.28 -24.78 25.32
C ILE I 260 -42.07 -26.03 24.94
N VAL I 261 -42.86 -26.53 25.90
CA VAL I 261 -43.68 -27.71 25.68
C VAL I 261 -45.14 -27.33 25.88
N THR I 262 -45.96 -27.52 24.84
CA THR I 262 -47.38 -27.18 24.91
C THR I 262 -48.27 -28.41 25.03
N MET I 263 -49.43 -28.23 25.64
CA MET I 263 -50.39 -29.33 25.82
C MET I 263 -51.80 -28.79 26.12
N ASN I 264 -52.79 -29.68 26.08
CA ASN I 264 -54.17 -29.30 26.34
C ASN I 264 -54.77 -29.94 27.59
N GLU I 265 -54.34 -29.45 28.76
CA GLU I 265 -54.84 -29.94 30.04
C GLU I 265 -54.64 -31.43 30.30
N TYR I 266 -53.57 -32.03 29.77
CA TYR I 266 -53.32 -33.44 30.00
C TYR I 266 -52.65 -33.63 31.36
N SER I 267 -52.62 -34.88 31.83
CA SER I 267 -52.01 -35.19 33.11
C SER I 267 -50.49 -35.13 32.95
N VAL I 268 -49.81 -34.61 33.97
CA VAL I 268 -48.36 -34.50 33.91
C VAL I 268 -47.67 -35.12 35.13
N PRO I 269 -46.81 -36.13 34.89
CA PRO I 269 -46.09 -36.81 35.97
C PRO I 269 -45.23 -35.82 36.76
N LYS I 270 -45.04 -36.09 38.05
CA LYS I 270 -44.24 -35.22 38.90
C LYS I 270 -42.78 -35.22 38.45
N THR I 271 -42.31 -36.36 37.96
CA THR I 271 -40.94 -36.48 37.50
C THR I 271 -40.73 -35.70 36.21
N LEU I 272 -41.83 -35.31 35.58
CA LEU I 272 -41.78 -34.56 34.33
C LEU I 272 -41.91 -33.07 34.64
N GLN I 273 -42.85 -32.74 35.51
CA GLN I 273 -43.10 -31.36 35.90
C GLN I 273 -41.85 -30.76 36.54
N ALA I 274 -41.06 -31.62 37.16
CA ALA I 274 -39.83 -31.19 37.83
C ALA I 274 -38.74 -30.84 36.83
N ARG I 275 -39.06 -30.98 35.54
CA ARG I 275 -38.10 -30.67 34.48
C ARG I 275 -38.45 -29.33 33.85
N PHE I 276 -39.56 -28.74 34.30
CA PHE I 276 -40.01 -27.45 33.78
C PHE I 276 -39.57 -26.30 34.68
N VAL I 277 -40.04 -25.10 34.35
CA VAL I 277 -39.70 -23.91 35.10
C VAL I 277 -40.96 -23.19 35.56
N LYS I 278 -41.80 -22.82 34.59
CA LYS I 278 -43.04 -22.13 34.87
C LYS I 278 -44.19 -22.72 34.07
N GLN I 279 -45.38 -22.74 34.65
CA GLN I 279 -46.55 -23.27 33.98
C GLN I 279 -47.55 -22.16 33.69
N ILE I 280 -47.74 -21.87 32.41
CA ILE I 280 -48.66 -20.82 31.99
C ILE I 280 -49.98 -21.41 31.48
N ASP I 281 -51.01 -21.32 32.30
CA ASP I 281 -52.32 -21.84 31.94
C ASP I 281 -53.09 -20.83 31.08
N PHE I 282 -53.13 -21.07 29.78
CA PHE I 282 -53.82 -20.19 28.85
C PHE I 282 -55.33 -20.27 29.02
N ARG I 283 -55.97 -19.12 29.13
CA ARG I 283 -57.42 -19.06 29.31
C ARG I 283 -58.15 -18.66 28.03
N PRO I 284 -59.09 -19.50 27.58
CA PRO I 284 -59.87 -19.23 26.36
C PRO I 284 -60.77 -18.02 26.60
N LYS I 285 -60.26 -16.83 26.32
CA LYS I 285 -61.01 -15.60 26.51
C LYS I 285 -61.90 -15.27 25.32
N ASP I 286 -63.12 -14.80 25.61
CA ASP I 286 -64.08 -14.44 24.58
C ASP I 286 -63.76 -13.14 23.87
N TYR I 287 -63.44 -12.10 24.64
CA TYR I 287 -63.13 -10.80 24.06
C TYR I 287 -61.98 -10.88 23.06
N LEU I 288 -61.15 -11.90 23.18
CA LEU I 288 -60.03 -12.09 22.26
C LEU I 288 -60.58 -12.66 20.96
N LYS I 289 -61.56 -13.54 21.08
CA LYS I 289 -62.20 -14.17 19.94
C LYS I 289 -62.94 -13.13 19.11
N HIS I 290 -63.83 -12.39 19.76
CA HIS I 290 -64.60 -11.35 19.10
C HIS I 290 -63.68 -10.27 18.54
N CYS I 291 -62.50 -10.14 19.13
CA CYS I 291 -61.52 -9.15 18.70
C CYS I 291 -61.01 -9.46 17.29
N LEU I 292 -60.61 -10.71 17.08
CA LEU I 292 -60.10 -11.14 15.78
C LEU I 292 -61.21 -11.21 14.75
N GLU I 293 -62.45 -11.21 15.22
CA GLU I 293 -63.61 -11.27 14.34
C GLU I 293 -63.75 -9.95 13.57
N ARG I 294 -63.02 -8.94 14.00
CA ARG I 294 -63.04 -7.63 13.35
C ARG I 294 -61.62 -7.13 13.11
N SER I 295 -60.68 -8.07 13.12
CA SER I 295 -59.26 -7.76 12.89
C SER I 295 -58.62 -8.90 12.10
N GLU I 296 -59.15 -9.15 10.90
CA GLU I 296 -58.64 -10.21 10.05
C GLU I 296 -57.17 -10.02 9.66
N PHE I 297 -56.72 -8.77 9.63
CA PHE I 297 -55.34 -8.48 9.26
C PHE I 297 -54.30 -9.13 10.16
N LEU I 298 -54.71 -9.50 11.38
CA LEU I 298 -53.81 -10.15 12.31
C LEU I 298 -53.62 -11.62 11.96
N LEU I 299 -54.70 -12.27 11.55
CA LEU I 299 -54.66 -13.68 11.18
C LEU I 299 -54.19 -13.86 9.74
N GLU I 300 -54.54 -12.91 8.88
CA GLU I 300 -54.16 -12.97 7.48
C GLU I 300 -52.67 -12.71 7.29
N LYS I 301 -52.21 -11.52 7.66
CA LYS I 301 -50.81 -11.15 7.51
C LYS I 301 -49.92 -11.81 8.55
N ARG I 302 -50.49 -12.71 9.34
CA ARG I 302 -49.73 -13.41 10.38
C ARG I 302 -48.99 -12.41 11.28
N ILE I 303 -49.72 -11.81 12.21
CA ILE I 303 -49.13 -10.84 13.12
C ILE I 303 -49.14 -11.33 14.57
N ILE I 304 -50.28 -11.82 15.02
CA ILE I 304 -50.43 -12.32 16.39
C ILE I 304 -49.51 -13.50 16.67
N GLN I 305 -49.02 -14.13 15.62
CA GLN I 305 -48.12 -15.28 15.77
C GLN I 305 -46.79 -15.05 15.07
N SER I 306 -46.42 -13.78 14.95
CA SER I 306 -45.16 -13.42 14.30
C SER I 306 -44.12 -12.99 15.33
N GLY I 307 -42.87 -13.36 15.08
CA GLY I 307 -41.81 -13.00 16.01
C GLY I 307 -41.54 -11.51 15.95
N ILE I 308 -41.80 -10.91 14.80
CA ILE I 308 -41.60 -9.47 14.61
C ILE I 308 -42.57 -8.71 15.50
N ALA I 309 -43.73 -9.32 15.76
CA ALA I 309 -44.75 -8.70 16.59
C ALA I 309 -44.26 -8.57 18.03
N LEU I 310 -43.71 -9.67 18.56
CA LEU I 310 -43.19 -9.67 19.92
C LEU I 310 -42.02 -8.70 20.05
N LEU I 311 -41.27 -8.53 18.97
CA LEU I 311 -40.13 -7.62 18.97
C LEU I 311 -40.62 -6.20 19.23
N LEU I 312 -41.71 -5.82 18.56
CA LEU I 312 -42.29 -4.50 18.73
C LEU I 312 -42.78 -4.33 20.15
N MET I 313 -43.21 -5.43 20.76
CA MET I 313 -43.70 -5.41 22.13
C MET I 313 -42.56 -5.29 23.13
N LEU I 314 -41.38 -5.76 22.72
CA LEU I 314 -40.20 -5.71 23.57
C LEU I 314 -39.56 -4.33 23.52
N ILE I 315 -39.70 -3.66 22.38
CA ILE I 315 -39.14 -2.33 22.19
C ILE I 315 -40.07 -1.25 22.73
N TRP I 316 -41.35 -1.58 22.84
CA TRP I 316 -42.34 -0.63 23.34
C TRP I 316 -42.35 -0.54 24.85
N TYR I 317 -42.34 -1.69 25.53
CA TYR I 317 -42.36 -1.71 26.99
C TYR I 317 -40.98 -1.74 27.63
N ARG I 318 -40.23 -2.82 27.39
CA ARG I 318 -38.90 -2.96 27.98
C ARG I 318 -37.91 -1.87 27.63
N PRO I 319 -37.21 -1.33 28.64
CA PRO I 319 -36.21 -0.27 28.49
C PRO I 319 -35.05 -0.69 27.60
N VAL I 320 -34.15 0.24 27.33
CA VAL I 320 -33.00 -0.04 26.48
C VAL I 320 -31.87 -0.67 27.29
N ALA I 321 -31.88 -0.43 28.60
CA ALA I 321 -30.86 -0.97 29.49
C ALA I 321 -30.94 -2.48 29.67
N GLU I 322 -31.87 -3.12 28.98
CA GLU I 322 -32.02 -4.57 29.09
C GLU I 322 -31.49 -5.32 27.87
N PHE I 323 -31.40 -4.63 26.73
CA PHE I 323 -30.90 -5.23 25.51
C PHE I 323 -29.37 -5.25 25.52
N ALA I 324 -28.78 -5.88 24.51
CA ALA I 324 -27.33 -5.95 24.40
C ALA I 324 -26.81 -4.53 24.18
N GLN I 325 -25.60 -4.26 24.68
CA GLN I 325 -25.00 -2.94 24.54
C GLN I 325 -24.65 -2.62 23.09
N SER I 326 -24.61 -3.66 22.26
CA SER I 326 -24.29 -3.48 20.85
C SER I 326 -25.56 -3.29 20.02
N ILE I 327 -26.71 -3.38 20.67
CA ILE I 327 -27.98 -3.21 19.98
C ILE I 327 -28.81 -2.08 20.61
N GLN I 328 -28.38 -1.62 21.78
CA GLN I 328 -29.08 -0.56 22.49
C GLN I 328 -29.26 0.69 21.63
N SER I 329 -28.32 0.90 20.71
CA SER I 329 -28.37 2.06 19.83
C SER I 329 -29.47 1.91 18.78
N ARG I 330 -29.82 0.67 18.47
CA ARG I 330 -30.85 0.39 17.48
C ARG I 330 -32.23 0.34 18.12
N ILE I 331 -32.27 -0.04 19.40
CA ILE I 331 -33.53 -0.12 20.13
C ILE I 331 -34.14 1.27 20.28
N VAL I 332 -33.30 2.24 20.60
CA VAL I 332 -33.74 3.62 20.77
C VAL I 332 -34.28 4.17 19.45
N GLU I 333 -33.71 3.68 18.35
CA GLU I 333 -34.12 4.12 17.02
C GLU I 333 -35.61 3.91 16.79
N TRP I 334 -36.10 2.71 17.08
CA TRP I 334 -37.52 2.43 16.89
C TRP I 334 -38.37 2.98 18.03
N LYS I 335 -37.74 3.29 19.16
CA LYS I 335 -38.47 3.85 20.29
C LYS I 335 -38.88 5.27 19.92
N GLU I 336 -38.28 5.78 18.84
CA GLU I 336 -38.57 7.12 18.37
C GLU I 336 -39.59 7.05 17.22
N ARG I 337 -39.46 6.00 16.41
CA ARG I 337 -40.35 5.79 15.28
C ARG I 337 -41.75 5.42 15.76
N LEU I 338 -41.82 4.47 16.69
CA LEU I 338 -43.09 4.02 17.23
C LEU I 338 -43.82 5.12 18.01
N ASP I 339 -43.08 5.87 18.82
CA ASP I 339 -43.68 6.96 19.60
C ASP I 339 -44.07 8.12 18.68
N LYS I 340 -43.48 8.15 17.50
CA LYS I 340 -43.77 9.20 16.53
C LYS I 340 -45.09 8.92 15.81
N GLU I 341 -45.27 7.66 15.42
CA GLU I 341 -46.48 7.25 14.72
C GLU I 341 -47.65 7.05 15.68
N PHE I 342 -47.37 6.45 16.84
CA PHE I 342 -48.41 6.20 17.84
C PHE I 342 -48.03 6.72 19.22
N SER I 343 -48.92 7.50 19.81
CA SER I 343 -48.70 8.04 21.15
C SER I 343 -49.17 6.99 22.14
N LEU I 344 -49.46 7.40 23.37
CA LEU I 344 -49.93 6.46 24.37
C LEU I 344 -51.44 6.31 24.33
N SER I 345 -52.11 7.29 23.73
CA SER I 345 -53.56 7.27 23.61
C SER I 345 -54.02 6.31 22.53
N VAL I 346 -53.45 6.44 21.34
CA VAL I 346 -53.82 5.59 20.21
C VAL I 346 -53.49 4.12 20.51
N TYR I 347 -52.48 3.90 21.35
CA TYR I 347 -52.08 2.54 21.70
C TYR I 347 -53.12 1.87 22.58
N GLN I 348 -53.34 2.44 23.76
CA GLN I 348 -54.32 1.90 24.70
C GLN I 348 -55.72 1.88 24.10
N LYS I 349 -55.95 2.72 23.10
CA LYS I 349 -57.26 2.77 22.45
C LYS I 349 -57.50 1.47 21.71
N MET I 350 -56.42 0.81 21.32
CA MET I 350 -56.50 -0.46 20.60
C MET I 350 -56.77 -1.59 21.59
N LYS I 351 -56.07 -1.56 22.72
CA LYS I 351 -56.25 -2.58 23.75
C LYS I 351 -57.66 -2.43 24.31
N PHE I 352 -58.21 -1.23 24.15
CA PHE I 352 -59.57 -0.93 24.63
C PHE I 352 -60.58 -1.73 23.83
N ASN I 353 -60.49 -1.64 22.51
CA ASN I 353 -61.40 -2.36 21.63
C ASN I 353 -61.29 -3.87 21.88
N VAL I 354 -60.13 -4.29 22.37
CA VAL I 354 -59.91 -5.69 22.67
C VAL I 354 -60.83 -6.08 23.82
N ALA I 355 -60.89 -5.22 24.83
CA ALA I 355 -61.73 -5.47 25.99
C ALA I 355 -63.19 -5.54 25.56
N MET I 356 -63.55 -4.71 24.59
CA MET I 356 -64.92 -4.68 24.08
C MET I 356 -65.25 -5.96 23.34
N GLY I 357 -64.46 -6.24 22.31
CA GLY I 357 -64.68 -7.44 21.50
C GLY I 357 -64.83 -7.00 20.06
N ILE I 358 -64.27 -5.83 19.76
CA ILE I 358 -64.32 -5.27 18.41
C ILE I 358 -62.92 -5.11 17.84
N GLY I 359 -62.85 -4.65 16.59
CA GLY I 359 -61.57 -4.48 15.92
C GLY I 359 -60.59 -3.62 16.68
N VAL I 360 -59.37 -4.13 16.85
CA VAL I 360 -58.31 -3.41 17.56
C VAL I 360 -58.07 -2.03 16.96
N LEU I 361 -58.32 -1.90 15.66
CA LEU I 361 -58.11 -0.63 14.97
C LEU I 361 -59.43 0.08 14.69
N ASP I 362 -60.14 0.43 15.75
CA ASP I 362 -61.42 1.13 15.64
C ASP I 362 -61.46 2.33 16.56
N LYS J 1 0.49 -23.69 -5.91
CA LYS J 1 -0.91 -23.61 -5.41
C LYS J 1 -1.37 -24.94 -4.82
N GLN J 2 -2.60 -25.31 -5.14
CA GLN J 2 -3.20 -26.56 -4.68
C GLN J 2 -3.40 -26.55 -3.16
N VAL J 3 -4.50 -27.16 -2.72
CA VAL J 3 -4.83 -27.22 -1.30
C VAL J 3 -4.11 -28.37 -0.60
N SER J 4 -3.65 -28.12 0.62
CA SER J 4 -2.94 -29.12 1.41
C SER J 4 -3.92 -29.85 2.33
N TRP J 5 -3.86 -31.18 2.30
CA TRP J 5 -4.73 -32.01 3.14
C TRP J 5 -4.06 -32.32 4.48
N LYS J 6 -2.74 -32.44 4.46
CA LYS J 6 -1.98 -32.74 5.67
C LYS J 6 -2.12 -31.63 6.70
N LEU J 7 -2.27 -30.39 6.23
CA LEU J 7 -2.42 -29.26 7.12
C LEU J 7 -3.79 -29.28 7.80
N VAL J 8 -4.82 -29.55 7.02
CA VAL J 8 -6.18 -29.63 7.54
C VAL J 8 -6.25 -30.77 8.55
N THR J 9 -5.62 -31.89 8.20
CA THR J 9 -5.60 -33.06 9.05
C THR J 9 -4.83 -32.75 10.33
N GLU J 10 -3.79 -31.93 10.20
CA GLU J 10 -2.97 -31.54 11.33
C GLU J 10 -3.83 -30.75 12.32
N TYR J 11 -4.54 -29.74 11.82
CA TYR J 11 -5.40 -28.92 12.64
C TYR J 11 -6.46 -29.79 13.32
N ALA J 12 -6.91 -30.81 12.59
CA ALA J 12 -7.92 -31.73 13.11
C ALA J 12 -7.37 -32.52 14.29
N MET J 13 -6.15 -33.01 14.15
CA MET J 13 -5.49 -33.79 15.20
C MET J 13 -5.24 -32.91 16.42
N GLU J 14 -5.12 -31.61 16.20
CA GLU J 14 -4.87 -30.67 17.28
C GLU J 14 -6.12 -30.46 18.14
N THR J 15 -7.17 -29.93 17.51
CA THR J 15 -8.42 -29.68 18.20
C THR J 15 -9.19 -30.97 18.47
N LYS J 16 -8.69 -32.07 17.92
CA LYS J 16 -9.31 -33.37 18.09
C LYS J 16 -10.78 -33.34 17.68
N CYS J 17 -11.08 -32.53 16.68
CA CYS J 17 -12.45 -32.39 16.17
C CYS J 17 -12.89 -33.65 15.45
N ASP J 18 -13.82 -34.38 16.07
CA ASP J 18 -14.34 -35.61 15.49
C ASP J 18 -15.65 -35.35 14.75
N ASP J 19 -15.84 -34.10 14.33
CA ASP J 19 -17.05 -33.71 13.60
C ASP J 19 -16.67 -33.26 12.19
N VAL J 20 -17.59 -33.46 11.25
CA VAL J 20 -17.35 -33.09 9.86
C VAL J 20 -17.68 -31.63 9.58
N LEU J 21 -18.95 -31.26 9.73
CA LEU J 21 -19.39 -29.89 9.49
C LEU J 21 -18.74 -28.90 10.44
N LEU J 22 -18.48 -29.34 11.67
CA LEU J 22 -17.85 -28.48 12.67
C LEU J 22 -16.42 -28.15 12.26
N LEU J 23 -15.66 -29.18 11.90
CA LEU J 23 -14.28 -29.02 11.48
C LEU J 23 -14.20 -28.16 10.22
N LEU J 24 -15.25 -28.22 9.41
CA LEU J 24 -15.33 -27.45 8.17
C LEU J 24 -15.47 -25.95 8.46
N GLY J 25 -16.48 -25.61 9.25
CA GLY J 25 -16.71 -24.21 9.58
C GLY J 25 -15.54 -23.55 10.28
N MET J 26 -14.97 -24.25 11.26
CA MET J 26 -13.84 -23.72 12.02
C MET J 26 -12.65 -23.39 11.12
N TYR J 27 -12.40 -24.25 10.13
CA TYR J 27 -11.28 -24.05 9.23
C TYR J 27 -11.58 -22.98 8.17
N LEU J 28 -12.86 -22.73 7.93
CA LEU J 28 -13.27 -21.73 6.95
C LEU J 28 -13.16 -20.31 7.47
N GLU J 29 -12.65 -20.16 8.69
CA GLU J 29 -12.50 -18.84 9.30
C GLU J 29 -11.07 -18.34 9.14
N PHE J 30 -10.21 -19.16 8.54
CA PHE J 30 -8.82 -18.80 8.33
C PHE J 30 -8.55 -18.43 6.87
N GLN J 31 -9.63 -18.20 6.11
CA GLN J 31 -9.50 -17.84 4.70
C GLN J 31 -9.68 -16.33 4.52
N TYR J 32 -9.51 -15.58 5.60
CA TYR J 32 -9.66 -14.14 5.57
C TYR J 32 -8.32 -13.47 5.89
N SER J 33 -8.11 -13.13 7.15
CA SER J 33 -6.88 -12.49 7.58
C SER J 33 -6.81 -12.36 9.10
N PHE J 34 -5.73 -12.86 9.68
CA PHE J 34 -5.53 -12.79 11.13
C PHE J 34 -4.98 -11.41 11.47
N GLU J 35 -4.79 -10.61 10.42
CA GLU J 35 -4.26 -9.25 10.56
C GLU J 35 -5.18 -8.38 11.41
N MET J 36 -6.49 -8.52 11.20
CA MET J 36 -7.47 -7.72 11.94
C MET J 36 -8.59 -8.56 12.54
N CYS J 37 -8.41 -9.87 12.59
CA CYS J 37 -9.42 -10.76 13.15
C CYS J 37 -9.70 -10.42 14.61
N LEU J 38 -10.94 -10.08 14.91
CA LEU J 38 -11.33 -9.72 16.28
C LEU J 38 -11.20 -10.92 17.22
N LYS J 39 -11.56 -12.10 16.73
CA LYS J 39 -11.49 -13.32 17.53
C LYS J 39 -10.05 -13.69 17.89
N CYS J 40 -9.10 -13.17 17.11
CA CYS J 40 -7.69 -13.45 17.34
C CYS J 40 -7.10 -12.51 18.38
N ILE J 41 -7.59 -11.28 18.40
CA ILE J 41 -7.11 -10.28 19.35
C ILE J 41 -7.81 -10.42 20.71
N LYS J 42 -9.12 -10.66 20.67
CA LYS J 42 -9.89 -10.81 21.90
C LYS J 42 -9.61 -12.11 22.64
N LYS J 43 -8.92 -13.03 21.98
CA LYS J 43 -8.59 -14.32 22.59
C LYS J 43 -9.86 -14.99 23.09
N GLU J 44 -10.73 -15.36 22.15
CA GLU J 44 -11.99 -16.01 22.49
C GLU J 44 -11.92 -17.53 22.46
N GLN J 45 -11.45 -18.07 21.35
CA GLN J 45 -11.34 -19.52 21.20
C GLN J 45 -9.91 -19.98 20.89
N PRO J 46 -9.29 -20.75 21.80
CA PRO J 46 -7.93 -21.26 21.62
C PRO J 46 -7.75 -22.01 20.31
N SER J 47 -8.86 -22.44 19.73
CA SER J 47 -8.83 -23.18 18.47
C SER J 47 -8.88 -22.24 17.27
N HIS J 48 -8.68 -20.96 17.53
CA HIS J 48 -8.72 -19.96 16.46
C HIS J 48 -7.43 -19.15 16.37
N TYR J 49 -7.21 -18.27 17.35
CA TYR J 49 -6.04 -17.42 17.37
C TYR J 49 -4.72 -18.19 17.54
N LYS J 50 -4.82 -19.47 17.87
CA LYS J 50 -3.64 -20.30 18.06
C LYS J 50 -3.30 -21.12 16.81
N TYR J 51 -4.20 -21.14 15.83
CA TYR J 51 -3.96 -21.92 14.62
C TYR J 51 -4.22 -21.17 13.31
N HIS J 52 -4.63 -19.92 13.38
CA HIS J 52 -4.90 -19.16 12.17
C HIS J 52 -3.62 -18.91 11.36
N GLU J 53 -2.60 -18.35 12.02
CA GLU J 53 -1.34 -18.08 11.35
C GLU J 53 -0.69 -19.38 10.87
N LYS J 54 -1.07 -20.48 11.50
CA LYS J 54 -0.52 -21.78 11.15
C LYS J 54 -1.18 -22.40 9.91
N HIS J 55 -2.46 -22.08 9.70
CA HIS J 55 -3.19 -22.62 8.56
C HIS J 55 -3.77 -21.54 7.65
N TYR J 56 -3.28 -20.32 7.78
CA TYR J 56 -3.77 -19.21 6.97
C TYR J 56 -3.43 -19.41 5.49
N ALA J 57 -2.26 -19.98 5.23
CA ALA J 57 -1.81 -20.22 3.87
C ALA J 57 -2.70 -21.21 3.11
N ASN J 58 -3.02 -22.33 3.74
CA ASN J 58 -3.85 -23.34 3.11
C ASN J 58 -5.32 -22.96 3.08
N ALA J 59 -5.81 -22.39 4.17
CA ALA J 59 -7.20 -21.96 4.26
C ALA J 59 -7.54 -20.94 3.18
N ALA J 60 -6.52 -20.17 2.77
CA ALA J 60 -6.70 -19.16 1.74
C ALA J 60 -7.12 -19.81 0.42
N ILE J 61 -6.57 -20.99 0.16
CA ILE J 61 -6.90 -21.72 -1.06
C ILE J 61 -8.06 -22.68 -0.80
N PHE J 62 -8.23 -23.03 0.47
CA PHE J 62 -9.30 -23.94 0.87
C PHE J 62 -10.65 -23.39 0.46
N ALA J 63 -10.78 -22.07 0.46
CA ALA J 63 -12.01 -21.40 0.09
C ALA J 63 -12.40 -21.69 -1.35
N ASP J 64 -11.41 -21.71 -2.24
CA ASP J 64 -11.66 -21.98 -3.65
C ASP J 64 -11.56 -23.47 -3.98
N SER J 65 -11.84 -24.31 -2.98
CA SER J 65 -11.79 -25.75 -3.18
C SER J 65 -13.16 -26.30 -3.51
N LYS J 66 -13.20 -27.29 -4.40
CA LYS J 66 -14.45 -27.91 -4.81
C LYS J 66 -14.78 -29.11 -3.93
N ASN J 67 -13.92 -29.38 -2.96
CA ASN J 67 -14.11 -30.49 -2.04
C ASN J 67 -13.87 -30.06 -0.61
N GLN J 68 -14.51 -28.97 -0.20
CA GLN J 68 -14.37 -28.44 1.15
C GLN J 68 -14.81 -29.44 2.22
N LYS J 69 -15.86 -30.21 1.92
CA LYS J 69 -16.37 -31.19 2.86
C LYS J 69 -15.60 -32.50 2.79
N THR J 70 -14.93 -32.73 1.66
CA THR J 70 -14.16 -33.95 1.48
C THR J 70 -12.83 -33.87 2.22
N ILE J 71 -12.16 -32.73 2.09
CA ILE J 71 -10.87 -32.52 2.75
C ILE J 71 -11.03 -32.63 4.27
N CYS J 72 -12.07 -32.00 4.80
CA CYS J 72 -12.33 -32.03 6.24
C CYS J 72 -12.85 -33.41 6.66
N GLN J 73 -13.46 -34.12 5.73
CA GLN J 73 -14.01 -35.44 6.00
C GLN J 73 -12.89 -36.41 6.38
N GLN J 74 -11.85 -36.45 5.55
CA GLN J 74 -10.72 -37.33 5.79
C GLN J 74 -10.05 -37.00 7.13
N ALA J 75 -10.01 -35.71 7.46
CA ALA J 75 -9.42 -35.26 8.71
C ALA J 75 -10.17 -35.89 9.88
N VAL J 76 -11.49 -35.87 9.81
CA VAL J 76 -12.33 -36.43 10.86
C VAL J 76 -12.00 -37.90 11.07
N ASP J 77 -11.84 -38.63 9.97
CA ASP J 77 -11.51 -40.06 10.05
C ASP J 77 -10.15 -40.25 10.73
N THR J 78 -9.24 -39.31 10.50
CA THR J 78 -7.93 -39.37 11.10
C THR J 78 -8.05 -39.12 12.60
N VAL J 79 -9.02 -38.30 12.97
CA VAL J 79 -9.25 -37.97 14.38
C VAL J 79 -9.78 -39.20 15.09
N LEU J 80 -10.85 -39.78 14.53
CA LEU J 80 -11.47 -40.97 15.11
C LEU J 80 -10.45 -42.11 15.11
N ALA J 81 -9.57 -42.10 14.11
CA ALA J 81 -8.53 -43.12 13.99
C ALA J 81 -7.60 -43.06 15.18
N LYS J 82 -7.25 -41.85 15.59
CA LYS J 82 -6.35 -41.66 16.74
C LYS J 82 -6.97 -42.28 17.98
N LYS J 83 -8.22 -41.94 18.26
CA LYS J 83 -8.92 -42.47 19.42
C LYS J 83 -9.08 -43.98 19.26
N ARG J 84 -9.27 -44.42 18.02
CA ARG J 84 -9.43 -45.83 17.72
C ARG J 84 -8.19 -46.60 18.15
N VAL J 85 -7.03 -45.93 18.07
CA VAL J 85 -5.77 -46.55 18.44
C VAL J 85 -5.47 -46.43 19.93
N ASP J 86 -5.65 -45.23 20.48
CA ASP J 86 -5.40 -44.99 21.90
C ASP J 86 -6.21 -45.91 22.81
N SER J 87 -7.39 -46.31 22.34
CA SER J 87 -8.26 -47.17 23.13
C SER J 87 -7.71 -48.59 23.23
N LEU J 88 -6.58 -48.85 22.58
CA LEU J 88 -5.97 -50.17 22.61
C LEU J 88 -4.55 -50.17 23.15
N GLN J 89 -3.80 -49.10 22.86
CA GLN J 89 -2.42 -49.01 23.31
C GLN J 89 -2.26 -48.44 24.71
N LEU J 90 -2.76 -47.23 24.94
CA LEU J 90 -2.66 -46.59 26.25
C LEU J 90 -3.54 -47.29 27.27
N THR J 91 -2.99 -47.55 28.44
CA THR J 91 -3.75 -48.21 29.51
C THR J 91 -4.90 -47.30 29.90
N ARG J 92 -5.91 -47.85 30.57
CA ARG J 92 -7.07 -47.07 30.98
C ARG J 92 -6.70 -45.97 31.97
N GLU J 93 -5.51 -46.07 32.57
CA GLU J 93 -5.08 -45.07 33.52
C GLU J 93 -4.39 -43.93 32.78
N GLN J 94 -3.68 -44.26 31.71
CA GLN J 94 -2.98 -43.26 30.91
C GLN J 94 -4.00 -42.42 30.15
N MET J 95 -5.09 -43.05 29.71
CA MET J 95 -6.13 -42.33 28.99
C MET J 95 -6.69 -41.22 29.86
N LEU J 96 -6.83 -41.51 31.16
CA LEU J 96 -7.34 -40.52 32.10
C LEU J 96 -6.29 -39.44 32.32
N THR J 97 -5.03 -39.87 32.38
CA THR J 97 -3.92 -38.95 32.57
C THR J 97 -3.98 -37.81 31.56
N ASN J 98 -4.23 -38.16 30.31
CA ASN J 98 -4.32 -37.17 29.24
C ASN J 98 -5.54 -36.28 29.44
N ARG J 99 -6.64 -36.89 29.88
CA ARG J 99 -7.88 -36.16 30.11
C ARG J 99 -7.67 -35.11 31.21
N PHE J 100 -7.12 -35.55 32.34
CA PHE J 100 -6.87 -34.65 33.46
C PHE J 100 -6.02 -33.45 33.04
N ASN J 101 -5.11 -33.67 32.11
CA ASN J 101 -4.25 -32.59 31.63
C ASN J 101 -5.02 -31.63 30.72
N ASP J 102 -5.89 -32.18 29.88
CA ASP J 102 -6.69 -31.36 28.98
C ASP J 102 -7.67 -30.51 29.77
N LEU J 103 -8.12 -31.05 30.90
CA LEU J 103 -9.06 -30.33 31.76
C LEU J 103 -8.35 -29.16 32.42
N LEU J 104 -7.06 -29.34 32.69
CA LEU J 104 -6.26 -28.28 33.32
C LEU J 104 -5.86 -27.23 32.29
N ASP J 105 -5.76 -27.64 31.03
CA ASP J 105 -5.39 -26.72 29.96
C ASP J 105 -6.43 -25.62 29.86
N ARG J 106 -7.70 -26.00 29.95
CA ARG J 106 -8.80 -25.04 29.88
C ARG J 106 -8.68 -24.09 31.07
N MET J 107 -8.33 -24.65 32.22
CA MET J 107 -8.17 -23.88 33.45
C MET J 107 -7.07 -22.85 33.35
N ASP J 108 -5.95 -23.23 32.74
CA ASP J 108 -4.82 -22.32 32.59
C ASP J 108 -5.17 -21.13 31.71
N ILE J 109 -6.30 -21.23 30.99
CA ILE J 109 -6.74 -20.16 30.12
C ILE J 109 -7.86 -19.36 30.77
N MET J 110 -8.87 -20.05 31.29
CA MET J 110 -10.00 -19.40 31.94
C MET J 110 -9.59 -18.73 33.25
N PHE J 111 -8.65 -19.35 33.95
CA PHE J 111 -8.16 -18.81 35.21
C PHE J 111 -6.87 -18.02 35.01
N GLY J 112 -6.69 -17.53 33.78
CA GLY J 112 -5.49 -16.76 33.48
C GLY J 112 -5.81 -15.31 33.12
N SER J 113 -5.12 -14.80 32.11
CA SER J 113 -5.31 -13.41 31.68
C SER J 113 -6.37 -13.33 30.58
N THR J 114 -6.39 -14.33 29.70
CA THR J 114 -7.34 -14.38 28.60
C THR J 114 -8.58 -15.18 28.99
N GLY J 115 -8.85 -15.26 30.29
CA GLY J 115 -10.00 -15.99 30.77
C GLY J 115 -10.98 -15.13 31.53
N SER J 116 -12.25 -15.50 31.51
CA SER J 116 -13.30 -14.76 32.21
C SER J 116 -13.92 -15.60 33.31
N ALA J 117 -13.21 -16.65 33.73
CA ALA J 117 -13.70 -17.54 34.78
C ALA J 117 -13.17 -17.09 36.14
N ASP J 118 -14.07 -17.07 37.12
CA ASP J 118 -13.70 -16.66 38.47
C ASP J 118 -13.44 -17.90 39.32
N ILE J 119 -12.20 -18.06 39.78
CA ILE J 119 -11.80 -19.21 40.58
C ILE J 119 -12.61 -19.32 41.88
N GLU J 120 -13.09 -18.18 42.37
CA GLU J 120 -13.88 -18.16 43.60
C GLU J 120 -15.16 -18.97 43.47
N GLU J 121 -15.86 -18.80 42.36
CA GLU J 121 -17.10 -19.51 42.12
C GLU J 121 -16.89 -21.02 41.96
N TRP J 122 -15.85 -21.40 41.22
CA TRP J 122 -15.56 -22.81 41.02
C TRP J 122 -15.12 -23.49 42.31
N MET J 123 -14.52 -22.73 43.21
CA MET J 123 -14.08 -23.27 44.49
C MET J 123 -15.32 -23.42 45.37
N ALA J 124 -16.32 -22.60 45.09
CA ALA J 124 -17.57 -22.65 45.84
C ALA J 124 -18.34 -23.90 45.42
N GLY J 125 -18.22 -24.26 44.15
CA GLY J 125 -18.90 -25.45 43.65
C GLY J 125 -18.34 -26.68 44.31
N VAL J 126 -17.02 -26.68 44.54
CA VAL J 126 -16.36 -27.79 45.18
C VAL J 126 -16.94 -28.00 46.57
N ALA J 127 -17.47 -26.92 47.14
CA ALA J 127 -18.07 -26.95 48.47
C ALA J 127 -19.45 -27.58 48.39
N TRP J 128 -20.27 -27.10 47.46
CA TRP J 128 -21.63 -27.61 47.29
C TRP J 128 -21.57 -29.08 46.91
N LEU J 129 -20.65 -29.43 46.02
CA LEU J 129 -20.49 -30.80 45.55
C LEU J 129 -20.07 -31.73 46.68
N HIS J 130 -19.29 -31.21 47.62
CA HIS J 130 -18.81 -32.02 48.73
C HIS J 130 -19.92 -32.14 49.79
N CYS J 131 -20.91 -31.26 49.69
CA CYS J 131 -22.03 -31.28 50.62
C CYS J 131 -23.20 -32.02 49.98
N LEU J 132 -22.91 -32.73 48.90
CA LEU J 132 -23.92 -33.50 48.18
C LEU J 132 -23.96 -34.94 48.68
N LEU J 133 -22.79 -35.48 48.98
CA LEU J 133 -22.69 -36.86 49.47
C LEU J 133 -21.53 -37.03 50.45
N PRO J 134 -21.68 -37.94 51.43
CA PRO J 134 -20.65 -38.19 52.43
C PRO J 134 -19.32 -38.58 51.80
N LYS J 135 -18.28 -37.80 52.08
CA LYS J 135 -16.96 -38.06 51.53
C LYS J 135 -17.03 -38.12 50.00
N MET J 136 -17.61 -37.09 49.41
CA MET J 136 -17.77 -37.01 47.97
C MET J 136 -16.44 -37.19 47.23
N ASP J 137 -15.44 -36.40 47.61
CA ASP J 137 -14.12 -36.48 46.99
C ASP J 137 -13.56 -37.89 47.11
N SER J 138 -13.81 -38.53 48.25
CA SER J 138 -13.32 -39.88 48.49
C SER J 138 -13.93 -40.86 47.50
N VAL J 139 -15.23 -40.71 47.25
CA VAL J 139 -15.95 -41.58 46.33
C VAL J 139 -15.44 -41.40 44.90
N VAL J 140 -15.13 -40.16 44.54
CA VAL J 140 -14.63 -39.86 43.20
C VAL J 140 -13.36 -40.64 42.87
N TYR J 141 -12.44 -40.70 43.83
CA TYR J 141 -11.19 -41.42 43.63
C TYR J 141 -11.47 -42.91 43.43
N ASP J 142 -12.44 -43.43 44.16
CA ASP J 142 -12.79 -44.84 44.06
C ASP J 142 -13.39 -45.15 42.69
N PHE J 143 -14.28 -44.28 42.22
CA PHE J 143 -14.91 -44.47 40.92
C PHE J 143 -13.85 -44.42 39.82
N LEU J 144 -12.97 -43.43 39.91
CA LEU J 144 -11.90 -43.26 38.92
C LEU J 144 -11.13 -44.57 38.75
N LYS J 145 -10.57 -45.07 39.85
CA LYS J 145 -9.80 -46.31 39.82
C LYS J 145 -10.68 -47.48 39.44
N CYS J 146 -11.94 -47.45 39.85
CA CYS J 146 -12.87 -48.52 39.53
C CYS J 146 -12.97 -48.63 38.02
N MET J 147 -12.86 -47.48 37.36
CA MET J 147 -12.92 -47.42 35.90
C MET J 147 -11.60 -47.88 35.30
N VAL J 148 -10.50 -47.59 36.01
CA VAL J 148 -9.17 -47.98 35.56
C VAL J 148 -8.96 -49.47 35.68
N TYR J 149 -9.23 -50.02 36.87
CA TYR J 149 -9.06 -51.45 37.11
C TYR J 149 -9.85 -52.27 36.09
N ASN J 150 -11.04 -51.80 35.75
CA ASN J 150 -11.89 -52.47 34.77
C ASN J 150 -12.09 -53.93 35.17
N ILE J 151 -12.98 -54.17 36.13
CA ILE J 151 -13.26 -55.52 36.60
C ILE J 151 -14.61 -56.02 36.09
N PRO J 152 -14.60 -57.10 35.28
CA PRO J 152 -15.80 -57.70 34.69
C PRO J 152 -16.93 -57.92 35.69
N LYS J 153 -18.14 -57.50 35.31
CA LYS J 153 -19.32 -57.62 36.14
C LYS J 153 -19.12 -56.87 37.46
N LYS J 154 -18.20 -55.92 37.43
CA LYS J 154 -17.88 -55.09 38.59
C LYS J 154 -17.37 -53.76 38.04
N ARG J 155 -18.21 -53.08 37.27
CA ARG J 155 -17.82 -51.81 36.66
C ARG J 155 -18.83 -50.68 36.86
N TYR J 156 -20.07 -50.90 36.43
CA TYR J 156 -21.09 -49.87 36.57
C TYR J 156 -21.49 -49.53 38.00
N TRP J 157 -21.78 -48.26 38.23
CA TRP J 157 -22.21 -47.75 39.53
C TRP J 157 -23.67 -47.35 39.42
N LEU J 158 -24.39 -47.37 40.54
CA LEU J 158 -25.79 -47.01 40.54
C LEU J 158 -26.09 -45.69 41.23
N PHE J 159 -26.69 -44.76 40.49
CA PHE J 159 -27.05 -43.45 41.03
C PHE J 159 -28.57 -43.42 41.17
N LYS J 160 -29.07 -44.27 42.07
CA LYS J 160 -30.51 -44.37 42.32
C LYS J 160 -30.97 -43.40 43.38
N GLY J 161 -31.80 -42.44 42.99
CA GLY J 161 -32.31 -41.45 43.93
C GLY J 161 -33.54 -40.72 43.41
N PRO J 162 -34.36 -40.17 44.31
CA PRO J 162 -35.58 -39.43 43.95
C PRO J 162 -35.30 -38.27 42.99
N ILE J 163 -36.37 -37.62 42.55
CA ILE J 163 -36.24 -36.49 41.63
C ILE J 163 -35.58 -35.30 42.32
N ASP J 164 -34.69 -34.62 41.60
CA ASP J 164 -33.99 -33.46 42.15
C ASP J 164 -33.25 -33.83 43.43
N SER J 165 -31.98 -34.23 43.28
CA SER J 165 -31.15 -34.60 44.42
C SER J 165 -29.68 -34.35 44.14
N GLY J 166 -29.28 -34.54 42.88
CA GLY J 166 -27.90 -34.34 42.51
C GLY J 166 -27.35 -35.41 41.60
N LYS J 167 -28.20 -36.36 41.24
CA LYS J 167 -27.80 -37.47 40.36
C LYS J 167 -27.33 -36.95 39.01
N THR J 168 -28.26 -36.33 38.27
CA THR J 168 -27.95 -35.78 36.96
C THR J 168 -26.87 -34.71 37.04
N THR J 169 -26.62 -34.20 38.24
CA THR J 169 -25.62 -33.16 38.44
C THR J 169 -24.22 -33.78 38.58
N LEU J 170 -24.15 -34.94 39.22
CA LEU J 170 -22.88 -35.63 39.42
C LEU J 170 -22.56 -36.56 38.26
N ALA J 171 -23.55 -37.36 37.87
CA ALA J 171 -23.39 -38.31 36.76
C ALA J 171 -22.96 -37.58 35.49
N ALA J 172 -23.21 -36.27 35.45
CA ALA J 172 -22.85 -35.46 34.30
C ALA J 172 -21.42 -34.97 34.42
N ALA J 173 -21.09 -34.40 35.57
CA ALA J 173 -19.74 -33.88 35.82
C ALA J 173 -18.70 -35.00 35.69
N LEU J 174 -19.02 -36.17 36.23
CA LEU J 174 -18.12 -37.31 36.17
C LEU J 174 -17.83 -37.70 34.72
N LEU J 175 -18.84 -37.55 33.87
CA LEU J 175 -18.70 -37.88 32.45
C LEU J 175 -17.60 -37.05 31.80
N GLU J 176 -17.51 -35.78 32.19
CA GLU J 176 -16.51 -34.88 31.63
C GLU J 176 -15.18 -35.00 32.37
N LEU J 177 -15.24 -35.41 33.64
CA LEU J 177 -14.04 -35.57 34.45
C LEU J 177 -13.19 -36.71 33.93
N CYS J 178 -13.83 -37.78 33.49
CA CYS J 178 -13.14 -38.96 32.96
C CYS J 178 -13.12 -38.94 31.44
N GLY J 179 -14.29 -38.72 30.85
CA GLY J 179 -14.39 -38.70 29.40
C GLY J 179 -15.35 -39.77 28.89
N GLY J 180 -16.07 -39.45 27.82
CA GLY J 180 -17.00 -40.41 27.26
C GLY J 180 -18.29 -39.77 26.80
N LYS J 181 -19.35 -40.56 26.71
CA LYS J 181 -20.65 -40.08 26.29
C LYS J 181 -21.77 -40.62 27.18
N ALA J 182 -22.92 -39.97 27.12
CA ALA J 182 -24.08 -40.38 27.91
C ALA J 182 -25.17 -40.89 26.99
N LEU J 183 -25.58 -42.14 27.17
CA LEU J 183 -26.61 -42.74 26.34
C LEU J 183 -27.96 -42.81 27.04
N ASN J 184 -28.95 -43.36 26.35
CA ASN J 184 -30.30 -43.50 26.88
C ASN J 184 -30.89 -44.83 26.39
N VAL J 185 -31.69 -45.46 27.23
CA VAL J 185 -32.31 -46.74 26.87
C VAL J 185 -33.82 -46.74 27.01
N ASN J 186 -34.40 -45.55 27.22
CA ASN J 186 -35.85 -45.43 27.36
C ASN J 186 -36.53 -45.70 26.02
N LEU J 187 -35.78 -45.51 24.94
CA LEU J 187 -36.32 -45.74 23.60
C LEU J 187 -36.31 -47.24 23.31
N PRO J 188 -37.19 -47.69 22.40
CA PRO J 188 -37.28 -49.10 22.02
C PRO J 188 -35.91 -49.72 21.71
N LEU J 189 -35.83 -51.04 21.82
CA LEU J 189 -34.59 -51.75 21.54
C LEU J 189 -34.31 -51.75 20.04
N ASP J 190 -35.03 -50.90 19.31
CA ASP J 190 -34.86 -50.79 17.87
C ASP J 190 -33.71 -49.85 17.56
N ARG J 191 -33.84 -48.60 18.02
CA ARG J 191 -32.81 -47.60 17.80
C ARG J 191 -31.71 -47.73 18.84
N LEU J 192 -31.86 -48.72 19.71
CA LEU J 192 -30.89 -48.97 20.77
C LEU J 192 -29.51 -49.25 20.16
N ASN J 193 -29.51 -49.93 19.02
CA ASN J 193 -28.26 -50.27 18.33
C ASN J 193 -27.61 -49.02 17.74
N PHE J 194 -28.45 -48.07 17.31
CA PHE J 194 -27.95 -46.83 16.73
C PHE J 194 -27.48 -45.85 17.80
N GLU J 195 -27.75 -46.18 19.06
CA GLU J 195 -27.35 -45.32 20.17
C GLU J 195 -26.23 -45.94 20.98
N LEU J 196 -26.25 -47.28 21.09
CA LEU J 196 -25.23 -48.00 21.84
C LEU J 196 -23.92 -47.98 21.07
N GLY J 197 -23.99 -47.58 19.79
CA GLY J 197 -22.79 -47.52 18.97
C GLY J 197 -21.99 -46.26 19.22
N VAL J 198 -22.34 -45.53 20.27
CA VAL J 198 -21.63 -44.30 20.62
C VAL J 198 -20.53 -44.59 21.62
N ALA J 199 -20.69 -45.68 22.38
CA ALA J 199 -19.72 -46.07 23.38
C ALA J 199 -18.45 -46.65 22.75
N ILE J 200 -18.35 -46.54 21.42
CA ILE J 200 -17.19 -47.05 20.71
C ILE J 200 -15.92 -46.26 21.05
N ASP J 201 -14.87 -46.98 21.43
CA ASP J 201 -13.60 -46.37 21.79
C ASP J 201 -13.73 -45.35 22.92
N GLN J 202 -14.85 -45.39 23.63
CA GLN J 202 -15.09 -44.48 24.73
C GLN J 202 -14.44 -44.99 26.02
N PHE J 203 -14.70 -44.31 27.12
CA PHE J 203 -14.14 -44.71 28.41
C PHE J 203 -15.25 -45.22 29.33
N LEU J 204 -16.35 -44.46 29.39
CA LEU J 204 -17.48 -44.83 30.23
C LEU J 204 -18.79 -44.33 29.64
N VAL J 205 -19.90 -44.96 30.04
CA VAL J 205 -21.22 -44.59 29.55
C VAL J 205 -22.09 -44.07 30.69
N VAL J 206 -23.07 -43.23 30.35
CA VAL J 206 -23.97 -42.67 31.35
C VAL J 206 -25.43 -42.86 30.97
N PHE J 207 -26.11 -43.79 31.64
CA PHE J 207 -27.51 -44.06 31.37
C PHE J 207 -28.37 -43.16 32.24
N GLU J 208 -29.00 -42.17 31.62
CA GLU J 208 -29.84 -41.21 32.34
C GLU J 208 -31.29 -41.66 32.52
N ASP J 209 -31.71 -41.72 33.79
CA ASP J 209 -33.05 -42.11 34.17
C ASP J 209 -33.63 -43.29 33.39
N VAL J 210 -33.46 -44.50 33.94
CA VAL J 210 -33.99 -45.70 33.30
C VAL J 210 -35.36 -46.02 33.89
N LYS J 211 -36.34 -46.18 33.01
CA LYS J 211 -37.71 -46.47 33.44
C LYS J 211 -37.97 -47.98 33.54
N GLY J 212 -38.59 -48.39 34.64
CA GLY J 212 -38.90 -49.79 34.84
C GLY J 212 -40.34 -49.97 35.29
N THR J 213 -40.83 -51.20 35.23
CA THR J 213 -42.20 -51.50 35.63
C THR J 213 -42.41 -51.27 37.12
N GLY J 214 -41.32 -51.33 37.88
CA GLY J 214 -41.41 -51.13 39.32
C GLY J 214 -41.79 -49.71 39.70
N GLY J 215 -42.20 -49.52 40.95
CA GLY J 215 -42.59 -48.20 41.40
C GLY J 215 -43.84 -47.67 40.73
N GLU J 216 -44.86 -48.52 40.60
CA GLU J 216 -46.11 -48.14 39.98
C GLU J 216 -46.99 -47.37 40.96
N SER J 217 -46.69 -47.50 42.25
CA SER J 217 -47.45 -46.82 43.29
C SER J 217 -46.81 -45.50 43.70
N ARG J 218 -45.56 -45.30 43.32
CA ARG J 218 -44.83 -44.08 43.65
C ARG J 218 -44.93 -43.06 42.52
N ASP J 219 -45.97 -43.16 41.70
CA ASP J 219 -46.18 -42.24 40.59
C ASP J 219 -44.95 -42.20 39.67
N LEU J 220 -44.30 -43.34 39.53
CA LEU J 220 -43.11 -43.44 38.68
C LEU J 220 -43.44 -44.15 37.37
N PRO J 221 -43.54 -43.40 36.26
CA PRO J 221 -43.85 -43.95 34.94
C PRO J 221 -42.92 -45.10 34.54
N SER J 222 -43.52 -46.18 34.06
CA SER J 222 -42.75 -47.35 33.65
C SER J 222 -42.30 -47.21 32.20
N GLY J 223 -41.23 -47.91 31.86
CA GLY J 223 -40.70 -47.86 30.50
C GLY J 223 -39.95 -49.11 30.12
N GLN J 224 -38.82 -48.94 29.45
CA GLN J 224 -38.01 -50.08 29.02
C GLN J 224 -36.57 -49.94 29.51
N GLY J 225 -36.32 -48.91 30.32
CA GLY J 225 -34.99 -48.68 30.84
C GLY J 225 -34.42 -49.88 31.58
N ILE J 226 -35.06 -50.25 32.68
CA ILE J 226 -34.61 -51.39 33.48
C ILE J 226 -34.55 -52.67 32.65
N ASN J 227 -35.57 -52.87 31.81
CA ASN J 227 -35.63 -54.06 30.96
C ASN J 227 -34.45 -54.13 30.00
N ASN J 228 -34.20 -53.04 29.28
CA ASN J 228 -33.10 -52.99 28.33
C ASN J 228 -31.76 -53.29 28.99
N LEU J 229 -31.61 -52.84 30.23
CA LEU J 229 -30.37 -53.07 30.98
C LEU J 229 -30.13 -54.56 31.14
N ASP J 230 -31.19 -55.31 31.42
CA ASP J 230 -31.08 -56.75 31.60
C ASP J 230 -30.89 -57.43 30.24
N ASN J 231 -31.38 -56.79 29.19
CA ASN J 231 -31.25 -57.33 27.83
C ASN J 231 -29.84 -57.04 27.31
N LEU J 232 -28.98 -56.56 28.21
CA LEU J 232 -27.60 -56.24 27.86
C LEU J 232 -26.67 -56.73 28.97
N ARG J 233 -26.80 -57.99 29.33
CA ARG J 233 -25.97 -58.58 30.38
C ARG J 233 -24.49 -58.54 30.04
N ASP J 234 -24.13 -59.10 28.90
CA ASP J 234 -22.72 -59.11 28.47
C ASP J 234 -22.20 -57.69 28.37
N TYR J 235 -23.06 -56.77 27.91
CA TYR J 235 -22.68 -55.38 27.76
C TYR J 235 -22.28 -54.79 29.12
N LEU J 236 -22.95 -55.25 30.17
CA LEU J 236 -22.67 -54.76 31.52
C LEU J 236 -21.46 -55.45 32.14
N ASP J 237 -21.23 -56.71 31.77
CA ASP J 237 -20.10 -57.46 32.30
C ASP J 237 -18.80 -57.00 31.64
N GLY J 238 -18.73 -57.14 30.33
CA GLY J 238 -17.55 -56.72 29.60
C GLY J 238 -16.49 -57.82 29.48
N SER J 239 -16.91 -59.06 29.66
CA SER J 239 -15.98 -60.19 29.56
C SER J 239 -15.92 -60.69 28.12
N VAL J 240 -16.77 -60.13 27.28
CA VAL J 240 -16.82 -60.50 25.87
C VAL J 240 -16.85 -59.26 24.98
N LYS J 241 -16.37 -59.39 23.75
CA LYS J 241 -16.35 -58.27 22.81
C LYS J 241 -17.70 -58.10 22.13
N VAL J 242 -18.52 -57.21 22.66
CA VAL J 242 -19.85 -56.95 22.10
C VAL J 242 -19.75 -56.35 20.71
N ASN J 243 -20.86 -56.34 19.99
CA ASN J 243 -20.90 -55.79 18.64
C ASN J 243 -21.47 -54.37 18.65
N LEU J 244 -20.85 -53.49 17.85
CA LEU J 244 -21.28 -52.11 17.76
C LEU J 244 -21.33 -51.68 16.29
N GLU J 245 -22.21 -50.73 15.98
CA GLU J 245 -22.35 -50.24 14.62
C GLU J 245 -22.31 -48.72 14.55
N LYS J 246 -21.49 -48.19 13.65
CA LYS J 246 -21.37 -46.75 13.47
C LYS J 246 -21.59 -46.41 12.00
N LYS J 247 -22.71 -45.76 11.71
CA LYS J 247 -23.05 -45.38 10.35
C LYS J 247 -23.06 -46.59 9.41
N HIS J 248 -24.18 -47.30 9.39
CA HIS J 248 -24.34 -48.47 8.54
C HIS J 248 -23.27 -49.54 8.73
N LEU J 249 -22.20 -49.45 7.95
CA LEU J 249 -21.10 -50.41 8.03
C LEU J 249 -20.46 -50.44 9.42
N ASN J 250 -20.36 -51.64 9.97
CA ASN J 250 -19.78 -51.84 11.30
C ASN J 250 -18.42 -51.16 11.43
N LYS J 251 -18.20 -50.52 12.58
CA LYS J 251 -16.95 -49.82 12.83
C LYS J 251 -16.17 -50.38 14.02
N ARG J 252 -16.80 -51.22 14.83
CA ARG J 252 -16.11 -51.77 15.98
C ARG J 252 -16.76 -52.99 16.62
N THR J 253 -15.92 -53.81 17.25
CA THR J 253 -16.35 -55.03 17.94
C THR J 253 -15.39 -55.18 19.12
N GLN J 254 -15.55 -54.30 20.11
CA GLN J 254 -14.70 -54.30 21.29
C GLN J 254 -15.46 -54.60 22.58
N ILE J 255 -14.82 -54.33 23.70
CA ILE J 255 -15.42 -54.54 25.01
C ILE J 255 -16.21 -53.29 25.37
N PHE J 256 -17.49 -53.46 25.70
CA PHE J 256 -18.33 -52.33 26.06
C PHE J 256 -17.80 -51.64 27.30
N PRO J 257 -17.43 -50.35 27.18
CA PRO J 257 -16.90 -49.56 28.29
C PRO J 257 -17.82 -49.52 29.50
N PRO J 258 -17.24 -49.41 30.72
CA PRO J 258 -18.04 -49.36 31.95
C PRO J 258 -18.80 -48.04 32.02
N GLY J 259 -19.28 -47.68 33.21
CA GLY J 259 -20.02 -46.43 33.33
C GLY J 259 -20.91 -46.30 34.54
N ILE J 260 -21.93 -45.45 34.42
CA ILE J 260 -22.86 -45.20 35.49
C ILE J 260 -24.31 -45.25 35.00
N VAL J 261 -25.18 -45.86 35.80
CA VAL J 261 -26.59 -45.99 35.45
C VAL J 261 -27.42 -45.26 36.51
N THR J 262 -28.21 -44.28 36.09
CA THR J 262 -29.03 -43.51 37.01
C THR J 262 -30.51 -43.87 36.91
N MET J 263 -31.23 -43.68 38.01
CA MET J 263 -32.66 -43.97 38.06
C MET J 263 -33.34 -43.28 39.24
N ASN J 264 -34.67 -43.29 39.25
CA ASN J 264 -35.44 -42.65 40.31
C ASN J 264 -36.25 -43.61 41.16
N GLU J 265 -35.56 -44.35 42.02
CA GLU J 265 -36.20 -45.31 42.93
C GLU J 265 -37.03 -46.41 42.27
N TYR J 266 -36.64 -46.82 41.07
CA TYR J 266 -37.38 -47.89 40.38
C TYR J 266 -36.95 -49.24 40.92
N SER J 267 -37.74 -50.27 40.62
CA SER J 267 -37.42 -51.63 41.07
C SER J 267 -36.27 -52.17 40.24
N VAL J 268 -35.36 -52.89 40.88
CA VAL J 268 -34.21 -53.44 40.18
C VAL J 268 -34.04 -54.94 40.39
N PRO J 269 -34.09 -55.73 39.30
CA PRO J 269 -33.94 -57.18 39.37
C PRO J 269 -32.61 -57.57 40.00
N LYS J 270 -32.58 -58.72 40.67
CA LYS J 270 -31.37 -59.18 41.33
C LYS J 270 -30.30 -59.52 40.30
N THR J 271 -30.72 -60.02 39.14
CA THR J 271 -29.80 -60.38 38.07
C THR J 271 -29.18 -59.13 37.45
N LEU J 272 -29.79 -57.98 37.74
CA LEU J 272 -29.30 -56.71 37.21
C LEU J 272 -28.40 -56.04 38.24
N GLN J 273 -28.84 -56.05 39.50
CA GLN J 273 -28.09 -55.45 40.59
C GLN J 273 -26.73 -56.13 40.73
N ALA J 274 -26.68 -57.40 40.34
CA ALA J 274 -25.45 -58.18 40.42
C ALA J 274 -24.45 -57.77 39.35
N ARG J 275 -24.83 -56.80 38.53
CA ARG J 275 -23.98 -56.31 37.46
C ARG J 275 -23.38 -54.97 37.86
N PHE J 276 -23.80 -54.47 39.02
CA PHE J 276 -23.30 -53.19 39.53
C PHE J 276 -22.16 -53.38 40.52
N VAL J 277 -21.73 -52.27 41.12
CA VAL J 277 -20.64 -52.30 42.09
C VAL J 277 -21.09 -51.65 43.40
N LYS J 278 -21.52 -50.40 43.31
CA LYS J 278 -21.96 -49.66 44.48
C LYS J 278 -23.25 -48.89 44.17
N GLN J 279 -24.13 -48.80 45.17
CA GLN J 279 -25.40 -48.10 45.00
C GLN J 279 -25.41 -46.83 45.84
N ILE J 280 -25.43 -45.68 45.18
CA ILE J 280 -25.44 -44.39 45.86
C ILE J 280 -26.84 -43.78 45.86
N ASP J 281 -27.50 -43.83 47.00
CA ASP J 281 -28.84 -43.28 47.13
C ASP J 281 -28.79 -41.78 47.40
N PHE J 282 -29.05 -40.99 46.37
CA PHE J 282 -29.02 -39.53 46.50
C PHE J 282 -30.20 -39.02 47.32
N ARG J 283 -29.90 -38.17 48.30
CA ARG J 283 -30.93 -37.62 49.18
C ARG J 283 -31.27 -36.17 48.83
N PRO J 284 -32.56 -35.91 48.54
CA PRO J 284 -33.00 -34.54 48.21
C PRO J 284 -32.87 -33.64 49.43
N LYS J 285 -31.71 -33.01 49.56
CA LYS J 285 -31.44 -32.14 50.70
C LYS J 285 -31.95 -30.71 50.46
N ASP J 286 -32.52 -30.12 51.51
CA ASP J 286 -33.06 -28.77 51.43
C ASP J 286 -31.99 -27.68 51.42
N TYR J 287 -31.03 -27.79 52.34
CA TYR J 287 -29.96 -26.81 52.43
C TYR J 287 -29.20 -26.65 51.12
N LEU J 288 -29.24 -27.68 50.28
CA LEU J 288 -28.58 -27.63 48.98
C LEU J 288 -29.43 -26.78 48.04
N LYS J 289 -30.74 -26.94 48.16
CA LYS J 289 -31.69 -26.19 47.35
C LYS J 289 -31.58 -24.70 47.64
N HIS J 290 -31.73 -24.36 48.92
CA HIS J 290 -31.65 -22.97 49.35
C HIS J 290 -30.27 -22.39 49.04
N CYS J 291 -29.28 -23.27 48.95
CA CYS J 291 -27.91 -22.85 48.66
C CYS J 291 -27.81 -22.26 47.26
N LEU J 292 -28.33 -22.98 46.28
CA LEU J 292 -28.30 -22.53 44.89
C LEU J 292 -29.23 -21.35 44.68
N GLU J 293 -30.14 -21.12 45.62
CA GLU J 293 -31.07 -20.01 45.53
C GLU J 293 -30.35 -18.69 45.72
N ARG J 294 -29.11 -18.76 46.17
CA ARG J 294 -28.29 -17.57 46.39
C ARG J 294 -26.92 -17.76 45.76
N SER J 295 -26.83 -18.70 44.84
CA SER J 295 -25.58 -19.00 44.14
C SER J 295 -25.89 -19.37 42.68
N GLU J 296 -26.50 -18.42 41.97
CA GLU J 296 -26.87 -18.64 40.57
C GLU J 296 -25.67 -18.91 39.66
N PHE J 297 -24.50 -18.41 40.05
CA PHE J 297 -23.29 -18.59 39.25
C PHE J 297 -22.91 -20.06 39.05
N LEU J 298 -23.41 -20.93 39.93
CA LEU J 298 -23.12 -22.35 39.83
C LEU J 298 -23.97 -23.01 38.74
N LEU J 299 -25.23 -22.59 38.67
CA LEU J 299 -26.16 -23.13 37.67
C LEU J 299 -25.99 -22.43 36.32
N GLU J 300 -25.66 -21.14 36.37
CA GLU J 300 -25.47 -20.35 35.16
C GLU J 300 -24.20 -20.75 34.41
N LYS J 301 -23.05 -20.55 35.05
CA LYS J 301 -21.77 -20.87 34.44
C LYS J 301 -21.49 -22.37 34.41
N ARG J 302 -22.48 -23.17 34.78
CA ARG J 302 -22.33 -24.62 34.79
C ARG J 302 -21.07 -25.03 35.57
N ILE J 303 -21.17 -25.03 36.90
CA ILE J 303 -20.05 -25.40 37.75
C ILE J 303 -20.30 -26.69 38.53
N ILE J 304 -21.47 -26.76 39.17
CA ILE J 304 -21.84 -27.93 39.96
C ILE J 304 -21.92 -29.19 39.11
N GLN J 305 -22.03 -29.03 37.80
CA GLN J 305 -22.12 -30.16 36.89
C GLN J 305 -21.00 -30.14 35.85
N SER J 306 -19.90 -29.51 36.22
CA SER J 306 -18.74 -29.42 35.33
C SER J 306 -17.64 -30.37 35.76
N GLY J 307 -16.95 -30.97 34.78
CA GLY J 307 -15.89 -31.89 35.08
C GLY J 307 -14.70 -31.15 35.68
N ILE J 308 -14.55 -29.89 35.29
CA ILE J 308 -13.46 -29.06 35.78
C ILE J 308 -13.63 -28.82 37.28
N ALA J 309 -14.89 -28.82 37.72
CA ALA J 309 -15.20 -28.62 39.13
C ALA J 309 -14.68 -29.78 39.96
N LEU J 310 -14.97 -30.99 39.52
CA LEU J 310 -14.52 -32.19 40.22
C LEU J 310 -13.00 -32.27 40.24
N LEU J 311 -12.38 -31.75 39.19
CA LEU J 311 -10.92 -31.76 39.09
C LEU J 311 -10.33 -30.94 40.22
N LEU J 312 -10.93 -29.77 40.47
CA LEU J 312 -10.47 -28.90 41.55
C LEU J 312 -10.65 -29.58 42.89
N MET J 313 -11.68 -30.43 42.97
CA MET J 313 -11.97 -31.16 44.20
C MET J 313 -10.99 -32.31 44.39
N LEU J 314 -10.44 -32.81 43.30
CA LEU J 314 -9.49 -33.91 43.35
C LEU J 314 -8.09 -33.40 43.69
N ILE J 315 -7.81 -32.16 43.29
CA ILE J 315 -6.51 -31.55 43.54
C ILE J 315 -6.47 -30.92 44.94
N TRP J 316 -7.64 -30.59 45.48
CA TRP J 316 -7.73 -29.98 46.79
C TRP J 316 -7.60 -31.00 47.92
N TYR J 317 -8.33 -32.10 47.82
CA TYR J 317 -8.28 -33.13 48.85
C TYR J 317 -7.23 -34.21 48.61
N ARG J 318 -7.40 -34.97 47.53
CA ARG J 318 -6.49 -36.06 47.21
C ARG J 318 -5.03 -35.66 47.03
N PRO J 319 -4.11 -36.39 47.68
CA PRO J 319 -2.66 -36.15 47.61
C PRO J 319 -2.12 -36.28 46.19
N VAL J 320 -0.85 -35.97 46.02
CA VAL J 320 -0.20 -36.04 44.71
C VAL J 320 0.24 -37.47 44.41
N ALA J 321 0.47 -38.25 45.47
CA ALA J 321 0.92 -39.63 45.33
C ALA J 321 -0.14 -40.56 44.73
N GLU J 322 -1.29 -40.01 44.38
CA GLU J 322 -2.36 -40.82 43.79
C GLU J 322 -2.52 -40.61 42.29
N PHE J 323 -2.04 -39.47 41.80
CA PHE J 323 -2.13 -39.17 40.37
C PHE J 323 -1.01 -39.86 39.62
N ALA J 324 -1.03 -39.76 38.30
CA ALA J 324 0.00 -40.37 37.47
C ALA J 324 1.32 -39.67 37.77
N GLN J 325 2.42 -40.42 37.66
CA GLN J 325 3.74 -39.87 37.93
C GLN J 325 4.15 -38.82 36.89
N SER J 326 3.45 -38.82 35.76
CA SER J 326 3.74 -37.87 34.69
C SER J 326 2.89 -36.62 34.82
N ILE J 327 2.00 -36.60 35.81
CA ILE J 327 1.13 -35.46 36.04
C ILE J 327 1.28 -34.92 37.46
N GLN J 328 1.98 -35.68 38.31
CA GLN J 328 2.19 -35.28 39.70
C GLN J 328 2.84 -33.90 39.80
N SER J 329 3.64 -33.55 38.79
CA SER J 329 4.33 -32.27 38.78
C SER J 329 3.36 -31.12 38.49
N ARG J 330 2.26 -31.43 37.81
CA ARG J 330 1.26 -30.44 37.48
C ARG J 330 0.22 -30.29 38.59
N ILE J 331 0.00 -31.38 39.32
CA ILE J 331 -0.96 -31.38 40.43
C ILE J 331 -0.48 -30.44 41.53
N VAL J 332 0.81 -30.50 41.83
CA VAL J 332 1.40 -29.67 42.87
C VAL J 332 1.31 -28.20 42.47
N GLU J 333 1.35 -27.95 41.17
CA GLU J 333 1.27 -26.59 40.65
C GLU J 333 0.01 -25.87 41.12
N TRP J 334 -1.15 -26.52 40.95
CA TRP J 334 -2.40 -25.91 41.39
C TRP J 334 -2.62 -26.02 42.89
N LYS J 335 -1.89 -26.93 43.53
CA LYS J 335 -2.00 -27.08 44.98
C LYS J 335 -1.38 -25.86 45.63
N GLU J 336 -0.65 -25.09 44.83
CA GLU J 336 0.00 -23.88 45.31
C GLU J 336 -0.86 -22.67 44.96
N ARG J 337 -1.49 -22.73 43.80
CA ARG J 337 -2.36 -21.65 43.33
C ARG J 337 -3.63 -21.57 44.18
N LEU J 338 -4.26 -22.72 44.40
CA LEU J 338 -5.48 -22.78 45.19
C LEU J 338 -5.26 -22.39 46.64
N ASP J 339 -4.17 -22.89 47.24
CA ASP J 339 -3.86 -22.56 48.62
C ASP J 339 -3.42 -21.10 48.75
N LYS J 340 -3.02 -20.51 47.64
CA LYS J 340 -2.58 -19.12 47.63
C LYS J 340 -3.78 -18.18 47.62
N GLU J 341 -4.78 -18.53 46.81
CA GLU J 341 -5.99 -17.72 46.70
C GLU J 341 -6.95 -17.98 47.86
N PHE J 342 -7.09 -19.25 48.23
CA PHE J 342 -7.97 -19.62 49.33
C PHE J 342 -7.28 -20.48 50.38
N SER J 343 -7.40 -20.06 51.63
CA SER J 343 -6.83 -20.80 52.75
C SER J 343 -7.83 -21.87 53.15
N LEU J 344 -7.70 -22.38 54.37
CA LEU J 344 -8.63 -23.40 54.85
C LEU J 344 -9.86 -22.77 55.49
N SER J 345 -9.73 -21.51 55.87
CA SER J 345 -10.84 -20.79 56.51
C SER J 345 -11.88 -20.36 55.47
N VAL J 346 -11.42 -19.70 54.42
CA VAL J 346 -12.30 -19.22 53.37
C VAL J 346 -13.02 -20.38 52.68
N TYR J 347 -12.38 -21.54 52.66
CA TYR J 347 -12.96 -22.72 52.03
C TYR J 347 -14.14 -23.24 52.83
N GLN J 348 -13.87 -23.65 54.07
CA GLN J 348 -14.92 -24.18 54.94
C GLN J 348 -16.01 -23.16 55.21
N LYS J 349 -15.67 -21.87 55.02
CA LYS J 349 -16.64 -20.81 55.23
C LYS J 349 -17.73 -20.90 54.17
N MET J 350 -17.37 -21.46 53.03
CA MET J 350 -18.31 -21.63 51.92
C MET J 350 -19.21 -22.83 52.17
N LYS J 351 -18.62 -23.92 52.65
CA LYS J 351 -19.39 -25.12 52.95
C LYS J 351 -20.31 -24.81 54.13
N PHE J 352 -19.93 -23.79 54.90
CA PHE J 352 -20.71 -23.36 56.04
C PHE J 352 -22.04 -22.78 55.58
N ASN J 353 -21.98 -21.85 54.64
CA ASN J 353 -23.18 -21.23 54.10
C ASN J 353 -24.08 -22.28 53.47
N VAL J 354 -23.47 -23.37 53.04
CA VAL J 354 -24.22 -24.46 52.43
C VAL J 354 -25.12 -25.08 53.49
N ALA J 355 -24.54 -25.28 54.68
CA ALA J 355 -25.27 -25.85 55.81
C ALA J 355 -26.43 -24.94 56.19
N MET J 356 -26.20 -23.64 56.07
CA MET J 356 -27.22 -22.65 56.41
C MET J 356 -28.36 -22.69 55.39
N GLY J 357 -28.01 -22.47 54.13
CA GLY J 357 -29.00 -22.46 53.07
C GLY J 357 -28.89 -21.14 52.33
N ILE J 358 -27.71 -20.53 52.44
CA ILE J 358 -27.44 -19.25 51.80
C ILE J 358 -26.31 -19.38 50.79
N GLY J 359 -26.02 -18.28 50.08
CA GLY J 359 -24.98 -18.28 49.08
C GLY J 359 -23.63 -18.79 49.57
N VAL J 360 -23.05 -19.73 48.82
CA VAL J 360 -21.76 -20.30 49.17
C VAL J 360 -20.69 -19.23 49.32
N LEU J 361 -20.84 -18.14 48.58
CA LEU J 361 -19.88 -17.04 48.64
C LEU J 361 -20.40 -15.86 49.45
N ASP J 362 -20.65 -16.09 50.73
CA ASP J 362 -21.15 -15.06 51.62
C ASP J 362 -20.34 -15.03 52.92
N LYS K 1 7.99 -41.23 -4.59
CA LYS K 1 6.86 -40.62 -5.37
C LYS K 1 5.66 -41.56 -5.42
N GLN K 2 4.49 -41.01 -5.17
CA GLN K 2 3.23 -41.76 -5.18
C GLN K 2 3.17 -42.75 -4.01
N VAL K 3 1.98 -42.92 -3.46
CA VAL K 3 1.78 -43.83 -2.33
C VAL K 3 1.58 -45.27 -2.79
N SER K 4 2.15 -46.21 -2.04
CA SER K 4 2.05 -47.62 -2.36
C SER K 4 0.89 -48.26 -1.59
N TRP K 5 0.05 -48.99 -2.30
CA TRP K 5 -1.10 -49.66 -1.70
C TRP K 5 -0.74 -51.06 -1.26
N LYS K 6 0.16 -51.70 -2.00
CA LYS K 6 0.58 -53.07 -1.69
C LYS K 6 1.28 -53.13 -0.33
N LEU K 7 1.96 -52.05 0.04
CA LEU K 7 2.65 -52.00 1.32
C LEU K 7 1.65 -51.91 2.47
N VAL K 8 0.65 -51.03 2.31
CA VAL K 8 -0.37 -50.85 3.33
C VAL K 8 -1.15 -52.16 3.47
N THR K 9 -1.42 -52.79 2.34
CA THR K 9 -2.15 -54.05 2.32
C THR K 9 -1.31 -55.13 3.00
N GLU K 10 0.00 -55.05 2.79
CA GLU K 10 0.94 -56.01 3.38
C GLU K 10 0.87 -55.91 4.90
N TYR K 11 0.99 -54.68 5.41
CA TYR K 11 0.95 -54.44 6.85
C TYR K 11 -0.39 -54.94 7.40
N ALA K 12 -1.44 -54.78 6.62
CA ALA K 12 -2.78 -55.20 7.02
C ALA K 12 -2.83 -56.72 7.17
N MET K 13 -2.26 -57.43 6.20
CA MET K 13 -2.24 -58.88 6.22
C MET K 13 -1.41 -59.39 7.39
N GLU K 14 -0.45 -58.58 7.82
CA GLU K 14 0.42 -58.93 8.94
C GLU K 14 -0.33 -58.87 10.27
N THR K 15 -0.80 -57.68 10.63
CA THR K 15 -1.52 -57.49 11.88
C THR K 15 -2.94 -58.05 11.79
N LYS K 16 -3.33 -58.48 10.60
CA LYS K 16 -4.65 -59.04 10.38
C LYS K 16 -5.74 -58.08 10.84
N CYS K 17 -5.47 -56.79 10.69
CA CYS K 17 -6.42 -55.75 11.10
C CYS K 17 -7.64 -55.74 10.18
N ASP K 18 -8.78 -56.17 10.70
CA ASP K 18 -10.01 -56.20 9.93
C ASP K 18 -10.85 -54.95 10.20
N ASP K 19 -10.18 -53.89 10.64
CA ASP K 19 -10.86 -52.63 10.94
C ASP K 19 -10.36 -51.55 9.99
N VAL K 20 -11.23 -50.57 9.70
CA VAL K 20 -10.88 -49.49 8.80
C VAL K 20 -10.16 -48.34 9.51
N LEU K 21 -10.85 -47.70 10.43
CA LEU K 21 -10.28 -46.59 11.18
C LEU K 21 -9.09 -47.00 12.03
N LEU K 22 -9.11 -48.23 12.53
CA LEU K 22 -8.03 -48.74 13.35
C LEU K 22 -6.77 -48.90 12.51
N LEU K 23 -6.91 -49.55 11.35
CA LEU K 23 -5.79 -49.76 10.44
C LEU K 23 -5.23 -48.43 9.97
N LEU K 24 -6.10 -47.42 9.90
CA LEU K 24 -5.70 -46.10 9.47
C LEU K 24 -4.81 -45.41 10.49
N GLY K 25 -5.28 -45.35 11.73
CA GLY K 25 -4.51 -44.72 12.78
C GLY K 25 -3.16 -45.37 13.01
N MET K 26 -3.15 -46.70 13.07
CA MET K 26 -1.92 -47.44 13.29
C MET K 26 -0.86 -47.15 12.24
N TYR K 27 -1.29 -47.03 10.99
CA TYR K 27 -0.37 -46.76 9.89
C TYR K 27 0.06 -45.30 9.85
N LEU K 28 -0.74 -44.42 10.45
CA LEU K 28 -0.44 -43.00 10.47
C LEU K 28 0.62 -42.64 11.51
N GLU K 29 1.17 -43.65 12.18
CA GLU K 29 2.19 -43.44 13.20
C GLU K 29 3.58 -43.66 12.62
N PHE K 30 3.64 -44.06 11.35
CA PHE K 30 4.92 -44.32 10.69
C PHE K 30 5.27 -43.20 9.73
N GLN K 31 4.59 -42.06 9.85
CA GLN K 31 4.85 -40.92 8.99
C GLN K 31 5.71 -39.89 9.71
N TYR K 32 6.39 -40.33 10.76
CA TYR K 32 7.25 -39.45 11.55
C TYR K 32 8.70 -39.90 11.43
N SER K 33 9.14 -40.70 12.39
CA SER K 33 10.51 -41.20 12.40
C SER K 33 10.73 -42.24 13.49
N PHE K 34 11.24 -43.41 13.10
CA PHE K 34 11.50 -44.49 14.05
C PHE K 34 12.85 -44.21 14.71
N GLU K 35 13.47 -43.11 14.29
CA GLU K 35 14.77 -42.70 14.81
C GLU K 35 14.71 -42.42 16.31
N MET K 36 13.64 -41.78 16.74
CA MET K 36 13.47 -41.44 18.15
C MET K 36 12.12 -41.84 18.72
N CYS K 37 11.38 -42.66 17.99
CA CYS K 37 10.06 -43.10 18.44
C CYS K 37 10.17 -43.84 19.78
N LEU K 38 9.48 -43.32 20.80
CA LEU K 38 9.49 -43.94 22.12
C LEU K 38 8.86 -45.31 22.11
N LYS K 39 7.77 -45.46 21.35
CA LYS K 39 7.05 -46.73 21.26
C LYS K 39 7.89 -47.81 20.58
N CYS K 40 8.91 -47.39 19.83
CA CYS K 40 9.78 -48.32 19.13
C CYS K 40 10.89 -48.81 20.05
N ILE K 41 11.34 -47.94 20.94
CA ILE K 41 12.42 -48.28 21.87
C ILE K 41 11.89 -49.01 23.10
N LYS K 42 10.75 -48.56 23.61
CA LYS K 42 10.15 -49.17 24.80
C LYS K 42 9.56 -50.54 24.50
N LYS K 43 9.38 -50.86 23.23
CA LYS K 43 8.82 -52.15 22.83
C LYS K 43 7.44 -52.32 23.47
N GLU K 44 6.50 -51.47 23.06
CA GLU K 44 5.15 -51.50 23.61
C GLU K 44 4.19 -52.36 22.77
N GLN K 45 4.10 -52.06 21.48
CA GLN K 45 3.21 -52.80 20.59
C GLN K 45 3.97 -53.44 19.42
N PRO K 46 3.95 -54.78 19.35
CA PRO K 46 4.62 -55.54 18.30
C PRO K 46 4.19 -55.11 16.90
N SER K 47 3.04 -54.42 16.83
CA SER K 47 2.52 -53.95 15.56
C SER K 47 3.04 -52.56 15.22
N HIS K 48 4.06 -52.11 15.96
CA HIS K 48 4.64 -50.80 15.74
C HIS K 48 6.14 -50.86 15.43
N TYR K 49 6.93 -51.17 16.45
CA TYR K 49 8.38 -51.25 16.31
C TYR K 49 8.84 -52.37 15.38
N LYS K 50 7.93 -53.26 15.01
CA LYS K 50 8.27 -54.36 14.13
C LYS K 50 7.92 -54.07 12.67
N TYR K 51 7.18 -52.99 12.43
CA TYR K 51 6.78 -52.66 11.06
C TYR K 51 7.02 -51.20 10.65
N HIS K 52 7.55 -50.39 11.55
CA HIS K 52 7.78 -48.99 11.22
C HIS K 52 8.86 -48.84 10.14
N GLU K 53 10.02 -49.44 10.38
CA GLU K 53 11.11 -49.38 9.40
C GLU K 53 10.71 -50.03 8.09
N LYS K 54 9.72 -50.91 8.15
CA LYS K 54 9.24 -51.62 6.97
C LYS K 54 8.28 -50.78 6.14
N HIS K 55 7.53 -49.90 6.79
CA HIS K 55 6.58 -49.06 6.08
C HIS K 55 6.80 -47.56 6.29
N TYR K 56 7.99 -47.21 6.75
CA TYR K 56 8.32 -45.80 6.99
C TYR K 56 8.37 -45.00 5.69
N ALA K 57 8.83 -45.64 4.63
CA ALA K 57 8.94 -45.00 3.33
C ALA K 57 7.59 -44.61 2.74
N ASN K 58 6.64 -45.54 2.76
CA ASN K 58 5.31 -45.29 2.23
C ASN K 58 4.48 -44.39 3.14
N ALA K 59 4.54 -44.65 4.45
CA ALA K 59 3.79 -43.87 5.42
C ALA K 59 4.17 -42.40 5.34
N ALA K 60 5.41 -42.13 4.94
CA ALA K 60 5.90 -40.76 4.83
C ALA K 60 5.08 -39.99 3.79
N ILE K 61 4.70 -40.69 2.73
CA ILE K 61 3.90 -40.08 1.66
C ILE K 61 2.42 -40.28 1.95
N PHE K 62 2.11 -41.30 2.74
CA PHE K 62 0.74 -41.62 3.10
C PHE K 62 0.07 -40.43 3.78
N ALA K 63 0.87 -39.65 4.51
CA ALA K 63 0.36 -38.48 5.21
C ALA K 63 -0.19 -37.43 4.25
N ASP K 64 0.49 -37.25 3.12
CA ASP K 64 0.05 -36.28 2.12
C ASP K 64 -0.88 -36.90 1.09
N SER K 65 -1.60 -37.95 1.49
CA SER K 65 -2.52 -38.63 0.61
C SER K 65 -3.94 -38.09 0.78
N LYS K 66 -4.67 -37.97 -0.33
CA LYS K 66 -6.04 -37.47 -0.30
C LYS K 66 -7.03 -38.61 -0.12
N ASN K 67 -6.51 -39.82 0.00
CA ASN K 67 -7.35 -41.01 0.16
C ASN K 67 -6.81 -41.90 1.27
N GLN K 68 -6.55 -41.31 2.43
CA GLN K 68 -6.02 -42.05 3.57
C GLN K 68 -6.96 -43.16 4.03
N LYS K 69 -8.26 -42.91 3.96
CA LYS K 69 -9.26 -43.89 4.38
C LYS K 69 -9.55 -44.90 3.27
N THR K 70 -9.27 -44.51 2.02
CA THR K 70 -9.51 -45.39 0.89
C THR K 70 -8.43 -46.45 0.78
N ILE K 71 -7.18 -46.04 0.93
CA ILE K 71 -6.04 -46.95 0.86
C ILE K 71 -6.16 -48.03 1.93
N CYS K 72 -6.48 -47.61 3.15
CA CYS K 72 -6.62 -48.53 4.27
C CYS K 72 -7.90 -49.37 4.14
N GLN K 73 -8.87 -48.82 3.42
CA GLN K 73 -10.15 -49.50 3.21
C GLN K 73 -9.94 -50.78 2.42
N GLN K 74 -9.24 -50.68 1.31
CA GLN K 74 -8.97 -51.83 0.46
C GLN K 74 -8.19 -52.89 1.22
N ALA K 75 -7.29 -52.44 2.10
CA ALA K 75 -6.48 -53.34 2.90
C ALA K 75 -7.38 -54.19 3.78
N VAL K 76 -8.37 -53.55 4.40
CA VAL K 76 -9.31 -54.23 5.27
C VAL K 76 -10.03 -55.34 4.51
N ASP K 77 -10.46 -55.03 3.29
CA ASP K 77 -11.16 -56.00 2.45
C ASP K 77 -10.24 -57.18 2.15
N THR K 78 -8.95 -56.91 2.01
CA THR K 78 -7.98 -57.95 1.72
C THR K 78 -7.82 -58.83 2.96
N VAL K 79 -7.97 -58.21 4.13
CA VAL K 79 -7.86 -58.93 5.40
C VAL K 79 -9.04 -59.88 5.55
N LEU K 80 -10.24 -59.34 5.40
CA LEU K 80 -11.46 -60.13 5.50
C LEU K 80 -11.47 -61.19 4.41
N ALA K 81 -10.85 -60.86 3.27
CA ALA K 81 -10.77 -61.78 2.14
C ALA K 81 -9.97 -63.02 2.54
N LYS K 82 -8.89 -62.80 3.28
CA LYS K 82 -8.04 -63.90 3.72
C LYS K 82 -8.85 -64.86 4.58
N LYS K 83 -9.53 -64.33 5.59
CA LYS K 83 -10.34 -65.14 6.47
C LYS K 83 -11.47 -65.78 5.68
N ARG K 84 -11.98 -65.06 4.70
CA ARG K 84 -13.05 -65.54 3.84
C ARG K 84 -12.61 -66.82 3.12
N VAL K 85 -11.32 -66.91 2.83
CA VAL K 85 -10.76 -68.06 2.13
C VAL K 85 -10.38 -69.19 3.09
N ASP K 86 -9.69 -68.84 4.17
CA ASP K 86 -9.27 -69.84 5.15
C ASP K 86 -10.44 -70.62 5.74
N SER K 87 -11.60 -69.99 5.81
CA SER K 87 -12.79 -70.64 6.36
C SER K 87 -13.32 -71.73 5.43
N LEU K 88 -12.68 -71.91 4.28
CA LEU K 88 -13.11 -72.91 3.32
C LEU K 88 -12.02 -73.93 2.99
N GLN K 89 -10.77 -73.47 2.94
CA GLN K 89 -9.66 -74.34 2.61
C GLN K 89 -9.08 -75.11 3.80
N LEU K 90 -8.64 -74.38 4.82
CA LEU K 90 -8.08 -75.00 6.01
C LEU K 90 -9.15 -75.73 6.81
N THR K 91 -8.84 -76.95 7.23
CA THR K 91 -9.79 -77.73 8.02
C THR K 91 -10.02 -77.01 9.35
N ARG K 92 -11.11 -77.35 10.03
CA ARG K 92 -11.41 -76.70 11.30
C ARG K 92 -10.37 -76.97 12.37
N GLU K 93 -9.52 -77.97 12.14
CA GLU K 93 -8.47 -78.30 13.10
C GLU K 93 -7.24 -77.44 12.82
N GLN K 94 -6.99 -77.19 11.53
CA GLN K 94 -5.85 -76.37 11.13
C GLN K 94 -6.09 -74.93 11.55
N MET K 95 -7.33 -74.48 11.45
CA MET K 95 -7.67 -73.11 11.83
C MET K 95 -7.29 -72.88 13.29
N LEU K 96 -7.54 -73.89 14.13
CA LEU K 96 -7.21 -73.80 15.54
C LEU K 96 -5.70 -73.83 15.70
N THR K 97 -5.04 -74.66 14.90
CA THR K 97 -3.60 -74.78 14.95
C THR K 97 -2.93 -73.41 14.85
N ASN K 98 -3.42 -72.59 13.91
CA ASN K 98 -2.89 -71.26 13.72
C ASN K 98 -3.19 -70.38 14.94
N ARG K 99 -4.38 -70.54 15.48
CA ARG K 99 -4.81 -69.76 16.64
C ARG K 99 -3.90 -70.05 17.84
N PHE K 100 -3.74 -71.35 18.13
CA PHE K 100 -2.88 -71.77 19.25
C PHE K 100 -1.48 -71.19 19.13
N ASN K 101 -1.00 -71.03 17.90
CA ASN K 101 0.33 -70.49 17.69
C ASN K 101 0.36 -68.98 17.93
N ASP K 102 -0.69 -68.30 17.49
CA ASP K 102 -0.79 -66.85 17.68
C ASP K 102 -0.91 -66.52 19.16
N LEU K 103 -1.55 -67.43 19.90
CA LEU K 103 -1.73 -67.23 21.34
C LEU K 103 -0.39 -67.37 22.04
N LEU K 104 0.47 -68.22 21.49
CA LEU K 104 1.79 -68.45 22.06
C LEU K 104 2.75 -67.32 21.68
N ASP K 105 2.48 -66.69 20.54
CA ASP K 105 3.31 -65.59 20.07
C ASP K 105 3.27 -64.45 21.08
N ARG K 106 2.08 -64.17 21.59
CA ARG K 106 1.89 -63.11 22.58
C ARG K 106 2.68 -63.49 23.82
N MET K 107 2.62 -64.77 24.18
CA MET K 107 3.31 -65.30 25.34
C MET K 107 4.83 -65.15 25.25
N ASP K 108 5.37 -65.42 24.07
CA ASP K 108 6.81 -65.30 23.85
C ASP K 108 7.29 -63.87 24.02
N ILE K 109 6.35 -62.94 24.04
CA ILE K 109 6.68 -61.51 24.20
C ILE K 109 6.43 -61.05 25.62
N MET K 110 5.24 -61.36 26.14
CA MET K 110 4.86 -60.96 27.49
C MET K 110 5.68 -61.72 28.54
N PHE K 111 6.01 -62.97 28.25
CA PHE K 111 6.80 -63.79 29.16
C PHE K 111 8.27 -63.77 28.77
N GLY K 112 8.67 -62.72 28.07
CA GLY K 112 10.06 -62.61 27.63
C GLY K 112 10.77 -61.43 28.29
N SER K 113 11.57 -60.71 27.49
CA SER K 113 12.31 -59.56 27.99
C SER K 113 11.53 -58.28 27.78
N THR K 114 10.80 -58.20 26.68
CA THR K 114 10.00 -57.02 26.37
C THR K 114 8.57 -57.18 26.86
N GLY K 115 8.38 -58.02 27.86
CA GLY K 115 7.05 -58.26 28.41
C GLY K 115 6.94 -57.90 29.87
N SER K 116 5.74 -57.54 30.30
CA SER K 116 5.49 -57.17 31.69
C SER K 116 4.53 -58.15 32.35
N ALA K 117 4.39 -59.32 31.75
CA ALA K 117 3.49 -60.34 32.28
C ALA K 117 4.24 -61.31 33.19
N ASP K 118 3.65 -61.60 34.35
CA ASP K 118 4.27 -62.50 35.31
C ASP K 118 3.68 -63.90 35.15
N ILE K 119 4.52 -64.85 34.75
CA ILE K 119 4.09 -66.23 34.54
C ILE K 119 3.49 -66.84 35.80
N GLU K 120 3.92 -66.37 36.95
CA GLU K 120 3.42 -66.90 38.23
C GLU K 120 1.91 -66.69 38.38
N GLU K 121 1.45 -65.50 38.03
CA GLU K 121 0.03 -65.18 38.12
C GLU K 121 -0.81 -65.98 37.14
N TRP K 122 -0.34 -66.11 35.91
CA TRP K 122 -1.07 -66.87 34.90
C TRP K 122 -1.13 -68.35 35.24
N MET K 123 -0.12 -68.84 35.96
CA MET K 123 -0.09 -70.24 36.35
C MET K 123 -1.07 -70.41 37.51
N ALA K 124 -1.29 -69.33 38.24
CA ALA K 124 -2.21 -69.34 39.37
C ALA K 124 -3.64 -69.38 38.83
N GLY K 125 -3.85 -68.72 37.69
CA GLY K 125 -5.17 -68.71 37.08
C GLY K 125 -5.54 -70.10 36.63
N VAL K 126 -4.56 -70.85 36.15
CA VAL K 126 -4.78 -72.21 35.68
C VAL K 126 -5.26 -73.05 36.86
N ALA K 127 -4.91 -72.64 38.06
CA ALA K 127 -5.31 -73.34 39.27
C ALA K 127 -6.76 -73.01 39.61
N TRP K 128 -7.10 -71.73 39.61
CA TRP K 128 -8.46 -71.29 39.90
C TRP K 128 -9.43 -71.84 38.87
N LEU K 129 -9.01 -71.82 37.60
CA LEU K 129 -9.83 -72.30 36.51
C LEU K 129 -10.07 -73.81 36.60
N HIS K 130 -9.10 -74.53 37.14
CA HIS K 130 -9.23 -75.97 37.28
C HIS K 130 -10.07 -76.31 38.50
N CYS K 131 -10.23 -75.32 39.38
CA CYS K 131 -11.03 -75.49 40.59
C CYS K 131 -12.42 -74.94 40.35
N LEU K 132 -12.74 -74.68 39.08
CA LEU K 132 -14.04 -74.15 38.70
C LEU K 132 -15.00 -75.27 38.34
N LEU K 133 -14.48 -76.30 37.68
CA LEU K 133 -15.30 -77.45 37.27
C LEU K 133 -14.50 -78.74 37.29
N PRO K 134 -15.16 -79.87 37.59
CA PRO K 134 -14.51 -81.18 37.65
C PRO K 134 -13.82 -81.52 36.33
N LYS K 135 -12.50 -81.75 36.40
CA LYS K 135 -11.72 -82.08 35.22
C LYS K 135 -11.89 -80.99 34.16
N MET K 136 -11.67 -79.75 34.56
CA MET K 136 -11.81 -78.61 33.66
C MET K 136 -10.97 -78.77 32.39
N ASP K 137 -9.69 -79.04 32.56
CA ASP K 137 -8.79 -79.22 31.42
C ASP K 137 -9.30 -80.32 30.50
N SER K 138 -9.85 -81.38 31.09
CA SER K 138 -10.37 -82.50 30.34
C SER K 138 -11.54 -82.06 29.45
N VAL K 139 -12.41 -81.24 30.01
CA VAL K 139 -13.57 -80.74 29.29
C VAL K 139 -13.16 -79.86 28.12
N VAL K 140 -12.11 -79.06 28.34
CA VAL K 140 -11.62 -78.15 27.31
C VAL K 140 -11.20 -78.91 26.05
N TYR K 141 -10.51 -80.03 26.23
CA TYR K 141 -10.07 -80.83 25.10
C TYR K 141 -11.27 -81.38 24.33
N ASP K 142 -12.31 -81.75 25.07
CA ASP K 142 -13.52 -82.30 24.46
C ASP K 142 -14.24 -81.23 23.64
N PHE K 143 -14.35 -80.03 24.20
CA PHE K 143 -15.01 -78.93 23.52
C PHE K 143 -14.25 -78.58 22.24
N LEU K 144 -12.93 -78.49 22.36
CA LEU K 144 -12.08 -78.16 21.22
C LEU K 144 -12.38 -79.09 20.04
N LYS K 145 -12.24 -80.39 20.28
CA LYS K 145 -12.49 -81.38 19.25
C LYS K 145 -13.96 -81.37 18.81
N CYS K 146 -14.85 -81.10 19.76
CA CYS K 146 -16.27 -81.05 19.46
C CYS K 146 -16.50 -79.98 18.40
N MET K 147 -15.67 -78.93 18.45
CA MET K 147 -15.76 -77.84 17.51
C MET K 147 -15.11 -78.25 16.18
N VAL K 148 -14.07 -79.07 16.27
CA VAL K 148 -13.36 -79.54 15.10
C VAL K 148 -14.19 -80.54 14.31
N TYR K 149 -14.68 -81.57 15.00
CA TYR K 149 -15.50 -82.59 14.37
C TYR K 149 -16.68 -81.97 13.63
N ASN K 150 -17.28 -80.94 14.23
CA ASN K 150 -18.40 -80.25 13.63
C ASN K 150 -19.51 -81.24 13.27
N ILE K 151 -20.29 -81.66 14.26
CA ILE K 151 -21.37 -82.61 14.05
C ILE K 151 -22.74 -81.93 14.11
N PRO K 152 -23.48 -81.94 12.99
CA PRO K 152 -24.81 -81.33 12.89
C PRO K 152 -25.75 -81.66 14.05
N LYS K 153 -26.38 -80.63 14.59
CA LYS K 153 -27.31 -80.78 15.71
C LYS K 153 -26.59 -81.39 16.91
N LYS K 154 -25.27 -81.25 16.91
CA LYS K 154 -24.41 -81.76 17.98
C LYS K 154 -23.18 -80.87 18.03
N ARG K 155 -23.39 -79.58 18.25
CA ARG K 155 -22.28 -78.63 18.27
C ARG K 155 -22.28 -77.71 19.49
N TYR K 156 -23.36 -76.98 19.71
CA TYR K 156 -23.42 -76.06 20.84
C TYR K 156 -23.43 -76.72 22.21
N TRP K 157 -22.79 -76.06 23.16
CA TRP K 157 -22.70 -76.52 24.54
C TRP K 157 -23.52 -75.59 25.41
N LEU K 158 -24.01 -76.08 26.54
CA LEU K 158 -24.82 -75.25 27.43
C LEU K 158 -24.13 -74.91 28.73
N PHE K 159 -23.99 -73.60 28.99
CA PHE K 159 -23.37 -73.11 30.21
C PHE K 159 -24.46 -72.53 31.09
N LYS K 160 -25.36 -73.41 31.54
CA LYS K 160 -26.49 -73.03 32.38
C LYS K 160 -26.13 -73.04 33.86
N GLY K 161 -26.13 -71.86 34.48
CA GLY K 161 -25.80 -71.78 35.89
C GLY K 161 -26.26 -70.47 36.52
N PRO K 162 -26.45 -70.45 37.86
CA PRO K 162 -26.88 -69.26 38.58
C PRO K 162 -25.96 -68.06 38.36
N ILE K 163 -26.33 -66.91 38.92
CA ILE K 163 -25.54 -65.70 38.78
C ILE K 163 -24.23 -65.83 39.55
N ASP K 164 -23.14 -65.34 38.94
CA ASP K 164 -21.83 -65.40 39.56
C ASP K 164 -21.44 -66.84 39.89
N SER K 165 -20.78 -67.50 38.95
CA SER K 165 -20.36 -68.89 39.15
C SER K 165 -19.11 -69.20 38.33
N GLY K 166 -19.00 -68.59 37.15
CA GLY K 166 -17.85 -68.82 36.30
C GLY K 166 -18.22 -69.00 34.84
N LYS K 167 -19.49 -68.88 34.53
CA LYS K 167 -19.98 -69.03 33.16
C LYS K 167 -19.36 -67.99 32.24
N THR K 168 -19.66 -66.73 32.51
CA THR K 168 -19.15 -65.62 31.72
C THR K 168 -17.62 -65.57 31.77
N THR K 169 -17.03 -66.26 32.74
CA THR K 169 -15.59 -66.29 32.91
C THR K 169 -14.95 -67.32 31.99
N LEU K 170 -15.64 -68.45 31.81
CA LEU K 170 -15.13 -69.52 30.96
C LEU K 170 -15.59 -69.33 29.52
N ALA K 171 -16.88 -69.06 29.34
CA ALA K 171 -17.44 -68.86 28.01
C ALA K 171 -16.70 -67.75 27.27
N ALA K 172 -16.02 -66.90 28.03
CA ALA K 172 -15.27 -65.79 27.45
C ALA K 172 -13.87 -66.24 27.06
N ALA K 173 -13.18 -66.90 27.99
CA ALA K 173 -11.83 -67.38 27.76
C ALA K 173 -11.80 -68.34 26.57
N LEU K 174 -12.79 -69.24 26.52
CA LEU K 174 -12.88 -70.22 25.44
C LEU K 174 -13.00 -69.52 24.09
N LEU K 175 -13.69 -68.39 24.07
CA LEU K 175 -13.89 -67.63 22.84
C LEU K 175 -12.55 -67.20 22.26
N GLU K 176 -11.63 -66.81 23.13
CA GLU K 176 -10.30 -66.36 22.70
C GLU K 176 -9.36 -67.54 22.48
N LEU K 177 -9.60 -68.63 23.20
CA LEU K 177 -8.77 -69.82 23.07
C LEU K 177 -8.93 -70.46 21.70
N CYS K 178 -10.14 -70.44 21.17
CA CYS K 178 -10.43 -71.02 19.86
C CYS K 178 -10.50 -69.93 18.79
N GLY K 179 -11.25 -68.87 19.08
CA GLY K 179 -11.39 -67.78 18.13
C GLY K 179 -12.83 -67.59 17.71
N GLY K 180 -13.22 -66.34 17.48
CA GLY K 180 -14.58 -66.05 17.07
C GLY K 180 -15.14 -64.80 17.74
N LYS K 181 -16.47 -64.72 17.79
CA LYS K 181 -17.13 -63.57 18.39
C LYS K 181 -18.28 -64.01 19.30
N ALA K 182 -18.70 -63.11 20.17
CA ALA K 182 -19.80 -63.39 21.10
C ALA K 182 -21.00 -62.52 20.75
N LEU K 183 -22.13 -63.15 20.45
CA LEU K 183 -23.34 -62.44 20.09
C LEU K 183 -24.35 -62.39 21.22
N ASN K 184 -25.49 -61.76 20.95
CA ASN K 184 -26.56 -61.64 21.93
C ASN K 184 -27.91 -61.75 21.21
N VAL K 185 -28.89 -62.34 21.87
CA VAL K 185 -30.21 -62.52 21.28
C VAL K 185 -31.33 -61.96 22.15
N ASN K 186 -30.96 -61.20 23.18
CA ASN K 186 -31.96 -60.60 24.07
C ASN K 186 -32.71 -59.49 23.35
N LEU K 187 -32.08 -58.94 22.31
CA LEU K 187 -32.70 -57.88 21.52
C LEU K 187 -33.71 -58.49 20.55
N PRO K 188 -34.71 -57.70 20.13
CA PRO K 188 -35.74 -58.17 19.20
C PRO K 188 -35.15 -58.88 17.97
N LEU K 189 -35.96 -59.72 17.35
CA LEU K 189 -35.51 -60.46 16.17
C LEU K 189 -35.39 -59.51 14.98
N ASP K 190 -35.40 -58.22 15.26
CA ASP K 190 -35.28 -57.20 14.22
C ASP K 190 -33.81 -56.97 13.90
N ARG K 191 -33.05 -56.55 14.92
CA ARG K 191 -31.63 -56.30 14.75
C ARG K 191 -30.84 -57.60 14.86
N LEU K 192 -31.57 -58.70 15.04
CA LEU K 192 -30.95 -60.02 15.17
C LEU K 192 -30.14 -60.34 13.91
N ASN K 193 -30.66 -59.90 12.76
CA ASN K 193 -29.99 -60.14 11.49
C ASN K 193 -28.70 -59.31 11.39
N PHE K 194 -28.72 -58.13 11.98
CA PHE K 194 -27.55 -57.25 11.96
C PHE K 194 -26.50 -57.69 12.97
N GLU K 195 -26.85 -58.64 13.82
CA GLU K 195 -25.92 -59.13 14.82
C GLU K 195 -25.46 -60.56 14.51
N LEU K 196 -26.36 -61.34 13.93
CA LEU K 196 -26.04 -62.72 13.57
C LEU K 196 -25.09 -62.74 12.38
N GLY K 197 -24.93 -61.59 11.73
CA GLY K 197 -24.05 -61.49 10.58
C GLY K 197 -22.60 -61.33 10.99
N VAL K 198 -22.32 -61.53 12.27
CA VAL K 198 -20.96 -61.40 12.79
C VAL K 198 -20.28 -62.77 12.78
N ALA K 199 -21.09 -63.83 12.84
CA ALA K 199 -20.57 -65.19 12.85
C ALA K 199 -20.04 -65.61 11.48
N ILE K 200 -19.97 -64.65 10.56
CA ILE K 200 -19.48 -64.92 9.21
C ILE K 200 -17.99 -65.30 9.22
N ASP K 201 -17.67 -66.42 8.59
CA ASP K 201 -16.29 -66.90 8.51
C ASP K 201 -15.66 -67.09 9.89
N GLN K 202 -16.49 -67.13 10.92
CA GLN K 202 -15.99 -67.31 12.29
C GLN K 202 -15.79 -68.79 12.59
N PHE K 203 -15.47 -69.10 13.84
CA PHE K 203 -15.25 -70.48 14.26
C PHE K 203 -16.36 -70.92 15.20
N LEU K 204 -16.68 -70.08 16.17
CA LEU K 204 -17.73 -70.38 17.14
C LEU K 204 -18.41 -69.11 17.64
N VAL K 205 -19.61 -69.25 18.17
CA VAL K 205 -20.38 -68.11 18.68
C VAL K 205 -20.63 -68.27 20.18
N VAL K 206 -20.82 -67.14 20.86
CA VAL K 206 -21.06 -67.16 22.30
C VAL K 206 -22.29 -66.34 22.66
N PHE K 207 -23.38 -67.03 22.99
CA PHE K 207 -24.62 -66.36 23.38
C PHE K 207 -24.61 -66.11 24.88
N GLU K 208 -24.46 -64.85 25.26
CA GLU K 208 -24.42 -64.47 26.67
C GLU K 208 -25.79 -64.21 27.30
N ASP K 209 -26.07 -64.97 28.36
CA ASP K 209 -27.31 -64.85 29.11
C ASP K 209 -28.57 -64.69 28.26
N VAL K 210 -29.21 -65.81 27.94
CA VAL K 210 -30.44 -65.79 27.15
C VAL K 210 -31.65 -65.78 28.09
N LYS K 211 -32.53 -64.81 27.89
CA LYS K 211 -33.72 -64.68 28.73
C LYS K 211 -34.91 -65.46 28.16
N GLY K 212 -35.58 -66.20 29.04
CA GLY K 212 -36.74 -66.98 28.63
C GLY K 212 -37.90 -66.76 29.58
N THR K 213 -39.09 -67.18 29.15
CA THR K 213 -40.29 -67.01 29.97
C THR K 213 -40.21 -67.87 31.23
N GLY K 214 -39.40 -68.91 31.19
CA GLY K 214 -39.25 -69.79 32.35
C GLY K 214 -38.58 -69.11 33.52
N GLY K 215 -38.69 -69.72 34.70
CA GLY K 215 -38.08 -69.15 35.88
C GLY K 215 -38.70 -67.83 36.31
N GLU K 216 -40.02 -67.77 36.28
CA GLU K 216 -40.73 -66.56 36.68
C GLU K 216 -40.83 -66.44 38.20
N SER K 217 -40.62 -67.57 38.88
CA SER K 217 -40.68 -67.61 40.33
C SER K 217 -39.31 -67.45 40.98
N ARG K 218 -38.26 -67.65 40.17
CA ARG K 218 -36.90 -67.52 40.67
C ARG K 218 -36.34 -66.12 40.44
N ASP K 219 -37.23 -65.13 40.35
CA ASP K 219 -36.83 -63.75 40.14
C ASP K 219 -35.94 -63.60 38.91
N LEU K 220 -36.22 -64.41 37.90
CA LEU K 220 -35.44 -64.39 36.66
C LEU K 220 -36.23 -63.69 35.55
N PRO K 221 -35.85 -62.46 35.20
CA PRO K 221 -36.51 -61.67 34.15
C PRO K 221 -36.62 -62.43 32.83
N SER K 222 -37.81 -62.41 32.24
CA SER K 222 -38.05 -63.08 30.96
C SER K 222 -37.69 -62.18 29.79
N GLY K 223 -37.38 -62.79 28.66
CA GLY K 223 -37.02 -62.03 27.48
C GLY K 223 -37.32 -62.76 26.20
N GLN K 224 -36.38 -62.70 25.24
CA GLN K 224 -36.56 -63.37 23.96
C GLN K 224 -35.37 -64.28 23.66
N GLY K 225 -34.46 -64.41 24.62
CA GLY K 225 -33.30 -65.24 24.43
C GLY K 225 -33.63 -66.67 24.04
N ILE K 226 -34.30 -67.37 24.96
CA ILE K 226 -34.68 -68.76 24.72
C ILE K 226 -35.53 -68.89 23.46
N ASN K 227 -36.46 -67.96 23.27
CA ASN K 227 -37.34 -67.97 22.11
C ASN K 227 -36.55 -67.85 20.80
N ASN K 228 -35.69 -66.85 20.72
CA ASN K 228 -34.88 -66.63 19.53
C ASN K 228 -34.05 -67.86 19.18
N LEU K 229 -33.56 -68.56 20.19
CA LEU K 229 -32.76 -69.76 19.97
C LEU K 229 -33.56 -70.80 19.20
N ASP K 230 -34.84 -70.93 19.55
CA ASP K 230 -35.71 -71.89 18.89
C ASP K 230 -36.09 -71.39 17.50
N ASN K 231 -36.08 -70.06 17.34
CA ASN K 231 -36.41 -69.45 16.05
C ASN K 231 -35.20 -69.54 15.13
N LEU K 232 -34.19 -70.30 15.55
CA LEU K 232 -32.98 -70.48 14.78
C LEU K 232 -32.55 -71.94 14.85
N ARG K 233 -33.47 -72.85 14.52
CA ARG K 233 -33.19 -74.27 14.55
C ARG K 233 -32.08 -74.66 13.58
N ASP K 234 -32.23 -74.31 12.32
CA ASP K 234 -31.23 -74.64 11.31
C ASP K 234 -29.89 -74.00 11.69
N TYR K 235 -29.94 -72.81 12.26
CA TYR K 235 -28.74 -72.10 12.68
C TYR K 235 -27.98 -72.92 13.72
N LEU K 236 -28.73 -73.63 14.57
CA LEU K 236 -28.13 -74.45 15.62
C LEU K 236 -27.65 -75.80 15.09
N ASP K 237 -28.34 -76.32 14.08
CA ASP K 237 -27.97 -77.61 13.50
C ASP K 237 -26.74 -77.47 12.63
N GLY K 238 -26.84 -76.62 11.60
CA GLY K 238 -25.72 -76.40 10.70
C GLY K 238 -25.68 -77.37 9.53
N SER K 239 -26.79 -78.01 9.23
CA SER K 239 -26.86 -78.96 8.13
C SER K 239 -27.22 -78.24 6.83
N VAL K 240 -27.52 -76.94 6.94
CA VAL K 240 -27.88 -76.13 5.79
C VAL K 240 -27.13 -74.80 5.83
N LYS K 241 -26.92 -74.21 4.66
CA LYS K 241 -26.22 -72.94 4.57
C LYS K 241 -27.15 -71.77 4.85
N VAL K 242 -27.13 -71.30 6.08
CA VAL K 242 -27.99 -70.18 6.49
C VAL K 242 -27.58 -68.89 5.77
N ASN K 243 -28.44 -67.88 5.85
CA ASN K 243 -28.17 -66.60 5.20
C ASN K 243 -27.65 -65.58 6.21
N LEU K 244 -26.64 -64.82 5.79
CA LEU K 244 -26.05 -63.79 6.64
C LEU K 244 -25.87 -62.49 5.86
N GLU K 245 -25.91 -61.37 6.56
CA GLU K 245 -25.76 -60.06 5.93
C GLU K 245 -24.72 -59.20 6.64
N LYS K 246 -23.81 -58.64 5.86
CA LYS K 246 -22.77 -57.77 6.40
C LYS K 246 -22.78 -56.44 5.66
N LYS K 247 -23.21 -55.39 6.35
CA LYS K 247 -23.27 -54.06 5.76
C LYS K 247 -24.14 -54.05 4.49
N HIS K 248 -25.45 -53.93 4.69
CA HIS K 248 -26.40 -53.89 3.58
C HIS K 248 -26.30 -55.09 2.64
N LEU K 249 -25.47 -54.95 1.60
CA LEU K 249 -25.29 -56.02 0.62
C LEU K 249 -24.77 -57.30 1.24
N ASN K 250 -25.46 -58.40 0.98
CA ASN K 250 -25.09 -59.71 1.51
C ASN K 250 -23.62 -60.02 1.26
N LYS K 251 -22.97 -60.59 2.28
CA LYS K 251 -21.56 -60.94 2.18
C LYS K 251 -21.29 -62.43 2.33
N ARG K 252 -22.28 -63.19 2.79
CA ARG K 252 -22.06 -64.61 2.96
C ARG K 252 -23.33 -65.46 3.11
N THR K 253 -23.22 -66.71 2.71
CA THR K 253 -24.30 -67.69 2.80
C THR K 253 -23.64 -69.03 3.07
N GLN K 254 -23.11 -69.19 4.28
CA GLN K 254 -22.42 -70.41 4.68
C GLN K 254 -23.13 -71.14 5.82
N ILE K 255 -22.41 -72.08 6.42
CA ILE K 255 -22.92 -72.87 7.53
C ILE K 255 -22.66 -72.09 8.82
N PHE K 256 -23.71 -71.87 9.60
CA PHE K 256 -23.57 -71.12 10.85
C PHE K 256 -22.64 -71.87 11.80
N PRO K 257 -21.52 -71.24 12.19
CA PRO K 257 -20.54 -71.83 13.10
C PRO K 257 -21.14 -72.27 14.44
N PRO K 258 -20.58 -73.33 15.05
CA PRO K 258 -21.06 -73.83 16.33
C PRO K 258 -20.76 -72.83 17.43
N GLY K 259 -20.81 -73.27 18.69
CA GLY K 259 -20.51 -72.35 19.78
C GLY K 259 -21.03 -72.75 21.15
N ILE K 260 -21.22 -71.75 22.00
CA ILE K 260 -21.70 -71.97 23.36
C ILE K 260 -22.84 -71.02 23.71
N VAL K 261 -23.85 -71.54 24.39
CA VAL K 261 -25.01 -70.74 24.80
C VAL K 261 -25.08 -70.73 26.32
N THR K 262 -25.04 -69.54 26.91
CA THR K 262 -25.09 -69.41 28.37
C THR K 262 -26.44 -68.89 28.85
N MET K 263 -26.79 -69.25 30.09
CA MET K 263 -28.05 -68.82 30.69
C MET K 263 -28.03 -68.98 32.22
N ASN K 264 -29.03 -68.41 32.88
CA ASN K 264 -29.12 -68.48 34.34
C ASN K 264 -30.32 -69.26 34.85
N GLU K 265 -30.25 -70.59 34.74
CA GLU K 265 -31.31 -71.47 35.20
C GLU K 265 -32.70 -71.24 34.59
N TYR K 266 -32.75 -70.78 33.35
CA TYR K 266 -34.04 -70.55 32.70
C TYR K 266 -34.60 -71.86 32.18
N SER K 267 -35.88 -71.88 31.84
CA SER K 267 -36.53 -73.07 31.31
C SER K 267 -36.07 -73.28 29.87
N VAL K 268 -35.84 -74.53 29.49
CA VAL K 268 -35.39 -74.84 28.15
C VAL K 268 -36.26 -75.88 27.45
N PRO K 269 -36.87 -75.51 26.31
CA PRO K 269 -37.73 -76.41 25.54
C PRO K 269 -36.96 -77.67 25.12
N LYS K 270 -37.67 -78.79 25.00
CA LYS K 270 -37.04 -80.04 24.61
C LYS K 270 -36.51 -79.96 23.17
N THR K 271 -37.23 -79.22 22.34
CA THR K 271 -36.84 -79.06 20.94
C THR K 271 -35.58 -78.20 20.83
N LEU K 272 -35.24 -77.51 21.92
CA LEU K 272 -34.07 -76.66 21.96
C LEU K 272 -32.90 -77.42 22.56
N GLN K 273 -33.17 -78.14 23.65
CA GLN K 273 -32.15 -78.91 24.34
C GLN K 273 -31.59 -79.99 23.41
N ALA K 274 -32.41 -80.41 22.46
CA ALA K 274 -32.01 -81.44 21.50
C ALA K 274 -31.05 -80.89 20.46
N ARG K 275 -30.73 -79.61 20.57
CA ARG K 275 -29.82 -78.96 19.65
C ARG K 275 -28.46 -78.77 20.30
N PHE K 276 -28.37 -79.14 21.57
CA PHE K 276 -27.13 -79.01 22.34
C PHE K 276 -26.37 -80.33 22.36
N VAL K 277 -25.27 -80.34 23.12
CA VAL K 277 -24.43 -81.53 23.24
C VAL K 277 -24.26 -81.91 24.71
N LYS K 278 -23.76 -80.97 25.50
CA LYS K 278 -23.54 -81.20 26.92
C LYS K 278 -24.00 -80.00 27.73
N GLN K 279 -24.53 -80.27 28.93
CA GLN K 279 -25.02 -79.22 29.81
C GLN K 279 -24.14 -79.12 31.04
N ILE K 280 -23.43 -78.00 31.17
CA ILE K 280 -22.55 -77.79 32.31
C ILE K 280 -23.17 -76.84 33.32
N ASP K 281 -23.64 -77.39 34.43
CA ASP K 281 -24.27 -76.59 35.48
C ASP K 281 -23.22 -75.99 36.39
N PHE K 282 -22.93 -74.71 36.20
CA PHE K 282 -21.94 -74.02 37.02
C PHE K 282 -22.43 -73.81 38.45
N ARG K 283 -21.60 -74.16 39.42
CA ARG K 283 -21.95 -74.02 40.83
C ARG K 283 -21.26 -72.84 41.49
N PRO K 284 -22.05 -71.92 42.08
CA PRO K 284 -21.49 -70.75 42.75
C PRO K 284 -20.72 -71.18 44.00
N LYS K 285 -19.44 -71.46 43.84
CA LYS K 285 -18.60 -71.90 44.93
C LYS K 285 -18.04 -70.73 45.74
N ASP K 286 -18.02 -70.89 47.06
CA ASP K 286 -17.53 -69.86 47.97
C ASP K 286 -16.01 -69.74 47.98
N TYR K 287 -15.32 -70.87 48.08
CA TYR K 287 -13.86 -70.87 48.09
C TYR K 287 -13.26 -70.18 46.88
N LEU K 288 -14.03 -70.11 45.79
CA LEU K 288 -13.57 -69.45 44.57
C LEU K 288 -13.69 -67.95 44.77
N LYS K 289 -14.76 -67.54 45.45
CA LYS K 289 -15.01 -66.14 45.73
C LYS K 289 -13.93 -65.59 46.65
N HIS K 290 -13.73 -66.24 47.79
CA HIS K 290 -12.72 -65.83 48.75
C HIS K 290 -11.33 -65.90 48.14
N CYS K 291 -11.17 -66.75 47.13
CA CYS K 291 -9.91 -66.91 46.45
C CYS K 291 -9.50 -65.64 45.71
N LEU K 292 -10.43 -65.10 44.93
CA LEU K 292 -10.18 -63.88 44.17
C LEU K 292 -10.09 -62.67 45.09
N GLU K 293 -10.57 -62.82 46.32
CA GLU K 293 -10.53 -61.74 47.29
C GLU K 293 -9.10 -61.47 47.73
N ARG K 294 -8.19 -62.39 47.38
CA ARG K 294 -6.79 -62.25 47.73
C ARG K 294 -5.92 -62.51 46.50
N SER K 295 -6.53 -62.39 45.33
CA SER K 295 -5.84 -62.60 44.05
C SER K 295 -6.39 -61.63 43.01
N GLU K 296 -6.26 -60.34 43.30
CA GLU K 296 -6.74 -59.30 42.40
C GLU K 296 -6.08 -59.33 41.03
N PHE K 297 -4.85 -59.84 40.97
CA PHE K 297 -4.12 -59.91 39.71
C PHE K 297 -4.82 -60.73 38.64
N LEU K 298 -5.72 -61.62 39.06
CA LEU K 298 -6.46 -62.45 38.11
C LEU K 298 -7.58 -61.67 37.45
N LEU K 299 -8.25 -60.82 38.24
CA LEU K 299 -9.35 -60.00 37.74
C LEU K 299 -8.84 -58.74 37.06
N GLU K 300 -7.72 -58.21 37.58
CA GLU K 300 -7.13 -56.99 37.03
C GLU K 300 -6.49 -57.24 35.68
N LYS K 301 -5.46 -58.08 35.65
CA LYS K 301 -4.74 -58.39 34.42
C LYS K 301 -5.54 -59.30 33.49
N ARG K 302 -6.79 -59.58 33.85
CA ARG K 302 -7.64 -60.45 33.04
C ARG K 302 -6.95 -61.78 32.74
N ILE K 303 -6.95 -62.68 33.72
CA ILE K 303 -6.31 -63.97 33.56
C ILE K 303 -7.32 -65.12 33.59
N ILE K 304 -8.20 -65.11 34.58
CA ILE K 304 -9.21 -66.15 34.73
C ILE K 304 -10.17 -66.20 33.54
N GLN K 305 -10.20 -65.13 32.75
CA GLN K 305 -11.07 -65.07 31.58
C GLN K 305 -10.27 -64.81 30.31
N SER K 306 -9.00 -65.21 30.32
CA SER K 306 -8.14 -65.02 29.16
C SER K 306 -7.93 -66.34 28.42
N GLY K 307 -7.87 -66.27 27.10
CA GLY K 307 -7.66 -67.46 26.30
C GLY K 307 -6.26 -68.00 26.49
N ILE K 308 -5.33 -67.10 26.79
CA ILE K 308 -3.94 -67.47 27.01
C ILE K 308 -3.84 -68.33 28.27
N ALA K 309 -4.75 -68.10 29.20
CA ALA K 309 -4.77 -68.84 30.46
C ALA K 309 -5.11 -70.31 30.20
N LEU K 310 -6.16 -70.54 29.40
CA LEU K 310 -6.58 -71.88 29.07
C LEU K 310 -5.50 -72.60 28.27
N LEU K 311 -4.75 -71.84 27.48
CA LEU K 311 -3.67 -72.41 26.68
C LEU K 311 -2.62 -73.03 27.59
N LEU K 312 -2.29 -72.32 28.66
CA LEU K 312 -1.31 -72.80 29.63
C LEU K 312 -1.84 -74.05 30.31
N MET K 313 -3.16 -74.14 30.45
CA MET K 313 -3.80 -75.28 31.08
C MET K 313 -3.82 -76.48 30.14
N LEU K 314 -3.81 -76.21 28.84
CA LEU K 314 -3.82 -77.26 27.84
C LEU K 314 -2.42 -77.84 27.65
N ILE K 315 -1.41 -77.00 27.84
CA ILE K 315 -0.02 -77.41 27.69
C ILE K 315 0.50 -78.07 28.96
N TRP K 316 -0.13 -77.77 30.09
CA TRP K 316 0.28 -78.33 31.37
C TRP K 316 -0.23 -79.75 31.58
N TYR K 317 -1.51 -79.98 31.30
CA TYR K 317 -2.12 -81.29 31.48
C TYR K 317 -2.06 -82.17 30.24
N ARG K 318 -2.76 -81.75 29.18
CA ARG K 318 -2.81 -82.51 27.95
C ARG K 318 -1.47 -82.80 27.28
N PRO K 319 -1.24 -84.07 26.90
CA PRO K 319 -0.01 -84.53 26.25
C PRO K 319 0.24 -83.82 24.93
N VAL K 320 1.38 -84.08 24.31
CA VAL K 320 1.74 -83.47 23.05
C VAL K 320 1.12 -84.23 21.88
N ALA K 321 0.82 -85.51 22.11
CA ALA K 321 0.23 -86.36 21.09
C ALA K 321 -1.20 -85.98 20.72
N GLU K 322 -1.72 -84.93 21.35
CA GLU K 322 -3.09 -84.49 21.06
C GLU K 322 -3.14 -83.24 20.20
N PHE K 323 -2.06 -82.47 20.19
CA PHE K 323 -2.00 -81.25 19.39
C PHE K 323 -1.67 -81.59 17.95
N ALA K 324 -1.67 -80.58 17.09
CA ALA K 324 -1.35 -80.78 15.68
C ALA K 324 0.11 -81.18 15.58
N GLN K 325 0.43 -82.00 14.57
CA GLN K 325 1.80 -82.47 14.39
C GLN K 325 2.73 -81.33 13.98
N SER K 326 2.15 -80.21 13.54
CA SER K 326 2.94 -79.06 13.12
C SER K 326 3.16 -78.10 14.29
N ILE K 327 2.54 -78.40 15.43
CA ILE K 327 2.67 -77.56 16.60
C ILE K 327 3.22 -78.34 17.80
N GLN K 328 3.27 -79.66 17.65
CA GLN K 328 3.78 -80.53 18.72
C GLN K 328 5.18 -80.14 19.16
N SER K 329 5.95 -79.58 18.23
CA SER K 329 7.32 -79.16 18.53
C SER K 329 7.34 -77.91 19.41
N ARG K 330 6.27 -77.12 19.33
CA ARG K 330 6.18 -75.90 20.12
C ARG K 330 5.56 -76.16 21.48
N ILE K 331 4.71 -77.19 21.56
CA ILE K 331 4.05 -77.55 22.81
C ILE K 331 5.09 -78.03 23.81
N VAL K 332 6.02 -78.86 23.34
CA VAL K 332 7.08 -79.39 24.20
C VAL K 332 7.96 -78.26 24.71
N GLU K 333 8.09 -77.20 23.90
CA GLU K 333 8.91 -76.05 24.27
C GLU K 333 8.48 -75.45 25.60
N TRP K 334 7.18 -75.18 25.73
CA TRP K 334 6.67 -74.61 26.97
C TRP K 334 6.52 -75.64 28.08
N LYS K 335 6.49 -76.92 27.70
CA LYS K 335 6.37 -77.98 28.69
C LYS K 335 7.68 -78.05 29.45
N GLU K 336 8.70 -77.38 28.92
CA GLU K 336 10.02 -77.35 29.55
C GLU K 336 10.16 -76.06 30.35
N ARG K 337 9.60 -74.98 29.82
CA ARG K 337 9.65 -73.68 30.47
C ARG K 337 8.80 -73.68 31.74
N LEU K 338 7.58 -74.18 31.63
CA LEU K 338 6.67 -74.23 32.77
C LEU K 338 7.17 -75.16 33.87
N ASP K 339 7.68 -76.33 33.49
CA ASP K 339 8.19 -77.28 34.47
C ASP K 339 9.49 -76.77 35.09
N LYS K 340 10.13 -75.83 34.40
CA LYS K 340 11.39 -75.25 34.88
C LYS K 340 11.11 -74.21 35.96
N GLU K 341 10.11 -73.37 35.71
CA GLU K 341 9.74 -72.32 36.65
C GLU K 341 8.91 -72.87 37.81
N PHE K 342 7.99 -73.77 37.50
CA PHE K 342 7.12 -74.36 38.52
C PHE K 342 7.13 -75.89 38.48
N SER K 343 7.38 -76.50 39.63
CA SER K 343 7.38 -77.95 39.73
C SER K 343 5.94 -78.38 39.98
N LEU K 344 5.75 -79.59 40.51
CA LEU K 344 4.41 -80.08 40.78
C LEU K 344 3.95 -79.65 42.17
N SER K 345 4.90 -79.29 43.02
CA SER K 345 4.60 -78.87 44.38
C SER K 345 4.05 -77.44 44.41
N VAL K 346 4.78 -76.53 43.77
CA VAL K 346 4.38 -75.13 43.72
C VAL K 346 3.04 -74.96 43.01
N TYR K 347 2.74 -75.87 42.09
CA TYR K 347 1.50 -75.80 41.35
C TYR K 347 0.31 -76.15 42.23
N GLN K 348 0.30 -77.37 42.75
CA GLN K 348 -0.78 -77.83 43.63
C GLN K 348 -0.90 -76.97 44.88
N LYS K 349 0.20 -76.29 45.23
CA LYS K 349 0.20 -75.43 46.42
C LYS K 349 -0.72 -74.24 46.17
N MET K 350 -0.90 -73.89 44.89
CA MET K 350 -1.77 -72.78 44.52
C MET K 350 -3.22 -73.22 44.54
N LYS K 351 -3.49 -74.42 44.02
CA LYS K 351 -4.84 -74.96 44.00
C LYS K 351 -5.25 -75.21 45.44
N PHE K 352 -4.26 -75.37 46.31
CA PHE K 352 -4.49 -75.61 47.73
C PHE K 352 -5.12 -74.38 48.36
N ASN K 353 -4.51 -73.22 48.15
CA ASN K 353 -5.00 -71.98 48.70
C ASN K 353 -6.41 -71.71 48.18
N VAL K 354 -6.72 -72.26 47.01
CA VAL K 354 -8.04 -72.09 46.41
C VAL K 354 -9.04 -72.81 47.30
N ALA K 355 -8.69 -74.01 47.73
CA ALA K 355 -9.55 -74.80 48.60
C ALA K 355 -9.79 -74.06 49.91
N MET K 356 -8.76 -73.38 50.38
CA MET K 356 -8.84 -72.61 51.63
C MET K 356 -9.77 -71.43 51.47
N GLY K 357 -9.44 -70.56 50.52
CA GLY K 357 -10.22 -69.37 50.27
C GLY K 357 -9.30 -68.17 50.37
N ILE K 358 -8.01 -68.42 50.17
CA ILE K 358 -6.99 -67.39 50.23
C ILE K 358 -6.28 -67.23 48.89
N GLY K 359 -5.38 -66.26 48.81
CA GLY K 359 -4.65 -66.01 47.58
C GLY K 359 -3.96 -67.22 46.98
N VAL K 360 -4.20 -67.46 45.70
CA VAL K 360 -3.59 -68.58 45.00
C VAL K 360 -2.08 -68.58 45.11
N LEU K 361 -1.50 -67.38 45.23
CA LEU K 361 -0.06 -67.24 45.34
C LEU K 361 0.38 -66.94 46.77
N ASP K 362 0.10 -67.87 47.67
CA ASP K 362 0.47 -67.73 49.07
C ASP K 362 1.17 -68.99 49.58
N LYS L 1 1.48 -53.47 -17.81
CA LYS L 1 1.42 -52.81 -16.47
C LYS L 1 -0.03 -52.61 -16.02
N GLN L 2 -0.95 -52.67 -16.97
CA GLN L 2 -2.37 -52.50 -16.70
C GLN L 2 -3.01 -53.84 -16.32
N VAL L 3 -3.98 -53.79 -15.41
CA VAL L 3 -4.66 -55.00 -14.97
C VAL L 3 -5.81 -55.38 -15.90
N SER L 4 -5.96 -56.68 -16.14
CA SER L 4 -7.02 -57.18 -17.01
C SER L 4 -8.25 -57.57 -16.19
N TRP L 5 -9.41 -57.09 -16.64
CA TRP L 5 -10.67 -57.38 -15.96
C TRP L 5 -11.32 -58.64 -16.53
N LYS L 6 -11.13 -58.86 -17.83
CA LYS L 6 -11.71 -60.01 -18.50
C LYS L 6 -11.16 -61.31 -17.94
N LEU L 7 -9.91 -61.29 -17.48
CA LEU L 7 -9.29 -62.47 -16.92
C LEU L 7 -9.89 -62.80 -15.56
N VAL L 8 -10.05 -61.77 -14.72
CA VAL L 8 -10.63 -61.93 -13.40
C VAL L 8 -12.06 -62.41 -13.55
N THR L 9 -12.77 -61.84 -14.52
CA THR L 9 -14.15 -62.20 -14.79
C THR L 9 -14.21 -63.63 -15.28
N GLU L 10 -13.21 -64.02 -16.06
CA GLU L 10 -13.12 -65.38 -16.59
C GLU L 10 -13.01 -66.37 -15.44
N TYR L 11 -12.07 -66.12 -14.54
CA TYR L 11 -11.86 -66.98 -13.39
C TYR L 11 -13.13 -67.06 -12.56
N ALA L 12 -13.85 -65.95 -12.50
CA ALA L 12 -15.10 -65.88 -11.74
C ALA L 12 -16.15 -66.79 -12.37
N MET L 13 -16.26 -66.74 -13.68
CA MET L 13 -17.22 -67.57 -14.41
C MET L 13 -16.88 -69.04 -14.26
N GLU L 14 -15.60 -69.33 -14.05
CA GLU L 14 -15.14 -70.71 -13.89
C GLU L 14 -15.57 -71.29 -12.54
N THR L 15 -15.08 -70.69 -11.46
CA THR L 15 -15.42 -71.15 -10.12
C THR L 15 -16.84 -70.77 -9.73
N LYS L 16 -17.49 -69.98 -10.58
CA LYS L 16 -18.86 -69.54 -10.35
C LYS L 16 -18.99 -68.86 -8.98
N CYS L 17 -17.93 -68.17 -8.57
CA CYS L 17 -17.92 -67.47 -7.30
C CYS L 17 -18.86 -66.27 -7.32
N ASP L 18 -19.96 -66.38 -6.58
CA ASP L 18 -20.94 -65.29 -6.51
C ASP L 18 -20.71 -64.44 -5.27
N ASP L 19 -19.47 -64.47 -4.77
CA ASP L 19 -19.11 -63.69 -3.59
C ASP L 19 -18.06 -62.64 -3.97
N VAL L 20 -18.07 -61.52 -3.26
CA VAL L 20 -17.14 -60.44 -3.53
C VAL L 20 -15.80 -60.63 -2.82
N LEU L 21 -15.82 -60.62 -1.50
CA LEU L 21 -14.59 -60.79 -0.71
C LEU L 21 -13.95 -62.14 -0.94
N LEU L 22 -14.77 -63.17 -1.17
CA LEU L 22 -14.26 -64.52 -1.41
C LEU L 22 -13.48 -64.55 -2.72
N LEU L 23 -14.09 -64.03 -3.78
CA LEU L 23 -13.48 -63.99 -5.09
C LEU L 23 -12.19 -63.17 -5.06
N LEU L 24 -12.16 -62.20 -4.16
CA LEU L 24 -10.99 -61.32 -4.01
C LEU L 24 -9.81 -62.08 -3.41
N GLY L 25 -10.04 -62.71 -2.26
CA GLY L 25 -8.98 -63.45 -1.61
C GLY L 25 -8.41 -64.57 -2.45
N MET L 26 -9.30 -65.35 -3.07
CA MET L 26 -8.87 -66.46 -3.91
C MET L 26 -7.96 -66.02 -5.05
N TYR L 27 -8.27 -64.87 -5.65
CA TYR L 27 -7.48 -64.35 -6.76
C TYR L 27 -6.18 -63.71 -6.28
N LEU L 28 -6.16 -63.29 -5.02
CA LEU L 28 -4.96 -62.66 -4.45
C LEU L 28 -3.89 -63.67 -4.08
N GLU L 29 -4.12 -64.94 -4.39
CA GLU L 29 -3.15 -65.99 -4.09
C GLU L 29 -2.32 -66.33 -5.32
N PHE L 30 -2.62 -65.67 -6.44
CA PHE L 30 -1.89 -65.91 -7.68
C PHE L 30 -0.93 -64.76 -7.98
N GLN L 31 -0.67 -63.93 -6.98
CA GLN L 31 0.24 -62.80 -7.15
C GLN L 31 1.61 -63.12 -6.57
N TYR L 32 1.88 -64.41 -6.39
CA TYR L 32 3.15 -64.86 -5.85
C TYR L 32 3.92 -65.67 -6.89
N SER L 33 3.75 -66.99 -6.85
CA SER L 33 4.44 -67.88 -7.79
C SER L 33 3.96 -69.32 -7.65
N PHE L 34 3.52 -69.90 -8.76
CA PHE L 34 3.07 -71.28 -8.76
C PHE L 34 4.28 -72.20 -8.85
N GLU L 35 5.46 -71.57 -8.91
CA GLU L 35 6.72 -72.28 -9.01
C GLU L 35 6.96 -73.17 -7.79
N MET L 36 6.62 -72.65 -6.61
CA MET L 36 6.82 -73.40 -5.37
C MET L 36 5.58 -73.42 -4.48
N CYS L 37 4.44 -73.03 -5.03
CA CYS L 37 3.20 -73.01 -4.26
C CYS L 37 2.85 -74.41 -3.75
N LEU L 38 2.76 -74.54 -2.42
CA LEU L 38 2.45 -75.82 -1.81
C LEU L 38 1.04 -76.29 -2.18
N LYS L 39 0.10 -75.35 -2.22
CA LYS L 39 -1.28 -75.67 -2.55
C LYS L 39 -1.43 -76.16 -3.99
N CYS L 40 -0.45 -75.83 -4.83
CA CYS L 40 -0.48 -76.24 -6.23
C CYS L 40 0.07 -77.66 -6.40
N ILE L 41 1.05 -78.00 -5.58
CA ILE L 41 1.66 -79.32 -5.64
C ILE L 41 0.85 -80.36 -4.86
N LYS L 42 0.35 -79.96 -3.70
CA LYS L 42 -0.44 -80.84 -2.85
C LYS L 42 -1.81 -81.14 -3.42
N LYS L 43 -2.22 -80.36 -4.42
CA LYS L 43 -3.53 -80.55 -5.05
C LYS L 43 -4.62 -80.48 -3.98
N GLU L 44 -4.77 -79.31 -3.37
CA GLU L 44 -5.76 -79.12 -2.32
C GLU L 44 -7.09 -78.57 -2.82
N GLN L 45 -7.04 -77.46 -3.55
CA GLN L 45 -8.23 -76.84 -4.09
C GLN L 45 -8.19 -76.69 -5.61
N PRO L 46 -9.11 -77.37 -6.31
CA PRO L 46 -9.19 -77.33 -7.77
C PRO L 46 -9.30 -75.91 -8.31
N SER L 47 -9.69 -74.98 -7.44
CA SER L 47 -9.83 -73.59 -7.83
C SER L 47 -8.53 -72.81 -7.63
N HIS L 48 -7.44 -73.55 -7.42
CA HIS L 48 -6.14 -72.92 -7.22
C HIS L 48 -5.09 -73.40 -8.22
N TYR L 49 -4.66 -74.64 -8.07
CA TYR L 49 -3.65 -75.22 -8.95
C TYR L 49 -4.11 -75.38 -10.40
N LYS L 50 -5.40 -75.21 -10.63
CA LYS L 50 -5.95 -75.34 -11.98
C LYS L 50 -6.10 -74.00 -12.68
N TYR L 51 -5.93 -72.90 -11.93
CA TYR L 51 -6.09 -71.57 -12.52
C TYR L 51 -4.96 -70.59 -12.21
N HIS L 52 -3.96 -71.01 -11.43
CA HIS L 52 -2.87 -70.10 -11.09
C HIS L 52 -2.04 -69.73 -12.32
N GLU L 53 -1.58 -70.74 -13.05
CA GLU L 53 -0.79 -70.49 -14.26
C GLU L 53 -1.60 -69.74 -15.30
N LYS L 54 -2.93 -69.84 -15.19
CA LYS L 54 -3.82 -69.18 -16.12
C LYS L 54 -4.02 -67.71 -15.81
N HIS L 55 -3.94 -67.34 -14.53
CA HIS L 55 -4.13 -65.96 -14.11
C HIS L 55 -2.94 -65.39 -13.35
N TYR L 56 -1.79 -66.05 -13.45
CA TYR L 56 -0.59 -65.59 -12.75
C TYR L 56 -0.11 -64.25 -13.29
N ALA L 57 -0.24 -64.05 -14.60
CA ALA L 57 0.18 -62.82 -15.24
C ALA L 57 -0.59 -61.60 -14.77
N ASN L 58 -1.91 -61.71 -14.72
CA ASN L 58 -2.76 -60.60 -14.29
C ASN L 58 -2.72 -60.39 -12.79
N ALA L 59 -2.77 -61.49 -12.04
CA ALA L 59 -2.74 -61.42 -10.58
C ALA L 59 -1.47 -60.72 -10.09
N ALA L 60 -0.39 -60.84 -10.87
CA ALA L 60 0.87 -60.22 -10.52
C ALA L 60 0.73 -58.71 -10.45
N ILE L 61 -0.10 -58.16 -11.34
CA ILE L 61 -0.34 -56.73 -11.38
C ILE L 61 -1.55 -56.38 -10.53
N PHE L 62 -2.41 -57.37 -10.33
CA PHE L 62 -3.62 -57.19 -9.53
C PHE L 62 -3.27 -56.73 -8.13
N ALA L 63 -2.11 -57.16 -7.63
CA ALA L 63 -1.65 -56.80 -6.30
C ALA L 63 -1.42 -55.30 -6.17
N ASP L 64 -0.87 -54.69 -7.21
CA ASP L 64 -0.60 -53.26 -7.21
C ASP L 64 -1.77 -52.46 -7.78
N SER L 65 -2.97 -53.00 -7.63
CA SER L 65 -4.17 -52.33 -8.13
C SER L 65 -4.84 -51.53 -7.02
N LYS L 66 -5.37 -50.37 -7.36
CA LYS L 66 -6.05 -49.51 -6.39
C LYS L 66 -7.53 -49.82 -6.33
N ASN L 67 -7.96 -50.80 -7.12
CA ASN L 67 -9.37 -51.20 -7.16
C ASN L 67 -9.50 -52.71 -7.11
N GLN L 68 -8.84 -53.33 -6.14
CA GLN L 68 -8.88 -54.78 -5.97
C GLN L 68 -10.29 -55.30 -5.72
N LYS L 69 -11.08 -54.53 -4.99
CA LYS L 69 -12.45 -54.94 -4.68
C LYS L 69 -13.42 -54.58 -5.80
N THR L 70 -13.03 -53.60 -6.62
CA THR L 70 -13.86 -53.17 -7.73
C THR L 70 -13.78 -54.16 -8.89
N ILE L 71 -12.57 -54.59 -9.22
CA ILE L 71 -12.35 -55.54 -10.30
C ILE L 71 -13.10 -56.84 -10.03
N CYS L 72 -12.98 -57.34 -8.80
CA CYS L 72 -13.63 -58.58 -8.40
C CYS L 72 -15.14 -58.37 -8.25
N GLN L 73 -15.54 -57.13 -7.98
CA GLN L 73 -16.95 -56.80 -7.81
C GLN L 73 -17.71 -57.04 -9.11
N GLN L 74 -17.18 -56.49 -10.21
CA GLN L 74 -17.81 -56.64 -11.51
C GLN L 74 -17.90 -58.12 -11.89
N ALA L 75 -16.88 -58.88 -11.52
CA ALA L 75 -16.84 -60.31 -11.82
C ALA L 75 -18.02 -61.00 -11.16
N VAL L 76 -18.28 -60.65 -9.91
CA VAL L 76 -19.38 -61.23 -9.15
C VAL L 76 -20.71 -60.97 -9.88
N ASP L 77 -20.88 -59.75 -10.36
CA ASP L 77 -22.10 -59.38 -11.07
C ASP L 77 -22.24 -60.22 -12.34
N THR L 78 -21.11 -60.53 -12.96
CA THR L 78 -21.11 -61.34 -14.18
C THR L 78 -21.51 -62.77 -13.82
N VAL L 79 -21.14 -63.20 -12.63
CA VAL L 79 -21.45 -64.54 -12.15
C VAL L 79 -22.96 -64.64 -11.91
N LEU L 80 -23.48 -63.70 -11.13
CA LEU L 80 -24.91 -63.68 -10.83
C LEU L 80 -25.70 -63.49 -12.13
N ALA L 81 -25.10 -62.77 -13.07
CA ALA L 81 -25.72 -62.51 -14.36
C ALA L 81 -25.94 -63.82 -15.11
N LYS L 82 -24.95 -64.70 -15.04
CA LYS L 82 -25.03 -65.99 -15.71
C LYS L 82 -26.22 -66.78 -15.17
N LYS L 83 -26.30 -66.89 -13.84
CA LYS L 83 -27.39 -67.62 -13.21
C LYS L 83 -28.71 -66.91 -13.52
N ARG L 84 -28.65 -65.58 -13.59
CA ARG L 84 -29.83 -64.77 -13.88
C ARG L 84 -30.40 -65.15 -15.24
N VAL L 85 -29.51 -65.57 -16.15
CA VAL L 85 -29.92 -65.96 -17.49
C VAL L 85 -30.35 -67.42 -17.58
N ASP L 86 -29.54 -68.30 -16.99
CA ASP L 86 -29.83 -69.73 -17.01
C ASP L 86 -31.19 -70.06 -16.41
N SER L 87 -31.63 -69.25 -15.44
CA SER L 87 -32.90 -69.47 -14.78
C SER L 87 -34.08 -69.18 -15.71
N LEU L 88 -33.80 -68.74 -16.92
CA LEU L 88 -34.86 -68.43 -17.88
C LEU L 88 -34.75 -69.23 -19.18
N GLN L 89 -33.52 -69.49 -19.62
CA GLN L 89 -33.30 -70.23 -20.86
C GLN L 89 -33.32 -71.74 -20.69
N LEU L 90 -32.44 -72.26 -19.84
CA LEU L 90 -32.37 -73.71 -19.60
C LEU L 90 -33.60 -74.20 -18.85
N THR L 91 -34.17 -75.30 -19.32
CA THR L 91 -35.35 -75.88 -18.68
C THR L 91 -34.95 -76.32 -17.27
N ARG L 92 -35.94 -76.51 -16.41
CA ARG L 92 -35.66 -76.91 -15.03
C ARG L 92 -35.00 -78.29 -14.95
N GLU L 93 -35.06 -79.04 -16.05
CA GLU L 93 -34.45 -80.37 -16.07
C GLU L 93 -32.99 -80.24 -16.48
N GLN L 94 -32.70 -79.29 -17.36
CA GLN L 94 -31.34 -79.07 -17.82
C GLN L 94 -30.51 -78.47 -16.70
N MET L 95 -31.14 -77.61 -15.90
CA MET L 95 -30.45 -76.97 -14.78
C MET L 95 -29.93 -78.05 -13.83
N LEU L 96 -30.74 -79.09 -13.62
CA LEU L 96 -30.35 -80.19 -12.75
C LEU L 96 -29.24 -80.99 -13.42
N THR L 97 -29.36 -81.16 -14.74
CA THR L 97 -28.37 -81.90 -15.51
C THR L 97 -26.97 -81.38 -15.23
N ASN L 98 -26.84 -80.04 -15.23
CA ASN L 98 -25.55 -79.41 -14.97
C ASN L 98 -25.12 -79.64 -13.53
N ARG L 99 -26.08 -79.60 -12.62
CA ARG L 99 -25.80 -79.81 -11.20
C ARG L 99 -25.26 -81.22 -10.98
N PHE L 100 -25.97 -82.22 -11.49
CA PHE L 100 -25.57 -83.61 -11.35
C PHE L 100 -24.14 -83.83 -11.86
N ASN L 101 -23.76 -83.10 -12.89
CA ASN L 101 -22.42 -83.22 -13.45
C ASN L 101 -21.38 -82.58 -12.54
N ASP L 102 -21.72 -81.43 -11.97
CA ASP L 102 -20.80 -80.72 -11.08
C ASP L 102 -20.59 -81.54 -9.81
N LEU L 103 -21.62 -82.28 -9.41
CA LEU L 103 -21.55 -83.12 -8.22
C LEU L 103 -20.60 -84.28 -8.48
N LEU L 104 -20.56 -84.74 -9.72
CA LEU L 104 -19.70 -85.86 -10.11
C LEU L 104 -18.27 -85.38 -10.30
N ASP L 105 -18.10 -84.11 -10.66
CA ASP L 105 -16.78 -83.54 -10.86
C ASP L 105 -15.99 -83.61 -9.56
N ARG L 106 -16.66 -83.29 -8.46
CA ARG L 106 -16.02 -83.33 -7.15
C ARG L 106 -15.62 -84.77 -6.86
N MET L 107 -16.49 -85.69 -7.22
CA MET L 107 -16.28 -87.12 -7.01
C MET L 107 -15.06 -87.63 -7.78
N ASP L 108 -14.90 -87.18 -9.02
CA ASP L 108 -13.78 -87.60 -9.85
C ASP L 108 -12.45 -87.15 -9.26
N ILE L 109 -12.51 -86.23 -8.30
CA ILE L 109 -11.31 -85.71 -7.67
C ILE L 109 -11.09 -86.36 -6.30
N MET L 110 -12.15 -86.36 -5.49
CA MET L 110 -12.08 -86.95 -4.15
C MET L 110 -11.92 -88.46 -4.21
N PHE L 111 -12.54 -89.09 -5.20
CA PHE L 111 -12.46 -90.54 -5.37
C PHE L 111 -11.38 -90.89 -6.38
N GLY L 112 -10.41 -90.00 -6.56
CA GLY L 112 -9.35 -90.24 -7.50
C GLY L 112 -7.98 -90.37 -6.83
N SER L 113 -6.97 -89.77 -7.44
CA SER L 113 -5.61 -89.82 -6.90
C SER L 113 -5.34 -88.62 -6.00
N THR L 114 -5.89 -87.48 -6.37
CA THR L 114 -5.71 -86.25 -5.59
C THR L 114 -6.85 -86.06 -4.59
N GLY L 115 -7.49 -87.15 -4.22
CA GLY L 115 -8.60 -87.08 -3.28
C GLY L 115 -8.35 -87.88 -2.02
N SER L 116 -8.96 -87.45 -0.92
CA SER L 116 -8.81 -88.13 0.36
C SER L 116 -10.14 -88.70 0.83
N ALA L 117 -11.08 -88.87 -0.10
CA ALA L 117 -12.39 -89.40 0.22
C ALA L 117 -12.42 -90.91 0.01
N ASP L 118 -12.98 -91.63 0.97
CA ASP L 118 -13.08 -93.08 0.89
C ASP L 118 -14.46 -93.48 0.37
N ILE L 119 -14.51 -94.09 -0.81
CA ILE L 119 -15.75 -94.51 -1.43
C ILE L 119 -16.55 -95.48 -0.54
N GLU L 120 -15.84 -96.22 0.29
CA GLU L 120 -16.49 -97.19 1.18
C GLU L 120 -17.45 -96.51 2.15
N GLU L 121 -17.01 -95.41 2.74
CA GLU L 121 -17.83 -94.68 3.69
C GLU L 121 -19.06 -94.05 3.03
N TRP L 122 -18.87 -93.46 1.86
CA TRP L 122 -19.98 -92.83 1.15
C TRP L 122 -20.99 -93.86 0.68
N MET L 123 -20.53 -95.08 0.42
CA MET L 123 -21.43 -96.16 -0.01
C MET L 123 -22.20 -96.64 1.22
N ALA L 124 -21.60 -96.45 2.39
CA ALA L 124 -22.21 -96.85 3.64
C ALA L 124 -23.33 -95.86 3.98
N GLY L 125 -23.12 -94.61 3.60
CA GLY L 125 -24.11 -93.59 3.85
C GLY L 125 -25.35 -93.86 3.03
N VAL L 126 -25.15 -94.37 1.82
CA VAL L 126 -26.26 -94.69 0.92
C VAL L 126 -27.11 -95.77 1.58
N ALA L 127 -26.50 -96.56 2.45
CA ALA L 127 -27.20 -97.62 3.16
C ALA L 127 -28.03 -97.04 4.30
N TRP L 128 -27.41 -96.19 5.10
CA TRP L 128 -28.10 -95.56 6.23
C TRP L 128 -29.25 -94.70 5.72
N LEU L 129 -29.00 -93.97 4.64
CA LEU L 129 -30.01 -93.10 4.05
C LEU L 129 -31.18 -93.88 3.48
N HIS L 130 -30.92 -95.09 3.00
CA HIS L 130 -31.98 -95.92 2.44
C HIS L 130 -32.75 -96.60 3.56
N CYS L 131 -32.15 -96.62 4.75
CA CYS L 131 -32.79 -97.22 5.93
C CYS L 131 -33.46 -96.12 6.74
N LEU L 132 -33.59 -94.95 6.14
CA LEU L 132 -34.21 -93.81 6.80
C LEU L 132 -35.70 -93.74 6.48
N LEU L 133 -36.05 -94.07 5.24
CA LEU L 133 -37.44 -94.05 4.81
C LEU L 133 -37.72 -95.13 3.77
N PRO L 134 -38.95 -95.66 3.76
CA PRO L 134 -39.36 -96.71 2.81
C PRO L 134 -39.15 -96.28 1.35
N LYS L 135 -38.33 -97.03 0.62
CA LYS L 135 -38.04 -96.71 -0.77
C LYS L 135 -37.51 -95.29 -0.88
N MET L 136 -36.48 -94.99 -0.09
CA MET L 136 -35.87 -93.67 -0.09
C MET L 136 -35.45 -93.22 -1.48
N ASP L 137 -34.67 -94.06 -2.16
CA ASP L 137 -34.20 -93.74 -3.50
C ASP L 137 -35.37 -93.46 -4.44
N SER L 138 -36.45 -94.23 -4.26
CA SER L 138 -37.64 -94.07 -5.09
C SER L 138 -38.26 -92.70 -4.90
N VAL L 139 -38.31 -92.25 -3.65
CA VAL L 139 -38.88 -90.96 -3.31
C VAL L 139 -38.04 -89.82 -3.91
N VAL L 140 -36.72 -90.00 -3.89
CA VAL L 140 -35.81 -88.99 -4.42
C VAL L 140 -36.09 -88.69 -5.88
N TYR L 141 -36.32 -89.73 -6.68
CA TYR L 141 -36.60 -89.56 -8.09
C TYR L 141 -37.90 -88.80 -8.29
N ASP L 142 -38.88 -89.06 -7.43
CA ASP L 142 -40.17 -88.41 -7.51
C ASP L 142 -40.03 -86.92 -7.18
N PHE L 143 -39.28 -86.61 -6.14
CA PHE L 143 -39.07 -85.23 -5.73
C PHE L 143 -38.35 -84.47 -6.84
N LEU L 144 -37.30 -85.08 -7.39
CA LEU L 144 -36.52 -84.47 -8.46
C LEU L 144 -37.44 -84.02 -9.59
N LYS L 145 -38.19 -84.96 -10.15
CA LYS L 145 -39.12 -84.66 -11.23
C LYS L 145 -40.21 -83.70 -10.79
N CYS L 146 -40.63 -83.83 -9.54
CA CYS L 146 -41.66 -82.96 -8.98
C CYS L 146 -41.17 -81.52 -9.09
N MET L 147 -39.87 -81.34 -8.94
CA MET L 147 -39.24 -80.02 -9.02
C MET L 147 -39.13 -79.60 -10.48
N VAL L 148 -38.90 -80.58 -11.36
CA VAL L 148 -38.76 -80.32 -12.79
C VAL L 148 -40.10 -79.94 -13.41
N TYR L 149 -41.12 -80.78 -13.18
CA TYR L 149 -42.45 -80.53 -13.72
C TYR L 149 -42.95 -79.15 -13.33
N ASN L 150 -42.66 -78.74 -12.10
CA ASN L 150 -43.06 -77.44 -11.60
C ASN L 150 -44.57 -77.24 -11.78
N ILE L 151 -45.36 -77.83 -10.89
CA ILE L 151 -46.81 -77.73 -10.96
C ILE L 151 -47.36 -76.80 -9.88
N PRO L 152 -47.99 -75.69 -10.30
CA PRO L 152 -48.56 -74.69 -9.39
C PRO L 152 -49.41 -75.27 -8.26
N LYS L 153 -49.15 -74.81 -7.05
CA LYS L 153 -49.86 -75.27 -5.85
C LYS L 153 -49.67 -76.79 -5.69
N LYS L 154 -48.61 -77.29 -6.28
CA LYS L 154 -48.25 -78.70 -6.23
C LYS L 154 -46.74 -78.79 -6.39
N ARG L 155 -46.01 -78.14 -5.48
CA ARG L 155 -44.56 -78.14 -5.55
C ARG L 155 -43.87 -78.49 -4.24
N TYR L 156 -44.16 -77.76 -3.17
CA TYR L 156 -43.52 -78.04 -1.89
C TYR L 156 -43.89 -79.38 -1.25
N TRP L 157 -42.91 -79.96 -0.59
CA TRP L 157 -43.07 -81.24 0.11
C TRP L 157 -43.00 -80.98 1.61
N LEU L 158 -43.62 -81.84 2.39
CA LEU L 158 -43.61 -81.66 3.84
C LEU L 158 -42.78 -82.70 4.58
N PHE L 159 -41.79 -82.23 5.33
CA PHE L 159 -40.93 -83.11 6.12
C PHE L 159 -41.29 -82.93 7.58
N LYS L 160 -42.51 -83.33 7.92
CA LYS L 160 -43.04 -83.21 9.27
C LYS L 160 -42.70 -84.43 10.13
N GLY L 161 -41.88 -84.23 11.15
CA GLY L 161 -41.49 -85.32 12.01
C GLY L 161 -40.90 -84.86 13.34
N PRO L 162 -40.96 -85.71 14.38
CA PRO L 162 -40.42 -85.38 15.71
C PRO L 162 -38.96 -84.97 15.68
N ILE L 163 -38.43 -84.56 16.83
CA ILE L 163 -37.03 -84.15 16.94
C ILE L 163 -36.10 -85.35 16.74
N ASP L 164 -35.01 -85.13 16.00
CA ASP L 164 -34.04 -86.18 15.73
C ASP L 164 -34.71 -87.38 15.06
N SER L 165 -34.72 -87.37 13.73
CA SER L 165 -35.33 -88.45 12.96
C SER L 165 -34.66 -88.59 11.59
N GLY L 166 -34.24 -87.47 11.02
CA GLY L 166 -33.60 -87.50 9.72
C GLY L 166 -34.08 -86.41 8.79
N LYS L 167 -34.97 -85.55 9.29
CA LYS L 167 -35.51 -84.45 8.50
C LYS L 167 -34.40 -83.51 8.05
N THR L 168 -33.76 -82.86 9.03
CA THR L 168 -32.68 -81.92 8.75
C THR L 168 -31.52 -82.60 8.04
N THR L 169 -31.50 -83.92 8.08
CA THR L 169 -30.43 -84.69 7.45
C THR L 169 -30.71 -84.90 5.96
N LEU L 170 -31.99 -85.07 5.62
CA LEU L 170 -32.40 -85.28 4.24
C LEU L 170 -32.69 -83.96 3.54
N ALA L 171 -33.47 -83.10 4.21
CA ALA L 171 -33.83 -81.81 3.67
C ALA L 171 -32.59 -81.00 3.33
N ALA L 172 -31.46 -81.37 3.93
CA ALA L 172 -30.20 -80.69 3.70
C ALA L 172 -29.48 -81.28 2.48
N ALA L 173 -29.37 -82.60 2.46
CA ALA L 173 -28.71 -83.29 1.36
C ALA L 173 -29.41 -83.00 0.04
N LEU L 174 -30.73 -83.01 0.06
CA LEU L 174 -31.53 -82.75 -1.13
C LEU L 174 -31.23 -81.35 -1.67
N LEU L 175 -30.99 -80.41 -0.77
CA LEU L 175 -30.69 -79.03 -1.16
C LEU L 175 -29.44 -78.97 -2.03
N GLU L 176 -28.45 -79.78 -1.70
CA GLU L 176 -27.20 -79.82 -2.45
C GLU L 176 -27.31 -80.73 -3.67
N LEU L 177 -28.18 -81.73 -3.59
CA LEU L 177 -28.38 -82.66 -4.70
C LEU L 177 -29.00 -81.97 -5.90
N CYS L 178 -29.92 -81.04 -5.63
CA CYS L 178 -30.60 -80.30 -6.69
C CYS L 178 -29.98 -78.92 -6.87
N GLY L 179 -29.82 -78.21 -5.76
CA GLY L 179 -29.24 -76.88 -5.82
C GLY L 179 -30.20 -75.83 -5.27
N GLY L 180 -29.65 -74.82 -4.62
CA GLY L 180 -30.49 -73.77 -4.06
C GLY L 180 -30.03 -73.30 -2.69
N LYS L 181 -30.94 -72.71 -1.93
CA LYS L 181 -30.63 -72.21 -0.61
C LYS L 181 -31.72 -72.60 0.40
N ALA L 182 -31.38 -72.53 1.68
CA ALA L 182 -32.31 -72.86 2.75
C ALA L 182 -32.64 -71.61 3.54
N LEU L 183 -33.92 -71.26 3.59
CA LEU L 183 -34.36 -70.06 4.30
C LEU L 183 -35.00 -70.39 5.64
N ASN L 184 -35.45 -69.36 6.35
CA ASN L 184 -36.09 -69.49 7.64
C ASN L 184 -37.20 -68.46 7.77
N VAL L 185 -38.28 -68.83 8.44
CA VAL L 185 -39.41 -67.92 8.62
C VAL L 185 -39.81 -67.74 10.08
N ASN L 186 -38.97 -68.22 10.99
CA ASN L 186 -39.25 -68.09 12.42
C ASN L 186 -39.10 -66.63 12.84
N LEU L 187 -38.34 -65.87 12.08
CA LEU L 187 -38.12 -64.46 12.37
C LEU L 187 -39.34 -63.65 11.89
N PRO L 188 -39.57 -62.48 12.50
CA PRO L 188 -40.70 -61.62 12.13
C PRO L 188 -40.82 -61.41 10.63
N LEU L 189 -42.01 -61.06 10.17
CA LEU L 189 -42.26 -60.82 8.76
C LEU L 189 -41.59 -59.52 8.32
N ASP L 190 -40.72 -59.00 9.17
CA ASP L 190 -40.01 -57.76 8.89
C ASP L 190 -38.79 -58.05 8.03
N ARG L 191 -37.89 -58.88 8.57
CA ARG L 191 -36.67 -59.26 7.86
C ARG L 191 -36.96 -60.39 6.89
N LEU L 192 -38.23 -60.81 6.83
CA LEU L 192 -38.65 -61.88 5.94
C LEU L 192 -38.34 -61.52 4.50
N ASN L 193 -38.50 -60.24 4.17
CA ASN L 193 -38.24 -59.76 2.81
C ASN L 193 -36.75 -59.80 2.49
N PHE L 194 -35.92 -59.57 3.51
CA PHE L 194 -34.48 -59.58 3.34
C PHE L 194 -33.93 -61.01 3.30
N GLU L 195 -34.78 -61.98 3.59
CA GLU L 195 -34.36 -63.37 3.58
C GLU L 195 -35.00 -64.13 2.41
N LEU L 196 -36.23 -63.75 2.07
CA LEU L 196 -36.93 -64.40 0.97
C LEU L 196 -36.32 -63.99 -0.36
N GLY L 197 -35.47 -62.97 -0.31
CA GLY L 197 -34.82 -62.48 -1.53
C GLY L 197 -33.61 -63.32 -1.90
N VAL L 198 -33.46 -64.46 -1.23
CA VAL L 198 -32.34 -65.36 -1.51
C VAL L 198 -32.76 -66.41 -2.54
N ALA L 199 -34.06 -66.68 -2.60
CA ALA L 199 -34.60 -67.65 -3.54
C ALA L 199 -34.57 -67.15 -4.98
N ILE L 200 -33.93 -66.00 -5.19
CA ILE L 200 -33.84 -65.41 -6.52
C ILE L 200 -32.99 -66.27 -7.46
N ASP L 201 -33.55 -66.59 -8.62
CA ASP L 201 -32.86 -67.40 -9.62
C ASP L 201 -32.43 -68.76 -9.08
N GLN L 202 -33.00 -69.16 -7.95
CA GLN L 202 -32.67 -70.45 -7.34
C GLN L 202 -33.50 -71.56 -7.96
N PHE L 203 -33.39 -72.75 -7.39
CA PHE L 203 -34.14 -73.91 -7.90
C PHE L 203 -35.20 -74.33 -6.89
N LEU L 204 -34.80 -74.42 -5.63
CA LEU L 204 -35.72 -74.81 -4.56
C LEU L 204 -35.33 -74.16 -3.23
N VAL L 205 -36.30 -74.09 -2.32
CA VAL L 205 -36.07 -73.49 -1.01
C VAL L 205 -36.26 -74.52 0.09
N VAL L 206 -35.59 -74.31 1.23
CA VAL L 206 -35.70 -75.23 2.35
C VAL L 206 -36.04 -74.51 3.65
N PHE L 207 -37.29 -74.63 4.09
CA PHE L 207 -37.73 -74.00 5.32
C PHE L 207 -37.47 -74.92 6.50
N GLU L 208 -36.49 -74.57 7.32
CA GLU L 208 -36.11 -75.38 8.47
C GLU L 208 -36.91 -75.08 9.73
N ASP L 209 -37.56 -76.12 10.25
CA ASP L 209 -38.36 -76.05 11.47
C ASP L 209 -39.23 -74.80 11.59
N VAL L 210 -40.48 -74.90 11.15
CA VAL L 210 -41.42 -73.79 11.22
C VAL L 210 -42.25 -73.92 12.50
N LYS L 211 -42.26 -72.86 13.30
CA LYS L 211 -43.01 -72.85 14.55
C LYS L 211 -44.43 -72.36 14.38
N GLY L 212 -45.37 -73.09 14.97
CA GLY L 212 -46.78 -72.71 14.88
C GLY L 212 -47.44 -72.76 16.25
N THR L 213 -48.61 -72.15 16.35
CA THR L 213 -49.34 -72.12 17.62
C THR L 213 -49.78 -73.52 18.04
N GLY L 214 -49.89 -74.42 17.08
CA GLY L 214 -50.30 -75.78 17.37
C GLY L 214 -49.28 -76.54 18.19
N GLY L 215 -49.70 -77.67 18.77
CA GLY L 215 -48.78 -78.46 19.58
C GLY L 215 -48.34 -77.77 20.85
N GLU L 216 -49.28 -77.13 21.54
CA GLU L 216 -48.95 -76.44 22.78
C GLU L 216 -48.87 -77.42 23.95
N SER L 217 -49.42 -78.62 23.77
CA SER L 217 -49.41 -79.63 24.80
C SER L 217 -48.24 -80.62 24.62
N ARG L 218 -47.65 -80.60 23.44
CA ARG L 218 -46.52 -81.48 23.14
C ARG L 218 -45.18 -80.81 23.40
N ASP L 219 -45.18 -79.80 24.28
CA ASP L 219 -43.97 -79.08 24.61
C ASP L 219 -43.29 -78.51 23.37
N LEU L 220 -44.10 -78.11 22.39
CA LEU L 220 -43.59 -77.56 21.14
C LEU L 220 -43.78 -76.04 21.11
N PRO L 221 -42.68 -75.28 21.29
CA PRO L 221 -42.72 -73.82 21.28
C PRO L 221 -43.38 -73.25 20.03
N SER L 222 -44.29 -72.29 20.24
CA SER L 222 -44.99 -71.66 19.13
C SER L 222 -44.20 -70.49 18.57
N GLY L 223 -44.44 -70.16 17.31
CA GLY L 223 -43.73 -69.06 16.69
C GLY L 223 -44.53 -68.41 15.57
N GLN L 224 -43.85 -68.11 14.46
CA GLN L 224 -44.51 -67.49 13.32
C GLN L 224 -44.26 -68.30 12.04
N GLY L 225 -43.61 -69.45 12.19
CA GLY L 225 -43.32 -70.29 11.04
C GLY L 225 -44.55 -70.65 10.24
N ILE L 226 -45.46 -71.40 10.86
CA ILE L 226 -46.69 -71.82 10.20
C ILE L 226 -47.48 -70.62 9.68
N ASN L 227 -47.56 -69.57 10.50
CA ASN L 227 -48.29 -68.37 10.12
C ASN L 227 -47.71 -67.72 8.87
N ASN L 228 -46.40 -67.49 8.87
CA ASN L 228 -45.72 -66.88 7.73
C ASN L 228 -45.95 -67.67 6.45
N LEU L 229 -46.01 -68.99 6.56
CA LEU L 229 -46.23 -69.85 5.40
C LEU L 229 -47.56 -69.52 4.75
N ASP L 230 -48.58 -69.28 5.57
CA ASP L 230 -49.91 -68.95 5.08
C ASP L 230 -49.93 -67.52 4.55
N ASN L 231 -49.05 -66.68 5.08
CA ASN L 231 -48.97 -65.29 4.66
C ASN L 231 -48.18 -65.21 3.35
N LEU L 232 -47.93 -66.38 2.76
CA LEU L 232 -47.20 -66.47 1.50
C LEU L 232 -47.86 -67.51 0.61
N ARG L 233 -49.16 -67.35 0.39
CA ARG L 233 -49.92 -68.29 -0.44
C ARG L 233 -49.41 -68.30 -1.89
N ASP L 234 -49.36 -67.14 -2.51
CA ASP L 234 -48.90 -67.04 -3.90
C ASP L 234 -47.47 -67.56 -4.00
N TYR L 235 -46.67 -67.29 -2.96
CA TYR L 235 -45.28 -67.73 -2.94
C TYR L 235 -45.20 -69.25 -3.00
N LEU L 236 -46.17 -69.91 -2.37
CA LEU L 236 -46.23 -71.37 -2.35
C LEU L 236 -46.81 -71.95 -3.64
N ASP L 237 -47.73 -71.22 -4.25
CA ASP L 237 -48.36 -71.67 -5.49
C ASP L 237 -47.41 -71.51 -6.67
N GLY L 238 -46.98 -70.28 -6.91
CA GLY L 238 -46.06 -70.02 -8.00
C GLY L 238 -46.75 -69.75 -9.33
N SER L 239 -48.02 -69.38 -9.28
CA SER L 239 -48.78 -69.09 -10.50
C SER L 239 -48.64 -67.62 -10.86
N VAL L 240 -47.98 -66.87 -9.99
CA VAL L 240 -47.76 -65.44 -10.21
C VAL L 240 -46.32 -65.07 -9.91
N LYS L 241 -45.84 -64.00 -10.54
CA LYS L 241 -44.47 -63.54 -10.34
C LYS L 241 -44.35 -62.69 -9.08
N VAL L 242 -43.96 -63.31 -7.97
CA VAL L 242 -43.80 -62.62 -6.71
C VAL L 242 -42.68 -61.59 -6.78
N ASN L 243 -42.63 -60.70 -5.79
CA ASN L 243 -41.62 -59.66 -5.74
C ASN L 243 -40.49 -60.04 -4.79
N LEU L 244 -39.25 -59.76 -5.22
CA LEU L 244 -38.07 -60.07 -4.42
C LEU L 244 -37.12 -58.89 -4.41
N GLU L 245 -36.36 -58.74 -3.33
CA GLU L 245 -35.41 -57.64 -3.20
C GLU L 245 -34.02 -58.14 -2.81
N LYS L 246 -33.00 -57.67 -3.53
CA LYS L 246 -31.62 -58.04 -3.26
C LYS L 246 -30.79 -56.77 -3.11
N LYS L 247 -30.35 -56.50 -1.88
CA LYS L 247 -29.54 -55.32 -1.60
C LYS L 247 -30.25 -54.04 -2.04
N HIS L 248 -31.13 -53.53 -1.19
CA HIS L 248 -31.87 -52.30 -1.46
C HIS L 248 -32.66 -52.34 -2.77
N LEU L 249 -32.02 -51.88 -3.85
CA LEU L 249 -32.66 -51.85 -5.16
C LEU L 249 -33.10 -53.24 -5.63
N ASN L 250 -34.37 -53.35 -6.01
CA ASN L 250 -34.93 -54.61 -6.48
C ASN L 250 -34.08 -55.25 -7.56
N LYS L 251 -33.92 -56.56 -7.46
CA LYS L 251 -33.11 -57.32 -8.42
C LYS L 251 -33.91 -58.35 -9.20
N ARG L 252 -35.13 -58.66 -8.74
CA ARG L 252 -35.91 -59.67 -9.44
C ARG L 252 -37.41 -59.67 -9.10
N THR L 253 -38.19 -60.13 -10.07
CA THR L 253 -39.64 -60.25 -9.93
C THR L 253 -40.04 -61.47 -10.75
N GLN L 254 -39.68 -62.65 -10.25
CA GLN L 254 -39.96 -63.91 -10.93
C GLN L 254 -40.90 -64.80 -10.14
N ILE L 255 -40.97 -66.07 -10.56
CA ILE L 255 -41.81 -67.06 -9.89
C ILE L 255 -41.01 -67.66 -8.74
N PHE L 256 -41.59 -67.64 -7.55
CA PHE L 256 -40.91 -68.17 -6.37
C PHE L 256 -40.67 -69.67 -6.55
N PRO L 257 -39.39 -70.09 -6.53
CA PRO L 257 -39.01 -71.51 -6.69
C PRO L 257 -39.67 -72.42 -5.67
N PRO L 258 -39.93 -73.68 -6.05
CA PRO L 258 -40.55 -74.66 -5.15
C PRO L 258 -39.58 -75.03 -4.02
N GLY L 259 -39.84 -76.12 -3.34
CA GLY L 259 -38.94 -76.53 -2.28
C GLY L 259 -39.50 -77.50 -1.25
N ILE L 260 -38.92 -77.47 -0.06
CA ILE L 260 -39.34 -78.34 1.04
C ILE L 260 -39.52 -77.56 2.33
N VAL L 261 -40.58 -77.88 3.07
CA VAL L 261 -40.87 -77.23 4.34
C VAL L 261 -40.83 -78.28 5.45
N THR L 262 -39.96 -78.07 6.44
CA THR L 262 -39.83 -79.00 7.55
C THR L 262 -40.44 -78.47 8.84
N MET L 263 -40.87 -79.38 9.71
CA MET L 263 -41.47 -79.01 10.99
C MET L 263 -41.47 -80.19 11.97
N ASN L 264 -41.79 -79.91 13.22
CA ASN L 264 -41.80 -80.94 14.26
C ASN L 264 -43.19 -81.21 14.84
N GLU L 265 -44.04 -81.89 14.06
CA GLU L 265 -45.39 -82.23 14.49
C GLU L 265 -46.29 -81.07 14.89
N TYR L 266 -46.10 -79.90 14.27
CA TYR L 266 -46.94 -78.76 14.59
C TYR L 266 -48.26 -78.85 13.85
N SER L 267 -49.23 -78.05 14.27
CA SER L 267 -50.55 -78.05 13.63
C SER L 267 -50.44 -77.35 12.28
N VAL L 268 -51.13 -77.87 11.28
CA VAL L 268 -51.09 -77.28 9.95
C VAL L 268 -52.47 -76.97 9.38
N PRO L 269 -52.74 -75.70 9.08
CA PRO L 269 -54.03 -75.27 8.53
C PRO L 269 -54.33 -75.99 7.22
N LYS L 270 -55.61 -76.21 6.94
CA LYS L 270 -56.01 -76.89 5.72
C LYS L 270 -55.66 -76.06 4.49
N THR L 271 -55.74 -74.75 4.63
CA THR L 271 -55.43 -73.85 3.53
C THR L 271 -53.93 -73.85 3.23
N LEU L 272 -53.16 -74.39 4.17
CA LEU L 272 -51.71 -74.46 4.02
C LEU L 272 -51.32 -75.83 3.47
N GLN L 273 -51.93 -76.87 4.02
CA GLN L 273 -51.66 -78.24 3.60
C GLN L 273 -52.02 -78.42 2.12
N ALA L 274 -52.98 -77.62 1.66
CA ALA L 274 -53.43 -77.68 0.27
C ALA L 274 -52.42 -77.05 -0.67
N ARG L 275 -51.31 -76.58 -0.12
CA ARG L 275 -50.26 -75.96 -0.91
C ARG L 275 -49.09 -76.92 -1.06
N PHE L 276 -49.19 -78.07 -0.39
CA PHE L 276 -48.14 -79.09 -0.42
C PHE L 276 -48.45 -80.17 -1.45
N VAL L 277 -47.61 -81.19 -1.48
CA VAL L 277 -47.78 -82.31 -2.41
C VAL L 277 -47.82 -83.63 -1.66
N LYS L 278 -46.78 -83.90 -0.90
CA LYS L 278 -46.68 -85.13 -0.12
C LYS L 278 -46.17 -84.85 1.29
N GLN L 279 -46.67 -85.60 2.26
CA GLN L 279 -46.27 -85.44 3.64
C GLN L 279 -45.48 -86.65 4.12
N ILE L 280 -44.20 -86.44 4.39
CA ILE L 280 -43.32 -87.52 4.85
C ILE L 280 -43.10 -87.44 6.35
N ASP L 281 -43.75 -88.32 7.10
CA ASP L 281 -43.61 -88.34 8.55
C ASP L 281 -42.37 -89.14 8.95
N PHE L 282 -41.30 -88.43 9.31
CA PHE L 282 -40.06 -89.06 9.72
C PHE L 282 -40.20 -89.74 11.08
N ARG L 283 -39.76 -90.99 11.16
CA ARG L 283 -39.84 -91.76 12.39
C ARG L 283 -38.50 -91.89 13.10
N PRO L 284 -38.43 -91.45 14.36
CA PRO L 284 -37.20 -91.53 15.14
C PRO L 284 -36.84 -92.99 15.42
N LYS L 285 -36.09 -93.59 14.50
CA LYS L 285 -35.69 -94.99 14.63
C LYS L 285 -34.44 -95.16 15.49
N ASP L 286 -34.46 -96.20 16.32
CA ASP L 286 -33.35 -96.50 17.22
C ASP L 286 -32.15 -97.10 16.51
N TYR L 287 -32.39 -98.10 15.67
CA TYR L 287 -31.31 -98.76 14.94
C TYR L 287 -30.48 -97.77 14.12
N LEU L 288 -31.07 -96.63 13.78
CA LEU L 288 -30.36 -95.61 13.03
C LEU L 288 -29.43 -94.87 13.97
N LYS L 289 -29.90 -94.65 15.20
CA LYS L 289 -29.13 -93.97 16.22
C LYS L 289 -27.89 -94.80 16.59
N HIS L 290 -28.13 -96.06 16.95
CA HIS L 290 -27.05 -96.96 17.32
C HIS L 290 -26.10 -97.17 16.15
N CYS L 291 -26.62 -96.98 14.94
CA CYS L 291 -25.83 -97.15 13.72
C CYS L 291 -24.72 -96.12 13.64
N LEU L 292 -25.09 -94.85 13.84
CA LEU L 292 -24.13 -93.75 13.78
C LEU L 292 -23.20 -93.78 14.98
N GLU L 293 -23.58 -94.54 16.01
CA GLU L 293 -22.76 -94.64 17.22
C GLU L 293 -21.50 -95.43 16.93
N ARG L 294 -21.46 -96.09 15.77
CA ARG L 294 -20.32 -96.88 15.36
C ARG L 294 -19.92 -96.53 13.93
N SER L 295 -20.38 -95.37 13.47
CA SER L 295 -20.08 -94.90 12.13
C SER L 295 -19.89 -93.38 12.16
N GLU L 296 -18.91 -92.93 12.93
CA GLU L 296 -18.63 -91.50 13.07
C GLU L 296 -18.25 -90.83 11.75
N PHE L 297 -17.69 -91.60 10.83
CA PHE L 297 -17.27 -91.08 9.54
C PHE L 297 -18.40 -90.45 8.73
N LEU L 298 -19.64 -90.84 9.04
CA LEU L 298 -20.80 -90.30 8.34
C LEU L 298 -21.14 -88.91 8.84
N LEU L 299 -21.03 -88.72 10.15
CA LEU L 299 -21.32 -87.42 10.77
C LEU L 299 -20.13 -86.48 10.67
N GLU L 300 -18.92 -87.05 10.73
CA GLU L 300 -17.70 -86.25 10.65
C GLU L 300 -17.46 -85.71 9.24
N LYS L 301 -17.27 -86.61 8.29
CA LYS L 301 -17.03 -86.21 6.91
C LYS L 301 -18.29 -85.71 6.21
N ARG L 302 -19.38 -85.57 6.95
CA ARG L 302 -20.64 -85.09 6.38
C ARG L 302 -21.03 -85.92 5.16
N ILE L 303 -21.58 -87.10 5.40
CA ILE L 303 -21.98 -87.98 4.32
C ILE L 303 -23.50 -88.19 4.28
N ILE L 304 -24.08 -88.50 5.44
CA ILE L 304 -25.52 -88.72 5.54
C ILE L 304 -26.32 -87.48 5.16
N GLN L 305 -25.68 -86.33 5.15
CA GLN L 305 -26.35 -85.08 4.83
C GLN L 305 -25.67 -84.38 3.65
N SER L 306 -25.01 -85.17 2.81
CA SER L 306 -24.32 -84.63 1.65
C SER L 306 -25.09 -84.92 0.36
N GLY L 307 -25.07 -83.97 -0.56
CA GLY L 307 -25.77 -84.15 -1.82
C GLY L 307 -25.09 -85.20 -2.67
N ILE L 308 -23.78 -85.33 -2.49
CA ILE L 308 -22.99 -86.30 -3.23
C ILE L 308 -23.40 -87.71 -2.83
N ALA L 309 -23.87 -87.84 -1.59
CA ALA L 309 -24.32 -89.14 -1.07
C ALA L 309 -25.57 -89.60 -1.80
N LEU L 310 -26.53 -88.70 -1.94
CA LEU L 310 -27.78 -89.01 -2.63
C LEU L 310 -27.52 -89.32 -4.10
N LEU L 311 -26.50 -88.68 -4.66
CA LEU L 311 -26.14 -88.89 -6.05
C LEU L 311 -25.73 -90.35 -6.25
N LEU L 312 -24.92 -90.86 -5.32
CA LEU L 312 -24.47 -92.24 -5.38
C LEU L 312 -25.65 -93.19 -5.26
N MET L 313 -26.67 -92.75 -4.53
CA MET L 313 -27.87 -93.54 -4.32
C MET L 313 -28.75 -93.53 -5.57
N LEU L 314 -28.64 -92.46 -6.35
CA LEU L 314 -29.42 -92.31 -7.58
C LEU L 314 -28.78 -93.11 -8.72
N ILE L 315 -27.47 -93.24 -8.67
CA ILE L 315 -26.72 -93.97 -9.70
C ILE L 315 -26.71 -95.46 -9.40
N TRP L 316 -26.90 -95.83 -8.13
CA TRP L 316 -26.89 -97.22 -7.73
C TRP L 316 -28.22 -97.92 -8.01
N TYR L 317 -29.33 -97.28 -7.67
CA TYR L 317 -30.65 -97.87 -7.89
C TYR L 317 -31.28 -97.49 -9.22
N ARG L 318 -31.57 -96.21 -9.40
CA ARG L 318 -32.20 -95.72 -10.63
C ARG L 318 -31.44 -96.00 -11.91
N PRO L 319 -32.14 -96.53 -12.93
CA PRO L 319 -31.58 -96.86 -14.24
C PRO L 319 -31.00 -95.64 -14.95
N VAL L 320 -30.37 -95.86 -16.10
CA VAL L 320 -29.77 -94.78 -16.87
C VAL L 320 -30.83 -94.10 -17.75
N ALA L 321 -31.88 -94.83 -18.06
CA ALA L 321 -32.95 -94.31 -18.90
C ALA L 321 -33.78 -93.22 -18.24
N GLU L 322 -33.42 -92.84 -17.01
CA GLU L 322 -34.15 -91.80 -16.30
C GLU L 322 -33.40 -90.47 -16.25
N PHE L 323 -32.08 -90.52 -16.43
CA PHE L 323 -31.27 -89.31 -16.41
C PHE L 323 -31.33 -88.63 -17.77
N ALA L 324 -30.72 -87.45 -17.86
CA ALA L 324 -30.70 -86.70 -19.11
C ALA L 324 -29.90 -87.49 -20.13
N GLN L 325 -30.27 -87.37 -21.41
CA GLN L 325 -29.59 -88.10 -22.47
C GLN L 325 -28.16 -87.61 -22.66
N SER L 326 -27.87 -86.42 -22.12
CA SER L 326 -26.53 -85.85 -22.24
C SER L 326 -25.66 -86.23 -21.06
N ILE L 327 -26.25 -86.94 -20.10
CA ILE L 327 -25.51 -87.37 -18.91
C ILE L 327 -25.56 -88.88 -18.75
N GLN L 328 -26.42 -89.53 -19.54
CA GLN L 328 -26.56 -90.98 -19.48
C GLN L 328 -25.24 -91.70 -19.69
N SER L 329 -24.35 -91.08 -20.46
CA SER L 329 -23.04 -91.66 -20.74
C SER L 329 -22.13 -91.60 -19.51
N ARG L 330 -22.39 -90.65 -18.63
CA ARG L 330 -21.58 -90.49 -17.42
C ARG L 330 -22.14 -91.33 -16.28
N ILE L 331 -23.44 -91.57 -16.31
CA ILE L 331 -24.10 -92.38 -15.27
C ILE L 331 -23.60 -93.80 -15.33
N VAL L 332 -23.50 -94.34 -16.55
CA VAL L 332 -23.02 -95.70 -16.75
C VAL L 332 -21.58 -95.84 -16.28
N GLU L 333 -20.82 -94.74 -16.39
CA GLU L 333 -19.43 -94.73 -15.98
C GLU L 333 -19.26 -95.16 -14.52
N TRP L 334 -20.02 -94.53 -13.63
CA TRP L 334 -19.95 -94.86 -12.21
C TRP L 334 -20.69 -96.14 -11.88
N LYS L 335 -21.59 -96.57 -12.76
CA LYS L 335 -22.32 -97.80 -12.53
C LYS L 335 -21.35 -98.97 -12.71
N GLU L 336 -20.19 -98.67 -13.26
CA GLU L 336 -19.16 -99.68 -13.48
C GLU L 336 -18.14 -99.60 -12.35
N ARG L 337 -17.86 -98.39 -11.90
CA ARG L 337 -16.90 -98.15 -10.82
C ARG L 337 -17.46 -98.68 -9.49
N LEU L 338 -18.71 -98.34 -9.20
CA LEU L 338 -19.35 -98.78 -7.97
C LEU L 338 -19.53 -100.29 -7.91
N ASP L 339 -19.96 -100.89 -9.02
CA ASP L 339 -20.16 -102.33 -9.07
C ASP L 339 -18.82 -103.06 -9.05
N LYS L 340 -17.75 -102.34 -9.39
CA LYS L 340 -16.41 -102.91 -9.40
C LYS L 340 -15.84 -102.98 -7.98
N GLU L 341 -16.04 -101.91 -7.22
CA GLU L 341 -15.55 -101.83 -5.85
C GLU L 341 -16.47 -102.58 -4.89
N PHE L 342 -17.78 -102.45 -5.09
CA PHE L 342 -18.74 -103.13 -4.23
C PHE L 342 -19.77 -103.93 -5.02
N SER L 343 -19.92 -105.19 -4.65
CA SER L 343 -20.89 -106.07 -5.29
C SER L 343 -22.22 -105.85 -4.60
N LEU L 344 -23.14 -106.80 -4.73
CA LEU L 344 -24.44 -106.67 -4.10
C LEU L 344 -24.41 -107.21 -2.66
N SER L 345 -23.43 -108.06 -2.39
CA SER L 345 -23.29 -108.65 -1.06
C SER L 345 -22.73 -107.65 -0.06
N VAL L 346 -21.61 -107.02 -0.41
CA VAL L 346 -20.97 -106.04 0.46
C VAL L 346 -21.89 -104.86 0.72
N TYR L 347 -22.77 -104.55 -0.23
CA TYR L 347 -23.69 -103.45 -0.08
C TYR L 347 -24.75 -103.75 0.97
N GLN L 348 -25.55 -104.78 0.74
CA GLN L 348 -26.59 -105.17 1.68
C GLN L 348 -26.02 -105.54 3.03
N LYS L 349 -24.75 -105.90 3.07
CA LYS L 349 -24.10 -106.27 4.31
C LYS L 349 -23.99 -105.03 5.20
N MET L 350 -23.97 -103.87 4.57
CA MET L 350 -23.89 -102.60 5.30
C MET L 350 -25.25 -102.22 5.85
N LYS L 351 -26.28 -102.39 5.03
CA LYS L 351 -27.65 -102.08 5.43
C LYS L 351 -28.04 -103.06 6.52
N PHE L 352 -27.36 -104.19 6.55
CA PHE L 352 -27.60 -105.24 7.54
C PHE L 352 -27.20 -104.73 8.93
N ASN L 353 -25.98 -104.22 9.03
CA ASN L 353 -25.47 -103.70 10.29
C ASN L 353 -26.37 -102.55 10.78
N VAL L 354 -27.04 -101.90 9.84
CA VAL L 354 -27.93 -100.80 10.17
C VAL L 354 -29.10 -101.38 10.96
N ALA L 355 -29.63 -102.50 10.48
CA ALA L 355 -30.75 -103.17 11.13
C ALA L 355 -30.35 -103.59 12.55
N MET L 356 -29.10 -104.00 12.69
CA MET L 356 -28.57 -104.44 13.99
C MET L 356 -28.47 -103.25 14.94
N GLY L 357 -27.69 -102.25 14.54
CA GLY L 357 -27.49 -101.09 15.36
C GLY L 357 -25.99 -100.90 15.55
N ILE L 358 -25.22 -101.47 14.62
CA ILE L 358 -23.77 -101.39 14.67
C ILE L 358 -23.22 -100.66 13.44
N GLY L 359 -21.91 -100.47 13.41
CA GLY L 359 -21.28 -99.77 12.30
C GLY L 359 -21.62 -100.32 10.93
N VAL L 360 -22.03 -99.44 10.03
CA VAL L 360 -22.38 -99.82 8.67
C VAL L 360 -21.25 -100.56 7.97
N LEU L 361 -20.01 -100.25 8.36
CA LEU L 361 -18.85 -100.89 7.77
C LEU L 361 -18.24 -101.94 8.70
N ASP L 362 -19.01 -102.97 9.01
CA ASP L 362 -18.56 -104.05 9.88
C ASP L 362 -18.86 -105.40 9.25
N MET M 1 -15.46 31.00 9.67
CA MET M 1 -14.96 32.35 9.26
C MET M 1 -15.70 33.47 9.98
N SER M 2 -14.96 34.24 10.77
CA SER M 2 -15.53 35.36 11.51
C SER M 2 -14.87 36.66 11.07
N ALA M 3 -14.68 37.57 12.01
CA ALA M 3 -14.05 38.85 11.73
C ALA M 3 -12.96 39.16 12.75
N SER M 4 -12.72 38.20 13.65
CA SER M 4 -11.72 38.36 14.69
C SER M 4 -11.98 39.61 15.53
N ALA M 5 -12.66 39.41 16.66
CA ALA M 5 -12.98 40.52 17.56
C ALA M 5 -11.73 41.28 17.97
N GLN M 6 -10.58 40.62 17.86
CA GLN M 6 -9.31 41.23 18.23
C GLN M 6 -8.93 42.35 17.27
N GLN M 7 -9.52 42.35 16.07
CA GLN M 7 -9.24 43.36 15.07
C GLN M 7 -10.18 44.54 15.22
N LEU M 8 -11.37 44.28 15.77
CA LEU M 8 -12.37 45.32 15.97
C LEU M 8 -12.24 45.92 17.37
N ALA M 9 -11.70 45.14 18.31
CA ALA M 9 -11.52 45.59 19.68
C ALA M 9 -10.51 46.74 19.74
N GLU M 10 -9.53 46.72 18.85
CA GLU M 10 -8.51 47.75 18.81
C GLU M 10 -9.13 49.14 18.68
N GLU M 11 -10.12 49.27 17.81
CA GLU M 11 -10.80 50.53 17.59
C GLU M 11 -11.59 50.95 18.83
N LEU M 12 -11.87 49.99 19.70
CA LEU M 12 -12.63 50.24 20.91
C LEU M 12 -11.73 50.69 22.06
N GLN M 13 -10.43 50.49 21.89
CA GLN M 13 -9.46 50.88 22.92
C GLN M 13 -8.90 52.26 22.62
N ILE M 14 -9.21 52.76 21.43
CA ILE M 14 -8.73 54.07 20.98
C ILE M 14 -9.63 55.20 21.49
N PHE M 15 -10.94 55.03 21.32
CA PHE M 15 -11.90 56.03 21.75
C PHE M 15 -12.40 55.76 23.16
N GLY M 16 -11.86 54.72 23.79
CA GLY M 16 -12.28 54.38 25.13
C GLY M 16 -13.68 53.80 25.12
N LEU M 17 -13.93 52.88 24.19
CA LEU M 17 -15.24 52.25 24.07
C LEU M 17 -15.22 50.93 24.83
N ASP M 18 -15.53 51.00 26.12
CA ASP M 18 -15.55 49.82 26.98
C ASP M 18 -16.56 48.77 26.52
N CYS M 19 -16.07 47.59 26.18
CA CYS M 19 -16.90 46.49 25.73
C CYS M 19 -16.27 45.16 26.10
N GLU M 20 -16.99 44.36 26.87
CA GLU M 20 -16.49 43.06 27.31
C GLU M 20 -16.42 42.10 26.12
N GLU M 21 -15.96 40.88 26.37
CA GLU M 21 -15.84 39.87 25.32
C GLU M 21 -17.16 39.63 24.60
N ALA M 22 -18.25 39.68 25.37
CA ALA M 22 -19.58 39.45 24.81
C ALA M 22 -20.03 40.61 23.91
N LEU M 23 -19.60 41.81 24.25
CA LEU M 23 -19.97 43.01 23.48
C LEU M 23 -19.18 43.14 22.17
N ILE M 24 -17.88 42.85 22.24
CA ILE M 24 -17.03 42.94 21.07
C ILE M 24 -17.40 41.89 20.03
N GLU M 25 -17.80 40.71 20.50
CA GLU M 25 -18.20 39.62 19.61
C GLU M 25 -19.56 39.92 18.99
N LYS M 26 -20.26 40.89 19.57
CA LYS M 26 -21.58 41.28 19.09
C LYS M 26 -21.42 42.07 17.79
N LEU M 27 -20.30 42.78 17.67
CA LEU M 27 -20.02 43.57 16.48
C LEU M 27 -19.43 42.67 15.39
N VAL M 28 -18.87 41.55 15.79
CA VAL M 28 -18.27 40.60 14.86
C VAL M 28 -19.36 40.07 13.93
N GLU M 29 -20.59 40.01 14.43
CA GLU M 29 -21.71 39.54 13.66
C GLU M 29 -22.08 40.56 12.60
N LEU M 30 -21.90 41.85 12.93
CA LEU M 30 -22.20 42.93 12.02
C LEU M 30 -21.23 42.93 10.84
N CYS M 31 -20.08 42.31 11.03
CA CYS M 31 -19.07 42.23 9.98
C CYS M 31 -19.34 41.03 9.07
N VAL M 32 -20.24 40.16 9.50
CA VAL M 32 -20.58 38.97 8.74
C VAL M 32 -21.98 39.07 8.14
N GLN M 33 -22.83 39.88 8.78
CA GLN M 33 -24.20 40.07 8.30
C GLN M 33 -24.30 41.07 7.17
N TYR M 34 -23.36 42.01 7.11
CA TYR M 34 -23.36 43.01 6.06
C TYR M 34 -22.03 43.03 5.30
N GLY M 35 -20.98 42.54 5.95
CA GLY M 35 -19.67 42.49 5.31
C GLY M 35 -18.82 43.70 5.66
N GLN M 36 -19.31 44.54 6.57
CA GLN M 36 -18.60 45.73 6.99
C GLN M 36 -17.32 45.37 7.77
N ASN M 37 -16.18 45.77 7.22
CA ASN M 37 -14.89 45.50 7.86
C ASN M 37 -14.82 46.17 9.23
N GLU M 38 -13.89 45.69 10.06
CA GLU M 38 -13.71 46.23 11.41
C GLU M 38 -13.49 47.73 11.43
N GLU M 39 -12.95 48.27 10.35
CA GLU M 39 -12.66 49.69 10.25
C GLU M 39 -13.89 50.54 9.87
N GLY M 40 -14.76 49.97 9.05
CA GLY M 40 -15.95 50.68 8.64
C GLY M 40 -17.10 50.52 9.62
N MET M 41 -17.08 49.43 10.37
CA MET M 41 -18.12 49.14 11.35
C MET M 41 -18.03 50.11 12.53
N VAL M 42 -16.84 50.21 13.12
CA VAL M 42 -16.61 51.10 14.25
C VAL M 42 -16.88 52.55 13.84
N GLY M 43 -16.61 52.85 12.57
CA GLY M 43 -16.82 54.20 12.07
C GLY M 43 -18.30 54.57 11.99
N GLU M 44 -19.12 53.61 11.57
CA GLU M 44 -20.55 53.83 11.44
C GLU M 44 -21.28 53.66 12.78
N LEU M 45 -20.73 52.83 13.64
CA LEU M 45 -21.32 52.56 14.95
C LEU M 45 -21.36 53.79 15.86
N ILE M 46 -20.24 54.49 15.96
CA ILE M 46 -20.17 55.67 16.83
C ILE M 46 -20.99 56.83 16.30
N ALA M 47 -21.40 56.76 15.04
CA ALA M 47 -22.22 57.81 14.44
C ALA M 47 -23.66 57.60 14.87
N PHE M 48 -23.92 56.43 15.45
CA PHE M 48 -25.24 56.05 15.92
C PHE M 48 -25.36 56.47 17.39
N CYS M 49 -24.21 56.71 18.02
CA CYS M 49 -24.17 57.11 19.41
C CYS M 49 -24.21 58.64 19.52
N THR M 50 -24.44 59.29 18.38
CA THR M 50 -24.51 60.75 18.34
C THR M 50 -25.91 61.19 17.91
N SER M 51 -26.52 60.40 17.03
CA SER M 51 -27.86 60.70 16.54
C SER M 51 -28.87 60.45 17.65
N THR M 52 -28.49 59.62 18.60
CA THR M 52 -29.37 59.29 19.72
C THR M 52 -28.77 59.79 21.03
N HIS M 53 -27.59 60.39 20.95
CA HIS M 53 -26.91 60.90 22.12
C HIS M 53 -26.76 59.81 23.17
N LYS M 54 -25.71 59.00 23.02
CA LYS M 54 -25.44 57.91 23.95
C LYS M 54 -23.96 57.62 24.04
N VAL M 55 -23.30 58.22 25.02
CA VAL M 55 -21.87 58.01 25.21
C VAL M 55 -21.69 56.85 26.18
N GLY M 56 -22.23 55.71 25.79
CA GLY M 56 -22.15 54.48 26.57
C GLY M 56 -22.44 53.34 25.61
N LEU M 57 -21.98 52.14 25.93
CA LEU M 57 -22.21 51.00 25.04
C LEU M 57 -22.66 49.73 25.76
N THR M 58 -23.89 49.32 25.48
CA THR M 58 -24.47 48.12 26.06
C THR M 58 -24.84 47.15 24.94
N SER M 59 -25.77 46.25 25.22
CA SER M 59 -26.20 45.28 24.22
C SER M 59 -27.47 45.77 23.53
N GLU M 60 -27.98 46.91 24.00
CA GLU M 60 -29.19 47.50 23.43
C GLU M 60 -28.83 48.52 22.35
N ILE M 61 -27.93 49.44 22.69
CA ILE M 61 -27.49 50.47 21.76
C ILE M 61 -26.80 49.85 20.55
N LEU M 62 -26.09 48.75 20.78
CA LEU M 62 -25.40 48.06 19.70
C LEU M 62 -26.36 47.20 18.90
N ASN M 63 -27.53 46.93 19.48
CA ASN M 63 -28.55 46.12 18.82
C ASN M 63 -29.45 47.01 17.95
N SER M 64 -29.76 48.19 18.45
CA SER M 64 -30.62 49.13 17.73
C SER M 64 -29.92 49.66 16.49
N PHE M 65 -28.65 49.32 16.32
CA PHE M 65 -27.88 49.76 15.17
C PHE M 65 -28.27 49.01 13.91
N GLU M 66 -28.69 47.76 14.09
CA GLU M 66 -29.10 46.93 12.96
C GLU M 66 -30.59 47.12 12.68
N HIS M 67 -31.21 48.03 13.40
CA HIS M 67 -32.64 48.29 13.24
C HIS M 67 -32.91 49.76 12.91
N GLU M 68 -31.84 50.55 12.83
CA GLU M 68 -31.97 51.98 12.54
C GLU M 68 -31.17 52.42 11.32
N PHE M 69 -29.86 52.20 11.36
CA PHE M 69 -29.01 52.62 10.24
C PHE M 69 -28.83 51.53 9.19
N LEU M 70 -28.34 50.36 9.60
CA LEU M 70 -28.12 49.25 8.68
C LEU M 70 -29.39 48.55 8.21
N SER M 71 -30.47 48.71 8.96
CA SER M 71 -31.73 48.06 8.61
C SER M 71 -32.38 48.66 7.36
N LYS M 72 -32.16 49.96 7.15
CA LYS M 72 -32.73 50.65 6.00
C LYS M 72 -31.83 50.63 4.77
N ARG M 73 -30.75 49.85 4.83
CA ARG M 73 -29.83 49.78 3.71
C ARG M 73 -29.08 48.45 3.61
N LEU M 74 -29.77 47.35 3.88
CA LEU M 74 -29.17 46.03 3.80
C LEU M 74 -28.79 45.77 2.35
N SER M 75 -27.52 45.43 2.11
CA SER M 75 -27.05 45.16 0.76
C SER M 75 -26.98 43.67 0.45
N LYS M 76 -27.37 42.84 1.43
CA LYS M 76 -27.36 41.40 1.25
C LYS M 76 -28.76 40.81 1.43
N ALA M 77 -29.77 41.62 1.16
CA ALA M 77 -31.15 41.17 1.31
C ALA M 77 -32.10 42.03 0.47
N ARG M 78 -31.80 42.17 -0.81
CA ARG M 78 -32.62 42.96 -1.72
C ARG M 78 -33.34 42.07 -2.73
N MET N 1 12.97 2.20 24.69
CA MET N 1 13.09 3.68 24.69
C MET N 1 13.35 4.24 26.09
N SER N 2 14.52 4.86 26.27
CA SER N 2 14.89 5.44 27.55
C SER N 2 15.10 6.95 27.38
N ALA N 3 16.06 7.50 28.11
CA ALA N 3 16.36 8.92 28.04
C ALA N 3 17.85 9.14 27.87
N SER N 4 18.60 8.05 27.73
CA SER N 4 20.04 8.11 27.56
C SER N 4 20.70 8.86 28.71
N ALA N 5 21.17 8.11 29.70
CA ALA N 5 21.82 8.70 30.87
C ALA N 5 22.98 9.59 30.46
N GLN N 6 23.51 9.36 29.27
CA GLN N 6 24.63 10.15 28.76
C GLN N 6 24.23 11.59 28.47
N GLN N 7 22.93 11.82 28.31
CA GLN N 7 22.42 13.15 28.03
C GLN N 7 22.11 13.89 29.34
N LEU N 8 21.81 13.14 30.38
CA LEU N 8 21.50 13.71 31.69
C LEU N 8 22.76 13.81 32.54
N ALA N 9 23.72 12.94 32.28
CA ALA N 9 24.97 12.92 33.03
C ALA N 9 25.77 14.20 32.80
N GLU N 10 25.64 14.77 31.60
CA GLU N 10 26.34 16.00 31.25
C GLU N 10 26.03 17.10 32.25
N GLU N 11 24.75 17.24 32.61
CA GLU N 11 24.32 18.26 33.55
C GLU N 11 24.88 17.99 34.95
N LEU N 12 25.30 16.74 35.18
CA LEU N 12 25.84 16.34 36.47
C LEU N 12 27.34 16.60 36.56
N GLN N 13 27.97 16.85 35.42
CA GLN N 13 29.40 17.12 35.38
C GLN N 13 29.66 18.62 35.40
N ILE N 14 28.58 19.39 35.23
CA ILE N 14 28.67 20.84 35.22
C ILE N 14 28.67 21.42 36.64
N PHE N 15 27.74 20.97 37.46
CA PHE N 15 27.62 21.44 38.84
C PHE N 15 28.41 20.57 39.80
N GLY N 16 29.11 19.58 39.26
CA GLY N 16 29.88 18.69 40.10
C GLY N 16 28.98 17.78 40.90
N LEU N 17 27.98 17.22 40.24
CA LEU N 17 27.04 16.32 40.88
C LEU N 17 27.49 14.88 40.68
N ASP N 18 28.34 14.41 41.59
CA ASP N 18 28.87 13.05 41.52
C ASP N 18 27.78 11.99 41.60
N CYS N 19 27.67 11.19 40.54
CA CYS N 19 26.68 10.12 40.48
C CYS N 19 27.20 8.98 39.62
N GLU N 20 27.29 7.78 40.21
CA GLU N 20 27.77 6.61 39.49
C GLU N 20 26.76 6.18 38.43
N GLU N 21 27.10 5.14 37.68
CA GLU N 21 26.22 4.64 36.63
C GLU N 21 24.84 4.30 37.16
N ALA N 22 24.79 3.76 38.37
CA ALA N 22 23.53 3.38 39.00
C ALA N 22 22.69 4.59 39.38
N LEU N 23 23.35 5.69 39.74
CA LEU N 23 22.66 6.90 40.15
C LEU N 23 22.11 7.70 38.97
N ILE N 24 22.90 7.78 37.90
CA ILE N 24 22.48 8.51 36.70
C ILE N 24 21.31 7.82 36.02
N GLU N 25 21.31 6.49 36.05
CA GLU N 25 20.24 5.70 35.43
C GLU N 25 18.97 5.80 36.27
N LYS N 26 19.13 6.28 37.51
CA LYS N 26 18.01 6.42 38.42
C LYS N 26 17.15 7.61 38.00
N LEU N 27 17.82 8.61 37.40
CA LEU N 27 17.13 9.80 36.93
C LEU N 27 16.51 9.55 35.56
N VAL N 28 17.05 8.56 34.85
CA VAL N 28 16.54 8.21 33.53
C VAL N 28 15.09 7.75 33.65
N GLU N 29 14.75 7.18 34.80
CA GLU N 29 13.40 6.70 35.06
C GLU N 29 12.47 7.88 35.24
N LEU N 30 13.00 8.95 35.84
CA LEU N 30 12.21 10.17 36.07
C LEU N 30 11.85 10.84 34.75
N CYS N 31 12.62 10.54 33.71
CA CYS N 31 12.37 11.12 32.39
C CYS N 31 11.35 10.28 31.62
N VAL N 32 11.06 9.10 32.14
CA VAL N 32 10.10 8.19 31.50
C VAL N 32 8.81 8.10 32.30
N GLN N 33 8.90 8.37 33.60
CA GLN N 33 7.73 8.30 34.48
C GLN N 33 6.89 9.57 34.41
N TYR N 34 7.52 10.70 34.09
CA TYR N 34 6.80 11.96 34.00
C TYR N 34 6.99 12.61 32.63
N GLY N 35 8.07 12.24 31.94
CA GLY N 35 8.34 12.80 30.63
C GLY N 35 9.27 14.00 30.68
N GLN N 36 9.79 14.29 31.87
CA GLN N 36 10.70 15.42 32.05
C GLN N 36 12.03 15.19 31.34
N ASN N 37 12.33 16.06 30.37
CA ASN N 37 13.56 15.96 29.60
C ASN N 37 14.78 16.11 30.52
N GLU N 38 15.93 15.66 30.03
CA GLU N 38 17.18 15.72 30.80
C GLU N 38 17.50 17.12 31.29
N GLU N 39 17.03 18.13 30.57
CA GLU N 39 17.30 19.52 30.93
C GLU N 39 16.36 20.05 32.01
N GLY N 40 15.12 19.58 32.02
CA GLY N 40 14.17 20.03 33.01
C GLY N 40 14.24 19.22 34.30
N MET N 41 14.73 17.99 34.19
CA MET N 41 14.85 17.11 35.34
C MET N 41 15.95 17.58 36.28
N VAL N 42 17.14 17.81 35.72
CA VAL N 42 18.27 18.28 36.50
C VAL N 42 17.97 19.65 37.11
N GLY N 43 17.16 20.42 36.41
CA GLY N 43 16.79 21.75 36.91
C GLY N 43 15.89 21.69 38.12
N GLU N 44 14.96 20.74 38.11
CA GLU N 44 14.02 20.58 39.23
C GLU N 44 14.61 19.76 40.37
N LEU N 45 15.55 18.88 40.03
CA LEU N 45 16.19 18.01 41.02
C LEU N 45 17.05 18.79 42.03
N ILE N 46 17.88 19.70 41.54
CA ILE N 46 18.74 20.47 42.42
C ILE N 46 17.97 21.47 43.28
N ALA N 47 16.72 21.72 42.92
CA ALA N 47 15.88 22.64 43.70
C ALA N 47 15.34 21.89 44.90
N PHE N 48 15.50 20.57 44.88
CA PHE N 48 15.05 19.70 45.95
C PHE N 48 16.19 19.53 46.95
N CYS N 49 17.40 19.85 46.51
CA CYS N 49 18.59 19.74 47.35
C CYS N 49 18.82 21.06 48.09
N THR N 50 17.86 21.97 47.98
CA THR N 50 17.95 23.27 48.63
C THR N 50 16.83 23.41 49.66
N SER N 51 15.67 22.85 49.33
CA SER N 51 14.52 22.91 50.22
C SER N 51 14.76 22.03 51.44
N THR N 52 15.65 21.05 51.28
CA THR N 52 15.98 20.13 52.36
C THR N 52 17.43 20.30 52.78
N HIS N 53 18.15 21.19 52.09
CA HIS N 53 19.55 21.44 52.38
C HIS N 53 20.33 20.13 52.33
N LYS N 54 20.74 19.76 51.12
CA LYS N 54 21.52 18.54 50.91
C LYS N 54 22.44 18.68 49.70
N VAL N 55 23.69 19.06 49.95
CA VAL N 55 24.66 19.21 48.88
C VAL N 55 25.40 17.89 48.73
N GLY N 56 24.63 16.85 48.43
CA GLY N 56 25.16 15.51 48.25
C GLY N 56 24.08 14.73 47.51
N LEU N 57 24.48 13.68 46.81
CA LEU N 57 23.50 12.89 46.06
C LEU N 57 23.65 11.38 46.21
N THR N 58 22.64 10.76 46.81
CA THR N 58 22.62 9.32 47.02
C THR N 58 21.40 8.74 46.33
N SER N 59 20.97 7.56 46.78
CA SER N 59 19.80 6.91 46.19
C SER N 59 18.56 7.23 47.01
N GLU N 60 18.76 7.96 48.11
CA GLU N 60 17.66 8.34 48.99
C GLU N 60 17.14 9.72 48.63
N ILE N 61 18.05 10.68 48.52
CA ILE N 61 17.68 12.05 48.18
C ILE N 61 17.08 12.11 46.78
N LEU N 62 17.54 11.24 45.89
CA LEU N 62 17.03 11.19 44.53
C LEU N 62 15.71 10.42 44.48
N ASN N 63 15.43 9.67 45.54
CA ASN N 63 14.21 8.88 45.63
C ASN N 63 13.09 9.71 46.24
N SER N 64 13.43 10.51 47.24
CA SER N 64 12.46 11.35 47.92
C SER N 64 11.96 12.46 47.00
N PHE N 65 12.54 12.57 45.82
CA PHE N 65 12.14 13.59 44.85
C PHE N 65 10.81 13.23 44.19
N GLU N 66 10.56 11.94 44.05
CA GLU N 66 9.32 11.47 43.44
C GLU N 66 8.24 11.31 44.50
N HIS N 67 8.54 11.69 45.72
CA HIS N 67 7.59 11.59 46.82
C HIS N 67 7.35 12.94 47.49
N GLU N 68 8.02 13.97 47.00
CA GLU N 68 7.86 15.32 47.55
C GLU N 68 7.44 16.36 46.53
N PHE N 69 8.21 16.52 45.47
CA PHE N 69 7.89 17.51 44.45
C PHE N 69 7.02 16.96 43.33
N LEU N 70 7.50 15.91 42.67
CA LEU N 70 6.78 15.29 41.57
C LEU N 70 5.57 14.47 41.98
N SER N 71 5.53 14.04 43.24
CA SER N 71 4.42 13.23 43.74
C SER N 71 3.12 14.01 43.85
N LYS N 72 3.24 15.30 44.14
CA LYS N 72 2.06 16.15 44.29
C LYS N 72 1.63 16.83 42.99
N ARG N 73 2.22 16.41 41.87
CA ARG N 73 1.87 17.00 40.58
C ARG N 73 2.08 16.06 39.40
N LEU N 74 1.75 14.78 39.59
CA LEU N 74 1.90 13.80 38.52
C LEU N 74 0.94 14.16 37.40
N SER N 75 1.47 14.30 36.19
CA SER N 75 0.64 14.66 35.03
C SER N 75 0.26 13.45 34.19
N LYS N 76 0.70 12.28 34.62
CA LYS N 76 0.41 11.04 33.90
C LYS N 76 -0.34 10.05 34.79
N ALA N 77 -1.07 10.58 35.76
CA ALA N 77 -1.84 9.74 36.68
C ALA N 77 -2.96 10.54 37.34
N ARG N 78 -3.79 11.18 36.53
CA ARG N 78 -4.90 11.97 37.04
C ARG N 78 -6.24 11.32 36.69
N MET O 1 13.64 34.41 -59.98
CA MET O 1 14.97 34.68 -59.36
C MET O 1 15.94 35.32 -60.35
N SER O 2 16.35 36.55 -60.04
CA SER O 2 17.29 37.28 -60.89
C SER O 2 18.57 37.59 -60.10
N ALA O 3 19.15 38.75 -60.35
CA ALA O 3 20.37 39.16 -59.67
C ALA O 3 20.24 40.58 -59.14
N SER O 4 19.05 41.16 -59.32
CA SER O 4 18.78 42.51 -58.87
C SER O 4 19.77 43.51 -59.48
N ALA O 5 19.36 44.14 -60.58
CA ALA O 5 20.20 45.10 -61.28
C ALA O 5 20.65 46.21 -60.33
N GLN O 6 19.90 46.40 -59.25
CA GLN O 6 20.22 47.43 -58.27
C GLN O 6 21.50 47.11 -57.51
N GLN O 7 21.89 45.84 -57.51
CA GLN O 7 23.11 45.42 -56.83
C GLN O 7 24.32 45.51 -57.76
N LEU O 8 24.06 45.42 -59.06
CA LEU O 8 25.12 45.47 -60.05
C LEU O 8 25.30 46.91 -60.55
N ALA O 9 24.22 47.69 -60.47
CA ALA O 9 24.25 49.08 -60.92
C ALA O 9 25.19 49.92 -60.05
N GLU O 10 25.29 49.55 -58.77
CA GLU O 10 26.16 50.26 -57.84
C GLU O 10 27.59 50.32 -58.36
N GLU O 11 28.07 49.19 -58.85
CA GLU O 11 29.43 49.10 -59.38
C GLU O 11 29.60 49.95 -60.63
N LEU O 12 28.47 50.29 -61.26
CA LEU O 12 28.48 51.09 -62.48
C LEU O 12 28.47 52.59 -62.18
N GLN O 13 28.16 52.94 -60.93
CA GLN O 13 28.12 54.34 -60.52
C GLN O 13 29.45 54.73 -59.89
N ILE O 14 30.28 53.74 -59.65
CA ILE O 14 31.59 53.96 -59.04
C ILE O 14 32.63 54.37 -60.08
N PHE O 15 32.70 53.61 -61.17
CA PHE O 15 33.66 53.89 -62.23
C PHE O 15 33.08 54.80 -63.29
N GLY O 16 31.85 55.24 -63.08
CA GLY O 16 31.21 56.11 -64.04
C GLY O 16 30.84 55.35 -65.30
N LEU O 17 30.27 54.17 -65.10
CA LEU O 17 29.85 53.31 -66.22
C LEU O 17 28.38 53.58 -66.52
N ASP O 18 28.13 54.56 -67.38
CA ASP O 18 26.78 54.93 -67.75
C ASP O 18 26.04 53.79 -68.46
N CYS O 19 24.94 53.35 -67.85
CA CYS O 19 24.13 52.28 -68.41
C CYS O 19 22.68 52.46 -67.99
N GLU O 20 21.79 52.57 -68.98
CA GLU O 20 20.36 52.75 -68.72
C GLU O 20 19.77 51.47 -68.12
N GLU O 21 18.48 51.51 -67.82
CA GLU O 21 17.80 50.35 -67.23
C GLU O 21 17.94 49.11 -68.12
N ALA O 22 17.92 49.31 -69.43
CA ALA O 22 18.04 48.21 -70.38
C ALA O 22 19.43 47.61 -70.40
N LEU O 23 20.44 48.45 -70.15
CA LEU O 23 21.83 48.01 -70.15
C LEU O 23 22.21 47.26 -68.87
N ILE O 24 21.75 47.76 -67.73
CA ILE O 24 22.05 47.14 -66.46
C ILE O 24 21.39 45.77 -66.33
N GLU O 25 20.19 45.66 -66.90
CA GLU O 25 19.46 44.40 -66.86
C GLU O 25 20.08 43.39 -67.81
N LYS O 26 20.94 43.89 -68.70
CA LYS O 26 21.61 43.04 -69.67
C LYS O 26 22.70 42.23 -68.97
N LEU O 27 23.27 42.82 -67.91
CA LEU O 27 24.31 42.16 -67.13
C LEU O 27 23.69 41.20 -66.13
N VAL O 28 22.42 41.45 -65.78
CA VAL O 28 21.72 40.61 -64.84
C VAL O 28 21.60 39.20 -65.39
N GLU O 29 21.57 39.10 -66.73
CA GLU O 29 21.48 37.81 -67.41
C GLU O 29 22.80 37.06 -67.27
N LEU O 30 23.90 37.82 -67.27
CA LEU O 30 25.23 37.25 -67.13
C LEU O 30 25.43 36.63 -65.75
N CYS O 31 24.64 37.10 -64.80
CA CYS O 31 24.72 36.59 -63.43
C CYS O 31 23.86 35.34 -63.26
N VAL O 32 23.02 35.07 -64.26
CA VAL O 32 22.15 33.90 -64.22
C VAL O 32 22.60 32.84 -65.22
N GLN O 33 23.30 33.27 -66.27
CA GLN O 33 23.78 32.36 -67.30
C GLN O 33 25.07 31.65 -66.88
N TYR O 34 25.86 32.28 -66.02
CA TYR O 34 27.11 31.70 -65.56
C TYR O 34 27.16 31.61 -64.04
N GLY O 35 26.37 32.45 -63.38
CA GLY O 35 26.35 32.44 -61.93
C GLY O 35 27.29 33.47 -61.32
N GLN O 36 27.89 34.29 -62.17
CA GLN O 36 28.82 35.32 -61.71
C GLN O 36 28.10 36.41 -60.91
N ASN O 37 28.48 36.54 -59.64
CA ASN O 37 27.87 37.55 -58.77
C ASN O 37 28.13 38.95 -59.30
N GLU O 38 27.32 39.90 -58.82
CA GLU O 38 27.43 41.29 -59.25
C GLU O 38 28.83 41.87 -59.07
N GLU O 39 29.56 41.33 -58.11
CA GLU O 39 30.92 41.80 -57.83
C GLU O 39 31.98 41.22 -58.77
N GLY O 40 31.78 39.98 -59.19
CA GLY O 40 32.73 39.35 -60.08
C GLY O 40 32.46 39.66 -61.54
N MET O 41 31.21 39.98 -61.85
CA MET O 41 30.80 40.29 -63.22
C MET O 41 31.38 41.64 -63.65
N VAL O 42 31.16 42.66 -62.84
CA VAL O 42 31.67 44.00 -63.14
C VAL O 42 33.19 43.98 -63.20
N GLY O 43 33.79 43.11 -62.41
CA GLY O 43 35.24 43.00 -62.39
C GLY O 43 35.80 42.43 -63.67
N GLU O 44 35.11 41.43 -64.23
CA GLU O 44 35.55 40.78 -65.45
C GLU O 44 35.12 41.56 -66.70
N LEU O 45 34.02 42.29 -66.58
CA LEU O 45 33.47 43.07 -67.69
C LEU O 45 34.39 44.20 -68.13
N ILE O 46 34.89 44.98 -67.17
CA ILE O 46 35.75 46.11 -67.48
C ILE O 46 37.12 45.68 -67.99
N ALA O 47 37.45 44.40 -67.82
CA ALA O 47 38.73 43.88 -68.29
C ALA O 47 38.59 43.57 -69.78
N PHE O 48 37.35 43.59 -70.25
CA PHE O 48 37.03 43.33 -71.65
C PHE O 48 37.04 44.65 -72.41
N CYS O 49 36.94 45.75 -71.66
CA CYS O 49 36.93 47.09 -72.23
C CYS O 49 38.36 47.62 -72.33
N THR O 50 39.33 46.76 -72.04
CA THR O 50 40.73 47.14 -72.08
C THR O 50 41.45 46.32 -73.16
N SER O 51 41.04 45.07 -73.31
CA SER O 51 41.63 44.17 -74.29
C SER O 51 41.22 44.62 -75.69
N THR O 52 40.11 45.34 -75.78
CA THR O 52 39.61 45.83 -77.06
C THR O 52 39.64 47.36 -77.10
N HIS O 53 40.07 47.96 -75.99
CA HIS O 53 40.14 49.41 -75.89
C HIS O 53 38.79 50.02 -76.20
N LYS O 54 37.93 50.09 -75.20
CA LYS O 54 36.60 50.66 -75.35
C LYS O 54 36.10 51.28 -74.05
N VAL O 55 36.32 52.57 -73.88
CA VAL O 55 35.88 53.27 -72.68
C VAL O 55 34.48 53.82 -72.93
N GLY O 56 33.57 52.90 -73.24
CA GLY O 56 32.19 53.23 -73.51
C GLY O 56 31.40 51.95 -73.36
N LEU O 57 30.10 52.04 -73.08
CA LEU O 57 29.30 50.84 -72.90
C LEU O 57 27.95 50.89 -73.61
N THR O 58 27.80 49.99 -74.59
CA THR O 58 26.56 49.89 -75.36
C THR O 58 25.99 48.49 -75.20
N SER O 59 25.18 48.06 -76.15
CA SER O 59 24.59 46.72 -76.10
C SER O 59 25.41 45.76 -76.95
N GLU O 60 26.44 46.28 -77.60
CA GLU O 60 27.31 45.48 -78.44
C GLU O 60 28.54 45.02 -77.66
N ILE O 61 29.21 45.96 -77.01
CA ILE O 61 30.39 45.67 -76.22
C ILE O 61 30.05 44.75 -75.05
N LEU O 62 28.83 44.89 -74.53
CA LEU O 62 28.38 44.05 -73.42
C LEU O 62 27.92 42.70 -73.92
N ASN O 63 27.66 42.62 -75.23
CA ASN O 63 27.21 41.38 -75.86
C ASN O 63 28.40 40.53 -76.28
N SER O 64 29.43 41.19 -76.78
CA SER O 64 30.64 40.50 -77.24
C SER O 64 31.40 39.90 -76.06
N PHE O 65 30.95 40.18 -74.85
CA PHE O 65 31.60 39.66 -73.65
C PHE O 65 31.29 38.18 -73.46
N GLU O 66 30.09 37.77 -73.90
CA GLU O 66 29.67 36.38 -73.76
C GLU O 66 30.12 35.57 -74.98
N HIS O 67 30.86 36.22 -75.87
CA HIS O 67 31.34 35.56 -77.08
C HIS O 67 32.87 35.61 -77.18
N GLU O 68 33.51 36.23 -76.20
CA GLU O 68 34.96 36.36 -76.20
C GLU O 68 35.62 35.80 -74.94
N PHE O 69 35.24 36.31 -73.78
CA PHE O 69 35.82 35.85 -72.52
C PHE O 69 35.06 34.67 -71.90
N LEU O 70 33.78 34.87 -71.64
CA LEU O 70 32.94 33.85 -71.02
C LEU O 70 32.56 32.69 -71.97
N SER O 71 32.65 32.93 -73.27
CA SER O 71 32.30 31.91 -74.24
C SER O 71 33.29 30.76 -74.27
N LYS O 72 34.56 31.05 -73.99
CA LYS O 72 35.61 30.05 -74.01
C LYS O 72 35.82 29.38 -72.65
N ARG O 73 34.92 29.63 -71.71
CA ARG O 73 35.04 29.05 -70.38
C ARG O 73 33.71 28.86 -69.66
N LEU O 74 32.69 28.46 -70.40
CA LEU O 74 31.36 28.25 -69.81
C LEU O 74 31.46 27.08 -68.83
N SER O 75 31.04 27.31 -67.59
CA SER O 75 31.09 26.27 -66.56
C SER O 75 29.75 25.58 -66.37
N LYS O 76 28.76 25.99 -67.14
CA LYS O 76 27.42 25.41 -67.05
C LYS O 76 26.99 24.80 -68.37
N ALA O 77 27.96 24.39 -69.19
CA ALA O 77 27.68 23.80 -70.49
C ALA O 77 28.86 22.95 -70.97
N ARG O 78 29.30 22.02 -70.13
CA ARG O 78 30.42 21.15 -70.48
C ARG O 78 29.95 19.71 -70.68
N MET P 1 -39.09 -48.32 69.48
CA MET P 1 -39.05 -47.45 68.27
C MET P 1 -38.22 -46.19 68.50
N SER P 2 -37.14 -46.07 67.75
CA SER P 2 -36.25 -44.91 67.84
C SER P 2 -36.22 -44.18 66.51
N ALA P 3 -35.06 -43.63 66.17
CA ALA P 3 -34.89 -42.90 64.92
C ALA P 3 -33.65 -43.38 64.18
N SER P 4 -32.99 -44.39 64.74
CA SER P 4 -31.78 -44.95 64.16
C SER P 4 -30.71 -43.87 63.97
N ALA P 5 -29.81 -43.78 64.94
CA ALA P 5 -28.74 -42.80 64.91
C ALA P 5 -27.92 -42.92 63.62
N GLN P 6 -27.98 -44.09 63.00
CA GLN P 6 -27.25 -44.34 61.76
C GLN P 6 -27.81 -43.53 60.60
N GLN P 7 -29.06 -43.08 60.73
CA GLN P 7 -29.70 -42.29 59.70
C GLN P 7 -29.42 -40.80 59.90
N LEU P 8 -29.17 -40.42 61.15
CA LEU P 8 -28.90 -39.03 61.50
C LEU P 8 -27.40 -38.76 61.48
N ALA P 9 -26.61 -39.81 61.73
CA ALA P 9 -25.16 -39.70 61.74
C ALA P 9 -24.62 -39.33 60.36
N GLU P 10 -25.30 -39.79 59.33
CA GLU P 10 -24.88 -39.52 57.95
C GLU P 10 -24.76 -38.01 57.71
N GLU P 11 -25.75 -37.26 58.19
CA GLU P 11 -25.76 -35.81 58.03
C GLU P 11 -24.62 -35.17 58.82
N LEU P 12 -24.09 -35.90 59.78
CA LEU P 12 -23.01 -35.40 60.63
C LEU P 12 -21.63 -35.67 60.00
N GLN P 13 -21.60 -36.53 59.00
CA GLN P 13 -20.35 -36.88 58.32
C GLN P 13 -20.19 -36.02 57.07
N ILE P 14 -21.25 -35.31 56.71
CA ILE P 14 -21.25 -34.45 55.54
C ILE P 14 -20.64 -33.09 55.84
N PHE P 15 -21.09 -32.46 56.92
CA PHE P 15 -20.60 -31.15 57.31
C PHE P 15 -19.42 -31.26 58.26
N GLY P 16 -18.99 -32.49 58.54
CA GLY P 16 -17.88 -32.68 59.45
C GLY P 16 -18.28 -32.36 60.87
N LEU P 17 -19.45 -32.86 61.28
CA LEU P 17 -19.96 -32.65 62.63
C LEU P 17 -19.56 -33.83 63.51
N ASP P 18 -18.38 -33.74 64.10
CA ASP P 18 -17.87 -34.80 64.97
C ASP P 18 -18.76 -35.03 66.18
N CYS P 19 -19.29 -36.25 66.28
CA CYS P 19 -20.15 -36.63 67.40
C CYS P 19 -20.02 -38.12 67.67
N GLU P 20 -19.62 -38.46 68.89
CA GLU P 20 -19.45 -39.86 69.28
C GLU P 20 -20.81 -40.55 69.36
N GLU P 21 -20.80 -41.84 69.69
CA GLU P 21 -22.03 -42.60 69.80
C GLU P 21 -23.01 -41.98 70.78
N ALA P 22 -22.48 -41.42 71.86
CA ALA P 22 -23.30 -40.79 72.89
C ALA P 22 -23.94 -39.49 72.40
N LEU P 23 -23.23 -38.79 71.53
CA LEU P 23 -23.73 -37.52 70.99
C LEU P 23 -24.79 -37.70 69.91
N ILE P 24 -24.57 -38.68 69.03
CA ILE P 24 -25.52 -38.94 67.95
C ILE P 24 -26.83 -39.48 68.49
N GLU P 25 -26.76 -40.27 69.56
CA GLU P 25 -27.95 -40.84 70.18
C GLU P 25 -28.71 -39.77 70.95
N LYS P 26 -28.04 -38.64 71.18
CA LYS P 26 -28.63 -37.53 71.91
C LYS P 26 -29.64 -36.83 71.00
N LEU P 27 -29.37 -36.85 69.70
CA LEU P 27 -30.26 -36.23 68.72
C LEU P 27 -31.41 -37.16 68.38
N VAL P 28 -31.21 -38.45 68.62
CA VAL P 28 -32.23 -39.46 68.35
C VAL P 28 -33.44 -39.19 69.23
N GLU P 29 -33.20 -38.59 70.40
CA GLU P 29 -34.26 -38.26 71.33
C GLU P 29 -35.07 -37.09 70.79
N LEU P 30 -34.39 -36.19 70.09
CA LEU P 30 -35.04 -35.02 69.50
C LEU P 30 -35.99 -35.43 68.38
N CYS P 31 -35.76 -36.60 67.82
CA CYS P 31 -36.60 -37.12 66.74
C CYS P 31 -37.81 -37.85 67.31
N VAL P 32 -37.79 -38.11 68.61
CA VAL P 32 -38.88 -38.81 69.28
C VAL P 32 -39.67 -37.87 70.18
N GLN P 33 -39.02 -36.80 70.63
CA GLN P 33 -39.66 -35.83 71.50
C GLN P 33 -40.51 -34.82 70.74
N TYR P 34 -40.14 -34.57 69.48
CA TYR P 34 -40.89 -33.62 68.66
C TYR P 34 -41.36 -34.27 67.36
N GLY P 35 -40.69 -35.34 66.96
CA GLY P 35 -41.06 -36.03 65.73
C GLY P 35 -40.27 -35.56 64.53
N GLN P 36 -39.29 -34.70 64.76
CA GLN P 36 -38.45 -34.18 63.69
C GLN P 36 -37.57 -35.26 63.08
N ASN P 37 -37.79 -35.53 61.79
CA ASN P 37 -37.01 -36.54 61.08
C ASN P 37 -35.53 -36.19 61.07
N GLU P 38 -34.70 -37.19 60.81
CA GLU P 38 -33.25 -37.02 60.78
C GLU P 38 -32.80 -35.91 59.84
N GLU P 39 -33.60 -35.65 58.81
CA GLU P 39 -33.27 -34.62 57.83
C GLU P 39 -33.64 -33.20 58.26
N GLY P 40 -34.72 -33.09 59.04
CA GLY P 40 -35.15 -31.78 59.51
C GLY P 40 -34.47 -31.38 60.80
N MET P 41 -34.01 -32.38 61.56
CA MET P 41 -33.35 -32.13 62.83
C MET P 41 -31.97 -31.52 62.60
N VAL P 42 -31.17 -32.18 61.76
CA VAL P 42 -29.82 -31.70 61.46
C VAL P 42 -29.90 -30.32 60.80
N GLY P 43 -30.97 -30.07 60.07
CA GLY P 43 -31.14 -28.79 59.41
C GLY P 43 -31.39 -27.67 60.38
N GLU P 44 -32.19 -27.94 61.42
CA GLU P 44 -32.51 -26.95 62.42
C GLU P 44 -31.42 -26.82 63.49
N LEU P 45 -30.70 -27.91 63.71
CA LEU P 45 -29.64 -27.94 64.72
C LEU P 45 -28.47 -27.02 64.39
N ILE P 46 -28.00 -27.09 63.15
CA ILE P 46 -26.86 -26.26 62.74
C ILE P 46 -27.21 -24.77 62.65
N ALA P 47 -28.50 -24.46 62.66
CA ALA P 47 -28.95 -23.08 62.60
C ALA P 47 -28.85 -22.49 64.00
N PHE P 48 -28.65 -23.38 64.97
CA PHE P 48 -28.54 -23.00 66.38
C PHE P 48 -27.06 -22.75 66.68
N CYS P 49 -26.19 -23.27 65.82
CA CYS P 49 -24.75 -23.12 65.99
C CYS P 49 -24.27 -21.86 65.28
N THR P 50 -25.23 -21.07 64.80
CA THR P 50 -24.92 -19.83 64.10
C THR P 50 -25.46 -18.64 64.88
N SER P 51 -26.62 -18.83 65.51
CA SER P 51 -27.25 -17.78 66.29
C SER P 51 -26.44 -17.53 67.56
N THR P 52 -25.68 -18.54 67.97
CA THR P 52 -24.85 -18.43 69.17
C THR P 52 -23.38 -18.51 68.81
N HIS P 53 -23.09 -18.68 67.52
CA HIS P 53 -21.72 -18.79 67.05
C HIS P 53 -21.00 -19.89 67.79
N LYS P 54 -21.22 -21.13 67.36
CA LYS P 54 -20.60 -22.29 68.00
C LYS P 54 -20.15 -23.32 66.97
N VAL P 55 -18.91 -23.21 66.52
CA VAL P 55 -18.35 -24.15 65.57
C VAL P 55 -17.77 -25.36 66.28
N GLY P 56 -18.65 -26.12 66.94
CA GLY P 56 -18.24 -27.29 67.70
C GLY P 56 -19.49 -27.91 68.28
N LEU P 57 -19.43 -29.20 68.63
CA LEU P 57 -20.60 -29.86 69.18
C LEU P 57 -20.32 -30.73 70.40
N THR P 58 -20.94 -30.36 71.52
CA THR P 58 -20.79 -31.09 72.77
C THR P 58 -22.16 -31.54 73.24
N SER P 59 -22.30 -31.80 74.53
CA SER P 59 -23.57 -32.23 75.09
C SER P 59 -24.32 -31.04 75.67
N GLU P 60 -23.68 -29.88 75.62
CA GLU P 60 -24.28 -28.65 76.13
C GLU P 60 -24.99 -27.90 75.01
N ILE P 61 -24.27 -27.68 73.91
CA ILE P 61 -24.81 -26.97 72.76
C ILE P 61 -25.99 -27.73 72.17
N LEU P 62 -25.93 -29.06 72.23
CA LEU P 62 -27.00 -29.89 71.71
C LEU P 62 -28.16 -29.97 72.70
N ASN P 63 -27.89 -29.59 73.94
CA ASN P 63 -28.91 -29.61 74.98
C ASN P 63 -29.67 -28.29 75.01
N SER P 64 -28.95 -27.19 74.80
CA SER P 64 -29.55 -25.87 74.79
C SER P 64 -30.47 -25.68 73.60
N PHE P 65 -30.48 -26.66 72.70
CA PHE P 65 -31.32 -26.59 71.51
C PHE P 65 -32.78 -26.84 71.85
N GLU P 66 -33.02 -27.66 72.88
CA GLU P 66 -34.38 -27.98 73.31
C GLU P 66 -34.86 -26.96 74.33
N HIS P 67 -34.05 -25.94 74.58
CA HIS P 67 -34.40 -24.91 75.55
C HIS P 67 -34.39 -23.52 74.92
N GLU P 68 -34.06 -23.46 73.64
CA GLU P 68 -34.01 -22.18 72.92
C GLU P 68 -34.90 -22.12 71.69
N PHE P 69 -34.69 -23.05 70.75
CA PHE P 69 -35.48 -23.06 69.54
C PHE P 69 -36.74 -23.92 69.64
N LEU P 70 -36.56 -25.20 69.96
CA LEU P 70 -37.66 -26.14 70.08
C LEU P 70 -38.52 -25.95 71.34
N SER P 71 -37.97 -25.29 72.35
CA SER P 71 -38.69 -25.08 73.60
C SER P 71 -39.84 -24.09 73.45
N LYS P 72 -39.68 -23.12 72.54
CA LYS P 72 -40.70 -22.10 72.32
C LYS P 72 -41.70 -22.48 71.23
N ARG P 73 -41.65 -23.73 70.78
CA ARG P 73 -42.57 -24.19 69.74
C ARG P 73 -42.87 -25.67 69.79
N LEU P 74 -43.02 -26.21 70.99
CA LEU P 74 -43.31 -27.63 71.15
C LEU P 74 -44.70 -27.91 70.57
N SER P 75 -44.78 -28.87 69.65
CA SER P 75 -46.04 -29.20 69.01
C SER P 75 -46.71 -30.42 69.63
N LYS P 76 -46.07 -30.99 70.65
CA LYS P 76 -46.59 -32.16 71.33
C LYS P 76 -46.82 -31.89 72.81
N ALA P 77 -47.05 -30.62 73.15
CA ALA P 77 -47.28 -30.23 74.53
C ALA P 77 -48.02 -28.90 74.61
N ARG P 78 -49.16 -28.81 73.92
CA ARG P 78 -49.96 -27.60 73.92
C ARG P 78 -51.27 -27.80 74.66
N MET Q 1 -53.50 -102.01 23.86
CA MET Q 1 -52.20 -101.51 23.31
C MET Q 1 -51.39 -102.63 22.67
N SER Q 2 -51.15 -102.50 21.37
CA SER Q 2 -50.38 -103.49 20.63
C SER Q 2 -49.13 -102.82 20.03
N ALA Q 3 -48.74 -103.27 18.84
CA ALA Q 3 -47.57 -102.71 18.17
C ALA Q 3 -47.90 -102.36 16.72
N SER Q 4 -49.17 -102.54 16.35
CA SER Q 4 -49.63 -102.24 15.00
C SER Q 4 -48.83 -103.05 13.98
N ALA Q 5 -49.38 -104.19 13.57
CA ALA Q 5 -48.73 -105.05 12.59
C ALA Q 5 -48.41 -104.29 11.30
N GLN Q 6 -49.13 -103.19 11.09
CA GLN Q 6 -48.94 -102.37 9.90
C GLN Q 6 -47.59 -101.66 9.91
N GLN Q 7 -47.01 -101.52 11.10
CA GLN Q 7 -45.71 -100.87 11.25
C GLN Q 7 -44.58 -101.87 11.10
N LEU Q 8 -44.86 -103.12 11.42
CA LEU Q 8 -43.87 -104.19 11.33
C LEU Q 8 -43.94 -104.87 9.97
N ALA Q 9 -45.11 -104.84 9.35
CA ALA Q 9 -45.32 -105.45 8.05
C ALA Q 9 -44.49 -104.75 6.98
N GLU Q 10 -44.27 -103.45 7.14
CA GLU Q 10 -43.50 -102.67 6.20
C GLU Q 10 -42.11 -103.27 6.00
N GLU Q 11 -41.48 -103.67 7.10
CA GLU Q 11 -40.14 -104.25 7.05
C GLU Q 11 -40.17 -105.61 6.37
N LEU Q 12 -41.35 -106.21 6.29
CA LEU Q 12 -41.52 -107.52 5.67
C LEU Q 12 -41.74 -107.41 4.16
N GLN Q 13 -42.05 -106.20 3.70
CA GLN Q 13 -42.29 -105.96 2.28
C GLN Q 13 -41.01 -105.47 1.61
N ILE Q 14 -40.02 -105.15 2.43
CA ILE Q 14 -38.74 -104.65 1.94
C ILE Q 14 -37.81 -105.80 1.52
N PHE Q 15 -37.69 -106.79 2.40
CA PHE Q 15 -36.82 -107.93 2.13
C PHE Q 15 -37.58 -109.07 1.47
N GLY Q 16 -38.85 -108.83 1.18
CA GLY Q 16 -39.67 -109.85 0.56
C GLY Q 16 -39.95 -110.98 1.54
N LEU Q 17 -40.35 -110.61 2.75
CA LEU Q 17 -40.66 -111.58 3.78
C LEU Q 17 -42.17 -111.83 3.80
N ASP Q 18 -42.61 -112.79 2.98
CA ASP Q 18 -44.02 -113.14 2.88
C ASP Q 18 -44.59 -113.64 4.19
N CYS Q 19 -45.58 -112.91 4.71
CA CYS Q 19 -46.25 -113.26 5.95
C CYS Q 19 -47.69 -112.78 5.93
N GLU Q 20 -48.62 -113.72 6.08
CA GLU Q 20 -50.05 -113.40 6.09
C GLU Q 20 -50.41 -112.61 7.33
N GLU Q 21 -51.68 -112.22 7.45
CA GLU Q 21 -52.14 -111.47 8.60
C GLU Q 21 -51.86 -112.19 9.92
N ALA Q 22 -51.96 -113.51 9.90
CA ALA Q 22 -51.72 -114.32 11.09
C ALA Q 22 -50.25 -114.34 11.47
N LEU Q 23 -49.37 -114.28 10.48
CA LEU Q 23 -47.93 -114.31 10.71
C LEU Q 23 -47.39 -112.98 11.20
N ILE Q 24 -47.87 -111.88 10.62
CA ILE Q 24 -47.42 -110.55 11.01
C ILE Q 24 -47.86 -110.21 12.44
N GLU Q 25 -49.05 -110.68 12.80
CA GLU Q 25 -49.59 -110.43 14.14
C GLU Q 25 -48.85 -111.29 15.17
N LYS Q 26 -48.12 -112.29 14.67
CA LYS Q 26 -47.36 -113.19 15.53
C LYS Q 26 -46.13 -112.45 16.06
N LEU Q 27 -45.62 -111.52 15.27
CA LEU Q 27 -44.46 -110.73 15.66
C LEU Q 27 -44.89 -109.57 16.55
N VAL Q 28 -46.16 -109.19 16.45
CA VAL Q 28 -46.69 -108.10 17.25
C VAL Q 28 -46.61 -108.47 18.74
N GLU Q 29 -46.68 -109.77 19.01
CA GLU Q 29 -46.59 -110.27 20.38
C GLU Q 29 -45.17 -110.12 20.90
N LEU Q 30 -44.20 -110.28 19.99
CA LEU Q 30 -42.80 -110.16 20.34
C LEU Q 30 -42.45 -108.73 20.72
N CYS Q 31 -43.26 -107.78 20.25
CA CYS Q 31 -43.05 -106.37 20.55
C CYS Q 31 -43.69 -106.00 21.88
N VAL Q 32 -44.51 -106.89 22.41
CA VAL Q 32 -45.20 -106.66 23.67
C VAL Q 32 -44.64 -107.54 24.78
N GLN Q 33 -44.06 -108.67 24.40
CA GLN Q 33 -43.48 -109.61 25.36
C GLN Q 33 -42.09 -109.19 25.82
N TYR Q 34 -41.36 -108.47 24.96
CA TYR Q 34 -40.02 -108.02 25.29
C TYR Q 34 -39.90 -106.51 25.17
N GLY Q 35 -40.77 -105.90 24.37
CA GLY Q 35 -40.74 -104.46 24.18
C GLY Q 35 -39.95 -104.05 22.96
N GLN Q 36 -39.51 -105.03 22.18
CA GLN Q 36 -38.73 -104.76 20.97
C GLN Q 36 -39.58 -104.07 19.91
N ASN Q 37 -39.18 -102.85 19.55
CA ASN Q 37 -39.89 -102.08 18.54
C ASN Q 37 -39.88 -102.80 17.19
N GLU Q 38 -40.80 -102.41 16.32
CA GLU Q 38 -40.93 -103.02 15.00
C GLU Q 38 -39.62 -102.99 14.20
N GLU Q 39 -38.77 -102.02 14.49
CA GLU Q 39 -37.50 -101.88 13.79
C GLU Q 39 -36.39 -102.79 14.33
N GLY Q 40 -36.42 -103.05 15.63
CA GLY Q 40 -35.42 -103.91 16.23
C GLY Q 40 -35.79 -105.38 16.17
N MET Q 41 -37.10 -105.64 16.08
CA MET Q 41 -37.61 -107.01 16.02
C MET Q 41 -37.25 -107.65 14.68
N VAL Q 42 -37.59 -106.96 13.59
CA VAL Q 42 -37.31 -107.46 12.24
C VAL Q 42 -35.80 -107.62 12.05
N GLY Q 43 -35.05 -106.76 12.71
CA GLY Q 43 -33.59 -106.82 12.59
C GLY Q 43 -33.01 -108.05 13.25
N GLU Q 44 -33.55 -108.43 14.40
CA GLU Q 44 -33.08 -109.59 15.14
C GLU Q 44 -33.67 -110.89 14.60
N LEU Q 45 -34.88 -110.79 14.04
CA LEU Q 45 -35.58 -111.96 13.51
C LEU Q 45 -34.87 -112.59 12.31
N ILE Q 46 -34.45 -111.77 11.35
CA ILE Q 46 -33.78 -112.28 10.17
C ILE Q 46 -32.38 -112.83 10.46
N ALA Q 47 -31.86 -112.50 11.64
CA ALA Q 47 -30.54 -112.98 12.03
C ALA Q 47 -30.68 -114.40 12.55
N PHE Q 48 -31.94 -114.80 12.77
CA PHE Q 48 -32.26 -116.13 13.26
C PHE Q 48 -32.49 -117.04 12.06
N CYS Q 49 -32.73 -116.44 10.91
CA CYS Q 49 -32.96 -117.18 9.67
C CYS Q 49 -31.64 -117.42 8.95
N THR Q 50 -30.55 -117.09 9.62
CA THR Q 50 -29.21 -117.27 9.05
C THR Q 50 -28.42 -118.27 9.88
N SER Q 51 -28.65 -118.23 11.20
CA SER Q 51 -27.97 -119.14 12.12
C SER Q 51 -28.49 -120.56 11.93
N THR Q 52 -29.70 -120.66 11.39
CA THR Q 52 -30.33 -121.95 11.16
C THR Q 52 -30.52 -122.19 9.66
N HIS Q 53 -30.16 -121.20 8.86
CA HIS Q 53 -30.31 -121.29 7.41
C HIS Q 53 -31.74 -121.60 7.05
N LYS Q 54 -32.57 -120.57 6.98
CA LYS Q 54 -33.97 -120.72 6.63
C LYS Q 54 -34.50 -119.48 5.92
N VAL Q 55 -34.48 -119.50 4.59
CA VAL Q 55 -34.97 -118.38 3.80
C VAL Q 55 -36.44 -118.62 3.50
N GLY Q 56 -37.22 -118.72 4.58
CA GLY Q 56 -38.65 -118.94 4.51
C GLY Q 56 -39.21 -118.57 5.86
N LEU Q 57 -40.50 -118.23 5.92
CA LEU Q 57 -41.10 -117.85 7.19
C LEU Q 57 -42.46 -118.47 7.45
N THR Q 58 -42.52 -119.32 8.48
CA THR Q 58 -43.75 -120.00 8.86
C THR Q 58 -44.08 -119.61 10.31
N SER Q 59 -44.87 -120.46 10.97
CA SER Q 59 -45.25 -120.19 12.36
C SER Q 59 -44.32 -120.96 13.29
N GLU Q 60 -43.42 -121.75 12.72
CA GLU Q 60 -42.46 -122.53 13.49
C GLU Q 60 -41.16 -121.77 13.65
N ILE Q 61 -40.62 -121.28 12.54
CA ILE Q 61 -39.37 -120.54 12.55
C ILE Q 61 -39.52 -119.25 13.35
N LEU Q 62 -40.71 -118.66 13.32
CA LEU Q 62 -40.98 -117.44 14.05
C LEU Q 62 -41.26 -117.74 15.53
N ASN Q 63 -41.55 -119.01 15.81
CA ASN Q 63 -41.84 -119.44 17.18
C ASN Q 63 -40.55 -119.82 17.90
N SER Q 64 -39.66 -120.48 17.17
CA SER Q 64 -38.37 -120.91 17.72
C SER Q 64 -37.48 -119.73 18.05
N PHE Q 65 -37.93 -118.53 17.67
CA PHE Q 65 -37.15 -117.32 17.92
C PHE Q 65 -37.23 -116.91 19.39
N GLU Q 66 -38.35 -117.23 20.02
CA GLU Q 66 -38.55 -116.90 21.43
C GLU Q 66 -38.04 -118.02 22.32
N HIS Q 67 -37.44 -119.03 21.70
CA HIS Q 67 -36.91 -120.17 22.44
C HIS Q 67 -35.42 -120.37 22.18
N GLU Q 68 -34.85 -119.52 21.33
CA GLU Q 68 -33.43 -119.62 21.01
C GLU Q 68 -32.64 -118.35 21.28
N PHE Q 69 -33.05 -117.23 20.69
CA PHE Q 69 -32.35 -115.97 20.89
C PHE Q 69 -32.90 -115.16 22.06
N LEU Q 70 -34.18 -114.84 22.01
CA LEU Q 70 -34.83 -114.06 23.07
C LEU Q 70 -35.06 -114.80 24.37
N SER Q 71 -35.06 -116.14 24.30
CA SER Q 71 -35.30 -116.95 25.50
C SER Q 71 -34.13 -116.90 26.48
N LYS Q 72 -32.93 -116.74 25.96
CA LYS Q 72 -31.73 -116.69 26.80
C LYS Q 72 -31.37 -115.28 27.25
N ARG Q 73 -32.26 -114.32 27.00
CA ARG Q 73 -31.98 -112.93 27.38
C ARG Q 73 -33.25 -112.12 27.65
N LEU Q 74 -34.23 -112.73 28.29
CA LEU Q 74 -35.47 -112.04 28.62
C LEU Q 74 -35.16 -110.94 29.62
N SER Q 75 -35.55 -109.71 29.28
CA SER Q 75 -35.29 -108.56 30.16
C SER Q 75 -36.51 -108.21 31.01
N LYS Q 76 -37.59 -108.95 30.85
CA LYS Q 76 -38.82 -108.71 31.60
C LYS Q 76 -39.20 -109.91 32.45
N ALA Q 77 -38.21 -110.73 32.81
CA ALA Q 77 -38.45 -111.91 33.61
C ALA Q 77 -37.18 -112.37 34.33
N ARG Q 78 -36.57 -111.45 35.07
CA ARG Q 78 -35.35 -111.75 35.81
C ARG Q 78 -35.60 -111.74 37.31
N MET R 1 51.13 2.33 -47.32
CA MET R 1 51.72 3.06 -46.15
C MET R 1 53.18 3.41 -46.38
N SER R 2 53.46 4.72 -46.40
CA SER R 2 54.82 5.20 -46.60
C SER R 2 55.26 6.01 -45.39
N ALA R 3 56.04 7.07 -45.62
CA ALA R 3 56.52 7.92 -44.54
C ALA R 3 56.29 9.39 -44.89
N SER R 4 55.64 9.63 -46.02
CA SER R 4 55.36 10.99 -46.48
C SER R 4 56.64 11.80 -46.61
N ALA R 5 57.18 11.85 -47.82
CA ALA R 5 58.42 12.59 -48.08
C ALA R 5 58.28 14.05 -47.64
N GLN R 6 57.04 14.52 -47.55
CA GLN R 6 56.77 15.90 -47.15
C GLN R 6 57.13 16.15 -45.69
N GLN R 7 57.22 15.07 -44.92
CA GLN R 7 57.56 15.17 -43.50
C GLN R 7 59.07 15.10 -43.30
N LEU R 8 59.76 14.44 -44.24
CA LEU R 8 61.20 14.29 -44.16
C LEU R 8 61.89 15.42 -44.94
N ALA R 9 61.18 15.95 -45.94
CA ALA R 9 61.72 17.03 -46.76
C ALA R 9 61.95 18.29 -45.94
N GLU R 10 61.10 18.49 -44.92
CA GLU R 10 61.21 19.66 -44.06
C GLU R 10 62.60 19.77 -43.44
N GLU R 11 63.11 18.64 -42.96
CA GLU R 11 64.42 18.59 -42.33
C GLU R 11 65.52 18.88 -43.35
N LEU R 12 65.19 18.73 -44.63
CA LEU R 12 66.14 18.97 -45.71
C LEU R 12 66.17 20.43 -46.13
N GLN R 13 65.16 21.19 -45.72
CA GLN R 13 65.08 22.60 -46.05
C GLN R 13 65.67 23.46 -44.93
N ILE R 14 65.94 22.80 -43.82
CA ILE R 14 66.51 23.47 -42.65
C ILE R 14 68.02 23.62 -42.75
N PHE R 15 68.69 22.51 -43.09
CA PHE R 15 70.15 22.51 -43.21
C PHE R 15 70.59 22.80 -44.63
N GLY R 16 69.62 23.06 -45.51
CA GLY R 16 69.94 23.34 -46.89
C GLY R 16 70.42 22.09 -47.60
N LEU R 17 69.69 21.00 -47.39
CA LEU R 17 70.01 19.71 -48.01
C LEU R 17 69.21 19.56 -49.29
N ASP R 18 69.76 20.07 -50.39
CA ASP R 18 69.09 20.01 -51.68
C ASP R 18 68.85 18.57 -52.15
N CYS R 19 67.59 18.22 -52.34
CA CYS R 19 67.21 16.89 -52.78
C CYS R 19 65.91 16.96 -53.58
N GLU R 20 65.95 16.51 -54.82
CA GLU R 20 64.78 16.53 -55.69
C GLU R 20 63.75 15.51 -55.20
N GLU R 21 62.62 15.44 -55.88
CA GLU R 21 61.55 14.51 -55.51
C GLU R 21 62.05 13.07 -55.46
N ALA R 22 62.95 12.72 -56.38
CA ALA R 22 63.50 11.38 -56.44
C ALA R 22 64.43 11.07 -55.26
N LEU R 23 65.13 12.10 -54.78
CA LEU R 23 66.05 11.94 -53.67
C LEU R 23 65.35 11.86 -52.32
N ILE R 24 64.33 12.68 -52.12
CA ILE R 24 63.58 12.69 -50.87
C ILE R 24 62.80 11.39 -50.69
N GLU R 25 62.30 10.84 -51.79
CA GLU R 25 61.54 9.61 -51.75
C GLU R 25 62.48 8.42 -51.51
N LYS R 26 63.77 8.67 -51.69
CA LYS R 26 64.79 7.64 -51.49
C LYS R 26 64.97 7.39 -49.99
N LEU R 27 64.75 8.43 -49.20
CA LEU R 27 64.88 8.33 -47.75
C LEU R 27 63.60 7.76 -47.15
N VAL R 28 62.50 7.90 -47.89
CA VAL R 28 61.20 7.39 -47.44
C VAL R 28 61.29 5.88 -47.29
N GLU R 29 62.14 5.26 -48.09
CA GLU R 29 62.33 3.82 -48.04
C GLU R 29 63.07 3.43 -46.77
N LEU R 30 63.98 4.30 -46.35
CA LEU R 30 64.76 4.08 -45.13
C LEU R 30 63.87 4.11 -43.90
N CYS R 31 62.72 4.78 -44.02
CA CYS R 31 61.78 4.89 -42.91
C CYS R 31 60.85 3.68 -42.87
N VAL R 32 60.88 2.88 -43.94
CA VAL R 32 60.04 1.69 -44.03
C VAL R 32 60.87 0.41 -43.92
N GLN R 33 62.15 0.51 -44.27
CA GLN R 33 63.05 -0.64 -44.21
C GLN R 33 63.59 -0.89 -42.80
N TYR R 34 63.67 0.17 -42.00
CA TYR R 34 64.17 0.04 -40.64
C TYR R 34 63.17 0.58 -39.63
N GLY R 35 62.28 1.46 -40.09
CA GLY R 35 61.28 2.03 -39.20
C GLY R 35 61.71 3.36 -38.60
N GLN R 36 62.85 3.88 -39.07
CA GLN R 36 63.37 5.14 -38.58
C GLN R 36 62.49 6.32 -39.01
N ASN R 37 61.92 7.01 -38.03
CA ASN R 37 61.05 8.15 -38.29
C ASN R 37 61.82 9.25 -39.03
N GLU R 38 61.07 10.15 -39.66
CA GLU R 38 61.65 11.25 -40.43
C GLU R 38 62.63 12.09 -39.61
N GLU R 39 62.44 12.12 -38.30
CA GLU R 39 63.28 12.90 -37.41
C GLU R 39 64.59 12.19 -37.03
N GLY R 40 64.54 10.87 -36.93
CA GLY R 40 65.73 10.12 -36.58
C GLY R 40 66.56 9.76 -37.80
N MET R 41 65.92 9.71 -38.95
CA MET R 41 66.60 9.36 -40.20
C MET R 41 67.53 10.50 -40.63
N VAL R 42 66.98 11.72 -40.69
CA VAL R 42 67.76 12.88 -41.08
C VAL R 42 68.89 13.11 -40.10
N GLY R 43 68.66 12.75 -38.85
CA GLY R 43 69.67 12.92 -37.82
C GLY R 43 70.85 11.99 -38.00
N GLU R 44 70.57 10.75 -38.41
CA GLU R 44 71.62 9.75 -38.61
C GLU R 44 72.26 9.89 -39.99
N LEU R 45 71.50 10.39 -40.95
CA LEU R 45 71.99 10.55 -42.31
C LEU R 45 73.12 11.56 -42.44
N ILE R 46 72.96 12.73 -41.83
CA ILE R 46 73.97 13.77 -41.89
C ILE R 46 75.24 13.42 -41.12
N ALA R 47 75.15 12.41 -40.26
CA ALA R 47 76.30 11.97 -39.49
C ALA R 47 77.16 11.08 -40.38
N PHE R 48 76.59 10.69 -41.51
CA PHE R 48 77.26 9.84 -42.48
C PHE R 48 77.99 10.73 -43.48
N CYS R 49 77.58 12.00 -43.54
CA CYS R 49 78.19 12.97 -44.44
C CYS R 49 79.36 13.66 -43.76
N THR R 50 79.73 13.17 -42.58
CA THR R 50 80.83 13.74 -41.82
C THR R 50 81.94 12.71 -41.68
N SER R 51 81.54 11.44 -41.53
CA SER R 51 82.49 10.35 -41.38
C SER R 51 83.22 10.13 -42.70
N THR R 52 82.59 10.54 -43.79
CA THR R 52 83.17 10.39 -45.13
C THR R 52 83.46 11.74 -45.74
N HIS R 53 83.12 12.81 -45.02
CA HIS R 53 83.34 14.16 -45.51
C HIS R 53 82.68 14.35 -46.86
N LYS R 54 81.39 14.67 -46.84
CA LYS R 54 80.62 14.89 -48.07
C LYS R 54 79.48 15.86 -47.83
N VAL R 55 79.73 17.14 -48.11
CA VAL R 55 78.71 18.16 -47.95
C VAL R 55 77.96 18.31 -49.27
N GLY R 56 77.36 17.20 -49.69
CA GLY R 56 76.60 17.15 -50.92
C GLY R 56 75.73 15.91 -50.82
N LEU R 57 74.62 15.88 -51.56
CA LEU R 57 73.74 14.72 -51.51
C LEU R 57 73.26 14.23 -52.87
N THR R 58 73.66 13.02 -53.21
CA THR R 58 73.28 12.40 -54.47
C THR R 58 72.54 11.10 -54.18
N SER R 59 72.53 10.19 -55.14
CA SER R 59 71.86 8.90 -54.97
C SER R 59 72.87 7.85 -54.55
N GLU R 60 74.14 8.25 -54.48
CA GLU R 60 75.21 7.34 -54.09
C GLU R 60 75.48 7.45 -52.60
N ILE R 61 75.67 8.69 -52.13
CA ILE R 61 75.95 8.94 -50.72
C ILE R 61 74.76 8.52 -49.85
N LEU R 62 73.55 8.64 -50.40
CA LEU R 62 72.35 8.25 -49.68
C LEU R 62 72.15 6.74 -49.76
N ASN R 63 72.83 6.10 -50.70
CA ASN R 63 72.72 4.66 -50.89
C ASN R 63 73.74 3.93 -50.01
N SER R 64 74.93 4.51 -49.90
CA SER R 64 76.00 3.92 -49.09
C SER R 64 75.66 3.98 -47.60
N PHE R 65 74.56 4.65 -47.27
CA PHE R 65 74.13 4.78 -45.88
C PHE R 65 73.54 3.47 -45.37
N GLU R 66 72.91 2.71 -46.28
CA GLU R 66 72.31 1.43 -45.92
C GLU R 66 73.31 0.30 -46.04
N HIS R 67 74.56 0.66 -46.34
CA HIS R 67 75.62 -0.33 -46.50
C HIS R 67 76.79 -0.06 -45.57
N GLU R 68 76.68 1.02 -44.78
CA GLU R 68 77.74 1.39 -43.85
C GLU R 68 77.29 1.50 -42.40
N PHE R 69 76.30 2.35 -42.15
CA PHE R 69 75.80 2.54 -40.80
C PHE R 69 74.65 1.60 -40.44
N LEU R 70 73.58 1.67 -41.23
CA LEU R 70 72.40 0.83 -40.99
C LEU R 70 72.57 -0.64 -41.35
N SER R 71 73.55 -0.93 -42.20
CA SER R 71 73.80 -2.31 -42.61
C SER R 71 74.36 -3.18 -41.49
N LYS R 72 75.12 -2.58 -40.60
CA LYS R 72 75.73 -3.31 -39.49
C LYS R 72 74.86 -3.33 -38.25
N ARG R 73 73.61 -2.88 -38.36
CA ARG R 73 72.72 -2.85 -37.22
C ARG R 73 71.24 -2.97 -37.59
N LEU R 74 70.94 -3.81 -38.57
CA LEU R 74 69.56 -3.99 -39.01
C LEU R 74 68.79 -4.64 -37.86
N SER R 75 67.67 -4.01 -37.47
CA SER R 75 66.86 -4.53 -36.37
C SER R 75 65.66 -5.31 -36.87
N LYS R 76 65.52 -5.42 -38.18
CA LYS R 76 64.40 -6.15 -38.78
C LYS R 76 64.89 -7.29 -39.65
N ALA R 77 66.07 -7.82 -39.32
CA ALA R 77 66.65 -8.92 -40.08
C ALA R 77 67.69 -9.66 -39.25
N ARG R 78 67.30 -10.08 -38.06
CA ARG R 78 68.20 -10.82 -37.17
C ARG R 78 67.77 -12.28 -37.03
N MET S 1 -85.52 -82.01 1.76
CA MET S 1 -84.12 -82.00 1.27
C MET S 1 -84.02 -82.53 -0.17
N SER S 2 -83.58 -81.67 -1.08
CA SER S 2 -83.43 -82.03 -2.48
C SER S 2 -81.97 -81.88 -2.89
N ALA S 3 -81.74 -81.45 -4.12
CA ALA S 3 -80.40 -81.26 -4.64
C ALA S 3 -80.27 -79.91 -5.32
N SER S 4 -81.33 -79.12 -5.25
CA SER S 4 -81.35 -77.79 -5.87
C SER S 4 -81.04 -77.87 -7.35
N ALA S 5 -82.08 -77.90 -8.17
CA ALA S 5 -81.91 -77.98 -9.61
C ALA S 5 -81.05 -76.84 -10.14
N GLN S 6 -80.96 -75.76 -9.36
CA GLN S 6 -80.18 -74.60 -9.73
C GLN S 6 -78.68 -74.91 -9.73
N GLN S 7 -78.30 -75.96 -9.01
CA GLN S 7 -76.89 -76.36 -8.93
C GLN S 7 -76.54 -77.33 -10.05
N LEU S 8 -77.54 -78.05 -10.53
CA LEU S 8 -77.34 -79.03 -11.60
C LEU S 8 -77.61 -78.39 -12.96
N ALA S 9 -78.45 -77.36 -12.96
CA ALA S 9 -78.79 -76.66 -14.20
C ALA S 9 -77.58 -75.95 -14.79
N GLU S 10 -76.68 -75.51 -13.92
CA GLU S 10 -75.47 -74.81 -14.35
C GLU S 10 -74.67 -75.67 -15.34
N GLU S 11 -74.53 -76.95 -15.03
CA GLU S 11 -73.80 -77.88 -15.87
C GLU S 11 -74.51 -78.08 -17.21
N LEU S 12 -75.80 -77.75 -17.24
CA LEU S 12 -76.61 -77.90 -18.45
C LEU S 12 -76.52 -76.67 -19.35
N GLN S 13 -76.01 -75.58 -18.81
CA GLN S 13 -75.87 -74.34 -19.56
C GLN S 13 -74.48 -74.24 -20.15
N ILE S 14 -73.60 -75.13 -19.72
CA ILE S 14 -72.21 -75.17 -20.18
C ILE S 14 -72.07 -75.92 -21.50
N PHE S 15 -72.67 -77.11 -21.56
CA PHE S 15 -72.59 -77.93 -22.77
C PHE S 15 -73.77 -77.67 -23.69
N GLY S 16 -74.63 -76.72 -23.30
CA GLY S 16 -75.79 -76.43 -24.11
C GLY S 16 -76.80 -77.55 -24.04
N LEU S 17 -77.05 -78.02 -22.83
CA LEU S 17 -78.02 -79.09 -22.60
C LEU S 17 -79.36 -78.50 -22.25
N ASP S 18 -80.16 -78.19 -23.27
CA ASP S 18 -81.47 -77.60 -23.09
C ASP S 18 -82.41 -78.51 -22.30
N CYS S 19 -82.87 -78.01 -21.15
CA CYS S 19 -83.77 -78.75 -20.29
C CYS S 19 -84.66 -77.79 -19.51
N GLU S 20 -85.97 -77.92 -19.69
CA GLU S 20 -86.93 -77.06 -19.00
C GLU S 20 -86.94 -77.36 -17.51
N GLU S 21 -87.75 -76.61 -16.75
CA GLU S 21 -87.84 -76.81 -15.31
C GLU S 21 -88.20 -78.25 -14.95
N ALA S 22 -89.05 -78.86 -15.76
CA ALA S 22 -89.49 -80.23 -15.53
C ALA S 22 -88.37 -81.24 -15.77
N LEU S 23 -87.50 -80.93 -16.72
CA LEU S 23 -86.38 -81.81 -17.06
C LEU S 23 -85.24 -81.74 -16.05
N ILE S 24 -84.91 -80.53 -15.60
CA ILE S 24 -83.83 -80.35 -14.65
C ILE S 24 -84.20 -80.95 -13.29
N GLU S 25 -85.47 -80.88 -12.92
CA GLU S 25 -85.93 -81.43 -11.66
C GLU S 25 -85.98 -82.94 -11.73
N LYS S 26 -85.90 -83.47 -12.95
CA LYS S 26 -85.92 -84.91 -13.18
C LYS S 26 -84.59 -85.51 -12.75
N LEU S 27 -83.52 -84.72 -12.90
CA LEU S 27 -82.18 -85.15 -12.52
C LEU S 27 -81.98 -84.98 -11.02
N VAL S 28 -82.76 -84.09 -10.43
CA VAL S 28 -82.68 -83.83 -9.00
C VAL S 28 -83.03 -85.10 -8.22
N GLU S 29 -83.87 -85.94 -8.83
CA GLU S 29 -84.28 -87.19 -8.21
C GLU S 29 -83.12 -88.17 -8.25
N LEU S 30 -82.32 -88.10 -9.30
CA LEU S 30 -81.16 -88.97 -9.46
C LEU S 30 -80.10 -88.67 -8.40
N CYS S 31 -80.15 -87.46 -7.85
CA CYS S 31 -79.20 -87.05 -6.83
C CYS S 31 -79.69 -87.47 -5.44
N VAL S 32 -80.93 -87.91 -5.37
CA VAL S 32 -81.52 -88.34 -4.10
C VAL S 32 -81.73 -89.84 -4.08
N GLN S 33 -81.86 -90.45 -5.26
CA GLN S 33 -82.07 -91.89 -5.37
C GLN S 33 -80.77 -92.67 -5.27
N TYR S 34 -79.65 -92.05 -5.65
CA TYR S 34 -78.36 -92.71 -5.58
C TYR S 34 -77.36 -91.91 -4.76
N GLY S 35 -77.61 -90.60 -4.63
CA GLY S 35 -76.73 -89.75 -3.86
C GLY S 35 -75.68 -89.07 -4.72
N GLN S 36 -75.79 -89.23 -6.04
CA GLN S 36 -74.85 -88.62 -6.97
C GLN S 36 -74.98 -87.11 -7.00
N ASN S 37 -73.91 -86.43 -6.61
CA ASN S 37 -73.89 -84.97 -6.58
C ASN S 37 -74.12 -84.39 -7.98
N GLU S 38 -74.51 -83.12 -8.03
CA GLU S 38 -74.79 -82.44 -9.29
C GLU S 38 -73.63 -82.52 -10.28
N GLU S 39 -72.41 -82.63 -9.75
CA GLU S 39 -71.21 -82.69 -10.58
C GLU S 39 -70.93 -84.08 -11.15
N GLY S 40 -71.28 -85.11 -10.39
CA GLY S 40 -71.05 -86.46 -10.85
C GLY S 40 -72.19 -86.99 -11.70
N MET S 41 -73.38 -86.42 -11.49
CA MET S 41 -74.57 -86.84 -12.22
C MET S 41 -74.48 -86.40 -13.69
N VAL S 42 -74.20 -85.12 -13.89
CA VAL S 42 -74.09 -84.57 -15.23
C VAL S 42 -72.95 -85.24 -15.98
N GLY S 43 -71.92 -85.64 -15.23
CA GLY S 43 -70.77 -86.30 -15.85
C GLY S 43 -71.10 -87.68 -16.37
N GLU S 44 -71.91 -88.42 -15.61
CA GLU S 44 -72.31 -89.77 -15.99
C GLU S 44 -73.47 -89.77 -16.99
N LEU S 45 -74.30 -88.74 -16.92
CA LEU S 45 -75.46 -88.61 -17.79
C LEU S 45 -75.10 -88.45 -19.27
N ILE S 46 -74.16 -87.55 -19.55
CA ILE S 46 -73.75 -87.30 -20.93
C ILE S 46 -72.98 -88.47 -21.55
N ALA S 47 -72.54 -89.40 -20.70
CA ALA S 47 -71.80 -90.56 -21.18
C ALA S 47 -72.81 -91.59 -21.66
N PHE S 48 -74.07 -91.34 -21.33
CA PHE S 48 -75.18 -92.20 -21.72
C PHE S 48 -75.73 -91.73 -23.06
N CYS S 49 -75.41 -90.48 -23.40
CA CYS S 49 -75.87 -89.89 -24.66
C CYS S 49 -74.84 -90.15 -25.75
N THR S 50 -73.87 -90.98 -25.45
CA THR S 50 -72.82 -91.33 -26.41
C THR S 50 -72.87 -92.82 -26.73
N SER S 51 -73.21 -93.61 -25.71
CA SER S 51 -73.31 -95.06 -25.87
C SER S 51 -74.53 -95.40 -26.73
N THR S 52 -75.49 -94.49 -26.76
CA THR S 52 -76.71 -94.68 -27.53
C THR S 52 -76.81 -93.65 -28.65
N HIS S 53 -75.82 -92.76 -28.71
CA HIS S 53 -75.80 -91.72 -29.73
C HIS S 53 -77.10 -90.91 -29.69
N LYS S 54 -77.13 -89.93 -28.80
CA LYS S 54 -78.30 -89.06 -28.67
C LYS S 54 -77.91 -87.67 -28.18
N VAL S 55 -77.73 -86.76 -29.13
CA VAL S 55 -77.36 -85.38 -28.78
C VAL S 55 -78.64 -84.57 -28.65
N GLY S 56 -79.48 -85.01 -27.71
CA GLY S 56 -80.75 -84.38 -27.44
C GLY S 56 -81.18 -84.87 -26.06
N LEU S 57 -82.02 -84.09 -25.37
CA LEU S 57 -82.46 -84.50 -24.04
C LEU S 57 -83.96 -84.34 -23.80
N THR S 58 -84.63 -85.47 -23.60
CA THR S 58 -86.06 -85.49 -23.34
C THR S 58 -86.31 -86.14 -21.99
N SER S 59 -87.51 -86.66 -21.79
CA SER S 59 -87.86 -87.32 -20.54
C SER S 59 -87.68 -88.83 -20.68
N GLU S 60 -87.33 -89.27 -21.88
CA GLU S 60 -87.12 -90.69 -22.17
C GLU S 60 -85.66 -91.04 -22.00
N ILE S 61 -84.78 -90.28 -22.66
CA ILE S 61 -83.35 -90.51 -22.60
C ILE S 61 -82.84 -90.33 -21.17
N LEU S 62 -83.45 -89.43 -20.43
CA LEU S 62 -83.06 -89.18 -19.05
C LEU S 62 -83.66 -90.23 -18.12
N ASN S 63 -84.66 -90.94 -18.63
CA ASN S 63 -85.33 -91.98 -17.85
C ASN S 63 -84.62 -93.32 -18.03
N SER S 64 -84.16 -93.59 -19.26
CA SER S 64 -83.47 -94.82 -19.57
C SER S 64 -82.10 -94.89 -18.90
N PHE S 65 -81.72 -93.79 -18.25
CA PHE S 65 -80.43 -93.71 -17.58
C PHE S 65 -80.46 -94.50 -16.27
N GLU S 66 -81.64 -94.56 -15.64
CA GLU S 66 -81.79 -95.28 -14.38
C GLU S 66 -82.15 -96.73 -14.65
N HIS S 67 -82.16 -97.11 -15.92
CA HIS S 67 -82.50 -98.48 -16.31
C HIS S 67 -81.39 -99.13 -17.11
N GLU S 68 -80.31 -98.38 -17.36
CA GLU S 68 -79.19 -98.89 -18.13
C GLU S 68 -77.85 -98.82 -17.39
N PHE S 69 -77.47 -97.62 -16.97
CA PHE S 69 -76.20 -97.45 -16.27
C PHE S 69 -76.32 -97.60 -14.75
N LEU S 70 -77.17 -96.77 -14.15
CA LEU S 70 -77.38 -96.80 -12.71
C LEU S 70 -78.17 -97.99 -12.19
N SER S 71 -78.93 -98.62 -13.07
CA SER S 71 -79.75 -99.77 -12.69
C SER S 71 -78.92 -101.00 -12.35
N LYS S 72 -77.79 -101.15 -13.02
CA LYS S 72 -76.91 -102.29 -12.81
C LYS S 72 -75.86 -102.05 -11.73
N ARG S 73 -75.99 -100.95 -11.00
CA ARG S 73 -75.02 -100.65 -9.95
C ARG S 73 -75.60 -99.80 -8.81
N LEU S 74 -76.83 -100.09 -8.43
CA LEU S 74 -77.48 -99.35 -7.35
C LEU S 74 -76.72 -99.64 -6.06
N SER S 75 -76.27 -98.58 -5.38
CA SER S 75 -75.53 -98.73 -4.13
C SER S 75 -76.41 -98.54 -2.90
N LYS S 76 -77.69 -98.29 -3.13
CA LYS S 76 -78.63 -98.10 -2.02
C LYS S 76 -79.77 -99.12 -2.07
N ALA S 77 -79.48 -100.28 -2.66
CA ALA S 77 -80.48 -101.34 -2.78
C ALA S 77 -79.81 -102.70 -2.99
N ARG S 78 -78.89 -103.04 -2.10
CA ARG S 78 -78.18 -104.32 -2.18
C ARG S 78 -78.57 -105.24 -1.04
N MET T 1 -72.29 -19.60 46.23
CA MET T 1 -71.80 -19.51 44.83
C MET T 1 -71.65 -18.07 44.36
N SER T 2 -70.41 -17.68 44.05
CA SER T 2 -70.11 -16.34 43.59
C SER T 2 -69.52 -16.40 42.18
N ALA T 3 -68.57 -15.51 41.90
CA ALA T 3 -67.93 -15.46 40.59
C ALA T 3 -66.42 -15.40 40.74
N SER T 4 -65.96 -15.47 41.98
CA SER T 4 -64.53 -15.42 42.28
C SER T 4 -63.90 -14.14 41.72
N ALA T 5 -63.79 -13.12 42.58
CA ALA T 5 -63.22 -11.84 42.18
C ALA T 5 -61.82 -12.03 41.60
N GLN T 6 -61.18 -13.14 41.94
CA GLN T 6 -59.84 -13.44 41.46
C GLN T 6 -59.83 -13.72 39.96
N GLN T 7 -60.99 -14.05 39.40
CA GLN T 7 -61.11 -14.34 37.98
C GLN T 7 -61.42 -13.07 37.21
N LEU T 8 -62.06 -12.12 37.87
CA LEU T 8 -62.43 -10.85 37.25
C LEU T 8 -61.35 -9.80 37.48
N ALA T 9 -60.59 -9.96 38.56
CA ALA T 9 -59.51 -9.04 38.89
C ALA T 9 -58.40 -9.08 37.84
N GLU T 10 -58.20 -10.26 37.25
CA GLU T 10 -57.18 -10.43 36.23
C GLU T 10 -57.36 -9.44 35.08
N GLU T 11 -58.60 -9.28 34.65
CA GLU T 11 -58.91 -8.36 33.56
C GLU T 11 -58.68 -6.91 33.97
N LEU T 12 -58.61 -6.67 35.28
CA LEU T 12 -58.40 -5.34 35.81
C LEU T 12 -56.91 -5.00 35.94
N GLN T 13 -56.08 -6.03 35.84
CA GLN T 13 -54.63 -5.84 35.93
C GLN T 13 -54.03 -5.72 34.55
N ILE T 14 -54.84 -5.99 33.53
CA ILE T 14 -54.39 -5.92 32.14
C ILE T 14 -54.47 -4.50 31.60
N PHE T 15 -55.62 -3.85 31.82
CA PHE T 15 -55.82 -2.50 31.34
C PHE T 15 -55.44 -1.46 32.39
N GLY T 16 -54.92 -1.93 33.52
CA GLY T 16 -54.54 -1.03 34.57
C GLY T 16 -55.76 -0.41 35.24
N LEU T 17 -56.74 -1.26 35.53
CA LEU T 17 -57.98 -0.82 36.17
C LEU T 17 -57.85 -1.02 37.68
N ASP T 18 -57.30 0.00 38.35
CA ASP T 18 -57.11 -0.06 39.80
C ASP T 18 -58.43 -0.19 40.56
N CYS T 19 -58.56 -1.29 41.29
CA CYS T 19 -59.76 -1.55 42.09
C CYS T 19 -59.40 -2.38 43.31
N GLU T 20 -59.70 -1.84 44.49
CA GLU T 20 -59.41 -2.52 45.74
C GLU T 20 -60.31 -3.74 45.90
N GLU T 21 -60.12 -4.49 46.99
CA GLU T 21 -60.92 -5.69 47.25
C GLU T 21 -62.41 -5.38 47.24
N ALA T 22 -62.78 -4.21 47.75
CA ALA T 22 -64.18 -3.81 47.81
C ALA T 22 -64.76 -3.50 46.43
N LEU T 23 -63.90 -2.98 45.55
CA LEU T 23 -64.33 -2.64 44.19
C LEU T 23 -64.47 -3.86 43.29
N ILE T 24 -63.53 -4.79 43.39
CA ILE T 24 -63.57 -5.99 42.56
C ILE T 24 -64.74 -6.88 42.94
N GLU T 25 -65.07 -6.91 44.23
CA GLU T 25 -66.18 -7.72 44.71
C GLU T 25 -67.51 -7.08 44.32
N LYS T 26 -67.44 -5.82 43.90
CA LYS T 26 -68.62 -5.08 43.49
C LYS T 26 -69.08 -5.57 42.13
N LEU T 27 -68.11 -6.01 41.32
CA LEU T 27 -68.39 -6.53 39.99
C LEU T 27 -68.83 -7.99 40.07
N VAL T 28 -68.45 -8.65 41.16
CA VAL T 28 -68.81 -10.05 41.36
C VAL T 28 -70.33 -10.18 41.44
N GLU T 29 -70.97 -9.12 41.93
CA GLU T 29 -72.43 -9.09 42.06
C GLU T 29 -73.06 -9.00 40.68
N LEU T 30 -72.39 -8.29 39.78
CA LEU T 30 -72.88 -8.12 38.42
C LEU T 30 -72.85 -9.44 37.66
N CYS T 31 -72.02 -10.36 38.12
CA CYS T 31 -71.91 -11.67 37.49
C CYS T 31 -72.96 -12.63 38.04
N VAL T 32 -73.61 -12.21 39.12
CA VAL T 32 -74.65 -13.03 39.76
C VAL T 32 -76.03 -12.45 39.53
N GLN T 33 -76.09 -11.14 39.31
CA GLN T 33 -77.36 -10.45 39.08
C GLN T 33 -77.85 -10.59 37.64
N TYR T 34 -76.92 -10.77 36.71
CA TYR T 34 -77.28 -10.91 35.30
C TYR T 34 -76.72 -12.19 34.72
N GLY T 35 -75.67 -12.72 35.34
CA GLY T 35 -75.07 -13.96 34.86
C GLY T 35 -73.90 -13.71 33.93
N GLN T 36 -73.52 -12.44 33.78
CA GLN T 36 -72.40 -12.07 32.92
C GLN T 36 -71.07 -12.58 33.46
N ASN T 37 -70.42 -13.45 32.70
CA ASN T 37 -69.13 -14.01 33.09
C ASN T 37 -68.08 -12.92 33.25
N GLU T 38 -67.01 -13.25 33.97
CA GLU T 38 -65.94 -12.30 34.23
C GLU T 38 -65.35 -11.69 32.95
N GLU T 39 -65.45 -12.43 31.85
CA GLU T 39 -64.92 -11.97 30.57
C GLU T 39 -65.84 -11.02 29.83
N GLY T 40 -67.15 -11.22 29.99
CA GLY T 40 -68.11 -10.36 29.32
C GLY T 40 -68.45 -9.12 30.12
N MET T 41 -68.26 -9.22 31.44
CA MET T 41 -68.55 -8.10 32.34
C MET T 41 -67.53 -6.98 32.15
N VAL T 42 -66.24 -7.34 32.23
CA VAL T 42 -65.17 -6.37 32.06
C VAL T 42 -65.24 -5.75 30.67
N GLY T 43 -65.71 -6.53 29.70
CA GLY T 43 -65.80 -6.04 28.34
C GLY T 43 -66.88 -4.98 28.18
N GLU T 44 -68.00 -5.17 28.87
CA GLU T 44 -69.11 -4.23 28.80
C GLU T 44 -68.93 -3.04 29.74
N LEU T 45 -68.19 -3.28 30.84
CA LEU T 45 -67.94 -2.25 31.83
C LEU T 45 -67.11 -1.08 31.30
N ILE T 46 -66.01 -1.40 30.62
CA ILE T 46 -65.13 -0.36 30.09
C ILE T 46 -65.75 0.42 28.94
N ALA T 47 -66.84 -0.11 28.39
CA ALA T 47 -67.53 0.56 27.29
C ALA T 47 -68.44 1.64 27.89
N PHE T 48 -68.60 1.57 29.21
CA PHE T 48 -69.42 2.52 29.95
C PHE T 48 -68.54 3.68 30.40
N CYS T 49 -67.22 3.44 30.40
CA CYS T 49 -66.25 4.45 30.80
C CYS T 49 -65.83 5.28 29.59
N THR T 50 -66.50 5.06 28.47
CA THR T 50 -66.20 5.78 27.24
C THR T 50 -67.40 6.63 26.82
N SER T 51 -68.59 6.11 27.09
CA SER T 51 -69.83 6.81 26.75
C SER T 51 -70.00 8.01 27.67
N THR T 52 -69.38 7.94 28.84
CA THR T 52 -69.45 9.01 29.82
C THR T 52 -68.08 9.66 30.03
N HIS T 53 -67.08 9.12 29.34
CA HIS T 53 -65.72 9.65 29.45
C HIS T 53 -65.28 9.65 30.90
N LYS T 54 -64.78 8.51 31.36
CA LYS T 54 -64.30 8.36 32.73
C LYS T 54 -63.20 7.31 32.82
N VAL T 55 -61.95 7.77 32.75
CA VAL T 55 -60.82 6.86 32.85
C VAL T 55 -60.40 6.76 34.31
N GLY T 56 -61.35 6.31 35.12
CA GLY T 56 -61.14 6.14 36.54
C GLY T 56 -62.24 5.22 37.03
N LEU T 57 -62.01 4.53 38.14
CA LEU T 57 -63.02 3.60 38.65
C LEU T 57 -63.26 3.71 40.15
N THR T 58 -64.48 4.11 40.51
CA THR T 58 -64.88 4.25 41.90
C THR T 58 -66.08 3.35 42.16
N SER T 59 -66.86 3.67 43.19
CA SER T 59 -68.04 2.88 43.52
C SER T 59 -69.28 3.52 42.91
N GLU T 60 -69.09 4.66 42.27
CA GLU T 60 -70.18 5.39 41.64
C GLU T 60 -70.28 5.01 40.17
N ILE T 61 -69.17 5.10 39.46
CA ILE T 61 -69.12 4.77 38.04
C ILE T 61 -69.46 3.30 37.82
N LEU T 62 -69.09 2.45 38.78
CA LEU T 62 -69.39 1.02 38.68
C LEU T 62 -70.82 0.73 39.10
N ASN T 63 -71.44 1.70 39.77
CA ASN T 63 -72.81 1.56 40.23
C ASN T 63 -73.78 2.04 39.14
N SER T 64 -73.41 3.12 38.47
CA SER T 64 -74.24 3.68 37.41
C SER T 64 -74.31 2.75 36.20
N PHE T 65 -73.54 1.67 36.25
CA PHE T 65 -73.51 0.71 35.15
C PHE T 65 -74.77 -0.16 35.16
N GLU T 66 -75.31 -0.41 36.35
CA GLU T 66 -76.51 -1.22 36.49
C GLU T 66 -77.76 -0.35 36.38
N HIS T 67 -77.56 0.93 36.09
CA HIS T 67 -78.67 1.86 35.97
C HIS T 67 -78.68 2.54 34.61
N GLU T 68 -77.71 2.21 33.77
CA GLU T 68 -77.62 2.81 32.44
C GLU T 68 -77.61 1.78 31.31
N PHE T 69 -76.66 0.86 31.33
CA PHE T 69 -76.56 -0.15 30.28
C PHE T 69 -77.35 -1.41 30.59
N LEU T 70 -77.04 -2.04 31.73
CA LEU T 70 -77.71 -3.27 32.14
C LEU T 70 -79.13 -3.10 32.64
N SER T 71 -79.47 -1.87 33.05
CA SER T 71 -80.80 -1.59 33.57
C SER T 71 -81.88 -1.63 32.49
N LYS T 72 -81.51 -1.28 31.26
CA LYS T 72 -82.44 -1.26 30.14
C LYS T 72 -82.47 -2.58 29.38
N ARG T 73 -81.84 -3.62 29.92
CA ARG T 73 -81.82 -4.92 29.26
C ARG T 73 -81.67 -6.09 30.20
N LEU T 74 -82.32 -6.02 31.36
CA LEU T 74 -82.25 -7.09 32.35
C LEU T 74 -82.90 -8.34 31.75
N SER T 75 -82.17 -9.45 31.73
CA SER T 75 -82.68 -10.69 31.17
C SER T 75 -83.21 -11.63 32.24
N LYS T 76 -83.14 -11.21 33.49
CA LYS T 76 -83.62 -12.02 34.61
C LYS T 76 -84.72 -11.30 35.39
N ALA T 77 -85.44 -10.43 34.71
CA ALA T 77 -86.52 -9.68 35.33
C ALA T 77 -87.51 -9.16 34.29
N ARG T 78 -88.01 -10.06 33.45
CA ARG T 78 -88.97 -9.69 32.42
C ARG T 78 -90.34 -10.26 32.71
N MET U 1 -16.76 45.42 -33.84
CA MET U 1 -15.48 46.15 -34.05
C MET U 1 -15.70 47.57 -34.56
N SER U 2 -15.27 48.54 -33.76
CA SER U 2 -15.40 49.94 -34.11
C SER U 2 -14.03 50.59 -34.21
N ALA U 3 -13.93 51.86 -33.80
CA ALA U 3 -12.66 52.58 -33.83
C ALA U 3 -12.41 53.27 -32.51
N SER U 4 -13.30 53.04 -31.55
CA SER U 4 -13.19 53.64 -30.23
C SER U 4 -13.13 55.17 -30.32
N ALA U 5 -14.27 55.81 -30.16
CA ALA U 5 -14.37 57.26 -30.23
C ALA U 5 -13.41 57.92 -29.24
N GLN U 6 -13.02 57.17 -28.22
CA GLN U 6 -12.10 57.68 -27.20
C GLN U 6 -10.70 57.91 -27.76
N GLN U 7 -10.40 57.26 -28.87
CA GLN U 7 -9.10 57.40 -29.51
C GLN U 7 -9.10 58.55 -30.51
N LEU U 8 -10.28 58.86 -31.03
CA LEU U 8 -10.42 59.94 -32.00
C LEU U 8 -10.78 61.25 -31.30
N ALA U 9 -11.43 61.13 -30.14
CA ALA U 9 -11.83 62.29 -29.36
C ALA U 9 -10.63 63.07 -28.86
N GLU U 10 -9.53 62.36 -28.60
CA GLU U 10 -8.31 62.98 -28.11
C GLU U 10 -7.84 64.09 -29.07
N GLU U 11 -7.88 63.79 -30.35
CA GLU U 11 -7.46 64.75 -31.38
C GLU U 11 -8.40 65.94 -31.43
N LEU U 12 -9.60 65.77 -30.88
CA LEU U 12 -10.60 66.83 -30.86
C LEU U 12 -10.45 67.74 -29.65
N GLN U 13 -9.67 67.29 -28.68
CA GLN U 13 -9.45 68.07 -27.46
C GLN U 13 -8.16 68.88 -27.59
N ILE U 14 -7.40 68.58 -28.63
CA ILE U 14 -6.13 69.26 -28.89
C ILE U 14 -6.34 70.58 -29.62
N PHE U 15 -7.13 70.54 -30.69
CA PHE U 15 -7.39 71.73 -31.49
C PHE U 15 -8.65 72.45 -31.00
N GLY U 16 -9.24 71.94 -29.94
CA GLY U 16 -10.45 72.56 -29.42
C GLY U 16 -11.62 72.32 -30.35
N LEU U 17 -11.76 71.08 -30.81
CA LEU U 17 -12.84 70.70 -31.70
C LEU U 17 -13.99 70.15 -30.89
N ASP U 18 -14.87 71.03 -30.43
CA ASP U 18 -16.02 70.64 -29.62
C ASP U 18 -16.96 69.71 -30.38
N CYS U 19 -17.13 68.50 -29.83
CA CYS U 19 -18.01 67.50 -30.43
C CYS U 19 -18.57 66.60 -29.34
N GLU U 20 -19.90 66.55 -29.24
CA GLU U 20 -20.56 65.72 -28.25
C GLU U 20 -20.40 64.24 -28.58
N GLU U 21 -20.93 63.38 -27.72
CA GLU U 21 -20.83 61.94 -27.92
C GLU U 21 -21.37 61.51 -29.28
N ALA U 22 -22.43 62.17 -29.73
CA ALA U 22 -23.06 61.86 -31.01
C ALA U 22 -22.18 62.28 -32.19
N LEU U 23 -21.44 63.36 -32.01
CA LEU U 23 -20.56 63.87 -33.06
C LEU U 23 -19.28 63.05 -33.22
N ILE U 24 -18.67 62.68 -32.10
CA ILE U 24 -17.44 61.90 -32.12
C ILE U 24 -17.68 60.51 -32.69
N GLU U 25 -18.85 59.94 -32.39
CA GLU U 25 -19.20 58.61 -32.88
C GLU U 25 -19.52 58.68 -34.37
N LYS U 26 -19.72 59.88 -34.88
CA LYS U 26 -20.04 60.09 -36.28
C LYS U 26 -18.77 59.88 -37.11
N LEU U 27 -17.63 60.20 -36.51
CA LEU U 27 -16.33 60.04 -37.18
C LEU U 27 -15.87 58.59 -37.08
N VAL U 28 -16.38 57.88 -36.08
CA VAL U 28 -16.02 56.48 -35.87
C VAL U 28 -16.46 55.67 -37.09
N GLU U 29 -17.52 56.12 -37.74
CA GLU U 29 -18.04 55.45 -38.92
C GLU U 29 -17.08 55.65 -40.09
N LEU U 30 -16.46 56.82 -40.13
CA LEU U 30 -15.51 57.16 -41.19
C LEU U 30 -14.26 56.29 -41.10
N CYS U 31 -14.01 55.75 -39.91
CA CYS U 31 -12.85 54.89 -39.69
C CYS U 31 -13.18 53.44 -40.06
N VAL U 32 -14.46 53.17 -40.27
CA VAL U 32 -14.91 51.83 -40.62
C VAL U 32 -15.36 51.75 -42.07
N GLN U 33 -15.77 52.89 -42.62
CA GLN U 33 -16.25 52.96 -44.00
C GLN U 33 -15.10 53.06 -45.00
N TYR U 34 -13.98 53.62 -44.56
CA TYR U 34 -12.82 53.76 -45.44
C TYR U 34 -11.58 53.11 -44.84
N GLY U 35 -11.58 52.96 -43.51
CA GLY U 35 -10.45 52.36 -42.84
C GLY U 35 -9.45 53.37 -42.32
N GLN U 36 -9.79 54.65 -42.44
CA GLN U 36 -8.92 55.73 -41.99
C GLN U 36 -8.79 55.73 -40.47
N ASN U 37 -7.56 55.53 -39.99
CA ASN U 37 -7.30 55.52 -38.55
C ASN U 37 -7.64 56.87 -37.92
N GLU U 38 -7.81 56.86 -36.60
CA GLU U 38 -8.15 58.06 -35.85
C GLU U 38 -7.20 59.22 -36.11
N GLU U 39 -5.96 58.90 -36.44
CA GLU U 39 -4.93 59.91 -36.69
C GLU U 39 -4.99 60.50 -38.09
N GLY U 40 -5.39 59.69 -39.07
CA GLY U 40 -5.48 60.18 -40.43
C GLY U 40 -6.82 60.82 -40.73
N MET U 41 -7.84 60.43 -39.98
CA MET U 41 -9.18 60.97 -40.16
C MET U 41 -9.25 62.42 -39.70
N VAL U 42 -8.79 62.68 -38.49
CA VAL U 42 -8.80 64.03 -37.93
C VAL U 42 -7.92 64.95 -38.78
N GLY U 43 -6.88 64.37 -39.37
CA GLY U 43 -5.97 65.15 -40.20
C GLY U 43 -6.62 65.59 -41.49
N GLU U 44 -7.42 64.72 -42.09
CA GLU U 44 -8.09 65.03 -43.35
C GLU U 44 -9.38 65.82 -43.13
N LEU U 45 -10.00 65.64 -41.97
CA LEU U 45 -11.25 66.31 -41.63
C LEU U 45 -11.10 67.81 -41.50
N ILE U 46 -10.08 68.26 -40.78
CA ILE U 46 -9.86 69.69 -40.57
C ILE U 46 -9.41 70.40 -41.84
N ALA U 47 -9.00 69.64 -42.84
CA ALA U 47 -8.55 70.22 -44.10
C ALA U 47 -9.80 70.53 -44.93
N PHE U 48 -10.93 70.01 -44.47
CA PHE U 48 -12.22 70.21 -45.13
C PHE U 48 -12.88 71.44 -44.53
N CYS U 49 -12.41 71.84 -43.35
CA CYS U 49 -12.94 73.01 -42.65
C CYS U 49 -12.18 74.26 -43.07
N THR U 50 -11.31 74.11 -44.06
CA THR U 50 -10.52 75.23 -44.56
C THR U 50 -10.88 75.51 -46.02
N SER U 51 -11.19 74.46 -46.77
CA SER U 51 -11.56 74.59 -48.17
C SER U 51 -12.93 75.24 -48.27
N THR U 52 -13.73 75.11 -47.21
CA THR U 52 -15.06 75.68 -47.17
C THR U 52 -15.16 76.78 -46.12
N HIS U 53 -14.05 76.99 -45.40
CA HIS U 53 -14.01 78.01 -44.36
C HIS U 53 -15.12 77.78 -43.35
N LYS U 54 -14.86 76.90 -42.38
CA LYS U 54 -15.82 76.57 -41.35
C LYS U 54 -15.12 76.18 -40.05
N VAL U 55 -14.93 77.15 -39.16
CA VAL U 55 -14.28 76.88 -37.88
C VAL U 55 -15.36 76.53 -36.86
N GLY U 56 -16.11 75.48 -37.18
CA GLY U 56 -17.18 75.01 -36.34
C GLY U 56 -17.47 73.58 -36.77
N LEU U 57 -18.04 72.76 -35.89
CA LEU U 57 -18.32 71.38 -36.24
C LEU U 57 -19.71 70.90 -35.82
N THR U 58 -20.52 70.58 -36.82
CA THR U 58 -21.88 70.10 -36.60
C THR U 58 -22.02 68.72 -37.24
N SER U 59 -23.25 68.32 -37.55
CA SER U 59 -23.49 67.03 -38.17
C SER U 59 -23.60 67.19 -39.68
N GLU U 60 -23.54 68.43 -40.14
CA GLU U 60 -23.63 68.73 -41.56
C GLU U 60 -22.24 68.81 -42.18
N ILE U 61 -21.37 69.61 -41.55
CA ILE U 61 -20.00 69.78 -42.03
C ILE U 61 -19.25 68.45 -41.98
N LEU U 62 -19.56 67.62 -41.00
CA LEU U 62 -18.92 66.32 -40.85
C LEU U 62 -19.54 65.31 -41.80
N ASN U 63 -20.72 65.63 -42.32
CA ASN U 63 -21.42 64.75 -43.26
C ASN U 63 -20.99 65.04 -44.68
N SER U 64 -20.80 66.32 -45.00
CA SER U 64 -20.38 66.73 -46.33
C SER U 64 -18.96 66.29 -46.63
N PHE U 65 -18.29 65.73 -45.63
CA PHE U 65 -16.92 65.27 -45.80
C PHE U 65 -16.88 63.96 -46.59
N GLU U 66 -17.92 63.16 -46.47
CA GLU U 66 -18.01 61.89 -47.18
C GLU U 66 -18.64 62.09 -48.55
N HIS U 67 -18.93 63.34 -48.89
CA HIS U 67 -19.56 63.65 -50.17
C HIS U 67 -18.71 64.63 -50.98
N GLU U 68 -17.58 65.05 -50.42
CA GLU U 68 -16.70 65.99 -51.09
C GLU U 68 -15.28 65.47 -51.27
N PHE U 69 -14.62 65.12 -50.18
CA PHE U 69 -13.25 64.63 -50.25
C PHE U 69 -13.15 63.12 -50.40
N LEU U 70 -13.74 62.40 -49.45
CA LEU U 70 -13.72 60.93 -49.47
C LEU U 70 -14.62 60.29 -50.52
N SER U 71 -15.60 61.04 -51.00
CA SER U 71 -16.53 60.52 -51.99
C SER U 71 -15.90 60.31 -53.36
N LYS U 72 -14.92 61.16 -53.68
CA LYS U 72 -14.24 61.08 -54.97
C LYS U 72 -13.00 60.19 -54.93
N ARG U 73 -12.82 59.44 -53.85
CA ARG U 73 -11.66 58.57 -53.73
C ARG U 73 -11.89 57.36 -52.83
N LEU U 74 -13.08 56.78 -52.90
CA LEU U 74 -13.40 55.62 -52.09
C LEU U 74 -12.50 54.46 -52.54
N SER U 75 -11.79 53.86 -51.58
CA SER U 75 -10.89 52.76 -51.89
C SER U 75 -11.52 51.39 -51.59
N LYS U 76 -12.76 51.41 -51.11
CA LYS U 76 -13.46 50.18 -50.78
C LYS U 76 -14.75 50.04 -51.59
N ALA U 77 -14.77 50.66 -52.77
CA ALA U 77 -15.93 50.61 -53.63
C ALA U 77 -15.56 50.91 -55.08
N ARG U 78 -14.57 50.18 -55.60
CA ARG U 78 -14.12 50.38 -56.98
C ARG U 78 -14.49 49.17 -57.84
N MET V 1 48.42 -9.34 -7.95
CA MET V 1 48.30 -8.28 -6.90
C MET V 1 49.40 -8.39 -5.86
N SER V 2 50.24 -7.36 -5.79
CA SER V 2 51.33 -7.31 -4.83
C SER V 2 51.15 -6.12 -3.89
N ALA V 3 52.25 -5.50 -3.50
CA ALA V 3 52.21 -4.35 -2.60
C ALA V 3 53.08 -3.22 -3.15
N SER V 4 53.64 -3.44 -4.34
CA SER V 4 54.49 -2.45 -4.98
C SER V 4 55.67 -2.07 -4.08
N ALA V 5 56.80 -2.72 -4.29
CA ALA V 5 58.00 -2.47 -3.50
C ALA V 5 58.39 -1.00 -3.54
N GLN V 6 57.93 -0.29 -4.57
CA GLN V 6 58.22 1.12 -4.73
C GLN V 6 57.53 1.96 -3.65
N GLN V 7 56.50 1.41 -3.04
CA GLN V 7 55.76 2.11 -1.99
C GLN V 7 56.38 1.83 -0.63
N LEU V 8 57.04 0.69 -0.50
CA LEU V 8 57.67 0.30 0.75
C LEU V 8 59.13 0.73 0.77
N ALA V 9 59.72 0.85 -0.42
CA ALA V 9 61.11 1.26 -0.55
C ALA V 9 61.33 2.69 -0.05
N GLU V 10 60.29 3.52 -0.21
CA GLU V 10 60.36 4.91 0.21
C GLU V 10 60.71 5.02 1.69
N GLU V 11 60.08 4.18 2.50
CA GLU V 11 60.32 4.17 3.94
C GLU V 11 61.73 3.70 4.26
N LEU V 12 62.36 3.03 3.30
CA LEU V 12 63.70 2.51 3.47
C LEU V 12 64.76 3.55 3.09
N GLN V 13 64.34 4.59 2.41
CA GLN V 13 65.25 5.65 1.98
C GLN V 13 65.23 6.80 2.99
N ILE V 14 64.29 6.72 3.93
CA ILE V 14 64.14 7.75 4.95
C ILE V 14 65.06 7.50 6.13
N PHE V 15 65.08 6.26 6.63
CA PHE V 15 65.92 5.90 7.76
C PHE V 15 67.26 5.37 7.31
N GLY V 16 67.50 5.38 6.00
CA GLY V 16 68.74 4.88 5.48
C GLY V 16 68.82 3.36 5.62
N LEU V 17 67.75 2.69 5.25
CA LEU V 17 67.68 1.24 5.32
C LEU V 17 68.05 0.66 3.97
N ASP V 18 69.34 0.44 3.76
CA ASP V 18 69.85 -0.10 2.50
C ASP V 18 69.31 -1.50 2.21
N CYS V 19 68.59 -1.63 1.11
CA CYS V 19 68.01 -2.90 0.69
C CYS V 19 67.90 -2.95 -0.83
N GLU V 20 68.56 -3.95 -1.42
CA GLU V 20 68.53 -4.12 -2.87
C GLU V 20 67.14 -4.53 -3.34
N GLU V 21 66.98 -4.70 -4.65
CA GLU V 21 65.70 -5.08 -5.22
C GLU V 21 65.18 -6.38 -4.61
N ALA V 22 66.09 -7.31 -4.33
CA ALA V 22 65.73 -8.60 -3.76
C ALA V 22 65.26 -8.48 -2.31
N LEU V 23 65.83 -7.52 -1.59
CA LEU V 23 65.48 -7.30 -0.19
C LEU V 23 64.14 -6.57 -0.02
N ILE V 24 63.90 -5.56 -0.86
CA ILE V 24 62.66 -4.79 -0.79
C ILE V 24 61.46 -5.65 -1.18
N GLU V 25 61.67 -6.55 -2.13
CA GLU V 25 60.60 -7.43 -2.60
C GLU V 25 60.32 -8.51 -1.56
N LYS V 26 61.25 -8.66 -0.62
CA LYS V 26 61.11 -9.64 0.45
C LYS V 26 60.06 -9.17 1.45
N LEU V 27 59.95 -7.86 1.59
CA LEU V 27 58.98 -7.26 2.51
C LEU V 27 57.61 -7.20 1.84
N VAL V 28 57.61 -7.21 0.51
CA VAL V 28 56.36 -7.16 -0.25
C VAL V 28 55.52 -8.39 0.07
N GLU V 29 56.19 -9.48 0.40
CA GLU V 29 55.53 -10.73 0.74
C GLU V 29 54.84 -10.59 2.10
N LEU V 30 55.48 -9.82 2.98
CA LEU V 30 54.95 -9.59 4.32
C LEU V 30 53.66 -8.78 4.27
N CYS V 31 53.48 -8.04 3.17
CA CYS V 31 52.29 -7.23 2.99
C CYS V 31 51.16 -8.04 2.39
N VAL V 32 51.49 -9.24 1.91
CA VAL V 32 50.50 -10.12 1.30
C VAL V 32 50.20 -11.32 2.19
N GLN V 33 51.16 -11.67 3.05
CA GLN V 33 51.00 -12.80 3.96
C GLN V 33 50.20 -12.44 5.20
N TYR V 34 50.24 -11.17 5.60
CA TYR V 34 49.50 -10.73 6.77
C TYR V 34 48.57 -9.57 6.44
N GLY V 35 48.87 -8.86 5.35
CA GLY V 35 48.05 -7.74 4.94
C GLY V 35 48.55 -6.41 5.47
N GLN V 36 49.71 -6.44 6.10
CA GLN V 36 50.30 -5.22 6.66
C GLN V 36 50.74 -4.25 5.56
N ASN V 37 50.13 -3.07 5.55
CA ASN V 37 50.45 -2.05 4.56
C ASN V 37 51.90 -1.63 4.66
N GLU V 38 52.41 -1.01 3.59
CA GLU V 38 53.80 -0.57 3.53
C GLU V 38 54.19 0.34 4.70
N GLU V 39 53.20 1.04 5.25
CA GLU V 39 53.44 1.96 6.36
C GLU V 39 53.51 1.27 7.72
N GLY V 40 52.74 0.20 7.88
CA GLY V 40 52.73 -0.53 9.15
C GLY V 40 53.80 -1.58 9.21
N MET V 41 54.24 -2.06 8.04
CA MET V 41 55.27 -3.08 7.96
C MET V 41 56.63 -2.52 8.36
N VAL V 42 57.01 -1.41 7.74
CA VAL V 42 58.28 -0.76 8.03
C VAL V 42 58.32 -0.32 9.50
N GLY V 43 57.16 0.02 10.03
CA GLY V 43 57.08 0.47 11.41
C GLY V 43 57.34 -0.66 12.40
N GLU V 44 56.83 -1.85 12.08
CA GLU V 44 57.01 -3.01 12.94
C GLU V 44 58.34 -3.71 12.71
N LEU V 45 58.86 -3.57 11.49
CA LEU V 45 60.13 -4.21 11.12
C LEU V 45 61.33 -3.63 11.87
N ILE V 46 61.42 -2.32 11.95
CA ILE V 46 62.53 -1.66 12.63
C ILE V 46 62.49 -1.85 14.15
N ALA V 47 61.34 -2.29 14.66
CA ALA V 47 61.19 -2.52 16.10
C ALA V 47 61.79 -3.88 16.41
N PHE V 48 62.06 -4.65 15.36
CA PHE V 48 62.63 -5.98 15.48
C PHE V 48 64.15 -5.86 15.43
N CYS V 49 64.63 -4.72 14.92
CA CYS V 49 66.05 -4.45 14.81
C CYS V 49 66.57 -3.77 16.08
N THR V 50 65.70 -3.69 17.09
CA THR V 50 66.05 -3.07 18.35
C THR V 50 65.99 -4.11 19.47
N SER V 51 65.05 -5.03 19.36
CA SER V 51 64.88 -6.08 20.36
C SER V 51 66.04 -7.07 20.26
N THR V 52 66.68 -7.11 19.09
CA THR V 52 67.80 -8.00 18.85
C THR V 52 69.07 -7.21 18.60
N HIS V 53 68.95 -5.88 18.59
CA HIS V 53 70.09 -5.01 18.35
C HIS V 53 70.76 -5.37 17.04
N LYS V 54 70.24 -4.83 15.94
CA LYS V 54 70.78 -5.08 14.62
C LYS V 54 70.52 -3.91 13.69
N VAL V 55 71.49 -3.00 13.60
CA VAL V 55 71.36 -1.84 12.73
C VAL V 55 71.95 -2.20 11.36
N GLY V 56 71.36 -3.22 10.76
CA GLY V 56 71.77 -3.71 9.47
C GLY V 56 70.63 -4.54 8.93
N LEU V 57 70.53 -4.68 7.62
CA LEU V 57 69.44 -5.46 7.04
C LEU V 57 69.86 -6.44 5.95
N THR V 58 69.68 -7.72 6.23
CA THR V 58 70.03 -8.79 5.29
C THR V 58 68.77 -9.60 4.99
N SER V 59 68.96 -10.84 4.56
CA SER V 59 67.84 -11.71 4.24
C SER V 59 67.53 -12.61 5.43
N GLU V 60 68.35 -12.50 6.47
CA GLU V 60 68.17 -13.30 7.68
C GLU V 60 67.36 -12.53 8.71
N ILE V 61 67.78 -11.31 8.98
CA ILE V 61 67.09 -10.46 9.96
C ILE V 61 65.66 -10.17 9.51
N LEU V 62 65.47 -10.07 8.20
CA LEU V 62 64.15 -9.80 7.63
C LEU V 62 63.32 -11.08 7.58
N ASN V 63 63.99 -12.22 7.71
CA ASN V 63 63.33 -13.52 7.69
C ASN V 63 62.88 -13.91 9.09
N SER V 64 63.73 -13.61 10.07
CA SER V 64 63.43 -13.95 11.47
C SER V 64 62.27 -13.11 11.99
N PHE V 65 61.81 -12.16 11.19
CA PHE V 65 60.71 -11.29 11.59
C PHE V 65 59.38 -12.03 11.52
N GLU V 66 59.28 -12.98 10.60
CA GLU V 66 58.06 -13.76 10.44
C GLU V 66 58.09 -14.99 11.34
N HIS V 67 59.13 -15.09 12.15
CA HIS V 67 59.29 -16.23 13.05
C HIS V 67 59.40 -15.79 14.51
N GLU V 68 59.37 -14.48 14.73
CA GLU V 68 59.48 -13.92 16.08
C GLU V 68 58.31 -13.04 16.49
N PHE V 69 58.06 -11.99 15.70
CA PHE V 69 56.97 -11.07 16.02
C PHE V 69 55.65 -11.45 15.37
N LEU V 70 55.66 -11.56 14.05
CA LEU V 70 54.45 -11.92 13.29
C LEU V 70 54.04 -13.38 13.41
N SER V 71 54.97 -14.24 13.78
CA SER V 71 54.68 -15.67 13.91
C SER V 71 53.76 -15.98 15.09
N LYS V 72 53.86 -15.18 16.15
CA LYS V 72 53.05 -15.39 17.35
C LYS V 72 51.73 -14.62 17.31
N ARG V 73 51.39 -14.05 16.16
CA ARG V 73 50.15 -13.30 16.04
C ARG V 73 49.57 -13.27 14.64
N LEU V 74 49.67 -14.39 13.94
CA LEU V 74 49.14 -14.48 12.58
C LEU V 74 47.62 -14.32 12.63
N SER V 75 47.10 -13.36 11.87
CA SER V 75 45.66 -13.10 11.86
C SER V 75 44.96 -13.76 10.68
N LYS V 76 45.74 -14.47 9.85
CA LYS V 76 45.19 -15.14 8.67
C LYS V 76 45.44 -16.64 8.74
N ALA V 77 45.57 -17.17 9.95
CA ALA V 77 45.82 -18.59 10.15
C ALA V 77 45.42 -19.04 11.55
N ARG V 78 44.18 -18.74 11.93
CA ARG V 78 43.68 -19.12 13.24
C ARG V 78 42.60 -20.19 13.12
N MET W 1 -94.86 -33.65 15.50
CA MET W 1 -93.92 -34.36 14.56
C MET W 1 -94.17 -33.96 13.10
N SER W 2 -93.16 -33.35 12.50
CA SER W 2 -93.24 -32.92 11.10
C SER W 2 -92.16 -33.63 10.29
N ALA W 3 -91.61 -32.93 9.31
CA ALA W 3 -90.57 -33.49 8.46
C ALA W 3 -89.39 -32.53 8.34
N SER W 4 -89.47 -31.43 9.08
CA SER W 4 -88.42 -30.42 9.06
C SER W 4 -88.16 -29.91 7.65
N ALA W 5 -88.79 -28.79 7.30
CA ALA W 5 -88.64 -28.20 5.99
C ALA W 5 -87.18 -27.93 5.67
N GLN W 6 -86.36 -27.84 6.70
CA GLN W 6 -84.93 -27.59 6.53
C GLN W 6 -84.22 -28.77 5.89
N GLN W 7 -84.84 -29.95 5.97
CA GLN W 7 -84.26 -31.16 5.39
C GLN W 7 -84.70 -31.32 3.95
N LEU W 8 -85.86 -30.76 3.61
CA LEU W 8 -86.40 -30.86 2.26
C LEU W 8 -85.98 -29.65 1.44
N ALA W 9 -85.73 -28.53 2.11
CA ALA W 9 -85.32 -27.30 1.46
C ALA W 9 -83.96 -27.47 0.78
N GLU W 10 -83.11 -28.30 1.36
CA GLU W 10 -81.78 -28.55 0.82
C GLU W 10 -81.85 -29.02 -0.62
N GLU W 11 -82.78 -29.93 -0.89
CA GLU W 11 -82.96 -30.48 -2.23
C GLU W 11 -83.47 -29.42 -3.18
N LEU W 12 -84.04 -28.35 -2.63
CA LEU W 12 -84.58 -27.26 -3.43
C LEU W 12 -83.52 -26.22 -3.78
N GLN W 13 -82.39 -26.27 -3.08
CA GLN W 13 -81.29 -25.34 -3.31
C GLN W 13 -80.28 -25.96 -4.27
N ILE W 14 -80.45 -27.24 -4.56
CA ILE W 14 -79.56 -27.95 -5.45
C ILE W 14 -79.95 -27.76 -6.90
N PHE W 15 -81.24 -27.94 -7.21
CA PHE W 15 -81.75 -27.81 -8.56
C PHE W 15 -82.23 -26.39 -8.83
N GLY W 16 -82.06 -25.51 -7.85
CA GLY W 16 -82.51 -24.15 -8.01
C GLY W 16 -84.02 -24.07 -8.02
N LEU W 17 -84.64 -24.76 -7.06
CA LEU W 17 -86.09 -24.77 -6.94
C LEU W 17 -86.51 -23.71 -5.92
N ASP W 18 -86.72 -22.49 -6.40
CA ASP W 18 -87.11 -21.38 -5.54
C ASP W 18 -88.45 -21.61 -4.88
N CYS W 19 -88.44 -21.63 -3.55
CA CYS W 19 -89.65 -21.84 -2.76
C CYS W 19 -89.53 -21.13 -1.42
N GLU W 20 -90.45 -20.21 -1.15
CA GLU W 20 -90.44 -19.47 0.10
C GLU W 20 -90.79 -20.39 1.28
N GLU W 21 -90.79 -19.84 2.49
CA GLU W 21 -91.10 -20.61 3.68
C GLU W 21 -92.46 -21.30 3.57
N ALA W 22 -93.42 -20.61 2.95
CA ALA W 22 -94.76 -21.15 2.79
C ALA W 22 -94.81 -22.31 1.81
N LEU W 23 -93.94 -22.26 0.79
CA LEU W 23 -93.90 -23.30 -0.23
C LEU W 23 -93.19 -24.57 0.26
N ILE W 24 -92.09 -24.39 0.98
CA ILE W 24 -91.32 -25.53 1.49
C ILE W 24 -92.12 -26.29 2.54
N GLU W 25 -92.89 -25.57 3.33
CA GLU W 25 -93.71 -26.18 4.38
C GLU W 25 -94.90 -26.90 3.76
N LYS W 26 -95.16 -26.60 2.49
CA LYS W 26 -96.27 -27.20 1.76
C LYS W 26 -95.91 -28.65 1.42
N LEU W 27 -94.62 -28.89 1.23
CA LEU W 27 -94.13 -30.24 0.90
C LEU W 27 -93.97 -31.06 2.18
N VAL W 28 -93.84 -30.37 3.31
CA VAL W 28 -93.68 -31.03 4.60
C VAL W 28 -94.93 -31.84 4.90
N GLU W 29 -96.06 -31.39 4.38
CA GLU W 29 -97.33 -32.06 4.57
C GLU W 29 -97.35 -33.36 3.76
N LEU W 30 -96.70 -33.32 2.60
CA LEU W 30 -96.62 -34.48 1.73
C LEU W 30 -95.80 -35.60 2.36
N CYS W 31 -94.94 -35.22 3.31
CA CYS W 31 -94.09 -36.19 4.00
C CYS W 31 -94.83 -36.78 5.20
N VAL W 32 -95.97 -36.19 5.54
CA VAL W 32 -96.76 -36.67 6.67
C VAL W 32 -98.05 -37.31 6.20
N GLN W 33 -98.51 -36.93 5.01
CA GLN W 33 -99.74 -37.47 4.45
C GLN W 33 -99.53 -38.83 3.77
N TYR W 34 -98.31 -39.07 3.29
CA TYR W 34 -98.00 -40.33 2.63
C TYR W 34 -96.81 -41.02 3.28
N GLY W 35 -95.98 -40.24 3.97
CA GLY W 35 -94.81 -40.79 4.63
C GLY W 35 -93.56 -40.72 3.77
N GLN W 36 -93.66 -40.05 2.63
CA GLN W 36 -92.54 -39.90 1.73
C GLN W 36 -91.44 -39.02 2.32
N ASN W 37 -90.27 -39.59 2.53
CA ASN W 37 -89.14 -38.86 3.09
C ASN W 37 -88.74 -37.69 2.20
N GLU W 38 -88.01 -36.74 2.77
CA GLU W 38 -87.57 -35.55 2.04
C GLU W 38 -86.81 -35.88 0.76
N GLU W 39 -86.18 -37.04 0.73
CA GLU W 39 -85.40 -37.47 -0.43
C GLU W 39 -86.24 -38.08 -1.53
N GLY W 40 -87.32 -38.77 -1.16
CA GLY W 40 -88.18 -39.40 -2.14
C GLY W 40 -89.25 -38.45 -2.65
N MET W 41 -89.59 -37.46 -1.84
CA MET W 41 -90.61 -36.47 -2.20
C MET W 41 -90.10 -35.56 -3.31
N VAL W 42 -88.93 -34.97 -3.11
CA VAL W 42 -88.33 -34.07 -4.10
C VAL W 42 -88.07 -34.83 -5.39
N GLY W 43 -87.78 -36.12 -5.26
CA GLY W 43 -87.52 -36.93 -6.44
C GLY W 43 -88.74 -37.16 -7.29
N GLU W 44 -89.88 -37.36 -6.63
CA GLU W 44 -91.15 -37.60 -7.33
C GLU W 44 -91.82 -36.30 -7.76
N LEU W 45 -91.55 -35.23 -7.02
CA LEU W 45 -92.14 -33.91 -7.30
C LEU W 45 -91.67 -33.33 -8.63
N ILE W 46 -90.37 -33.35 -8.88
CA ILE W 46 -89.82 -32.80 -10.10
C ILE W 46 -90.18 -33.62 -11.35
N ALA W 47 -90.67 -34.84 -11.13
CA ALA W 47 -91.07 -35.71 -12.24
C ALA W 47 -92.46 -35.28 -12.68
N PHE W 48 -93.09 -34.45 -11.85
CA PHE W 48 -94.43 -33.95 -12.11
C PHE W 48 -94.32 -32.64 -12.89
N CYS W 49 -93.13 -32.03 -12.82
CA CYS W 49 -92.87 -30.78 -13.51
C CYS W 49 -92.34 -31.05 -14.92
N THR W 50 -92.38 -32.32 -15.32
CA THR W 50 -91.92 -32.71 -16.64
C THR W 50 -93.08 -33.27 -17.45
N SER W 51 -93.98 -33.98 -16.77
CA SER W 51 -95.15 -34.58 -17.41
C SER W 51 -96.11 -33.48 -17.83
N THR W 52 -96.02 -32.33 -17.17
CA THR W 52 -96.89 -31.20 -17.46
C THR W 52 -96.08 -30.03 -17.99
N HIS W 53 -94.77 -30.21 -18.06
CA HIS W 53 -93.87 -29.18 -18.54
C HIS W 53 -94.08 -27.90 -17.76
N LYS W 54 -93.41 -27.81 -16.60
CA LYS W 54 -93.51 -26.63 -15.74
C LYS W 54 -92.22 -26.42 -14.96
N VAL W 55 -91.33 -25.59 -15.48
CA VAL W 55 -90.07 -25.31 -14.80
C VAL W 55 -90.27 -24.08 -13.92
N GLY W 56 -91.20 -24.22 -12.99
CA GLY W 56 -91.53 -23.16 -12.06
C GLY W 56 -92.29 -23.82 -10.92
N LEU W 57 -92.28 -23.21 -9.74
CA LEU W 57 -92.96 -23.79 -8.61
C LEU W 57 -93.81 -22.81 -7.80
N THR W 58 -95.11 -23.03 -7.81
CA THR W 58 -96.07 -22.19 -7.09
C THR W 58 -96.82 -23.06 -6.08
N SER W 59 -98.00 -22.60 -5.69
CA SER W 59 -98.82 -23.35 -4.74
C SER W 59 -99.86 -24.18 -5.49
N GLU W 60 -99.88 -24.03 -6.80
CA GLU W 60 -100.82 -24.76 -7.66
C GLU W 60 -100.17 -26.04 -8.18
N ILE W 61 -98.99 -25.89 -8.76
CA ILE W 61 -98.25 -27.03 -9.31
C ILE W 61 -97.89 -28.02 -8.22
N LEU W 62 -97.65 -27.52 -7.01
CA LEU W 62 -97.31 -28.36 -5.88
C LEU W 62 -98.56 -28.97 -5.26
N ASN W 63 -99.71 -28.40 -5.60
CA ASN W 63 -100.99 -28.88 -5.09
C ASN W 63 -101.55 -29.97 -6.00
N SER W 64 -101.38 -29.78 -7.32
CA SER W 64 -101.87 -30.73 -8.29
C SER W 64 -101.10 -32.04 -8.22
N PHE W 65 -100.05 -32.07 -7.41
CA PHE W 65 -99.23 -33.27 -7.26
C PHE W 65 -99.95 -34.32 -6.42
N GLU W 66 -100.78 -33.87 -5.49
CA GLU W 66 -101.53 -34.78 -4.63
C GLU W 66 -102.86 -35.16 -5.28
N HIS W 67 -103.05 -34.69 -6.51
CA HIS W 67 -104.29 -34.97 -7.23
C HIS W 67 -104.03 -35.66 -8.57
N GLU W 68 -102.75 -35.87 -8.87
CA GLU W 68 -102.37 -36.50 -10.13
C GLU W 68 -101.52 -37.76 -9.96
N PHE W 69 -100.39 -37.63 -9.28
CA PHE W 69 -99.50 -38.78 -9.06
C PHE W 69 -99.81 -39.54 -7.78
N LEU W 70 -99.75 -38.84 -6.65
CA LEU W 70 -100.01 -39.46 -5.35
C LEU W 70 -101.46 -39.79 -5.06
N SER W 71 -102.38 -39.14 -5.78
CA SER W 71 -103.80 -39.37 -5.59
C SER W 71 -104.25 -40.75 -6.07
N LYS W 72 -103.59 -41.26 -7.11
CA LYS W 72 -103.93 -42.56 -7.67
C LYS W 72 -103.16 -43.71 -7.02
N ARG W 73 -102.44 -43.44 -5.94
CA ARG W 73 -101.67 -44.47 -5.27
C ARG W 73 -101.47 -44.22 -3.78
N LEU W 74 -102.50 -43.72 -3.12
CA LEU W 74 -102.42 -43.45 -1.68
C LEU W 74 -102.25 -44.79 -0.96
N SER W 75 -101.21 -44.89 -0.14
CA SER W 75 -100.94 -46.12 0.61
C SER W 75 -101.45 -46.05 2.04
N LYS W 76 -102.05 -44.93 2.40
CA LYS W 76 -102.58 -44.75 3.76
C LYS W 76 -104.09 -44.48 3.73
N ALA W 77 -104.76 -44.97 2.69
CA ALA W 77 -106.19 -44.78 2.55
C ALA W 77 -106.80 -45.83 1.62
N ARG W 78 -106.53 -47.10 1.92
CA ARG W 78 -107.06 -48.20 1.11
C ARG W 78 -108.10 -48.99 1.88
ZN ZN X . 35.49 90.66 -24.55
ZN ZN Y . 22.51 88.38 8.18
ZN ZN Z . 39.39 68.58 32.85
ZN ZN AA . 69.33 51.16 23.95
ZN ZN BA . 82.50 53.80 -8.61
ZN ZN CA . 65.60 73.78 -33.25
ZN ZN DA . -25.77 -66.84 -31.29
ZN ZN EA . -41.71 -35.43 -33.44
ZN ZN FA . -32.69 -9.14 -10.78
ZN ZN GA . -7.58 -15.08 13.97
ZN ZN HA . 8.62 -46.32 15.83
ZN ZN IA . -0.37 -72.57 -7.02
#